data_3J1E
#
_entry.id   3J1E
#
_cell.length_a   1
_cell.length_b   1
_cell.length_c   1
_cell.angle_alpha   90
_cell.angle_beta   90
_cell.angle_gamma   90
#
_symmetry.space_group_name_H-M   'P 1'
#
_entity_poly.entity_id   1
_entity_poly.type   'polypeptide(L)'
_entity_poly.pdbx_seq_one_letter_code
;MASTATVATTPEGIPVIILKEGSSRTYGKEAVRANIAAVKAVEEALKSTYGPRGMDKMLVDSLGDITITNDGATILDKMD
LQHPAAKLLVQIAKGQDEETADGTKTAVIFSGELVKKAEDLLYKDVHPTIIISGYKKAEEVALQTIQELAQTVSINDTDL
LRKIAMTSLSSKAVAGAREYIADIVVKAVTQVAELRGDKWYVDLDNIQIVKKAGGSINDTQLVYGIVVDKEVVHPGMPKR
LENAKIALIDASLEVEKPELDAEIRINDPTQMQKFLDEEENLIKEKVDKILATGANVIICQKGIDEVAQSYLAKKGVLAV
RRAKKSDLEKLARATGGRVVSNIDEISEQDLGYASLIEERKVGEDKMVFVEGAKNPKSISILIRGGLERLVDETERALRD
ALGTVADVIKDGRAIAGGGAVEIEIAKKLRKYAPQVGGKEQLAVEAYANALESLVSILIENAGFDPIDLLMKLRSTHENE
NNKWYGIDLYAGQPVDMWQKGVIEPALVKMNAIKAATEAATLVLRIDDVVSAGKKSGGESKTPGGANKPSEED
;
_entity_poly.pdbx_strand_id   A,B,C,D,E,F,G,H,I,K,L,M,N,O,P,Q,R,S
#
# COMPACT_ATOMS: atom_id res chain seq x y z
N GLY A 28 2.20 -13.41 48.41
CA GLY A 28 2.10 -12.24 49.42
C GLY A 28 1.36 -10.94 48.98
N LYS A 29 2.10 -9.82 48.86
CA LYS A 29 1.65 -8.50 48.49
C LYS A 29 0.67 -8.48 47.28
N GLU A 30 0.93 -9.43 46.28
CA GLU A 30 0.12 -9.88 45.20
C GLU A 30 -1.36 -9.86 45.41
N ALA A 31 -1.90 -10.89 46.13
CA ALA A 31 -3.30 -11.14 46.27
C ALA A 31 -3.91 -10.39 47.39
N VAL A 32 -3.13 -10.30 48.57
CA VAL A 32 -3.48 -9.53 49.75
C VAL A 32 -3.91 -8.09 49.42
N ARG A 33 -3.25 -7.44 48.46
CA ARG A 33 -3.82 -6.23 48.01
C ARG A 33 -5.19 -6.28 47.37
N ALA A 34 -5.59 -7.18 46.49
CA ALA A 34 -6.87 -7.43 45.86
C ALA A 34 -7.93 -7.48 46.85
N ASN A 35 -7.70 -8.37 47.85
CA ASN A 35 -8.59 -8.57 48.99
C ASN A 35 -8.95 -7.25 49.71
N ILE A 36 -7.92 -6.46 50.17
CA ILE A 36 -8.00 -5.16 50.74
C ILE A 36 -8.85 -4.26 49.87
N ALA A 37 -8.45 -4.09 48.61
CA ALA A 37 -9.26 -3.44 47.58
C ALA A 37 -10.72 -3.74 47.52
N ALA A 38 -11.05 -5.08 47.35
CA ALA A 38 -12.41 -5.53 47.43
C ALA A 38 -13.15 -5.05 48.64
N VAL A 39 -12.50 -5.23 49.81
CA VAL A 39 -13.00 -4.76 51.12
C VAL A 39 -13.27 -3.33 51.11
N LYS A 40 -12.31 -2.44 50.73
CA LYS A 40 -12.43 -1.01 50.61
C LYS A 40 -13.73 -0.66 49.80
N ALA A 41 -13.96 -1.39 48.67
CA ALA A 41 -15.11 -1.32 47.85
C ALA A 41 -16.43 -1.57 48.56
N VAL A 42 -16.66 -2.64 49.38
CA VAL A 42 -17.89 -2.79 50.12
C VAL A 42 -18.15 -1.58 51.08
N GLU A 43 -17.13 -1.11 51.79
CA GLU A 43 -17.25 0.06 52.58
C GLU A 43 -17.72 1.37 51.82
N GLU A 44 -17.08 1.77 50.70
CA GLU A 44 -17.50 2.81 49.77
C GLU A 44 -18.92 2.62 49.18
N ALA A 45 -19.67 1.52 49.36
CA ALA A 45 -21.04 1.22 48.98
C ALA A 45 -22.05 1.56 50.11
N LEU A 46 -21.62 1.67 51.42
CA LEU A 46 -22.47 1.94 52.53
C LEU A 46 -22.19 3.30 53.18
N LYS A 47 -20.99 3.78 53.16
CA LYS A 47 -20.43 4.98 53.76
C LYS A 47 -21.38 6.05 53.91
N SER A 48 -22.03 6.48 52.77
CA SER A 48 -22.91 7.59 52.77
C SER A 48 -24.25 7.33 53.48
N THR A 49 -24.49 6.13 54.11
CA THR A 49 -25.79 5.86 54.70
C THR A 49 -25.53 5.68 56.18
N TYR A 50 -24.29 5.81 56.65
CA TYR A 50 -23.95 5.66 58.05
C TYR A 50 -24.59 6.62 59.07
N GLY A 51 -25.36 6.13 60.04
CA GLY A 51 -25.88 7.04 61.04
C GLY A 51 -27.42 7.19 60.75
N PRO A 52 -28.10 7.80 61.59
CA PRO A 52 -29.54 8.05 61.50
C PRO A 52 -29.76 9.23 60.60
N ARG A 53 -28.73 10.06 60.40
CA ARG A 53 -28.79 11.20 59.46
C ARG A 53 -28.23 10.93 57.99
N GLY A 54 -27.81 9.68 57.76
CA GLY A 54 -27.25 9.14 56.49
C GLY A 54 -28.19 9.16 55.35
N MET A 55 -27.69 9.03 54.09
CA MET A 55 -28.49 9.07 52.81
C MET A 55 -29.09 7.72 52.39
N ASP A 56 -29.89 7.80 51.30
CA ASP A 56 -30.62 6.73 50.62
C ASP A 56 -29.92 6.26 49.30
N LYS A 57 -29.93 4.96 48.95
CA LYS A 57 -29.49 4.46 47.71
C LYS A 57 -30.68 3.99 46.95
N MET A 58 -30.83 4.15 45.60
CA MET A 58 -31.92 3.64 44.77
C MET A 58 -31.43 2.45 43.97
N LEU A 59 -32.26 1.39 43.87
CA LEU A 59 -31.89 0.09 43.35
C LEU A 59 -32.94 -0.29 42.33
N VAL A 60 -32.50 -0.40 41.13
CA VAL A 60 -33.35 -0.59 39.96
C VAL A 60 -33.25 -2.04 39.43
N ASP A 61 -34.33 -2.88 39.51
CA ASP A 61 -34.43 -4.22 39.12
C ASP A 61 -34.48 -4.26 37.60
N SER A 62 -34.06 -5.35 36.90
CA SER A 62 -34.07 -5.59 35.48
C SER A 62 -35.46 -5.36 34.88
N LEU A 63 -36.55 -5.72 35.60
CA LEU A 63 -37.91 -5.52 35.08
C LEU A 63 -38.58 -4.20 35.33
N GLY A 64 -37.79 -3.13 35.64
CA GLY A 64 -38.13 -1.73 35.79
C GLY A 64 -38.53 -1.35 37.22
N ASP A 65 -38.65 -2.31 38.13
CA ASP A 65 -39.08 -2.13 39.55
C ASP A 65 -37.99 -1.45 40.35
N ILE A 66 -38.34 -0.32 41.04
CA ILE A 66 -37.43 0.54 41.76
C ILE A 66 -37.57 0.39 43.24
N THR A 67 -36.53 0.41 44.00
CA THR A 67 -36.54 0.31 45.48
C THR A 67 -35.54 1.28 46.01
N ILE A 68 -35.98 2.30 46.78
CA ILE A 68 -35.11 3.25 47.37
C ILE A 68 -35.05 2.82 48.82
N THR A 69 -33.84 2.70 49.42
CA THR A 69 -33.64 2.22 50.75
C THR A 69 -32.37 2.78 51.33
N ASN A 70 -31.92 2.50 52.58
CA ASN A 70 -30.70 2.96 53.21
C ASN A 70 -30.25 1.83 54.17
N ASP A 71 -30.88 0.62 54.16
CA ASP A 71 -30.48 -0.45 54.97
C ASP A 71 -29.27 -1.14 54.35
N GLY A 72 -28.25 -1.41 55.25
CA GLY A 72 -26.94 -1.84 54.74
C GLY A 72 -27.02 -3.06 53.87
N ALA A 73 -27.59 -4.14 54.36
CA ALA A 73 -27.87 -5.46 53.78
C ALA A 73 -28.36 -5.52 52.33
N THR A 74 -29.50 -4.88 52.06
CA THR A 74 -30.23 -4.61 50.81
C THR A 74 -29.43 -3.98 49.70
N ILE A 75 -28.55 -2.95 49.99
CA ILE A 75 -27.62 -2.37 49.04
C ILE A 75 -26.52 -3.31 48.59
N LEU A 76 -26.28 -4.39 49.36
CA LEU A 76 -25.29 -5.34 49.02
C LEU A 76 -25.93 -6.58 48.45
N ASP A 77 -27.10 -6.97 48.98
CA ASP A 77 -27.97 -8.11 48.50
C ASP A 77 -28.46 -7.94 47.06
N LYS A 78 -29.02 -6.73 46.67
CA LYS A 78 -29.49 -6.46 45.33
C LYS A 78 -28.38 -6.20 44.32
N MET A 79 -27.14 -5.97 44.87
CA MET A 79 -26.01 -5.77 44.00
C MET A 79 -25.43 -7.21 43.77
N ASP A 80 -24.37 -7.34 42.96
CA ASP A 80 -23.72 -8.56 42.76
C ASP A 80 -22.30 -8.30 43.22
N LEU A 81 -21.83 -9.14 44.23
CA LEU A 81 -20.41 -9.07 44.73
C LEU A 81 -19.83 -10.40 44.31
N GLN A 82 -18.74 -10.27 43.53
CA GLN A 82 -18.13 -11.46 42.95
C GLN A 82 -16.71 -11.69 43.40
N HIS A 83 -16.02 -10.80 44.18
CA HIS A 83 -14.69 -10.97 44.63
C HIS A 83 -14.62 -11.91 45.82
N PRO A 84 -13.81 -12.92 45.91
CA PRO A 84 -13.89 -13.90 46.94
C PRO A 84 -13.89 -13.45 48.40
N ALA A 85 -12.96 -12.52 48.64
CA ALA A 85 -12.80 -11.67 49.78
C ALA A 85 -14.07 -10.98 50.18
N ALA A 86 -14.75 -10.27 49.26
CA ALA A 86 -15.98 -9.57 49.41
C ALA A 86 -17.15 -10.40 49.94
N LYS A 87 -17.38 -11.52 49.17
CA LYS A 87 -18.31 -12.58 49.57
C LYS A 87 -18.03 -13.23 50.96
N LEU A 88 -16.74 -13.27 51.46
CA LEU A 88 -16.43 -13.75 52.77
C LEU A 88 -16.92 -12.75 53.82
N LEU A 89 -16.73 -11.49 53.49
CA LEU A 89 -17.12 -10.34 54.26
C LEU A 89 -18.62 -10.21 54.49
N VAL A 90 -19.44 -10.13 53.45
CA VAL A 90 -20.89 -9.99 53.65
C VAL A 90 -21.50 -11.09 54.51
N GLN A 91 -20.91 -12.27 54.34
CA GLN A 91 -21.31 -13.40 55.23
C GLN A 91 -21.05 -13.28 56.73
N ILE A 92 -19.86 -12.80 57.21
CA ILE A 92 -19.44 -12.65 58.55
C ILE A 92 -20.05 -11.40 59.04
N ALA A 93 -20.13 -10.34 58.21
CA ALA A 93 -20.79 -9.09 58.65
C ALA A 93 -22.26 -9.17 58.90
N LYS A 94 -23.04 -9.51 57.85
CA LYS A 94 -24.45 -9.66 58.07
C LYS A 94 -24.83 -10.64 59.19
N GLY A 95 -24.46 -11.90 59.15
CA GLY A 95 -24.85 -12.84 60.29
C GLY A 95 -24.25 -12.43 61.65
N GLN A 96 -25.10 -12.10 62.60
CA GLN A 96 -24.64 -11.72 63.95
C GLN A 96 -25.62 -12.47 64.83
N ASP A 97 -25.31 -12.42 66.12
CA ASP A 97 -26.03 -12.96 67.22
C ASP A 97 -27.23 -12.07 67.50
N GLU A 98 -27.11 -10.77 67.12
CA GLU A 98 -28.16 -9.81 67.16
C GLU A 98 -28.27 -9.03 65.81
N GLU A 99 -29.48 -9.07 65.20
CA GLU A 99 -29.82 -8.28 64.08
C GLU A 99 -30.02 -6.82 64.44
N THR A 100 -29.82 -5.90 63.55
CA THR A 100 -30.03 -4.43 63.61
C THR A 100 -29.41 -3.91 62.34
N ALA A 101 -30.13 -3.10 61.51
CA ALA A 101 -29.66 -2.43 60.28
C ALA A 101 -28.44 -1.56 60.44
N ASP A 102 -28.33 -0.74 61.47
CA ASP A 102 -27.21 0.06 61.82
C ASP A 102 -26.06 -0.85 62.32
N GLY A 103 -26.40 -2.01 62.99
CA GLY A 103 -25.39 -2.89 63.59
C GLY A 103 -24.66 -3.63 62.60
N THR A 104 -25.33 -4.23 61.60
CA THR A 104 -24.73 -4.83 60.45
C THR A 104 -24.05 -3.86 59.55
N LYS A 105 -24.53 -2.57 59.32
CA LYS A 105 -23.91 -1.48 58.62
C LYS A 105 -22.61 -1.02 59.30
N THR A 106 -22.49 -0.95 60.63
CA THR A 106 -21.36 -0.59 61.50
C THR A 106 -20.43 -1.68 61.30
N ALA A 107 -20.78 -2.97 61.53
CA ALA A 107 -19.95 -4.19 61.24
C ALA A 107 -19.20 -4.12 59.99
N VAL A 108 -19.81 -3.73 58.90
CA VAL A 108 -19.15 -3.74 57.60
C VAL A 108 -18.20 -2.60 57.53
N ILE A 109 -18.63 -1.30 57.75
CA ILE A 109 -17.74 -0.08 57.71
C ILE A 109 -16.57 -0.18 58.67
N PHE A 110 -16.72 -0.44 59.95
CA PHE A 110 -15.62 -0.74 60.87
C PHE A 110 -14.79 -1.91 60.44
N SER A 111 -15.30 -3.02 59.87
CA SER A 111 -14.47 -4.11 59.40
C SER A 111 -13.43 -3.57 58.40
N GLY A 112 -13.93 -2.79 57.43
CA GLY A 112 -13.08 -2.17 56.42
C GLY A 112 -12.16 -1.15 56.94
N GLU A 113 -12.54 -0.48 58.03
CA GLU A 113 -11.70 0.45 58.70
C GLU A 113 -10.51 -0.22 59.43
N LEU A 114 -10.62 -1.37 60.10
CA LEU A 114 -9.49 -2.15 60.54
C LEU A 114 -8.62 -2.65 59.36
N VAL A 115 -9.21 -3.03 58.28
CA VAL A 115 -8.54 -3.53 57.08
C VAL A 115 -7.61 -2.53 56.38
N LYS A 116 -8.15 -1.31 56.18
CA LYS A 116 -7.47 -0.10 55.83
C LYS A 116 -6.38 0.26 56.78
N LYS A 117 -6.66 0.47 58.07
CA LYS A 117 -5.65 0.87 59.08
C LYS A 117 -4.53 -0.20 59.21
N ALA A 118 -4.91 -1.41 58.81
CA ALA A 118 -4.02 -2.55 58.76
C ALA A 118 -3.09 -2.60 57.52
N GLU A 119 -3.44 -2.00 56.36
CA GLU A 119 -2.59 -1.81 55.23
C GLU A 119 -1.39 -0.95 55.72
N ASP A 120 -1.65 0.07 56.48
CA ASP A 120 -0.61 0.90 56.96
C ASP A 120 0.43 0.23 57.83
N LEU A 121 0.08 -0.85 58.46
CA LEU A 121 0.97 -1.74 59.21
C LEU A 121 1.83 -2.67 58.43
N LEU A 122 1.23 -3.22 57.36
CA LEU A 122 1.99 -3.96 56.43
C LEU A 122 3.03 -3.22 55.69
N TYR A 123 2.67 -1.98 55.40
CA TYR A 123 3.52 -1.01 54.80
C TYR A 123 4.86 -0.69 55.59
N LYS A 124 4.77 -0.75 56.88
CA LYS A 124 5.92 -0.66 57.82
C LYS A 124 6.62 -2.02 58.01
N ASP A 125 6.19 -3.09 57.31
CA ASP A 125 6.72 -4.43 57.40
C ASP A 125 6.52 -5.01 58.78
N VAL A 126 5.32 -4.73 59.35
CA VAL A 126 4.87 -5.49 60.52
C VAL A 126 4.09 -6.66 59.92
N HIS A 127 4.33 -7.89 60.37
CA HIS A 127 3.85 -9.16 59.89
C HIS A 127 2.42 -9.32 60.41
N PRO A 128 1.46 -9.70 59.64
CA PRO A 128 0.10 -9.79 60.09
C PRO A 128 -0.17 -10.70 61.29
N THR A 129 0.65 -11.75 61.62
CA THR A 129 0.51 -12.54 62.83
C THR A 129 0.64 -11.64 64.06
N ILE A 130 1.42 -10.54 63.94
CA ILE A 130 1.56 -9.52 64.97
C ILE A 130 0.25 -8.68 65.00
N ILE A 131 -0.14 -8.22 63.80
CA ILE A 131 -1.33 -7.38 63.59
C ILE A 131 -2.58 -8.09 64.14
N ILE A 132 -2.68 -9.49 64.10
CA ILE A 132 -3.70 -10.33 64.68
C ILE A 132 -3.70 -10.34 66.16
N SER A 133 -2.56 -10.60 66.79
CA SER A 133 -2.43 -10.65 68.25
C SER A 133 -2.77 -9.26 68.91
N GLY A 134 -2.23 -8.18 68.26
CA GLY A 134 -2.57 -6.84 68.59
C GLY A 134 -4.04 -6.54 68.60
N TYR A 135 -4.75 -6.80 67.45
CA TYR A 135 -6.14 -6.59 67.18
C TYR A 135 -6.99 -7.42 68.22
N LYS A 136 -6.59 -8.66 68.53
CA LYS A 136 -7.10 -9.49 69.59
C LYS A 136 -6.99 -8.76 70.95
N LYS A 137 -5.75 -8.36 71.41
CA LYS A 137 -5.55 -7.63 72.62
C LYS A 137 -6.33 -6.33 72.74
N ALA A 138 -6.60 -5.57 71.66
CA ALA A 138 -7.42 -4.43 71.58
C ALA A 138 -8.92 -4.67 71.62
N GLU A 139 -9.37 -5.75 70.98
CA GLU A 139 -10.66 -6.15 71.18
C GLU A 139 -11.00 -6.47 72.60
N GLU A 140 -10.17 -7.27 73.25
CA GLU A 140 -10.32 -7.47 74.70
C GLU A 140 -10.61 -6.33 75.60
N VAL A 141 -9.74 -5.29 75.74
CA VAL A 141 -10.03 -4.00 76.41
C VAL A 141 -11.22 -3.29 75.89
N ALA A 142 -11.35 -3.07 74.57
CA ALA A 142 -12.58 -2.50 73.95
C ALA A 142 -13.92 -3.15 74.32
N LEU A 143 -13.94 -4.48 74.40
CA LEU A 143 -15.07 -5.31 74.72
C LEU A 143 -15.45 -5.10 76.18
N GLN A 144 -14.53 -5.47 77.10
CA GLN A 144 -14.79 -5.22 78.49
C GLN A 144 -15.09 -3.77 78.83
N THR A 145 -14.60 -2.81 78.05
CA THR A 145 -14.83 -1.35 78.26
C THR A 145 -16.32 -0.91 77.99
N ILE A 146 -17.13 -1.79 77.30
CA ILE A 146 -18.58 -1.60 77.06
C ILE A 146 -19.22 -2.26 78.33
N GLN A 147 -18.82 -3.43 78.86
CA GLN A 147 -19.39 -3.91 80.09
C GLN A 147 -19.20 -2.95 81.24
N GLU A 148 -17.97 -2.68 81.62
CA GLU A 148 -17.55 -1.83 82.75
C GLU A 148 -17.72 -0.37 82.47
N LEU A 149 -18.92 -0.03 81.97
CA LEU A 149 -19.34 1.35 81.63
C LEU A 149 -20.82 1.50 81.46
N ALA A 150 -21.55 0.44 81.10
CA ALA A 150 -23.08 0.40 81.04
C ALA A 150 -23.83 0.53 82.36
N GLN A 151 -25.05 1.10 82.27
CA GLN A 151 -25.95 1.33 83.38
C GLN A 151 -27.09 0.34 83.28
N THR A 152 -27.47 -0.17 84.44
CA THR A 152 -28.47 -1.21 84.67
C THR A 152 -29.84 -0.90 84.28
N VAL A 153 -30.38 -1.59 83.28
CA VAL A 153 -31.74 -1.48 82.87
C VAL A 153 -32.56 -2.58 83.41
N SER A 154 -33.68 -2.20 84.06
CA SER A 154 -34.66 -3.20 84.57
C SER A 154 -36.01 -3.13 83.83
N ILE A 155 -36.91 -4.09 84.10
CA ILE A 155 -38.26 -4.10 83.57
C ILE A 155 -38.96 -2.78 84.04
N ASN A 156 -38.53 -2.28 85.24
CA ASN A 156 -39.20 -1.10 85.81
C ASN A 156 -38.59 0.32 85.35
N ASP A 157 -37.67 0.34 84.47
CA ASP A 157 -36.95 1.52 84.12
C ASP A 157 -37.54 1.95 82.78
N THR A 158 -38.89 2.21 82.71
CA THR A 158 -39.57 2.35 81.49
C THR A 158 -39.36 3.62 80.83
N ASP A 159 -39.02 4.71 81.41
CA ASP A 159 -38.71 5.98 80.74
C ASP A 159 -37.32 6.01 80.08
N LEU A 160 -36.50 4.98 80.39
CA LEU A 160 -35.21 4.70 79.76
C LEU A 160 -35.42 3.84 78.44
N LEU A 161 -36.21 2.79 78.53
CA LEU A 161 -36.54 1.94 77.32
C LEU A 161 -37.29 2.78 76.23
N ARG A 162 -38.06 3.79 76.59
CA ARG A 162 -38.70 4.88 75.72
C ARG A 162 -37.68 5.59 74.88
N LYS A 163 -36.42 5.73 75.36
CA LYS A 163 -35.38 6.40 74.68
C LYS A 163 -34.75 5.40 73.74
N ILE A 164 -34.23 4.28 74.23
CA ILE A 164 -33.61 3.24 73.40
C ILE A 164 -34.40 2.76 72.18
N ALA A 165 -35.75 2.81 72.30
CA ALA A 165 -36.82 2.48 71.31
C ALA A 165 -36.79 3.56 70.18
N MET A 166 -36.75 4.87 70.65
CA MET A 166 -36.60 6.02 69.77
C MET A 166 -35.28 6.03 69.00
N THR A 167 -34.17 5.61 69.64
CA THR A 167 -32.86 5.28 69.07
C THR A 167 -32.90 4.20 67.93
N SER A 168 -34.05 3.54 67.71
CA SER A 168 -34.20 2.56 66.73
C SER A 168 -34.99 3.12 65.59
N LEU A 169 -36.11 3.71 65.92
CA LEU A 169 -37.04 4.22 64.85
C LEU A 169 -36.47 5.44 64.18
N SER A 170 -35.67 6.23 64.87
CA SER A 170 -35.00 7.46 64.33
C SER A 170 -34.15 7.09 63.15
N SER A 171 -33.66 5.85 62.98
CA SER A 171 -32.84 5.39 61.86
C SER A 171 -33.74 5.15 60.74
N LYS A 172 -34.92 4.59 60.84
CA LYS A 172 -35.80 4.14 59.80
C LYS A 172 -36.43 5.25 58.90
N ALA A 173 -37.04 4.90 57.78
CA ALA A 173 -37.66 5.91 56.90
C ALA A 173 -38.98 6.52 57.48
N VAL A 174 -39.48 5.88 58.51
CA VAL A 174 -40.57 6.31 59.34
C VAL A 174 -40.11 7.55 60.10
N ALA A 175 -40.85 8.69 60.15
CA ALA A 175 -40.51 9.89 60.86
C ALA A 175 -41.63 10.49 61.69
N GLY A 176 -42.92 10.33 61.24
CA GLY A 176 -44.02 10.89 62.02
C GLY A 176 -44.20 10.18 63.38
N ALA A 177 -44.23 10.94 64.51
CA ALA A 177 -44.62 10.47 65.83
C ALA A 177 -43.94 9.26 66.39
N ARG A 178 -42.59 9.26 66.31
CA ARG A 178 -41.94 8.11 66.77
C ARG A 178 -41.93 7.97 68.32
N GLU A 179 -42.00 9.03 69.14
CA GLU A 179 -42.29 9.14 70.64
C GLU A 179 -43.55 8.43 71.05
N TYR A 180 -44.62 8.50 70.23
CA TYR A 180 -45.90 7.81 70.34
C TYR A 180 -45.71 6.28 70.30
N ILE A 181 -45.07 5.87 69.18
CA ILE A 181 -44.86 4.48 68.94
C ILE A 181 -43.84 3.84 69.89
N ALA A 182 -42.82 4.65 70.14
CA ALA A 182 -41.88 4.33 71.15
C ALA A 182 -42.53 4.05 72.52
N ASP A 183 -43.43 4.99 72.94
CA ASP A 183 -44.21 4.73 74.13
C ASP A 183 -44.98 3.40 74.12
N ILE A 184 -45.72 3.14 73.02
CA ILE A 184 -46.47 1.87 72.89
C ILE A 184 -45.59 0.68 73.04
N VAL A 185 -44.51 0.60 72.30
CA VAL A 185 -43.54 -0.46 72.32
C VAL A 185 -43.07 -0.92 73.73
N VAL A 186 -42.80 0.02 74.58
CA VAL A 186 -42.36 -0.02 75.93
C VAL A 186 -43.41 -0.68 76.84
N LYS A 187 -44.63 -0.17 76.72
CA LYS A 187 -45.78 -0.91 77.31
C LYS A 187 -46.03 -2.33 76.77
N ALA A 188 -45.99 -2.45 75.47
CA ALA A 188 -46.11 -3.72 74.78
C ALA A 188 -45.14 -4.80 75.12
N VAL A 189 -43.86 -4.50 75.32
CA VAL A 189 -42.84 -5.40 75.69
C VAL A 189 -42.86 -5.72 77.20
N THR A 190 -42.87 -4.73 78.14
CA THR A 190 -43.05 -4.92 79.58
C THR A 190 -44.18 -5.70 80.05
N GLN A 191 -45.24 -5.62 79.21
CA GLN A 191 -46.47 -6.33 79.51
C GLN A 191 -46.33 -7.83 79.40
N VAL A 192 -45.59 -8.27 78.39
CA VAL A 192 -45.32 -9.61 78.02
C VAL A 192 -44.14 -10.17 78.78
N ALA A 193 -43.31 -9.30 79.32
CA ALA A 193 -42.11 -9.62 80.03
C ALA A 193 -42.40 -10.20 81.40
N GLU A 194 -41.78 -11.38 81.59
CA GLU A 194 -41.95 -12.23 82.74
C GLU A 194 -40.56 -12.81 83.07
N LEU A 195 -40.40 -13.29 84.27
CA LEU A 195 -39.17 -13.92 84.79
C LEU A 195 -39.02 -15.39 84.60
N ARG A 196 -37.97 -15.88 83.93
CA ARG A 196 -37.77 -17.32 83.80
C ARG A 196 -36.33 -17.68 84.15
N GLY A 197 -36.09 -18.26 85.40
CA GLY A 197 -34.82 -18.65 85.93
C GLY A 197 -33.95 -17.46 86.42
N ASP A 198 -34.53 -16.38 86.99
CA ASP A 198 -33.80 -15.22 87.45
C ASP A 198 -33.21 -14.28 86.43
N LYS A 199 -33.73 -14.24 85.19
CA LYS A 199 -33.31 -13.55 84.04
C LYS A 199 -34.62 -13.36 83.38
N TRP A 200 -34.87 -12.17 82.68
CA TRP A 200 -36.25 -11.93 82.16
C TRP A 200 -36.37 -12.53 80.74
N TYR A 201 -37.54 -12.95 80.36
CA TYR A 201 -37.79 -13.49 79.05
C TYR A 201 -39.03 -12.81 78.49
N VAL A 202 -38.96 -12.48 77.15
CA VAL A 202 -40.13 -11.95 76.41
C VAL A 202 -40.49 -12.90 75.30
N ASP A 203 -41.71 -13.40 75.24
CA ASP A 203 -42.08 -14.29 74.14
C ASP A 203 -42.85 -13.48 73.16
N LEU A 204 -42.09 -13.01 72.17
CA LEU A 204 -42.54 -12.05 71.16
C LEU A 204 -43.80 -12.59 70.50
N ASP A 205 -44.05 -13.91 70.33
CA ASP A 205 -45.23 -14.49 69.71
C ASP A 205 -46.52 -13.98 70.45
N ASN A 206 -46.47 -13.55 71.67
CA ASN A 206 -47.64 -12.92 72.39
C ASN A 206 -47.83 -11.43 71.97
N ILE A 207 -47.17 -10.95 70.94
CA ILE A 207 -47.45 -9.62 70.45
C ILE A 207 -47.64 -9.73 68.95
N GLN A 208 -48.83 -9.36 68.52
CA GLN A 208 -49.29 -9.57 67.17
C GLN A 208 -49.18 -8.26 66.45
N ILE A 209 -48.87 -8.29 65.11
CA ILE A 209 -48.79 -7.05 64.45
C ILE A 209 -49.66 -7.01 63.22
N VAL A 210 -50.72 -6.09 63.31
CA VAL A 210 -51.78 -5.94 62.26
C VAL A 210 -51.55 -4.61 61.69
N LYS A 211 -51.77 -4.46 60.38
CA LYS A 211 -51.59 -3.12 59.84
C LYS A 211 -52.63 -2.79 58.80
N LYS A 212 -53.22 -1.62 58.76
CA LYS A 212 -54.20 -1.18 57.77
C LYS A 212 -53.72 0.11 57.21
N ALA A 213 -53.45 0.14 55.90
CA ALA A 213 -53.00 1.28 55.15
C ALA A 213 -53.91 2.53 55.20
N GLY A 214 -53.32 3.77 55.14
CA GLY A 214 -54.12 4.96 55.29
C GLY A 214 -53.97 5.42 56.68
N GLY A 215 -54.57 6.58 57.03
CA GLY A 215 -54.54 7.10 58.40
C GLY A 215 -53.19 7.70 58.77
N SER A 216 -53.17 8.33 60.03
CA SER A 216 -51.96 8.94 60.54
C SER A 216 -51.24 8.01 61.39
N ILE A 217 -49.93 8.28 61.72
CA ILE A 217 -49.25 7.40 62.62
C ILE A 217 -49.73 7.64 64.03
N ASN A 218 -50.28 8.82 64.27
CA ASN A 218 -50.98 9.14 65.53
C ASN A 218 -52.32 8.33 65.63
N ASP A 219 -52.87 7.75 64.59
CA ASP A 219 -54.10 6.98 64.74
C ASP A 219 -53.86 5.52 65.09
N THR A 220 -52.65 5.16 65.51
CA THR A 220 -52.27 3.78 65.86
C THR A 220 -52.54 3.47 67.35
N GLN A 221 -52.69 2.14 67.68
CA GLN A 221 -52.98 1.83 69.11
C GLN A 221 -52.47 0.47 69.40
N LEU A 222 -52.31 0.14 70.73
CA LEU A 222 -52.04 -1.14 71.24
C LEU A 222 -53.41 -1.59 71.79
N VAL A 223 -53.78 -2.82 71.43
CA VAL A 223 -55.04 -3.45 71.69
C VAL A 223 -54.74 -4.51 72.69
N TYR A 224 -55.56 -4.66 73.76
CA TYR A 224 -55.40 -5.56 74.86
C TYR A 224 -56.12 -6.88 74.75
N GLY A 225 -55.89 -7.51 73.53
CA GLY A 225 -56.52 -8.66 72.93
C GLY A 225 -55.93 -8.80 71.61
N ILE A 226 -56.19 -9.91 70.97
CA ILE A 226 -55.69 -10.33 69.67
C ILE A 226 -56.60 -9.79 68.59
N VAL A 227 -56.19 -9.45 67.38
CA VAL A 227 -56.96 -8.83 66.30
C VAL A 227 -56.74 -9.54 65.08
N VAL A 228 -57.83 -10.18 64.65
CA VAL A 228 -57.90 -11.10 63.55
C VAL A 228 -58.30 -10.23 62.38
N ASP A 229 -57.42 -10.12 61.36
CA ASP A 229 -57.52 -9.23 60.17
C ASP A 229 -58.74 -9.48 59.33
N LYS A 230 -59.15 -10.74 59.13
CA LYS A 230 -60.42 -10.98 58.45
C LYS A 230 -61.60 -10.53 59.27
N GLU A 231 -62.52 -9.80 58.59
CA GLU A 231 -63.74 -9.23 59.14
C GLU A 231 -64.89 -10.24 59.09
N VAL A 232 -66.10 -9.87 59.63
CA VAL A 232 -67.19 -10.78 59.61
C VAL A 232 -67.78 -10.93 58.12
N VAL A 233 -68.25 -12.16 57.88
CA VAL A 233 -68.81 -12.68 56.64
C VAL A 233 -70.15 -11.95 56.29
N HIS A 234 -71.23 -11.87 57.10
CA HIS A 234 -72.54 -11.27 56.74
C HIS A 234 -72.92 -10.06 57.56
N PRO A 235 -73.47 -8.97 57.02
CA PRO A 235 -73.89 -7.81 57.83
C PRO A 235 -74.78 -8.12 59.10
N GLY A 236 -75.81 -8.99 58.90
CA GLY A 236 -76.88 -9.21 59.90
C GLY A 236 -76.51 -9.94 61.19
N MET A 237 -75.21 -10.13 61.42
CA MET A 237 -74.76 -10.75 62.65
C MET A 237 -74.43 -9.74 63.73
N PRO A 238 -74.56 -9.90 65.04
CA PRO A 238 -74.16 -8.92 65.97
C PRO A 238 -72.67 -8.63 65.95
N LYS A 239 -72.20 -7.38 66.19
CA LYS A 239 -70.82 -7.07 66.06
C LYS A 239 -70.09 -7.02 67.46
N ARG A 240 -70.55 -7.52 68.59
CA ARG A 240 -69.97 -7.59 69.95
C ARG A 240 -70.69 -8.71 70.71
N LEU A 241 -69.99 -9.78 71.01
CA LEU A 241 -70.51 -10.85 71.80
C LEU A 241 -69.88 -10.96 73.13
N GLU A 242 -70.75 -11.22 74.17
CA GLU A 242 -70.38 -11.32 75.51
C GLU A 242 -69.96 -12.72 75.97
N ASN A 243 -68.83 -12.88 76.71
CA ASN A 243 -68.29 -14.19 77.12
C ASN A 243 -68.08 -15.00 75.89
N ALA A 244 -67.22 -14.56 75.01
CA ALA A 244 -66.88 -15.08 73.70
C ALA A 244 -66.36 -16.59 73.80
N LYS A 245 -67.19 -17.63 73.50
CA LYS A 245 -66.91 -18.99 73.32
C LYS A 245 -66.57 -19.32 71.91
N ILE A 246 -65.46 -18.77 71.47
CA ILE A 246 -64.87 -18.85 70.14
C ILE A 246 -64.59 -20.21 69.64
N ALA A 247 -64.83 -20.44 68.36
CA ALA A 247 -64.66 -21.65 67.67
C ALA A 247 -63.82 -21.53 66.42
N LEU A 248 -62.47 -21.86 66.52
CA LEU A 248 -61.49 -21.85 65.45
C LEU A 248 -61.71 -23.13 64.58
N ILE A 249 -62.66 -23.01 63.59
CA ILE A 249 -63.08 -24.10 62.70
C ILE A 249 -62.44 -24.20 61.33
N ASP A 250 -61.53 -25.18 61.14
CA ASP A 250 -60.86 -25.32 59.90
C ASP A 250 -61.66 -26.28 58.98
N ALA A 251 -62.76 -26.92 59.50
CA ALA A 251 -63.75 -27.72 58.82
C ALA A 251 -64.59 -26.80 57.91
N SER A 252 -64.95 -27.34 56.71
CA SER A 252 -65.83 -26.65 55.77
C SER A 252 -67.29 -26.55 56.22
N LEU A 253 -67.93 -25.52 55.80
CA LEU A 253 -69.35 -25.27 56.06
C LEU A 253 -69.84 -24.67 54.75
N GLU A 254 -69.20 -25.08 53.56
CA GLU A 254 -69.52 -24.57 52.24
C GLU A 254 -69.99 -25.80 51.43
N VAL A 255 -71.06 -25.67 50.64
CA VAL A 255 -71.62 -26.69 49.80
C VAL A 255 -70.86 -26.86 48.46
N GLU A 256 -69.73 -27.49 48.49
CA GLU A 256 -68.86 -27.64 47.35
C GLU A 256 -69.34 -28.59 46.32
N LYS A 257 -68.95 -28.39 45.01
CA LYS A 257 -69.30 -29.30 43.87
C LYS A 257 -68.96 -30.75 44.05
N PRO A 258 -69.76 -31.68 43.56
CA PRO A 258 -69.48 -33.11 43.76
C PRO A 258 -68.20 -33.65 43.00
N GLU A 259 -67.16 -34.15 43.68
CA GLU A 259 -66.02 -34.84 43.12
C GLU A 259 -65.75 -36.10 43.87
N LEU A 260 -66.19 -36.16 45.17
CA LEU A 260 -65.99 -37.25 46.16
C LEU A 260 -67.23 -37.93 46.55
N ASP A 261 -68.31 -37.30 46.15
CA ASP A 261 -69.63 -37.86 46.49
C ASP A 261 -70.04 -39.08 45.68
N ALA A 262 -69.40 -39.38 44.57
CA ALA A 262 -69.65 -40.53 43.73
C ALA A 262 -68.22 -40.91 43.18
N GLU A 263 -68.17 -42.14 42.63
CA GLU A 263 -66.98 -42.66 42.03
C GLU A 263 -66.99 -42.58 40.52
N ILE A 264 -67.96 -41.93 39.90
CA ILE A 264 -68.01 -41.62 38.49
C ILE A 264 -68.91 -40.47 38.32
N ARG A 265 -68.70 -39.65 37.32
CA ARG A 265 -69.38 -38.46 36.90
C ARG A 265 -70.87 -38.50 36.89
N ILE A 266 -71.52 -37.50 37.49
CA ILE A 266 -72.94 -37.29 37.58
C ILE A 266 -73.76 -36.96 36.29
N ASN A 267 -74.48 -37.96 35.69
CA ASN A 267 -75.33 -37.77 34.46
C ASN A 267 -76.79 -37.46 34.70
N ASP A 268 -77.22 -37.51 35.98
CA ASP A 268 -78.60 -37.27 36.34
C ASP A 268 -78.84 -36.01 37.14
N PRO A 269 -79.60 -34.96 36.68
CA PRO A 269 -79.77 -33.76 37.45
C PRO A 269 -80.59 -34.08 38.69
N THR A 270 -81.36 -35.16 38.74
CA THR A 270 -82.05 -35.52 40.01
C THR A 270 -81.11 -35.79 41.15
N GLN A 271 -79.93 -36.47 40.88
CA GLN A 271 -78.90 -36.96 41.76
C GLN A 271 -78.06 -35.77 42.31
N MET A 272 -77.83 -34.76 41.40
CA MET A 272 -77.22 -33.47 41.63
C MET A 272 -78.04 -32.81 42.80
N GLN A 273 -79.32 -32.49 42.53
CA GLN A 273 -80.24 -32.09 43.53
C GLN A 273 -80.23 -32.83 44.80
N LYS A 274 -80.64 -34.12 44.86
CA LYS A 274 -80.69 -34.83 46.09
C LYS A 274 -79.39 -34.95 46.88
N PHE A 275 -78.20 -34.71 46.26
CA PHE A 275 -76.83 -34.71 46.80
C PHE A 275 -76.62 -33.35 47.43
N LEU A 276 -76.79 -32.20 46.72
CA LEU A 276 -76.67 -30.82 47.27
C LEU A 276 -77.79 -30.42 48.19
N ASP A 277 -78.99 -31.11 48.22
CA ASP A 277 -80.09 -30.88 49.24
C ASP A 277 -79.70 -31.39 50.58
N GLU A 278 -79.26 -32.70 50.63
CA GLU A 278 -78.88 -33.26 51.88
C GLU A 278 -77.64 -32.71 52.52
N GLU A 279 -76.71 -32.29 51.67
CA GLU A 279 -75.51 -31.58 52.02
C GLU A 279 -75.85 -30.19 52.56
N GLU A 280 -76.98 -29.64 52.15
CA GLU A 280 -77.43 -28.37 52.68
C GLU A 280 -78.05 -28.55 54.04
N ASN A 281 -78.71 -29.72 54.29
CA ASN A 281 -78.99 -30.01 55.68
C ASN A 281 -77.77 -30.49 56.57
N LEU A 282 -76.71 -30.94 55.88
CA LEU A 282 -75.46 -31.23 56.42
C LEU A 282 -74.67 -29.97 56.86
N ILE A 283 -74.75 -28.87 56.12
CA ILE A 283 -74.11 -27.62 56.60
C ILE A 283 -74.86 -26.98 57.79
N LYS A 284 -76.23 -27.02 57.81
CA LYS A 284 -76.94 -26.65 58.99
C LYS A 284 -76.69 -27.67 60.16
N GLU A 285 -76.45 -29.01 59.87
CA GLU A 285 -76.04 -29.98 60.80
C GLU A 285 -74.71 -29.75 61.40
N LYS A 286 -73.70 -29.58 60.59
CA LYS A 286 -72.32 -29.29 60.96
C LYS A 286 -72.12 -28.09 61.90
N VAL A 287 -72.87 -27.01 61.52
CA VAL A 287 -73.06 -25.80 62.35
C VAL A 287 -73.71 -26.08 63.67
N ASP A 288 -74.87 -26.84 63.68
CA ASP A 288 -75.54 -27.23 64.92
C ASP A 288 -74.72 -28.15 65.81
N LYS A 289 -73.91 -29.07 65.21
CA LYS A 289 -72.94 -29.90 65.91
C LYS A 289 -71.77 -29.13 66.47
N ILE A 290 -71.47 -27.87 65.99
CA ILE A 290 -70.47 -26.96 66.54
C ILE A 290 -71.07 -26.07 67.68
N LEU A 291 -72.32 -25.54 67.44
CA LEU A 291 -73.10 -24.89 68.48
C LEU A 291 -73.63 -25.79 69.58
N ALA A 292 -73.53 -27.10 69.42
CA ALA A 292 -73.73 -28.18 70.43
C ALA A 292 -72.73 -28.03 71.63
N THR A 293 -71.69 -27.22 71.49
CA THR A 293 -70.68 -26.89 72.50
C THR A 293 -71.03 -25.58 73.20
N GLY A 294 -71.91 -24.74 72.65
CA GLY A 294 -72.25 -23.45 73.25
C GLY A 294 -71.66 -22.25 72.73
N ALA A 295 -70.84 -22.44 71.74
CA ALA A 295 -70.07 -21.46 71.13
C ALA A 295 -70.90 -20.30 70.50
N ASN A 296 -70.49 -19.03 70.75
CA ASN A 296 -71.40 -17.91 70.34
C ASN A 296 -70.72 -17.20 69.20
N VAL A 297 -69.46 -17.61 68.85
CA VAL A 297 -68.70 -17.08 67.78
C VAL A 297 -68.09 -18.25 67.06
N ILE A 298 -67.88 -18.07 65.72
CA ILE A 298 -67.34 -19.10 64.92
C ILE A 298 -66.45 -18.59 63.83
N ILE A 299 -65.17 -18.96 63.84
CA ILE A 299 -64.18 -18.35 62.99
C ILE A 299 -63.70 -19.52 62.21
N CYS A 300 -63.46 -19.23 60.93
CA CYS A 300 -63.15 -20.29 59.98
C CYS A 300 -62.02 -19.90 59.15
N GLN A 301 -61.72 -20.95 58.35
CA GLN A 301 -60.48 -20.89 57.59
C GLN A 301 -60.85 -21.31 56.15
N LYS A 302 -61.95 -22.05 56.00
CA LYS A 302 -62.49 -22.35 54.72
C LYS A 302 -63.76 -21.56 54.45
N GLY A 303 -64.63 -21.87 53.44
CA GLY A 303 -65.94 -21.26 53.26
C GLY A 303 -67.13 -21.63 54.25
N ILE A 304 -67.97 -20.59 54.44
CA ILE A 304 -69.19 -20.67 55.25
C ILE A 304 -70.26 -20.28 54.25
N ASP A 305 -71.11 -21.20 53.72
CA ASP A 305 -72.12 -20.99 52.74
C ASP A 305 -73.19 -19.94 53.15
N GLU A 306 -73.95 -19.53 52.21
CA GLU A 306 -74.92 -18.45 52.43
C GLU A 306 -76.24 -18.76 53.21
N VAL A 307 -76.56 -20.06 53.17
CA VAL A 307 -77.58 -20.67 53.99
C VAL A 307 -77.05 -20.88 55.36
N ALA A 308 -75.77 -21.20 55.52
CA ALA A 308 -75.11 -21.24 56.74
C ALA A 308 -74.83 -19.95 57.46
N GLN A 309 -74.81 -18.83 56.68
CA GLN A 309 -74.84 -17.46 57.29
C GLN A 309 -76.25 -17.07 57.80
N SER A 310 -77.34 -17.31 56.98
CA SER A 310 -78.68 -17.03 57.41
C SER A 310 -79.06 -17.84 58.65
N TYR A 311 -78.43 -19.04 58.76
CA TYR A 311 -78.67 -19.95 59.90
C TYR A 311 -77.91 -19.46 61.14
N LEU A 312 -76.64 -19.09 61.06
CA LEU A 312 -75.90 -18.43 62.16
C LEU A 312 -76.37 -17.05 62.56
N ALA A 313 -76.94 -16.17 61.65
CA ALA A 313 -77.52 -14.84 61.82
C ALA A 313 -78.77 -15.04 62.73
N LYS A 314 -79.55 -16.07 62.45
CA LYS A 314 -80.68 -16.45 63.19
C LYS A 314 -80.45 -17.05 64.61
N LYS A 315 -79.28 -17.68 64.91
CA LYS A 315 -78.94 -18.13 66.27
C LYS A 315 -78.44 -16.91 67.06
N GLY A 316 -77.89 -15.84 66.39
CA GLY A 316 -77.30 -14.71 67.09
C GLY A 316 -75.84 -14.81 67.21
N VAL A 317 -75.12 -15.60 66.33
CA VAL A 317 -73.73 -15.84 66.30
C VAL A 317 -73.00 -14.88 65.36
N LEU A 318 -71.64 -14.66 65.52
CA LEU A 318 -70.68 -13.82 64.87
C LEU A 318 -69.77 -14.76 64.12
N ALA A 319 -69.82 -14.67 62.75
CA ALA A 319 -69.02 -15.50 61.95
C ALA A 319 -68.02 -14.80 61.01
N VAL A 320 -66.89 -15.50 60.79
CA VAL A 320 -65.78 -15.09 59.87
C VAL A 320 -65.55 -16.22 58.91
N ARG A 321 -65.30 -15.95 57.71
CA ARG A 321 -64.98 -16.88 56.66
C ARG A 321 -63.61 -16.65 56.04
N ARG A 322 -62.90 -17.76 55.64
CA ARG A 322 -61.61 -17.68 55.02
C ARG A 322 -60.61 -16.77 55.68
N ALA A 323 -60.37 -17.02 56.99
CA ALA A 323 -59.28 -16.39 57.69
C ALA A 323 -57.92 -17.11 57.54
N LYS A 324 -56.81 -16.41 57.70
CA LYS A 324 -55.48 -16.93 57.47
C LYS A 324 -54.99 -17.82 58.64
N LYS A 325 -54.39 -19.03 58.54
CA LYS A 325 -53.94 -19.81 59.66
C LYS A 325 -53.01 -19.10 60.74
N SER A 326 -52.17 -18.07 60.45
CA SER A 326 -51.38 -17.26 61.38
C SER A 326 -52.04 -16.73 62.53
N ASP A 327 -53.29 -16.41 62.34
CA ASP A 327 -54.03 -15.60 63.23
C ASP A 327 -54.96 -16.44 64.12
N LEU A 328 -55.34 -17.59 63.58
CA LEU A 328 -55.96 -18.66 64.22
C LEU A 328 -55.00 -19.19 65.28
N GLU A 329 -53.68 -19.34 64.95
CA GLU A 329 -52.60 -19.64 65.86
C GLU A 329 -52.49 -18.56 66.90
N LYS A 330 -52.34 -17.28 66.53
CA LYS A 330 -52.25 -16.20 67.47
C LYS A 330 -53.42 -16.05 68.49
N LEU A 331 -54.70 -16.47 68.11
CA LEU A 331 -55.85 -16.43 68.97
C LEU A 331 -56.03 -17.72 69.79
N ALA A 332 -55.47 -18.89 69.29
CA ALA A 332 -55.47 -20.12 70.05
C ALA A 332 -54.72 -19.94 71.44
N ARG A 333 -53.42 -19.74 71.44
CA ARG A 333 -52.72 -19.56 72.74
C ARG A 333 -52.96 -18.21 73.41
N ALA A 334 -53.82 -17.40 72.85
CA ALA A 334 -54.34 -16.25 73.62
C ALA A 334 -55.51 -16.64 74.54
N THR A 335 -56.50 -17.36 74.04
CA THR A 335 -57.73 -17.61 74.73
C THR A 335 -57.85 -19.00 75.18
N GLY A 336 -56.88 -19.82 74.82
CA GLY A 336 -56.90 -21.25 75.28
C GLY A 336 -57.53 -22.20 74.35
N GLY A 337 -58.02 -21.73 73.14
CA GLY A 337 -58.61 -22.64 72.13
C GLY A 337 -57.69 -23.46 71.36
N ARG A 338 -58.26 -24.33 70.43
CA ARG A 338 -57.47 -25.12 69.49
C ARG A 338 -58.18 -25.25 68.20
N VAL A 339 -57.51 -25.12 67.05
CA VAL A 339 -58.11 -25.25 65.74
C VAL A 339 -58.58 -26.66 65.51
N VAL A 340 -59.74 -26.84 64.90
CA VAL A 340 -60.38 -28.19 64.75
C VAL A 340 -60.91 -28.27 63.29
N SER A 341 -60.42 -29.30 62.49
CA SER A 341 -60.67 -29.57 61.05
C SER A 341 -61.74 -30.58 60.72
N ASN A 342 -62.34 -31.14 61.81
CA ASN A 342 -63.45 -32.12 61.72
C ASN A 342 -64.54 -31.76 62.67
N ILE A 343 -65.84 -31.51 62.25
CA ILE A 343 -67.00 -31.27 63.14
C ILE A 343 -67.32 -32.35 64.24
N ASP A 344 -67.01 -33.65 63.95
CA ASP A 344 -67.19 -34.75 64.92
C ASP A 344 -66.09 -34.75 65.99
N GLU A 345 -65.23 -33.71 66.09
CA GLU A 345 -64.16 -33.56 67.01
C GLU A 345 -64.28 -32.26 67.67
N ILE A 346 -65.20 -31.33 67.35
CA ILE A 346 -65.39 -30.08 68.06
C ILE A 346 -65.85 -30.29 69.45
N SER A 347 -65.37 -29.60 70.54
CA SER A 347 -65.81 -29.81 71.88
C SER A 347 -65.35 -28.54 72.63
N GLU A 348 -65.95 -28.24 73.79
CA GLU A 348 -65.72 -27.10 74.56
C GLU A 348 -64.23 -26.82 75.00
N GLN A 349 -63.35 -27.81 75.01
CA GLN A 349 -61.97 -27.64 75.56
C GLN A 349 -61.04 -27.04 74.35
N ASP A 350 -61.65 -27.07 73.18
CA ASP A 350 -61.00 -26.65 71.94
C ASP A 350 -61.59 -25.34 71.47
N LEU A 351 -62.55 -24.84 72.29
CA LEU A 351 -63.06 -23.49 72.16
C LEU A 351 -62.21 -22.46 72.77
N GLY A 352 -62.21 -21.17 72.24
CA GLY A 352 -61.52 -20.06 72.86
C GLY A 352 -62.40 -19.29 73.82
N TYR A 353 -61.82 -18.75 74.88
CA TYR A 353 -62.60 -18.07 75.95
C TYR A 353 -62.03 -16.66 76.21
N ALA A 354 -62.81 -15.58 75.85
CA ALA A 354 -62.45 -14.21 75.94
C ALA A 354 -63.62 -13.44 76.58
N SER A 355 -63.47 -12.26 77.32
CA SER A 355 -64.66 -11.67 77.92
C SER A 355 -65.52 -10.95 76.88
N LEU A 356 -64.86 -10.57 75.80
CA LEU A 356 -65.54 -9.93 74.66
C LEU A 356 -64.75 -10.05 73.32
N ILE A 357 -65.40 -10.50 72.23
CA ILE A 357 -64.96 -10.37 70.88
C ILE A 357 -65.88 -9.41 70.16
N GLU A 358 -65.33 -8.60 69.22
CA GLU A 358 -66.07 -7.69 68.47
C GLU A 358 -65.54 -7.65 67.12
N GLU A 359 -66.21 -6.84 66.30
CA GLU A 359 -65.79 -6.38 65.03
C GLU A 359 -65.76 -4.89 65.15
N ARG A 360 -64.56 -4.26 65.03
CA ARG A 360 -64.50 -2.78 65.20
C ARG A 360 -63.78 -2.17 63.97
N LYS A 361 -64.22 -0.96 63.67
CA LYS A 361 -63.64 -0.03 62.67
C LYS A 361 -62.62 0.92 63.24
N VAL A 362 -61.33 0.91 62.73
CA VAL A 362 -60.25 1.82 63.24
C VAL A 362 -60.25 3.17 62.51
N GLY A 363 -60.67 3.17 61.24
CA GLY A 363 -60.83 4.45 60.47
C GLY A 363 -61.91 4.19 59.39
N GLU A 364 -61.47 3.64 58.28
CA GLU A 364 -62.34 3.14 57.22
C GLU A 364 -62.12 1.64 57.04
N ASP A 365 -61.41 1.01 57.95
CA ASP A 365 -61.06 -0.33 57.79
C ASP A 365 -61.54 -0.91 59.05
N LYS A 366 -62.09 -2.15 58.99
CA LYS A 366 -62.67 -2.89 60.10
C LYS A 366 -62.24 -4.36 60.09
N MET A 367 -62.04 -4.84 61.37
CA MET A 367 -61.53 -6.12 61.54
C MET A 367 -61.97 -6.63 62.92
N VAL A 368 -61.68 -7.90 63.29
CA VAL A 368 -62.20 -8.57 64.54
C VAL A 368 -61.15 -8.34 65.56
N PHE A 369 -61.57 -7.98 66.72
CA PHE A 369 -60.76 -7.74 67.93
C PHE A 369 -61.23 -8.80 68.90
N VAL A 370 -60.30 -9.27 69.81
CA VAL A 370 -60.64 -10.13 70.91
C VAL A 370 -60.09 -9.76 72.26
N GLU A 371 -60.43 -8.63 72.85
CA GLU A 371 -59.90 -8.02 74.10
C GLU A 371 -60.39 -8.82 75.27
N GLY A 372 -59.52 -8.81 76.38
CA GLY A 372 -60.05 -9.57 77.54
C GLY A 372 -59.87 -11.01 77.39
N ALA A 373 -58.93 -11.42 76.51
CA ALA A 373 -58.46 -12.71 76.11
C ALA A 373 -57.98 -13.38 77.32
N LYS A 374 -58.04 -14.72 77.43
CA LYS A 374 -57.66 -15.41 78.64
C LYS A 374 -56.21 -15.04 79.07
N ASN A 375 -55.26 -14.96 78.14
CA ASN A 375 -53.93 -14.57 78.52
C ASN A 375 -53.67 -13.03 78.59
N PRO A 376 -53.25 -12.35 79.64
CA PRO A 376 -53.00 -10.92 79.64
C PRO A 376 -51.81 -10.57 78.77
N LYS A 377 -50.83 -11.51 78.58
CA LYS A 377 -49.71 -11.33 77.75
C LYS A 377 -49.99 -11.09 76.24
N SER A 378 -51.02 -11.84 75.67
CA SER A 378 -51.46 -11.80 74.26
C SER A 378 -52.19 -10.53 73.91
N ILE A 379 -51.47 -9.59 73.24
CA ILE A 379 -51.90 -8.26 72.88
C ILE A 379 -51.61 -8.17 71.36
N SER A 380 -52.16 -7.09 70.69
CA SER A 380 -51.86 -6.80 69.26
C SER A 380 -51.49 -5.38 69.10
N ILE A 381 -50.76 -5.03 68.00
CA ILE A 381 -50.53 -3.65 67.75
C ILE A 381 -51.13 -3.45 66.36
N LEU A 382 -51.75 -2.22 66.15
CA LEU A 382 -52.42 -1.79 64.97
C LEU A 382 -51.79 -0.55 64.30
N ILE A 383 -51.23 -0.74 63.12
CA ILE A 383 -50.49 0.19 62.35
C ILE A 383 -51.48 0.89 61.34
N ARG A 384 -51.30 2.21 61.26
CA ARG A 384 -51.87 3.01 60.26
C ARG A 384 -50.86 4.05 59.93
N GLY A 385 -50.75 4.63 58.70
CA GLY A 385 -49.57 5.47 58.48
C GLY A 385 -49.28 5.69 57.07
N GLY A 386 -50.25 6.32 56.37
CA GLY A 386 -50.23 6.53 54.95
C GLY A 386 -50.22 5.28 54.13
N LEU A 387 -49.94 5.46 52.80
CA LEU A 387 -50.04 4.48 51.73
C LEU A 387 -49.48 3.04 51.94
N GLU A 388 -49.87 2.11 51.00
CA GLU A 388 -49.43 0.70 51.05
C GLU A 388 -47.88 0.42 51.21
N ARG A 389 -46.97 1.36 50.92
CA ARG A 389 -45.53 1.16 51.08
C ARG A 389 -45.00 1.85 52.28
N LEU A 390 -45.56 2.98 52.71
CA LEU A 390 -45.29 3.64 53.95
C LEU A 390 -45.60 2.78 55.17
N VAL A 391 -46.75 2.05 55.01
CA VAL A 391 -47.20 1.13 56.05
C VAL A 391 -46.28 -0.10 56.20
N ASP A 392 -45.78 -0.64 55.12
CA ASP A 392 -44.79 -1.69 54.97
C ASP A 392 -43.53 -1.28 55.78
N GLU A 393 -42.94 -0.05 55.68
CA GLU A 393 -41.69 0.33 56.39
C GLU A 393 -41.97 0.60 57.91
N THR A 394 -43.27 0.78 58.20
CA THR A 394 -43.74 0.91 59.59
C THR A 394 -43.81 -0.33 60.41
N GLU A 395 -44.05 -1.48 59.72
CA GLU A 395 -44.00 -2.80 60.34
C GLU A 395 -42.66 -3.32 60.66
N ARG A 396 -41.61 -3.03 59.85
CA ARG A 396 -40.29 -3.31 60.07
C ARG A 396 -39.82 -2.52 61.29
N ALA A 397 -40.03 -1.17 61.24
CA ALA A 397 -39.75 -0.23 62.32
C ALA A 397 -40.35 -0.62 63.70
N LEU A 398 -41.64 -1.05 63.69
CA LEU A 398 -42.29 -1.49 64.89
C LEU A 398 -41.74 -2.69 65.42
N ARG A 399 -41.43 -3.64 64.51
CA ARG A 399 -40.80 -4.92 64.88
C ARG A 399 -39.47 -4.79 65.53
N ASP A 400 -38.56 -3.96 64.93
CA ASP A 400 -37.20 -3.60 65.39
C ASP A 400 -37.26 -2.80 66.72
N ALA A 401 -38.19 -1.85 66.82
CA ALA A 401 -38.50 -1.11 68.10
C ALA A 401 -38.94 -2.04 69.25
N LEU A 402 -39.83 -2.99 68.97
CA LEU A 402 -40.25 -4.04 69.95
C LEU A 402 -39.03 -4.97 70.35
N GLY A 403 -38.40 -5.61 69.34
CA GLY A 403 -37.12 -6.33 69.41
C GLY A 403 -36.10 -5.72 70.18
N THR A 404 -35.62 -4.48 69.88
CA THR A 404 -34.61 -3.79 70.52
C THR A 404 -34.89 -3.57 72.04
N VAL A 405 -36.03 -3.09 72.40
CA VAL A 405 -36.47 -3.02 73.77
C VAL A 405 -36.55 -4.42 74.49
N ALA A 406 -36.98 -5.46 73.91
CA ALA A 406 -37.00 -6.80 74.57
C ALA A 406 -35.61 -7.28 74.80
N ASP A 407 -34.60 -6.95 73.93
CA ASP A 407 -33.23 -7.35 74.26
C ASP A 407 -32.59 -6.55 75.40
N VAL A 408 -32.97 -5.28 75.57
CA VAL A 408 -32.46 -4.45 76.69
C VAL A 408 -32.93 -5.07 78.07
N ILE A 409 -34.25 -5.52 78.20
CA ILE A 409 -34.77 -6.17 79.36
C ILE A 409 -34.09 -7.57 79.48
N LYS A 410 -34.06 -8.35 78.41
CA LYS A 410 -33.46 -9.63 78.39
C LYS A 410 -32.02 -9.62 78.77
N ASP A 411 -31.31 -8.54 78.57
CA ASP A 411 -29.90 -8.36 78.88
C ASP A 411 -29.77 -7.62 80.28
N GLY A 412 -30.05 -6.28 80.36
CA GLY A 412 -29.88 -5.43 81.54
C GLY A 412 -28.97 -4.27 81.36
N ARG A 413 -28.34 -4.05 80.24
CA ARG A 413 -27.35 -2.99 80.09
C ARG A 413 -27.70 -2.05 78.98
N ALA A 414 -27.45 -0.75 79.24
CA ALA A 414 -27.60 0.24 78.17
C ALA A 414 -26.63 1.44 78.26
N ILE A 415 -26.03 1.77 77.08
CA ILE A 415 -24.94 2.73 77.09
C ILE A 415 -25.39 3.93 76.24
N ALA A 416 -24.61 5.09 76.28
CA ALA A 416 -24.94 6.33 75.55
C ALA A 416 -24.55 6.22 74.09
N GLY A 417 -25.44 6.52 73.10
CA GLY A 417 -25.17 6.57 71.70
C GLY A 417 -24.51 7.80 71.25
N GLY A 418 -24.38 8.12 69.96
CA GLY A 418 -23.78 9.36 69.57
C GLY A 418 -22.29 9.50 69.63
N GLY A 419 -21.51 8.39 69.69
CA GLY A 419 -20.06 8.36 69.70
C GLY A 419 -19.35 8.47 71.04
N ALA A 420 -20.02 8.67 72.14
CA ALA A 420 -19.49 8.81 73.52
C ALA A 420 -18.61 7.65 73.87
N VAL A 421 -19.19 6.45 73.75
CA VAL A 421 -18.51 5.23 74.14
C VAL A 421 -17.29 4.92 73.21
N GLU A 422 -17.27 5.29 71.92
CA GLU A 422 -16.20 5.10 70.87
C GLU A 422 -14.95 5.86 71.43
N ILE A 423 -15.00 7.22 71.49
CA ILE A 423 -13.90 8.02 71.95
C ILE A 423 -13.37 7.50 73.30
N GLU A 424 -14.19 6.98 74.31
CA GLU A 424 -13.71 6.44 75.61
C GLU A 424 -12.98 5.17 75.32
N ILE A 425 -13.56 4.18 74.62
CA ILE A 425 -12.94 2.94 74.22
C ILE A 425 -11.69 3.10 73.41
N ALA A 426 -11.60 4.21 72.69
CA ALA A 426 -10.38 4.68 71.99
C ALA A 426 -9.38 5.23 73.00
N LYS A 427 -9.56 6.40 73.63
CA LYS A 427 -8.77 7.01 74.71
C LYS A 427 -8.17 5.98 75.75
N LYS A 428 -9.07 5.20 76.36
CA LYS A 428 -8.80 4.12 77.30
C LYS A 428 -7.83 3.09 76.74
N LEU A 429 -7.89 2.76 75.44
CA LEU A 429 -7.01 1.89 74.73
C LEU A 429 -5.62 2.51 74.37
N ARG A 430 -5.60 3.77 74.05
CA ARG A 430 -4.48 4.56 73.79
C ARG A 430 -3.51 4.64 74.93
N LYS A 431 -4.08 4.77 76.14
CA LYS A 431 -3.35 4.63 77.33
C LYS A 431 -2.80 3.21 77.50
N TYR A 432 -3.44 2.20 76.94
CA TYR A 432 -3.09 0.76 77.09
C TYR A 432 -1.86 0.44 76.19
N ALA A 433 -1.94 0.78 74.87
CA ALA A 433 -0.94 0.52 73.83
C ALA A 433 0.58 0.51 74.21
N PRO A 434 1.21 1.57 74.67
CA PRO A 434 2.57 1.58 75.24
C PRO A 434 3.01 0.28 75.95
N GLN A 435 2.10 -0.28 76.74
CA GLN A 435 2.39 -1.37 77.66
C GLN A 435 2.19 -2.74 76.93
N VAL A 436 1.45 -2.82 75.80
CA VAL A 436 1.25 -4.07 75.13
C VAL A 436 2.51 -4.69 74.59
N GLY A 437 3.48 -3.82 74.12
CA GLY A 437 4.89 -4.24 73.73
C GLY A 437 5.47 -3.39 72.72
N GLY A 438 6.45 -3.92 72.00
CA GLY A 438 7.07 -3.26 70.89
C GLY A 438 6.16 -3.05 69.73
N LYS A 439 6.11 -3.98 68.84
CA LYS A 439 5.30 -3.79 67.66
C LYS A 439 3.82 -3.76 67.81
N GLU A 440 3.18 -4.71 68.58
CA GLU A 440 1.78 -4.82 68.93
C GLU A 440 1.12 -3.50 69.45
N GLN A 441 1.91 -2.59 69.97
CA GLN A 441 1.45 -1.26 70.27
C GLN A 441 0.85 -0.52 69.10
N LEU A 442 1.62 -0.40 68.00
CA LEU A 442 1.25 0.22 66.74
C LEU A 442 0.01 -0.41 66.18
N ALA A 443 -0.07 -1.76 66.35
CA ALA A 443 -1.22 -2.59 65.94
C ALA A 443 -2.46 -2.12 66.69
N VAL A 444 -2.38 -1.96 68.03
CA VAL A 444 -3.41 -1.51 68.98
C VAL A 444 -3.78 -0.07 68.70
N GLU A 445 -2.77 0.84 68.61
CA GLU A 445 -2.94 2.31 68.25
C GLU A 445 -3.67 2.51 66.91
N ALA A 446 -3.41 1.54 65.93
CA ALA A 446 -4.07 1.41 64.64
C ALA A 446 -5.54 1.09 64.83
N TYR A 447 -5.86 0.03 65.58
CA TYR A 447 -7.22 -0.30 66.09
C TYR A 447 -8.08 0.86 66.74
N ALA A 448 -7.37 1.71 67.57
CA ALA A 448 -7.81 2.96 68.19
C ALA A 448 -8.10 4.03 67.19
N ASN A 449 -7.22 4.27 66.25
CA ASN A 449 -7.36 5.17 65.13
C ASN A 449 -8.61 4.85 64.21
N ALA A 450 -8.85 3.56 63.85
CA ALA A 450 -10.03 2.99 63.17
C ALA A 450 -11.42 3.19 63.92
N LEU A 451 -11.54 3.08 65.25
CA LEU A 451 -12.81 3.39 65.89
C LEU A 451 -13.14 4.87 65.87
N GLU A 452 -12.15 5.75 65.98
CA GLU A 452 -12.40 7.20 65.90
C GLU A 452 -12.74 7.56 64.49
N SER A 453 -12.10 6.90 63.52
CA SER A 453 -12.55 7.03 62.12
C SER A 453 -14.11 6.76 62.03
N LEU A 454 -14.71 5.76 62.80
CA LEU A 454 -16.13 5.46 62.79
C LEU A 454 -17.07 6.60 63.08
N VAL A 455 -16.73 7.29 64.16
CA VAL A 455 -17.43 8.46 64.61
C VAL A 455 -17.21 9.60 63.65
N SER A 456 -16.09 9.59 63.00
CA SER A 456 -15.69 10.57 61.98
C SER A 456 -16.62 10.50 60.79
N ILE A 457 -16.87 9.25 60.28
CA ILE A 457 -17.74 8.93 59.19
C ILE A 457 -19.15 9.42 59.36
N LEU A 458 -19.66 9.23 60.60
CA LEU A 458 -20.90 9.78 61.16
C LEU A 458 -20.97 11.30 61.17
N ILE A 459 -19.97 11.97 61.70
CA ILE A 459 -19.86 13.40 61.72
C ILE A 459 -19.79 14.00 60.30
N GLU A 460 -18.87 13.45 59.44
CA GLU A 460 -18.79 13.76 58.02
C GLU A 460 -20.08 13.93 57.31
N ASN A 461 -20.89 12.80 57.30
CA ASN A 461 -22.26 12.66 56.83
C ASN A 461 -23.31 13.60 57.43
N ALA A 462 -23.06 14.32 58.57
CA ALA A 462 -24.03 15.29 59.02
C ALA A 462 -23.81 16.56 58.31
N GLY A 463 -22.64 16.87 57.79
CA GLY A 463 -22.33 18.10 57.14
C GLY A 463 -21.35 19.02 57.84
N PHE A 464 -20.43 18.45 58.67
CA PHE A 464 -19.53 19.25 59.51
C PHE A 464 -18.12 18.59 59.42
N ASP A 465 -17.11 19.23 59.98
CA ASP A 465 -15.66 18.84 59.86
C ASP A 465 -15.35 17.76 60.87
N PRO A 466 -15.08 16.54 60.39
CA PRO A 466 -14.78 15.45 61.31
C PRO A 466 -13.69 15.70 62.37
N ILE A 467 -12.53 16.29 61.97
CA ILE A 467 -11.46 16.44 62.99
C ILE A 467 -11.83 17.41 64.03
N ASP A 468 -12.35 18.51 63.62
CA ASP A 468 -12.70 19.64 64.51
C ASP A 468 -13.57 19.12 65.67
N LEU A 469 -14.72 18.53 65.29
CA LEU A 469 -15.77 17.97 66.14
C LEU A 469 -15.32 16.81 66.96
N LEU A 470 -14.53 15.87 66.42
CA LEU A 470 -13.82 14.79 67.17
C LEU A 470 -12.91 15.29 68.28
N MET A 471 -12.15 16.36 68.01
CA MET A 471 -11.28 16.97 68.95
C MET A 471 -12.06 17.64 70.14
N LYS A 472 -13.06 18.46 69.77
CA LYS A 472 -14.02 19.15 70.58
C LYS A 472 -14.81 18.15 71.40
N LEU A 473 -15.05 16.88 70.92
CA LEU A 473 -15.64 15.88 71.73
C LEU A 473 -14.62 15.24 72.62
N ARG A 474 -13.45 14.73 72.18
CA ARG A 474 -12.49 14.09 73.06
C ARG A 474 -11.97 15.02 74.07
N SER A 475 -12.21 16.40 73.90
CA SER A 475 -11.80 17.33 74.97
C SER A 475 -12.91 17.53 75.96
N THR A 476 -14.12 17.62 75.41
CA THR A 476 -15.35 17.75 76.29
C THR A 476 -15.76 16.42 77.01
N HIS A 477 -14.90 15.41 76.85
CA HIS A 477 -15.08 14.06 77.35
C HIS A 477 -13.75 13.50 77.80
N GLU A 478 -12.85 14.39 78.25
CA GLU A 478 -11.56 13.99 78.88
C GLU A 478 -11.77 13.30 80.22
N ASN A 479 -12.86 13.58 80.99
CA ASN A 479 -13.07 12.96 82.34
C ASN A 479 -14.44 12.32 82.45
N GLU A 480 -14.56 11.52 83.48
CA GLU A 480 -15.63 10.55 83.60
C GLU A 480 -16.96 11.23 83.88
N ASN A 481 -16.95 12.52 84.26
CA ASN A 481 -18.05 13.36 84.44
C ASN A 481 -18.97 13.54 83.21
N ASN A 482 -18.33 13.64 82.00
CA ASN A 482 -18.94 13.65 80.79
C ASN A 482 -19.02 12.36 80.00
N LYS A 483 -19.15 11.17 80.67
CA LYS A 483 -19.20 9.80 80.11
C LYS A 483 -20.23 9.65 79.04
N TRP A 484 -21.44 10.26 79.10
CA TRP A 484 -22.44 10.12 78.11
C TRP A 484 -22.50 11.34 77.11
N TYR A 485 -21.47 12.17 77.04
CA TYR A 485 -21.33 13.18 76.01
C TYR A 485 -20.83 12.61 74.69
N GLY A 486 -21.52 12.98 73.59
CA GLY A 486 -21.23 12.56 72.19
C GLY A 486 -21.54 13.72 71.37
N ILE A 487 -21.75 13.56 70.11
CA ILE A 487 -22.02 14.75 69.29
C ILE A 487 -23.46 14.71 68.67
N ASP A 488 -24.31 15.67 69.16
CA ASP A 488 -25.59 15.93 68.46
C ASP A 488 -25.33 16.41 66.99
N LEU A 489 -25.72 15.62 65.94
CA LEU A 489 -25.47 16.01 64.60
C LEU A 489 -26.42 17.15 64.32
N TYR A 490 -27.58 17.21 64.94
CA TYR A 490 -28.54 18.30 64.59
C TYR A 490 -28.06 19.74 65.03
N ALA A 491 -27.53 19.81 66.24
CA ALA A 491 -26.93 21.02 66.74
C ALA A 491 -25.59 21.23 66.18
N GLY A 492 -24.81 20.09 66.06
CA GLY A 492 -23.54 20.15 65.40
C GLY A 492 -22.53 20.61 66.40
N GLN A 493 -22.51 20.00 67.60
CA GLN A 493 -21.69 20.36 68.72
C GLN A 493 -21.92 19.35 69.82
N PRO A 494 -20.85 19.00 70.56
CA PRO A 494 -20.93 17.93 71.58
C PRO A 494 -21.90 18.25 72.73
N VAL A 495 -22.76 17.26 73.09
CA VAL A 495 -23.75 17.26 74.13
C VAL A 495 -23.88 15.95 74.80
N ASP A 496 -24.63 15.95 75.90
CA ASP A 496 -25.00 14.67 76.59
C ASP A 496 -26.07 13.99 75.88
N MET A 497 -25.74 12.89 75.18
CA MET A 497 -26.68 12.19 74.38
C MET A 497 -27.67 11.43 75.24
N TRP A 498 -27.22 10.80 76.36
CA TRP A 498 -28.16 10.11 77.23
C TRP A 498 -29.34 10.96 77.69
N GLN A 499 -29.05 12.13 78.26
CA GLN A 499 -30.05 13.21 78.51
C GLN A 499 -30.48 13.95 77.30
N LYS A 500 -30.56 13.31 76.18
CA LYS A 500 -31.12 13.90 75.02
C LYS A 500 -31.79 12.77 74.24
N GLY A 501 -31.95 11.62 74.99
CA GLY A 501 -32.70 10.40 74.63
C GLY A 501 -31.94 9.43 73.86
N VAL A 502 -30.65 9.67 73.55
CA VAL A 502 -29.88 8.74 72.69
C VAL A 502 -28.96 7.72 73.46
N ILE A 503 -29.63 6.66 73.70
CA ILE A 503 -29.08 5.55 74.46
C ILE A 503 -29.19 4.35 73.55
N GLU A 504 -28.44 3.26 73.71
CA GLU A 504 -28.42 2.10 72.90
C GLU A 504 -28.15 0.81 73.72
N PRO A 505 -28.60 -0.35 73.37
CA PRO A 505 -28.26 -1.64 73.83
C PRO A 505 -26.80 -1.92 73.76
N ALA A 506 -26.13 -2.04 74.92
CA ALA A 506 -24.72 -2.42 75.13
C ALA A 506 -24.25 -3.73 74.32
N LEU A 507 -25.20 -4.59 74.02
CA LEU A 507 -25.00 -5.82 73.28
C LEU A 507 -25.09 -5.71 71.76
N VAL A 508 -25.99 -4.88 71.21
CA VAL A 508 -26.03 -4.61 69.83
C VAL A 508 -24.73 -4.05 69.36
N LYS A 509 -24.25 -3.05 70.08
CA LYS A 509 -23.07 -2.33 69.74
C LYS A 509 -21.79 -3.09 70.20
N MET A 510 -21.90 -4.37 70.67
CA MET A 510 -20.85 -5.25 71.05
C MET A 510 -20.69 -6.38 69.99
N ASN A 511 -21.81 -6.95 69.45
CA ASN A 511 -21.77 -8.04 68.48
C ASN A 511 -21.26 -7.42 67.14
N ALA A 512 -21.51 -6.17 66.83
CA ALA A 512 -20.94 -5.52 65.63
C ALA A 512 -19.39 -5.51 65.51
N ILE A 513 -18.73 -5.01 66.65
CA ILE A 513 -17.31 -5.06 66.82
C ILE A 513 -16.79 -6.48 66.69
N LYS A 514 -17.54 -7.45 67.37
CA LYS A 514 -17.23 -8.87 67.43
C LYS A 514 -17.18 -9.40 66.00
N ALA A 515 -18.15 -9.06 65.16
CA ALA A 515 -18.26 -9.45 63.75
C ALA A 515 -17.10 -8.89 63.04
N ALA A 516 -16.97 -7.55 63.06
CA ALA A 516 -15.86 -6.86 62.42
C ALA A 516 -14.52 -7.34 62.78
N THR A 517 -14.12 -7.55 64.10
CA THR A 517 -12.78 -8.05 64.38
C THR A 517 -12.48 -9.48 63.96
N GLU A 518 -13.49 -10.40 64.03
CA GLU A 518 -13.40 -11.76 63.51
C GLU A 518 -13.13 -11.73 62.00
N ALA A 519 -14.00 -11.04 61.26
CA ALA A 519 -13.72 -10.79 59.86
C ALA A 519 -12.39 -10.05 59.55
N ALA A 520 -12.06 -8.79 60.11
CA ALA A 520 -10.83 -8.13 59.96
C ALA A 520 -9.62 -8.95 60.08
N THR A 521 -9.55 -9.66 61.23
CA THR A 521 -8.45 -10.64 61.41
C THR A 521 -8.44 -11.87 60.53
N LEU A 522 -9.55 -12.41 60.00
CA LEU A 522 -9.50 -13.40 59.06
C LEU A 522 -8.91 -12.97 57.71
N VAL A 523 -9.24 -11.69 57.29
CA VAL A 523 -8.72 -11.13 55.98
C VAL A 523 -7.24 -10.96 55.95
N LEU A 524 -6.65 -10.54 57.06
CA LEU A 524 -5.16 -10.46 57.28
C LEU A 524 -4.51 -11.73 57.35
N ARG A 525 -5.19 -12.76 57.84
CA ARG A 525 -4.68 -14.11 57.96
C ARG A 525 -4.40 -14.72 56.56
N ILE A 526 -5.11 -14.37 55.52
CA ILE A 526 -4.96 -14.95 54.18
C ILE A 526 -3.66 -14.45 53.51
N ASP A 527 -2.78 -15.39 53.11
CA ASP A 527 -1.48 -15.09 52.48
C ASP A 527 -1.50 -15.11 50.97
N ASP A 528 -2.38 -15.96 50.34
CA ASP A 528 -2.45 -16.03 48.89
C ASP A 528 -3.84 -16.62 48.61
N VAL A 529 -4.26 -16.34 47.39
CA VAL A 529 -5.55 -16.82 46.92
C VAL A 529 -5.25 -17.59 45.67
N VAL A 530 -5.68 -18.84 45.75
CA VAL A 530 -5.55 -19.88 44.71
C VAL A 530 -6.96 -20.20 44.11
N SER A 531 -7.03 -20.38 42.75
CA SER A 531 -8.23 -20.75 42.04
C SER A 531 -8.03 -22.20 41.47
N ALA A 532 -9.14 -22.84 41.09
CA ALA A 532 -9.05 -24.10 40.47
C ALA A 532 -8.91 -24.12 38.88
N GLY B 28 20.27 -36.04 31.39
CA GLY B 28 21.19 -34.87 31.64
C GLY B 28 20.39 -33.71 32.10
N LYS B 29 21.07 -32.58 32.29
CA LYS B 29 20.58 -31.24 32.76
C LYS B 29 19.28 -30.71 32.17
N GLU B 30 19.05 -30.99 30.86
CA GLU B 30 17.75 -30.76 30.13
C GLU B 30 16.42 -30.86 30.95
N ALA B 31 16.02 -32.11 31.24
CA ALA B 31 14.86 -32.47 31.96
C ALA B 31 15.03 -32.43 33.45
N VAL B 32 16.24 -32.81 33.99
CA VAL B 32 16.68 -32.83 35.36
C VAL B 32 16.37 -31.48 36.03
N ARG B 33 16.49 -30.30 35.29
CA ARG B 33 16.16 -28.90 35.69
C ARG B 33 14.64 -28.66 35.85
N ALA B 34 13.76 -29.10 34.88
CA ALA B 34 12.27 -29.07 34.90
C ALA B 34 11.75 -29.76 36.20
N ASN B 35 12.16 -31.04 36.42
CA ASN B 35 11.93 -31.75 37.61
C ASN B 35 12.30 -30.93 38.90
N ILE B 36 13.56 -30.37 39.11
CA ILE B 36 13.94 -29.54 40.22
C ILE B 36 12.97 -28.43 40.40
N ALA B 37 12.79 -27.64 39.30
CA ALA B 37 11.85 -26.60 39.18
C ALA B 37 10.40 -26.95 39.81
N ALA B 38 9.79 -28.08 39.29
CA ALA B 38 8.55 -28.69 39.74
C ALA B 38 8.47 -28.98 41.25
N VAL B 39 9.52 -29.65 41.75
CA VAL B 39 9.64 -29.93 43.14
C VAL B 39 9.74 -28.61 44.04
N LYS B 40 10.67 -27.64 43.72
CA LYS B 40 10.69 -26.33 44.29
C LYS B 40 9.42 -25.51 44.29
N ALA B 41 8.74 -25.58 43.22
CA ALA B 41 7.45 -25.01 43.10
C ALA B 41 6.40 -25.46 44.18
N VAL B 42 6.23 -26.77 44.34
CA VAL B 42 5.40 -27.31 45.34
C VAL B 42 5.79 -26.86 46.78
N GLU B 43 7.08 -26.76 47.17
CA GLU B 43 7.55 -26.23 48.40
C GLU B 43 7.10 -24.82 48.65
N GLU B 44 7.24 -23.89 47.63
CA GLU B 44 6.63 -22.55 47.70
C GLU B 44 5.08 -22.47 47.93
N ALA B 45 4.32 -23.60 47.92
CA ALA B 45 2.88 -23.63 48.09
C ALA B 45 2.56 -23.87 49.53
N LEU B 46 3.52 -24.42 50.34
CA LEU B 46 3.30 -24.63 51.74
C LEU B 46 4.12 -23.73 52.71
N LYS B 47 5.37 -23.32 52.34
CA LYS B 47 6.43 -22.52 53.06
C LYS B 47 5.94 -21.51 54.17
N SER B 48 5.04 -20.55 53.79
CA SER B 48 4.42 -19.60 54.63
C SER B 48 3.35 -20.19 55.57
N THR B 49 3.18 -21.49 55.65
CA THR B 49 2.22 -22.18 56.59
C THR B 49 2.91 -23.11 57.48
N TYR B 50 4.23 -23.23 57.39
CA TYR B 50 5.00 -23.95 58.29
C TYR B 50 4.90 -23.39 59.72
N GLY B 51 4.79 -24.22 60.85
CA GLY B 51 4.76 -23.86 62.18
C GLY B 51 3.41 -23.36 62.64
N PRO B 52 3.25 -23.05 63.92
CA PRO B 52 1.91 -22.55 64.43
C PRO B 52 1.58 -21.15 63.92
N ARG B 53 2.63 -20.37 63.59
CA ARG B 53 2.54 -18.99 63.09
C ARG B 53 2.43 -18.96 61.59
N GLY B 54 2.28 -20.17 60.96
CA GLY B 54 1.83 -20.40 59.58
C GLY B 54 0.53 -19.64 59.35
N MET B 55 0.50 -18.90 58.22
CA MET B 55 -0.67 -18.18 57.87
C MET B 55 -1.55 -19.14 57.02
N ASP B 56 -2.72 -18.72 56.58
CA ASP B 56 -3.67 -19.55 55.85
C ASP B 56 -3.59 -19.22 54.34
N LYS B 57 -4.00 -20.23 53.51
CA LYS B 57 -4.16 -20.13 52.09
C LYS B 57 -5.66 -20.11 51.81
N MET B 58 -6.10 -19.34 50.75
CA MET B 58 -7.46 -19.33 50.31
C MET B 58 -7.54 -20.14 49.01
N LEU B 59 -8.61 -21.04 48.88
CA LEU B 59 -8.71 -21.98 47.76
C LEU B 59 -10.16 -21.77 47.27
N VAL B 60 -10.28 -21.23 45.99
CA VAL B 60 -11.50 -20.87 45.35
C VAL B 60 -11.79 -21.93 44.29
N ASP B 61 -12.84 -22.73 44.50
CA ASP B 61 -13.30 -23.75 43.60
C ASP B 61 -13.62 -23.26 42.22
N SER B 62 -13.64 -24.23 41.23
CA SER B 62 -14.18 -24.02 39.87
C SER B 62 -15.58 -23.54 39.90
N LEU B 63 -16.35 -23.93 40.91
CA LEU B 63 -17.74 -23.49 41.11
C LEU B 63 -17.92 -22.29 42.04
N GLY B 64 -16.85 -21.62 42.47
CA GLY B 64 -16.82 -20.43 43.38
C GLY B 64 -16.71 -20.67 44.90
N ASP B 65 -16.89 -21.91 45.34
CA ASP B 65 -16.84 -22.30 46.70
C ASP B 65 -15.53 -22.11 47.38
N ILE B 66 -15.46 -21.46 48.53
CA ILE B 66 -14.23 -20.95 49.19
C ILE B 66 -13.85 -21.72 50.41
N THR B 67 -12.50 -21.89 50.49
CA THR B 67 -11.92 -22.59 51.62
C THR B 67 -10.60 -21.90 52.03
N ILE B 68 -10.57 -21.40 53.26
CA ILE B 68 -9.37 -20.88 53.87
C ILE B 68 -8.86 -21.96 54.86
N THR B 69 -7.58 -22.29 54.74
CA THR B 69 -7.04 -23.27 55.66
C THR B 69 -5.58 -23.08 55.84
N ASN B 70 -4.96 -23.86 56.76
CA ASN B 70 -3.51 -23.87 56.95
C ASN B 70 -2.97 -25.22 56.98
N ASP B 71 -3.76 -26.33 56.86
CA ASP B 71 -3.38 -27.73 56.77
C ASP B 71 -2.60 -28.16 55.56
N GLY B 72 -1.35 -28.71 55.63
CA GLY B 72 -0.52 -29.03 54.53
C GLY B 72 -1.23 -29.85 53.49
N ALA B 73 -1.78 -30.96 53.93
CA ALA B 73 -2.57 -31.91 53.20
C ALA B 73 -3.59 -31.25 52.35
N THR B 74 -4.56 -30.39 52.90
CA THR B 74 -5.55 -29.71 52.13
C THR B 74 -5.01 -28.84 51.02
N ILE B 75 -3.93 -28.07 51.24
CA ILE B 75 -3.34 -27.23 50.20
C ILE B 75 -2.71 -28.08 49.07
N LEU B 76 -2.46 -29.38 49.33
CA LEU B 76 -2.00 -30.20 48.28
C LEU B 76 -3.13 -31.01 47.62
N ASP B 77 -4.08 -31.47 48.42
CA ASP B 77 -5.20 -32.23 48.05
C ASP B 77 -6.16 -31.52 47.16
N LYS B 78 -6.54 -30.29 47.58
CA LYS B 78 -7.45 -29.49 46.74
C LYS B 78 -6.82 -28.84 45.46
N MET B 79 -5.46 -28.87 45.38
CA MET B 79 -4.75 -28.30 44.26
C MET B 79 -4.00 -29.22 43.27
N ASP B 80 -4.50 -29.20 42.03
CA ASP B 80 -4.02 -30.08 41.01
C ASP B 80 -2.63 -29.76 40.64
N LEU B 81 -1.85 -30.75 40.41
CA LEU B 81 -0.52 -30.65 39.83
C LEU B 81 -0.43 -31.25 38.48
N GLN B 82 0.24 -30.59 37.47
CA GLN B 82 0.32 -31.11 36.10
C GLN B 82 1.73 -31.73 35.73
N HIS B 83 2.77 -31.49 36.58
CA HIS B 83 4.20 -31.98 36.24
C HIS B 83 4.29 -33.36 36.82
N PRO B 84 4.86 -34.34 36.10
CA PRO B 84 5.13 -35.71 36.62
C PRO B 84 6.00 -35.78 37.93
N ALA B 85 7.16 -35.00 37.93
CA ALA B 85 8.03 -34.80 39.12
C ALA B 85 7.28 -34.34 40.32
N ALA B 86 6.47 -33.24 40.28
CA ALA B 86 5.64 -32.66 41.37
C ALA B 86 4.72 -33.77 41.95
N LYS B 87 3.92 -34.42 41.06
CA LYS B 87 2.97 -35.52 41.44
C LYS B 87 3.56 -36.72 42.14
N LEU B 88 4.82 -37.08 41.78
CA LEU B 88 5.66 -38.13 42.40
C LEU B 88 6.12 -37.70 43.83
N LEU B 89 6.47 -36.44 44.02
CA LEU B 89 6.96 -35.92 45.29
C LEU B 89 5.91 -35.96 46.33
N VAL B 90 4.78 -35.28 46.05
CA VAL B 90 3.60 -35.16 46.94
C VAL B 90 3.00 -36.56 47.30
N GLN B 91 3.07 -37.60 46.42
CA GLN B 91 2.71 -39.00 46.73
C GLN B 91 3.54 -39.61 47.80
N ILE B 92 4.89 -39.41 47.85
CA ILE B 92 5.81 -39.90 48.86
C ILE B 92 5.67 -39.11 50.17
N ALA B 93 5.46 -37.79 50.09
CA ALA B 93 5.21 -36.97 51.27
C ALA B 93 3.86 -37.29 51.97
N LYS B 94 2.80 -37.14 51.26
CA LYS B 94 1.42 -37.40 51.63
C LYS B 94 1.27 -38.78 52.11
N GLY B 95 1.47 -39.69 51.20
CA GLY B 95 1.27 -41.16 51.31
C GLY B 95 2.29 -41.92 52.04
N GLN B 96 2.78 -41.30 53.16
CA GLN B 96 3.77 -41.79 54.12
C GLN B 96 3.07 -42.71 55.14
N ASP B 97 3.71 -43.38 56.15
CA ASP B 97 3.05 -44.38 57.05
C ASP B 97 1.97 -43.73 57.95
N GLU B 98 2.29 -42.64 58.54
CA GLU B 98 1.45 -41.85 59.45
C GLU B 98 0.55 -40.83 58.78
N GLU B 99 -0.53 -40.42 59.53
CA GLU B 99 -1.53 -39.51 59.08
C GLU B 99 -1.49 -38.22 59.80
N THR B 100 -0.36 -37.99 60.35
CA THR B 100 0.02 -36.77 61.02
C THR B 100 -0.03 -35.58 60.16
N ALA B 101 -0.67 -34.52 60.63
CA ALA B 101 -0.73 -33.28 59.89
C ALA B 101 0.57 -32.49 59.82
N ASP B 102 1.23 -32.26 60.94
CA ASP B 102 2.58 -31.65 61.00
C ASP B 102 3.61 -32.40 60.27
N GLY B 103 3.75 -33.75 60.32
CA GLY B 103 4.76 -34.48 59.58
C GLY B 103 4.63 -34.53 58.04
N THR B 104 3.43 -34.45 57.41
CA THR B 104 3.25 -34.34 55.97
C THR B 104 3.68 -33.02 55.49
N LYS B 105 3.41 -31.97 56.32
CA LYS B 105 3.85 -30.67 55.99
C LYS B 105 5.41 -30.45 55.99
N THR B 106 6.06 -31.12 56.96
CA THR B 106 7.50 -31.09 57.12
C THR B 106 8.05 -31.87 55.91
N ALA B 107 7.57 -33.11 55.73
CA ALA B 107 7.97 -33.90 54.63
C ALA B 107 8.14 -33.20 53.34
N VAL B 108 7.13 -32.33 52.94
CA VAL B 108 7.37 -31.55 51.69
C VAL B 108 8.36 -30.44 51.78
N ILE B 109 8.18 -29.56 52.75
CA ILE B 109 9.11 -28.44 52.85
C ILE B 109 10.55 -28.82 52.97
N PHE B 110 10.97 -29.60 53.98
CA PHE B 110 12.33 -30.09 54.10
C PHE B 110 12.84 -30.86 52.83
N SER B 111 11.98 -31.67 52.20
CA SER B 111 12.36 -32.36 50.96
C SER B 111 12.78 -31.48 49.89
N GLY B 112 11.88 -30.48 49.55
CA GLY B 112 12.29 -29.47 48.48
C GLY B 112 13.49 -28.67 48.92
N GLU B 113 13.82 -28.43 50.20
CA GLU B 113 15.03 -27.75 50.66
C GLU B 113 16.24 -28.62 50.44
N LEU B 114 16.10 -29.97 50.63
CA LEU B 114 17.19 -30.89 50.34
C LEU B 114 17.67 -30.98 48.88
N VAL B 115 16.60 -31.00 47.96
CA VAL B 115 16.68 -30.91 46.55
C VAL B 115 17.34 -29.58 46.14
N LYS B 116 16.85 -28.58 46.82
CA LYS B 116 17.32 -27.15 46.66
C LYS B 116 18.80 -26.93 46.88
N LYS B 117 19.28 -27.26 48.07
CA LYS B 117 20.59 -27.29 48.61
C LYS B 117 21.57 -28.14 47.82
N ALA B 118 20.98 -29.12 47.05
CA ALA B 118 21.78 -29.94 46.09
C ALA B 118 22.18 -29.22 44.76
N GLU B 119 21.48 -28.27 44.22
CA GLU B 119 21.85 -27.56 43.02
C GLU B 119 23.20 -26.83 43.15
N ASP B 120 23.49 -26.26 44.35
CA ASP B 120 24.74 -25.54 44.59
C ASP B 120 25.89 -26.54 44.50
N LEU B 121 25.62 -27.83 44.80
CA LEU B 121 26.63 -28.87 44.64
C LEU B 121 26.84 -29.27 43.22
N LEU B 122 25.75 -29.37 42.35
CA LEU B 122 25.96 -29.59 40.92
C LEU B 122 26.75 -28.43 40.21
N TYR B 123 26.51 -27.22 40.66
CA TYR B 123 27.12 -25.96 40.15
C TYR B 123 28.55 -26.06 40.35
N LYS B 124 29.05 -26.61 41.47
CA LYS B 124 30.39 -26.84 41.83
C LYS B 124 31.01 -28.14 41.19
N ASP B 125 30.22 -28.83 40.32
CA ASP B 125 30.61 -30.00 39.59
C ASP B 125 30.75 -31.29 40.40
N VAL B 126 29.95 -31.40 41.41
CA VAL B 126 29.78 -32.71 42.08
C VAL B 126 28.71 -33.48 41.28
N HIS B 127 28.98 -34.75 40.92
CA HIS B 127 28.04 -35.61 40.19
C HIS B 127 26.88 -36.00 41.02
N PRO B 128 25.65 -36.13 40.61
CA PRO B 128 24.56 -36.54 41.49
C PRO B 128 24.63 -37.85 42.18
N THR B 129 25.33 -38.88 41.70
CA THR B 129 25.48 -40.09 42.43
C THR B 129 26.18 -39.95 43.81
N ILE B 130 27.05 -38.90 43.90
CA ILE B 130 27.79 -38.60 45.10
C ILE B 130 26.94 -37.94 46.15
N ILE B 131 26.15 -36.94 45.67
CA ILE B 131 25.15 -36.31 46.53
C ILE B 131 24.13 -37.35 47.09
N ILE B 132 23.80 -38.45 46.33
CA ILE B 132 22.81 -39.46 46.85
C ILE B 132 23.42 -40.10 48.07
N SER B 133 24.62 -40.64 47.92
CA SER B 133 25.49 -41.36 48.89
C SER B 133 25.81 -40.46 50.04
N GLY B 134 26.16 -39.19 49.87
CA GLY B 134 26.30 -38.23 50.94
C GLY B 134 25.03 -38.07 51.75
N TYR B 135 23.86 -37.74 51.13
CA TYR B 135 22.59 -37.69 51.76
C TYR B 135 22.14 -39.04 52.37
N LYS B 136 22.28 -40.26 51.76
CA LYS B 136 22.11 -41.57 52.37
C LYS B 136 22.89 -41.73 53.69
N LYS B 137 24.24 -41.59 53.65
CA LYS B 137 24.99 -41.56 54.94
C LYS B 137 24.54 -40.53 56.02
N ALA B 138 24.10 -39.37 55.56
CA ALA B 138 23.54 -38.32 56.44
C ALA B 138 22.17 -38.71 57.10
N GLU B 139 21.34 -39.40 56.31
CA GLU B 139 20.03 -39.96 56.64
C GLU B 139 20.11 -40.97 57.74
N GLU B 140 21.05 -41.94 57.54
CA GLU B 140 21.52 -42.92 58.58
C GLU B 140 21.71 -42.29 59.92
N VAL B 141 22.65 -41.33 60.03
CA VAL B 141 23.01 -40.48 61.19
C VAL B 141 21.80 -39.74 61.71
N ALA B 142 21.04 -38.93 60.88
CA ALA B 142 19.86 -38.21 61.26
C ALA B 142 18.80 -38.95 61.94
N LEU B 143 18.55 -40.22 61.51
CA LEU B 143 17.59 -41.14 62.09
C LEU B 143 18.03 -41.54 63.51
N GLN B 144 19.14 -42.27 63.66
CA GLN B 144 19.64 -42.58 64.97
C GLN B 144 19.92 -41.39 65.95
N THR B 145 20.27 -40.24 65.38
CA THR B 145 20.40 -38.96 66.10
C THR B 145 19.05 -38.48 66.63
N ILE B 146 17.86 -39.02 66.18
CA ILE B 146 16.56 -38.76 66.83
C ILE B 146 16.36 -39.88 67.84
N GLN B 147 16.70 -41.18 67.57
CA GLN B 147 16.46 -42.26 68.53
C GLN B 147 17.31 -42.05 69.82
N GLU B 148 18.59 -42.16 69.72
CA GLU B 148 19.56 -42.07 70.79
C GLU B 148 19.70 -40.69 71.49
N LEU B 149 18.49 -40.15 71.76
CA LEU B 149 18.47 -38.72 72.18
C LEU B 149 17.11 -38.46 72.74
N ALA B 150 16.14 -39.28 72.31
CA ALA B 150 14.76 -39.23 72.83
C ALA B 150 14.53 -39.76 74.23
N GLN B 151 13.40 -39.36 74.82
CA GLN B 151 13.09 -39.70 76.21
C GLN B 151 11.98 -40.66 76.33
N THR B 152 12.09 -41.59 77.30
CA THR B 152 11.22 -42.76 77.55
C THR B 152 9.84 -42.39 78.11
N VAL B 153 8.76 -42.61 77.42
CA VAL B 153 7.37 -42.36 77.83
C VAL B 153 6.66 -43.64 77.92
N SER B 154 5.78 -43.83 78.96
CA SER B 154 4.99 -45.01 79.16
C SER B 154 3.74 -44.50 79.79
N ILE B 155 2.83 -45.41 80.02
CA ILE B 155 1.49 -45.05 80.48
C ILE B 155 1.23 -44.15 81.63
N ASN B 156 2.06 -44.26 82.63
CA ASN B 156 2.03 -43.48 83.83
C ASN B 156 2.64 -42.07 83.71
N ASP B 157 3.37 -41.71 82.66
CA ASP B 157 3.80 -40.30 82.47
C ASP B 157 2.58 -39.50 81.91
N THR B 158 1.49 -39.35 82.71
CA THR B 158 0.23 -38.71 82.24
C THR B 158 0.30 -37.16 82.29
N ASP B 159 1.18 -36.65 83.14
CA ASP B 159 1.33 -35.19 83.19
C ASP B 159 2.13 -34.74 81.99
N LEU B 160 2.78 -35.67 81.35
CA LEU B 160 3.68 -35.41 80.25
C LEU B 160 2.92 -35.35 78.96
N LEU B 161 2.07 -36.35 78.73
CA LEU B 161 1.26 -36.45 77.54
C LEU B 161 0.28 -35.28 77.36
N ARG B 162 -0.11 -34.58 78.44
CA ARG B 162 -0.82 -33.32 78.49
C ARG B 162 -0.11 -32.24 77.72
N LYS B 163 1.25 -32.17 77.64
CA LYS B 163 2.09 -31.25 76.92
C LYS B 163 2.23 -31.74 75.47
N ILE B 164 2.71 -32.92 75.24
CA ILE B 164 2.77 -33.62 73.90
C ILE B 164 1.43 -33.42 73.04
N ALA B 165 0.23 -33.43 73.71
CA ALA B 165 -1.09 -33.13 73.19
C ALA B 165 -1.34 -31.78 72.81
N MET B 166 -0.92 -30.81 73.65
CA MET B 166 -1.02 -29.38 73.54
C MET B 166 -0.19 -28.96 72.39
N THR B 167 1.00 -29.60 72.21
CA THR B 167 1.91 -29.41 71.02
C THR B 167 1.18 -29.78 69.68
N SER B 168 0.03 -30.46 69.81
CA SER B 168 -0.72 -30.89 68.64
C SER B 168 -1.89 -29.87 68.49
N LEU B 169 -2.63 -29.56 69.59
CA LEU B 169 -3.80 -28.72 69.38
C LEU B 169 -3.45 -27.28 69.11
N SER B 170 -2.32 -26.80 69.63
CA SER B 170 -1.71 -25.49 69.51
C SER B 170 -1.33 -25.19 68.06
N SER B 171 -1.25 -26.21 67.17
CA SER B 171 -1.03 -26.11 65.72
C SER B 171 -2.34 -26.16 64.89
N LYS B 172 -3.47 -26.41 65.55
CA LYS B 172 -4.78 -26.38 64.95
C LYS B 172 -5.50 -25.01 65.11
N ALA B 173 -6.62 -24.79 64.39
CA ALA B 173 -7.25 -23.51 64.23
C ALA B 173 -8.42 -23.26 65.12
N VAL B 174 -8.76 -24.16 66.01
CA VAL B 174 -9.86 -24.01 66.91
C VAL B 174 -9.60 -23.08 68.10
N ALA B 175 -8.30 -22.73 68.21
CA ALA B 175 -7.69 -21.83 69.21
C ALA B 175 -8.10 -22.09 70.64
N GLY B 176 -8.40 -21.02 71.42
CA GLY B 176 -8.83 -21.13 72.82
C GLY B 176 -8.12 -22.00 73.81
N ALA B 177 -8.88 -22.48 74.83
CA ALA B 177 -8.43 -23.39 75.92
C ALA B 177 -8.15 -24.87 75.45
N ARG B 178 -6.98 -25.09 74.78
CA ARG B 178 -6.50 -26.35 74.22
C ARG B 178 -6.05 -27.30 75.37
N GLU B 179 -5.55 -26.77 76.50
CA GLU B 179 -5.23 -27.51 77.71
C GLU B 179 -6.30 -28.46 78.32
N TYR B 180 -7.60 -27.95 78.19
CA TYR B 180 -8.85 -28.62 78.49
C TYR B 180 -9.06 -29.92 77.74
N ILE B 181 -8.90 -29.73 76.44
CA ILE B 181 -8.95 -30.83 75.45
C ILE B 181 -7.72 -31.72 75.57
N ALA B 182 -6.49 -31.19 75.76
CA ALA B 182 -5.33 -32.02 76.14
C ALA B 182 -5.59 -32.91 77.37
N ASP B 183 -6.06 -32.40 78.53
CA ASP B 183 -6.39 -33.28 79.65
C ASP B 183 -7.31 -34.50 79.31
N ILE B 184 -8.43 -34.21 78.61
CA ILE B 184 -9.37 -35.25 78.14
C ILE B 184 -8.72 -36.35 77.28
N VAL B 185 -8.05 -35.85 76.26
CA VAL B 185 -7.34 -36.80 75.36
C VAL B 185 -6.48 -37.82 75.95
N VAL B 186 -5.67 -37.39 76.99
CA VAL B 186 -4.77 -38.20 77.77
C VAL B 186 -5.53 -39.29 78.54
N LYS B 187 -6.54 -38.95 79.30
CA LYS B 187 -7.32 -39.89 79.94
C LYS B 187 -8.00 -40.83 78.93
N ALA B 188 -8.60 -40.36 77.82
CA ALA B 188 -9.23 -41.15 76.77
C ALA B 188 -8.37 -42.19 76.09
N VAL B 189 -7.10 -41.87 75.82
CA VAL B 189 -6.21 -42.83 75.30
C VAL B 189 -5.66 -43.85 76.37
N THR B 190 -5.09 -43.42 77.53
CA THR B 190 -4.73 -44.29 78.63
C THR B 190 -5.74 -45.20 79.19
N GLN B 191 -7.07 -44.82 79.05
CA GLN B 191 -8.16 -45.66 79.44
C GLN B 191 -8.28 -46.82 78.48
N VAL B 192 -8.10 -46.57 77.21
CA VAL B 192 -8.30 -47.46 76.11
C VAL B 192 -6.98 -48.35 75.86
N ALA B 193 -5.78 -47.86 76.26
CA ALA B 193 -4.54 -48.61 76.16
C ALA B 193 -4.48 -49.97 76.90
N GLU B 194 -3.72 -50.81 76.26
CA GLU B 194 -3.50 -52.25 76.67
C GLU B 194 -2.14 -52.80 76.10
N LEU B 195 -1.73 -53.95 76.61
CA LEU B 195 -0.54 -54.63 76.40
C LEU B 195 -0.65 -55.75 75.36
N ARG B 196 0.20 -55.59 74.30
CA ARG B 196 0.31 -56.67 73.34
C ARG B 196 1.82 -56.86 73.03
N GLY B 197 2.38 -58.02 73.28
CA GLY B 197 3.77 -58.37 73.16
C GLY B 197 4.71 -57.49 73.83
N ASP B 198 4.37 -57.09 75.06
CA ASP B 198 5.00 -56.16 75.91
C ASP B 198 5.23 -54.77 75.24
N LYS B 199 4.16 -54.26 74.57
CA LYS B 199 4.16 -53.05 73.79
C LYS B 199 2.77 -52.50 74.00
N TRP B 200 2.69 -51.17 74.20
CA TRP B 200 1.40 -50.58 74.35
C TRP B 200 0.52 -50.49 73.11
N TYR B 201 -0.86 -50.57 73.15
CA TYR B 201 -1.71 -50.55 71.96
C TYR B 201 -2.92 -49.83 72.34
N VAL B 202 -3.30 -48.85 71.49
CA VAL B 202 -4.50 -48.09 71.69
C VAL B 202 -5.41 -48.56 70.58
N ASP B 203 -6.55 -49.14 70.94
CA ASP B 203 -7.60 -49.40 69.97
C ASP B 203 -8.65 -48.26 70.04
N LEU B 204 -8.60 -47.47 69.01
CA LEU B 204 -9.48 -46.31 68.75
C LEU B 204 -10.97 -46.62 68.76
N ASP B 205 -11.33 -47.83 68.28
CA ASP B 205 -12.71 -48.30 68.29
C ASP B 205 -13.42 -48.28 69.69
N ASN B 206 -12.65 -48.34 70.80
CA ASN B 206 -13.11 -48.17 72.09
C ASN B 206 -13.37 -46.71 72.51
N ILE B 207 -13.41 -45.74 71.58
CA ILE B 207 -13.65 -44.42 71.81
C ILE B 207 -14.73 -43.99 70.88
N GLN B 208 -15.83 -43.44 71.48
CA GLN B 208 -16.84 -42.88 70.79
C GLN B 208 -16.62 -41.30 70.82
N ILE B 209 -17.05 -40.66 69.75
CA ILE B 209 -16.93 -39.21 69.59
C ILE B 209 -18.33 -38.81 69.04
N VAL B 210 -19.12 -38.10 69.86
CA VAL B 210 -20.47 -37.56 69.46
C VAL B 210 -20.36 -36.05 69.46
N LYS B 211 -20.97 -35.33 68.57
CA LYS B 211 -20.77 -33.91 68.44
C LYS B 211 -22.19 -33.25 68.23
N LYS B 212 -22.51 -32.13 68.95
CA LYS B 212 -23.70 -31.38 68.57
C LYS B 212 -23.32 -29.95 68.45
N ALA B 213 -23.70 -29.25 67.36
CA ALA B 213 -23.31 -27.85 67.17
C ALA B 213 -23.79 -26.91 68.23
N GLY B 214 -22.91 -25.98 68.65
CA GLY B 214 -23.17 -25.05 69.77
C GLY B 214 -22.03 -25.14 70.81
N GLY B 215 -22.14 -24.50 71.96
CA GLY B 215 -21.22 -24.42 73.05
C GLY B 215 -19.78 -23.98 72.80
N SER B 216 -18.91 -23.82 73.80
CA SER B 216 -17.50 -23.51 73.78
C SER B 216 -16.70 -24.82 73.69
N ILE B 217 -15.33 -24.77 73.46
CA ILE B 217 -14.52 -26.01 73.52
C ILE B 217 -14.34 -26.51 74.97
N ASN B 218 -14.54 -25.60 75.93
CA ASN B 218 -14.47 -25.83 77.38
C ASN B 218 -15.67 -26.61 77.80
N ASP B 219 -16.68 -26.70 76.93
CA ASP B 219 -17.92 -27.40 77.35
C ASP B 219 -17.86 -28.88 77.04
N THR B 220 -16.67 -29.42 76.70
CA THR B 220 -16.45 -30.76 76.25
C THR B 220 -16.32 -31.64 77.51
N GLN B 221 -16.56 -33.00 77.36
CA GLN B 221 -16.34 -33.97 78.50
C GLN B 221 -16.01 -35.32 77.95
N LEU B 222 -15.46 -36.14 78.89
CA LEU B 222 -15.18 -37.54 78.71
C LEU B 222 -16.29 -38.24 79.49
N VAL B 223 -16.90 -39.23 78.78
CA VAL B 223 -18.04 -40.00 79.41
C VAL B 223 -17.44 -41.41 79.65
N TYR B 224 -17.62 -42.07 80.79
CA TYR B 224 -17.11 -43.43 81.01
C TYR B 224 -18.17 -44.43 80.70
N GLY B 225 -18.51 -44.58 79.38
CA GLY B 225 -19.49 -45.43 78.81
C GLY B 225 -19.62 -45.04 77.39
N ILE B 226 -20.41 -45.71 76.56
CA ILE B 226 -20.70 -45.46 75.13
C ILE B 226 -21.87 -44.54 75.00
N VAL B 227 -21.76 -43.64 73.98
CA VAL B 227 -22.72 -42.53 73.87
C VAL B 227 -23.19 -42.65 72.46
N VAL B 228 -24.52 -42.97 72.30
CA VAL B 228 -25.25 -43.07 71.03
C VAL B 228 -25.96 -41.78 70.68
N ASP B 229 -25.55 -41.15 69.53
CA ASP B 229 -25.89 -39.77 69.06
C ASP B 229 -27.37 -39.52 69.05
N LYS B 230 -28.18 -40.46 68.46
CA LYS B 230 -29.61 -40.43 68.30
C LYS B 230 -30.52 -40.65 69.53
N GLU B 231 -31.23 -39.58 69.81
CA GLU B 231 -32.22 -39.51 70.80
C GLU B 231 -33.38 -40.50 70.74
N VAL B 232 -34.14 -40.64 71.89
CA VAL B 232 -35.23 -41.52 72.03
C VAL B 232 -36.38 -41.16 71.11
N VAL B 233 -37.06 -42.25 70.63
CA VAL B 233 -38.03 -42.02 69.55
C VAL B 233 -39.23 -41.21 69.90
N HIS B 234 -39.85 -41.49 71.05
CA HIS B 234 -41.04 -40.79 71.55
C HIS B 234 -40.73 -40.11 72.83
N PRO B 235 -40.80 -38.75 72.91
CA PRO B 235 -40.47 -37.99 74.12
C PRO B 235 -41.11 -38.45 75.45
N GLY B 236 -42.23 -39.12 75.34
CA GLY B 236 -43.05 -39.68 76.42
C GLY B 236 -42.53 -40.89 77.10
N MET B 237 -41.37 -41.50 76.74
CA MET B 237 -40.73 -42.68 77.31
C MET B 237 -39.66 -42.29 78.39
N PRO B 238 -39.29 -43.28 79.22
CA PRO B 238 -38.32 -43.07 80.31
C PRO B 238 -36.98 -42.60 79.79
N LYS B 239 -36.36 -41.68 80.47
CA LYS B 239 -35.10 -41.22 80.12
C LYS B 239 -33.97 -41.80 80.90
N ARG B 240 -34.32 -42.63 81.94
CA ARG B 240 -33.31 -43.35 82.72
C ARG B 240 -33.73 -44.72 83.17
N LEU B 241 -33.02 -45.82 82.77
CA LEU B 241 -33.27 -47.19 83.28
C LEU B 241 -32.18 -47.80 84.07
N GLU B 242 -32.56 -48.49 85.20
CA GLU B 242 -31.69 -49.21 86.09
C GLU B 242 -31.51 -50.69 85.74
N ASN B 243 -30.25 -51.25 85.69
CA ASN B 243 -30.07 -52.63 85.13
C ASN B 243 -30.55 -52.82 83.74
N ALA B 244 -30.00 -51.90 82.94
CA ALA B 244 -30.23 -51.88 81.51
C ALA B 244 -29.76 -53.13 80.82
N LYS B 245 -30.52 -53.49 79.81
CA LYS B 245 -30.39 -54.77 79.04
C LYS B 245 -30.65 -54.44 77.61
N ILE B 246 -29.75 -53.65 76.96
CA ILE B 246 -29.82 -53.16 75.62
C ILE B 246 -29.98 -54.23 74.52
N ALA B 247 -30.87 -54.02 73.49
CA ALA B 247 -31.09 -54.86 72.34
C ALA B 247 -30.81 -54.02 71.04
N LEU B 248 -29.60 -54.16 70.42
CA LEU B 248 -29.25 -53.50 69.18
C LEU B 248 -29.92 -54.12 67.97
N ILE B 249 -31.15 -53.64 67.70
CA ILE B 249 -31.93 -54.31 66.74
C ILE B 249 -31.81 -53.61 65.41
N ASP B 250 -31.11 -54.32 64.50
CA ASP B 250 -30.87 -53.73 63.16
C ASP B 250 -32.07 -53.98 62.26
N ALA B 251 -32.94 -54.94 62.59
CA ALA B 251 -34.20 -55.25 61.91
C ALA B 251 -35.25 -54.14 62.03
N SER B 252 -36.10 -53.96 60.97
CA SER B 252 -37.14 -52.94 60.97
C SER B 252 -38.31 -53.35 61.80
N LEU B 253 -39.00 -52.40 62.34
CA LEU B 253 -40.08 -52.59 63.30
C LEU B 253 -41.17 -51.58 62.89
N GLU B 254 -41.31 -51.35 61.57
CA GLU B 254 -42.20 -50.44 60.91
C GLU B 254 -43.04 -51.21 59.97
N VAL B 255 -44.36 -50.93 59.83
CA VAL B 255 -45.23 -51.56 58.90
C VAL B 255 -45.18 -50.93 57.52
N GLU B 256 -45.47 -51.72 56.47
CA GLU B 256 -45.53 -51.20 55.10
C GLU B 256 -46.71 -51.75 54.41
N LYS B 257 -47.17 -51.14 53.36
CA LYS B 257 -48.24 -51.59 52.48
C LYS B 257 -47.81 -52.94 51.83
N PRO B 258 -48.57 -53.93 51.49
CA PRO B 258 -48.19 -55.26 50.86
C PRO B 258 -46.97 -55.29 49.94
N GLU B 259 -45.90 -55.88 50.38
CA GLU B 259 -44.71 -56.07 49.58
C GLU B 259 -44.46 -57.54 49.30
N LEU B 260 -44.31 -58.38 50.39
CA LEU B 260 -44.16 -59.88 50.24
C LEU B 260 -45.42 -60.73 50.65
N ASP B 261 -46.50 -60.01 51.08
CA ASP B 261 -47.81 -60.49 51.28
C ASP B 261 -48.61 -60.91 50.01
N ALA B 262 -48.55 -60.06 48.99
CA ALA B 262 -49.01 -60.44 47.65
C ALA B 262 -48.20 -59.63 46.63
N GLU B 263 -48.33 -60.00 45.28
CA GLU B 263 -47.66 -59.25 44.21
C GLU B 263 -48.66 -58.40 43.38
N ILE B 264 -49.96 -58.73 43.63
CA ILE B 264 -51.06 -58.00 43.05
C ILE B 264 -51.55 -56.62 43.75
N ARG B 265 -52.02 -55.68 42.80
CA ARG B 265 -52.46 -54.33 43.27
C ARG B 265 -53.83 -54.41 43.90
N ILE B 266 -54.05 -53.59 45.03
CA ILE B 266 -55.26 -53.47 45.76
C ILE B 266 -56.30 -52.57 45.06
N ASN B 267 -57.42 -53.22 44.70
CA ASN B 267 -58.58 -52.69 43.99
C ASN B 267 -59.76 -52.53 44.97
N ASP B 268 -59.62 -53.03 46.22
CA ASP B 268 -60.59 -52.89 47.27
C ASP B 268 -59.95 -52.20 48.50
N PRO B 269 -60.42 -51.10 49.08
CA PRO B 269 -59.84 -50.51 50.34
C PRO B 269 -60.05 -51.41 51.53
N THR B 270 -61.01 -52.36 51.43
CA THR B 270 -61.20 -53.44 52.39
C THR B 270 -60.00 -54.40 52.55
N GLN B 271 -59.37 -54.71 51.41
CA GLN B 271 -58.16 -55.43 51.37
C GLN B 271 -56.94 -54.79 51.88
N MET B 272 -56.89 -53.43 51.65
CA MET B 272 -55.80 -52.56 52.12
C MET B 272 -55.66 -52.73 53.61
N GLN B 273 -56.73 -52.35 54.29
CA GLN B 273 -57.03 -52.48 55.69
C GLN B 273 -56.69 -53.85 56.18
N LYS B 274 -57.46 -54.88 55.72
CA LYS B 274 -57.27 -56.22 56.25
C LYS B 274 -55.86 -56.88 56.13
N PHE B 275 -54.92 -56.38 55.36
CA PHE B 275 -53.47 -56.69 55.26
C PHE B 275 -52.72 -55.87 56.30
N LEU B 276 -52.89 -54.52 56.37
CA LEU B 276 -52.23 -53.67 57.30
C LEU B 276 -52.74 -53.82 58.71
N ASP B 277 -53.91 -54.40 58.95
CA ASP B 277 -54.57 -54.68 60.19
C ASP B 277 -53.81 -55.78 60.86
N GLU B 278 -53.62 -56.90 60.17
CA GLU B 278 -52.95 -58.05 60.64
C GLU B 278 -51.45 -57.78 60.89
N GLU B 279 -50.93 -56.89 60.02
CA GLU B 279 -49.58 -56.37 60.09
C GLU B 279 -49.20 -55.50 61.32
N GLU B 280 -50.25 -54.88 61.88
CA GLU B 280 -50.09 -54.08 63.04
C GLU B 280 -50.00 -54.97 64.26
N ASN B 281 -50.78 -56.13 64.23
CA ASN B 281 -50.66 -57.16 65.25
C ASN B 281 -49.50 -58.04 65.13
N LEU B 282 -48.84 -58.09 63.95
CA LEU B 282 -47.47 -58.55 63.72
C LEU B 282 -46.34 -57.58 64.29
N ILE B 283 -46.48 -56.24 64.20
CA ILE B 283 -45.41 -55.34 64.57
C ILE B 283 -45.24 -55.22 66.12
N LYS B 284 -46.40 -55.19 66.85
CA LYS B 284 -46.45 -55.33 68.28
C LYS B 284 -45.93 -56.78 68.70
N GLU B 285 -46.11 -57.81 67.85
CA GLU B 285 -45.61 -59.22 68.01
C GLU B 285 -44.12 -59.30 67.98
N LYS B 286 -43.49 -58.78 66.92
CA LYS B 286 -42.09 -58.63 66.67
C LYS B 286 -41.42 -57.87 67.79
N VAL B 287 -42.01 -56.73 68.29
CA VAL B 287 -41.59 -56.05 69.53
C VAL B 287 -41.61 -56.89 70.74
N ASP B 288 -42.79 -57.66 70.97
CA ASP B 288 -42.97 -58.48 72.19
C ASP B 288 -41.99 -59.59 72.12
N LYS B 289 -41.64 -60.15 70.87
CA LYS B 289 -40.67 -61.21 70.70
C LYS B 289 -39.26 -60.71 71.12
N ILE B 290 -39.01 -59.43 71.09
CA ILE B 290 -37.78 -58.83 71.54
C ILE B 290 -37.85 -58.58 72.99
N LEU B 291 -38.99 -58.04 73.49
CA LEU B 291 -39.11 -57.85 74.89
C LEU B 291 -39.15 -59.12 75.77
N ALA B 292 -39.36 -60.27 75.11
CA ALA B 292 -39.20 -61.60 75.54
C ALA B 292 -37.84 -62.02 76.00
N THR B 293 -36.89 -61.12 75.71
CA THR B 293 -35.46 -61.45 75.90
C THR B 293 -35.10 -60.82 77.26
N GLY B 294 -35.96 -59.91 77.75
CA GLY B 294 -35.66 -59.24 79.02
C GLY B 294 -35.10 -57.89 78.71
N ALA B 295 -35.22 -57.49 77.46
CA ALA B 295 -34.81 -56.18 76.90
C ALA B 295 -35.61 -55.11 77.59
N ASN B 296 -35.03 -54.19 78.31
CA ASN B 296 -35.73 -53.10 78.93
C ASN B 296 -35.44 -51.80 78.14
N VAL B 297 -34.59 -51.89 77.12
CA VAL B 297 -34.22 -50.78 76.16
C VAL B 297 -34.16 -51.52 74.85
N ILE B 298 -34.46 -50.81 73.77
CA ILE B 298 -34.44 -51.32 72.46
C ILE B 298 -33.95 -50.23 71.58
N ILE B 299 -32.83 -50.44 70.87
CA ILE B 299 -32.22 -49.34 70.11
C ILE B 299 -32.11 -49.92 68.70
N CYS B 300 -32.38 -49.02 67.75
CA CYS B 300 -32.50 -49.53 66.38
C CYS B 300 -31.81 -48.72 65.31
N GLN B 301 -31.88 -49.18 64.05
CA GLN B 301 -31.20 -48.50 62.92
C GLN B 301 -32.23 -47.95 61.91
N LYS B 302 -33.33 -48.69 61.76
CA LYS B 302 -34.46 -48.37 60.79
C LYS B 302 -35.62 -47.87 61.55
N GLY B 303 -36.80 -47.96 60.88
CA GLY B 303 -38.09 -47.58 61.47
C GLY B 303 -38.66 -48.38 62.63
N ILE B 304 -39.47 -47.73 63.42
CA ILE B 304 -40.13 -48.25 64.56
C ILE B 304 -41.51 -47.55 64.51
N ASP B 305 -42.57 -48.23 64.13
CA ASP B 305 -43.95 -47.79 63.85
C ASP B 305 -44.51 -46.96 65.02
N GLU B 306 -45.45 -46.01 64.77
CA GLU B 306 -45.95 -45.12 65.86
C GLU B 306 -46.93 -45.94 66.74
N VAL B 307 -47.55 -47.01 66.20
CA VAL B 307 -48.43 -47.86 67.04
C VAL B 307 -47.55 -48.69 67.91
N ALA B 308 -46.38 -49.07 67.33
CA ALA B 308 -45.35 -49.79 68.06
C ALA B 308 -44.57 -48.89 69.07
N GLN B 309 -44.56 -47.54 68.97
CA GLN B 309 -43.98 -46.60 69.92
C GLN B 309 -44.94 -46.49 71.12
N SER B 310 -46.25 -46.36 70.85
CA SER B 310 -47.28 -46.46 71.87
C SER B 310 -47.28 -47.79 72.61
N TYR B 311 -46.82 -48.91 71.92
CA TYR B 311 -46.73 -50.28 72.44
C TYR B 311 -45.53 -50.33 73.36
N LEU B 312 -44.43 -49.79 72.85
CA LEU B 312 -43.21 -49.68 73.65
C LEU B 312 -43.34 -48.69 74.79
N ALA B 313 -44.12 -47.64 74.62
CA ALA B 313 -44.56 -46.76 75.70
C ALA B 313 -45.41 -47.38 76.80
N LYS B 314 -46.40 -48.25 76.36
CA LYS B 314 -47.28 -48.94 77.23
C LYS B 314 -46.55 -50.04 78.03
N LYS B 315 -45.41 -50.54 77.45
CA LYS B 315 -44.54 -51.48 78.12
C LYS B 315 -43.65 -50.81 79.12
N GLY B 316 -43.42 -49.48 78.98
CA GLY B 316 -42.63 -48.66 79.89
C GLY B 316 -41.18 -48.78 79.58
N VAL B 317 -40.77 -49.05 78.40
CA VAL B 317 -39.37 -49.19 77.94
C VAL B 317 -38.83 -48.01 77.22
N LEU B 318 -37.56 -47.99 76.99
CA LEU B 318 -36.81 -46.93 76.30
C LEU B 318 -36.44 -47.33 74.93
N ALA B 319 -37.06 -46.68 73.88
CA ALA B 319 -36.70 -47.10 72.51
C ALA B 319 -36.10 -45.92 71.68
N VAL B 320 -35.16 -46.26 70.74
CA VAL B 320 -34.46 -45.27 69.92
C VAL B 320 -34.75 -45.66 68.53
N ARG B 321 -34.99 -44.76 67.58
CA ARG B 321 -35.25 -45.06 66.17
C ARG B 321 -34.25 -44.31 65.26
N ARG B 322 -33.78 -44.97 64.24
CA ARG B 322 -32.92 -44.41 63.22
C ARG B 322 -31.56 -44.00 63.71
N ALA B 323 -30.82 -44.84 64.27
CA ALA B 323 -29.48 -44.55 64.66
C ALA B 323 -28.51 -45.02 63.53
N LYS B 324 -27.33 -44.34 63.45
CA LYS B 324 -26.34 -44.69 62.44
C LYS B 324 -25.58 -45.98 62.89
N LYS B 325 -25.26 -46.99 62.06
CA LYS B 325 -24.61 -48.24 62.51
C LYS B 325 -23.32 -48.15 63.32
N SER B 326 -22.56 -47.00 63.10
CA SER B 326 -21.39 -46.63 63.79
C SER B 326 -21.37 -46.66 65.26
N ASP B 327 -22.50 -46.36 65.88
CA ASP B 327 -22.74 -46.15 67.32
C ASP B 327 -23.35 -47.36 67.96
N LEU B 328 -24.08 -48.12 67.19
CA LEU B 328 -24.61 -49.42 67.55
C LEU B 328 -23.43 -50.46 67.78
N GLU B 329 -22.41 -50.56 66.97
CA GLU B 329 -21.29 -51.39 66.99
C GLU B 329 -20.42 -51.22 68.31
N LYS B 330 -20.01 -50.03 68.60
CA LYS B 330 -19.39 -49.67 69.84
C LYS B 330 -20.15 -50.02 71.13
N LEU B 331 -21.48 -50.11 71.12
CA LEU B 331 -22.23 -50.45 72.30
C LEU B 331 -22.39 -51.93 72.46
N ALA B 332 -22.27 -52.63 71.34
CA ALA B 332 -22.32 -54.05 71.26
C ALA B 332 -21.12 -54.61 72.06
N ARG B 333 -19.85 -54.39 71.56
CA ARG B 333 -18.67 -54.94 72.23
C ARG B 333 -18.29 -54.16 73.50
N ALA B 334 -19.12 -53.14 73.93
CA ALA B 334 -18.93 -52.51 75.20
C ALA B 334 -19.70 -53.21 76.30
N THR B 335 -20.83 -53.84 76.04
CA THR B 335 -21.66 -54.29 77.14
C THR B 335 -21.82 -55.83 77.03
N GLY B 336 -21.46 -56.48 75.87
CA GLY B 336 -21.75 -57.87 75.63
C GLY B 336 -22.77 -58.22 74.59
N GLY B 337 -23.35 -57.14 74.01
CA GLY B 337 -24.39 -57.22 73.02
C GLY B 337 -23.96 -57.81 71.67
N ARG B 338 -24.88 -57.78 70.63
CA ARG B 338 -24.59 -58.13 69.23
C ARG B 338 -25.57 -57.33 68.45
N VAL B 339 -25.30 -56.99 67.16
CA VAL B 339 -26.11 -56.14 66.30
C VAL B 339 -26.93 -57.01 65.43
N VAL B 340 -28.18 -57.26 65.96
CA VAL B 340 -29.01 -58.32 65.37
C VAL B 340 -29.87 -57.89 64.18
N SER B 341 -29.65 -58.49 63.01
CA SER B 341 -30.32 -58.18 61.78
C SER B 341 -31.51 -59.03 61.47
N ASN B 342 -31.94 -59.86 62.45
CA ASN B 342 -33.09 -60.78 62.32
C ASN B 342 -33.88 -60.96 63.65
N ILE B 343 -35.20 -60.62 63.73
CA ILE B 343 -36.02 -60.81 64.92
C ILE B 343 -36.01 -62.24 65.45
N ASP B 344 -35.89 -63.28 64.58
CA ASP B 344 -35.84 -64.66 64.99
C ASP B 344 -34.43 -65.15 65.49
N GLU B 345 -33.50 -64.21 65.75
CA GLU B 345 -32.12 -64.55 66.15
C GLU B 345 -31.55 -63.90 67.49
N ILE B 346 -32.42 -63.06 68.14
CA ILE B 346 -32.10 -62.41 69.38
C ILE B 346 -32.18 -63.28 70.57
N SER B 347 -31.06 -63.44 71.34
CA SER B 347 -30.96 -64.32 72.57
C SER B 347 -30.56 -63.62 73.86
N GLU B 348 -30.54 -64.45 75.04
CA GLU B 348 -30.08 -63.87 76.24
C GLU B 348 -28.65 -63.35 76.17
N GLN B 349 -27.74 -63.98 75.40
CA GLN B 349 -26.36 -63.52 75.33
C GLN B 349 -26.11 -62.46 74.36
N ASP B 350 -27.10 -62.05 73.51
CA ASP B 350 -26.88 -61.02 72.51
C ASP B 350 -27.40 -59.67 73.10
N LEU B 351 -27.94 -59.74 74.38
CA LEU B 351 -28.48 -58.68 75.15
C LEU B 351 -27.27 -57.92 75.82
N GLY B 352 -27.25 -56.60 75.75
CA GLY B 352 -26.22 -55.79 76.40
C GLY B 352 -26.51 -55.40 77.81
N TYR B 353 -25.80 -55.99 78.80
CA TYR B 353 -26.02 -55.67 80.20
C TYR B 353 -25.20 -54.43 80.68
N ALA B 354 -25.87 -53.37 81.19
CA ALA B 354 -25.09 -52.20 81.65
C ALA B 354 -25.71 -51.66 82.86
N SER B 355 -24.96 -50.98 83.70
CA SER B 355 -25.50 -50.62 84.96
C SER B 355 -26.72 -49.64 84.84
N LEU B 356 -26.66 -48.62 83.96
CA LEU B 356 -27.65 -47.58 83.83
C LEU B 356 -27.55 -47.05 82.41
N ILE B 357 -28.68 -46.98 81.69
CA ILE B 357 -28.68 -46.36 80.36
C ILE B 357 -29.53 -45.08 80.68
N GLU B 358 -29.18 -43.92 80.08
CA GLU B 358 -30.04 -42.82 80.20
C GLU B 358 -29.90 -41.94 78.96
N GLU B 359 -30.70 -40.96 78.89
CA GLU B 359 -30.59 -39.95 77.88
C GLU B 359 -30.34 -38.58 78.55
N ARG B 360 -29.28 -37.79 78.23
CA ARG B 360 -28.98 -36.49 78.87
C ARG B 360 -28.93 -35.47 77.77
N LYS B 361 -29.42 -34.27 78.02
CA LYS B 361 -29.29 -33.02 77.12
C LYS B 361 -28.06 -32.27 77.70
N VAL B 362 -27.02 -32.29 76.89
CA VAL B 362 -25.77 -31.60 77.19
C VAL B 362 -25.54 -30.49 76.28
N GLY B 363 -26.31 -29.39 76.62
CA GLY B 363 -26.32 -28.20 75.83
C GLY B 363 -27.55 -28.08 74.92
N GLU B 364 -27.26 -27.80 73.64
CA GLU B 364 -28.32 -27.67 72.71
C GLU B 364 -29.14 -28.88 72.46
N ASP B 365 -28.51 -30.00 72.32
CA ASP B 365 -29.26 -31.21 71.87
C ASP B 365 -28.77 -32.41 72.74
N LYS B 366 -29.37 -33.59 72.53
CA LYS B 366 -29.21 -34.72 73.44
C LYS B 366 -28.95 -36.01 72.75
N MET B 367 -28.52 -36.96 73.58
CA MET B 367 -28.01 -38.24 73.14
C MET B 367 -28.09 -39.23 74.28
N VAL B 368 -27.99 -40.56 73.92
CA VAL B 368 -28.16 -41.64 74.92
C VAL B 368 -26.81 -42.10 75.44
N PHE B 369 -26.69 -42.41 76.75
CA PHE B 369 -25.39 -42.79 77.39
C PHE B 369 -25.49 -44.22 77.96
N VAL B 370 -24.34 -44.99 77.96
CA VAL B 370 -24.36 -46.36 78.51
C VAL B 370 -23.20 -46.51 79.39
N GLU B 371 -23.22 -45.74 80.46
CA GLU B 371 -22.25 -45.81 81.53
C GLU B 371 -22.47 -47.17 82.30
N GLY B 372 -21.39 -47.61 82.92
CA GLY B 372 -21.47 -48.84 83.64
C GLY B 372 -21.51 -50.04 82.66
N ALA B 373 -20.83 -49.92 81.55
CA ALA B 373 -20.68 -51.02 80.61
C ALA B 373 -19.64 -52.07 81.06
N LYS B 374 -19.57 -53.17 80.41
CA LYS B 374 -18.67 -54.24 80.83
C LYS B 374 -17.20 -53.94 80.51
N ASN B 375 -16.90 -53.24 79.41
CA ASN B 375 -15.59 -52.91 79.10
C ASN B 375 -15.30 -51.55 79.66
N PRO B 376 -14.17 -51.36 80.37
CA PRO B 376 -13.90 -50.08 80.92
C PRO B 376 -13.34 -49.21 79.81
N LYS B 377 -12.70 -49.79 78.78
CA LYS B 377 -12.01 -49.09 77.69
C LYS B 377 -12.92 -48.28 76.84
N SER B 378 -14.13 -48.83 76.62
CA SER B 378 -15.27 -48.26 75.89
C SER B 378 -15.75 -47.02 76.62
N ILE B 379 -15.26 -45.86 76.19
CA ILE B 379 -15.49 -44.55 76.74
C ILE B 379 -15.88 -43.70 75.55
N SER B 380 -16.35 -42.47 75.82
CA SER B 380 -16.79 -41.51 74.84
C SER B 380 -16.28 -40.16 75.02
N ILE B 381 -16.29 -39.27 73.94
CA ILE B 381 -16.01 -37.86 74.03
C ILE B 381 -17.28 -37.22 73.52
N LEU B 382 -17.66 -36.07 74.05
CA LEU B 382 -18.75 -35.28 73.66
C LEU B 382 -18.22 -33.91 73.21
N ILE B 383 -18.32 -33.58 71.95
CA ILE B 383 -17.76 -32.43 71.39
C ILE B 383 -18.80 -31.29 71.40
N ARG B 384 -18.35 -30.07 71.72
CA ARG B 384 -19.18 -28.89 71.66
C ARG B 384 -18.00 -27.93 71.31
N GLY B 385 -18.22 -26.82 70.67
CA GLY B 385 -17.18 -25.97 70.10
C GLY B 385 -17.57 -25.00 69.02
N GLY B 386 -18.67 -24.29 69.19
CA GLY B 386 -19.22 -23.36 68.15
C GLY B 386 -20.27 -23.96 67.21
N LEU B 387 -20.63 -23.21 66.15
CA LEU B 387 -21.48 -23.60 65.10
C LEU B 387 -21.11 -24.87 64.29
N GLU B 388 -21.93 -25.26 63.32
CA GLU B 388 -21.79 -26.59 62.63
C GLU B 388 -20.46 -27.00 62.03
N ARG B 389 -19.61 -26.00 61.69
CA ARG B 389 -18.33 -26.22 61.08
C ARG B 389 -17.26 -26.03 62.11
N LEU B 390 -17.42 -25.09 63.14
CA LEU B 390 -16.56 -24.93 64.23
C LEU B 390 -16.48 -26.22 65.13
N VAL B 391 -17.66 -26.89 65.44
CA VAL B 391 -17.76 -28.18 66.20
C VAL B 391 -17.06 -29.30 65.40
N ASP B 392 -17.17 -29.44 64.09
CA ASP B 392 -16.54 -30.40 63.22
C ASP B 392 -15.02 -30.35 63.27
N GLU B 393 -14.50 -29.16 63.17
CA GLU B 393 -13.04 -28.90 63.17
C GLU B 393 -12.45 -29.13 64.57
N THR B 394 -13.34 -29.12 65.60
CA THR B 394 -12.97 -29.53 66.97
C THR B 394 -12.87 -31.09 66.96
N GLU B 395 -13.63 -31.82 66.17
CA GLU B 395 -13.48 -33.27 66.04
C GLU B 395 -12.19 -33.73 65.33
N ARG B 396 -11.67 -32.94 64.34
CA ARG B 396 -10.44 -33.21 63.70
C ARG B 396 -9.30 -33.09 64.75
N ALA B 397 -9.24 -31.91 65.41
CA ALA B 397 -8.19 -31.58 66.44
C ALA B 397 -8.10 -32.62 67.55
N LEU B 398 -9.26 -33.13 68.14
CA LEU B 398 -9.32 -34.14 69.20
C LEU B 398 -8.85 -35.42 68.62
N ARG B 399 -9.16 -35.78 67.36
CA ARG B 399 -8.70 -36.97 66.73
C ARG B 399 -7.20 -37.05 66.59
N ASP B 400 -6.59 -35.96 66.03
CA ASP B 400 -5.16 -35.86 65.85
C ASP B 400 -4.48 -35.89 67.20
N ALA B 401 -4.96 -35.13 68.17
CA ALA B 401 -4.49 -35.19 69.55
C ALA B 401 -4.47 -36.52 70.27
N LEU B 402 -5.60 -37.31 70.07
CA LEU B 402 -5.80 -38.70 70.58
C LEU B 402 -4.74 -39.57 69.90
N GLY B 403 -4.75 -39.58 68.55
CA GLY B 403 -3.81 -40.20 67.71
C GLY B 403 -2.30 -39.97 68.08
N THR B 404 -1.87 -38.73 68.21
CA THR B 404 -0.57 -38.22 68.57
C THR B 404 -0.10 -38.74 69.91
N VAL B 405 -0.99 -38.60 70.95
CA VAL B 405 -0.78 -39.22 72.25
C VAL B 405 -0.66 -40.84 72.24
N ALA B 406 -1.52 -41.43 71.48
CA ALA B 406 -1.61 -42.84 71.32
C ALA B 406 -0.40 -43.34 70.62
N ASP B 407 0.17 -42.63 69.60
CA ASP B 407 1.36 -43.01 69.03
C ASP B 407 2.54 -42.85 69.94
N VAL B 408 2.52 -41.83 70.80
CA VAL B 408 3.54 -41.76 71.82
C VAL B 408 3.65 -42.93 72.84
N ILE B 409 2.50 -43.42 73.35
CA ILE B 409 2.44 -44.49 74.37
C ILE B 409 2.75 -45.73 73.63
N LYS B 410 2.23 -45.99 72.40
CA LYS B 410 2.48 -47.10 71.56
C LYS B 410 3.98 -47.22 71.15
N ASP B 411 4.68 -46.02 71.14
CA ASP B 411 6.09 -46.02 70.73
C ASP B 411 6.90 -46.02 71.95
N GLY B 412 6.96 -44.90 72.67
CA GLY B 412 7.58 -44.61 73.96
C GLY B 412 8.66 -43.62 73.79
N ARG B 413 8.86 -42.98 72.66
CA ARG B 413 9.91 -42.02 72.59
C ARG B 413 9.47 -40.59 72.32
N ALA B 414 10.03 -39.49 72.96
CA ALA B 414 9.51 -38.14 72.75
C ALA B 414 10.60 -37.09 72.87
N ILE B 415 10.66 -36.18 71.91
CA ILE B 415 11.75 -35.30 71.67
C ILE B 415 11.26 -33.91 71.91
N ALA B 416 12.10 -32.83 72.09
CA ALA B 416 11.69 -31.50 72.19
C ALA B 416 11.43 -30.85 70.80
N GLY B 417 10.30 -30.22 70.58
CA GLY B 417 9.99 -29.56 69.38
C GLY B 417 10.70 -28.22 69.19
N GLY B 418 10.09 -27.32 68.38
CA GLY B 418 10.59 -25.95 68.16
C GLY B 418 11.95 -25.68 67.59
N GLY B 419 12.46 -26.59 66.77
CA GLY B 419 13.74 -26.40 66.01
C GLY B 419 15.03 -26.83 66.65
N ALA B 420 14.98 -27.21 68.00
CA ALA B 420 16.17 -27.70 68.78
C ALA B 420 17.00 -28.91 68.24
N VAL B 421 16.25 -30.08 68.00
CA VAL B 421 16.82 -31.30 67.57
C VAL B 421 17.36 -31.12 66.13
N GLU B 422 16.76 -30.25 65.31
CA GLU B 422 17.15 -30.00 63.94
C GLU B 422 18.57 -29.43 63.96
N ILE B 423 18.76 -28.27 64.53
CA ILE B 423 20.16 -27.75 64.64
C ILE B 423 21.25 -28.68 65.19
N GLU B 424 20.92 -29.56 66.13
CA GLU B 424 21.77 -30.49 66.73
C GLU B 424 22.17 -31.58 65.70
N ILE B 425 21.21 -32.28 64.97
CA ILE B 425 21.39 -33.30 63.92
C ILE B 425 22.30 -32.71 62.85
N ALA B 426 22.27 -31.36 62.71
CA ALA B 426 23.05 -30.54 61.78
C ALA B 426 24.41 -30.47 62.33
N LYS B 427 24.61 -29.73 63.43
CA LYS B 427 25.91 -29.59 64.18
C LYS B 427 26.69 -30.87 64.24
N LYS B 428 26.10 -31.93 64.77
CA LYS B 428 26.73 -33.25 64.76
C LYS B 428 27.17 -33.86 63.36
N LEU B 429 26.42 -33.59 62.31
CA LEU B 429 26.66 -34.02 60.92
C LEU B 429 27.85 -33.21 60.43
N ARG B 430 27.91 -31.85 60.78
CA ARG B 430 29.08 -30.97 60.40
C ARG B 430 30.37 -31.51 60.95
N LYS B 431 30.37 -31.97 62.23
CA LYS B 431 31.48 -32.71 62.88
C LYS B 431 31.76 -34.06 62.23
N TYR B 432 30.77 -34.78 61.56
CA TYR B 432 30.97 -36.01 60.81
C TYR B 432 31.68 -35.66 59.52
N ALA B 433 31.13 -34.68 58.74
CA ALA B 433 31.68 -34.22 57.49
C ALA B 433 33.22 -34.28 57.19
N PRO B 434 34.20 -33.75 57.85
CA PRO B 434 35.67 -33.95 57.65
C PRO B 434 36.15 -35.31 57.21
N GLN B 435 35.61 -36.33 57.85
CA GLN B 435 36.12 -37.64 57.91
C GLN B 435 35.51 -38.45 56.73
N VAL B 436 34.34 -37.99 56.11
CA VAL B 436 33.66 -38.86 55.11
C VAL B 436 34.59 -38.99 53.83
N GLY B 437 35.25 -37.97 53.49
CA GLY B 437 36.08 -38.00 52.26
C GLY B 437 35.89 -36.66 51.50
N GLY B 438 36.26 -36.61 50.19
CA GLY B 438 36.28 -35.46 49.35
C GLY B 438 35.01 -34.73 49.00
N LYS B 439 34.43 -35.10 47.90
CA LYS B 439 33.26 -34.47 47.44
C LYS B 439 31.99 -34.63 48.24
N GLU B 440 31.73 -35.88 48.59
CA GLU B 440 30.66 -36.35 49.50
C GLU B 440 30.55 -35.50 50.77
N GLN B 441 31.65 -34.85 51.33
CA GLN B 441 31.61 -33.95 52.45
C GLN B 441 30.61 -32.79 52.20
N LEU B 442 30.80 -32.17 51.01
CA LEU B 442 30.02 -31.08 50.59
C LEU B 442 28.48 -31.36 50.56
N ALA B 443 28.19 -32.61 50.12
CA ALA B 443 26.80 -33.13 50.26
C ALA B 443 26.27 -33.22 51.72
N VAL B 444 27.05 -33.80 52.64
CA VAL B 444 26.78 -33.92 54.00
C VAL B 444 26.62 -32.53 54.68
N GLU B 445 27.56 -31.56 54.41
CA GLU B 445 27.49 -30.18 54.84
C GLU B 445 26.25 -29.43 54.41
N ALA B 446 25.75 -29.69 53.20
CA ALA B 446 24.53 -29.25 52.55
C ALA B 446 23.42 -29.80 53.36
N TYR B 447 23.30 -31.14 53.59
CA TYR B 447 22.37 -31.72 54.48
C TYR B 447 22.15 -31.13 55.85
N ALA B 448 23.27 -30.70 56.44
CA ALA B 448 23.29 -30.00 57.72
C ALA B 448 22.70 -28.66 57.59
N ASN B 449 23.11 -27.93 56.54
CA ASN B 449 22.55 -26.66 56.20
C ASN B 449 21.09 -26.65 55.97
N ALA B 450 20.57 -27.66 55.15
CA ALA B 450 19.13 -27.79 54.90
C ALA B 450 18.34 -27.94 56.20
N LEU B 451 18.77 -28.71 57.22
CA LEU B 451 18.07 -28.90 58.43
C LEU B 451 17.87 -27.62 59.26
N GLU B 452 18.86 -26.68 59.27
CA GLU B 452 18.70 -25.41 59.87
C GLU B 452 17.75 -24.48 58.98
N SER B 453 17.77 -24.61 57.64
CA SER B 453 16.84 -23.88 56.76
C SER B 453 15.44 -24.12 57.16
N LEU B 454 15.07 -25.31 57.58
CA LEU B 454 13.77 -25.69 58.12
C LEU B 454 13.29 -24.92 59.36
N VAL B 455 14.23 -24.75 60.29
CA VAL B 455 14.07 -23.87 61.38
C VAL B 455 14.11 -22.36 61.03
N SER B 456 14.79 -21.90 59.92
CA SER B 456 14.71 -20.56 59.41
C SER B 456 13.34 -20.24 58.91
N ILE B 457 12.76 -21.13 58.13
CA ILE B 457 11.36 -20.98 57.69
C ILE B 457 10.41 -20.77 58.79
N LEU B 458 10.59 -21.58 59.87
CA LEU B 458 9.83 -21.54 61.11
C LEU B 458 9.99 -20.22 61.85
N ILE B 459 11.25 -19.72 61.93
CA ILE B 459 11.57 -18.33 62.39
C ILE B 459 10.95 -17.25 61.58
N GLU B 460 11.13 -17.21 60.21
CA GLU B 460 10.50 -16.36 59.24
C GLU B 460 9.05 -16.14 59.58
N ASN B 461 8.29 -17.27 59.56
CA ASN B 461 6.81 -17.27 59.83
C ASN B 461 6.47 -16.72 61.27
N ALA B 462 7.43 -16.62 62.21
CA ALA B 462 7.11 -15.92 63.46
C ALA B 462 7.22 -14.44 63.40
N GLY B 463 8.04 -13.97 62.45
CA GLY B 463 8.22 -12.54 62.27
C GLY B 463 9.48 -11.91 62.77
N PHE B 464 10.52 -12.71 62.87
CA PHE B 464 11.88 -12.40 63.36
C PHE B 464 12.90 -12.69 62.24
N ASP B 465 14.17 -12.25 62.34
CA ASP B 465 15.15 -12.59 61.40
C ASP B 465 15.70 -14.04 61.50
N PRO B 466 15.64 -14.92 60.54
CA PRO B 466 16.13 -16.22 60.56
C PRO B 466 17.54 -16.35 60.95
N ILE B 467 18.46 -15.58 60.38
CA ILE B 467 19.84 -15.77 60.68
C ILE B 467 20.16 -15.42 62.20
N ASP B 468 19.67 -14.24 62.65
CA ASP B 468 19.85 -13.73 64.04
C ASP B 468 19.49 -14.83 65.05
N LEU B 469 18.24 -15.33 65.08
CA LEU B 469 17.71 -16.29 66.02
C LEU B 469 18.38 -17.65 65.90
N LEU B 470 18.65 -18.11 64.65
CA LEU B 470 19.38 -19.31 64.29
C LEU B 470 20.77 -19.34 64.87
N MET B 471 21.48 -18.18 64.69
CA MET B 471 22.81 -17.95 65.26
C MET B 471 22.74 -18.00 66.82
N LYS B 472 21.73 -17.28 67.42
CA LYS B 472 21.55 -17.26 68.82
C LYS B 472 21.31 -18.66 69.46
N LEU B 473 20.77 -19.59 68.65
CA LEU B 473 20.48 -20.89 69.06
C LEU B 473 21.69 -21.65 68.94
N ARG B 474 22.36 -21.64 67.81
CA ARG B 474 23.58 -22.45 67.51
C ARG B 474 24.73 -22.10 68.39
N SER B 475 24.59 -20.99 69.16
CA SER B 475 25.55 -20.66 70.17
C SER B 475 25.01 -21.20 71.53
N THR B 476 23.68 -20.99 71.88
CA THR B 476 23.10 -21.51 73.13
C THR B 476 22.88 -22.98 73.18
N HIS B 477 23.21 -23.78 72.19
CA HIS B 477 23.06 -25.27 72.21
C HIS B 477 24.34 -25.99 72.39
N GLU B 478 25.42 -25.28 72.70
CA GLU B 478 26.72 -25.93 72.91
C GLU B 478 26.92 -26.63 74.26
N ASN B 479 25.89 -27.18 74.96
CA ASN B 479 26.00 -27.71 76.27
C ASN B 479 25.10 -28.80 76.23
N GLU B 480 25.38 -29.92 76.95
CA GLU B 480 24.57 -31.10 76.88
C GLU B 480 23.13 -30.95 77.33
N ASN B 481 22.84 -30.07 78.33
CA ASN B 481 21.56 -29.75 79.01
C ASN B 481 20.94 -28.60 78.24
N ASN B 482 21.46 -28.31 77.01
CA ASN B 482 20.97 -27.30 76.14
C ASN B 482 20.44 -28.00 74.88
N LYS B 483 20.42 -29.36 74.88
CA LYS B 483 19.82 -30.15 73.78
C LYS B 483 18.35 -29.86 73.38
N TRP B 484 17.50 -29.42 74.38
CA TRP B 484 16.11 -29.00 74.06
C TRP B 484 15.96 -27.47 73.84
N TYR B 485 17.02 -26.71 73.67
CA TYR B 485 16.74 -25.29 73.43
C TYR B 485 16.43 -25.07 71.99
N GLY B 486 15.37 -24.31 71.72
CA GLY B 486 14.69 -24.02 70.45
C GLY B 486 14.28 -22.63 70.43
N ILE B 487 13.35 -22.26 69.55
CA ILE B 487 13.00 -20.81 69.31
C ILE B 487 11.58 -20.60 69.68
N ASP B 488 11.38 -19.92 70.80
CA ASP B 488 10.06 -19.46 71.22
C ASP B 488 9.38 -18.58 70.11
N LEU B 489 8.37 -18.96 69.34
CA LEU B 489 8.02 -18.20 68.18
C LEU B 489 7.05 -17.05 68.60
N TYR B 490 6.94 -16.78 69.96
CA TYR B 490 6.12 -15.68 70.49
C TYR B 490 7.04 -14.77 71.27
N ALA B 491 8.11 -15.31 71.83
CA ALA B 491 9.13 -14.47 72.38
C ALA B 491 10.29 -14.06 71.45
N GLY B 492 10.52 -14.71 70.30
CA GLY B 492 11.63 -14.39 69.33
C GLY B 492 13.02 -14.44 69.95
N GLN B 493 13.44 -15.59 70.52
CA GLN B 493 14.59 -15.69 71.34
C GLN B 493 14.83 -17.17 71.73
N PRO B 494 16.08 -17.63 71.83
CA PRO B 494 16.36 -19.03 72.18
C PRO B 494 15.90 -19.36 73.64
N VAL B 495 15.10 -20.43 73.82
CA VAL B 495 14.75 -20.95 75.14
C VAL B 495 14.67 -22.46 75.24
N ASP B 496 14.51 -23.06 76.46
CA ASP B 496 14.31 -24.53 76.64
C ASP B 496 12.93 -24.92 76.31
N MET B 497 12.74 -25.66 75.23
CA MET B 497 11.43 -26.01 74.67
C MET B 497 10.73 -27.00 75.52
N TRP B 498 11.51 -28.02 75.98
CA TRP B 498 11.01 -29.02 76.90
C TRP B 498 10.25 -28.46 78.09
N GLN B 499 11.00 -27.54 78.78
CA GLN B 499 10.46 -26.72 79.92
C GLN B 499 9.59 -25.60 79.55
N LYS B 500 8.81 -25.91 78.51
CA LYS B 500 7.69 -25.13 77.92
C LYS B 500 6.60 -25.96 77.26
N GLY B 501 6.67 -27.27 77.52
CA GLY B 501 5.72 -28.22 77.12
C GLY B 501 5.71 -28.42 75.61
N VAL B 502 6.78 -28.01 74.90
CA VAL B 502 6.91 -28.25 73.51
C VAL B 502 7.66 -29.53 73.38
N ILE B 503 6.95 -30.67 73.42
CA ILE B 503 7.56 -31.97 73.26
C ILE B 503 6.76 -32.62 72.08
N GLU B 504 7.28 -33.61 71.33
CA GLU B 504 6.55 -34.14 70.18
C GLU B 504 6.92 -35.61 70.16
N PRO B 505 5.98 -36.41 69.54
CA PRO B 505 6.28 -37.81 69.07
C PRO B 505 7.43 -38.03 68.24
N ALA B 506 8.48 -38.69 68.77
CA ALA B 506 9.80 -38.83 68.15
C ALA B 506 9.77 -39.75 66.92
N LEU B 507 8.59 -40.40 66.60
CA LEU B 507 8.50 -41.30 65.44
C LEU B 507 8.02 -40.58 64.22
N VAL B 508 7.10 -39.59 64.46
CA VAL B 508 6.46 -38.74 63.50
C VAL B 508 7.39 -37.95 62.65
N LYS B 509 8.29 -37.25 63.35
CA LYS B 509 9.32 -36.41 62.82
C LYS B 509 10.55 -37.23 62.39
N MET B 510 10.53 -38.58 62.35
CA MET B 510 11.59 -39.50 61.94
C MET B 510 11.30 -40.16 60.73
N ASN B 511 10.09 -40.64 60.58
CA ASN B 511 9.57 -41.15 59.32
C ASN B 511 9.42 -39.98 58.34
N ALA B 512 9.27 -38.74 58.81
CA ALA B 512 9.30 -37.49 58.01
C ALA B 512 10.66 -37.35 57.30
N ILE B 513 11.78 -37.48 58.06
CA ILE B 513 13.13 -37.60 57.45
C ILE B 513 13.38 -38.68 56.41
N LYS B 514 12.91 -39.84 56.74
CA LYS B 514 12.91 -41.02 56.03
C LYS B 514 12.09 -40.91 54.77
N ALA B 515 10.94 -40.33 54.81
CA ALA B 515 10.16 -39.84 53.66
C ALA B 515 10.80 -38.78 52.84
N ALA B 516 11.07 -37.58 53.38
CA ALA B 516 11.64 -36.41 52.70
C ALA B 516 12.89 -36.83 51.91
N THR B 517 13.86 -37.60 52.56
CA THR B 517 15.08 -38.04 51.94
C THR B 517 14.89 -39.02 50.82
N GLU B 518 13.88 -39.89 50.93
CA GLU B 518 13.57 -40.79 49.86
C GLU B 518 13.26 -40.05 48.57
N ALA B 519 12.28 -39.13 48.75
CA ALA B 519 11.82 -38.20 47.68
C ALA B 519 12.90 -37.37 47.15
N ALA B 520 13.67 -36.60 47.90
CA ALA B 520 14.89 -35.80 47.53
C ALA B 520 15.91 -36.67 46.64
N THR B 521 16.40 -37.79 47.22
CA THR B 521 17.34 -38.63 46.45
C THR B 521 16.75 -39.34 45.23
N LEU B 522 15.43 -39.59 45.22
CA LEU B 522 14.78 -40.06 44.06
C LEU B 522 14.78 -39.02 42.96
N VAL B 523 14.68 -37.73 43.34
CA VAL B 523 14.73 -36.73 42.27
C VAL B 523 16.12 -36.77 41.48
N LEU B 524 17.19 -36.99 42.19
CA LEU B 524 18.56 -37.13 41.70
C LEU B 524 18.83 -38.35 40.91
N ARG B 525 18.13 -39.50 41.14
CA ARG B 525 18.28 -40.68 40.32
C ARG B 525 17.73 -40.42 38.89
N ILE B 526 16.75 -39.58 38.66
CA ILE B 526 16.04 -39.41 37.39
C ILE B 526 16.85 -38.58 36.39
N ASP B 527 17.42 -39.20 35.40
CA ASP B 527 18.25 -38.59 34.38
C ASP B 527 17.54 -37.88 33.30
N ASP B 528 16.45 -38.53 32.83
CA ASP B 528 15.59 -38.02 31.81
C ASP B 528 14.09 -38.39 32.09
N VAL B 529 13.17 -37.64 31.52
CA VAL B 529 11.76 -37.85 31.51
C VAL B 529 11.41 -38.07 30.05
N VAL B 530 11.00 -39.29 29.63
CA VAL B 530 10.57 -39.59 28.31
C VAL B 530 9.05 -39.63 28.20
N SER B 531 8.49 -38.52 27.72
CA SER B 531 7.07 -38.34 27.62
C SER B 531 6.42 -38.92 26.31
N ALA B 532 5.43 -39.86 26.48
CA ALA B 532 4.68 -40.60 25.44
C ALA B 532 3.62 -39.78 24.86
N GLY C 28 25.93 -45.33 -0.76
CA GLY C 28 26.96 -44.17 -0.44
C GLY C 28 26.45 -43.43 0.74
N LYS C 29 27.04 -42.31 1.06
CA LYS C 29 26.75 -41.38 2.09
C LYS C 29 25.25 -41.05 2.31
N GLU C 30 24.42 -40.98 1.23
CA GLU C 30 22.99 -40.76 1.34
C GLU C 30 22.12 -41.18 2.45
N ALA C 31 21.82 -42.47 2.41
CA ALA C 31 21.01 -43.13 3.40
C ALA C 31 21.94 -43.56 4.53
N VAL C 32 23.16 -44.04 4.21
CA VAL C 32 24.21 -44.44 5.19
C VAL C 32 24.46 -43.41 6.35
N ARG C 33 24.32 -42.10 6.13
CA ARG C 33 24.41 -41.11 7.18
C ARG C 33 23.26 -41.11 8.21
N ALA C 34 22.05 -41.24 7.69
CA ALA C 34 20.79 -41.51 8.39
C ALA C 34 20.91 -42.67 9.30
N ASN C 35 21.44 -43.86 8.80
CA ASN C 35 21.60 -45.06 9.49
C ASN C 35 22.45 -44.87 10.75
N ILE C 36 23.72 -44.34 10.52
CA ILE C 36 24.63 -43.89 11.57
C ILE C 36 24.03 -42.94 12.63
N ALA C 37 23.44 -41.88 12.18
CA ALA C 37 22.61 -40.91 12.94
C ALA C 37 21.62 -41.55 13.93
N ALA C 38 20.73 -42.34 13.30
CA ALA C 38 19.77 -43.14 13.99
C ALA C 38 20.24 -44.07 15.08
N VAL C 39 21.29 -44.84 14.74
CA VAL C 39 22.04 -45.72 15.60
C VAL C 39 22.68 -45.02 16.75
N LYS C 40 23.51 -44.02 16.47
CA LYS C 40 24.03 -43.14 17.48
C LYS C 40 23.07 -42.51 18.47
N ALA C 41 21.89 -42.06 17.91
CA ALA C 41 20.75 -41.66 18.69
C ALA C 41 20.27 -42.74 19.74
N VAL C 42 20.02 -44.02 19.38
CA VAL C 42 19.68 -45.06 20.32
C VAL C 42 20.74 -45.34 21.49
N GLU C 43 22.11 -45.31 21.18
CA GLU C 43 23.20 -45.47 22.07
C GLU C 43 23.09 -44.46 23.11
N GLU C 44 22.90 -43.16 22.61
CA GLU C 44 22.69 -41.95 23.41
C GLU C 44 21.46 -41.89 24.28
N ALA C 45 20.60 -42.97 24.08
CA ALA C 45 19.44 -43.10 24.96
C ALA C 45 19.75 -43.93 26.21
N LEU C 46 20.81 -44.74 26.12
CA LEU C 46 21.10 -45.76 27.16
C LEU C 46 22.39 -45.43 27.89
N LYS C 47 23.45 -44.72 27.34
CA LYS C 47 24.75 -44.34 27.87
C LYS C 47 24.94 -44.15 29.41
N SER C 48 24.03 -43.30 29.94
CA SER C 48 23.87 -42.91 31.34
C SER C 48 23.19 -43.99 32.29
N THR C 49 22.91 -45.19 31.75
CA THR C 49 22.25 -46.24 32.59
C THR C 49 23.15 -47.49 32.71
N TYR C 50 24.35 -47.41 32.03
CA TYR C 50 25.35 -48.41 32.04
C TYR C 50 26.03 -48.60 33.41
N GLY C 51 26.44 -49.89 33.71
CA GLY C 51 27.12 -50.31 34.93
C GLY C 51 26.25 -50.34 36.17
N PRO C 52 26.74 -50.70 37.33
CA PRO C 52 25.84 -50.74 38.49
C PRO C 52 25.56 -49.39 39.09
N ARG C 53 26.30 -48.34 38.59
CA ARG C 53 26.15 -46.98 39.07
C ARG C 53 25.36 -46.15 38.05
N GLY C 54 24.60 -46.77 37.21
CA GLY C 54 23.74 -46.19 36.14
C GLY C 54 22.66 -45.39 36.76
N MET C 55 22.04 -44.49 36.01
CA MET C 55 20.90 -43.71 36.58
C MET C 55 19.57 -44.24 36.01
N ASP C 56 18.38 -43.78 36.59
CA ASP C 56 17.11 -44.11 36.18
C ASP C 56 16.50 -43.05 35.31
N LYS C 57 15.65 -43.55 34.43
CA LYS C 57 14.84 -42.79 33.50
C LYS C 57 13.41 -42.86 33.94
N MET C 58 12.57 -41.83 33.72
CA MET C 58 11.14 -41.78 33.91
C MET C 58 10.45 -41.87 32.58
N LEU C 59 9.36 -42.61 32.46
CA LEU C 59 8.62 -42.76 31.30
C LEU C 59 7.14 -42.57 31.56
N VAL C 60 6.65 -41.53 30.94
CA VAL C 60 5.31 -40.98 31.16
C VAL C 60 4.35 -41.26 30.03
N ASP C 61 3.24 -42.06 30.20
CA ASP C 61 2.29 -42.40 29.15
C ASP C 61 1.24 -41.25 29.10
N SER C 62 0.41 -41.24 28.02
CA SER C 62 -0.70 -40.29 27.78
C SER C 62 -1.72 -40.16 28.89
N LEU C 63 -2.04 -41.28 29.62
CA LEU C 63 -2.99 -41.20 30.69
C LEU C 63 -2.33 -40.70 32.00
N GLY C 64 -1.07 -40.22 31.94
CA GLY C 64 -0.33 -39.65 33.08
C GLY C 64 0.35 -40.75 33.82
N ASP C 65 0.34 -42.05 33.28
CA ASP C 65 0.94 -43.09 34.06
C ASP C 65 2.43 -42.87 34.08
N ILE C 66 3.09 -43.02 35.22
CA ILE C 66 4.54 -42.75 35.32
C ILE C 66 5.16 -44.12 35.54
N THR C 67 6.28 -44.38 34.93
CA THR C 67 7.03 -45.65 35.13
C THR C 67 8.50 -45.20 35.28
N ILE C 68 9.24 -45.41 36.35
CA ILE C 68 10.69 -45.16 36.58
C ILE C 68 11.41 -46.43 36.48
N THR C 69 12.55 -46.59 35.65
CA THR C 69 13.32 -47.78 35.57
C THR C 69 14.74 -47.41 35.14
N ASN C 70 15.60 -48.44 35.02
CA ASN C 70 17.02 -48.28 34.53
C ASN C 70 17.33 -49.47 33.62
N ASP C 71 16.30 -50.28 33.31
CA ASP C 71 16.34 -51.41 32.41
C ASP C 71 16.47 -51.01 30.99
N GLY C 72 17.51 -51.39 30.31
CA GLY C 72 17.99 -51.19 28.95
C GLY C 72 16.90 -51.43 27.96
N ALA C 73 16.39 -52.67 27.98
CA ALA C 73 15.24 -53.16 27.26
C ALA C 73 14.04 -52.23 27.27
N THR C 74 13.49 -52.02 28.43
CA THR C 74 12.30 -51.21 28.71
C THR C 74 12.44 -49.83 28.18
N ILE C 75 13.65 -49.14 28.38
CA ILE C 75 13.96 -47.79 27.94
C ILE C 75 13.98 -47.76 26.43
N LEU C 76 14.14 -48.90 25.71
CA LEU C 76 14.21 -48.91 24.27
C LEU C 76 12.88 -49.43 23.79
N ASP C 77 12.18 -50.39 24.48
CA ASP C 77 10.84 -50.98 24.15
C ASP C 77 9.72 -49.99 24.27
N LYS C 78 9.62 -49.22 25.37
CA LYS C 78 8.59 -48.19 25.43
C LYS C 78 8.88 -46.92 24.65
N MET C 79 10.12 -46.67 24.18
CA MET C 79 10.49 -45.50 23.38
C MET C 79 9.97 -45.71 21.97
N ASP C 80 9.66 -44.60 21.32
CA ASP C 80 9.17 -44.61 19.96
C ASP C 80 10.19 -44.73 18.86
N LEU C 81 11.10 -45.76 18.94
CA LEU C 81 11.99 -45.93 17.75
C LEU C 81 11.31 -46.24 16.42
N GLN C 82 11.41 -45.38 15.41
CA GLN C 82 10.71 -45.63 14.10
C GLN C 82 11.69 -45.75 13.01
N HIS C 83 12.95 -45.51 13.25
CA HIS C 83 13.89 -45.66 12.18
C HIS C 83 14.31 -47.09 11.74
N PRO C 84 14.28 -47.50 10.42
CA PRO C 84 14.53 -48.91 10.10
C PRO C 84 15.85 -49.54 10.60
N ALA C 85 17.05 -48.83 10.37
CA ALA C 85 18.33 -49.18 10.79
C ALA C 85 18.37 -49.60 12.19
N ALA C 86 17.82 -48.63 13.05
CA ALA C 86 17.67 -48.77 14.50
C ALA C 86 16.84 -50.06 14.85
N LYS C 87 15.70 -50.18 14.23
CA LYS C 87 14.85 -51.31 14.44
C LYS C 87 15.48 -52.62 14.03
N LEU C 88 16.34 -52.74 13.05
CA LEU C 88 17.01 -54.01 12.72
C LEU C 88 18.08 -54.35 13.73
N LEU C 89 18.76 -53.31 14.21
CA LEU C 89 19.83 -53.39 15.24
C LEU C 89 19.31 -53.86 16.62
N VAL C 90 18.35 -53.18 17.27
CA VAL C 90 17.81 -53.53 18.55
C VAL C 90 17.27 -55.00 18.60
N GLN C 91 16.72 -55.56 17.48
CA GLN C 91 16.25 -56.91 17.32
C GLN C 91 17.36 -57.95 17.37
N ILE C 92 18.57 -57.62 16.84
CA ILE C 92 19.70 -58.47 17.00
C ILE C 92 20.25 -58.29 18.37
N ALA C 93 20.24 -57.08 19.01
CA ALA C 93 20.77 -56.93 20.36
C ALA C 93 19.96 -57.72 21.35
N LYS C 94 18.67 -57.42 21.43
CA LYS C 94 17.77 -58.04 22.36
C LYS C 94 17.67 -59.59 22.20
N GLY C 95 17.27 -60.01 20.99
CA GLY C 95 17.01 -61.42 20.65
C GLY C 95 18.32 -62.09 20.45
N GLN C 96 18.86 -62.68 21.52
CA GLN C 96 20.10 -63.42 21.63
C GLN C 96 19.94 -64.72 22.36
N ASP C 97 20.98 -65.61 22.33
CA ASP C 97 20.84 -67.00 22.86
C ASP C 97 20.54 -67.13 24.37
N GLU C 98 21.24 -66.37 25.25
CA GLU C 98 21.04 -66.42 26.68
C GLU C 98 20.42 -65.07 27.08
N GLU C 99 19.45 -65.12 27.98
CA GLU C 99 18.58 -64.10 28.51
C GLU C 99 19.34 -63.23 29.57
N THR C 100 19.55 -61.92 29.29
CA THR C 100 20.29 -61.02 30.20
C THR C 100 19.78 -59.61 29.98
N ALA C 101 19.69 -58.79 31.08
CA ALA C 101 19.20 -57.42 30.96
C ALA C 101 20.39 -56.55 30.78
N ASP C 102 21.49 -56.89 31.45
CA ASP C 102 22.70 -56.18 31.30
C ASP C 102 23.45 -56.52 30.03
N GLY C 103 23.49 -57.86 29.61
CA GLY C 103 24.06 -58.17 28.32
C GLY C 103 23.32 -57.49 27.13
N THR C 104 21.95 -57.23 27.23
CA THR C 104 21.13 -56.45 26.30
C THR C 104 21.44 -54.96 26.33
N LYS C 105 21.76 -54.36 27.49
CA LYS C 105 22.32 -53.03 27.63
C LYS C 105 23.75 -52.76 27.04
N THR C 106 24.59 -53.75 27.19
CA THR C 106 25.99 -53.89 26.70
C THR C 106 25.97 -54.14 25.15
N ALA C 107 25.31 -55.17 24.64
CA ALA C 107 25.06 -55.35 23.23
C ALA C 107 24.64 -54.12 22.41
N VAL C 108 23.70 -53.31 22.92
CA VAL C 108 23.43 -52.04 22.23
C VAL C 108 24.60 -51.11 22.39
N ILE C 109 25.13 -50.81 23.57
CA ILE C 109 26.27 -49.84 23.63
C ILE C 109 27.43 -50.22 22.73
N PHE C 110 28.01 -51.42 22.85
CA PHE C 110 29.13 -51.93 22.10
C PHE C 110 28.79 -51.91 20.57
N SER C 111 27.55 -52.28 20.16
CA SER C 111 27.17 -52.07 18.74
C SER C 111 27.20 -50.64 18.30
N GLY C 112 26.47 -49.73 19.01
CA GLY C 112 26.41 -48.33 18.49
C GLY C 112 27.77 -47.68 18.52
N GLU C 113 28.72 -48.17 19.46
CA GLU C 113 30.13 -47.78 19.58
C GLU C 113 30.93 -48.27 18.40
N LEU C 114 30.65 -49.48 17.86
CA LEU C 114 31.25 -49.99 16.54
C LEU C 114 30.89 -49.16 15.31
N VAL C 115 29.57 -48.77 15.20
CA VAL C 115 29.12 -47.87 14.17
C VAL C 115 29.80 -46.56 14.27
N LYS C 116 29.82 -45.94 15.52
CA LYS C 116 30.51 -44.70 15.86
C LYS C 116 32.03 -44.76 15.42
N LYS C 117 32.92 -45.70 15.93
CA LYS C 117 34.30 -45.93 15.56
C LYS C 117 34.53 -46.22 14.07
N ALA C 118 33.44 -46.62 13.37
CA ALA C 118 33.50 -46.94 11.96
C ALA C 118 33.58 -45.65 11.11
N GLU C 119 33.02 -44.52 11.61
CA GLU C 119 33.10 -43.22 10.98
C GLU C 119 34.46 -42.70 10.72
N ASP C 120 35.38 -42.91 11.67
CA ASP C 120 36.80 -42.51 11.51
C ASP C 120 37.55 -43.23 10.43
N LEU C 121 37.06 -44.41 10.10
CA LEU C 121 37.56 -45.19 8.96
C LEU C 121 37.11 -44.67 7.59
N LEU C 122 35.85 -44.31 7.53
CA LEU C 122 35.34 -43.53 6.36
C LEU C 122 36.00 -42.22 6.15
N TYR C 123 36.39 -41.49 7.22
CA TYR C 123 37.08 -40.22 7.19
C TYR C 123 38.48 -40.31 6.53
N LYS C 124 39.17 -41.46 6.79
CA LYS C 124 40.47 -41.94 6.21
C LYS C 124 40.38 -42.58 4.84
N ASP C 125 39.12 -42.55 4.20
CA ASP C 125 38.62 -43.07 2.96
C ASP C 125 38.85 -44.64 2.87
N VAL C 126 38.59 -45.35 3.94
CA VAL C 126 38.79 -46.78 3.98
C VAL C 126 37.41 -47.34 3.44
N HIS C 127 37.43 -48.31 2.45
CA HIS C 127 36.18 -48.81 1.82
C HIS C 127 35.44 -49.78 2.73
N PRO C 128 34.10 -49.80 2.80
CA PRO C 128 33.49 -50.61 3.79
C PRO C 128 33.80 -52.12 3.80
N THR C 129 34.17 -52.73 2.65
CA THR C 129 34.51 -54.15 2.52
C THR C 129 35.69 -54.60 3.37
N ILE C 130 36.62 -53.59 3.58
CA ILE C 130 37.82 -53.89 4.38
C ILE C 130 37.33 -53.93 5.77
N ILE C 131 36.49 -52.90 6.13
CA ILE C 131 35.98 -52.78 7.50
C ILE C 131 35.12 -53.95 8.05
N ILE C 132 34.43 -54.67 7.13
CA ILE C 132 33.65 -55.85 7.43
C ILE C 132 34.65 -56.99 7.80
N SER C 133 35.61 -57.24 6.93
CA SER C 133 36.62 -58.25 7.17
C SER C 133 37.43 -57.94 8.46
N GLY C 134 37.73 -56.63 8.61
CA GLY C 134 38.38 -56.21 9.89
C GLY C 134 37.65 -56.55 11.15
N TYR C 135 36.40 -56.12 11.27
CA TYR C 135 35.57 -56.31 12.41
C TYR C 135 35.42 -57.76 12.66
N LYS C 136 35.17 -58.58 11.62
CA LYS C 136 35.20 -60.04 11.71
C LYS C 136 36.48 -60.64 12.29
N LYS C 137 37.70 -60.39 11.70
CA LYS C 137 38.99 -60.87 12.29
C LYS C 137 39.16 -60.53 13.78
N ALA C 138 38.73 -59.25 14.12
CA ALA C 138 38.83 -58.68 15.43
C ALA C 138 37.87 -59.40 16.37
N GLU C 139 36.64 -59.69 15.89
CA GLU C 139 35.58 -60.50 16.59
C GLU C 139 35.99 -61.88 16.88
N GLU C 140 36.61 -62.58 15.83
CA GLU C 140 37.28 -63.90 15.99
C GLU C 140 38.18 -64.07 17.20
N VAL C 141 39.29 -63.33 17.24
CA VAL C 141 40.13 -63.20 18.36
C VAL C 141 39.37 -62.75 19.64
N ALA C 142 38.64 -61.64 19.64
CA ALA C 142 37.89 -61.14 20.70
C ALA C 142 36.91 -62.13 21.37
N LEU C 143 36.29 -63.08 20.58
CA LEU C 143 35.43 -64.15 21.02
C LEU C 143 36.22 -65.25 21.81
N GLN C 144 37.18 -65.92 21.08
CA GLN C 144 38.07 -66.95 21.66
C GLN C 144 38.96 -66.54 22.86
N THR C 145 39.20 -65.24 22.90
CA THR C 145 39.95 -64.55 24.04
C THR C 145 39.10 -64.63 25.38
N ILE C 146 37.81 -64.91 25.32
CA ILE C 146 37.00 -65.06 26.52
C ILE C 146 37.15 -66.49 26.86
N GLN C 147 37.12 -67.45 25.87
CA GLN C 147 37.22 -68.87 26.12
C GLN C 147 38.55 -69.24 26.77
N GLU C 148 39.65 -69.04 26.10
CA GLU C 148 41.05 -69.30 26.50
C GLU C 148 41.72 -68.44 27.60
N LEU C 149 40.89 -68.20 28.60
CA LEU C 149 41.23 -67.43 29.74
C LEU C 149 40.23 -67.67 30.89
N ALA C 150 38.99 -68.03 30.54
CA ALA C 150 37.99 -68.25 31.52
C ALA C 150 38.34 -69.41 32.47
N GLN C 151 37.92 -69.26 33.73
CA GLN C 151 38.13 -70.28 34.74
C GLN C 151 36.83 -70.95 35.05
N THR C 152 36.96 -72.25 35.30
CA THR C 152 35.87 -73.21 35.48
C THR C 152 35.07 -73.02 36.79
N VAL C 153 33.76 -72.69 36.70
CA VAL C 153 32.82 -72.56 37.81
C VAL C 153 31.90 -73.74 37.71
N SER C 154 31.64 -74.43 38.87
CA SER C 154 30.87 -75.66 39.04
C SER C 154 29.83 -75.52 40.11
N ILE C 155 29.12 -76.62 40.38
CA ILE C 155 28.10 -76.75 41.37
C ILE C 155 28.65 -76.67 42.81
N ASN C 156 29.91 -77.11 43.04
CA ASN C 156 30.53 -77.11 44.33
C ASN C 156 31.21 -75.79 44.65
N ASP C 157 31.31 -74.88 43.62
CA ASP C 157 31.92 -73.58 43.83
C ASP C 157 30.85 -72.63 44.37
N THR C 158 30.26 -72.93 45.55
CA THR C 158 29.10 -72.19 46.08
C THR C 158 29.52 -70.86 46.69
N ASP C 159 30.80 -70.70 47.11
CA ASP C 159 31.28 -69.39 47.54
C ASP C 159 31.60 -68.48 46.37
N LEU C 160 31.67 -69.05 45.15
CA LEU C 160 31.94 -68.32 43.91
C LEU C 160 30.58 -67.82 43.39
N LEU C 161 29.55 -68.67 43.29
CA LEU C 161 28.21 -68.40 42.88
C LEU C 161 27.51 -67.38 43.73
N ARG C 162 27.91 -67.25 45.03
CA ARG C 162 27.52 -66.20 45.90
C ARG C 162 27.87 -64.83 45.35
N LYS C 163 28.93 -64.74 44.60
CA LYS C 163 29.53 -63.51 44.18
C LYS C 163 28.82 -63.03 42.92
N ILE C 164 28.97 -63.95 41.92
CA ILE C 164 28.31 -63.93 40.65
C ILE C 164 26.78 -63.54 40.63
N ALA C 165 26.01 -63.89 41.72
CA ALA C 165 24.64 -63.48 42.00
C ALA C 165 24.53 -62.08 42.24
N MET C 166 25.43 -61.61 43.10
CA MET C 166 25.59 -60.16 43.37
C MET C 166 25.96 -59.39 42.22
N THR C 167 26.89 -59.89 41.38
CA THR C 167 27.27 -59.21 40.13
C THR C 167 26.09 -58.95 39.18
N SER C 168 24.94 -59.47 39.38
CA SER C 168 23.74 -59.45 38.61
C SER C 168 22.75 -58.51 39.36
N LEU C 169 22.61 -58.72 40.71
CA LEU C 169 21.69 -57.95 41.51
C LEU C 169 22.23 -56.55 41.74
N SER C 170 23.60 -56.32 41.81
CA SER C 170 24.34 -55.09 41.95
C SER C 170 23.97 -54.04 40.87
N SER C 171 23.37 -54.51 39.70
CA SER C 171 22.83 -53.70 38.61
C SER C 171 21.46 -53.20 38.90
N LYS C 172 20.68 -54.00 39.53
CA LYS C 172 19.31 -53.74 39.86
C LYS C 172 19.10 -52.64 40.93
N ALA C 173 17.97 -51.87 40.86
CA ALA C 173 17.60 -50.85 41.68
C ALA C 173 17.55 -51.06 43.16
N VAL C 174 17.20 -52.29 43.44
CA VAL C 174 17.35 -52.87 44.77
C VAL C 174 18.75 -53.02 45.36
N ALA C 175 19.11 -52.18 46.35
CA ALA C 175 20.38 -52.23 47.14
C ALA C 175 20.35 -52.74 48.56
N GLY C 176 19.13 -52.96 49.15
CA GLY C 176 18.99 -53.57 50.44
C GLY C 176 19.38 -54.96 50.37
N ALA C 177 20.36 -55.37 51.23
CA ALA C 177 20.78 -56.79 51.39
C ALA C 177 20.82 -57.72 50.12
N ARG C 178 21.82 -57.47 49.24
CA ARG C 178 22.02 -58.27 47.94
C ARG C 178 22.59 -59.65 48.21
N GLU C 179 23.46 -59.70 49.28
CA GLU C 179 23.99 -60.92 49.94
C GLU C 179 23.03 -61.98 50.46
N TYR C 180 21.88 -61.57 51.06
CA TYR C 180 20.84 -62.38 51.60
C TYR C 180 20.22 -63.24 50.41
N ILE C 181 19.86 -62.52 49.34
CA ILE C 181 19.34 -63.02 48.03
C ILE C 181 20.46 -63.76 47.38
N ALA C 182 21.77 -63.31 47.37
CA ALA C 182 22.84 -64.11 46.90
C ALA C 182 22.97 -65.50 47.53
N ASP C 183 22.98 -65.58 48.87
CA ASP C 183 22.98 -66.84 49.54
C ASP C 183 21.83 -67.79 49.17
N ILE C 184 20.59 -67.28 49.25
CA ILE C 184 19.39 -68.00 48.82
C ILE C 184 19.53 -68.51 47.40
N VAL C 185 19.82 -67.65 46.43
CA VAL C 185 20.01 -68.00 45.00
C VAL C 185 20.90 -69.17 44.67
N VAL C 186 22.07 -69.25 45.34
CA VAL C 186 22.95 -70.39 45.30
C VAL C 186 22.39 -71.65 45.81
N LYS C 187 21.84 -71.65 47.02
CA LYS C 187 21.26 -72.86 47.59
C LYS C 187 20.11 -73.44 46.83
N ALA C 188 19.28 -72.51 46.41
CA ALA C 188 18.07 -72.73 45.51
C ALA C 188 18.38 -73.36 44.19
N VAL C 189 19.57 -72.98 43.58
CA VAL C 189 20.05 -73.52 42.37
C VAL C 189 20.84 -74.84 42.54
N THR C 190 21.83 -74.88 43.41
CA THR C 190 22.55 -76.14 43.70
C THR C 190 21.68 -77.32 44.11
N GLN C 191 20.50 -77.04 44.71
CA GLN C 191 19.49 -78.00 45.10
C GLN C 191 18.75 -78.67 43.98
N VAL C 192 18.41 -77.91 42.93
CA VAL C 192 17.63 -78.34 41.89
C VAL C 192 18.58 -78.93 40.79
N ALA C 193 19.81 -78.41 40.76
CA ALA C 193 20.85 -78.94 39.95
C ALA C 193 21.06 -80.50 39.98
N GLU C 194 21.20 -81.04 38.74
CA GLU C 194 21.35 -82.49 38.51
C GLU C 194 22.18 -82.61 37.24
N LEU C 195 23.04 -83.68 37.05
CA LEU C 195 23.92 -84.02 35.98
C LEU C 195 23.10 -84.94 35.04
N ARG C 196 22.95 -84.62 33.71
CA ARG C 196 22.23 -85.50 32.82
C ARG C 196 23.03 -85.70 31.58
N GLY C 197 23.53 -86.86 31.13
CA GLY C 197 24.30 -87.02 29.90
C GLY C 197 25.72 -86.39 29.94
N ASP C 198 26.28 -86.26 31.18
CA ASP C 198 27.59 -85.60 31.47
C ASP C 198 27.49 -84.08 31.33
N LYS C 199 26.30 -83.54 31.61
CA LYS C 199 26.01 -82.10 31.49
C LYS C 199 25.04 -81.63 32.47
N TRP C 200 25.37 -80.51 33.23
CA TRP C 200 24.56 -79.98 34.34
C TRP C 200 23.35 -79.25 33.86
N TYR C 201 22.22 -79.55 34.54
CA TYR C 201 21.00 -78.81 34.32
C TYR C 201 20.38 -78.37 35.63
N VAL C 202 19.81 -77.17 35.53
CA VAL C 202 19.09 -76.56 36.58
C VAL C 202 17.72 -76.20 36.03
N ASP C 203 16.65 -76.85 36.54
CA ASP C 203 15.27 -76.73 36.09
C ASP C 203 14.60 -75.71 36.84
N LEU C 204 14.66 -74.41 36.34
CA LEU C 204 14.16 -73.24 37.03
C LEU C 204 12.70 -73.30 37.40
N ASP C 205 11.85 -73.96 36.57
CA ASP C 205 10.41 -74.22 36.88
C ASP C 205 10.20 -74.97 38.22
N ASN C 206 11.28 -75.69 38.60
CA ASN C 206 11.31 -76.42 39.83
C ASN C 206 11.47 -75.66 41.10
N ILE C 207 11.33 -74.37 40.94
CA ILE C 207 11.49 -73.42 42.02
C ILE C 207 10.32 -72.50 42.00
N GLN C 208 9.51 -72.36 43.10
CA GLN C 208 8.37 -71.54 43.23
C GLN C 208 8.86 -70.28 43.88
N ILE C 209 8.34 -69.14 43.52
CA ILE C 209 8.75 -67.85 44.06
C ILE C 209 7.49 -67.17 44.52
N VAL C 210 7.33 -66.95 45.89
CA VAL C 210 6.13 -66.34 46.48
C VAL C 210 6.50 -65.07 47.17
N LYS C 211 5.63 -64.04 47.06
CA LYS C 211 6.03 -62.72 47.54
C LYS C 211 4.96 -61.99 48.33
N LYS C 212 5.33 -61.34 49.45
CA LYS C 212 4.26 -60.64 50.18
C LYS C 212 4.77 -59.30 50.58
N ALA C 213 4.00 -58.26 50.32
CA ALA C 213 4.43 -56.93 50.54
C ALA C 213 4.57 -56.56 52.02
N GLY C 214 5.56 -55.77 52.31
CA GLY C 214 6.01 -55.37 53.69
C GLY C 214 6.96 -56.32 54.40
N GLY C 215 7.63 -55.88 55.51
CA GLY C 215 8.61 -56.65 56.24
C GLY C 215 10.01 -56.19 56.00
N SER C 216 10.90 -57.10 55.61
CA SER C 216 12.25 -56.66 55.15
C SER C 216 12.75 -57.68 54.27
N ILE C 217 13.76 -57.31 53.44
CA ILE C 217 14.33 -58.27 52.65
C ILE C 217 15.25 -59.28 53.44
N ASN C 218 15.57 -58.80 54.67
CA ASN C 218 16.22 -59.60 55.70
C ASN C 218 15.21 -60.65 56.24
N ASP C 219 13.90 -60.54 56.05
CA ASP C 219 12.98 -61.59 56.53
C ASP C 219 12.68 -62.64 55.43
N THR C 220 13.42 -62.61 54.34
CA THR C 220 13.31 -63.67 53.26
C THR C 220 13.91 -64.96 53.72
N GLN C 221 13.40 -66.13 53.19
CA GLN C 221 13.87 -67.43 53.47
C GLN C 221 13.67 -68.41 52.28
N LEU C 222 14.39 -69.54 52.32
CA LEU C 222 14.28 -70.68 51.40
C LEU C 222 13.46 -71.69 52.10
N VAL C 223 12.46 -72.17 51.37
CA VAL C 223 11.54 -73.15 51.86
C VAL C 223 11.87 -74.50 51.14
N TYR C 224 12.03 -75.61 51.81
CA TYR C 224 12.39 -76.81 51.04
C TYR C 224 11.14 -77.70 50.79
N GLY C 225 10.40 -77.25 49.81
CA GLY C 225 9.18 -77.90 49.30
C GLY C 225 8.29 -76.86 48.79
N ILE C 226 7.18 -77.20 48.27
CA ILE C 226 6.28 -76.40 47.52
C ILE C 226 5.52 -75.50 48.42
N VAL C 227 5.17 -74.27 47.94
CA VAL C 227 4.43 -73.36 48.76
C VAL C 227 3.31 -72.98 47.82
N VAL C 228 2.04 -73.37 48.19
CA VAL C 228 0.87 -73.05 47.44
C VAL C 228 0.26 -71.80 48.03
N ASP C 229 0.19 -70.65 47.31
CA ASP C 229 -0.21 -69.37 47.77
C ASP C 229 -1.71 -69.18 47.87
N LYS C 230 -2.37 -70.01 48.75
CA LYS C 230 -3.78 -69.84 49.12
C LYS C 230 -3.94 -70.35 50.51
N GLU C 231 -4.94 -69.88 51.32
CA GLU C 231 -5.15 -70.34 52.70
C GLU C 231 -6.11 -71.51 52.80
N VAL C 232 -6.37 -71.93 54.05
CA VAL C 232 -7.34 -72.98 54.45
C VAL C 232 -8.66 -72.21 54.53
N VAL C 233 -9.68 -72.65 53.72
CA VAL C 233 -11.03 -72.13 53.59
C VAL C 233 -11.86 -72.11 54.86
N HIS C 234 -11.70 -73.14 55.68
CA HIS C 234 -12.53 -73.22 56.88
C HIS C 234 -11.72 -73.32 58.09
N PRO C 235 -12.01 -72.64 59.24
CA PRO C 235 -11.16 -72.68 60.47
C PRO C 235 -11.46 -73.95 61.31
N GLY C 236 -12.53 -74.73 60.97
CA GLY C 236 -12.87 -75.97 61.70
C GLY C 236 -12.04 -77.16 61.27
N MET C 237 -11.16 -76.96 60.30
CA MET C 237 -10.34 -77.98 59.69
C MET C 237 -9.07 -78.23 60.42
N PRO C 238 -8.24 -79.31 60.21
CA PRO C 238 -6.88 -79.48 60.83
C PRO C 238 -6.06 -78.36 60.14
N LYS C 239 -5.10 -77.70 60.73
CA LYS C 239 -4.40 -76.69 59.99
C LYS C 239 -3.05 -77.23 59.57
N ARG C 240 -2.67 -78.43 60.01
CA ARG C 240 -1.49 -79.12 59.53
C ARG C 240 -2.01 -80.56 59.29
N LEU C 241 -1.80 -81.30 58.12
CA LEU C 241 -2.23 -82.68 57.92
C LEU C 241 -1.09 -83.66 57.80
N GLU C 242 -1.13 -84.89 58.50
CA GLU C 242 -0.07 -85.85 58.44
C GLU C 242 -0.16 -86.82 57.32
N ASN C 243 0.96 -87.07 56.68
CA ASN C 243 1.03 -88.03 55.59
C ASN C 243 0.17 -87.57 54.36
N ALA C 244 0.33 -86.36 53.89
CA ALA C 244 -0.41 -85.75 52.84
C ALA C 244 -0.63 -86.44 51.47
N LYS C 245 -1.90 -86.63 51.08
CA LYS C 245 -2.43 -87.27 49.96
C LYS C 245 -3.32 -86.34 49.12
N ILE C 246 -2.79 -85.14 48.69
CA ILE C 246 -3.40 -83.99 48.11
C ILE C 246 -4.34 -84.28 46.99
N ALA C 247 -5.51 -83.58 46.81
CA ALA C 247 -6.44 -83.86 45.72
C ALA C 247 -6.68 -82.52 44.86
N LEU C 248 -5.94 -82.41 43.81
CA LEU C 248 -5.93 -81.29 42.94
C LEU C 248 -7.16 -81.13 41.89
N ILE C 249 -8.27 -80.40 42.36
CA ILE C 249 -9.59 -80.35 41.75
C ILE C 249 -9.82 -79.14 40.85
N ASP C 250 -9.83 -79.21 39.52
CA ASP C 250 -10.13 -78.11 38.60
C ASP C 250 -11.70 -78.03 38.28
N ALA C 251 -12.50 -78.95 38.91
CA ALA C 251 -13.97 -78.90 38.92
C ALA C 251 -14.64 -77.97 39.89
N SER C 252 -15.98 -77.67 39.80
CA SER C 252 -16.53 -76.72 40.76
C SER C 252 -17.08 -77.41 41.97
N LEU C 253 -16.58 -77.11 43.16
CA LEU C 253 -17.13 -77.79 44.39
C LEU C 253 -18.14 -76.91 45.13
N GLU C 254 -18.70 -75.96 44.31
CA GLU C 254 -19.72 -74.90 44.67
C GLU C 254 -21.02 -75.15 43.99
N VAL C 255 -22.13 -74.97 44.65
CA VAL C 255 -23.49 -75.25 44.20
C VAL C 255 -24.08 -73.97 43.63
N GLU C 256 -24.86 -74.04 42.47
CA GLU C 256 -25.34 -72.88 41.72
C GLU C 256 -26.69 -73.05 41.12
N LYS C 257 -27.40 -71.99 40.64
CA LYS C 257 -28.78 -72.19 40.18
C LYS C 257 -28.96 -73.07 38.95
N PRO C 258 -29.96 -73.88 38.83
CA PRO C 258 -30.16 -74.86 37.74
C PRO C 258 -29.83 -74.36 36.32
N GLU C 259 -29.12 -75.16 35.63
CA GLU C 259 -28.67 -74.88 34.25
C GLU C 259 -28.61 -76.12 33.40
N LEU C 260 -28.54 -77.26 33.94
CA LEU C 260 -28.59 -78.52 33.21
C LEU C 260 -29.75 -79.44 33.53
N ASP C 261 -30.46 -79.25 34.69
CA ASP C 261 -31.69 -79.97 35.01
C ASP C 261 -32.91 -79.52 34.23
N ALA C 262 -32.92 -78.21 33.88
CA ALA C 262 -33.89 -77.53 33.14
C ALA C 262 -33.17 -76.85 32.02
N GLU C 263 -33.74 -77.00 30.78
CA GLU C 263 -33.10 -76.43 29.58
C GLU C 263 -33.79 -75.20 29.17
N ILE C 264 -34.87 -74.77 29.82
CA ILE C 264 -35.56 -73.55 29.63
C ILE C 264 -35.86 -72.89 31.04
N ARG C 265 -36.15 -71.55 31.06
CA ARG C 265 -36.45 -70.72 32.26
C ARG C 265 -37.47 -71.36 33.22
N ILE C 266 -37.21 -71.24 34.52
CA ILE C 266 -38.08 -71.85 35.57
C ILE C 266 -39.07 -70.79 35.95
N ASN C 267 -40.32 -71.28 35.94
CA ASN C 267 -41.39 -70.39 36.16
C ASN C 267 -42.15 -70.62 37.46
N ASP C 268 -42.04 -71.83 38.04
CA ASP C 268 -42.73 -72.14 39.23
C ASP C 268 -41.72 -72.21 40.38
N PRO C 269 -41.91 -71.65 41.51
CA PRO C 269 -40.89 -71.83 42.59
C PRO C 269 -40.68 -73.20 43.21
N THR C 270 -41.64 -74.14 43.03
CA THR C 270 -41.52 -75.54 43.31
C THR C 270 -40.44 -76.19 42.46
N GLN C 271 -40.25 -75.85 41.21
CA GLN C 271 -39.21 -76.46 40.43
C GLN C 271 -37.84 -76.08 40.85
N MET C 272 -37.64 -74.80 41.22
CA MET C 272 -36.43 -74.20 41.81
C MET C 272 -35.97 -75.00 43.08
N GLN C 273 -36.88 -75.04 44.07
CA GLN C 273 -36.86 -75.94 45.25
C GLN C 273 -36.42 -77.44 45.02
N LYS C 274 -37.25 -78.33 44.36
CA LYS C 274 -36.88 -79.77 44.15
C LYS C 274 -35.54 -79.96 43.35
N PHE C 275 -34.99 -78.98 42.61
CA PHE C 275 -33.71 -79.10 41.91
C PHE C 275 -32.57 -78.84 42.82
N LEU C 276 -32.62 -77.67 43.52
CA LEU C 276 -31.63 -77.17 44.36
C LEU C 276 -31.55 -77.89 45.70
N ASP C 277 -32.64 -78.61 46.11
CA ASP C 277 -32.47 -79.40 47.25
C ASP C 277 -31.55 -80.55 46.97
N GLU C 278 -31.83 -81.33 45.95
CA GLU C 278 -31.11 -82.52 45.53
C GLU C 278 -29.67 -82.13 45.10
N GLU C 279 -29.48 -80.93 44.52
CA GLU C 279 -28.23 -80.35 44.11
C GLU C 279 -27.39 -80.08 45.34
N GLU C 280 -27.86 -79.84 46.57
CA GLU C 280 -26.95 -79.72 47.70
C GLU C 280 -26.53 -81.17 48.19
N ASN C 281 -27.40 -82.19 48.09
CA ASN C 281 -26.96 -83.54 48.52
C ASN C 281 -26.05 -84.28 47.50
N LEU C 282 -26.04 -83.69 46.27
CA LEU C 282 -25.10 -84.02 45.19
C LEU C 282 -23.69 -83.49 45.52
N ILE C 283 -23.59 -82.30 46.21
CA ILE C 283 -22.27 -81.69 46.39
C ILE C 283 -21.43 -82.44 47.43
N LYS C 284 -22.15 -82.88 48.48
CA LYS C 284 -21.56 -83.76 49.52
C LYS C 284 -21.14 -85.09 48.95
N GLU C 285 -21.88 -85.52 47.91
CA GLU C 285 -21.53 -86.73 47.07
C GLU C 285 -20.24 -86.43 46.34
N LYS C 286 -20.08 -85.31 45.61
CA LYS C 286 -18.90 -84.94 44.87
C LYS C 286 -17.66 -84.87 45.71
N VAL C 287 -17.66 -84.18 46.89
CA VAL C 287 -16.54 -84.20 47.86
C VAL C 287 -16.26 -85.56 48.42
N ASP C 288 -17.29 -86.36 48.81
CA ASP C 288 -17.07 -87.76 49.19
C ASP C 288 -16.54 -88.71 48.03
N LYS C 289 -16.94 -88.51 46.76
CA LYS C 289 -16.38 -89.19 45.64
C LYS C 289 -14.90 -88.93 45.38
N ILE C 290 -14.42 -87.80 45.83
CA ILE C 290 -12.97 -87.59 45.89
C ILE C 290 -12.41 -88.16 47.24
N LEU C 291 -13.03 -87.96 48.41
CA LEU C 291 -12.47 -88.64 49.57
C LEU C 291 -12.54 -90.17 49.54
N ALA C 292 -13.33 -90.77 48.63
CA ALA C 292 -13.35 -92.18 48.38
C ALA C 292 -12.01 -92.83 47.93
N THR C 293 -11.05 -92.04 47.52
CA THR C 293 -9.78 -92.42 46.98
C THR C 293 -8.65 -92.45 48.02
N GLY C 294 -8.75 -91.73 49.19
CA GLY C 294 -7.73 -91.60 50.17
C GLY C 294 -7.43 -90.23 50.63
N ALA C 295 -7.89 -89.12 49.97
CA ALA C 295 -7.64 -87.78 50.26
C ALA C 295 -7.90 -87.35 51.70
N ASN C 296 -6.81 -86.71 52.19
CA ASN C 296 -6.83 -86.04 53.52
C ASN C 296 -6.61 -84.59 53.42
N VAL C 297 -6.19 -84.11 52.22
CA VAL C 297 -6.05 -82.69 51.88
C VAL C 297 -6.63 -82.59 50.52
N ILE C 298 -7.24 -81.46 50.15
CA ILE C 298 -7.95 -81.19 48.85
C ILE C 298 -7.83 -79.76 48.51
N ILE C 299 -7.30 -79.48 47.31
CA ILE C 299 -7.03 -78.18 46.90
C ILE C 299 -7.83 -78.01 45.59
N CYS C 300 -8.43 -76.76 45.28
CA CYS C 300 -9.27 -76.62 44.15
C CYS C 300 -8.76 -75.34 43.43
N GLN C 301 -9.44 -75.04 42.28
CA GLN C 301 -9.19 -73.83 41.47
C GLN C 301 -10.52 -73.07 41.33
N LYS C 302 -11.56 -73.59 41.95
CA LYS C 302 -12.88 -73.07 42.05
C LYS C 302 -13.33 -73.08 43.51
N GLY C 303 -14.54 -72.56 43.77
CA GLY C 303 -15.18 -72.52 45.11
C GLY C 303 -15.57 -73.86 45.63
N ILE C 304 -15.62 -73.98 46.97
CA ILE C 304 -15.98 -75.12 47.80
C ILE C 304 -17.06 -74.57 48.77
N ASP C 305 -18.26 -75.09 48.51
CA ASP C 305 -19.47 -74.74 49.27
C ASP C 305 -19.45 -74.82 50.74
N GLU C 306 -20.25 -74.07 51.53
CA GLU C 306 -20.19 -73.90 52.95
C GLU C 306 -20.71 -75.14 53.71
N VAL C 307 -21.63 -75.95 53.13
CA VAL C 307 -22.11 -77.22 53.66
C VAL C 307 -21.07 -78.28 53.28
N ALA C 308 -20.37 -78.16 52.14
CA ALA C 308 -19.24 -79.02 51.70
C ALA C 308 -18.00 -78.75 52.54
N GLN C 309 -17.90 -77.53 53.19
CA GLN C 309 -16.86 -77.24 54.15
C GLN C 309 -17.15 -77.94 55.46
N SER C 310 -18.44 -77.82 56.00
CA SER C 310 -18.85 -78.46 57.23
C SER C 310 -18.75 -79.93 57.10
N TYR C 311 -18.86 -80.44 55.86
CA TYR C 311 -18.68 -81.82 55.55
C TYR C 311 -17.17 -82.25 55.53
N LEU C 312 -16.29 -81.55 54.81
CA LEU C 312 -14.86 -81.88 54.73
C LEU C 312 -14.11 -81.69 55.98
N ALA C 313 -14.55 -80.73 56.80
CA ALA C 313 -14.06 -80.49 58.12
C ALA C 313 -14.38 -81.63 59.10
N LYS C 314 -15.64 -82.17 59.08
CA LYS C 314 -16.00 -83.21 59.97
C LYS C 314 -15.37 -84.58 59.68
N LYS C 315 -14.98 -84.72 58.39
CA LYS C 315 -14.26 -85.89 57.89
C LYS C 315 -12.74 -85.77 58.26
N GLY C 316 -12.25 -84.53 58.54
CA GLY C 316 -10.93 -84.36 58.94
C GLY C 316 -9.97 -83.94 57.72
N VAL C 317 -10.59 -83.39 56.72
CA VAL C 317 -9.81 -83.08 55.56
C VAL C 317 -9.31 -81.59 55.73
N LEU C 318 -8.18 -81.15 55.09
CA LEU C 318 -7.64 -79.79 55.05
C LEU C 318 -7.89 -79.31 53.62
N ALA C 319 -8.86 -78.36 53.47
CA ALA C 319 -9.26 -77.95 52.14
C ALA C 319 -9.07 -76.50 51.80
N VAL C 320 -8.79 -76.29 50.52
CA VAL C 320 -8.53 -74.95 50.00
C VAL C 320 -9.46 -74.69 48.89
N ARG C 321 -10.12 -73.48 48.74
CA ARG C 321 -10.89 -73.08 47.56
C ARG C 321 -10.08 -72.13 46.73
N ARG C 322 -10.30 -72.09 45.45
CA ARG C 322 -9.85 -71.05 44.52
C ARG C 322 -8.34 -70.79 44.47
N ALA C 323 -7.50 -71.80 44.48
CA ALA C 323 -6.03 -71.71 44.36
C ALA C 323 -5.57 -71.23 43.01
N LYS C 324 -4.30 -70.80 42.89
CA LYS C 324 -3.77 -70.39 41.56
C LYS C 324 -3.40 -71.62 40.75
N LYS C 325 -3.99 -71.88 39.57
CA LYS C 325 -3.59 -72.96 38.64
C LYS C 325 -2.04 -72.97 38.36
N SER C 326 -1.40 -71.75 38.41
CA SER C 326 -0.03 -71.60 38.51
C SER C 326 0.73 -72.40 39.57
N ASP C 327 0.08 -72.65 40.80
CA ASP C 327 0.72 -73.35 41.91
C ASP C 327 0.28 -74.73 41.95
N LEU C 328 -0.87 -75.06 41.39
CA LEU C 328 -1.35 -76.42 41.14
C LEU C 328 -0.59 -77.31 40.25
N GLU C 329 -0.10 -76.75 39.12
CA GLU C 329 0.80 -77.39 38.21
C GLU C 329 2.12 -77.79 38.93
N LYS C 330 2.72 -76.76 39.58
CA LYS C 330 3.98 -76.85 40.29
C LYS C 330 4.00 -77.88 41.43
N LEU C 331 2.77 -78.12 42.00
CA LEU C 331 2.44 -79.04 43.15
C LEU C 331 2.11 -80.49 42.59
N ALA C 332 1.61 -80.55 41.34
CA ALA C 332 1.35 -81.82 40.72
C ALA C 332 2.61 -82.64 40.56
N ARG C 333 3.54 -82.27 39.66
CA ARG C 333 4.71 -83.08 39.41
C ARG C 333 5.75 -83.12 40.45
N ALA C 334 5.55 -82.42 41.56
CA ALA C 334 6.38 -82.44 42.67
C ALA C 334 5.83 -83.35 43.76
N THR C 335 4.59 -83.81 43.64
CA THR C 335 3.97 -84.81 44.55
C THR C 335 3.54 -86.03 43.83
N GLY C 336 3.57 -86.05 42.49
CA GLY C 336 3.19 -87.23 41.63
C GLY C 336 1.73 -87.21 41.37
N GLY C 337 1.00 -86.11 41.74
CA GLY C 337 -0.35 -85.76 41.51
C GLY C 337 -0.69 -85.34 40.10
N ARG C 338 -2.00 -85.20 39.91
CA ARG C 338 -2.53 -84.72 38.69
C ARG C 338 -3.77 -83.89 38.85
N VAL C 339 -4.04 -82.97 37.93
CA VAL C 339 -5.12 -81.98 38.06
C VAL C 339 -6.40 -82.60 37.51
N VAL C 340 -7.49 -82.78 38.29
CA VAL C 340 -8.71 -83.48 37.86
C VAL C 340 -9.83 -82.49 37.67
N SER C 341 -10.42 -82.35 36.46
CA SER C 341 -11.52 -81.47 36.13
C SER C 341 -12.82 -82.20 36.17
N ASN C 342 -12.84 -83.53 36.28
CA ASN C 342 -14.04 -84.27 36.30
C ASN C 342 -14.04 -85.07 37.58
N ILE C 343 -14.86 -84.65 38.63
CA ILE C 343 -14.82 -85.44 39.84
C ILE C 343 -15.05 -86.91 39.77
N ASP C 344 -15.80 -87.48 38.83
CA ASP C 344 -16.13 -88.89 38.68
C ASP C 344 -14.91 -89.68 38.06
N GLU C 345 -13.66 -89.05 37.93
CA GLU C 345 -12.52 -89.78 37.34
C GLU C 345 -11.37 -89.74 38.34
N ILE C 346 -11.61 -89.10 39.54
CA ILE C 346 -10.41 -89.11 40.42
C ILE C 346 -10.10 -90.43 41.09
N SER C 347 -8.79 -90.72 41.04
CA SER C 347 -8.10 -91.98 41.57
C SER C 347 -6.98 -91.63 42.58
N GLU C 348 -6.38 -92.74 43.12
CA GLU C 348 -5.30 -92.81 44.16
C GLU C 348 -4.00 -92.33 43.61
N GLN C 349 -3.91 -92.24 42.28
CA GLN C 349 -2.62 -91.80 41.63
C GLN C 349 -2.73 -90.44 41.01
N ASP C 350 -3.88 -89.86 41.18
CA ASP C 350 -4.16 -88.45 40.86
C ASP C 350 -3.79 -87.63 42.10
N LEU C 351 -3.72 -88.30 43.23
CA LEU C 351 -3.41 -87.74 44.48
C LEU C 351 -1.96 -87.34 44.67
N GLY C 352 -1.72 -86.16 45.39
CA GLY C 352 -0.31 -85.69 45.57
C GLY C 352 0.23 -86.06 46.97
N TYR C 353 1.14 -87.05 46.98
CA TYR C 353 1.74 -87.56 48.10
C TYR C 353 2.79 -86.55 48.63
N ALA C 354 2.82 -86.28 49.92
CA ALA C 354 3.88 -85.48 50.57
C ALA C 354 3.99 -85.93 52.02
N SER C 355 5.04 -85.46 52.85
CA SER C 355 5.02 -85.91 54.19
C SER C 355 3.94 -85.22 54.99
N LEU C 356 3.92 -83.89 54.90
CA LEU C 356 3.05 -83.14 55.76
C LEU C 356 2.80 -81.84 55.08
N ILE C 357 1.53 -81.38 55.01
CA ILE C 357 1.21 -80.12 54.42
C ILE C 357 0.67 -79.16 55.52
N GLU C 358 0.94 -77.84 55.56
CA GLU C 358 0.38 -77.06 56.67
C GLU C 358 0.06 -75.69 56.20
N GLU C 359 -0.60 -74.88 57.03
CA GLU C 359 -0.90 -73.50 56.81
C GLU C 359 0.11 -72.73 57.62
N ARG C 360 0.63 -71.63 57.06
CA ARG C 360 1.63 -70.84 57.88
C ARG C 360 1.51 -69.39 57.55
N LYS C 361 1.64 -68.51 58.64
CA LYS C 361 1.71 -67.06 58.52
C LYS C 361 3.13 -66.57 58.19
N VAL C 362 3.33 -66.02 57.00
CA VAL C 362 4.67 -65.56 56.64
C VAL C 362 4.91 -64.14 57.20
N GLY C 363 3.85 -63.41 57.53
CA GLY C 363 4.00 -62.14 58.24
C GLY C 363 2.68 -61.58 58.41
N GLU C 364 2.20 -60.69 57.55
CA GLU C 364 0.85 -60.17 57.61
C GLU C 364 -0.04 -60.99 56.64
N ASP C 365 0.52 -62.08 56.05
CA ASP C 365 -0.22 -62.82 55.08
C ASP C 365 0.22 -64.21 55.41
N LYS C 366 -0.56 -65.23 54.95
CA LYS C 366 -0.27 -66.66 55.16
C LYS C 366 -0.59 -67.44 53.83
N MET C 367 -0.06 -68.62 53.72
CA MET C 367 -0.03 -69.51 52.58
C MET C 367 0.09 -70.92 53.08
N VAL C 368 -0.15 -71.98 52.19
CA VAL C 368 0.09 -73.33 52.55
C VAL C 368 1.42 -73.81 52.09
N PHE C 369 2.13 -74.53 52.98
CA PHE C 369 3.48 -75.04 52.54
C PHE C 369 3.35 -76.51 52.52
N VAL C 370 4.17 -77.12 51.67
CA VAL C 370 3.99 -78.62 51.42
C VAL C 370 5.34 -79.26 51.54
N GLU C 371 6.08 -79.26 52.71
CA GLU C 371 7.38 -79.88 52.75
C GLU C 371 7.34 -81.35 52.72
N GLY C 372 8.39 -82.01 52.20
CA GLY C 372 8.52 -83.50 52.04
C GLY C 372 7.62 -83.94 50.91
N ALA C 373 7.55 -83.10 49.82
CA ALA C 373 6.88 -83.49 48.59
C ALA C 373 7.63 -84.65 47.97
N LYS C 374 6.95 -85.60 47.24
CA LYS C 374 7.58 -86.70 46.60
C LYS C 374 8.84 -86.50 45.74
N ASN C 375 8.95 -85.37 44.99
CA ASN C 375 10.16 -84.90 44.36
C ASN C 375 11.05 -84.17 45.43
N PRO C 376 12.18 -84.64 45.89
CA PRO C 376 12.91 -83.88 46.90
C PRO C 376 13.70 -82.65 46.28
N LYS C 377 13.75 -82.52 44.90
CA LYS C 377 14.36 -81.36 44.28
C LYS C 377 13.58 -80.03 44.39
N SER C 378 12.21 -80.14 44.27
CA SER C 378 11.30 -78.94 44.34
C SER C 378 11.44 -78.12 45.59
N ILE C 379 11.59 -76.81 45.42
CA ILE C 379 11.76 -75.83 46.48
C ILE C 379 10.85 -74.64 46.26
N SER C 380 10.75 -73.76 47.23
CA SER C 380 10.06 -72.49 47.03
C SER C 380 10.93 -71.40 47.65
N ILE C 381 10.87 -70.17 47.19
CA ILE C 381 11.55 -69.07 47.74
C ILE C 381 10.43 -68.06 48.23
N LEU C 382 10.67 -67.48 49.38
CA LEU C 382 9.74 -66.58 50.05
C LEU C 382 10.30 -65.14 50.18
N ILE C 383 9.66 -64.23 49.40
CA ILE C 383 9.98 -62.88 49.29
C ILE C 383 9.17 -62.10 50.26
N ARG C 384 9.71 -61.07 50.92
CA ARG C 384 9.05 -60.17 51.92
C ARG C 384 9.84 -58.91 51.80
N GLY C 385 9.41 -57.70 52.33
CA GLY C 385 10.16 -56.54 52.11
C GLY C 385 9.54 -55.59 51.17
N GLY C 386 9.27 -54.34 51.60
CA GLY C 386 8.76 -53.32 50.77
C GLY C 386 7.36 -53.43 50.31
N LEU C 387 6.83 -52.26 50.01
CA LEU C 387 5.50 -52.22 49.48
C LEU C 387 5.31 -52.78 48.10
N GLU C 388 4.14 -52.64 47.49
CA GLU C 388 3.66 -53.29 46.33
C GLU C 388 4.52 -53.21 45.04
N ARG C 389 5.40 -52.23 44.87
CA ARG C 389 6.22 -52.15 43.74
C ARG C 389 7.62 -52.45 44.16
N LEU C 390 8.04 -52.03 45.42
CA LEU C 390 9.33 -52.48 45.92
C LEU C 390 9.49 -54.02 46.04
N VAL C 391 8.44 -54.79 46.51
CA VAL C 391 8.52 -56.29 46.57
C VAL C 391 8.69 -56.99 45.08
N ASP C 392 7.93 -56.44 44.06
CA ASP C 392 8.04 -56.84 42.64
C ASP C 392 9.42 -56.65 42.09
N GLU C 393 10.05 -55.53 42.38
CA GLU C 393 11.41 -55.25 41.88
C GLU C 393 12.53 -56.06 42.53
N THR C 394 12.21 -56.69 43.76
CA THR C 394 12.97 -57.79 44.40
C THR C 394 12.69 -59.07 43.75
N GLU C 395 11.48 -59.28 43.28
CA GLU C 395 11.21 -60.45 42.56
C GLU C 395 11.94 -60.42 41.21
N ARG C 396 12.07 -59.20 40.52
CA ARG C 396 12.72 -59.06 39.26
C ARG C 396 14.20 -59.42 39.39
N ALA C 397 14.87 -58.74 40.38
CA ALA C 397 16.28 -58.89 40.71
C ALA C 397 16.70 -60.32 40.94
N LEU C 398 15.81 -60.98 41.71
CA LEU C 398 15.98 -62.40 42.17
C LEU C 398 15.77 -63.43 41.02
N ARG C 399 14.81 -63.21 40.07
CA ARG C 399 14.52 -63.97 38.94
C ARG C 399 15.73 -64.04 38.02
N ASP C 400 16.33 -62.83 37.72
CA ASP C 400 17.47 -62.66 36.83
C ASP C 400 18.73 -63.27 37.55
N ALA C 401 18.94 -62.97 38.88
CA ALA C 401 20.07 -63.45 39.68
C ALA C 401 20.09 -64.98 39.72
N LEU C 402 18.89 -65.60 39.89
CA LEU C 402 18.70 -67.10 39.75
C LEU C 402 19.08 -67.52 38.38
N GLY C 403 18.53 -67.02 37.26
CA GLY C 403 18.83 -67.26 35.87
C GLY C 403 20.34 -67.22 35.66
N THR C 404 20.99 -66.08 35.99
CA THR C 404 22.46 -65.83 35.82
C THR C 404 23.34 -66.89 36.44
N VAL C 405 23.16 -67.26 37.71
CA VAL C 405 23.84 -68.26 38.49
C VAL C 405 23.67 -69.68 37.97
N ALA C 406 22.41 -69.88 37.48
CA ALA C 406 22.14 -71.12 36.83
C ALA C 406 22.81 -71.26 35.50
N ASP C 407 22.94 -70.17 34.75
CA ASP C 407 23.59 -70.03 33.53
C ASP C 407 25.05 -70.19 33.63
N VAL C 408 25.64 -69.80 34.73
CA VAL C 408 27.00 -70.11 35.05
C VAL C 408 27.30 -71.63 35.15
N ILE C 409 26.31 -72.36 35.80
CA ILE C 409 26.39 -73.77 36.01
C ILE C 409 26.23 -74.57 34.72
N LYS C 410 25.18 -74.10 33.95
CA LYS C 410 24.77 -74.64 32.66
C LYS C 410 25.88 -74.56 31.57
N ASP C 411 26.72 -73.56 31.73
CA ASP C 411 27.81 -73.30 30.88
C ASP C 411 29.16 -73.86 31.47
N GLY C 412 29.70 -73.25 32.59
CA GLY C 412 30.88 -73.78 33.35
C GLY C 412 32.06 -72.82 33.26
N ARG C 413 31.92 -71.67 32.58
CA ARG C 413 32.95 -70.79 32.34
C ARG C 413 32.65 -69.34 32.96
N ALA C 414 33.71 -68.81 33.54
CA ALA C 414 33.72 -67.50 34.12
C ALA C 414 34.96 -66.60 34.11
N ILE C 415 34.76 -65.30 33.83
CA ILE C 415 35.90 -64.37 33.59
C ILE C 415 35.78 -63.30 34.74
N ALA C 416 36.81 -62.49 34.97
CA ALA C 416 36.64 -61.28 35.80
C ALA C 416 35.91 -60.14 35.11
N GLY C 417 34.90 -59.57 35.82
CA GLY C 417 33.97 -58.48 35.48
C GLY C 417 34.66 -57.19 35.56
N GLY C 418 33.91 -56.07 35.69
CA GLY C 418 34.73 -54.87 35.94
C GLY C 418 35.70 -54.34 34.99
N GLY C 419 35.57 -54.36 33.60
CA GLY C 419 36.57 -53.77 32.80
C GLY C 419 37.53 -54.73 32.29
N ALA C 420 37.79 -55.78 33.11
CA ALA C 420 38.92 -56.71 32.89
C ALA C 420 39.00 -57.36 31.51
N VAL C 421 38.00 -58.07 31.10
CA VAL C 421 38.06 -58.84 29.87
C VAL C 421 38.14 -57.93 28.58
N GLU C 422 37.50 -56.76 28.75
CA GLU C 422 37.38 -55.69 27.83
C GLU C 422 38.81 -55.14 27.51
N ILE C 423 39.48 -54.55 28.58
CA ILE C 423 40.84 -54.06 28.49
C ILE C 423 41.82 -55.11 27.89
N GLU C 424 41.59 -56.40 28.19
CA GLU C 424 42.38 -57.51 27.61
C GLU C 424 42.16 -57.72 26.13
N ILE C 425 40.90 -57.89 25.67
CA ILE C 425 40.43 -57.95 24.28
C ILE C 425 40.89 -56.72 23.51
N ALA C 426 41.07 -55.54 24.16
CA ALA C 426 41.54 -54.30 23.56
C ALA C 426 43.05 -54.59 23.31
N LYS C 427 43.87 -54.67 24.41
CA LYS C 427 45.26 -54.92 24.36
C LYS C 427 45.73 -55.92 23.28
N LYS C 428 45.10 -57.12 23.39
CA LYS C 428 45.38 -58.23 22.42
C LYS C 428 45.21 -58.01 20.93
N LEU C 429 44.20 -57.23 20.63
CA LEU C 429 43.87 -56.67 19.31
C LEU C 429 44.75 -55.60 18.83
N ARG C 430 45.17 -54.70 19.72
CA ARG C 430 46.11 -53.61 19.43
C ARG C 430 47.45 -54.15 18.87
N LYS C 431 47.94 -55.19 19.55
CA LYS C 431 49.03 -56.08 19.20
C LYS C 431 48.73 -57.00 17.98
N TYR C 432 47.45 -57.35 17.76
CA TYR C 432 47.03 -58.11 16.52
C TYR C 432 47.12 -57.34 15.22
N ALA C 433 46.50 -56.10 15.16
CA ALA C 433 46.52 -55.16 14.06
C ALA C 433 47.72 -55.03 13.15
N PRO C 434 48.95 -54.70 13.55
CA PRO C 434 50.11 -54.76 12.64
C PRO C 434 50.17 -55.92 11.59
N GLN C 435 49.77 -57.18 11.90
CA GLN C 435 49.93 -58.35 11.09
C GLN C 435 48.81 -58.57 10.18
N VAL C 436 47.63 -57.99 10.40
CA VAL C 436 46.43 -58.33 9.73
C VAL C 436 46.38 -57.88 8.28
N GLY C 437 47.10 -56.77 7.92
CA GLY C 437 47.38 -56.21 6.63
C GLY C 437 47.38 -54.67 6.65
N GLY C 438 47.19 -54.06 5.52
CA GLY C 438 47.22 -52.58 5.37
C GLY C 438 46.22 -51.80 6.15
N LYS C 439 45.11 -51.55 5.55
CA LYS C 439 43.96 -50.76 5.97
C LYS C 439 43.25 -51.43 7.08
N GLU C 440 43.02 -52.69 6.90
CA GLU C 440 42.39 -53.55 7.81
C GLU C 440 42.76 -53.48 9.32
N GLN C 441 44.09 -53.08 9.52
CA GLN C 441 44.83 -52.81 10.78
C GLN C 441 44.04 -51.76 11.55
N LEU C 442 43.72 -50.61 10.83
CA LEU C 442 42.91 -49.50 11.31
C LEU C 442 41.55 -49.89 11.84
N ALA C 443 40.92 -50.83 11.14
CA ALA C 443 39.67 -51.47 11.47
C ALA C 443 39.74 -52.23 12.79
N VAL C 444 40.81 -53.10 12.92
CA VAL C 444 41.15 -53.90 14.15
C VAL C 444 41.55 -52.98 15.37
N GLU C 445 42.45 -52.00 15.13
CA GLU C 445 42.71 -50.97 16.09
C GLU C 445 41.49 -50.16 16.60
N ALA C 446 40.55 -49.86 15.67
CA ALA C 446 39.26 -49.20 16.02
C ALA C 446 38.41 -50.12 16.92
N TYR C 447 38.11 -51.35 16.50
CA TYR C 447 37.42 -52.42 17.29
C TYR C 447 37.92 -52.52 18.73
N ALA C 448 39.24 -52.43 18.92
CA ALA C 448 39.94 -52.49 20.19
C ALA C 448 39.67 -51.37 21.13
N ASN C 449 39.77 -50.13 20.50
CA ASN C 449 39.31 -48.91 21.15
C ASN C 449 37.88 -48.95 21.62
N ALA C 450 36.99 -49.51 20.80
CA ALA C 450 35.58 -49.67 21.24
C ALA C 450 35.43 -50.44 22.50
N LEU C 451 36.24 -51.44 22.77
CA LEU C 451 36.14 -52.20 24.02
C LEU C 451 36.52 -51.36 25.24
N GLU C 452 37.52 -50.48 25.03
CA GLU C 452 38.01 -49.55 26.06
C GLU C 452 36.98 -48.41 26.34
N SER C 453 36.25 -48.07 25.23
CA SER C 453 35.07 -47.16 25.29
C SER C 453 33.95 -47.55 26.26
N LEU C 454 33.66 -48.89 26.41
CA LEU C 454 32.80 -49.44 27.46
C LEU C 454 33.23 -49.15 28.94
N VAL C 455 34.58 -49.35 29.17
CA VAL C 455 35.15 -48.99 30.49
C VAL C 455 35.27 -47.54 30.66
N SER C 456 35.45 -46.78 29.63
CA SER C 456 35.43 -45.31 29.74
C SER C 456 34.06 -44.77 30.18
N ILE C 457 32.95 -45.26 29.48
CA ILE C 457 31.62 -44.91 29.90
C ILE C 457 31.38 -45.22 31.37
N LEU C 458 31.85 -46.40 31.73
CA LEU C 458 31.65 -47.09 33.01
C LEU C 458 32.28 -46.23 34.13
N ILE C 459 33.52 -45.78 33.99
CA ILE C 459 34.04 -44.74 34.91
C ILE C 459 33.27 -43.40 34.89
N GLU C 460 32.98 -42.85 33.67
CA GLU C 460 32.24 -41.65 33.49
C GLU C 460 30.99 -41.55 34.47
N ASN C 461 30.12 -42.53 34.28
CA ASN C 461 28.94 -42.81 35.03
C ASN C 461 29.18 -43.05 36.53
N ALA C 462 30.44 -43.39 36.97
CA ALA C 462 30.68 -43.51 38.38
C ALA C 462 30.99 -42.16 39.01
N GLY C 463 31.47 -41.18 38.23
CA GLY C 463 31.69 -39.87 38.80
C GLY C 463 33.23 -39.58 38.95
N PHE C 464 34.07 -40.19 38.12
CA PHE C 464 35.51 -40.08 38.08
C PHE C 464 35.96 -39.93 36.63
N ASP C 465 37.23 -39.55 36.37
CA ASP C 465 37.84 -39.18 35.12
C ASP C 465 38.09 -40.52 34.26
N PRO C 466 37.35 -40.72 33.15
CA PRO C 466 37.50 -41.91 32.37
C PRO C 466 38.96 -42.22 31.93
N ILE C 467 39.60 -41.15 31.33
CA ILE C 467 40.96 -41.41 30.82
C ILE C 467 41.91 -41.73 31.99
N ASP C 468 41.95 -40.91 33.10
CA ASP C 468 42.85 -41.15 34.23
C ASP C 468 42.83 -42.58 34.73
N LEU C 469 41.64 -43.08 35.24
CA LEU C 469 41.55 -44.43 35.73
C LEU C 469 41.81 -45.49 34.71
N LEU C 470 41.35 -45.37 33.40
CA LEU C 470 41.49 -46.29 32.28
C LEU C 470 42.97 -46.54 32.01
N MET C 471 43.73 -45.43 31.93
CA MET C 471 45.19 -45.43 31.75
C MET C 471 45.90 -45.97 32.93
N LYS C 472 45.51 -45.57 34.15
CA LYS C 472 45.98 -46.12 35.37
C LYS C 472 45.75 -47.55 35.60
N LEU C 473 44.64 -48.10 34.96
CA LEU C 473 44.29 -49.48 35.05
C LEU C 473 45.10 -50.19 34.00
N ARG C 474 45.12 -49.75 32.64
CA ARG C 474 45.93 -50.40 31.66
C ARG C 474 47.50 -50.41 31.92
N SER C 475 48.00 -49.63 32.86
CA SER C 475 49.40 -49.75 33.28
C SER C 475 49.55 -50.83 34.39
N THR C 476 48.64 -50.83 35.36
CA THR C 476 48.53 -51.87 36.38
C THR C 476 47.95 -53.21 35.88
N HIS C 477 47.67 -53.39 34.53
CA HIS C 477 47.20 -54.49 33.73
C HIS C 477 48.24 -55.07 32.82
N GLU C 478 49.46 -54.49 32.66
CA GLU C 478 50.50 -55.06 31.80
C GLU C 478 50.99 -56.52 32.13
N ASN C 479 51.14 -56.88 33.44
CA ASN C 479 51.56 -58.20 33.94
C ASN C 479 50.49 -59.23 33.83
N GLU C 480 50.80 -60.58 33.61
CA GLU C 480 49.74 -61.58 33.52
C GLU C 480 49.07 -61.91 34.83
N ASN C 481 49.77 -61.61 36.01
CA ASN C 481 49.21 -61.85 37.36
C ASN C 481 48.02 -60.94 37.63
N ASN C 482 48.07 -59.73 36.98
CA ASN C 482 47.05 -58.79 36.96
C ASN C 482 46.07 -58.91 35.83
N LYS C 483 45.86 -60.09 35.26
CA LYS C 483 44.92 -60.30 34.18
C LYS C 483 43.41 -60.00 34.52
N TRP C 484 43.07 -60.30 35.78
CA TRP C 484 41.75 -59.98 36.43
C TRP C 484 41.70 -58.61 37.02
N TYR C 485 42.60 -57.68 36.69
CA TYR C 485 42.53 -56.31 37.11
C TYR C 485 41.49 -55.50 36.33
N GLY C 486 40.67 -54.72 37.05
CA GLY C 486 39.69 -53.75 36.51
C GLY C 486 39.60 -52.60 37.33
N ILE C 487 38.53 -51.84 37.30
CA ILE C 487 38.48 -50.58 38.11
C ILE C 487 37.38 -50.58 39.10
N ASP C 488 37.64 -50.70 40.42
CA ASP C 488 36.55 -50.82 41.40
C ASP C 488 35.61 -49.60 41.34
N LEU C 489 34.37 -49.67 41.01
CA LEU C 489 33.65 -48.40 41.03
C LEU C 489 33.28 -47.77 42.37
N TYR C 490 33.42 -48.50 43.47
CA TYR C 490 33.21 -47.98 44.75
C TYR C 490 34.44 -47.60 45.53
N ALA C 491 35.62 -48.08 45.18
CA ALA C 491 36.85 -47.55 45.71
C ALA C 491 37.39 -46.46 44.82
N GLY C 492 37.10 -46.52 43.50
CA GLY C 492 37.55 -45.52 42.43
C GLY C 492 38.99 -45.54 42.18
N GLN C 493 39.45 -46.83 41.84
CA GLN C 493 40.88 -47.21 41.69
C GLN C 493 41.07 -48.70 41.19
N PRO C 494 42.09 -48.98 40.33
CA PRO C 494 42.20 -50.29 39.71
C PRO C 494 42.45 -51.45 40.69
N VAL C 495 41.72 -52.62 40.74
CA VAL C 495 41.93 -53.68 41.65
C VAL C 495 41.65 -54.95 40.94
N ASP C 496 41.99 -56.03 41.60
CA ASP C 496 41.63 -57.39 41.07
C ASP C 496 40.11 -57.67 41.35
N MET C 497 39.33 -57.69 40.32
CA MET C 497 37.89 -57.79 40.44
C MET C 497 37.41 -59.12 40.92
N TRP C 498 38.12 -60.17 40.35
CA TRP C 498 37.86 -61.55 40.88
C TRP C 498 37.94 -61.59 42.41
N GLN C 499 39.09 -61.06 42.95
CA GLN C 499 39.28 -60.81 44.37
C GLN C 499 38.60 -59.63 45.02
N LYS C 500 37.46 -59.33 44.44
CA LYS C 500 36.59 -58.31 45.03
C LYS C 500 35.20 -58.66 44.83
N GLY C 501 34.98 -59.94 44.43
CA GLY C 501 33.61 -60.57 44.21
C GLY C 501 33.07 -60.22 42.84
N VAL C 502 33.72 -59.46 41.91
CA VAL C 502 33.11 -59.08 40.61
C VAL C 502 33.71 -60.00 39.59
N ILE C 503 32.91 -61.11 39.27
CA ILE C 503 33.19 -62.08 38.30
C ILE C 503 31.93 -62.05 37.40
N GLU C 504 32.02 -62.52 36.13
CA GLU C 504 30.90 -62.53 35.28
C GLU C 504 30.96 -63.79 34.39
N PRO C 505 29.78 -64.24 33.92
CA PRO C 505 29.56 -65.37 33.00
C PRO C 505 30.29 -65.26 31.71
N ALA C 506 31.31 -66.13 31.47
CA ALA C 506 32.09 -66.17 30.27
C ALA C 506 31.23 -66.38 28.95
N LEU C 507 30.05 -66.97 28.90
CA LEU C 507 29.29 -67.03 27.64
C LEU C 507 28.38 -65.75 27.35
N VAL C 508 27.77 -65.13 28.46
CA VAL C 508 26.76 -64.01 28.33
C VAL C 508 27.49 -62.90 27.58
N LYS C 509 28.69 -62.60 28.18
CA LYS C 509 29.57 -61.48 27.75
C LYS C 509 30.42 -61.91 26.48
N MET C 510 30.10 -63.04 25.87
CA MET C 510 30.70 -63.53 24.62
C MET C 510 29.60 -63.38 23.49
N ASN C 511 28.28 -63.79 23.77
CA ASN C 511 27.09 -63.70 22.97
C ASN C 511 26.76 -62.20 22.81
N ALA C 512 27.09 -61.28 23.75
CA ALA C 512 26.99 -59.88 23.59
C ALA C 512 27.74 -59.33 22.42
N ILE C 513 29.07 -59.68 22.38
CA ILE C 513 29.98 -59.37 21.30
C ILE C 513 29.52 -59.87 20.00
N LYS C 514 29.03 -61.13 19.94
CA LYS C 514 28.44 -61.79 18.79
C LYS C 514 27.18 -61.11 18.21
N ALA C 515 26.25 -60.72 19.09
CA ALA C 515 25.07 -59.92 18.78
C ALA C 515 25.55 -58.59 18.17
N ALA C 516 26.32 -57.76 18.99
CA ALA C 516 26.74 -56.42 18.65
C ALA C 516 27.43 -56.26 17.34
N THR C 517 28.48 -57.15 17.14
CA THR C 517 29.23 -57.23 15.88
C THR C 517 28.41 -57.70 14.65
N GLU C 518 27.38 -58.59 14.91
CA GLU C 518 26.45 -58.98 13.87
C GLU C 518 25.73 -57.71 13.34
N ALA C 519 25.05 -56.97 14.25
CA ALA C 519 24.37 -55.72 13.97
C ALA C 519 25.18 -54.60 13.38
N ALA C 520 26.28 -54.33 14.06
CA ALA C 520 27.32 -53.45 13.53
C ALA C 520 27.73 -53.73 12.03
N THR C 521 28.09 -55.01 11.77
CA THR C 521 28.54 -55.34 10.39
C THR C 521 27.41 -55.29 9.37
N LEU C 522 26.15 -55.45 9.82
CA LEU C 522 25.02 -55.30 8.99
C LEU C 522 24.79 -53.93 8.51
N VAL C 523 25.07 -52.89 9.32
CA VAL C 523 25.10 -51.44 9.05
C VAL C 523 26.14 -51.09 8.02
N LEU C 524 27.39 -51.72 8.09
CA LEU C 524 28.39 -51.50 7.11
C LEU C 524 28.09 -52.06 5.74
N ARG C 525 27.34 -53.22 5.74
CA ARG C 525 26.90 -53.79 4.53
C ARG C 525 25.83 -52.94 3.76
N ILE C 526 24.97 -52.15 4.45
CA ILE C 526 23.94 -51.33 3.78
C ILE C 526 24.55 -50.12 3.04
N ASP C 527 24.44 -50.14 1.69
CA ASP C 527 24.82 -49.12 0.72
C ASP C 527 23.84 -47.94 0.63
N ASP C 528 22.57 -48.29 0.56
CA ASP C 528 21.59 -47.30 0.32
C ASP C 528 20.33 -48.00 0.78
N VAL C 529 19.40 -47.05 0.82
CA VAL C 529 18.03 -47.43 1.24
C VAL C 529 17.03 -47.10 0.13
N VAL C 530 16.08 -47.98 -0.24
CA VAL C 530 15.06 -47.72 -1.24
C VAL C 530 13.73 -47.87 -0.50
N SER C 531 12.78 -46.98 -0.80
CA SER C 531 11.50 -46.94 -0.11
C SER C 531 10.37 -47.12 -1.07
N ALA C 532 9.30 -47.70 -0.63
CA ALA C 532 8.15 -47.90 -1.56
C ALA C 532 7.22 -46.69 -1.65
N GLY D 28 14.39 -36.16 -31.62
CA GLY D 28 15.92 -35.83 -31.53
C GLY D 28 16.52 -36.00 -30.18
N LYS D 29 17.55 -35.24 -29.75
CA LYS D 29 18.11 -35.20 -28.35
C LYS D 29 17.03 -35.21 -27.19
N GLU D 30 15.89 -34.50 -27.43
CA GLU D 30 14.70 -34.46 -26.59
C GLU D 30 14.32 -35.71 -25.78
N ALA D 31 13.63 -36.68 -26.47
CA ALA D 31 13.12 -37.88 -25.86
C ALA D 31 14.20 -38.93 -25.71
N VAL D 32 15.07 -39.13 -26.68
CA VAL D 32 16.13 -40.10 -26.55
C VAL D 32 17.01 -40.01 -25.35
N ARG D 33 17.26 -38.81 -24.83
CA ARG D 33 17.98 -38.60 -23.60
C ARG D 33 17.17 -39.17 -22.43
N ALA D 34 15.86 -38.97 -22.33
CA ALA D 34 15.01 -39.51 -21.30
C ALA D 34 15.16 -41.00 -21.14
N ASN D 35 14.94 -41.75 -22.29
CA ASN D 35 15.04 -43.21 -22.43
C ASN D 35 16.45 -43.81 -21.90
N ILE D 36 17.51 -43.23 -22.46
CA ILE D 36 18.95 -43.49 -22.07
C ILE D 36 19.07 -43.27 -20.62
N ALA D 37 18.69 -42.05 -20.13
CA ALA D 37 18.68 -41.65 -18.75
C ALA D 37 18.11 -42.69 -17.78
N ALA D 38 16.85 -43.05 -18.08
CA ALA D 38 16.13 -44.00 -17.26
C ALA D 38 16.84 -45.32 -17.07
N VAL D 39 17.34 -45.83 -18.19
CA VAL D 39 18.15 -47.00 -18.19
C VAL D 39 19.41 -46.88 -17.29
N LYS D 40 20.19 -45.84 -17.61
CA LYS D 40 21.38 -45.57 -16.76
C LYS D 40 21.10 -45.47 -15.25
N ALA D 41 19.96 -44.84 -14.91
CA ALA D 41 19.42 -44.72 -13.58
C ALA D 41 19.20 -46.07 -12.81
N VAL D 42 18.50 -47.06 -13.45
CA VAL D 42 18.32 -48.43 -13.04
C VAL D 42 19.77 -49.13 -12.88
N GLU D 43 20.81 -48.98 -13.77
CA GLU D 43 22.18 -49.46 -13.66
C GLU D 43 22.89 -48.88 -12.38
N GLU D 44 22.78 -47.58 -12.23
CA GLU D 44 23.08 -46.88 -10.97
C GLU D 44 22.32 -47.31 -9.71
N ALA D 45 21.34 -48.18 -9.76
CA ALA D 45 20.64 -48.84 -8.65
C ALA D 45 21.21 -50.21 -8.29
N LEU D 46 21.95 -50.81 -9.20
CA LEU D 46 22.48 -52.14 -8.94
C LEU D 46 23.95 -52.14 -8.82
N LYS D 47 24.66 -51.23 -9.45
CA LYS D 47 26.13 -51.12 -9.51
C LYS D 47 26.96 -51.65 -8.23
N SER D 48 26.61 -51.06 -7.05
CA SER D 48 27.18 -51.38 -5.81
C SER D 48 26.82 -52.71 -5.23
N THR D 49 26.08 -53.52 -5.98
CA THR D 49 25.58 -54.85 -5.50
C THR D 49 26.11 -55.89 -6.43
N TYR D 50 26.88 -55.48 -7.46
CA TYR D 50 27.53 -56.41 -8.31
C TYR D 50 28.67 -57.28 -7.72
N GLY D 51 28.77 -58.48 -8.21
CA GLY D 51 29.76 -59.42 -7.75
C GLY D 51 29.76 -59.86 -6.25
N PRO D 52 30.72 -60.60 -5.81
CA PRO D 52 30.77 -61.17 -4.39
C PRO D 52 31.19 -60.12 -3.42
N ARG D 53 31.65 -58.95 -3.87
CA ARG D 53 31.95 -57.85 -3.01
C ARG D 53 30.81 -56.80 -3.08
N GLY D 54 29.75 -57.11 -3.73
CA GLY D 54 28.53 -56.36 -3.87
C GLY D 54 27.87 -56.31 -2.51
N MET D 55 27.42 -55.12 -2.21
CA MET D 55 26.92 -54.81 -0.88
C MET D 55 25.42 -54.85 -0.79
N ASP D 56 24.81 -54.64 0.42
CA ASP D 56 23.38 -54.71 0.52
C ASP D 56 22.64 -53.47 0.30
N LYS D 57 21.41 -53.65 -0.25
CA LYS D 57 20.38 -52.55 -0.29
C LYS D 57 19.32 -52.87 0.70
N MET D 58 18.81 -51.83 1.36
CA MET D 58 17.71 -52.00 2.23
C MET D 58 16.43 -51.49 1.53
N LEU D 59 15.30 -52.17 1.74
CA LEU D 59 14.02 -51.91 1.12
C LEU D 59 12.99 -51.78 2.23
N VAL D 60 12.43 -50.62 2.36
CA VAL D 60 11.49 -50.24 3.32
C VAL D 60 10.14 -50.13 2.63
N ASP D 61 9.24 -51.10 2.99
CA ASP D 61 7.98 -51.25 2.37
C ASP D 61 7.03 -50.03 2.77
N SER D 62 5.91 -49.89 2.07
CA SER D 62 5.00 -48.80 2.38
C SER D 62 4.20 -49.03 3.69
N LEU D 63 4.24 -50.21 4.25
CA LEU D 63 3.61 -50.48 5.47
C LEU D 63 4.71 -50.32 6.62
N GLY D 64 6.00 -50.00 6.27
CA GLY D 64 7.20 -49.85 7.14
C GLY D 64 7.95 -51.15 7.34
N ASP D 65 7.54 -52.29 6.85
CA ASP D 65 8.14 -53.61 6.90
C ASP D 65 9.51 -53.50 6.21
N ILE D 66 10.49 -54.14 6.82
CA ILE D 66 11.86 -53.99 6.36
C ILE D 66 12.30 -55.31 5.70
N THR D 67 13.00 -55.12 4.55
CA THR D 67 13.61 -56.17 3.80
C THR D 67 15.01 -55.80 3.26
N ILE D 68 16.06 -56.44 3.69
CA ILE D 68 17.39 -56.12 3.28
C ILE D 68 17.89 -57.21 2.32
N THR D 69 18.48 -56.80 1.19
CA THR D 69 18.98 -57.78 0.23
C THR D 69 20.00 -57.18 -0.70
N ASN D 70 20.60 -57.98 -1.57
CA ASN D 70 21.49 -57.66 -2.69
C ASN D 70 21.08 -58.41 -3.97
N ASP D 71 19.93 -59.27 -3.87
CA ASP D 71 19.35 -59.95 -5.11
C ASP D 71 18.95 -58.98 -6.26
N GLY D 72 19.65 -58.92 -7.39
CA GLY D 72 19.42 -57.93 -8.43
C GLY D 72 17.97 -57.73 -8.85
N ALA D 73 17.35 -58.93 -9.25
CA ALA D 73 16.00 -59.08 -9.48
C ALA D 73 15.06 -58.36 -8.50
N THR D 74 15.17 -58.77 -7.22
CA THR D 74 14.31 -58.26 -6.13
C THR D 74 14.27 -56.78 -5.94
N ILE D 75 15.48 -56.17 -6.09
CA ILE D 75 15.67 -54.67 -6.00
C ILE D 75 14.91 -54.00 -7.19
N LEU D 76 14.65 -54.74 -8.33
CA LEU D 76 14.05 -54.07 -9.48
C LEU D 76 12.57 -54.47 -9.48
N ASP D 77 12.20 -55.70 -9.06
CA ASP D 77 10.75 -56.02 -8.95
C ASP D 77 10.15 -55.20 -7.88
N LYS D 78 10.75 -55.07 -6.70
CA LYS D 78 10.12 -54.25 -5.66
C LYS D 78 10.21 -52.70 -5.94
N MET D 79 10.96 -52.24 -6.93
CA MET D 79 11.23 -50.83 -7.23
C MET D 79 10.11 -50.06 -7.87
N ASP D 80 9.93 -48.73 -7.61
CA ASP D 80 9.01 -47.91 -8.29
C ASP D 80 9.69 -47.48 -9.63
N LEU D 81 9.23 -48.14 -10.71
CA LEU D 81 9.68 -48.05 -12.10
C LEU D 81 8.44 -47.73 -12.92
N GLN D 82 8.50 -46.58 -13.58
CA GLN D 82 7.43 -46.00 -14.35
C GLN D 82 7.74 -45.54 -15.74
N HIS D 83 9.06 -45.35 -16.06
CA HIS D 83 9.39 -44.88 -17.38
C HIS D 83 9.24 -45.95 -18.41
N PRO D 84 8.51 -45.79 -19.57
CA PRO D 84 8.25 -46.78 -20.56
C PRO D 84 9.55 -47.59 -21.06
N ALA D 85 10.68 -46.90 -21.49
CA ALA D 85 12.01 -47.32 -21.93
C ALA D 85 12.70 -48.30 -20.97
N ALA D 86 12.77 -47.92 -19.65
CA ALA D 86 13.23 -48.75 -18.57
C ALA D 86 12.49 -50.05 -18.44
N LYS D 87 11.12 -50.00 -18.36
CA LYS D 87 10.27 -51.19 -18.18
C LYS D 87 10.43 -52.30 -19.31
N LEU D 88 10.71 -51.77 -20.50
CA LEU D 88 11.06 -52.57 -21.71
C LEU D 88 12.47 -53.13 -21.50
N LEU D 89 13.42 -52.38 -20.96
CA LEU D 89 14.84 -52.81 -20.76
C LEU D 89 14.96 -54.04 -19.81
N VAL D 90 14.38 -53.87 -18.61
CA VAL D 90 14.29 -54.89 -17.55
C VAL D 90 13.59 -56.13 -17.93
N GLN D 91 12.60 -56.01 -18.89
CA GLN D 91 11.87 -57.16 -19.45
C GLN D 91 12.76 -58.06 -20.27
N ILE D 92 13.70 -57.43 -21.13
CA ILE D 92 14.68 -58.17 -21.94
C ILE D 92 15.86 -58.66 -21.16
N ALA D 93 16.40 -57.81 -20.23
CA ALA D 93 17.50 -58.26 -19.32
C ALA D 93 17.11 -59.36 -18.35
N LYS D 94 16.10 -59.06 -17.49
CA LYS D 94 15.61 -59.96 -16.48
C LYS D 94 15.13 -61.27 -17.19
N GLY D 95 14.14 -61.17 -18.08
CA GLY D 95 13.54 -62.41 -18.72
C GLY D 95 14.37 -63.12 -19.80
N GLN D 96 15.70 -63.30 -19.56
CA GLN D 96 16.68 -63.91 -20.48
C GLN D 96 16.62 -65.48 -20.59
N ASP D 97 17.42 -66.09 -21.51
CA ASP D 97 17.25 -67.49 -21.83
C ASP D 97 17.48 -68.42 -20.67
N GLU D 98 18.58 -68.16 -19.86
CA GLU D 98 18.80 -69.03 -18.75
C GLU D 98 18.53 -68.29 -17.44
N GLU D 99 18.58 -69.04 -16.29
CA GLU D 99 18.33 -68.53 -15.00
C GLU D 99 19.72 -68.27 -14.45
N THR D 100 19.90 -67.25 -13.62
CA THR D 100 21.20 -66.76 -13.17
C THR D 100 21.08 -65.42 -12.45
N ALA D 101 21.24 -65.42 -11.12
CA ALA D 101 21.30 -64.25 -10.30
C ALA D 101 22.39 -63.15 -10.65
N ASP D 102 23.64 -63.62 -10.89
CA ASP D 102 24.74 -62.78 -11.27
C ASP D 102 24.75 -62.47 -12.70
N GLY D 103 24.15 -63.26 -13.59
CA GLY D 103 24.12 -62.91 -15.00
C GLY D 103 23.09 -61.97 -15.42
N THR D 104 21.88 -62.01 -14.80
CA THR D 104 20.82 -61.11 -15.03
C THR D 104 21.20 -59.77 -14.46
N LYS D 105 21.91 -59.72 -13.32
CA LYS D 105 22.51 -58.55 -12.67
C LYS D 105 23.60 -58.05 -13.67
N THR D 106 24.28 -58.94 -14.35
CA THR D 106 25.30 -58.54 -15.33
C THR D 106 24.64 -57.88 -16.48
N ALA D 107 23.76 -58.63 -17.14
CA ALA D 107 22.90 -58.16 -18.23
C ALA D 107 22.39 -56.71 -18.03
N VAL D 108 21.86 -56.33 -16.82
CA VAL D 108 21.31 -55.00 -16.55
C VAL D 108 22.29 -53.88 -16.49
N ILE D 109 23.27 -54.11 -15.62
CA ILE D 109 24.40 -53.30 -15.60
C ILE D 109 25.12 -53.09 -16.95
N PHE D 110 25.54 -54.12 -17.68
CA PHE D 110 26.06 -54.12 -19.06
C PHE D 110 25.16 -53.55 -20.11
N SER D 111 23.80 -53.73 -19.94
CA SER D 111 22.89 -52.98 -20.83
C SER D 111 23.13 -51.52 -20.73
N GLY D 112 23.05 -51.09 -19.45
CA GLY D 112 23.17 -49.69 -19.10
C GLY D 112 24.51 -49.11 -19.48
N GLU D 113 25.61 -49.83 -19.49
CA GLU D 113 26.84 -49.36 -20.07
C GLU D 113 26.93 -49.25 -21.60
N LEU D 114 26.31 -50.19 -22.28
CA LEU D 114 26.15 -50.14 -23.72
C LEU D 114 25.37 -48.89 -24.13
N VAL D 115 24.27 -48.51 -23.45
CA VAL D 115 23.48 -47.34 -23.70
C VAL D 115 24.31 -46.06 -23.49
N LYS D 116 24.99 -46.08 -22.33
CA LYS D 116 25.89 -45.04 -21.89
C LYS D 116 27.09 -44.71 -22.84
N LYS D 117 27.95 -45.73 -23.16
CA LYS D 117 29.12 -45.58 -24.10
C LYS D 117 28.65 -45.03 -25.48
N ALA D 118 27.33 -45.22 -25.85
CA ALA D 118 26.87 -44.83 -27.21
C ALA D 118 26.72 -43.31 -27.27
N GLU D 119 26.46 -42.61 -26.16
CA GLU D 119 26.21 -41.19 -26.00
C GLU D 119 27.35 -40.33 -26.49
N ASP D 120 28.62 -40.77 -26.20
CA ASP D 120 29.84 -40.13 -26.72
C ASP D 120 29.89 -40.21 -28.24
N LEU D 121 29.29 -41.29 -28.83
CA LEU D 121 29.29 -41.40 -30.33
C LEU D 121 28.29 -40.44 -31.00
N LEU D 122 27.08 -40.25 -30.40
CA LEU D 122 26.01 -39.35 -30.81
C LEU D 122 26.43 -37.82 -30.76
N TYR D 123 27.35 -37.56 -29.73
CA TYR D 123 28.03 -36.27 -29.60
C TYR D 123 28.95 -35.87 -30.79
N LYS D 124 29.59 -36.91 -31.36
CA LYS D 124 30.33 -36.95 -32.56
C LYS D 124 29.41 -37.01 -33.89
N ASP D 125 28.06 -36.98 -33.75
CA ASP D 125 27.03 -36.96 -34.84
C ASP D 125 26.98 -38.24 -35.64
N VAL D 126 27.30 -39.41 -35.04
CA VAL D 126 27.08 -40.67 -35.74
C VAL D 126 25.65 -41.12 -35.59
N HIS D 127 25.02 -41.58 -36.74
CA HIS D 127 23.67 -42.05 -36.82
C HIS D 127 23.45 -43.39 -36.03
N PRO D 128 22.47 -43.73 -35.18
CA PRO D 128 22.20 -44.98 -34.47
C PRO D 128 22.07 -46.20 -35.33
N THR D 129 21.69 -46.11 -36.58
CA THR D 129 21.64 -47.20 -37.51
C THR D 129 22.94 -47.82 -37.76
N ILE D 130 24.00 -46.96 -37.77
CA ILE D 130 25.35 -47.43 -37.87
C ILE D 130 25.85 -48.07 -36.53
N ILE D 131 25.59 -47.30 -35.42
CA ILE D 131 26.05 -47.74 -34.08
C ILE D 131 25.53 -49.14 -33.63
N ILE D 132 24.33 -49.39 -34.08
CA ILE D 132 23.66 -50.67 -34.03
C ILE D 132 24.27 -51.77 -34.87
N SER D 133 24.54 -51.53 -36.20
CA SER D 133 25.24 -52.52 -37.10
C SER D 133 26.64 -52.85 -36.58
N GLY D 134 27.31 -51.81 -36.12
CA GLY D 134 28.52 -51.82 -35.36
C GLY D 134 28.41 -52.69 -34.09
N TYR D 135 27.45 -52.48 -33.18
CA TYR D 135 27.20 -53.34 -31.99
C TYR D 135 26.82 -54.85 -32.38
N LYS D 136 26.08 -55.00 -33.44
CA LYS D 136 25.89 -56.35 -34.07
C LYS D 136 27.24 -57.04 -34.46
N LYS D 137 28.12 -56.45 -35.28
CA LYS D 137 29.39 -57.08 -35.64
C LYS D 137 30.27 -57.44 -34.40
N ALA D 138 30.19 -56.61 -33.34
CA ALA D 138 30.91 -56.82 -32.06
C ALA D 138 30.32 -57.92 -31.22
N GLU D 139 28.99 -57.97 -31.21
CA GLU D 139 28.24 -59.00 -30.61
C GLU D 139 28.51 -60.33 -31.11
N GLU D 140 28.45 -60.42 -32.43
CA GLU D 140 28.80 -61.56 -33.23
C GLU D 140 30.12 -62.24 -32.79
N VAL D 141 31.24 -61.51 -32.91
CA VAL D 141 32.50 -61.85 -32.35
C VAL D 141 32.41 -62.13 -30.83
N ALA D 142 31.83 -61.32 -30.08
CA ALA D 142 31.59 -61.57 -28.64
C ALA D 142 30.96 -62.86 -28.21
N LEU D 143 29.93 -63.31 -29.03
CA LEU D 143 29.29 -64.56 -28.81
C LEU D 143 30.25 -65.72 -29.09
N GLN D 144 30.74 -65.82 -30.36
CA GLN D 144 31.60 -66.92 -30.78
C GLN D 144 32.92 -67.03 -30.02
N THR D 145 33.41 -65.89 -29.48
CA THR D 145 34.64 -65.82 -28.67
C THR D 145 34.45 -66.61 -27.32
N ILE D 146 33.24 -66.91 -26.85
CA ILE D 146 33.09 -67.69 -25.65
C ILE D 146 33.00 -69.12 -25.99
N GLN D 147 32.38 -69.51 -27.09
CA GLN D 147 32.24 -70.81 -27.79
C GLN D 147 33.51 -71.33 -28.19
N GLU D 148 34.25 -70.73 -29.05
CA GLU D 148 35.64 -71.16 -29.39
C GLU D 148 36.66 -70.88 -28.27
N LEU D 149 36.31 -71.20 -26.98
CA LEU D 149 37.25 -70.99 -25.96
C LEU D 149 36.84 -71.82 -24.77
N ALA D 150 35.54 -72.11 -24.60
CA ALA D 150 34.97 -72.90 -23.60
C ALA D 150 35.62 -74.31 -23.44
N GLN D 151 35.65 -74.90 -22.21
CA GLN D 151 36.15 -76.22 -21.94
C GLN D 151 34.96 -77.18 -21.69
N THR D 152 35.12 -78.40 -22.20
CA THR D 152 34.19 -79.52 -22.18
C THR D 152 33.93 -80.23 -20.82
N VAL D 153 32.72 -80.11 -20.27
CA VAL D 153 32.37 -80.52 -18.91
C VAL D 153 31.15 -81.43 -19.02
N SER D 154 31.36 -82.70 -18.53
CA SER D 154 30.33 -83.70 -18.57
C SER D 154 30.16 -84.35 -17.22
N ILE D 155 29.52 -85.51 -17.11
CA ILE D 155 29.23 -86.22 -15.91
C ILE D 155 30.32 -86.65 -14.92
N ASN D 156 31.52 -86.91 -15.47
CA ASN D 156 32.72 -87.35 -14.62
C ASN D 156 33.66 -86.32 -14.16
N ASP D 157 33.38 -85.06 -14.61
CA ASP D 157 34.10 -83.89 -14.17
C ASP D 157 33.55 -83.33 -12.90
N THR D 158 33.30 -84.22 -11.84
CA THR D 158 32.58 -83.91 -10.61
C THR D 158 33.37 -83.09 -9.54
N ASP D 159 34.68 -83.16 -9.56
CA ASP D 159 35.52 -82.23 -8.69
C ASP D 159 35.58 -80.80 -9.36
N LEU D 160 35.12 -80.63 -10.61
CA LEU D 160 35.13 -79.37 -11.33
C LEU D 160 33.76 -78.66 -11.02
N LEU D 161 32.65 -79.46 -11.11
CA LEU D 161 31.28 -78.98 -10.86
C LEU D 161 31.12 -78.42 -9.45
N ARG D 162 32.01 -78.94 -8.57
CA ARG D 162 32.32 -78.43 -7.20
C ARG D 162 32.73 -77.00 -7.09
N LYS D 163 33.42 -76.45 -8.03
CA LYS D 163 34.03 -75.21 -8.13
C LYS D 163 32.97 -74.34 -8.57
N ILE D 164 32.40 -74.69 -9.77
CA ILE D 164 31.19 -74.05 -10.31
C ILE D 164 30.11 -73.84 -9.25
N ALA D 165 30.03 -74.76 -8.30
CA ALA D 165 28.97 -74.63 -7.27
C ALA D 165 29.16 -73.40 -6.38
N MET D 166 30.46 -73.21 -5.91
CA MET D 166 31.00 -72.14 -5.06
C MET D 166 30.90 -70.89 -5.84
N THR D 167 31.12 -70.85 -7.16
CA THR D 167 30.75 -69.71 -7.99
C THR D 167 29.31 -69.09 -8.02
N SER D 168 28.34 -69.86 -7.44
CA SER D 168 26.93 -69.58 -7.23
C SER D 168 26.68 -69.27 -5.77
N LEU D 169 27.26 -70.19 -4.87
CA LEU D 169 27.07 -69.95 -3.41
C LEU D 169 27.95 -68.78 -2.95
N SER D 170 29.19 -68.47 -3.41
CA SER D 170 29.93 -67.29 -3.01
C SER D 170 29.35 -65.90 -3.26
N SER D 171 28.38 -65.82 -4.17
CA SER D 171 27.75 -64.59 -4.45
C SER D 171 26.41 -64.47 -3.64
N LYS D 172 26.04 -65.41 -2.84
CA LYS D 172 24.92 -65.28 -2.04
C LYS D 172 25.32 -64.59 -0.81
N ALA D 173 24.36 -64.24 0.13
CA ALA D 173 24.88 -63.60 1.35
C ALA D 173 25.06 -64.64 2.46
N VAL D 174 24.73 -65.90 2.11
CA VAL D 174 24.77 -67.09 2.91
C VAL D 174 26.18 -67.36 3.46
N ALA D 175 26.20 -67.71 4.74
CA ALA D 175 27.48 -67.78 5.46
C ALA D 175 28.00 -69.14 5.63
N GLY D 176 29.24 -69.13 6.14
CA GLY D 176 29.86 -70.30 6.61
C GLY D 176 30.24 -71.31 5.55
N ALA D 177 30.06 -72.65 5.90
CA ALA D 177 30.48 -73.78 5.12
C ALA D 177 29.67 -73.94 3.81
N ARG D 178 30.02 -73.09 2.81
CA ARG D 178 29.42 -73.27 1.52
C ARG D 178 30.11 -74.47 0.76
N GLU D 179 31.42 -74.79 1.10
CA GLU D 179 32.11 -76.01 0.55
C GLU D 179 31.36 -77.31 0.77
N TYR D 180 30.71 -77.46 1.93
CA TYR D 180 29.78 -78.46 2.35
C TYR D 180 28.63 -78.58 1.42
N ILE D 181 27.95 -77.44 1.13
CA ILE D 181 26.76 -77.36 0.24
C ILE D 181 27.10 -77.59 -1.20
N ALA D 182 28.27 -77.02 -1.68
CA ALA D 182 28.90 -77.17 -3.00
C ALA D 182 29.09 -78.62 -3.24
N ASP D 183 29.67 -79.31 -2.34
CA ASP D 183 29.76 -80.80 -2.40
C ASP D 183 28.43 -81.61 -2.47
N ILE D 184 27.34 -81.36 -1.62
CA ILE D 184 26.00 -81.93 -1.81
C ILE D 184 25.36 -81.72 -3.26
N VAL D 185 25.31 -80.42 -3.58
CA VAL D 185 24.73 -79.92 -4.78
C VAL D 185 25.14 -80.61 -6.06
N VAL D 186 26.41 -80.92 -6.10
CA VAL D 186 27.13 -81.76 -7.11
C VAL D 186 26.71 -83.22 -7.11
N LYS D 187 26.75 -83.87 -6.00
CA LYS D 187 26.32 -85.27 -5.91
C LYS D 187 24.87 -85.46 -6.25
N ALA D 188 24.04 -84.51 -5.72
CA ALA D 188 22.62 -84.41 -6.06
C ALA D 188 22.22 -84.21 -7.51
N VAL D 189 23.02 -83.46 -8.31
CA VAL D 189 22.71 -83.38 -9.71
C VAL D 189 23.18 -84.58 -10.43
N THR D 190 24.52 -84.93 -10.31
CA THR D 190 25.01 -86.16 -11.01
C THR D 190 24.29 -87.45 -10.71
N GLN D 191 23.56 -87.64 -9.58
CA GLN D 191 22.66 -88.76 -9.24
C GLN D 191 21.51 -88.85 -10.12
N VAL D 192 20.95 -87.67 -10.41
CA VAL D 192 19.78 -87.63 -11.21
C VAL D 192 20.01 -87.48 -12.69
N ALA D 193 21.10 -86.79 -13.17
CA ALA D 193 21.41 -86.65 -14.57
C ALA D 193 21.36 -87.92 -15.41
N GLU D 194 20.73 -87.89 -16.59
CA GLU D 194 20.66 -89.00 -17.49
C GLU D 194 20.89 -88.63 -18.96
N LEU D 195 21.70 -89.42 -19.74
CA LEU D 195 21.93 -89.17 -21.17
C LEU D 195 20.85 -89.91 -21.96
N ARG D 196 19.94 -89.21 -22.67
CA ARG D 196 18.88 -89.84 -23.38
C ARG D 196 18.85 -89.42 -24.88
N GLY D 197 19.04 -90.38 -25.85
CA GLY D 197 19.22 -90.03 -27.28
C GLY D 197 20.23 -88.99 -27.59
N ASP D 198 21.43 -89.17 -26.98
CA ASP D 198 22.61 -88.33 -27.26
C ASP D 198 22.40 -86.89 -26.70
N LYS D 199 21.61 -86.74 -25.62
CA LYS D 199 21.39 -85.46 -24.99
C LYS D 199 21.31 -85.61 -23.54
N TRP D 200 22.09 -84.76 -22.76
CA TRP D 200 22.09 -84.84 -21.27
C TRP D 200 20.93 -84.16 -20.56
N TYR D 201 20.29 -84.92 -19.53
CA TYR D 201 19.09 -84.39 -18.97
C TYR D 201 19.16 -84.40 -17.42
N VAL D 202 18.37 -83.49 -16.85
CA VAL D 202 18.20 -83.44 -15.36
C VAL D 202 16.73 -83.09 -15.08
N ASP D 203 16.02 -84.11 -14.54
CA ASP D 203 14.67 -83.92 -14.03
C ASP D 203 14.72 -83.50 -12.59
N LEU D 204 14.66 -82.15 -12.44
CA LEU D 204 14.89 -81.41 -11.18
C LEU D 204 14.03 -81.90 -9.99
N ASP D 205 12.80 -82.29 -10.30
CA ASP D 205 11.86 -82.94 -9.42
C ASP D 205 12.29 -84.24 -8.66
N ASN D 206 13.33 -84.93 -9.20
CA ASN D 206 13.91 -86.10 -8.53
C ASN D 206 14.81 -85.58 -7.37
N ILE D 207 14.69 -84.35 -6.89
CA ILE D 207 15.49 -83.84 -5.81
C ILE D 207 14.47 -83.19 -4.97
N GLN D 208 14.35 -83.64 -3.67
CA GLN D 208 13.52 -83.13 -2.70
C GLN D 208 14.42 -82.24 -1.88
N ILE D 209 13.91 -81.12 -1.33
CA ILE D 209 14.53 -80.14 -0.45
C ILE D 209 13.72 -79.95 0.79
N VAL D 210 14.12 -80.36 2.05
CA VAL D 210 13.44 -80.17 3.31
C VAL D 210 14.33 -79.27 4.13
N LYS D 211 13.65 -78.37 4.84
CA LYS D 211 14.45 -77.39 5.65
C LYS D 211 13.88 -77.20 7.04
N LYS D 212 14.80 -77.20 8.00
CA LYS D 212 14.59 -76.99 9.45
C LYS D 212 15.52 -75.93 9.98
N ALA D 213 14.94 -74.98 10.73
CA ALA D 213 15.70 -74.00 11.40
C ALA D 213 16.55 -74.48 12.54
N GLY D 214 17.68 -73.74 12.93
CA GLY D 214 18.57 -74.20 14.00
C GLY D 214 19.80 -74.97 13.40
N GLY D 215 20.70 -75.44 14.31
CA GLY D 215 21.95 -76.15 13.80
C GLY D 215 22.78 -75.30 12.87
N SER D 216 23.82 -75.85 12.24
CA SER D 216 24.77 -75.03 11.46
C SER D 216 24.63 -75.44 9.99
N ILE D 217 25.16 -74.70 9.03
CA ILE D 217 25.08 -75.11 7.67
C ILE D 217 25.99 -76.31 7.33
N ASN D 218 27.00 -76.61 8.19
CA ASN D 218 27.76 -77.82 8.13
C ASN D 218 26.89 -79.00 8.54
N ASP D 219 25.78 -78.78 9.34
CA ASP D 219 25.04 -79.91 9.86
C ASP D 219 23.99 -80.42 8.86
N THR D 220 24.11 -79.97 7.59
CA THR D 220 23.23 -80.40 6.47
C THR D 220 23.50 -81.72 6.03
N GLN D 221 22.62 -82.36 5.24
CA GLN D 221 22.93 -83.65 4.68
C GLN D 221 22.26 -83.97 3.37
N LEU D 222 22.84 -84.94 2.68
CA LEU D 222 22.22 -85.48 1.42
C LEU D 222 21.67 -86.78 1.95
N VAL D 223 20.38 -87.06 1.56
CA VAL D 223 19.71 -88.28 1.87
C VAL D 223 19.59 -89.02 0.61
N TYR D 224 19.85 -90.35 0.60
CA TYR D 224 19.75 -91.15 -0.61
C TYR D 224 18.41 -91.73 -0.51
N GLY D 225 17.32 -90.90 -0.61
CA GLY D 225 15.92 -91.32 -0.56
C GLY D 225 15.09 -90.09 -0.24
N ILE D 226 13.73 -90.28 -0.11
CA ILE D 226 12.74 -89.27 0.12
C ILE D 226 12.73 -88.90 1.60
N VAL D 227 12.37 -87.64 1.88
CA VAL D 227 12.27 -87.03 3.22
C VAL D 227 10.93 -86.30 3.28
N VAL D 228 10.02 -86.77 4.08
CA VAL D 228 8.73 -86.18 4.20
C VAL D 228 8.86 -85.23 5.41
N ASP D 229 8.69 -83.92 5.21
CA ASP D 229 8.70 -82.85 6.20
C ASP D 229 7.82 -83.01 7.45
N LYS D 230 6.56 -83.48 7.31
CA LYS D 230 5.64 -83.91 8.33
C LYS D 230 5.99 -85.23 9.10
N GLU D 231 5.76 -85.31 10.41
CA GLU D 231 6.15 -86.33 11.30
C GLU D 231 5.09 -87.35 11.56
N VAL D 232 5.38 -88.40 12.33
CA VAL D 232 4.44 -89.53 12.56
C VAL D 232 3.43 -89.11 13.56
N VAL D 233 2.14 -89.24 13.27
CA VAL D 233 1.17 -88.51 14.05
C VAL D 233 1.08 -88.72 15.56
N HIS D 234 0.99 -89.95 16.01
CA HIS D 234 0.70 -90.45 17.34
C HIS D 234 2.00 -91.09 17.83
N PRO D 235 2.57 -90.74 18.97
CA PRO D 235 3.85 -91.26 19.39
C PRO D 235 3.90 -92.76 19.82
N GLY D 236 2.80 -93.44 19.92
CA GLY D 236 2.69 -94.95 20.09
C GLY D 236 2.88 -95.74 18.80
N MET D 237 2.84 -95.04 17.69
CA MET D 237 3.13 -95.65 16.37
C MET D 237 4.50 -96.05 16.15
N PRO D 238 4.80 -97.06 15.35
CA PRO D 238 6.21 -97.39 14.99
C PRO D 238 6.88 -96.15 14.29
N LYS D 239 8.21 -96.23 14.31
CA LYS D 239 9.01 -95.20 13.73
C LYS D 239 9.99 -95.78 12.80
N ARG D 240 9.78 -97.05 12.36
CA ARG D 240 10.60 -97.79 11.42
C ARG D 240 9.84 -99.00 11.04
N LEU D 241 9.35 -98.99 9.82
CA LEU D 241 8.48 -100.06 9.37
C LEU D 241 9.29 -100.73 8.31
N GLU D 242 9.35 -102.05 8.33
CA GLU D 242 10.15 -102.81 7.36
C GLU D 242 9.40 -103.10 6.16
N ASN D 243 9.98 -102.85 4.97
CA ASN D 243 9.36 -103.14 3.73
C ASN D 243 8.13 -102.40 3.41
N ALA D 244 8.29 -101.06 3.53
CA ALA D 244 7.32 -100.08 3.13
C ALA D 244 6.45 -100.36 1.96
N LYS D 245 5.12 -100.34 2.22
CA LYS D 245 4.14 -100.46 1.18
C LYS D 245 3.27 -99.16 1.40
N ILE D 246 3.79 -97.98 1.07
CA ILE D 246 3.17 -96.65 1.24
C ILE D 246 1.74 -96.50 0.63
N ALA D 247 0.78 -95.81 1.35
CA ALA D 247 -0.53 -95.54 0.90
C ALA D 247 -0.72 -94.05 1.05
N LEU D 248 -0.54 -93.42 -0.12
CA LEU D 248 -0.71 -92.01 -0.39
C LEU D 248 -2.27 -91.62 -0.45
N ILE D 249 -2.87 -91.24 0.67
CA ILE D 249 -4.25 -90.98 0.83
C ILE D 249 -4.71 -89.50 0.74
N ASP D 250 -5.30 -89.12 -0.40
CA ASP D 250 -5.93 -87.83 -0.55
C ASP D 250 -7.25 -87.74 0.23
N ALA D 251 -7.89 -88.92 0.54
CA ALA D 251 -9.18 -88.94 1.25
C ALA D 251 -9.15 -88.37 2.71
N SER D 252 -10.35 -87.94 3.20
CA SER D 252 -10.41 -87.64 4.60
C SER D 252 -10.59 -88.96 5.48
N LEU D 253 -9.68 -89.24 6.48
CA LEU D 253 -9.84 -90.37 7.35
C LEU D 253 -10.16 -89.85 8.75
N GLU D 254 -10.86 -88.74 8.82
CA GLU D 254 -11.26 -88.09 10.06
C GLU D 254 -12.68 -87.72 9.87
N VAL D 255 -13.48 -87.80 11.02
CA VAL D 255 -14.89 -87.57 10.87
C VAL D 255 -15.08 -86.05 10.78
N GLU D 256 -16.31 -85.64 10.40
CA GLU D 256 -16.79 -84.25 10.38
C GLU D 256 -18.29 -84.35 10.59
N LYS D 257 -19.04 -83.28 10.91
CA LYS D 257 -20.44 -83.35 11.08
C LYS D 257 -21.26 -83.88 9.92
N PRO D 258 -22.36 -84.69 10.10
CA PRO D 258 -23.18 -85.26 9.04
C PRO D 258 -23.37 -84.69 7.68
N GLU D 259 -23.03 -85.45 6.59
CA GLU D 259 -23.12 -84.90 5.25
C GLU D 259 -24.06 -85.75 4.42
N LEU D 260 -23.74 -87.02 3.94
CA LEU D 260 -24.63 -87.75 3.15
C LEU D 260 -25.66 -88.58 3.96
N ASP D 261 -25.67 -88.39 5.29
CA ASP D 261 -26.45 -89.08 6.24
C ASP D 261 -27.88 -88.58 6.30
N ALA D 262 -28.10 -87.30 5.92
CA ALA D 262 -29.38 -86.73 5.90
C ALA D 262 -29.38 -85.53 4.90
N GLU D 263 -30.56 -85.30 4.23
CA GLU D 263 -30.78 -84.10 3.46
C GLU D 263 -31.48 -83.04 4.31
N ILE D 264 -32.01 -83.47 5.47
CA ILE D 264 -32.77 -82.68 6.43
C ILE D 264 -31.86 -82.40 7.63
N ARG D 265 -32.22 -81.34 8.38
CA ARG D 265 -31.52 -80.87 9.56
C ARG D 265 -31.68 -81.90 10.70
N ILE D 266 -30.66 -82.05 11.54
CA ILE D 266 -30.76 -83.06 12.65
C ILE D 266 -30.98 -82.33 13.93
N ASN D 267 -31.93 -82.85 14.77
CA ASN D 267 -32.35 -82.10 16.02
C ASN D 267 -32.57 -83.07 17.22
N ASP D 268 -32.53 -84.34 16.98
CA ASP D 268 -32.70 -85.32 18.07
C ASP D 268 -31.31 -85.91 18.48
N PRO D 269 -30.76 -85.83 19.76
CA PRO D 269 -29.48 -86.29 20.09
C PRO D 269 -29.26 -87.88 19.95
N THR D 270 -30.39 -88.59 19.92
CA THR D 270 -30.48 -90.07 19.53
C THR D 270 -30.10 -90.37 18.06
N GLN D 271 -30.47 -89.51 17.09
CA GLN D 271 -30.15 -89.61 15.73
C GLN D 271 -28.73 -89.28 15.44
N MET D 272 -28.22 -88.24 16.14
CA MET D 272 -26.84 -87.73 16.19
C MET D 272 -25.89 -88.89 16.64
N GLN D 273 -25.99 -89.51 17.79
CA GLN D 273 -25.26 -90.68 18.30
C GLN D 273 -25.13 -91.87 17.17
N LYS D 274 -26.28 -92.48 16.78
CA LYS D 274 -26.34 -93.45 15.67
C LYS D 274 -25.83 -93.06 14.30
N PHE D 275 -25.61 -91.79 13.98
CA PHE D 275 -25.03 -91.35 12.73
C PHE D 275 -23.57 -91.38 12.84
N LEU D 276 -23.04 -90.62 13.86
CA LEU D 276 -21.52 -90.43 14.05
C LEU D 276 -20.81 -91.65 14.67
N ASP D 277 -21.52 -92.51 15.30
CA ASP D 277 -21.12 -93.78 15.85
C ASP D 277 -20.79 -94.79 14.70
N GLU D 278 -21.74 -94.89 13.71
CA GLU D 278 -21.58 -95.66 12.53
C GLU D 278 -20.58 -95.17 11.60
N GLU D 279 -20.44 -93.79 11.62
CA GLU D 279 -19.41 -93.00 10.93
C GLU D 279 -18.02 -93.25 11.53
N GLU D 280 -17.81 -93.61 12.79
CA GLU D 280 -16.51 -93.98 13.41
C GLU D 280 -16.12 -95.35 13.08
N ASN D 281 -17.12 -96.34 12.95
CA ASN D 281 -16.80 -97.60 12.42
C ASN D 281 -16.64 -97.52 10.94
N LEU D 282 -17.10 -96.46 10.25
CA LEU D 282 -16.90 -96.24 8.80
C LEU D 282 -15.43 -95.82 8.50
N ILE D 283 -14.77 -95.01 9.36
CA ILE D 283 -13.37 -94.69 9.20
C ILE D 283 -12.49 -95.91 9.62
N LYS D 284 -12.83 -96.70 10.66
CA LYS D 284 -12.11 -97.89 10.97
C LYS D 284 -12.16 -98.98 9.86
N GLU D 285 -13.36 -98.95 9.09
CA GLU D 285 -13.50 -99.64 7.88
C GLU D 285 -12.61 -99.02 6.80
N LYS D 286 -12.68 -97.69 6.47
CA LYS D 286 -11.82 -97.14 5.46
C LYS D 286 -10.33 -97.44 5.68
N VAL D 287 -9.80 -97.28 6.88
CA VAL D 287 -8.46 -97.60 7.18
C VAL D 287 -8.14 -99.08 6.97
N ASP D 288 -9.05 -99.98 7.41
CA ASP D 288 -8.95 -101.43 7.14
C ASP D 288 -9.05 -101.82 5.66
N LYS D 289 -9.83 -101.09 4.84
CA LYS D 289 -9.92 -101.24 3.42
C LYS D 289 -8.55 -100.92 2.66
N ILE D 290 -7.68 -100.15 3.35
CA ILE D 290 -6.34 -99.79 2.93
C ILE D 290 -5.45 -100.92 3.45
N LEU D 291 -5.57 -101.38 4.68
CA LEU D 291 -4.78 -102.54 5.17
C LEU D 291 -5.15 -103.89 4.50
N ALA D 292 -6.26 -103.99 3.85
CA ALA D 292 -6.67 -105.01 2.88
C ALA D 292 -5.82 -105.10 1.62
N THR D 293 -5.01 -104.07 1.40
CA THR D 293 -4.10 -104.03 0.31
C THR D 293 -2.69 -104.45 0.75
N GLY D 294 -2.39 -104.39 2.11
CA GLY D 294 -1.08 -104.70 2.67
C GLY D 294 -0.33 -103.49 3.09
N ALA D 295 -0.98 -102.29 3.09
CA ALA D 295 -0.27 -101.02 3.49
C ALA D 295 0.27 -101.07 4.95
N ASN D 296 1.43 -100.51 5.24
CA ASN D 296 2.00 -100.56 6.55
C ASN D 296 2.56 -99.19 6.93
N VAL D 297 2.42 -98.26 5.94
CA VAL D 297 2.72 -96.93 6.26
C VAL D 297 1.49 -96.21 5.57
N ILE D 298 1.02 -95.05 6.09
CA ILE D 298 -0.08 -94.33 5.48
C ILE D 298 0.09 -92.85 5.72
N ILE D 299 0.14 -92.11 4.62
CA ILE D 299 0.42 -90.75 4.68
C ILE D 299 -0.75 -90.21 3.96
N CYS D 300 -1.27 -89.02 4.47
CA CYS D 300 -2.46 -88.42 3.83
C CYS D 300 -2.41 -86.91 3.59
N GLN D 301 -3.47 -86.37 2.93
CA GLN D 301 -3.48 -84.99 2.53
C GLN D 301 -4.60 -84.34 3.26
N LYS D 302 -5.27 -84.99 4.22
CA LYS D 302 -6.39 -84.45 4.93
C LYS D 302 -6.23 -85.02 6.37
N GLY D 303 -7.25 -85.08 7.25
CA GLY D 303 -7.15 -85.62 8.64
C GLY D 303 -7.07 -87.14 8.77
N ILE D 304 -6.87 -87.57 10.02
CA ILE D 304 -6.90 -88.87 10.57
C ILE D 304 -7.46 -88.64 11.92
N ASP D 305 -8.54 -89.31 12.26
CA ASP D 305 -9.29 -89.27 13.51
C ASP D 305 -8.40 -89.85 14.69
N GLU D 306 -8.62 -89.32 15.89
CA GLU D 306 -7.76 -89.62 17.02
C GLU D 306 -8.06 -91.00 17.52
N VAL D 307 -9.24 -91.51 17.21
CA VAL D 307 -9.58 -92.85 17.52
C VAL D 307 -8.94 -93.75 16.53
N ALA D 308 -8.76 -93.29 15.25
CA ALA D 308 -8.13 -93.97 14.13
C ALA D 308 -6.65 -93.98 14.21
N GLN D 309 -6.14 -93.07 15.04
CA GLN D 309 -4.76 -93.02 15.41
C GLN D 309 -4.53 -94.20 16.42
N SER D 310 -5.48 -94.29 17.36
CA SER D 310 -5.49 -95.43 18.33
C SER D 310 -5.67 -96.76 17.61
N TYR D 311 -6.38 -96.84 16.49
CA TYR D 311 -6.64 -98.04 15.66
C TYR D 311 -5.41 -98.49 14.87
N LEU D 312 -4.75 -97.57 14.21
CA LEU D 312 -3.52 -97.77 13.42
C LEU D 312 -2.32 -98.07 14.34
N ALA D 313 -2.33 -97.51 15.55
CA ALA D 313 -1.42 -97.83 16.64
C ALA D 313 -1.65 -99.30 17.14
N LYS D 314 -2.89 -99.77 17.31
CA LYS D 314 -3.25 -101.14 17.67
C LYS D 314 -3.02 -102.10 16.50
N LYS D 315 -2.99 -101.66 15.22
CA LYS D 315 -2.59 -102.44 14.08
C LYS D 315 -1.08 -102.50 13.81
N GLY D 316 -0.23 -101.56 14.27
CA GLY D 316 1.20 -101.53 13.97
C GLY D 316 1.62 -100.86 12.73
N VAL D 317 0.85 -99.84 12.41
CA VAL D 317 0.93 -99.06 11.18
C VAL D 317 1.59 -97.73 11.46
N LEU D 318 2.34 -97.15 10.53
CA LEU D 318 3.11 -95.93 10.76
C LEU D 318 2.37 -94.89 9.96
N ALA D 319 1.74 -93.91 10.63
CA ALA D 319 0.93 -92.96 9.92
C ALA D 319 1.45 -91.55 10.25
N VAL D 320 1.26 -90.73 9.21
CA VAL D 320 1.55 -89.34 9.13
C VAL D 320 0.22 -88.50 8.74
N ARG D 321 -0.08 -87.37 9.41
CA ARG D 321 -1.35 -86.63 9.07
C ARG D 321 -1.04 -85.39 8.26
N ARG D 322 -1.90 -85.07 7.25
CA ARG D 322 -1.82 -83.82 6.53
C ARG D 322 -0.47 -83.36 5.92
N ALA D 323 0.20 -84.27 5.19
CA ALA D 323 1.46 -83.99 4.53
C ALA D 323 1.19 -83.15 3.28
N LYS D 324 2.10 -82.24 2.79
CA LYS D 324 1.90 -81.31 1.70
C LYS D 324 2.09 -81.96 0.36
N LYS D 325 1.16 -81.73 -0.59
CA LYS D 325 1.16 -82.34 -1.94
C LYS D 325 2.49 -82.23 -2.74
N SER D 326 3.26 -81.20 -2.42
CA SER D 326 4.63 -80.93 -2.80
C SER D 326 5.60 -82.11 -2.53
N ASP D 327 5.37 -82.89 -1.43
CA ASP D 327 6.13 -84.01 -0.97
C ASP D 327 5.42 -85.31 -1.37
N LEU D 328 4.09 -85.26 -1.54
CA LEU D 328 3.36 -86.38 -2.15
C LEU D 328 3.75 -86.80 -3.57
N GLU D 329 3.97 -85.85 -4.47
CA GLU D 329 4.38 -86.12 -5.81
C GLU D 329 5.80 -86.73 -5.85
N LYS D 330 6.76 -86.13 -5.19
CA LYS D 330 8.10 -86.66 -5.08
C LYS D 330 8.23 -88.05 -4.49
N LEU D 331 7.31 -88.46 -3.62
CA LEU D 331 7.31 -89.79 -2.92
C LEU D 331 6.59 -90.85 -3.82
N ALA D 332 5.69 -90.29 -4.67
CA ALA D 332 4.99 -91.05 -5.63
C ALA D 332 5.95 -91.70 -6.59
N ARG D 333 6.67 -90.86 -7.39
CA ARG D 333 7.54 -91.40 -8.38
C ARG D 333 8.89 -91.92 -7.81
N ALA D 334 9.13 -91.88 -6.45
CA ALA D 334 10.30 -92.53 -5.81
C ALA D 334 10.07 -93.94 -5.45
N THR D 335 8.83 -94.24 -5.11
CA THR D 335 8.47 -95.53 -4.56
C THR D 335 7.43 -96.22 -5.39
N GLY D 336 6.98 -95.63 -6.49
CA GLY D 336 6.13 -96.38 -7.41
C GLY D 336 4.65 -96.37 -7.14
N GLY D 337 4.30 -95.55 -6.14
CA GLY D 337 2.95 -95.33 -5.71
C GLY D 337 2.27 -94.26 -6.58
N ARG D 338 1.05 -93.99 -6.27
CA ARG D 338 0.29 -92.87 -6.78
C ARG D 338 -0.74 -92.55 -5.68
N VAL D 339 -1.16 -91.25 -5.60
CA VAL D 339 -2.12 -90.64 -4.65
C VAL D 339 -3.54 -91.13 -5.01
N VAL D 340 -4.24 -91.65 -4.06
CA VAL D 340 -5.63 -92.21 -4.25
C VAL D 340 -6.56 -91.42 -3.44
N SER D 341 -7.80 -91.12 -4.00
CA SER D 341 -8.78 -90.26 -3.33
C SER D 341 -10.07 -91.01 -2.90
N ASN D 342 -10.43 -92.00 -3.70
CA ASN D 342 -11.53 -92.89 -3.50
C ASN D 342 -11.08 -94.05 -2.72
N ILE D 343 -11.31 -94.03 -1.37
CA ILE D 343 -10.88 -95.14 -0.54
C ILE D 343 -11.35 -96.46 -0.93
N ASP D 344 -12.54 -96.48 -1.54
CA ASP D 344 -13.14 -97.75 -2.01
C ASP D 344 -12.61 -98.30 -3.31
N GLU D 345 -11.47 -97.74 -3.89
CA GLU D 345 -10.86 -98.22 -5.06
C GLU D 345 -9.36 -98.50 -4.79
N ILE D 346 -8.92 -98.17 -3.56
CA ILE D 346 -7.46 -98.39 -3.19
C ILE D 346 -7.06 -99.86 -3.41
N SER D 347 -5.96 -100.06 -4.13
CA SER D 347 -5.47 -101.36 -4.56
C SER D 347 -3.97 -101.45 -4.25
N GLU D 348 -3.39 -102.68 -4.30
CA GLU D 348 -2.01 -102.89 -3.96
C GLU D 348 -1.11 -102.46 -5.15
N GLN D 349 -1.69 -102.14 -6.33
CA GLN D 349 -1.03 -101.54 -7.43
C GLN D 349 -0.73 -100.06 -7.17
N ASP D 350 -1.55 -99.42 -6.28
CA ASP D 350 -1.31 -98.06 -5.89
C ASP D 350 -0.29 -97.88 -4.90
N LEU D 351 -0.08 -98.91 -4.12
CA LEU D 351 0.90 -98.80 -3.09
C LEU D 351 2.32 -98.43 -3.63
N GLY D 352 3.01 -97.65 -2.77
CA GLY D 352 4.42 -97.31 -2.82
C GLY D 352 5.41 -98.23 -2.14
N TYR D 353 6.01 -99.22 -2.92
CA TYR D 353 7.03 -100.13 -2.48
C TYR D 353 8.47 -99.43 -2.22
N ALA D 354 9.00 -99.61 -0.99
CA ALA D 354 10.34 -99.20 -0.59
C ALA D 354 10.98 -99.99 0.47
N SER D 355 12.30 -100.28 0.41
CA SER D 355 13.06 -101.13 1.25
C SER D 355 12.92 -100.84 2.74
N LEU D 356 12.93 -99.57 3.14
CA LEU D 356 12.80 -99.25 4.59
C LEU D 356 12.28 -97.83 4.68
N ILE D 357 11.28 -97.70 5.51
CA ILE D 357 10.73 -96.42 5.86
C ILE D 357 11.02 -96.23 7.35
N GLU D 358 11.33 -94.97 7.78
CA GLU D 358 11.58 -94.68 9.12
C GLU D 358 11.13 -93.27 9.47
N GLU D 359 11.13 -92.80 10.75
CA GLU D 359 10.93 -91.41 11.15
C GLU D 359 12.19 -91.09 12.01
N ARG D 360 13.07 -90.14 11.62
CA ARG D 360 14.30 -89.80 12.24
C ARG D 360 14.26 -88.34 12.75
N LYS D 361 14.97 -88.19 13.86
CA LYS D 361 15.19 -86.90 14.37
C LYS D 361 16.62 -86.55 14.05
N VAL D 362 16.77 -85.35 13.44
CA VAL D 362 18.01 -84.78 13.10
C VAL D 362 18.11 -83.41 13.63
N GLY D 363 18.62 -83.36 14.88
CA GLY D 363 18.86 -82.10 15.56
C GLY D 363 17.64 -81.43 16.25
N GLU D 364 17.32 -80.11 15.89
CA GLU D 364 16.18 -79.36 16.47
C GLU D 364 14.80 -79.90 16.01
N ASP D 365 14.68 -80.57 14.83
CA ASP D 365 13.45 -81.09 14.33
C ASP D 365 13.57 -82.54 13.80
N LYS D 366 12.42 -83.22 13.61
CA LYS D 366 12.23 -84.55 13.02
C LYS D 366 11.44 -84.64 11.81
N MET D 367 11.64 -85.75 11.05
CA MET D 367 10.93 -85.95 9.83
C MET D 367 11.06 -87.45 9.33
N VAL D 368 10.31 -87.82 8.33
CA VAL D 368 10.23 -89.21 7.84
C VAL D 368 11.14 -89.47 6.70
N PHE D 369 11.91 -90.60 6.70
CA PHE D 369 12.88 -90.86 5.67
C PHE D 369 12.41 -92.14 4.90
N VAL D 370 12.78 -92.26 3.60
CA VAL D 370 12.36 -93.34 2.76
C VAL D 370 13.66 -93.84 2.07
N GLU D 371 14.63 -94.40 2.83
CA GLU D 371 15.83 -94.90 2.21
C GLU D 371 15.67 -96.19 1.42
N GLY D 372 16.53 -96.41 0.36
CA GLY D 372 16.45 -97.60 -0.45
C GLY D 372 15.20 -97.72 -1.33
N ALA D 373 14.70 -96.56 -1.79
CA ALA D 373 13.44 -96.46 -2.55
C ALA D 373 13.63 -97.00 -3.94
N LYS D 374 12.57 -97.23 -4.68
CA LYS D 374 12.66 -97.86 -6.08
C LYS D 374 13.52 -97.14 -7.06
N ASN D 375 13.27 -95.82 -7.22
CA ASN D 375 14.06 -94.94 -8.07
C ASN D 375 15.45 -94.65 -7.64
N PRO D 376 16.51 -94.88 -8.44
CA PRO D 376 17.89 -94.60 -8.03
C PRO D 376 18.22 -93.16 -8.16
N LYS D 377 17.39 -92.43 -8.91
CA LYS D 377 17.71 -91.03 -9.09
C LYS D 377 17.17 -90.15 -7.95
N SER D 378 15.91 -90.47 -7.48
CA SER D 378 15.19 -89.72 -6.42
C SER D 378 15.94 -89.52 -5.06
N ILE D 379 16.41 -88.28 -4.70
CA ILE D 379 17.20 -88.06 -3.44
C ILE D 379 16.53 -86.88 -2.71
N SER D 380 16.99 -86.59 -1.53
CA SER D 380 16.52 -85.45 -0.79
C SER D 380 17.66 -84.72 -0.15
N ILE D 381 17.49 -83.38 0.21
CA ILE D 381 18.52 -82.58 0.85
C ILE D 381 17.94 -82.17 2.23
N LEU D 382 18.75 -82.10 3.32
CA LEU D 382 18.24 -81.64 4.60
C LEU D 382 18.95 -80.32 4.97
N ILE D 383 18.30 -79.20 4.99
CA ILE D 383 18.80 -77.95 5.27
C ILE D 383 18.64 -77.75 6.71
N ARG D 384 19.66 -77.19 7.43
CA ARG D 384 19.73 -76.82 8.82
C ARG D 384 20.70 -75.64 8.72
N GLY D 385 20.60 -74.62 9.55
CA GLY D 385 21.49 -73.45 9.44
C GLY D 385 20.84 -72.05 9.80
N GLY D 386 20.75 -71.92 11.13
CA GLY D 386 20.27 -70.68 11.81
C GLY D 386 18.73 -70.44 11.84
N LEU D 387 18.37 -69.21 12.23
CA LEU D 387 16.99 -68.88 12.33
C LEU D 387 16.08 -69.01 11.15
N GLU D 388 14.74 -68.97 11.33
CA GLU D 388 13.68 -69.23 10.38
C GLU D 388 13.74 -68.51 9.02
N ARG D 389 14.43 -67.37 8.88
CA ARG D 389 14.44 -66.65 7.65
C ARG D 389 15.82 -66.83 7.11
N LEU D 390 16.86 -66.98 7.98
CA LEU D 390 18.17 -67.26 7.53
C LEU D 390 18.35 -68.59 6.78
N VAL D 391 17.66 -69.63 7.33
CA VAL D 391 17.58 -70.94 6.70
C VAL D 391 16.80 -70.98 5.35
N ASP D 392 15.68 -70.22 5.20
CA ASP D 392 14.74 -69.98 4.15
C ASP D 392 15.58 -69.51 2.88
N GLU D 393 16.49 -68.51 3.03
CA GLU D 393 17.33 -68.08 1.92
C GLU D 393 18.40 -69.06 1.51
N THR D 394 18.68 -70.04 2.46
CA THR D 394 19.67 -71.14 2.24
C THR D 394 19.11 -72.14 1.23
N GLU D 395 17.78 -72.26 1.12
CA GLU D 395 17.11 -73.05 0.09
C GLU D 395 17.19 -72.35 -1.29
N ARG D 396 17.16 -71.02 -1.35
CA ARG D 396 17.37 -70.35 -2.58
C ARG D 396 18.74 -70.55 -3.15
N ALA D 397 19.73 -70.28 -2.34
CA ALA D 397 21.09 -70.59 -2.60
C ALA D 397 21.35 -72.04 -3.06
N LEU D 398 20.67 -73.00 -2.42
CA LEU D 398 20.70 -74.41 -2.83
C LEU D 398 20.07 -74.79 -4.22
N ARG D 399 18.95 -74.12 -4.49
CA ARG D 399 18.30 -74.17 -5.77
C ARG D 399 19.05 -73.71 -6.97
N ASP D 400 19.63 -72.51 -6.82
CA ASP D 400 20.48 -71.93 -7.78
C ASP D 400 21.74 -72.71 -7.99
N ALA D 401 22.41 -73.20 -6.95
CA ALA D 401 23.56 -74.04 -6.94
C ALA D 401 23.39 -75.29 -7.72
N LEU D 402 22.20 -75.96 -7.44
CA LEU D 402 21.77 -77.15 -8.18
C LEU D 402 21.60 -76.81 -9.63
N GLY D 403 20.74 -75.79 -9.98
CA GLY D 403 20.59 -75.33 -11.28
C GLY D 403 21.84 -75.12 -12.10
N THR D 404 22.76 -74.28 -11.69
CA THR D 404 23.98 -73.94 -12.20
C THR D 404 24.92 -75.17 -12.51
N VAL D 405 25.16 -76.14 -11.60
CA VAL D 405 25.78 -77.38 -11.92
C VAL D 405 25.05 -78.21 -13.03
N ALA D 406 23.71 -78.31 -12.98
CA ALA D 406 23.00 -79.07 -13.90
C ALA D 406 23.01 -78.55 -15.35
N ASP D 407 23.00 -77.23 -15.43
CA ASP D 407 22.94 -76.56 -16.80
C ASP D 407 24.24 -76.80 -17.47
N VAL D 408 25.40 -76.88 -16.76
CA VAL D 408 26.75 -77.19 -17.25
C VAL D 408 26.81 -78.55 -17.80
N ILE D 409 26.13 -79.52 -17.12
CA ILE D 409 26.04 -80.90 -17.51
C ILE D 409 25.12 -81.01 -18.77
N LYS D 410 23.92 -80.39 -18.71
CA LYS D 410 22.95 -80.33 -19.84
C LYS D 410 23.49 -79.72 -21.15
N ASP D 411 24.46 -78.73 -21.07
CA ASP D 411 25.12 -78.07 -22.16
C ASP D 411 26.45 -78.68 -22.44
N GLY D 412 27.51 -78.45 -21.56
CA GLY D 412 28.81 -79.02 -21.74
C GLY D 412 29.91 -78.00 -21.82
N ARG D 413 29.61 -76.69 -21.61
CA ARG D 413 30.70 -75.68 -21.80
C ARG D 413 30.84 -74.87 -20.56
N ALA D 414 32.08 -74.54 -20.04
CA ALA D 414 32.24 -73.80 -18.82
C ALA D 414 33.54 -72.99 -18.90
N ILE D 415 33.49 -71.65 -18.52
CA ILE D 415 34.52 -70.63 -18.70
C ILE D 415 34.84 -70.19 -17.33
N ALA D 416 35.98 -69.50 -17.21
CA ALA D 416 36.54 -68.84 -16.03
C ALA D 416 35.94 -67.50 -15.67
N GLY D 417 35.51 -67.25 -14.45
CA GLY D 417 34.85 -65.98 -14.12
C GLY D 417 35.89 -64.94 -13.74
N GLY D 418 35.52 -64.00 -12.83
CA GLY D 418 36.52 -63.01 -12.38
C GLY D 418 36.95 -61.96 -13.35
N GLY D 419 36.23 -61.76 -14.44
CA GLY D 419 36.42 -60.92 -15.64
C GLY D 419 37.13 -61.54 -16.93
N ALA D 420 37.66 -62.77 -16.81
CA ALA D 420 38.58 -63.38 -17.74
C ALA D 420 38.08 -63.39 -19.24
N VAL D 421 36.88 -63.98 -19.50
CA VAL D 421 36.34 -63.96 -20.85
C VAL D 421 36.03 -62.57 -21.38
N GLU D 422 35.73 -61.61 -20.52
CA GLU D 422 35.50 -60.23 -20.84
C GLU D 422 36.75 -59.50 -21.45
N ILE D 423 37.85 -59.39 -20.64
CA ILE D 423 39.11 -58.89 -21.19
C ILE D 423 39.60 -59.63 -22.55
N GLU D 424 39.32 -60.90 -22.85
CA GLU D 424 39.54 -61.49 -24.13
C GLU D 424 38.70 -60.92 -25.25
N ILE D 425 37.32 -60.93 -24.99
CA ILE D 425 36.33 -60.30 -25.86
C ILE D 425 36.49 -58.79 -26.11
N ALA D 426 37.14 -58.10 -25.21
CA ALA D 426 37.56 -56.73 -25.22
C ALA D 426 38.81 -56.64 -26.12
N LYS D 427 39.93 -57.14 -25.78
CA LYS D 427 41.11 -57.22 -26.56
C LYS D 427 40.80 -57.61 -28.08
N LYS D 428 40.12 -58.78 -28.28
CA LYS D 428 39.85 -59.40 -29.58
C LYS D 428 39.08 -58.49 -30.49
N LEU D 429 38.15 -57.67 -29.90
CA LEU D 429 37.31 -56.68 -30.60
C LEU D 429 38.14 -55.44 -30.97
N ARG D 430 39.02 -55.03 -30.07
CA ARG D 430 39.82 -53.90 -30.33
C ARG D 430 40.76 -54.06 -31.53
N LYS D 431 41.43 -55.26 -31.71
CA LYS D 431 42.32 -55.65 -32.77
C LYS D 431 41.56 -55.80 -34.18
N TYR D 432 40.26 -56.20 -34.05
CA TYR D 432 39.25 -56.34 -35.09
C TYR D 432 38.78 -55.06 -35.59
N ALA D 433 38.30 -54.16 -34.71
CA ALA D 433 37.70 -52.82 -34.95
C ALA D 433 38.18 -52.12 -36.24
N PRO D 434 39.55 -51.83 -36.48
CA PRO D 434 40.21 -51.39 -37.73
C PRO D 434 39.70 -52.00 -39.05
N GLN D 435 39.37 -53.31 -39.08
CA GLN D 435 38.97 -54.07 -40.26
C GLN D 435 37.45 -54.00 -40.52
N VAL D 436 36.69 -53.55 -39.46
CA VAL D 436 35.25 -53.33 -39.60
C VAL D 436 34.86 -52.23 -40.61
N GLY D 437 35.64 -51.11 -40.54
CA GLY D 437 35.40 -49.99 -41.44
C GLY D 437 35.62 -48.70 -40.64
N GLY D 438 35.15 -47.55 -41.28
CA GLY D 438 35.16 -46.22 -40.71
C GLY D 438 34.39 -45.88 -39.46
N LYS D 439 33.11 -45.44 -39.45
CA LYS D 439 32.33 -45.07 -38.32
C LYS D 439 32.06 -46.20 -37.37
N GLU D 440 31.70 -47.37 -37.94
CA GLU D 440 31.48 -48.64 -37.27
C GLU D 440 32.49 -49.10 -36.25
N GLN D 441 33.74 -48.71 -36.50
CA GLN D 441 34.91 -48.89 -35.67
C GLN D 441 34.81 -48.35 -34.24
N LEU D 442 34.44 -47.03 -34.13
CA LEU D 442 34.12 -46.31 -32.92
C LEU D 442 33.05 -47.04 -32.17
N ALA D 443 31.97 -47.63 -32.86
CA ALA D 443 30.90 -48.48 -32.25
C ALA D 443 31.54 -49.70 -31.49
N VAL D 444 32.43 -50.44 -32.24
CA VAL D 444 33.06 -51.66 -31.72
C VAL D 444 33.94 -51.28 -30.54
N GLU D 445 34.82 -50.24 -30.62
CA GLU D 445 35.70 -49.69 -29.49
C GLU D 445 34.97 -49.30 -28.21
N ALA D 446 33.81 -48.73 -28.35
CA ALA D 446 32.81 -48.34 -27.40
C ALA D 446 32.27 -49.53 -26.73
N TYR D 447 31.76 -50.54 -27.50
CA TYR D 447 31.36 -51.87 -26.97
C TYR D 447 32.37 -52.57 -26.11
N ALA D 448 33.64 -52.49 -26.54
CA ALA D 448 34.87 -53.04 -25.95
C ALA D 448 35.20 -52.34 -24.67
N ASN D 449 35.20 -50.97 -24.64
CA ASN D 449 35.40 -50.09 -23.46
C ASN D 449 34.36 -50.40 -22.41
N ALA D 450 33.08 -50.50 -22.86
CA ALA D 450 32.03 -51.06 -21.99
C ALA D 450 32.30 -52.45 -21.35
N LEU D 451 32.90 -53.41 -22.07
CA LEU D 451 33.28 -54.72 -21.50
C LEU D 451 34.35 -54.70 -20.42
N GLU D 452 35.37 -53.87 -20.58
CA GLU D 452 36.29 -53.69 -19.59
C GLU D 452 35.74 -52.92 -18.40
N SER D 453 34.87 -51.94 -18.69
CA SER D 453 34.07 -51.26 -17.64
C SER D 453 33.29 -52.07 -16.72
N LEU D 454 32.65 -53.15 -17.17
CA LEU D 454 31.91 -54.19 -16.44
C LEU D 454 32.62 -54.90 -15.31
N VAL D 455 33.81 -55.34 -15.67
CA VAL D 455 34.81 -55.86 -14.75
C VAL D 455 35.49 -54.76 -13.87
N SER D 456 35.59 -53.55 -14.35
CA SER D 456 36.06 -52.40 -13.54
C SER D 456 35.12 -52.18 -12.41
N ILE D 457 33.78 -52.13 -12.56
CA ILE D 457 32.68 -52.14 -11.57
C ILE D 457 32.85 -53.21 -10.51
N LEU D 458 33.17 -54.51 -10.88
CA LEU D 458 33.41 -55.62 -9.92
C LEU D 458 34.64 -55.36 -9.05
N ILE D 459 35.74 -54.93 -9.72
CA ILE D 459 36.92 -54.51 -9.04
C ILE D 459 36.69 -53.23 -8.13
N GLU D 460 36.14 -52.14 -8.62
CA GLU D 460 35.70 -50.99 -7.80
C GLU D 460 35.01 -51.34 -6.41
N ASN D 461 33.92 -52.14 -6.51
CA ASN D 461 33.17 -52.70 -5.36
C ASN D 461 34.08 -53.52 -4.45
N ALA D 462 35.34 -53.96 -4.82
CA ALA D 462 36.14 -54.66 -3.88
C ALA D 462 36.88 -53.70 -3.04
N GLY D 463 37.10 -52.43 -3.50
CA GLY D 463 37.77 -51.40 -2.68
C GLY D 463 39.15 -51.07 -3.22
N PHE D 464 39.52 -51.80 -4.30
CA PHE D 464 40.81 -51.60 -5.00
C PHE D 464 40.68 -50.48 -6.03
N ASP D 465 41.78 -49.95 -6.69
CA ASP D 465 41.73 -49.01 -7.80
C ASP D 465 41.36 -49.73 -9.14
N PRO D 466 40.20 -49.46 -9.82
CA PRO D 466 39.93 -50.23 -11.07
C PRO D 466 40.83 -50.36 -12.21
N ILE D 467 41.34 -49.22 -12.67
CA ILE D 467 42.20 -49.15 -13.82
C ILE D 467 43.57 -49.93 -13.62
N ASP D 468 44.22 -49.79 -12.43
CA ASP D 468 45.48 -50.43 -12.02
C ASP D 468 45.44 -51.92 -12.29
N LEU D 469 44.44 -52.56 -11.74
CA LEU D 469 44.19 -53.89 -11.98
C LEU D 469 43.77 -54.18 -13.42
N LEU D 470 42.95 -53.38 -14.11
CA LEU D 470 42.54 -53.56 -15.51
C LEU D 470 43.73 -53.63 -16.44
N MET D 471 44.68 -52.72 -16.23
CA MET D 471 45.95 -52.65 -16.90
C MET D 471 46.81 -53.80 -16.58
N LYS D 472 46.94 -54.15 -15.26
CA LYS D 472 47.66 -55.34 -14.78
C LYS D 472 47.13 -56.64 -15.43
N LEU D 473 45.87 -56.61 -15.84
CA LEU D 473 45.20 -57.68 -16.65
C LEU D 473 45.55 -57.56 -18.11
N ARG D 474 45.36 -56.39 -18.76
CA ARG D 474 45.63 -56.23 -20.15
C ARG D 474 47.08 -56.46 -20.46
N SER D 475 48.00 -56.54 -19.38
CA SER D 475 49.40 -56.89 -19.58
C SER D 475 49.64 -58.40 -19.46
N THR D 476 49.06 -59.01 -18.37
CA THR D 476 49.15 -60.42 -18.00
C THR D 476 48.28 -61.23 -18.91
N HIS D 477 47.70 -60.66 -20.02
CA HIS D 477 46.96 -61.52 -20.95
C HIS D 477 47.49 -61.45 -22.28
N GLU D 478 48.70 -60.85 -22.31
CA GLU D 478 49.35 -60.81 -23.60
C GLU D 478 49.65 -62.23 -24.20
N ASN D 479 49.86 -63.32 -23.39
CA ASN D 479 50.10 -64.63 -23.94
C ASN D 479 48.80 -65.34 -24.13
N GLU D 480 48.80 -66.45 -24.87
CA GLU D 480 47.54 -67.15 -25.08
C GLU D 480 47.11 -68.13 -23.91
N ASN D 481 48.01 -68.51 -23.01
CA ASN D 481 47.73 -69.34 -21.84
C ASN D 481 47.30 -68.53 -20.58
N ASN D 482 46.95 -67.23 -20.75
CA ASN D 482 46.50 -66.46 -19.65
C ASN D 482 45.03 -66.10 -19.84
N LYS D 483 44.27 -66.85 -20.74
CA LYS D 483 42.86 -66.55 -21.00
C LYS D 483 41.97 -66.59 -19.81
N TRP D 484 42.30 -67.43 -18.90
CA TRP D 484 41.48 -67.62 -17.69
C TRP D 484 41.88 -66.74 -16.47
N TYR D 485 42.77 -65.77 -16.70
CA TYR D 485 43.15 -64.81 -15.64
C TYR D 485 42.16 -63.65 -15.41
N GLY D 486 41.85 -63.33 -14.18
CA GLY D 486 40.90 -62.31 -13.79
C GLY D 486 41.43 -61.64 -12.53
N ILE D 487 40.65 -60.98 -11.64
CA ILE D 487 41.13 -60.39 -10.41
C ILE D 487 40.36 -61.02 -9.26
N ASP D 488 41.06 -61.90 -8.44
CA ASP D 488 40.56 -62.38 -7.16
C ASP D 488 40.41 -61.13 -6.23
N LEU D 489 39.14 -60.76 -5.92
CA LEU D 489 38.77 -59.64 -5.17
C LEU D 489 39.34 -59.78 -3.70
N TYR D 490 39.39 -61.08 -3.30
CA TYR D 490 40.04 -61.43 -2.00
C TYR D 490 41.57 -61.12 -1.94
N ALA D 491 42.31 -61.56 -2.95
CA ALA D 491 43.72 -61.20 -3.10
C ALA D 491 44.08 -59.83 -3.61
N GLY D 492 43.32 -59.20 -4.53
CA GLY D 492 43.54 -57.81 -5.06
C GLY D 492 44.69 -57.70 -6.06
N GLN D 493 44.72 -58.63 -6.99
CA GLN D 493 45.82 -58.88 -7.88
C GLN D 493 45.53 -59.98 -8.90
N PRO D 494 46.02 -59.85 -10.14
CA PRO D 494 45.65 -60.75 -11.21
C PRO D 494 45.97 -62.24 -11.01
N VAL D 495 45.03 -63.12 -11.16
CA VAL D 495 45.30 -64.50 -10.87
C VAL D 495 44.53 -65.32 -11.84
N ASP D 496 44.86 -66.61 -12.06
CA ASP D 496 44.13 -67.57 -12.89
C ASP D 496 42.93 -68.02 -12.09
N MET D 497 41.73 -67.56 -12.52
CA MET D 497 40.47 -67.83 -11.78
C MET D 497 39.96 -69.29 -11.86
N TRP D 498 40.25 -69.89 -13.04
CA TRP D 498 40.08 -71.34 -13.26
C TRP D 498 40.79 -72.10 -12.07
N GLN D 499 42.13 -71.83 -11.93
CA GLN D 499 43.06 -72.32 -10.94
C GLN D 499 42.87 -71.63 -9.55
N LYS D 500 41.61 -71.30 -9.17
CA LYS D 500 41.27 -70.76 -7.98
C LYS D 500 39.85 -71.22 -7.80
N GLY D 501 39.28 -72.16 -8.60
CA GLY D 501 37.98 -72.74 -8.48
C GLY D 501 36.87 -71.83 -8.88
N VAL D 502 37.02 -70.72 -9.58
CA VAL D 502 35.97 -69.79 -9.99
C VAL D 502 35.68 -69.93 -11.47
N ILE D 503 34.81 -70.91 -11.77
CA ILE D 503 34.51 -71.29 -13.12
C ILE D 503 33.02 -71.16 -13.12
N GLU D 504 32.38 -70.95 -14.24
CA GLU D 504 30.98 -70.76 -14.47
C GLU D 504 30.34 -71.26 -15.76
N PRO D 505 29.04 -71.56 -15.84
CA PRO D 505 28.30 -72.01 -17.03
C PRO D 505 28.50 -71.08 -18.30
N ALA D 506 29.24 -71.55 -19.40
CA ALA D 506 29.50 -70.77 -20.54
C ALA D 506 28.38 -70.08 -21.28
N LEU D 507 27.21 -70.75 -21.25
CA LEU D 507 26.14 -70.43 -22.11
C LEU D 507 25.29 -69.43 -21.37
N VAL D 508 25.16 -69.50 -20.11
CA VAL D 508 24.41 -68.52 -19.40
C VAL D 508 24.90 -67.01 -19.54
N LYS D 509 26.23 -66.91 -19.34
CA LYS D 509 26.93 -65.63 -19.59
C LYS D 509 27.26 -65.33 -21.03
N MET D 510 26.63 -66.07 -21.95
CA MET D 510 26.76 -65.84 -23.35
C MET D 510 25.43 -65.32 -23.82
N ASN D 511 24.31 -65.95 -23.33
CA ASN D 511 23.00 -65.38 -23.50
C ASN D 511 22.76 -64.11 -22.69
N ALA D 512 23.47 -63.85 -21.64
CA ALA D 512 23.43 -62.57 -20.92
C ALA D 512 23.82 -61.39 -21.82
N ILE D 513 25.00 -61.53 -22.55
CA ILE D 513 25.47 -60.58 -23.57
C ILE D 513 24.39 -60.37 -24.67
N LYS D 514 23.81 -61.43 -25.15
CA LYS D 514 22.78 -61.41 -26.14
C LYS D 514 21.53 -60.65 -25.76
N ALA D 515 21.11 -60.86 -24.48
CA ALA D 515 20.05 -60.08 -23.80
C ALA D 515 20.38 -58.56 -23.73
N ALA D 516 21.50 -58.19 -23.05
CA ALA D 516 22.03 -56.85 -22.94
C ALA D 516 22.10 -56.01 -24.24
N THR D 517 22.72 -56.64 -25.31
CA THR D 517 22.76 -56.03 -26.65
C THR D 517 21.52 -55.85 -27.32
N GLU D 518 20.60 -56.80 -27.14
CA GLU D 518 19.22 -56.67 -27.67
C GLU D 518 18.52 -55.40 -27.19
N ALA D 519 18.44 -55.34 -25.84
CA ALA D 519 17.90 -54.20 -25.06
C ALA D 519 18.57 -52.94 -25.30
N ALA D 520 19.95 -52.92 -25.16
CA ALA D 520 20.79 -51.79 -25.49
C ALA D 520 20.58 -51.16 -26.87
N THR D 521 20.68 -51.88 -27.99
CA THR D 521 20.44 -51.40 -29.31
C THR D 521 18.99 -51.00 -29.48
N LEU D 522 18.02 -51.59 -28.77
CA LEU D 522 16.58 -51.34 -28.85
C LEU D 522 16.36 -49.92 -28.32
N VAL D 523 17.03 -49.44 -27.24
CA VAL D 523 16.92 -48.04 -26.70
C VAL D 523 17.46 -47.05 -27.71
N LEU D 524 18.60 -47.33 -28.45
CA LEU D 524 19.16 -46.57 -29.56
C LEU D 524 18.32 -46.51 -30.82
N ARG D 525 17.54 -47.48 -31.05
CA ARG D 525 16.61 -47.57 -32.12
C ARG D 525 15.37 -46.61 -32.06
N ILE D 526 14.95 -46.32 -30.83
CA ILE D 526 13.86 -45.44 -30.62
C ILE D 526 14.21 -43.97 -31.01
N ASP D 527 13.60 -43.33 -32.02
CA ASP D 527 13.84 -41.93 -32.42
C ASP D 527 13.00 -40.96 -31.69
N ASP D 528 11.85 -41.41 -31.15
CA ASP D 528 11.04 -40.51 -30.48
C ASP D 528 10.07 -41.26 -29.53
N VAL D 529 9.51 -40.56 -28.58
CA VAL D 529 8.52 -41.11 -27.60
C VAL D 529 7.34 -40.19 -27.59
N VAL D 530 6.30 -40.67 -28.23
CA VAL D 530 5.02 -39.98 -28.40
C VAL D 530 4.12 -40.57 -27.32
N SER D 531 3.29 -39.77 -26.72
CA SER D 531 2.49 -40.13 -25.58
C SER D 531 1.13 -39.47 -25.72
N ALA D 532 0.07 -40.25 -25.54
CA ALA D 532 -1.27 -39.90 -25.69
C ALA D 532 -1.91 -39.56 -24.36
N GLY E 28 -7.91 -17.08 -48.47
CA GLY E 28 -6.60 -16.33 -48.34
C GLY E 28 -5.73 -16.73 -47.19
N LYS E 29 -4.54 -16.09 -47.07
CA LYS E 29 -3.50 -16.53 -46.17
C LYS E 29 -3.83 -16.88 -44.79
N GLU E 30 -4.83 -16.24 -44.15
CA GLU E 30 -5.33 -16.63 -42.87
C GLU E 30 -5.32 -18.18 -42.45
N ALA E 31 -6.31 -18.95 -42.92
CA ALA E 31 -6.57 -20.33 -42.51
C ALA E 31 -5.68 -21.22 -43.30
N VAL E 32 -5.52 -20.95 -44.60
CA VAL E 32 -4.65 -21.67 -45.47
C VAL E 32 -3.22 -21.94 -44.90
N ARG E 33 -2.64 -21.09 -44.05
CA ARG E 33 -1.29 -21.30 -43.41
C ARG E 33 -1.38 -22.52 -42.47
N ALA E 34 -2.49 -22.58 -41.68
CA ALA E 34 -2.81 -23.69 -40.75
C ALA E 34 -2.79 -25.05 -41.47
N ASN E 35 -3.55 -25.09 -42.56
CA ASN E 35 -3.73 -26.24 -43.42
C ASN E 35 -2.32 -26.68 -43.81
N ILE E 36 -1.48 -25.75 -44.31
CA ILE E 36 -0.10 -25.98 -44.71
C ILE E 36 0.74 -26.62 -43.59
N ALA E 37 0.80 -25.89 -42.39
CA ALA E 37 1.39 -26.22 -41.10
C ALA E 37 1.04 -27.65 -40.76
N ALA E 38 -0.26 -27.96 -40.67
CA ALA E 38 -0.87 -29.22 -40.37
C ALA E 38 -0.40 -30.39 -41.31
N VAL E 39 -0.36 -30.14 -42.64
CA VAL E 39 0.24 -31.03 -43.55
C VAL E 39 1.70 -31.27 -43.29
N LYS E 40 2.57 -30.28 -43.21
CA LYS E 40 3.94 -30.46 -42.81
C LYS E 40 4.14 -31.24 -41.52
N ALA E 41 3.35 -31.05 -40.51
CA ALA E 41 3.32 -31.62 -39.18
C ALA E 41 3.21 -33.13 -39.23
N VAL E 42 2.26 -33.58 -40.06
CA VAL E 42 2.06 -34.98 -40.39
C VAL E 42 3.24 -35.63 -41.04
N GLU E 43 3.80 -34.94 -42.01
CA GLU E 43 4.99 -35.36 -42.70
C GLU E 43 6.14 -35.56 -41.69
N GLU E 44 6.37 -34.58 -40.80
CA GLU E 44 7.31 -34.56 -39.70
C GLU E 44 7.08 -35.67 -38.65
N ALA E 45 6.01 -36.46 -38.75
CA ALA E 45 5.82 -37.50 -37.85
C ALA E 45 6.40 -38.81 -38.41
N LEU E 46 6.67 -38.91 -39.75
CA LEU E 46 7.13 -40.12 -40.42
C LEU E 46 8.57 -39.93 -40.93
N LYS E 47 8.96 -38.61 -41.18
CA LYS E 47 10.25 -38.17 -41.75
C LYS E 47 11.51 -39.01 -41.45
N SER E 48 11.83 -39.32 -40.21
CA SER E 48 12.85 -40.30 -39.82
C SER E 48 12.63 -41.82 -39.98
N THR E 49 11.48 -42.22 -40.67
CA THR E 49 11.13 -43.65 -40.66
C THR E 49 10.99 -44.13 -42.13
N TYR E 50 11.29 -43.31 -43.12
CA TYR E 50 11.22 -43.67 -44.51
C TYR E 50 12.27 -44.68 -44.93
N GLY E 51 11.97 -45.50 -45.90
CA GLY E 51 12.83 -46.53 -46.45
C GLY E 51 13.22 -47.64 -45.45
N PRO E 52 14.02 -48.57 -45.90
CA PRO E 52 14.45 -49.68 -45.08
C PRO E 52 15.46 -49.32 -44.04
N ARG E 53 15.96 -48.09 -43.95
CA ARG E 53 16.86 -47.73 -42.82
C ARG E 53 16.28 -46.78 -41.82
N GLY E 54 14.98 -46.66 -41.92
CA GLY E 54 14.24 -45.87 -40.97
C GLY E 54 14.25 -46.31 -39.54
N MET E 55 14.03 -45.33 -38.63
CA MET E 55 14.10 -45.55 -37.15
C MET E 55 12.73 -45.75 -36.57
N ASP E 56 12.65 -46.30 -35.33
CA ASP E 56 11.43 -46.66 -34.66
C ASP E 56 10.94 -45.53 -33.78
N LYS E 57 9.66 -45.49 -33.59
CA LYS E 57 8.90 -44.60 -32.84
C LYS E 57 8.41 -45.45 -31.62
N MET E 58 8.29 -44.85 -30.43
CA MET E 58 7.64 -45.46 -29.25
C MET E 58 6.37 -44.72 -29.07
N LEU E 59 5.23 -45.36 -28.75
CA LEU E 59 3.97 -44.70 -28.55
C LEU E 59 3.34 -45.16 -27.24
N VAL E 60 3.12 -44.18 -26.23
CA VAL E 60 2.62 -44.51 -24.83
C VAL E 60 1.21 -44.13 -24.56
N ASP E 61 0.29 -45.13 -24.42
CA ASP E 61 -1.07 -44.79 -24.03
C ASP E 61 -1.38 -44.50 -22.61
N SER E 62 -2.53 -43.95 -22.45
CA SER E 62 -2.95 -43.43 -21.12
C SER E 62 -3.09 -44.38 -19.93
N LEU E 63 -3.03 -45.67 -20.20
CA LEU E 63 -3.03 -46.81 -19.18
C LEU E 63 -1.70 -47.61 -19.11
N GLY E 64 -0.62 -47.06 -19.69
CA GLY E 64 0.68 -47.70 -19.73
C GLY E 64 1.08 -48.52 -20.95
N ASP E 65 0.24 -48.75 -21.94
CA ASP E 65 0.44 -49.60 -23.04
C ASP E 65 1.43 -48.96 -24.02
N ILE E 66 2.50 -49.73 -24.30
CA ILE E 66 3.61 -49.19 -25.09
C ILE E 66 3.66 -49.81 -26.47
N THR E 67 3.92 -49.04 -27.54
CA THR E 67 3.92 -49.72 -28.87
C THR E 67 5.10 -49.15 -29.55
N ILE E 68 6.06 -50.00 -29.86
CA ILE E 68 7.19 -49.54 -30.64
C ILE E 68 7.01 -50.07 -32.06
N THR E 69 7.07 -49.21 -33.05
CA THR E 69 6.84 -49.62 -34.43
C THR E 69 7.47 -48.58 -35.32
N ASN E 70 7.44 -48.75 -36.68
CA ASN E 70 7.77 -47.66 -37.59
C ASN E 70 6.85 -47.72 -38.81
N ASP E 71 5.68 -48.36 -38.76
CA ASP E 71 4.69 -48.28 -39.76
C ASP E 71 3.89 -47.04 -39.80
N GLY E 72 3.64 -46.45 -41.01
CA GLY E 72 2.89 -45.25 -41.22
C GLY E 72 1.53 -45.27 -40.69
N ALA E 73 0.61 -46.23 -40.98
CA ALA E 73 -0.69 -46.40 -40.35
C ALA E 73 -0.75 -46.27 -38.87
N THR E 74 -0.02 -47.04 -38.10
CA THR E 74 0.02 -47.08 -36.68
C THR E 74 0.39 -45.72 -36.10
N ILE E 75 1.36 -45.05 -36.63
CA ILE E 75 1.83 -43.74 -36.28
C ILE E 75 0.82 -42.62 -36.64
N LEU E 76 -0.14 -42.86 -37.58
CA LEU E 76 -1.20 -41.92 -37.87
C LEU E 76 -2.56 -42.31 -37.25
N ASP E 77 -2.90 -43.64 -37.12
CA ASP E 77 -4.11 -44.06 -36.42
C ASP E 77 -4.02 -43.67 -34.97
N LYS E 78 -2.87 -43.90 -34.30
CA LYS E 78 -2.85 -43.64 -32.87
C LYS E 78 -2.69 -42.13 -32.57
N MET E 79 -2.50 -41.27 -33.61
CA MET E 79 -2.37 -39.81 -33.43
C MET E 79 -3.64 -39.13 -33.05
N ASP E 80 -3.71 -38.18 -32.07
CA ASP E 80 -4.92 -37.55 -31.62
C ASP E 80 -5.29 -36.32 -32.50
N LEU E 81 -5.24 -36.52 -33.86
CA LEU E 81 -5.60 -35.67 -35.04
C LEU E 81 -6.76 -34.72 -34.80
N GLN E 82 -6.56 -33.40 -35.18
CA GLN E 82 -7.60 -32.41 -34.95
C GLN E 82 -7.99 -31.65 -36.20
N HIS E 83 -7.07 -31.14 -36.94
CA HIS E 83 -7.28 -30.33 -38.14
C HIS E 83 -7.97 -30.96 -39.36
N PRO E 84 -8.95 -30.28 -40.00
CA PRO E 84 -9.67 -30.74 -41.11
C PRO E 84 -8.83 -31.18 -42.28
N ALA E 85 -7.78 -30.32 -42.74
CA ALA E 85 -6.74 -30.62 -43.69
C ALA E 85 -6.06 -31.90 -43.25
N ALA E 86 -5.54 -32.04 -42.01
CA ALA E 86 -4.88 -33.17 -41.48
C ALA E 86 -5.68 -34.43 -41.63
N LYS E 87 -6.95 -34.50 -41.17
CA LYS E 87 -7.86 -35.64 -41.39
C LYS E 87 -8.15 -35.93 -42.95
N LEU E 88 -8.25 -34.89 -43.72
CA LEU E 88 -8.47 -35.02 -45.10
C LEU E 88 -7.33 -35.63 -45.90
N LEU E 89 -6.16 -35.23 -45.46
CA LEU E 89 -4.85 -35.65 -45.89
C LEU E 89 -4.71 -37.05 -45.60
N VAL E 90 -4.78 -37.47 -44.33
CA VAL E 90 -4.47 -38.85 -43.99
C VAL E 90 -5.39 -39.89 -44.68
N GLN E 91 -6.68 -39.58 -44.93
CA GLN E 91 -7.72 -40.37 -45.58
C GLN E 91 -7.40 -40.73 -47.04
N ILE E 92 -6.87 -39.72 -47.82
CA ILE E 92 -6.44 -39.85 -49.19
C ILE E 92 -5.11 -40.54 -49.30
N ALA E 93 -4.15 -40.26 -48.39
CA ALA E 93 -2.87 -40.83 -48.31
C ALA E 93 -2.81 -42.28 -47.98
N LYS E 94 -3.30 -42.61 -46.79
CA LYS E 94 -3.52 -43.93 -46.24
C LYS E 94 -4.47 -44.81 -47.10
N GLY E 95 -5.77 -44.35 -47.27
CA GLY E 95 -6.85 -44.94 -48.06
C GLY E 95 -6.72 -44.80 -49.50
N GLN E 96 -5.53 -45.26 -49.93
CA GLN E 96 -5.22 -45.47 -51.30
C GLN E 96 -5.70 -46.81 -51.73
N ASP E 97 -5.99 -47.05 -53.03
CA ASP E 97 -6.62 -48.34 -53.42
C ASP E 97 -5.87 -49.59 -53.06
N GLU E 98 -4.57 -49.66 -53.45
CA GLU E 98 -3.56 -50.68 -53.18
C GLU E 98 -3.23 -50.92 -51.75
N GLU E 99 -3.07 -52.24 -51.43
CA GLU E 99 -2.69 -52.69 -50.08
C GLU E 99 -1.18 -52.52 -49.91
N THR E 100 -0.79 -51.48 -49.19
CA THR E 100 0.63 -51.10 -49.09
C THR E 100 0.92 -50.26 -47.86
N ALA E 101 2.19 -50.34 -47.47
CA ALA E 101 2.62 -49.69 -46.24
C ALA E 101 3.78 -48.78 -46.40
N ASP E 102 4.71 -49.11 -47.35
CA ASP E 102 5.76 -48.19 -47.73
C ASP E 102 5.20 -47.10 -48.73
N GLY E 103 4.13 -47.45 -49.52
CA GLY E 103 3.48 -46.59 -50.48
C GLY E 103 2.65 -45.55 -49.75
N THR E 104 2.00 -45.90 -48.58
CA THR E 104 1.35 -44.99 -47.77
C THR E 104 2.36 -44.02 -47.06
N LYS E 105 3.55 -44.49 -46.65
CA LYS E 105 4.63 -43.60 -46.12
C LYS E 105 5.16 -42.68 -47.20
N THR E 106 5.25 -43.19 -48.39
CA THR E 106 5.66 -42.36 -49.56
C THR E 106 4.55 -41.32 -49.88
N ALA E 107 3.28 -41.66 -50.09
CA ALA E 107 2.13 -40.85 -50.21
C ALA E 107 2.02 -39.66 -49.23
N VAL E 108 2.25 -39.88 -47.92
CA VAL E 108 2.29 -38.70 -46.96
C VAL E 108 3.51 -37.80 -47.11
N ILE E 109 4.69 -38.35 -47.08
CA ILE E 109 5.92 -37.59 -47.30
C ILE E 109 5.89 -36.75 -48.60
N PHE E 110 5.71 -37.35 -49.80
CA PHE E 110 5.62 -36.68 -51.14
C PHE E 110 4.52 -35.66 -51.13
N SER E 111 3.38 -35.94 -50.51
CA SER E 111 2.29 -34.93 -50.35
C SER E 111 2.78 -33.70 -49.61
N GLY E 112 3.38 -33.90 -48.39
CA GLY E 112 3.88 -32.79 -47.64
C GLY E 112 5.04 -31.98 -48.38
N GLU E 113 5.87 -32.59 -49.21
CA GLU E 113 6.90 -31.96 -50.06
C GLU E 113 6.42 -31.11 -51.14
N LEU E 114 5.36 -31.60 -51.78
CA LEU E 114 4.67 -30.76 -52.75
C LEU E 114 4.09 -29.52 -52.12
N VAL E 115 3.47 -29.61 -50.91
CA VAL E 115 2.99 -28.47 -50.16
C VAL E 115 4.07 -27.49 -49.79
N LYS E 116 5.24 -27.98 -49.30
CA LYS E 116 6.43 -27.15 -49.05
C LYS E 116 6.75 -26.48 -50.38
N LYS E 117 7.10 -27.11 -51.48
CA LYS E 117 7.52 -26.61 -52.74
C LYS E 117 6.44 -25.66 -53.41
N ALA E 118 5.16 -25.82 -53.02
CA ALA E 118 4.06 -24.91 -53.46
C ALA E 118 3.94 -23.67 -52.70
N GLU E 119 4.20 -23.69 -51.42
CA GLU E 119 4.31 -22.56 -50.54
C GLU E 119 5.34 -21.54 -50.95
N ASP E 120 6.52 -22.02 -51.37
CA ASP E 120 7.60 -21.19 -51.90
C ASP E 120 7.18 -20.37 -53.13
N LEU E 121 6.17 -20.82 -53.97
CA LEU E 121 5.55 -20.09 -55.06
C LEU E 121 4.57 -19.11 -54.48
N LEU E 122 3.77 -19.38 -53.44
CA LEU E 122 2.86 -18.43 -52.90
C LEU E 122 3.60 -17.17 -52.34
N TYR E 123 4.82 -17.44 -51.78
CA TYR E 123 5.76 -16.47 -51.27
C TYR E 123 6.24 -15.44 -52.43
N LYS E 124 6.45 -16.04 -53.66
CA LYS E 124 6.78 -15.39 -54.87
C LYS E 124 5.55 -14.75 -55.57
N ASP E 125 4.44 -14.79 -54.92
CA ASP E 125 3.21 -14.20 -55.34
C ASP E 125 2.69 -14.94 -56.57
N VAL E 126 2.81 -16.29 -56.60
CA VAL E 126 2.05 -17.12 -57.64
C VAL E 126 0.63 -17.53 -57.18
N HIS E 127 -0.42 -17.46 -58.04
CA HIS E 127 -1.80 -17.85 -57.80
C HIS E 127 -1.85 -19.35 -57.54
N PRO E 128 -2.52 -19.92 -56.49
CA PRO E 128 -2.57 -21.39 -56.40
C PRO E 128 -3.24 -22.01 -57.55
N THR E 129 -4.12 -21.43 -58.42
CA THR E 129 -4.62 -22.11 -59.59
C THR E 129 -3.61 -22.55 -60.63
N ILE E 130 -2.48 -21.81 -60.79
CA ILE E 130 -1.48 -22.22 -61.77
C ILE E 130 -0.80 -23.49 -61.30
N ILE E 131 -0.43 -23.34 -59.95
CA ILE E 131 0.25 -24.43 -59.24
C ILE E 131 -0.42 -25.83 -59.19
N ILE E 132 -1.74 -25.88 -59.19
CA ILE E 132 -2.62 -27.03 -59.32
C ILE E 132 -2.56 -27.59 -60.70
N SER E 133 -2.78 -26.75 -61.74
CA SER E 133 -2.65 -27.14 -63.13
C SER E 133 -1.22 -27.55 -63.42
N GLY E 134 -0.23 -26.92 -62.91
CA GLY E 134 1.11 -27.30 -62.94
C GLY E 134 1.37 -28.73 -62.42
N TYR E 135 0.95 -28.99 -61.16
CA TYR E 135 1.10 -30.30 -60.50
C TYR E 135 0.43 -31.44 -61.16
N LYS E 136 -0.80 -31.19 -61.62
CA LYS E 136 -1.56 -32.00 -62.51
C LYS E 136 -0.86 -32.46 -63.81
N LYS E 137 -0.38 -31.52 -64.65
CA LYS E 137 0.41 -31.75 -65.88
C LYS E 137 1.70 -32.47 -65.66
N ALA E 138 2.39 -32.18 -64.53
CA ALA E 138 3.58 -32.93 -64.13
C ALA E 138 3.30 -34.30 -63.64
N GLU E 139 2.22 -34.48 -62.87
CA GLU E 139 1.72 -35.69 -62.32
C GLU E 139 1.33 -36.73 -63.44
N GLU E 140 0.56 -36.24 -64.46
CA GLU E 140 0.30 -36.97 -65.71
C GLU E 140 1.57 -37.63 -66.26
N VAL E 141 2.60 -36.81 -66.67
CA VAL E 141 3.87 -37.26 -67.22
C VAL E 141 4.58 -38.20 -66.33
N ALA E 142 4.75 -37.80 -65.01
CA ALA E 142 5.36 -38.58 -64.00
C ALA E 142 4.70 -40.02 -63.94
N LEU E 143 3.40 -40.19 -64.13
CA LEU E 143 2.71 -41.53 -64.10
C LEU E 143 3.10 -42.31 -65.38
N GLN E 144 2.82 -41.76 -66.63
CA GLN E 144 3.09 -42.46 -67.87
C GLN E 144 4.54 -42.88 -68.05
N THR E 145 5.45 -42.10 -67.39
CA THR E 145 6.87 -42.37 -67.37
C THR E 145 7.32 -43.59 -66.59
N ILE E 146 6.35 -44.11 -65.74
CA ILE E 146 6.57 -45.43 -65.16
C ILE E 146 5.97 -46.43 -66.11
N GLN E 147 4.83 -46.23 -66.82
CA GLN E 147 4.30 -47.20 -67.76
C GLN E 147 5.24 -47.62 -68.92
N GLU E 148 5.66 -46.69 -69.80
CA GLU E 148 6.65 -46.92 -70.86
C GLU E 148 8.09 -47.09 -70.31
N LEU E 149 8.25 -47.85 -69.21
CA LEU E 149 9.58 -47.99 -68.67
C LEU E 149 9.71 -49.23 -67.74
N ALA E 150 8.59 -49.61 -67.13
CA ALA E 150 8.43 -50.82 -66.37
C ALA E 150 8.66 -52.09 -67.11
N GLN E 151 9.27 -53.10 -66.43
CA GLN E 151 9.74 -54.29 -67.06
C GLN E 151 8.71 -55.40 -66.76
N THR E 152 8.50 -56.24 -67.72
CA THR E 152 7.56 -57.38 -67.65
C THR E 152 8.05 -58.52 -66.68
N VAL E 153 7.41 -58.70 -65.55
CA VAL E 153 7.80 -59.71 -64.62
C VAL E 153 6.61 -60.73 -64.73
N SER E 154 6.90 -61.96 -64.54
CA SER E 154 5.93 -63.02 -64.74
C SER E 154 6.09 -64.18 -63.77
N ILE E 155 5.27 -65.20 -64.01
CA ILE E 155 5.35 -66.43 -63.22
C ILE E 155 6.71 -67.14 -63.48
N ASN E 156 7.24 -67.04 -64.75
CA ASN E 156 8.54 -67.60 -65.12
C ASN E 156 9.64 -66.94 -64.36
N ASP E 157 9.46 -65.66 -64.00
CA ASP E 157 10.54 -64.95 -63.33
C ASP E 157 10.23 -65.08 -61.84
N THR E 158 10.43 -66.34 -61.42
CA THR E 158 10.12 -66.67 -59.97
C THR E 158 11.24 -66.20 -59.05
N ASP E 159 12.48 -65.99 -59.61
CA ASP E 159 13.66 -65.45 -59.03
C ASP E 159 13.58 -63.96 -58.90
N LEU E 160 12.58 -63.30 -59.58
CA LEU E 160 12.25 -61.95 -59.59
C LEU E 160 11.25 -61.68 -58.49
N LEU E 161 10.18 -62.45 -58.30
CA LEU E 161 9.25 -62.31 -57.21
C LEU E 161 9.91 -62.46 -55.87
N ARG E 162 11.00 -63.30 -55.79
CA ARG E 162 11.93 -63.54 -54.69
C ARG E 162 12.59 -62.18 -54.21
N LYS E 163 12.75 -61.24 -55.11
CA LYS E 163 13.47 -60.02 -54.91
C LYS E 163 12.55 -59.07 -54.27
N ILE E 164 11.45 -58.73 -55.06
CA ILE E 164 10.26 -58.01 -54.63
C ILE E 164 9.75 -58.48 -53.18
N ALA E 165 9.88 -59.79 -52.79
CA ALA E 165 9.56 -60.26 -51.41
C ALA E 165 10.53 -59.66 -50.41
N MET E 166 11.90 -59.68 -50.70
CA MET E 166 12.91 -59.13 -49.81
C MET E 166 12.70 -57.57 -49.64
N THR E 167 12.37 -56.87 -50.78
CA THR E 167 11.90 -55.48 -50.87
C THR E 167 10.63 -55.11 -50.06
N SER E 168 9.93 -56.12 -49.50
CA SER E 168 8.70 -56.03 -48.71
C SER E 168 9.10 -56.28 -47.30
N LEU E 169 9.87 -57.32 -47.03
CA LEU E 169 10.33 -57.79 -45.73
C LEU E 169 11.45 -56.87 -45.15
N SER E 170 12.28 -56.23 -46.02
CA SER E 170 13.26 -55.21 -45.55
C SER E 170 12.78 -53.92 -44.80
N SER E 171 11.51 -53.64 -44.99
CA SER E 171 10.79 -52.57 -44.27
C SER E 171 10.38 -53.08 -42.89
N LYS E 172 10.07 -54.35 -42.80
CA LYS E 172 9.45 -54.90 -41.52
C LYS E 172 10.55 -55.08 -40.38
N ALA E 173 10.02 -55.31 -39.14
CA ALA E 173 10.75 -55.53 -37.89
C ALA E 173 11.79 -56.63 -37.91
N VAL E 174 11.36 -57.79 -38.51
CA VAL E 174 12.15 -59.05 -38.59
C VAL E 174 13.28 -58.98 -39.58
N ALA E 175 14.52 -58.98 -39.19
CA ALA E 175 15.66 -58.91 -40.08
C ALA E 175 16.06 -60.34 -40.32
N GLY E 176 15.67 -61.23 -39.37
CA GLY E 176 15.89 -62.71 -39.55
C GLY E 176 15.57 -63.33 -40.87
N ALA E 177 16.59 -63.95 -41.49
CA ALA E 177 16.39 -64.85 -42.62
C ALA E 177 15.34 -64.55 -43.69
N ARG E 178 15.61 -63.45 -44.46
CA ARG E 178 14.62 -63.04 -45.48
C ARG E 178 14.66 -63.84 -46.71
N GLU E 179 15.75 -64.35 -47.15
CA GLU E 179 15.77 -65.30 -48.22
C GLU E 179 14.92 -66.51 -47.85
N TYR E 180 14.96 -67.01 -46.61
CA TYR E 180 14.12 -68.08 -46.17
C TYR E 180 12.67 -67.77 -46.34
N ILE E 181 12.19 -66.61 -45.80
CA ILE E 181 10.80 -66.19 -45.88
C ILE E 181 10.45 -65.84 -47.26
N ALA E 182 11.27 -65.11 -48.05
CA ALA E 182 11.01 -64.78 -49.43
C ALA E 182 10.73 -66.00 -50.30
N ASP E 183 11.59 -67.01 -50.33
CA ASP E 183 11.38 -68.21 -51.12
C ASP E 183 10.12 -68.94 -50.86
N ILE E 184 9.78 -69.21 -49.56
CA ILE E 184 8.47 -69.76 -49.09
C ILE E 184 7.38 -68.91 -49.76
N VAL E 185 7.35 -67.55 -49.52
CA VAL E 185 6.41 -66.64 -50.12
C VAL E 185 6.10 -66.78 -51.63
N VAL E 186 7.16 -66.90 -52.42
CA VAL E 186 7.00 -67.10 -53.87
C VAL E 186 6.37 -68.41 -54.26
N LYS E 187 6.86 -69.52 -53.80
CA LYS E 187 6.41 -70.88 -54.11
C LYS E 187 4.97 -70.98 -53.69
N ALA E 188 4.66 -70.43 -52.51
CA ALA E 188 3.32 -70.41 -51.96
C ALA E 188 2.34 -69.68 -52.91
N VAL E 189 2.70 -68.52 -53.57
CA VAL E 189 1.75 -67.82 -54.43
C VAL E 189 1.70 -68.49 -55.83
N THR E 190 2.87 -68.68 -56.47
CA THR E 190 3.09 -69.27 -57.81
C THR E 190 2.40 -70.60 -58.02
N GLN E 191 2.12 -71.44 -56.93
CA GLN E 191 1.45 -72.69 -56.81
C GLN E 191 -0.05 -72.56 -57.11
N VAL E 192 -0.57 -71.45 -56.59
CA VAL E 192 -1.90 -70.97 -56.46
C VAL E 192 -2.30 -70.16 -57.71
N ALA E 193 -1.38 -69.53 -58.46
CA ALA E 193 -1.61 -68.67 -59.60
C ALA E 193 -2.19 -69.35 -60.90
N GLU E 194 -3.18 -68.61 -61.52
CA GLU E 194 -3.98 -69.14 -62.59
C GLU E 194 -4.22 -68.06 -63.69
N LEU E 195 -4.70 -68.45 -64.88
CA LEU E 195 -4.95 -67.59 -66.10
C LEU E 195 -6.47 -67.42 -66.32
N ARG E 196 -7.04 -66.21 -66.01
CA ARG E 196 -8.40 -65.84 -66.15
C ARG E 196 -8.54 -64.64 -67.18
N GLY E 197 -9.29 -64.87 -68.33
CA GLY E 197 -9.40 -63.85 -69.46
C GLY E 197 -8.16 -63.52 -70.15
N ASP E 198 -7.19 -64.50 -70.21
CA ASP E 198 -5.85 -64.46 -70.74
C ASP E 198 -4.87 -63.67 -69.95
N LYS E 199 -5.21 -63.18 -68.67
CA LYS E 199 -4.40 -62.47 -67.72
C LYS E 199 -4.41 -63.11 -66.37
N TRP E 200 -3.25 -63.24 -65.74
CA TRP E 200 -3.11 -63.98 -64.50
C TRP E 200 -3.80 -63.45 -63.26
N TYR E 201 -4.41 -64.33 -62.50
CA TYR E 201 -5.22 -64.11 -61.26
C TYR E 201 -4.67 -65.03 -60.20
N VAL E 202 -4.81 -64.60 -58.93
CA VAL E 202 -4.40 -65.43 -57.80
C VAL E 202 -5.60 -65.27 -56.86
N ASP E 203 -6.18 -66.39 -56.39
CA ASP E 203 -7.19 -66.31 -55.45
C ASP E 203 -6.38 -66.48 -54.10
N LEU E 204 -6.38 -65.51 -53.16
CA LEU E 204 -5.76 -65.60 -51.89
C LEU E 204 -6.29 -66.80 -50.94
N ASP E 205 -7.59 -67.26 -50.95
CA ASP E 205 -8.27 -68.33 -50.11
C ASP E 205 -7.52 -69.63 -50.20
N ASN E 206 -6.78 -69.87 -51.29
CA ASN E 206 -6.01 -71.15 -51.37
C ASN E 206 -4.76 -71.19 -50.58
N ILE E 207 -4.54 -70.26 -49.58
CA ILE E 207 -3.36 -70.32 -48.71
C ILE E 207 -3.77 -70.18 -47.31
N GLN E 208 -3.39 -71.17 -46.47
CA GLN E 208 -3.66 -71.11 -45.07
C GLN E 208 -2.40 -70.67 -44.35
N ILE E 209 -2.43 -69.95 -43.21
CA ILE E 209 -1.29 -69.50 -42.41
C ILE E 209 -1.52 -69.88 -40.95
N VAL E 210 -0.72 -70.81 -40.48
CA VAL E 210 -0.79 -71.19 -39.06
C VAL E 210 0.58 -70.80 -38.40
N LYS E 211 0.53 -70.32 -37.12
CA LYS E 211 1.75 -69.81 -36.44
C LYS E 211 1.89 -70.30 -35.10
N LYS E 212 3.06 -70.68 -34.72
CA LYS E 212 3.40 -71.33 -33.46
C LYS E 212 4.70 -70.70 -32.92
N ALA E 213 4.55 -69.75 -32.00
CA ALA E 213 5.55 -69.09 -31.22
C ALA E 213 6.70 -70.00 -30.65
N GLY E 214 7.88 -69.46 -30.46
CA GLY E 214 9.03 -70.24 -29.98
C GLY E 214 9.81 -70.59 -31.21
N GLY E 215 10.73 -71.62 -31.04
CA GLY E 215 11.58 -72.17 -32.10
C GLY E 215 12.45 -71.19 -32.84
N SER E 216 12.90 -71.47 -34.07
CA SER E 216 13.77 -70.63 -34.83
C SER E 216 13.11 -70.33 -36.14
N ILE E 217 13.52 -69.25 -36.83
CA ILE E 217 12.87 -68.84 -38.09
C ILE E 217 13.16 -69.72 -39.32
N ASN E 218 14.30 -70.44 -39.28
CA ASN E 218 14.68 -71.43 -40.26
C ASN E 218 13.73 -72.74 -40.14
N ASP E 219 13.00 -72.88 -39.01
CA ASP E 219 12.04 -74.02 -38.80
C ASP E 219 10.64 -73.64 -39.35
N THR E 220 10.51 -72.54 -40.19
CA THR E 220 9.27 -72.23 -40.84
C THR E 220 9.21 -73.17 -41.94
N GLN E 221 8.01 -73.46 -42.51
CA GLN E 221 7.84 -74.40 -43.65
C GLN E 221 6.60 -74.17 -44.48
N LEU E 222 6.59 -74.77 -45.70
CA LEU E 222 5.44 -74.73 -46.54
C LEU E 222 4.92 -76.13 -46.53
N VAL E 223 3.64 -76.31 -46.39
CA VAL E 223 2.97 -77.60 -46.41
C VAL E 223 2.14 -77.76 -47.65
N TYR E 224 2.13 -78.87 -48.45
CA TYR E 224 1.29 -78.96 -49.58
C TYR E 224 -0.10 -79.53 -49.20
N GLY E 225 -0.96 -78.82 -48.52
CA GLY E 225 -2.22 -79.24 -48.03
C GLY E 225 -2.82 -78.22 -47.13
N ILE E 226 -3.79 -78.58 -46.34
CA ILE E 226 -4.34 -77.73 -45.24
C ILE E 226 -3.76 -78.14 -43.94
N VAL E 227 -3.75 -77.16 -43.01
CA VAL E 227 -3.24 -77.43 -41.65
C VAL E 227 -4.25 -76.83 -40.68
N VAL E 228 -4.92 -77.67 -39.87
CA VAL E 228 -6.02 -77.29 -39.06
C VAL E 228 -5.31 -77.02 -37.74
N ASP E 229 -5.29 -75.72 -37.28
CA ASP E 229 -4.60 -75.23 -36.08
C ASP E 229 -4.88 -76.05 -34.86
N LYS E 230 -6.12 -76.54 -34.67
CA LYS E 230 -6.54 -77.22 -33.44
C LYS E 230 -5.95 -78.63 -33.41
N GLU E 231 -5.51 -79.06 -32.23
CA GLU E 231 -5.06 -80.42 -31.95
C GLU E 231 -6.19 -81.56 -31.84
N VAL E 232 -5.71 -82.84 -31.87
CA VAL E 232 -6.74 -83.93 -31.70
C VAL E 232 -7.46 -83.98 -30.30
N VAL E 233 -8.68 -84.51 -30.09
CA VAL E 233 -9.24 -84.48 -28.76
C VAL E 233 -8.66 -85.41 -27.82
N HIS E 234 -8.37 -86.65 -28.35
CA HIS E 234 -7.92 -87.69 -27.42
C HIS E 234 -6.73 -88.48 -27.95
N PRO E 235 -5.53 -88.56 -27.34
CA PRO E 235 -4.40 -89.29 -27.78
C PRO E 235 -4.59 -90.77 -28.18
N GLY E 236 -5.65 -91.46 -27.65
CA GLY E 236 -6.02 -92.85 -27.92
C GLY E 236 -6.68 -93.07 -29.29
N MET E 237 -7.00 -91.99 -30.11
CA MET E 237 -7.52 -92.10 -31.48
C MET E 237 -6.33 -92.15 -32.38
N PRO E 238 -6.40 -92.54 -33.64
CA PRO E 238 -5.28 -92.58 -34.57
C PRO E 238 -4.42 -91.32 -34.57
N LYS E 239 -3.12 -91.45 -34.91
CA LYS E 239 -2.36 -90.28 -35.21
C LYS E 239 -2.16 -90.03 -36.66
N ARG E 240 -2.66 -90.93 -37.47
CA ARG E 240 -2.72 -90.74 -38.88
C ARG E 240 -3.85 -91.65 -39.36
N LEU E 241 -4.85 -91.10 -40.03
CA LEU E 241 -5.99 -91.89 -40.46
C LEU E 241 -5.71 -91.99 -42.01
N GLU E 242 -5.81 -93.22 -42.53
CA GLU E 242 -5.54 -93.47 -43.97
C GLU E 242 -6.80 -93.26 -44.78
N ASN E 243 -6.69 -92.60 -45.94
CA ASN E 243 -7.81 -92.45 -46.84
C ASN E 243 -9.07 -91.80 -46.26
N ALA E 244 -8.77 -90.63 -45.73
CA ALA E 244 -9.76 -89.76 -45.04
C ALA E 244 -10.97 -89.38 -45.88
N LYS E 245 -12.12 -89.51 -45.15
CA LYS E 245 -13.44 -89.24 -45.58
C LYS E 245 -14.00 -88.36 -44.47
N ILE E 246 -13.50 -87.08 -44.28
CA ILE E 246 -13.86 -86.07 -43.26
C ILE E 246 -15.31 -85.75 -43.21
N ALA E 247 -15.90 -85.51 -42.02
CA ALA E 247 -17.23 -85.06 -41.82
C ALA E 247 -17.10 -83.80 -40.96
N LEU E 248 -17.13 -82.65 -41.69
CA LEU E 248 -17.11 -81.34 -41.13
C LEU E 248 -18.46 -81.01 -40.43
N ILE E 249 -18.53 -81.41 -39.11
CA ILE E 249 -19.72 -81.56 -38.34
C ILE E 249 -19.90 -80.30 -37.44
N ASP E 250 -20.77 -79.36 -37.71
CA ASP E 250 -20.93 -78.20 -36.87
C ASP E 250 -22.20 -78.37 -35.93
N ALA E 251 -22.07 -79.42 -35.08
CA ALA E 251 -23.10 -79.85 -34.18
C ALA E 251 -22.54 -80.49 -32.95
N SER E 252 -23.19 -80.21 -31.83
CA SER E 252 -22.85 -80.76 -30.48
C SER E 252 -23.02 -82.27 -30.44
N LEU E 253 -21.85 -82.87 -30.11
CA LEU E 253 -21.66 -84.23 -29.77
C LEU E 253 -21.25 -84.30 -28.30
N GLU E 254 -21.77 -83.29 -27.56
CA GLU E 254 -21.51 -83.10 -26.16
C GLU E 254 -22.82 -83.07 -25.38
N VAL E 255 -22.93 -83.96 -24.36
CA VAL E 255 -24.13 -83.81 -23.49
C VAL E 255 -23.99 -82.61 -22.61
N GLU E 256 -25.06 -81.99 -22.16
CA GLU E 256 -25.13 -80.92 -21.21
C GLU E 256 -26.17 -81.03 -20.16
N LYS E 257 -27.46 -80.78 -20.60
CA LYS E 257 -28.63 -80.96 -19.70
C LYS E 257 -29.76 -81.43 -20.48
N PRO E 258 -30.95 -81.78 -19.80
CA PRO E 258 -32.12 -82.13 -20.64
C PRO E 258 -32.85 -80.88 -20.85
N GLU E 259 -33.33 -80.66 -22.09
CA GLU E 259 -34.05 -79.47 -22.42
C GLU E 259 -35.39 -79.71 -23.17
N LEU E 260 -35.54 -80.78 -23.94
CA LEU E 260 -36.91 -81.03 -24.54
C LEU E 260 -37.60 -82.11 -23.79
N ASP E 261 -36.83 -82.94 -23.05
CA ASP E 261 -37.26 -84.07 -22.28
C ASP E 261 -37.57 -83.49 -20.90
N ALA E 262 -37.25 -82.18 -20.58
CA ALA E 262 -37.34 -81.60 -19.28
C ALA E 262 -37.71 -80.10 -19.39
N GLU E 263 -39.03 -79.77 -19.21
CA GLU E 263 -39.42 -78.37 -19.14
C GLU E 263 -39.27 -77.92 -17.61
N ILE E 264 -39.63 -78.89 -16.76
CA ILE E 264 -39.64 -78.97 -15.31
C ILE E 264 -38.29 -78.80 -14.68
N ARG E 265 -38.33 -78.24 -13.42
CA ARG E 265 -37.15 -78.10 -12.58
C ARG E 265 -36.58 -79.42 -12.14
N ILE E 266 -37.40 -80.44 -12.02
CA ILE E 266 -37.12 -81.79 -11.75
C ILE E 266 -37.00 -82.01 -10.25
N ASN E 267 -38.07 -82.53 -9.73
CA ASN E 267 -38.21 -82.93 -8.31
C ASN E 267 -37.74 -84.38 -7.98
N ASP E 268 -37.48 -85.24 -8.93
CA ASP E 268 -36.96 -86.56 -8.72
C ASP E 268 -35.51 -86.58 -9.31
N PRO E 269 -34.48 -86.80 -8.61
CA PRO E 269 -33.13 -86.98 -9.20
C PRO E 269 -32.96 -88.22 -9.99
N THR E 270 -33.85 -89.21 -9.82
CA THR E 270 -33.85 -90.41 -10.66
C THR E 270 -34.14 -90.01 -12.11
N GLN E 271 -35.05 -89.08 -12.22
CA GLN E 271 -35.49 -88.59 -13.57
C GLN E 271 -34.40 -87.79 -14.25
N MET E 272 -33.59 -86.96 -13.51
CA MET E 272 -32.42 -86.25 -14.11
C MET E 272 -31.54 -87.28 -14.72
N GLN E 273 -31.02 -88.25 -13.93
CA GLN E 273 -30.30 -89.48 -14.39
C GLN E 273 -30.86 -90.17 -15.67
N LYS E 274 -32.11 -90.75 -15.54
CA LYS E 274 -32.78 -91.40 -16.71
C LYS E 274 -33.03 -90.55 -17.98
N PHE E 275 -32.84 -89.15 -17.94
CA PHE E 275 -32.86 -88.18 -19.01
C PHE E 275 -31.49 -88.20 -19.60
N LEU E 276 -30.47 -88.03 -18.75
CA LEU E 276 -29.09 -87.98 -19.26
C LEU E 276 -28.66 -89.36 -19.75
N ASP E 277 -29.30 -90.49 -19.29
CA ASP E 277 -28.91 -91.89 -19.71
C ASP E 277 -29.29 -92.11 -21.18
N GLU E 278 -30.54 -91.80 -21.53
CA GLU E 278 -31.04 -91.84 -22.87
C GLU E 278 -30.40 -90.81 -23.74
N GLU E 279 -30.03 -89.58 -23.26
CA GLU E 279 -29.32 -88.53 -23.98
C GLU E 279 -27.86 -88.85 -24.37
N GLU E 280 -27.12 -89.69 -23.60
CA GLU E 280 -25.78 -90.10 -23.91
C GLU E 280 -25.83 -91.26 -24.89
N ASN E 281 -26.89 -92.14 -24.85
CA ASN E 281 -27.04 -93.23 -25.84
C ASN E 281 -27.49 -92.71 -27.21
N LEU E 282 -28.04 -91.42 -27.11
CA LEU E 282 -28.40 -90.53 -28.11
C LEU E 282 -27.10 -89.95 -28.78
N ILE E 283 -25.99 -89.64 -28.09
CA ILE E 283 -24.80 -89.12 -28.77
C ILE E 283 -24.01 -90.26 -29.53
N LYS E 284 -23.94 -91.47 -28.95
CA LYS E 284 -23.36 -92.58 -29.73
C LYS E 284 -24.28 -92.91 -30.94
N GLU E 285 -25.59 -92.66 -30.86
CA GLU E 285 -26.50 -92.80 -32.04
C GLU E 285 -26.13 -91.74 -33.15
N LYS E 286 -26.01 -90.48 -32.71
CA LYS E 286 -25.58 -89.38 -33.52
C LYS E 286 -24.22 -89.64 -34.18
N VAL E 287 -23.20 -90.16 -33.48
CA VAL E 287 -21.88 -90.57 -34.04
C VAL E 287 -22.04 -91.64 -35.16
N ASP E 288 -22.79 -92.71 -34.93
CA ASP E 288 -23.02 -93.80 -35.87
C ASP E 288 -23.83 -93.35 -37.07
N LYS E 289 -24.74 -92.38 -36.87
CA LYS E 289 -25.42 -91.62 -37.97
C LYS E 289 -24.44 -90.85 -38.80
N ILE E 290 -23.24 -90.48 -38.30
CA ILE E 290 -22.27 -89.82 -39.10
C ILE E 290 -21.41 -90.81 -39.82
N LEU E 291 -20.93 -91.94 -39.23
CA LEU E 291 -20.29 -93.00 -39.91
C LEU E 291 -21.17 -93.81 -40.85
N ALA E 292 -22.54 -93.68 -40.80
CA ALA E 292 -23.60 -94.28 -41.69
C ALA E 292 -23.43 -93.81 -43.13
N THR E 293 -22.61 -92.75 -43.30
CA THR E 293 -22.27 -92.15 -44.53
C THR E 293 -20.85 -92.69 -45.00
N GLY E 294 -20.05 -93.29 -44.14
CA GLY E 294 -18.72 -93.74 -44.57
C GLY E 294 -17.79 -92.67 -44.19
N ALA E 295 -18.13 -91.65 -43.36
CA ALA E 295 -17.12 -90.73 -42.82
C ALA E 295 -16.19 -91.51 -41.94
N ASN E 296 -14.87 -91.12 -41.90
CA ASN E 296 -13.88 -91.85 -41.00
C ASN E 296 -12.88 -90.92 -40.31
N VAL E 297 -13.13 -89.57 -40.39
CA VAL E 297 -12.44 -88.55 -39.62
C VAL E 297 -13.59 -87.61 -39.39
N ILE E 298 -13.59 -86.81 -38.25
CA ILE E 298 -14.71 -85.94 -37.92
C ILE E 298 -14.11 -84.76 -37.17
N ILE E 299 -14.26 -83.57 -37.74
CA ILE E 299 -13.76 -82.35 -37.15
C ILE E 299 -15.04 -81.56 -36.96
N CYS E 300 -15.09 -80.87 -35.80
CA CYS E 300 -16.20 -80.01 -35.50
C CYS E 300 -15.83 -78.56 -34.98
N GLN E 301 -16.85 -77.68 -34.73
CA GLN E 301 -16.76 -76.33 -34.29
C GLN E 301 -17.51 -76.33 -33.04
N LYS E 302 -17.78 -77.54 -32.46
CA LYS E 302 -18.56 -77.83 -31.27
C LYS E 302 -17.93 -78.92 -30.41
N GLY E 303 -18.45 -79.17 -29.18
CA GLY E 303 -17.98 -80.09 -28.18
C GLY E 303 -18.33 -81.45 -28.48
N ILE E 304 -17.44 -82.24 -27.91
CA ILE E 304 -17.46 -83.67 -27.99
C ILE E 304 -17.29 -84.28 -26.62
N ASP E 305 -18.29 -84.98 -26.11
CA ASP E 305 -18.52 -85.62 -24.83
C ASP E 305 -17.39 -86.56 -24.40
N GLU E 306 -17.15 -86.88 -23.09
CA GLU E 306 -16.15 -87.88 -22.61
C GLU E 306 -16.59 -89.32 -22.84
N VAL E 307 -17.92 -89.60 -22.97
CA VAL E 307 -18.40 -90.90 -23.36
C VAL E 307 -18.26 -91.07 -24.88
N ALA E 308 -18.49 -89.97 -25.60
CA ALA E 308 -18.37 -89.80 -27.03
C ALA E 308 -16.97 -89.76 -27.62
N GLN E 309 -15.99 -89.50 -26.73
CA GLN E 309 -14.60 -89.63 -27.04
C GLN E 309 -14.17 -91.03 -27.07
N SER E 310 -14.53 -91.80 -26.06
CA SER E 310 -14.28 -93.25 -25.79
C SER E 310 -14.92 -94.12 -26.82
N TYR E 311 -16.08 -93.57 -27.33
CA TYR E 311 -16.90 -94.17 -28.37
C TYR E 311 -16.21 -94.00 -29.73
N LEU E 312 -15.75 -92.75 -30.04
CA LEU E 312 -15.01 -92.43 -31.24
C LEU E 312 -13.60 -93.02 -31.21
N ALA E 313 -12.92 -93.14 -30.06
CA ALA E 313 -11.66 -93.83 -29.90
C ALA E 313 -11.88 -95.33 -30.22
N LYS E 314 -12.99 -95.93 -29.69
CA LYS E 314 -13.34 -97.32 -29.99
C LYS E 314 -13.82 -97.59 -31.40
N LYS E 315 -14.33 -96.57 -32.10
CA LYS E 315 -14.71 -96.70 -33.50
C LYS E 315 -13.48 -96.68 -34.39
N GLY E 316 -12.39 -96.03 -33.80
CA GLY E 316 -11.01 -95.92 -34.37
C GLY E 316 -10.95 -94.83 -35.34
N VAL E 317 -11.74 -93.82 -35.16
CA VAL E 317 -11.81 -92.68 -36.11
C VAL E 317 -11.07 -91.49 -35.48
N LEU E 318 -10.70 -90.48 -36.23
CA LEU E 318 -9.83 -89.43 -35.79
C LEU E 318 -10.65 -88.21 -35.61
N ALA E 319 -10.83 -87.74 -34.41
CA ALA E 319 -11.72 -86.59 -34.13
C ALA E 319 -11.10 -85.33 -33.53
N VAL E 320 -11.65 -84.16 -33.87
CA VAL E 320 -11.24 -82.86 -33.29
C VAL E 320 -12.45 -82.19 -32.70
N ARG E 321 -12.32 -81.61 -31.52
CA ARG E 321 -13.30 -80.96 -30.66
C ARG E 321 -13.04 -79.42 -30.74
N ARG E 322 -14.12 -78.64 -31.01
CA ARG E 322 -14.10 -77.16 -31.13
C ARG E 322 -12.93 -76.55 -31.87
N ALA E 323 -12.77 -76.77 -33.17
CA ALA E 323 -11.84 -76.13 -34.10
C ALA E 323 -12.48 -74.92 -34.63
N LYS E 324 -11.65 -74.01 -35.08
CA LYS E 324 -12.11 -72.69 -35.52
C LYS E 324 -12.67 -72.79 -36.99
N LYS E 325 -13.80 -72.12 -37.07
CA LYS E 325 -14.59 -72.04 -38.28
C LYS E 325 -13.90 -71.54 -39.61
N SER E 326 -12.91 -70.67 -39.44
CA SER E 326 -11.86 -70.08 -40.35
C SER E 326 -11.07 -71.18 -41.07
N ASP E 327 -10.77 -72.33 -40.47
CA ASP E 327 -10.02 -73.41 -41.05
C ASP E 327 -10.89 -74.60 -41.59
N LEU E 328 -12.15 -74.72 -41.10
CA LEU E 328 -13.14 -75.60 -41.58
C LEU E 328 -13.44 -75.21 -43.05
N GLU E 329 -13.62 -73.93 -43.31
CA GLU E 329 -13.80 -73.30 -44.57
C GLU E 329 -12.59 -73.53 -45.54
N LYS E 330 -11.31 -73.18 -45.08
CA LYS E 330 -10.02 -73.50 -45.89
C LYS E 330 -9.89 -74.96 -46.24
N LEU E 331 -10.46 -75.83 -45.43
CA LEU E 331 -10.50 -77.24 -45.56
C LEU E 331 -11.69 -77.76 -46.37
N ALA E 332 -12.72 -77.03 -46.51
CA ALA E 332 -13.86 -77.34 -47.42
C ALA E 332 -13.51 -77.49 -48.90
N ARG E 333 -13.17 -76.36 -49.47
CA ARG E 333 -12.84 -76.13 -50.78
C ARG E 333 -11.49 -76.62 -51.17
N ALA E 334 -10.78 -77.19 -50.12
CA ALA E 334 -9.74 -78.13 -50.34
C ALA E 334 -10.16 -79.57 -50.69
N THR E 335 -11.04 -80.03 -49.87
CA THR E 335 -11.29 -81.47 -49.85
C THR E 335 -12.60 -81.78 -50.54
N GLY E 336 -13.46 -80.79 -50.92
CA GLY E 336 -14.73 -81.07 -51.45
C GLY E 336 -15.80 -81.17 -50.44
N GLY E 337 -15.40 -81.04 -49.14
CA GLY E 337 -16.33 -81.14 -47.97
C GLY E 337 -17.27 -79.99 -47.82
N ARG E 338 -18.12 -80.03 -46.84
CA ARG E 338 -19.05 -78.93 -46.54
C ARG E 338 -19.29 -78.92 -45.04
N VAL E 339 -19.52 -77.75 -44.49
CA VAL E 339 -19.87 -77.76 -43.11
C VAL E 339 -21.39 -77.90 -42.94
N VAL E 340 -21.83 -79.02 -42.30
CA VAL E 340 -23.23 -79.30 -42.02
C VAL E 340 -23.48 -79.00 -40.64
N SER E 341 -24.50 -78.22 -40.24
CA SER E 341 -24.71 -77.82 -38.89
C SER E 341 -25.81 -78.62 -38.25
N ASN E 342 -26.25 -79.75 -38.75
CA ASN E 342 -27.34 -80.54 -38.28
C ASN E 342 -26.96 -81.94 -38.52
N ILE E 343 -26.73 -82.75 -37.48
CA ILE E 343 -26.41 -84.17 -37.56
C ILE E 343 -27.49 -84.97 -38.37
N ASP E 344 -28.70 -84.53 -38.30
CA ASP E 344 -29.84 -85.06 -39.19
C ASP E 344 -29.81 -84.59 -40.64
N GLU E 345 -28.75 -83.95 -41.13
CA GLU E 345 -28.69 -83.51 -42.46
C GLU E 345 -27.34 -83.94 -43.12
N ILE E 346 -26.39 -84.58 -42.44
CA ILE E 346 -25.13 -85.06 -43.02
C ILE E 346 -25.27 -86.18 -44.01
N SER E 347 -24.59 -86.00 -45.20
CA SER E 347 -24.75 -86.83 -46.39
C SER E 347 -23.35 -87.06 -46.84
N GLU E 348 -23.25 -88.10 -47.77
CA GLU E 348 -22.00 -88.44 -48.53
C GLU E 348 -21.50 -87.39 -49.43
N GLN E 349 -22.41 -86.57 -49.94
CA GLN E 349 -22.10 -85.46 -50.72
C GLN E 349 -21.25 -84.38 -49.96
N ASP E 350 -21.50 -84.24 -48.66
CA ASP E 350 -20.80 -83.21 -47.83
C ASP E 350 -19.48 -83.66 -47.22
N LEU E 351 -19.09 -84.98 -47.27
CA LEU E 351 -17.81 -85.43 -46.66
C LEU E 351 -16.60 -85.12 -47.51
N GLY E 352 -15.49 -84.89 -46.87
CA GLY E 352 -14.32 -84.48 -47.60
C GLY E 352 -13.31 -85.59 -47.86
N TYR E 353 -12.76 -85.60 -49.05
CA TYR E 353 -11.68 -86.52 -49.38
C TYR E 353 -10.30 -85.87 -49.22
N ALA E 354 -9.40 -86.63 -48.63
CA ALA E 354 -8.06 -86.15 -48.63
C ALA E 354 -7.14 -87.34 -48.53
N SER E 355 -5.93 -87.41 -49.13
CA SER E 355 -5.12 -88.62 -49.14
C SER E 355 -4.73 -89.20 -47.74
N LEU E 356 -4.28 -88.34 -46.81
CA LEU E 356 -4.08 -88.77 -45.48
C LEU E 356 -4.17 -87.53 -44.59
N ILE E 357 -4.95 -87.59 -43.53
CA ILE E 357 -4.98 -86.53 -42.46
C ILE E 357 -4.32 -87.09 -41.25
N GLU E 358 -3.57 -86.27 -40.55
CA GLU E 358 -2.78 -86.74 -39.41
C GLU E 358 -2.65 -85.56 -38.46
N GLU E 359 -1.98 -85.92 -37.33
CA GLU E 359 -1.60 -84.83 -36.41
C GLU E 359 -0.06 -84.95 -36.41
N ARG E 360 0.61 -83.79 -36.51
CA ARG E 360 2.04 -83.78 -36.30
C ARG E 360 2.49 -82.69 -35.36
N LYS E 361 3.63 -82.83 -34.62
CA LYS E 361 4.21 -81.79 -33.73
C LYS E 361 5.51 -81.26 -34.35
N VAL E 362 5.52 -79.98 -34.61
CA VAL E 362 6.59 -79.16 -35.16
C VAL E 362 7.08 -78.48 -33.96
N GLY E 363 8.24 -78.94 -33.39
CA GLY E 363 8.87 -78.35 -32.25
C GLY E 363 8.16 -78.45 -30.90
N GLU E 364 7.59 -77.31 -30.43
CA GLU E 364 6.87 -77.25 -29.21
C GLU E 364 5.33 -77.38 -29.35
N ASP E 365 4.81 -77.25 -30.63
CA ASP E 365 3.39 -77.34 -30.85
C ASP E 365 2.81 -78.39 -31.80
N LYS E 366 1.57 -78.80 -31.60
CA LYS E 366 0.99 -79.84 -32.45
C LYS E 366 -0.30 -79.45 -33.09
N MET E 367 -0.45 -79.86 -34.33
CA MET E 367 -1.58 -79.43 -35.15
C MET E 367 -2.03 -80.66 -35.97
N VAL E 368 -3.21 -80.53 -36.53
CA VAL E 368 -3.65 -81.52 -37.47
C VAL E 368 -3.26 -81.10 -38.88
N PHE E 369 -2.74 -81.97 -39.74
CA PHE E 369 -2.39 -81.62 -41.10
C PHE E 369 -3.23 -82.45 -42.06
N VAL E 370 -3.49 -81.89 -43.26
CA VAL E 370 -4.39 -82.47 -44.23
C VAL E 370 -3.70 -82.39 -45.58
N GLU E 371 -2.51 -83.08 -45.66
CA GLU E 371 -1.86 -83.18 -46.96
C GLU E 371 -2.57 -84.12 -47.93
N GLY E 372 -2.44 -83.75 -49.20
CA GLY E 372 -3.04 -84.49 -50.30
C GLY E 372 -4.55 -84.33 -50.53
N ALA E 373 -5.04 -83.14 -50.23
CA ALA E 373 -6.50 -82.85 -50.46
C ALA E 373 -6.86 -82.84 -51.94
N LYS E 374 -8.11 -82.77 -52.24
CA LYS E 374 -8.58 -82.89 -53.66
C LYS E 374 -8.18 -81.76 -54.62
N ASN E 375 -8.17 -80.51 -54.04
CA ASN E 375 -7.62 -79.36 -54.64
C ASN E 375 -6.06 -79.29 -54.64
N PRO E 376 -5.33 -79.05 -55.76
CA PRO E 376 -3.88 -79.01 -55.77
C PRO E 376 -3.39 -77.73 -55.43
N LYS E 377 -4.26 -76.73 -55.45
CA LYS E 377 -3.83 -75.35 -55.15
C LYS E 377 -3.60 -75.16 -53.62
N SER E 378 -4.49 -75.75 -52.85
CA SER E 378 -4.64 -75.53 -51.49
C SER E 378 -3.32 -75.98 -50.83
N ILE E 379 -2.57 -75.05 -50.22
CA ILE E 379 -1.41 -75.20 -49.45
C ILE E 379 -1.50 -74.38 -48.24
N SER E 380 -0.54 -74.60 -47.31
CA SER E 380 -0.46 -73.90 -46.02
C SER E 380 0.92 -73.43 -45.79
N ILE E 381 1.13 -72.45 -44.87
CA ILE E 381 2.40 -72.08 -44.31
C ILE E 381 2.44 -72.31 -42.78
N LEU E 382 3.53 -72.79 -42.14
CA LEU E 382 3.67 -72.84 -40.71
C LEU E 382 4.76 -71.88 -40.32
N ILE E 383 4.39 -70.80 -39.58
CA ILE E 383 5.21 -69.81 -39.06
C ILE E 383 5.69 -70.10 -37.61
N ARG E 384 6.96 -69.83 -37.39
CA ARG E 384 7.66 -70.06 -36.21
C ARG E 384 8.77 -68.97 -36.28
N GLY E 385 9.49 -68.81 -35.14
CA GLY E 385 10.59 -67.83 -34.92
C GLY E 385 10.31 -66.74 -33.97
N GLY E 386 10.66 -66.96 -32.70
CA GLY E 386 10.46 -66.12 -31.54
C GLY E 386 9.09 -66.17 -30.79
N LEU E 387 9.06 -65.49 -29.66
CA LEU E 387 7.93 -65.40 -28.73
C LEU E 387 6.67 -64.67 -29.35
N GLU E 388 5.64 -64.61 -28.55
CA GLU E 388 4.33 -64.29 -28.81
C GLU E 388 4.05 -62.95 -29.58
N ARG E 389 4.91 -61.92 -29.62
CA ARG E 389 4.64 -60.69 -30.39
C ARG E 389 5.57 -60.61 -31.65
N LEU E 390 6.86 -61.05 -31.49
CA LEU E 390 7.76 -61.23 -32.60
C LEU E 390 7.22 -62.23 -33.73
N VAL E 391 6.59 -63.36 -33.32
CA VAL E 391 5.98 -64.36 -34.18
C VAL E 391 4.82 -63.77 -35.00
N ASP E 392 3.98 -62.88 -34.27
CA ASP E 392 2.85 -62.17 -34.82
C ASP E 392 3.19 -61.29 -35.97
N GLU E 393 4.27 -60.50 -35.80
CA GLU E 393 4.74 -59.61 -36.79
C GLU E 393 5.45 -60.32 -37.95
N THR E 394 5.86 -61.57 -37.72
CA THR E 394 6.45 -62.45 -38.71
C THR E 394 5.35 -62.91 -39.64
N GLU E 395 4.04 -63.07 -39.12
CA GLU E 395 2.85 -63.43 -39.87
C GLU E 395 2.37 -62.21 -40.69
N ARG E 396 2.45 -60.99 -40.16
CA ARG E 396 1.96 -59.79 -40.87
C ARG E 396 2.94 -59.64 -42.08
N ALA E 397 4.29 -59.58 -41.80
CA ALA E 397 5.32 -59.59 -42.89
C ALA E 397 5.23 -60.68 -43.97
N LEU E 398 4.98 -61.94 -43.55
CA LEU E 398 4.72 -63.03 -44.49
C LEU E 398 3.47 -62.95 -45.29
N ARG E 399 2.33 -62.51 -44.67
CA ARG E 399 1.01 -62.22 -45.28
C ARG E 399 1.11 -61.15 -46.27
N ASP E 400 1.80 -60.05 -45.94
CA ASP E 400 2.04 -58.87 -46.76
C ASP E 400 2.89 -59.29 -47.99
N ALA E 401 3.95 -60.10 -47.77
CA ALA E 401 4.78 -60.66 -48.71
C ALA E 401 3.99 -61.54 -49.70
N LEU E 402 3.07 -62.38 -49.18
CA LEU E 402 2.23 -63.18 -50.00
C LEU E 402 1.32 -62.33 -50.82
N GLY E 403 0.56 -61.43 -50.20
CA GLY E 403 -0.24 -60.40 -50.81
C GLY E 403 0.47 -59.64 -51.90
N THR E 404 1.62 -59.00 -51.67
CA THR E 404 2.56 -58.27 -52.50
C THR E 404 3.05 -58.92 -53.70
N VAL E 405 3.56 -60.16 -53.57
CA VAL E 405 3.96 -61.07 -54.64
C VAL E 405 2.82 -61.39 -55.50
N ALA E 406 1.56 -61.59 -54.92
CA ALA E 406 0.40 -61.88 -55.69
C ALA E 406 0.00 -60.73 -56.48
N ASP E 407 0.21 -59.41 -56.01
CA ASP E 407 -0.13 -58.22 -56.79
C ASP E 407 0.75 -58.08 -57.99
N VAL E 408 2.06 -58.52 -57.79
CA VAL E 408 2.96 -58.57 -58.89
C VAL E 408 2.58 -59.49 -60.07
N ILE E 409 1.97 -60.69 -59.81
CA ILE E 409 1.50 -61.74 -60.83
C ILE E 409 0.22 -61.19 -61.42
N LYS E 410 -0.72 -60.69 -60.59
CA LYS E 410 -1.91 -60.06 -61.11
C LYS E 410 -1.74 -58.79 -62.01
N ASP E 411 -0.69 -57.99 -61.91
CA ASP E 411 -0.47 -56.91 -62.78
C ASP E 411 0.50 -57.36 -63.89
N GLY E 412 1.79 -57.61 -63.52
CA GLY E 412 2.86 -58.09 -64.47
C GLY E 412 3.93 -57.09 -64.77
N ARG E 413 3.98 -55.94 -64.05
CA ARG E 413 4.92 -54.84 -64.32
C ARG E 413 5.84 -54.60 -63.06
N ALA E 414 7.13 -54.34 -63.17
CA ALA E 414 7.91 -54.15 -61.98
C ALA E 414 9.06 -53.23 -62.30
N ILE E 415 9.38 -52.24 -61.48
CA ILE E 415 10.38 -51.22 -61.68
C ILE E 415 11.41 -51.38 -60.65
N ALA E 416 12.54 -50.71 -60.88
CA ALA E 416 13.63 -50.76 -59.95
C ALA E 416 13.38 -49.74 -58.81
N GLY E 417 13.53 -50.28 -57.63
CA GLY E 417 13.22 -49.58 -56.35
C GLY E 417 14.39 -48.67 -55.94
N GLY E 418 14.48 -48.10 -54.65
CA GLY E 418 15.65 -47.24 -54.23
C GLY E 418 15.88 -45.97 -54.96
N GLY E 419 14.78 -45.38 -55.49
CA GLY E 419 14.90 -44.06 -56.09
C GLY E 419 15.21 -43.80 -57.53
N ALA E 420 15.53 -44.89 -58.28
CA ALA E 420 15.86 -44.98 -59.69
C ALA E 420 14.83 -44.29 -60.64
N VAL E 421 13.51 -44.70 -60.64
CA VAL E 421 12.56 -43.98 -61.49
C VAL E 421 12.29 -42.55 -61.11
N GLU E 422 12.38 -42.13 -59.85
CA GLU E 422 12.11 -40.84 -59.26
C GLU E 422 13.03 -39.80 -59.79
N ILE E 423 14.35 -39.97 -59.51
CA ILE E 423 15.40 -39.04 -60.00
C ILE E 423 15.28 -38.79 -61.51
N GLU E 424 14.85 -39.86 -62.25
CA GLU E 424 14.64 -39.79 -63.69
C GLU E 424 13.49 -38.99 -64.12
N ILE E 425 12.25 -39.30 -63.66
CA ILE E 425 11.01 -38.64 -63.83
C ILE E 425 11.15 -37.14 -63.41
N ALA E 426 12.12 -36.75 -62.50
CA ALA E 426 12.53 -35.40 -62.11
C ALA E 426 13.22 -34.84 -63.24
N LYS E 427 14.45 -35.25 -63.59
CA LYS E 427 15.12 -34.83 -64.78
C LYS E 427 14.19 -34.60 -66.03
N LYS E 428 13.43 -35.64 -66.36
CA LYS E 428 12.54 -35.60 -67.47
C LYS E 428 11.45 -34.43 -67.48
N LEU E 429 10.93 -34.05 -66.26
CA LEU E 429 9.97 -32.97 -65.93
C LEU E 429 10.72 -31.70 -66.08
N ARG E 430 12.00 -31.60 -65.71
CA ARG E 430 12.81 -30.37 -66.04
C ARG E 430 12.87 -30.11 -67.57
N LYS E 431 13.07 -31.11 -68.40
CA LYS E 431 13.04 -31.12 -69.91
C LYS E 431 11.66 -30.80 -70.44
N TYR E 432 10.60 -31.06 -69.74
CA TYR E 432 9.27 -30.63 -70.18
C TYR E 432 9.14 -29.10 -69.92
N ALA E 433 9.40 -28.76 -68.59
CA ALA E 433 9.19 -27.43 -68.06
C ALA E 433 9.30 -26.19 -68.99
N PRO E 434 10.35 -25.74 -69.65
CA PRO E 434 10.45 -24.63 -70.60
C PRO E 434 9.18 -24.35 -71.41
N GLN E 435 8.62 -25.44 -71.94
CA GLN E 435 7.58 -25.45 -72.97
C GLN E 435 6.21 -25.37 -72.41
N VAL E 436 5.95 -25.69 -71.11
CA VAL E 436 4.58 -25.63 -70.55
C VAL E 436 4.15 -24.12 -70.43
N GLY E 437 5.08 -23.15 -70.18
CA GLY E 437 4.61 -21.82 -70.12
C GLY E 437 5.39 -20.98 -69.13
N GLY E 438 4.88 -19.80 -68.75
CA GLY E 438 5.43 -18.78 -67.83
C GLY E 438 5.59 -19.29 -66.39
N LYS E 439 4.59 -19.02 -65.59
CA LYS E 439 4.62 -19.32 -64.19
C LYS E 439 4.49 -20.83 -63.93
N GLU E 440 3.57 -21.49 -64.65
CA GLU E 440 3.34 -22.99 -64.57
C GLU E 440 4.59 -23.89 -64.65
N GLN E 441 5.69 -23.41 -65.40
CA GLN E 441 6.99 -24.01 -65.59
C GLN E 441 7.57 -24.22 -64.20
N LEU E 442 7.69 -23.08 -63.36
CA LEU E 442 8.21 -23.09 -61.96
C LEU E 442 7.41 -24.17 -61.07
N ALA E 443 6.08 -24.34 -61.29
CA ALA E 443 5.26 -25.43 -60.75
C ALA E 443 5.67 -26.82 -61.08
N VAL E 444 5.96 -27.12 -62.37
CA VAL E 444 6.48 -28.41 -62.80
C VAL E 444 7.86 -28.66 -62.19
N GLU E 445 8.75 -27.65 -62.25
CA GLU E 445 10.08 -27.68 -61.61
C GLU E 445 9.98 -28.00 -60.16
N ALA E 446 8.92 -27.54 -59.41
CA ALA E 446 8.54 -27.72 -58.00
C ALA E 446 8.17 -29.19 -57.73
N TYR E 447 7.17 -29.69 -58.54
CA TYR E 447 6.78 -31.05 -58.55
C TYR E 447 7.90 -32.07 -58.61
N ALA E 448 8.89 -31.78 -59.48
CA ALA E 448 10.14 -32.51 -59.70
C ALA E 448 11.12 -32.33 -58.58
N ASN E 449 11.48 -31.15 -58.09
CA ASN E 449 12.38 -30.90 -57.06
C ASN E 449 11.89 -31.58 -55.80
N ALA E 450 10.57 -31.50 -55.48
CA ALA E 450 9.97 -32.24 -54.32
C ALA E 450 10.24 -33.77 -54.41
N LEU E 451 10.15 -34.31 -55.65
CA LEU E 451 10.35 -35.71 -55.86
C LEU E 451 11.76 -36.13 -55.58
N GLU E 452 12.76 -35.28 -55.85
CA GLU E 452 14.16 -35.45 -55.55
C GLU E 452 14.38 -35.34 -54.05
N SER E 453 13.65 -34.49 -53.35
CA SER E 453 13.67 -34.43 -51.86
C SER E 453 13.36 -35.75 -51.25
N LEU E 454 12.38 -36.53 -51.86
CA LEU E 454 12.08 -37.88 -51.39
C LEU E 454 13.30 -38.82 -51.34
N VAL E 455 14.06 -38.84 -52.42
CA VAL E 455 15.16 -39.71 -52.49
C VAL E 455 16.24 -39.19 -51.62
N SER E 456 16.27 -37.88 -51.40
CA SER E 456 17.27 -37.20 -50.50
C SER E 456 17.02 -37.62 -49.00
N ILE E 457 15.80 -37.57 -48.54
CA ILE E 457 15.43 -38.10 -47.26
C ILE E 457 15.78 -39.56 -47.00
N LEU E 458 15.60 -40.42 -47.98
CA LEU E 458 16.08 -41.75 -48.03
C LEU E 458 17.66 -41.83 -47.91
N ILE E 459 18.47 -41.00 -48.62
CA ILE E 459 19.92 -40.97 -48.50
C ILE E 459 20.35 -40.56 -47.19
N GLU E 460 19.79 -39.39 -46.81
CA GLU E 460 19.91 -38.87 -45.46
C GLU E 460 19.81 -39.88 -44.30
N ASN E 461 18.69 -40.61 -44.21
CA ASN E 461 18.43 -41.66 -43.22
C ASN E 461 19.41 -42.84 -43.25
N ALA E 462 20.18 -43.02 -44.33
CA ALA E 462 21.12 -44.05 -44.31
C ALA E 462 22.42 -43.60 -43.58
N GLY E 463 22.46 -42.29 -43.49
CA GLY E 463 23.48 -41.46 -42.88
C GLY E 463 24.56 -40.91 -43.81
N PHE E 464 24.37 -40.84 -45.11
CA PHE E 464 25.28 -40.30 -46.18
C PHE E 464 24.72 -38.89 -46.57
N ASP E 465 25.56 -38.13 -47.29
CA ASP E 465 25.19 -36.78 -47.79
C ASP E 465 24.11 -36.67 -48.87
N PRO E 466 22.89 -36.19 -48.61
CA PRO E 466 21.81 -36.17 -49.62
C PRO E 466 22.16 -35.52 -50.93
N ILE E 467 22.74 -34.29 -50.95
CA ILE E 467 23.05 -33.60 -52.18
C ILE E 467 24.10 -34.38 -53.00
N ASP E 468 25.18 -34.75 -52.31
CA ASP E 468 26.26 -35.55 -52.95
C ASP E 468 25.79 -36.71 -53.68
N LEU E 469 25.17 -37.72 -52.95
CA LEU E 469 24.69 -38.90 -53.62
C LEU E 469 23.61 -38.78 -54.65
N LEU E 470 22.62 -37.86 -54.45
CA LEU E 470 21.61 -37.49 -55.40
C LEU E 470 22.12 -37.04 -56.70
N MET E 471 23.06 -36.09 -56.71
CA MET E 471 23.78 -35.55 -57.92
C MET E 471 24.73 -36.66 -58.53
N LYS E 472 25.53 -37.32 -57.67
CA LYS E 472 26.45 -38.38 -58.13
C LYS E 472 25.73 -39.59 -58.82
N LEU E 473 24.45 -39.81 -58.43
CA LEU E 473 23.58 -40.77 -59.09
C LEU E 473 22.88 -40.24 -60.29
N ARG E 474 22.16 -39.07 -60.24
CA ARG E 474 21.49 -38.61 -61.44
C ARG E 474 22.41 -38.30 -62.61
N SER E 475 23.69 -38.32 -62.42
CA SER E 475 24.70 -38.40 -63.49
C SER E 475 25.03 -39.84 -63.91
N THR E 476 25.21 -40.70 -62.94
CA THR E 476 25.42 -42.17 -63.24
C THR E 476 24.19 -42.91 -63.70
N HIS E 477 23.00 -42.17 -63.95
CA HIS E 477 21.75 -42.56 -64.55
C HIS E 477 21.52 -41.78 -65.88
N GLU E 478 22.50 -41.04 -66.49
CA GLU E 478 22.25 -40.39 -67.75
C GLU E 478 22.02 -41.36 -68.95
N ASN E 479 22.79 -42.47 -69.06
CA ASN E 479 22.64 -43.52 -70.06
C ASN E 479 21.36 -44.40 -69.80
N GLU E 480 20.87 -44.97 -70.85
CA GLU E 480 19.62 -45.80 -70.89
C GLU E 480 19.66 -47.05 -70.12
N ASN E 481 20.85 -47.67 -70.05
CA ASN E 481 21.06 -48.94 -69.39
C ASN E 481 21.41 -48.81 -67.94
N ASN E 482 21.35 -47.60 -67.42
CA ASN E 482 21.50 -47.22 -66.04
C ASN E 482 20.15 -46.74 -65.49
N LYS E 483 19.02 -47.13 -66.16
CA LYS E 483 17.66 -46.68 -65.79
C LYS E 483 17.23 -47.31 -64.47
N TRP E 484 17.97 -48.43 -64.10
CA TRP E 484 17.72 -49.05 -62.81
C TRP E 484 18.83 -48.83 -61.84
N TYR E 485 19.65 -47.78 -62.12
CA TYR E 485 20.59 -47.36 -61.12
C TYR E 485 19.92 -46.50 -60.05
N GLY E 486 20.31 -46.77 -58.78
CA GLY E 486 19.94 -46.05 -57.61
C GLY E 486 21.15 -45.91 -56.76
N ILE E 487 20.91 -45.61 -55.45
CA ILE E 487 21.92 -45.25 -54.44
C ILE E 487 21.93 -46.29 -53.36
N ASP E 488 23.00 -47.10 -53.32
CA ASP E 488 23.23 -48.10 -52.26
C ASP E 488 23.26 -47.51 -50.84
N LEU E 489 22.31 -47.82 -50.00
CA LEU E 489 22.12 -47.21 -48.73
C LEU E 489 22.85 -47.91 -47.59
N TYR E 490 23.76 -48.86 -47.92
CA TYR E 490 24.70 -49.52 -47.03
C TYR E 490 26.20 -49.26 -47.38
N ALA E 491 26.47 -49.15 -48.67
CA ALA E 491 27.85 -48.81 -49.11
C ALA E 491 28.08 -47.31 -49.42
N GLY E 492 26.97 -46.58 -49.79
CA GLY E 492 27.14 -45.13 -49.94
C GLY E 492 27.70 -44.83 -51.32
N GLN E 493 27.07 -45.28 -52.43
CA GLN E 493 27.59 -45.12 -53.77
C GLN E 493 26.55 -45.67 -54.80
N PRO E 494 26.34 -45.04 -55.98
CA PRO E 494 25.35 -45.45 -56.98
C PRO E 494 25.55 -46.87 -57.60
N VAL E 495 24.49 -47.73 -57.66
CA VAL E 495 24.55 -49.09 -58.26
C VAL E 495 23.25 -49.53 -58.96
N ASP E 496 23.29 -50.71 -59.64
CA ASP E 496 22.09 -51.09 -60.27
C ASP E 496 21.11 -51.80 -59.23
N MET E 497 19.98 -51.15 -58.89
CA MET E 497 19.06 -51.65 -57.94
C MET E 497 18.41 -52.96 -58.30
N TRP E 498 17.94 -53.14 -59.53
CA TRP E 498 17.38 -54.38 -60.05
C TRP E 498 18.25 -55.62 -59.82
N GLN E 499 19.54 -55.56 -60.38
CA GLN E 499 20.58 -56.58 -60.18
C GLN E 499 21.24 -56.56 -58.82
N LYS E 500 20.44 -56.13 -57.82
CA LYS E 500 20.80 -56.18 -56.43
C LYS E 500 19.50 -56.44 -55.61
N GLY E 501 18.48 -56.90 -56.33
CA GLY E 501 17.18 -57.34 -55.87
C GLY E 501 16.22 -56.34 -55.47
N VAL E 502 16.48 -55.05 -55.47
CA VAL E 502 15.63 -53.94 -55.02
C VAL E 502 14.79 -53.54 -56.18
N ILE E 503 13.68 -54.27 -56.41
CA ILE E 503 12.67 -54.07 -57.42
C ILE E 503 11.39 -53.84 -56.59
N GLU E 504 10.43 -53.17 -57.16
CA GLU E 504 9.18 -52.95 -56.41
C GLU E 504 7.98 -52.95 -57.37
N PRO E 505 6.72 -53.33 -56.90
CA PRO E 505 5.50 -53.34 -57.78
C PRO E 505 5.13 -52.00 -58.47
N ALA E 506 5.32 -51.88 -59.78
CA ALA E 506 5.22 -50.67 -60.59
C ALA E 506 3.89 -49.83 -60.56
N LEU E 507 2.79 -50.34 -60.06
CA LEU E 507 1.45 -49.78 -59.92
C LEU E 507 1.40 -49.12 -58.57
N VAL E 508 2.01 -49.60 -57.50
CA VAL E 508 2.09 -49.05 -56.15
C VAL E 508 2.72 -47.65 -56.17
N LYS E 509 3.86 -47.58 -56.85
CA LYS E 509 4.62 -46.34 -56.93
C LYS E 509 3.95 -45.45 -57.99
N MET E 510 2.73 -45.82 -58.43
CA MET E 510 1.77 -45.05 -59.26
C MET E 510 0.56 -44.73 -58.34
N ASN E 511 -0.01 -45.64 -57.44
CA ASN E 511 -1.05 -45.19 -56.53
C ASN E 511 -0.55 -44.24 -55.43
N ALA E 512 0.69 -44.30 -54.97
CA ALA E 512 1.22 -43.31 -54.05
C ALA E 512 1.19 -41.91 -54.66
N ILE E 513 1.78 -41.80 -55.88
CA ILE E 513 1.86 -40.57 -56.67
C ILE E 513 0.43 -39.95 -56.91
N LYS E 514 -0.51 -40.81 -57.37
CA LYS E 514 -1.87 -40.41 -57.57
C LYS E 514 -2.61 -39.93 -56.27
N ALA E 515 -2.43 -40.71 -55.15
CA ALA E 515 -2.85 -40.31 -53.79
C ALA E 515 -2.24 -39.02 -53.31
N ALA E 516 -0.92 -38.94 -53.18
CA ALA E 516 -0.15 -37.75 -52.79
C ALA E 516 -0.47 -36.41 -53.47
N THR E 517 -0.54 -36.41 -54.80
CA THR E 517 -0.91 -35.20 -55.62
C THR E 517 -2.41 -34.89 -55.45
N GLU E 518 -3.34 -35.85 -55.25
CA GLU E 518 -4.71 -35.59 -54.93
C GLU E 518 -4.79 -34.73 -53.59
N ALA E 519 -4.25 -35.19 -52.51
CA ALA E 519 -4.21 -34.63 -51.17
C ALA E 519 -3.58 -33.20 -51.20
N ALA E 520 -2.34 -33.13 -51.74
CA ALA E 520 -1.61 -31.88 -52.10
C ALA E 520 -2.41 -30.84 -52.87
N THR E 521 -2.98 -31.22 -53.97
CA THR E 521 -3.88 -30.38 -54.81
C THR E 521 -5.19 -30.07 -54.14
N LEU E 522 -5.68 -30.89 -53.23
CA LEU E 522 -6.84 -30.56 -52.40
C LEU E 522 -6.60 -29.45 -51.40
N VAL E 523 -5.41 -29.36 -50.75
CA VAL E 523 -5.12 -28.18 -49.95
C VAL E 523 -5.01 -26.90 -50.77
N LEU E 524 -4.39 -26.98 -51.97
CA LEU E 524 -4.15 -25.81 -52.77
C LEU E 524 -5.40 -25.24 -53.30
N ARG E 525 -6.45 -26.07 -53.49
CA ARG E 525 -7.72 -25.50 -53.84
C ARG E 525 -8.43 -24.74 -52.79
N ILE E 526 -8.21 -25.11 -51.50
CA ILE E 526 -8.93 -24.48 -50.38
C ILE E 526 -8.44 -23.05 -50.10
N ASP E 527 -9.34 -22.09 -50.13
CA ASP E 527 -9.16 -20.70 -49.95
C ASP E 527 -9.54 -20.31 -48.51
N ASP E 528 -10.61 -20.87 -47.92
CA ASP E 528 -10.94 -20.43 -46.59
C ASP E 528 -11.62 -21.53 -45.84
N VAL E 529 -11.79 -21.35 -44.58
CA VAL E 529 -12.41 -22.23 -43.62
C VAL E 529 -13.40 -21.52 -42.82
N VAL E 530 -14.66 -21.87 -43.06
CA VAL E 530 -15.72 -21.26 -42.22
C VAL E 530 -16.16 -22.34 -41.24
N SER E 531 -15.98 -21.99 -39.87
CA SER E 531 -16.30 -23.00 -38.90
C SER E 531 -17.43 -22.49 -38.10
N ALA E 532 -18.44 -23.33 -37.82
CA ALA E 532 -19.62 -23.04 -37.02
C ALA E 532 -19.38 -23.52 -35.49
N GLY F 28 -31.40 7.47 -41.53
CA GLY F 28 -30.17 8.02 -42.28
C GLY F 28 -28.87 7.23 -42.13
N LYS F 29 -27.72 7.85 -42.35
CA LYS F 29 -26.45 7.16 -42.17
C LYS F 29 -26.20 6.18 -40.97
N GLU F 30 -26.75 6.46 -39.79
CA GLU F 30 -26.91 5.64 -38.59
C GLU F 30 -26.91 4.09 -38.72
N ALA F 31 -28.02 3.45 -39.13
CA ALA F 31 -28.16 2.00 -39.30
C ALA F 31 -27.61 1.56 -40.67
N VAL F 32 -27.80 2.38 -41.77
CA VAL F 32 -27.37 2.18 -43.11
C VAL F 32 -25.94 1.76 -43.34
N ARG F 33 -25.00 2.22 -42.51
CA ARG F 33 -23.67 1.76 -42.72
C ARG F 33 -23.45 0.29 -42.45
N ALA F 34 -23.93 -0.08 -41.27
CA ALA F 34 -24.02 -1.42 -40.64
C ALA F 34 -24.78 -2.38 -41.53
N ASN F 35 -25.97 -2.06 -41.99
CA ASN F 35 -26.72 -2.90 -42.96
C ASN F 35 -25.88 -3.24 -44.25
N ILE F 36 -25.33 -2.15 -44.95
CA ILE F 36 -24.40 -2.28 -46.11
C ILE F 36 -23.27 -3.17 -45.77
N ALA F 37 -22.50 -2.84 -44.68
CA ALA F 37 -21.38 -3.58 -44.22
C ALA F 37 -21.60 -5.06 -44.15
N ALA F 38 -22.65 -5.45 -43.40
CA ALA F 38 -23.15 -6.81 -43.37
C ALA F 38 -23.39 -7.38 -44.76
N VAL F 39 -24.10 -6.67 -45.69
CA VAL F 39 -24.34 -7.13 -47.10
C VAL F 39 -22.97 -7.43 -47.85
N LYS F 40 -22.14 -6.43 -47.90
CA LYS F 40 -20.79 -6.47 -48.36
C LYS F 40 -19.88 -7.60 -47.79
N ALA F 41 -20.03 -7.85 -46.43
CA ALA F 41 -19.43 -9.01 -45.76
C ALA F 41 -19.86 -10.34 -46.43
N VAL F 42 -21.18 -10.62 -46.64
CA VAL F 42 -21.66 -11.90 -47.37
C VAL F 42 -21.11 -12.01 -48.77
N GLU F 43 -21.04 -10.85 -49.51
CA GLU F 43 -20.45 -10.70 -50.77
C GLU F 43 -18.96 -11.13 -50.80
N GLU F 44 -18.15 -10.66 -49.87
CA GLU F 44 -16.79 -10.99 -49.65
C GLU F 44 -16.63 -12.49 -49.35
N ALA F 45 -17.74 -13.31 -49.15
CA ALA F 45 -17.68 -14.66 -48.82
C ALA F 45 -17.75 -15.54 -50.05
N LEU F 46 -18.28 -14.99 -51.20
CA LEU F 46 -18.49 -15.82 -52.41
C LEU F 46 -17.51 -15.42 -53.46
N LYS F 47 -17.16 -14.09 -53.38
CA LYS F 47 -16.15 -13.54 -54.27
C LYS F 47 -15.04 -14.38 -54.96
N SER F 48 -14.23 -15.11 -54.18
CA SER F 48 -13.22 -15.99 -54.58
C SER F 48 -13.70 -17.32 -55.21
N THR F 49 -14.98 -17.55 -55.44
CA THR F 49 -15.54 -18.77 -55.98
C THR F 49 -16.30 -18.45 -57.26
N TYR F 50 -16.39 -17.17 -57.75
CA TYR F 50 -17.14 -16.74 -58.88
C TYR F 50 -16.71 -17.41 -60.17
N GLY F 51 -17.67 -17.78 -61.00
CA GLY F 51 -17.34 -18.41 -62.30
C GLY F 51 -16.88 -19.88 -62.20
N PRO F 52 -16.59 -20.53 -63.35
CA PRO F 52 -16.00 -21.88 -63.43
C PRO F 52 -14.49 -21.82 -63.09
N ARG F 53 -13.88 -20.62 -62.84
CA ARG F 53 -12.48 -20.50 -62.62
C ARG F 53 -12.19 -20.28 -61.15
N GLY F 54 -13.27 -20.40 -60.30
CA GLY F 54 -13.12 -20.12 -58.92
C GLY F 54 -12.37 -21.05 -57.97
N MET F 55 -12.18 -20.72 -56.69
CA MET F 55 -11.53 -21.55 -55.67
C MET F 55 -12.54 -22.30 -54.80
N ASP F 56 -12.03 -23.19 -53.89
CA ASP F 56 -12.97 -24.01 -53.11
C ASP F 56 -12.89 -23.52 -51.61
N LYS F 57 -14.01 -23.46 -50.97
CA LYS F 57 -14.07 -23.04 -49.56
C LYS F 57 -14.32 -24.33 -48.76
N MET F 58 -13.76 -24.39 -47.54
CA MET F 58 -13.94 -25.58 -46.72
C MET F 58 -14.93 -25.10 -45.69
N LEU F 59 -15.93 -25.88 -45.26
CA LEU F 59 -16.98 -25.53 -44.33
C LEU F 59 -16.90 -26.66 -43.30
N VAL F 60 -16.58 -26.26 -42.06
CA VAL F 60 -16.37 -27.09 -40.91
C VAL F 60 -17.61 -26.94 -40.06
N ASP F 61 -18.44 -27.96 -39.97
CA ASP F 61 -19.71 -27.81 -39.18
C ASP F 61 -19.48 -27.84 -37.67
N SER F 62 -20.50 -27.48 -36.91
CA SER F 62 -20.40 -27.36 -35.46
C SER F 62 -19.82 -28.52 -34.69
N LEU F 63 -20.30 -29.74 -34.98
CA LEU F 63 -19.84 -30.97 -34.53
C LEU F 63 -18.61 -31.56 -35.29
N GLY F 64 -17.92 -30.78 -36.15
CA GLY F 64 -16.62 -31.31 -36.65
C GLY F 64 -16.65 -32.00 -37.98
N ASP F 65 -17.81 -32.05 -38.67
CA ASP F 65 -17.80 -32.56 -40.04
C ASP F 65 -17.32 -31.54 -41.11
N ILE F 66 -16.68 -32.09 -42.16
CA ILE F 66 -16.14 -31.25 -43.25
C ILE F 66 -16.90 -31.33 -44.55
N THR F 67 -17.05 -30.20 -45.20
CA THR F 67 -17.58 -30.14 -46.51
C THR F 67 -16.79 -29.14 -47.35
N ILE F 68 -16.08 -29.55 -48.45
CA ILE F 68 -15.36 -28.59 -49.28
C ILE F 68 -16.13 -28.33 -50.55
N THR F 69 -16.42 -27.08 -50.95
CA THR F 69 -17.17 -26.91 -52.14
C THR F 69 -16.97 -25.56 -52.71
N ASN F 70 -17.58 -25.30 -53.86
CA ASN F 70 -17.51 -24.00 -54.61
C ASN F 70 -18.94 -23.68 -54.91
N ASP F 71 -19.91 -24.36 -54.38
CA ASP F 71 -21.36 -24.12 -54.49
C ASP F 71 -21.74 -22.95 -53.68
N GLY F 72 -22.22 -21.90 -54.47
CA GLY F 72 -22.67 -20.66 -53.84
C GLY F 72 -23.74 -20.78 -52.73
N ALA F 73 -24.86 -21.42 -53.03
CA ALA F 73 -25.93 -21.89 -52.13
C ALA F 73 -25.39 -22.52 -50.83
N THR F 74 -24.58 -23.59 -50.96
CA THR F 74 -24.05 -24.35 -49.76
C THR F 74 -23.34 -23.51 -48.74
N ILE F 75 -22.53 -22.55 -49.32
CA ILE F 75 -21.76 -21.47 -48.61
C ILE F 75 -22.65 -20.45 -47.97
N LEU F 76 -23.95 -20.34 -48.44
CA LEU F 76 -24.88 -19.34 -47.96
C LEU F 76 -25.76 -20.06 -47.00
N ASP F 77 -26.04 -21.33 -47.22
CA ASP F 77 -26.88 -22.16 -46.35
C ASP F 77 -26.20 -22.36 -45.04
N LYS F 78 -24.95 -22.83 -45.08
CA LYS F 78 -24.12 -23.10 -43.86
C LYS F 78 -23.57 -21.90 -43.11
N MET F 79 -23.77 -20.71 -43.67
CA MET F 79 -23.31 -19.47 -43.05
C MET F 79 -24.38 -18.93 -42.03
N ASP F 80 -23.96 -18.44 -40.87
CA ASP F 80 -24.84 -18.05 -39.82
C ASP F 80 -25.17 -16.62 -39.99
N LEU F 81 -26.35 -16.33 -40.59
CA LEU F 81 -26.74 -14.98 -40.93
C LEU F 81 -27.53 -14.29 -39.82
N GLN F 82 -26.91 -13.35 -39.03
CA GLN F 82 -27.67 -12.77 -37.88
C GLN F 82 -28.05 -11.29 -38.10
N HIS F 83 -27.56 -10.71 -39.17
CA HIS F 83 -27.79 -9.30 -39.36
C HIS F 83 -29.00 -9.16 -40.21
N PRO F 84 -29.97 -8.35 -39.87
CA PRO F 84 -31.22 -8.32 -40.72
C PRO F 84 -31.09 -8.13 -42.20
N ALA F 85 -30.30 -7.10 -42.61
CA ALA F 85 -30.01 -6.69 -44.00
C ALA F 85 -29.63 -7.88 -44.76
N ALA F 86 -28.63 -8.62 -44.23
CA ALA F 86 -28.10 -9.81 -44.85
C ALA F 86 -29.23 -10.86 -45.17
N LYS F 87 -30.02 -11.26 -44.16
CA LYS F 87 -31.13 -12.19 -44.31
C LYS F 87 -32.20 -11.76 -45.31
N LEU F 88 -32.38 -10.41 -45.35
CA LEU F 88 -33.35 -9.83 -46.33
C LEU F 88 -32.90 -9.89 -47.76
N LEU F 89 -31.60 -9.58 -47.96
CA LEU F 89 -30.96 -9.68 -49.27
C LEU F 89 -30.93 -11.16 -49.74
N VAL F 90 -30.36 -12.17 -48.98
CA VAL F 90 -30.25 -13.57 -49.42
C VAL F 90 -31.49 -14.33 -49.79
N GLN F 91 -32.53 -13.97 -49.07
CA GLN F 91 -33.88 -14.38 -49.47
C GLN F 91 -34.41 -13.92 -50.86
N ILE F 92 -34.09 -12.62 -51.23
CA ILE F 92 -34.41 -12.14 -52.58
C ILE F 92 -33.44 -12.72 -53.64
N ALA F 93 -32.16 -12.74 -53.27
CA ALA F 93 -31.06 -13.13 -54.07
C ALA F 93 -31.01 -14.57 -54.41
N LYS F 94 -30.87 -15.37 -53.34
CA LYS F 94 -30.95 -16.81 -53.45
C LYS F 94 -32.29 -17.23 -53.98
N GLY F 95 -33.42 -16.95 -53.23
CA GLY F 95 -34.76 -17.46 -53.49
C GLY F 95 -35.45 -16.98 -54.70
N GLN F 96 -34.64 -16.58 -55.70
CA GLN F 96 -35.04 -15.98 -56.99
C GLN F 96 -35.96 -16.83 -57.83
N ASP F 97 -36.64 -16.15 -58.82
CA ASP F 97 -37.77 -16.75 -59.52
C ASP F 97 -37.49 -18.07 -60.16
N GLU F 98 -36.27 -18.24 -60.74
CA GLU F 98 -35.80 -19.50 -61.32
C GLU F 98 -34.52 -19.95 -60.63
N GLU F 99 -34.47 -21.17 -60.02
CA GLU F 99 -33.33 -21.79 -59.44
C GLU F 99 -32.12 -22.04 -60.41
N THR F 100 -30.98 -21.67 -59.93
CA THR F 100 -29.68 -21.59 -60.64
C THR F 100 -28.50 -21.42 -59.70
N ALA F 101 -27.58 -22.39 -59.86
CA ALA F 101 -26.40 -22.45 -59.09
C ALA F 101 -25.55 -21.23 -59.43
N ASP F 102 -25.29 -21.00 -60.74
CA ASP F 102 -24.44 -19.87 -61.19
C ASP F 102 -25.05 -18.50 -61.04
N GLY F 103 -26.31 -18.30 -61.57
CA GLY F 103 -27.05 -17.03 -61.35
C GLY F 103 -27.42 -16.72 -59.96
N THR F 104 -27.66 -17.63 -59.00
CA THR F 104 -27.82 -17.15 -57.61
C THR F 104 -26.50 -16.57 -56.97
N LYS F 105 -25.31 -17.12 -57.23
CA LYS F 105 -24.00 -16.67 -56.76
C LYS F 105 -23.59 -15.32 -57.30
N THR F 106 -24.02 -15.16 -58.60
CA THR F 106 -23.97 -13.93 -59.43
C THR F 106 -24.83 -12.82 -58.87
N ALA F 107 -26.15 -13.08 -58.68
CA ALA F 107 -27.16 -12.23 -58.04
C ALA F 107 -26.62 -11.60 -56.75
N VAL F 108 -25.99 -12.47 -55.86
CA VAL F 108 -25.54 -11.93 -54.59
C VAL F 108 -24.39 -11.02 -54.79
N ILE F 109 -23.38 -11.49 -55.55
CA ILE F 109 -22.15 -10.72 -55.87
C ILE F 109 -22.46 -9.37 -56.42
N PHE F 110 -23.25 -9.23 -57.55
CA PHE F 110 -23.77 -8.08 -58.11
C PHE F 110 -24.64 -7.26 -57.20
N SER F 111 -25.54 -7.82 -56.33
CA SER F 111 -26.29 -7.02 -55.35
C SER F 111 -25.28 -6.23 -54.47
N GLY F 112 -24.33 -7.02 -53.87
CA GLY F 112 -23.38 -6.39 -52.96
C GLY F 112 -22.47 -5.33 -53.55
N GLU F 113 -22.23 -5.49 -54.85
CA GLU F 113 -21.48 -4.43 -55.59
C GLU F 113 -22.30 -3.13 -55.74
N LEU F 114 -23.63 -3.26 -56.04
CA LEU F 114 -24.52 -2.14 -56.24
C LEU F 114 -24.60 -1.22 -54.99
N VAL F 115 -24.73 -1.90 -53.82
CA VAL F 115 -24.68 -1.30 -52.52
C VAL F 115 -23.29 -0.60 -52.32
N LYS F 116 -22.18 -1.14 -52.61
CA LYS F 116 -20.84 -0.62 -52.53
C LYS F 116 -20.81 0.58 -53.43
N LYS F 117 -21.01 0.55 -54.72
CA LYS F 117 -20.90 1.72 -55.61
C LYS F 117 -21.85 2.93 -55.26
N ALA F 118 -22.96 2.75 -54.52
CA ALA F 118 -23.86 3.77 -54.16
C ALA F 118 -23.28 4.60 -53.00
N GLU F 119 -22.41 3.98 -52.12
CA GLU F 119 -21.75 4.69 -51.06
C GLU F 119 -20.79 5.87 -51.49
N ASP F 120 -20.07 5.80 -52.52
CA ASP F 120 -19.30 6.83 -53.06
C ASP F 120 -20.26 7.97 -53.55
N LEU F 121 -21.51 7.77 -53.93
CA LEU F 121 -22.40 8.84 -54.31
C LEU F 121 -22.84 9.56 -53.07
N LEU F 122 -23.19 8.76 -51.98
CA LEU F 122 -23.71 9.34 -50.77
C LEU F 122 -22.77 10.29 -50.10
N TYR F 123 -21.44 9.98 -50.23
CA TYR F 123 -20.29 10.81 -49.83
C TYR F 123 -20.28 12.14 -50.55
N LYS F 124 -20.61 12.13 -51.86
CA LYS F 124 -20.74 13.23 -52.68
C LYS F 124 -22.14 13.93 -52.53
N ASP F 125 -22.93 13.52 -51.53
CA ASP F 125 -24.25 14.10 -51.24
C ASP F 125 -25.33 13.97 -52.26
N VAL F 126 -25.78 12.70 -52.46
CA VAL F 126 -26.86 12.34 -53.35
C VAL F 126 -27.66 11.54 -52.41
N HIS F 127 -29.01 11.64 -52.51
CA HIS F 127 -29.89 10.93 -51.54
C HIS F 127 -30.21 9.57 -52.03
N PRO F 128 -30.34 8.47 -51.15
CA PRO F 128 -30.65 7.11 -51.60
C PRO F 128 -31.94 7.06 -52.42
N THR F 129 -32.91 7.98 -52.26
CA THR F 129 -34.16 8.02 -53.07
C THR F 129 -33.95 8.21 -54.55
N ILE F 130 -32.85 8.97 -54.91
CA ILE F 130 -32.45 9.15 -56.27
C ILE F 130 -31.84 7.86 -56.74
N ILE F 131 -30.90 7.27 -55.92
CA ILE F 131 -30.16 6.07 -56.25
C ILE F 131 -31.00 4.87 -56.50
N ILE F 132 -32.21 4.80 -55.85
CA ILE F 132 -33.21 3.79 -56.18
C ILE F 132 -33.81 3.93 -57.58
N SER F 133 -34.36 5.14 -57.89
CA SER F 133 -34.93 5.57 -59.16
C SER F 133 -33.87 5.39 -60.17
N GLY F 134 -32.60 5.79 -59.90
CA GLY F 134 -31.41 5.68 -60.71
C GLY F 134 -31.06 4.31 -61.18
N TYR F 135 -30.90 3.41 -60.18
CA TYR F 135 -30.59 2.02 -60.26
C TYR F 135 -31.67 1.30 -61.01
N LYS F 136 -32.91 1.62 -60.76
CA LYS F 136 -34.07 1.20 -61.57
C LYS F 136 -33.89 1.57 -63.00
N LYS F 137 -33.76 2.86 -63.43
CA LYS F 137 -33.63 3.21 -64.87
C LYS F 137 -32.48 2.50 -65.60
N ALA F 138 -31.37 2.25 -64.83
CA ALA F 138 -30.26 1.43 -65.29
C ALA F 138 -30.66 -0.08 -65.36
N GLU F 139 -31.41 -0.63 -64.42
CA GLU F 139 -32.03 -1.96 -64.57
C GLU F 139 -32.93 -2.15 -65.72
N GLU F 140 -33.82 -1.22 -65.98
CA GLU F 140 -34.75 -1.09 -67.12
C GLU F 140 -34.06 -1.43 -68.46
N VAL F 141 -33.10 -0.52 -68.83
CA VAL F 141 -32.17 -0.65 -69.91
C VAL F 141 -31.28 -1.98 -69.89
N ALA F 142 -30.63 -2.30 -68.71
CA ALA F 142 -29.95 -3.54 -68.47
C ALA F 142 -30.72 -4.88 -68.70
N LEU F 143 -32.00 -4.94 -68.31
CA LEU F 143 -32.84 -6.11 -68.52
C LEU F 143 -33.15 -6.21 -70.01
N GLN F 144 -33.82 -5.19 -70.63
CA GLN F 144 -34.11 -5.18 -72.08
C GLN F 144 -32.87 -5.36 -73.03
N THR F 145 -31.64 -5.03 -72.62
CA THR F 145 -30.35 -5.34 -73.32
C THR F 145 -30.10 -6.85 -73.34
N ILE F 146 -30.73 -7.67 -72.48
CA ILE F 146 -30.49 -9.10 -72.60
C ILE F 146 -31.48 -9.63 -73.68
N GLN F 147 -32.73 -9.16 -73.78
CA GLN F 147 -33.74 -9.42 -74.70
C GLN F 147 -33.26 -9.03 -76.10
N GLU F 148 -33.01 -7.72 -76.27
CA GLU F 148 -32.61 -7.14 -77.50
C GLU F 148 -31.12 -7.41 -77.89
N LEU F 149 -30.66 -8.67 -77.77
CA LEU F 149 -29.32 -9.17 -78.01
C LEU F 149 -29.30 -10.61 -78.10
N ALA F 150 -30.22 -11.36 -77.44
CA ALA F 150 -30.28 -12.81 -77.46
C ALA F 150 -30.43 -13.49 -78.85
N GLN F 151 -29.86 -14.73 -78.79
CA GLN F 151 -29.94 -15.58 -80.00
C GLN F 151 -30.92 -16.76 -79.82
N THR F 152 -31.65 -17.14 -80.82
CA THR F 152 -32.67 -18.24 -80.78
C THR F 152 -32.01 -19.53 -80.66
N VAL F 153 -32.15 -20.26 -79.53
CA VAL F 153 -31.60 -21.56 -79.30
C VAL F 153 -32.68 -22.43 -78.83
N SER F 154 -33.21 -23.33 -79.64
CA SER F 154 -34.24 -24.18 -79.34
C SER F 154 -33.87 -25.59 -79.42
N ILE F 155 -34.84 -26.53 -79.60
CA ILE F 155 -34.63 -27.97 -79.56
C ILE F 155 -33.80 -28.53 -80.72
N ASN F 156 -34.02 -27.99 -81.89
CA ASN F 156 -33.30 -28.35 -83.17
C ASN F 156 -31.99 -27.70 -83.33
N ASP F 157 -31.54 -27.00 -82.30
CA ASP F 157 -30.26 -26.39 -82.19
C ASP F 157 -29.42 -27.33 -81.36
N THR F 158 -29.25 -28.51 -81.86
CA THR F 158 -28.65 -29.63 -81.13
C THR F 158 -27.16 -29.59 -80.94
N ASP F 159 -26.46 -28.88 -81.84
CA ASP F 159 -25.11 -28.59 -81.51
C ASP F 159 -24.82 -27.57 -80.51
N LEU F 160 -25.85 -26.73 -80.16
CA LEU F 160 -25.78 -25.58 -79.29
C LEU F 160 -26.07 -26.00 -77.83
N LEU F 161 -27.12 -26.79 -77.61
CA LEU F 161 -27.47 -27.31 -76.27
C LEU F 161 -26.29 -28.15 -75.66
N ARG F 162 -25.51 -28.84 -76.50
CA ARG F 162 -24.29 -29.60 -76.15
C ARG F 162 -23.30 -28.67 -75.49
N LYS F 163 -23.36 -27.37 -75.85
CA LYS F 163 -22.37 -26.39 -75.44
C LYS F 163 -22.79 -25.84 -74.08
N ILE F 164 -24.02 -25.25 -74.02
CA ILE F 164 -24.76 -24.94 -72.84
C ILE F 164 -24.73 -25.95 -71.77
N ALA F 165 -24.60 -27.25 -72.11
CA ALA F 165 -24.38 -28.37 -71.19
C ALA F 165 -23.08 -28.38 -70.60
N MET F 166 -21.97 -28.18 -71.39
CA MET F 166 -20.59 -28.07 -70.94
C MET F 166 -20.44 -26.82 -69.99
N THR F 167 -21.11 -25.72 -70.40
CA THR F 167 -21.28 -24.46 -69.64
C THR F 167 -21.89 -24.59 -68.31
N SER F 168 -22.54 -25.75 -67.97
CA SER F 168 -23.22 -25.93 -66.71
C SER F 168 -22.38 -26.74 -65.86
N LEU F 169 -21.87 -27.88 -66.47
CA LEU F 169 -21.01 -28.85 -65.77
C LEU F 169 -19.63 -28.36 -65.45
N SER F 170 -19.08 -27.42 -66.26
CA SER F 170 -17.83 -26.62 -66.05
C SER F 170 -17.83 -25.82 -64.76
N SER F 171 -18.98 -25.50 -64.21
CA SER F 171 -18.98 -24.72 -62.98
C SER F 171 -18.92 -25.62 -61.75
N LYS F 172 -19.10 -26.97 -61.82
CA LYS F 172 -19.09 -27.85 -60.66
C LYS F 172 -17.71 -28.50 -60.51
N ALA F 173 -17.55 -29.35 -59.45
CA ALA F 173 -16.22 -29.96 -59.18
C ALA F 173 -15.96 -30.96 -60.29
N VAL F 174 -16.92 -31.91 -60.52
CA VAL F 174 -16.94 -33.08 -61.46
C VAL F 174 -17.10 -32.65 -62.95
N ALA F 175 -16.16 -31.82 -63.43
CA ALA F 175 -16.23 -31.35 -64.81
C ALA F 175 -15.42 -32.34 -65.69
N GLY F 176 -15.11 -33.59 -65.20
CA GLY F 176 -14.46 -34.57 -66.08
C GLY F 176 -15.41 -35.18 -67.01
N ALA F 177 -15.00 -35.54 -68.20
CA ALA F 177 -15.82 -36.07 -69.31
C ALA F 177 -17.14 -35.28 -69.55
N ARG F 178 -16.96 -33.93 -69.62
CA ARG F 178 -18.19 -33.14 -69.70
C ARG F 178 -18.73 -33.12 -71.10
N GLU F 179 -17.86 -33.24 -72.18
CA GLU F 179 -18.41 -33.46 -73.49
C GLU F 179 -19.35 -34.72 -73.57
N TYR F 180 -18.92 -35.80 -72.90
CA TYR F 180 -19.67 -37.05 -72.82
C TYR F 180 -21.03 -36.81 -72.25
N ILE F 181 -21.09 -36.18 -71.06
CA ILE F 181 -22.35 -35.95 -70.36
C ILE F 181 -23.10 -34.88 -71.17
N ALA F 182 -22.44 -33.87 -71.79
CA ALA F 182 -23.05 -32.82 -72.53
C ALA F 182 -24.02 -33.30 -73.70
N ASP F 183 -23.40 -34.16 -74.51
CA ASP F 183 -24.04 -34.85 -75.64
C ASP F 183 -25.29 -35.69 -75.18
N ILE F 184 -25.12 -36.52 -74.08
CA ILE F 184 -26.25 -37.23 -73.40
C ILE F 184 -27.42 -36.40 -72.99
N VAL F 185 -27.06 -35.42 -72.17
CA VAL F 185 -27.92 -34.43 -71.70
C VAL F 185 -28.85 -33.75 -72.67
N VAL F 186 -28.38 -33.44 -73.91
CA VAL F 186 -29.22 -32.96 -74.98
C VAL F 186 -30.25 -33.97 -75.41
N LYS F 187 -29.83 -35.23 -75.72
CA LYS F 187 -30.68 -36.26 -76.14
C LYS F 187 -31.83 -36.58 -75.16
N ALA F 188 -31.44 -36.61 -73.82
CA ALA F 188 -32.30 -36.82 -72.69
C ALA F 188 -33.41 -35.81 -72.52
N VAL F 189 -33.13 -34.56 -72.81
CA VAL F 189 -34.13 -33.54 -72.72
C VAL F 189 -34.97 -33.50 -73.99
N THR F 190 -34.41 -33.40 -75.16
CA THR F 190 -35.11 -33.39 -76.47
C THR F 190 -36.00 -34.70 -76.69
N GLN F 191 -35.79 -35.83 -76.01
CA GLN F 191 -36.70 -36.94 -76.08
C GLN F 191 -38.00 -36.65 -75.33
N VAL F 192 -37.92 -35.92 -74.18
CA VAL F 192 -38.96 -35.66 -73.27
C VAL F 192 -39.71 -34.38 -73.59
N ALA F 193 -39.08 -33.44 -74.20
CA ALA F 193 -39.60 -32.20 -74.69
C ALA F 193 -40.73 -32.42 -75.72
N GLU F 194 -41.84 -31.73 -75.57
CA GLU F 194 -42.99 -31.68 -76.44
C GLU F 194 -43.35 -30.22 -76.69
N LEU F 195 -44.20 -29.96 -77.68
CA LEU F 195 -44.77 -28.63 -77.91
C LEU F 195 -46.30 -28.65 -77.68
N ARG F 196 -46.71 -27.74 -76.76
CA ARG F 196 -48.09 -27.48 -76.39
C ARG F 196 -48.45 -26.00 -76.50
N GLY F 197 -49.32 -25.65 -77.49
CA GLY F 197 -49.75 -24.36 -77.84
C GLY F 197 -48.72 -23.31 -78.18
N ASP F 198 -47.92 -23.64 -79.25
CA ASP F 198 -46.77 -22.81 -79.80
C ASP F 198 -45.52 -22.82 -78.97
N LYS F 199 -45.66 -23.31 -77.75
CA LYS F 199 -44.60 -23.29 -76.78
C LYS F 199 -44.04 -24.70 -76.39
N TRP F 200 -42.66 -24.80 -76.18
CA TRP F 200 -41.89 -26.00 -75.83
C TRP F 200 -42.10 -26.13 -74.28
N TYR F 201 -42.32 -27.42 -73.93
CA TYR F 201 -42.44 -27.86 -72.59
C TYR F 201 -41.45 -29.04 -72.38
N VAL F 202 -41.01 -29.26 -71.13
CA VAL F 202 -40.13 -30.37 -70.88
C VAL F 202 -40.60 -30.82 -69.51
N ASP F 203 -41.32 -31.91 -69.49
CA ASP F 203 -41.82 -32.61 -68.24
C ASP F 203 -40.66 -33.48 -67.69
N LEU F 204 -39.88 -32.93 -66.83
CA LEU F 204 -38.71 -33.56 -66.23
C LEU F 204 -38.89 -34.93 -65.47
N ASP F 205 -39.99 -35.22 -64.83
CA ASP F 205 -40.26 -36.47 -64.27
C ASP F 205 -40.20 -37.70 -65.08
N ASN F 206 -40.28 -37.52 -66.43
CA ASN F 206 -40.12 -38.56 -67.39
C ASN F 206 -38.65 -38.90 -67.51
N ILE F 207 -37.76 -38.49 -66.58
CA ILE F 207 -36.37 -38.81 -66.63
C ILE F 207 -36.08 -39.31 -65.29
N GLN F 208 -35.57 -40.61 -65.20
CA GLN F 208 -35.19 -41.31 -63.95
C GLN F 208 -33.75 -41.18 -63.87
N ILE F 209 -33.23 -41.23 -62.62
CA ILE F 209 -31.85 -41.12 -62.32
C ILE F 209 -31.42 -42.28 -61.42
N VAL F 210 -30.61 -43.25 -61.90
CA VAL F 210 -30.15 -44.32 -61.05
C VAL F 210 -28.65 -44.19 -61.04
N LYS F 211 -27.96 -44.40 -59.95
CA LYS F 211 -26.56 -44.23 -59.81
C LYS F 211 -25.96 -45.36 -58.98
N LYS F 212 -24.84 -45.87 -59.46
CA LYS F 212 -24.05 -46.98 -58.84
C LYS F 212 -22.64 -46.45 -58.64
N ALA F 213 -22.08 -46.44 -57.41
CA ALA F 213 -20.62 -46.02 -57.25
C ALA F 213 -19.73 -47.00 -57.93
N GLY F 214 -18.58 -46.52 -58.34
CA GLY F 214 -17.50 -47.11 -59.13
C GLY F 214 -17.43 -46.66 -60.57
N GLY F 215 -16.46 -47.25 -61.33
CA GLY F 215 -16.20 -46.80 -62.74
C GLY F 215 -15.86 -45.40 -62.96
N SER F 216 -16.01 -44.83 -64.11
CA SER F 216 -15.73 -43.46 -64.44
C SER F 216 -16.94 -42.76 -65.07
N ILE F 217 -16.87 -41.44 -65.38
CA ILE F 217 -17.96 -40.65 -65.94
C ILE F 217 -18.16 -41.00 -67.42
N ASN F 218 -17.10 -41.56 -68.06
CA ASN F 218 -17.29 -42.15 -69.36
C ASN F 218 -18.14 -43.37 -69.31
N ASP F 219 -18.36 -43.99 -68.14
CA ASP F 219 -19.16 -45.14 -68.03
C ASP F 219 -20.67 -44.82 -67.83
N THR F 220 -21.15 -43.61 -68.08
CA THR F 220 -22.54 -43.25 -67.97
C THR F 220 -23.30 -43.43 -69.30
N GLN F 221 -24.66 -43.62 -69.16
CA GLN F 221 -25.48 -43.81 -70.35
C GLN F 221 -26.95 -43.33 -70.26
N LEU F 222 -27.65 -43.15 -71.43
CA LEU F 222 -28.98 -42.79 -71.55
C LEU F 222 -29.77 -44.12 -71.91
N VAL F 223 -30.86 -44.34 -71.22
CA VAL F 223 -31.71 -45.48 -71.42
C VAL F 223 -33.05 -45.02 -72.00
N TYR F 224 -33.60 -45.73 -73.01
CA TYR F 224 -34.90 -45.50 -73.59
C TYR F 224 -35.89 -46.38 -72.89
N GLY F 225 -36.03 -46.15 -71.59
CA GLY F 225 -36.86 -46.84 -70.71
C GLY F 225 -36.72 -46.56 -69.28
N ILE F 226 -37.45 -47.18 -68.37
CA ILE F 226 -37.40 -46.99 -66.89
C ILE F 226 -36.42 -47.97 -66.18
N VAL F 227 -35.71 -47.59 -65.20
CA VAL F 227 -34.73 -48.42 -64.57
C VAL F 227 -34.96 -48.34 -63.01
N VAL F 228 -35.34 -49.48 -62.48
CA VAL F 228 -35.77 -49.81 -61.12
C VAL F 228 -34.47 -50.22 -60.51
N ASP F 229 -34.08 -49.46 -59.47
CA ASP F 229 -32.82 -49.59 -58.74
C ASP F 229 -32.67 -50.99 -58.09
N LYS F 230 -33.72 -51.66 -57.64
CA LYS F 230 -33.62 -52.95 -56.96
C LYS F 230 -33.46 -54.09 -57.90
N GLU F 231 -32.40 -54.93 -57.70
CA GLU F 231 -32.21 -56.11 -58.48
C GLU F 231 -33.15 -57.24 -58.16
N VAL F 232 -33.11 -58.34 -58.97
CA VAL F 232 -33.94 -59.52 -58.70
C VAL F 232 -33.71 -60.28 -57.39
N VAL F 233 -34.75 -60.96 -56.86
CA VAL F 233 -34.77 -61.51 -55.52
C VAL F 233 -34.03 -62.88 -55.51
N HIS F 234 -34.08 -63.60 -56.63
CA HIS F 234 -33.35 -64.79 -56.71
C HIS F 234 -32.65 -64.90 -58.10
N PRO F 235 -31.30 -65.21 -58.19
CA PRO F 235 -30.67 -65.48 -59.55
C PRO F 235 -31.30 -66.62 -60.40
N GLY F 236 -32.11 -67.46 -59.79
CA GLY F 236 -32.67 -68.63 -60.45
C GLY F 236 -33.89 -68.22 -61.22
N MET F 237 -34.20 -66.92 -61.14
CA MET F 237 -35.28 -66.41 -61.97
C MET F 237 -34.74 -65.99 -63.27
N PRO F 238 -35.51 -65.71 -64.33
CA PRO F 238 -35.09 -65.08 -65.58
C PRO F 238 -34.29 -63.82 -65.44
N LYS F 239 -33.58 -63.56 -66.63
CA LYS F 239 -32.95 -62.27 -66.89
C LYS F 239 -33.75 -61.45 -67.85
N ARG F 240 -34.48 -62.11 -68.82
CA ARG F 240 -35.17 -61.24 -69.77
C ARG F 240 -36.43 -61.92 -70.00
N LEU F 241 -37.52 -61.11 -69.98
CA LEU F 241 -38.83 -61.63 -70.34
C LEU F 241 -39.31 -60.92 -71.64
N GLU F 242 -39.89 -61.76 -72.49
CA GLU F 242 -40.51 -61.30 -73.73
C GLU F 242 -41.99 -60.89 -73.56
N ASN F 243 -42.41 -59.80 -74.21
CA ASN F 243 -43.70 -59.17 -74.10
C ASN F 243 -44.04 -58.95 -72.65
N ALA F 244 -43.22 -58.14 -71.97
CA ALA F 244 -43.43 -57.84 -70.56
C ALA F 244 -44.80 -57.36 -70.09
N LYS F 245 -45.27 -57.88 -68.94
CA LYS F 245 -46.48 -57.45 -68.42
C LYS F 245 -46.26 -57.15 -66.98
N ILE F 246 -45.75 -55.93 -66.60
CA ILE F 246 -45.43 -55.53 -65.29
C ILE F 246 -46.55 -55.67 -64.26
N ALA F 247 -46.27 -56.12 -62.96
CA ALA F 247 -47.11 -56.11 -61.76
C ALA F 247 -46.48 -55.38 -60.62
N LEU F 248 -46.85 -54.07 -60.43
CA LEU F 248 -46.54 -53.07 -59.45
C LEU F 248 -47.34 -53.36 -58.12
N ILE F 249 -46.75 -54.21 -57.23
CA ILE F 249 -47.40 -54.66 -56.03
C ILE F 249 -47.00 -53.90 -54.69
N ASP F 250 -47.86 -53.13 -54.13
CA ASP F 250 -47.71 -52.41 -52.89
C ASP F 250 -48.40 -53.23 -51.76
N ALA F 251 -48.75 -54.53 -51.98
CA ALA F 251 -49.18 -55.44 -50.95
C ALA F 251 -48.01 -56.38 -50.56
N SER F 252 -48.18 -57.01 -49.43
CA SER F 252 -47.26 -58.06 -48.96
C SER F 252 -47.44 -59.46 -49.53
N LEU F 253 -46.35 -60.12 -49.78
CA LEU F 253 -46.39 -61.53 -50.11
C LEU F 253 -45.46 -62.33 -49.14
N GLU F 254 -45.19 -61.70 -48.01
CA GLU F 254 -44.21 -62.09 -47.05
C GLU F 254 -44.92 -62.62 -45.77
N VAL F 255 -44.67 -63.95 -45.39
CA VAL F 255 -45.43 -64.62 -44.30
C VAL F 255 -44.80 -64.26 -42.97
N GLU F 256 -45.59 -63.82 -42.00
CA GLU F 256 -45.17 -63.42 -40.68
C GLU F 256 -46.17 -64.05 -39.62
N LYS F 257 -45.71 -64.06 -38.39
CA LYS F 257 -46.40 -64.36 -37.15
C LYS F 257 -47.57 -63.38 -37.06
N PRO F 258 -48.82 -63.81 -36.66
CA PRO F 258 -50.02 -63.00 -36.51
C PRO F 258 -49.91 -61.57 -35.94
N GLU F 259 -50.69 -60.66 -36.37
CA GLU F 259 -50.81 -59.38 -35.78
C GLU F 259 -52.17 -58.76 -36.26
N LEU F 260 -52.88 -59.36 -37.27
CA LEU F 260 -54.13 -58.82 -37.77
C LEU F 260 -55.02 -59.90 -38.26
N ASP F 261 -54.75 -61.19 -37.99
CA ASP F 261 -55.55 -62.31 -38.31
C ASP F 261 -56.53 -62.65 -37.18
N ALA F 262 -56.26 -62.35 -35.92
CA ALA F 262 -57.11 -62.59 -34.80
C ALA F 262 -56.93 -61.45 -33.86
N GLU F 263 -57.82 -61.26 -32.87
CA GLU F 263 -57.88 -60.12 -31.98
C GLU F 263 -57.17 -60.35 -30.65
N ILE F 264 -56.69 -61.62 -30.35
CA ILE F 264 -56.00 -62.05 -29.18
C ILE F 264 -54.59 -62.63 -29.41
N ARG F 265 -53.70 -62.62 -28.43
CA ARG F 265 -52.41 -63.25 -28.38
C ARG F 265 -52.56 -64.76 -28.40
N ILE F 266 -51.90 -65.41 -29.34
CA ILE F 266 -51.84 -66.87 -29.40
C ILE F 266 -50.76 -67.27 -28.44
N ASN F 267 -51.16 -68.23 -27.52
CA ASN F 267 -50.29 -68.66 -26.47
C ASN F 267 -50.21 -70.20 -26.38
N ASP F 268 -50.81 -70.92 -27.34
CA ASP F 268 -50.78 -72.35 -27.53
C ASP F 268 -50.18 -72.66 -28.94
N PRO F 269 -49.14 -73.45 -29.03
CA PRO F 269 -48.47 -73.69 -30.34
C PRO F 269 -49.22 -74.40 -31.35
N THR F 270 -50.34 -75.10 -30.99
CA THR F 270 -51.26 -75.73 -31.95
C THR F 270 -51.86 -74.63 -32.85
N GLN F 271 -52.19 -73.44 -32.26
CA GLN F 271 -52.75 -72.39 -33.04
C GLN F 271 -51.81 -71.66 -33.99
N MET F 272 -50.54 -71.53 -33.54
CA MET F 272 -49.42 -71.00 -34.28
C MET F 272 -49.32 -71.77 -35.54
N GLN F 273 -49.11 -73.09 -35.51
CA GLN F 273 -49.13 -73.95 -36.61
C GLN F 273 -50.22 -73.77 -37.65
N LYS F 274 -51.53 -74.04 -37.45
CA LYS F 274 -52.60 -73.87 -38.38
C LYS F 274 -52.74 -72.41 -38.94
N PHE F 275 -52.13 -71.42 -38.26
CA PHE F 275 -52.25 -70.05 -38.70
C PHE F 275 -51.13 -69.95 -39.73
N LEU F 276 -49.87 -70.28 -39.40
CA LEU F 276 -48.70 -70.18 -40.29
C LEU F 276 -48.69 -71.23 -41.41
N ASP F 277 -49.45 -72.39 -41.32
CA ASP F 277 -49.55 -73.34 -42.40
C ASP F 277 -50.44 -72.77 -43.53
N GLU F 278 -51.67 -72.27 -43.11
CA GLU F 278 -52.59 -71.72 -43.99
C GLU F 278 -52.11 -70.38 -44.59
N GLU F 279 -51.32 -69.56 -43.88
CA GLU F 279 -50.77 -68.32 -44.28
C GLU F 279 -49.73 -68.50 -45.40
N GLU F 280 -49.02 -69.68 -45.47
CA GLU F 280 -48.00 -69.93 -46.47
C GLU F 280 -48.56 -70.37 -47.86
N ASN F 281 -49.68 -71.14 -47.79
CA ASN F 281 -50.53 -71.48 -48.93
C ASN F 281 -51.38 -70.30 -49.34
N LEU F 282 -51.59 -69.29 -48.47
CA LEU F 282 -52.30 -68.00 -48.82
C LEU F 282 -51.53 -67.05 -49.67
N ILE F 283 -50.26 -66.99 -49.36
CA ILE F 283 -49.38 -66.03 -50.04
C ILE F 283 -49.13 -66.65 -51.43
N LYS F 284 -49.04 -67.99 -51.53
CA LYS F 284 -49.03 -68.62 -52.86
C LYS F 284 -50.25 -68.47 -53.75
N GLU F 285 -51.45 -68.34 -53.08
CA GLU F 285 -52.84 -68.01 -53.62
C GLU F 285 -52.83 -66.56 -54.12
N LYS F 286 -52.39 -65.59 -53.30
CA LYS F 286 -52.20 -64.19 -53.66
C LYS F 286 -51.31 -64.05 -54.91
N VAL F 287 -50.18 -64.82 -54.96
CA VAL F 287 -49.29 -64.97 -56.13
C VAL F 287 -49.97 -65.49 -57.43
N ASP F 288 -50.79 -66.56 -57.20
CA ASP F 288 -51.64 -67.07 -58.26
C ASP F 288 -52.77 -66.10 -58.68
N LYS F 289 -53.35 -65.33 -57.82
CA LYS F 289 -54.29 -64.24 -58.08
C LYS F 289 -53.69 -63.02 -58.83
N ILE F 290 -52.34 -62.79 -58.74
CA ILE F 290 -51.69 -61.78 -59.53
C ILE F 290 -51.23 -62.34 -60.91
N LEU F 291 -50.71 -63.55 -61.07
CA LEU F 291 -50.44 -64.10 -62.39
C LEU F 291 -51.68 -64.41 -63.24
N ALA F 292 -52.83 -64.34 -62.53
CA ALA F 292 -54.20 -64.31 -63.05
C ALA F 292 -54.53 -63.15 -64.03
N THR F 293 -53.65 -62.22 -64.00
CA THR F 293 -53.69 -61.12 -64.94
C THR F 293 -52.83 -61.33 -66.17
N GLY F 294 -51.96 -62.34 -66.16
CA GLY F 294 -51.03 -62.55 -67.27
C GLY F 294 -49.80 -61.81 -67.15
N ALA F 295 -49.60 -61.10 -66.01
CA ALA F 295 -48.33 -60.47 -65.68
C ALA F 295 -47.15 -61.45 -65.57
N ASN F 296 -46.02 -61.25 -66.32
CA ASN F 296 -44.93 -62.22 -66.28
C ASN F 296 -43.76 -61.67 -65.45
N VAL F 297 -43.91 -60.48 -64.88
CA VAL F 297 -42.89 -59.93 -64.00
C VAL F 297 -43.69 -59.32 -62.95
N ILE F 298 -43.11 -59.31 -61.81
CA ILE F 298 -43.76 -58.83 -60.61
C ILE F 298 -42.81 -58.08 -59.80
N ILE F 299 -43.10 -56.86 -59.52
CA ILE F 299 -42.15 -56.01 -58.74
C ILE F 299 -42.95 -55.62 -57.51
N CYS F 300 -42.40 -55.53 -56.26
CA CYS F 300 -43.26 -55.09 -55.20
C CYS F 300 -42.51 -54.01 -54.37
N GLN F 301 -43.22 -53.50 -53.32
CA GLN F 301 -42.79 -52.44 -52.39
C GLN F 301 -42.58 -53.08 -51.06
N LYS F 302 -43.32 -54.24 -50.73
CA LYS F 302 -43.14 -55.00 -49.52
C LYS F 302 -42.59 -56.46 -49.92
N GLY F 303 -42.09 -57.21 -48.95
CA GLY F 303 -41.40 -58.45 -49.13
C GLY F 303 -42.19 -59.51 -49.86
N ILE F 304 -41.49 -60.58 -50.21
CA ILE F 304 -42.05 -61.79 -50.78
C ILE F 304 -41.51 -62.91 -49.99
N ASP F 305 -42.24 -63.97 -49.54
CA ASP F 305 -41.82 -65.10 -48.79
C ASP F 305 -40.88 -66.01 -49.59
N GLU F 306 -39.93 -66.70 -48.95
CA GLU F 306 -39.06 -67.57 -49.69
C GLU F 306 -39.75 -68.83 -50.27
N VAL F 307 -40.88 -69.30 -49.69
CA VAL F 307 -41.56 -70.41 -50.33
C VAL F 307 -42.32 -69.78 -51.48
N ALA F 308 -42.79 -68.47 -51.35
CA ALA F 308 -43.33 -67.80 -52.47
C ALA F 308 -42.39 -67.35 -53.55
N GLN F 309 -41.06 -67.28 -53.24
CA GLN F 309 -40.01 -67.06 -54.21
C GLN F 309 -39.69 -68.28 -54.93
N SER F 310 -39.56 -69.39 -54.20
CA SER F 310 -39.40 -70.62 -54.95
C SER F 310 -40.55 -70.95 -55.86
N TYR F 311 -41.75 -70.45 -55.55
CA TYR F 311 -42.89 -70.70 -56.34
C TYR F 311 -42.78 -69.81 -57.68
N LEU F 312 -42.46 -68.50 -57.61
CA LEU F 312 -42.31 -67.59 -58.79
C LEU F 312 -41.12 -68.04 -59.60
N ALA F 313 -40.11 -68.70 -58.98
CA ALA F 313 -38.95 -69.33 -59.77
C ALA F 313 -39.37 -70.52 -60.62
N LYS F 314 -40.24 -71.34 -60.10
CA LYS F 314 -40.83 -72.44 -60.71
C LYS F 314 -41.90 -72.14 -61.75
N LYS F 315 -42.53 -70.94 -61.62
CA LYS F 315 -43.50 -70.40 -62.54
C LYS F 315 -42.83 -69.77 -63.78
N GLY F 316 -41.56 -69.38 -63.66
CA GLY F 316 -40.81 -68.70 -64.71
C GLY F 316 -40.97 -67.26 -64.65
N VAL F 317 -41.23 -66.72 -63.47
CA VAL F 317 -41.53 -65.32 -63.21
C VAL F 317 -40.35 -64.67 -62.63
N LEU F 318 -40.23 -63.32 -62.88
CA LEU F 318 -39.11 -62.46 -62.59
C LEU F 318 -39.64 -61.55 -61.56
N ALA F 319 -39.09 -61.74 -60.37
CA ALA F 319 -39.65 -61.05 -59.23
C ALA F 319 -38.60 -60.12 -58.57
N VAL F 320 -39.12 -59.01 -58.01
CA VAL F 320 -38.37 -58.03 -57.24
C VAL F 320 -39.01 -57.94 -55.85
N ARG F 321 -38.18 -57.79 -54.80
CA ARG F 321 -38.61 -57.63 -53.36
C ARG F 321 -38.19 -56.28 -52.73
N ARG F 322 -39.21 -55.51 -52.18
CA ARG F 322 -39.05 -54.15 -51.56
C ARG F 322 -38.41 -53.08 -52.48
N ALA F 323 -38.99 -52.91 -53.75
CA ALA F 323 -38.76 -51.86 -54.72
C ALA F 323 -39.46 -50.60 -54.34
N LYS F 324 -38.62 -49.55 -54.15
CA LYS F 324 -39.01 -48.18 -53.78
C LYS F 324 -40.14 -47.57 -54.59
N LYS F 325 -41.13 -47.02 -53.86
CA LYS F 325 -42.22 -46.28 -54.43
C LYS F 325 -41.80 -45.19 -55.45
N SER F 326 -40.65 -44.54 -55.30
CA SER F 326 -40.00 -43.65 -56.32
C SER F 326 -39.77 -44.15 -57.71
N ASP F 327 -39.51 -45.48 -57.80
CA ASP F 327 -39.31 -46.07 -59.12
C ASP F 327 -40.60 -46.76 -59.47
N LEU F 328 -41.52 -47.18 -58.56
CA LEU F 328 -42.85 -47.80 -58.89
C LEU F 328 -43.70 -46.82 -59.66
N GLU F 329 -43.75 -45.56 -59.24
CA GLU F 329 -44.43 -44.52 -59.99
C GLU F 329 -43.97 -44.25 -61.36
N LYS F 330 -42.70 -44.01 -61.58
CA LYS F 330 -42.05 -43.82 -62.88
C LYS F 330 -42.24 -44.87 -63.82
N LEU F 331 -42.47 -46.05 -63.30
CA LEU F 331 -42.82 -47.20 -64.10
C LEU F 331 -44.30 -47.38 -64.39
N ALA F 332 -45.16 -46.82 -63.56
CA ALA F 332 -46.60 -46.76 -63.73
C ALA F 332 -46.90 -45.96 -64.92
N ARG F 333 -46.63 -44.66 -64.91
CA ARG F 333 -46.97 -43.91 -66.09
C ARG F 333 -46.03 -44.03 -67.24
N ALA F 334 -44.93 -44.93 -67.17
CA ALA F 334 -44.15 -45.07 -68.36
C ALA F 334 -44.73 -46.36 -69.01
N THR F 335 -45.28 -47.28 -68.26
CA THR F 335 -45.76 -48.53 -68.84
C THR F 335 -47.27 -48.67 -68.98
N GLY F 336 -47.99 -47.87 -68.17
CA GLY F 336 -49.45 -47.78 -68.23
C GLY F 336 -50.00 -48.64 -67.22
N GLY F 337 -49.11 -49.22 -66.39
CA GLY F 337 -49.40 -49.90 -65.14
C GLY F 337 -50.02 -48.96 -64.06
N ARG F 338 -50.49 -49.54 -62.95
CA ARG F 338 -51.02 -48.86 -61.79
C ARG F 338 -50.55 -49.66 -60.58
N VAL F 339 -50.10 -49.04 -59.41
CA VAL F 339 -49.56 -49.66 -58.26
C VAL F 339 -50.70 -50.19 -57.43
N VAL F 340 -50.78 -51.54 -57.31
CA VAL F 340 -51.80 -52.29 -56.64
C VAL F 340 -51.42 -52.63 -55.23
N SER F 341 -52.13 -51.91 -54.30
CA SER F 341 -52.02 -52.13 -52.84
C SER F 341 -52.77 -53.25 -52.22
N ASN F 342 -53.82 -53.79 -52.80
CA ASN F 342 -54.48 -54.94 -52.25
C ASN F 342 -54.64 -55.91 -53.45
N ILE F 343 -53.93 -57.01 -53.42
CA ILE F 343 -53.94 -58.14 -54.37
C ILE F 343 -55.36 -58.77 -54.66
N ASP F 344 -56.24 -58.74 -53.67
CA ASP F 344 -57.65 -59.14 -53.84
C ASP F 344 -58.56 -58.09 -54.52
N GLU F 345 -58.00 -57.04 -55.08
CA GLU F 345 -58.66 -56.01 -55.90
C GLU F 345 -57.86 -55.92 -57.22
N ILE F 346 -56.72 -56.64 -57.42
CA ILE F 346 -55.91 -56.58 -58.61
C ILE F 346 -56.67 -56.86 -59.91
N SER F 347 -56.17 -56.30 -61.08
CA SER F 347 -56.84 -56.55 -62.34
C SER F 347 -55.82 -56.37 -63.43
N GLU F 348 -56.23 -56.86 -64.66
CA GLU F 348 -55.56 -56.71 -65.90
C GLU F 348 -55.32 -55.22 -66.24
N GLN F 349 -56.31 -54.34 -65.90
CA GLN F 349 -56.15 -52.91 -66.18
C GLN F 349 -54.99 -52.23 -65.44
N ASP F 350 -54.51 -52.69 -64.32
CA ASP F 350 -53.36 -52.28 -63.56
C ASP F 350 -51.99 -52.79 -63.98
N LEU F 351 -51.87 -53.75 -64.88
CA LEU F 351 -50.52 -54.20 -65.38
C LEU F 351 -49.89 -53.23 -66.30
N GLY F 352 -48.53 -53.37 -66.42
CA GLY F 352 -47.74 -52.49 -67.24
C GLY F 352 -47.33 -53.09 -68.58
N TYR F 353 -47.48 -52.28 -69.60
CA TYR F 353 -46.88 -52.70 -70.86
C TYR F 353 -45.40 -52.25 -71.14
N ALA F 354 -44.61 -53.26 -71.57
CA ALA F 354 -43.27 -53.00 -72.08
C ALA F 354 -42.89 -54.21 -72.97
N SER F 355 -42.17 -53.88 -74.04
CA SER F 355 -41.75 -54.78 -75.04
C SER F 355 -40.89 -55.89 -74.51
N LEU F 356 -39.98 -55.55 -73.56
CA LEU F 356 -39.09 -56.48 -72.92
C LEU F 356 -38.55 -55.96 -71.61
N ILE F 357 -38.66 -56.71 -70.48
CA ILE F 357 -38.09 -56.24 -69.24
C ILE F 357 -36.90 -57.14 -68.92
N GLU F 358 -35.85 -56.55 -68.36
CA GLU F 358 -34.65 -57.28 -68.06
C GLU F 358 -33.88 -56.80 -66.93
N GLU F 359 -32.76 -57.57 -66.52
CA GLU F 359 -31.79 -57.08 -65.58
C GLU F 359 -30.47 -57.04 -66.17
N ARG F 360 -29.73 -55.92 -66.00
CA ARG F 360 -28.44 -55.71 -66.62
C ARG F 360 -27.38 -55.18 -65.67
N LYS F 361 -26.14 -55.65 -65.87
CA LYS F 361 -25.04 -55.10 -65.22
C LYS F 361 -24.48 -53.86 -65.78
N VAL F 362 -23.83 -53.01 -64.95
CA VAL F 362 -23.03 -51.88 -65.32
C VAL F 362 -21.56 -52.14 -64.96
N GLY F 363 -21.36 -53.12 -64.08
CA GLY F 363 -20.13 -53.83 -63.63
C GLY F 363 -20.57 -54.93 -62.76
N GLU F 364 -19.98 -55.05 -61.56
CA GLU F 364 -20.40 -55.96 -60.53
C GLU F 364 -21.83 -55.56 -60.06
N ASP F 365 -22.15 -54.22 -60.04
CA ASP F 365 -23.52 -53.72 -59.79
C ASP F 365 -24.46 -53.99 -61.00
N LYS F 366 -25.77 -54.20 -60.75
CA LYS F 366 -26.76 -54.46 -61.71
C LYS F 366 -28.13 -54.06 -61.24
N MET F 367 -29.09 -53.83 -62.18
CA MET F 367 -30.45 -53.34 -61.85
C MET F 367 -31.48 -53.61 -62.87
N VAL F 368 -32.83 -53.34 -62.68
CA VAL F 368 -33.93 -53.74 -63.61
C VAL F 368 -34.22 -52.69 -64.57
N PHE F 369 -34.31 -52.99 -65.91
CA PHE F 369 -34.48 -52.01 -67.01
C PHE F 369 -35.77 -52.36 -67.64
N VAL F 370 -36.51 -51.27 -68.16
CA VAL F 370 -37.81 -51.46 -68.74
C VAL F 370 -37.83 -50.68 -70.06
N GLU F 371 -36.91 -51.15 -70.99
CA GLU F 371 -36.87 -50.53 -72.32
C GLU F 371 -38.11 -50.88 -73.18
N GLY F 372 -38.42 -49.92 -74.13
CA GLY F 372 -39.53 -50.18 -75.04
C GLY F 372 -40.89 -50.11 -74.37
N ALA F 373 -40.99 -49.38 -73.25
CA ALA F 373 -42.20 -49.18 -72.42
C ALA F 373 -43.27 -48.44 -73.24
N LYS F 374 -44.51 -48.45 -72.77
CA LYS F 374 -45.61 -47.82 -73.44
C LYS F 374 -45.43 -46.34 -73.69
N ASN F 375 -44.78 -45.52 -72.81
CA ASN F 375 -44.53 -44.10 -72.88
C ASN F 375 -43.17 -43.87 -73.52
N PRO F 376 -43.00 -43.16 -74.57
CA PRO F 376 -41.72 -43.04 -75.18
C PRO F 376 -40.88 -42.00 -74.59
N LYS F 377 -41.52 -41.04 -73.88
CA LYS F 377 -40.78 -39.88 -73.23
C LYS F 377 -39.92 -40.39 -72.08
N SER F 378 -40.45 -41.36 -71.32
CA SER F 378 -39.92 -41.97 -70.15
C SER F 378 -38.57 -42.64 -70.44
N ILE F 379 -37.51 -42.03 -69.94
CA ILE F 379 -36.17 -42.49 -70.07
C ILE F 379 -35.49 -42.55 -68.73
N SER F 380 -34.28 -43.13 -68.69
CA SER F 380 -33.56 -43.08 -67.48
C SER F 380 -32.17 -42.68 -67.76
N ILE F 381 -31.42 -42.15 -66.78
CA ILE F 381 -30.00 -41.80 -66.98
C ILE F 381 -29.31 -42.66 -65.93
N LEU F 382 -28.16 -43.24 -66.31
CA LEU F 382 -27.35 -44.08 -65.45
C LEU F 382 -26.02 -43.35 -65.18
N ILE F 383 -25.89 -42.99 -63.88
CA ILE F 383 -24.76 -42.24 -63.32
C ILE F 383 -23.75 -43.21 -62.77
N ARG F 384 -22.42 -43.02 -62.93
CA ARG F 384 -21.36 -43.87 -62.42
C ARG F 384 -20.31 -42.88 -62.37
N GLY F 385 -19.14 -43.16 -61.73
CA GLY F 385 -17.92 -42.30 -61.62
C GLY F 385 -17.35 -42.13 -60.21
N GLY F 386 -16.61 -43.13 -59.74
CA GLY F 386 -16.01 -43.06 -58.39
C GLY F 386 -16.91 -43.46 -57.27
N LEU F 387 -16.34 -43.46 -56.08
CA LEU F 387 -16.86 -43.70 -54.76
C LEU F 387 -18.07 -42.84 -54.33
N GLU F 388 -18.61 -43.25 -53.17
CA GLU F 388 -19.94 -42.89 -52.59
C GLU F 388 -20.36 -41.43 -52.42
N ARG F 389 -19.36 -40.55 -52.45
CA ARG F 389 -19.60 -39.11 -52.52
C ARG F 389 -19.31 -38.58 -53.89
N LEU F 390 -18.27 -39.08 -54.61
CA LEU F 390 -17.94 -38.68 -55.97
C LEU F 390 -19.16 -38.90 -56.97
N VAL F 391 -19.85 -40.05 -56.89
CA VAL F 391 -21.01 -40.41 -57.62
C VAL F 391 -22.20 -39.53 -57.32
N ASP F 392 -22.36 -39.14 -56.04
CA ASP F 392 -23.36 -38.22 -55.56
C ASP F 392 -23.31 -36.82 -56.16
N GLU F 393 -22.07 -36.26 -56.19
CA GLU F 393 -21.94 -34.93 -56.79
C GLU F 393 -21.93 -35.01 -58.33
N THR F 394 -21.74 -36.19 -59.01
CA THR F 394 -21.98 -36.44 -60.48
C THR F 394 -23.45 -36.50 -60.81
N GLU F 395 -24.25 -36.97 -59.88
CA GLU F 395 -25.67 -37.06 -59.96
C GLU F 395 -26.29 -35.67 -59.89
N ARG F 396 -25.68 -34.78 -59.10
CA ARG F 396 -26.02 -33.38 -58.91
C ARG F 396 -25.78 -32.63 -60.22
N ALA F 397 -24.51 -32.69 -60.77
CA ALA F 397 -24.14 -32.14 -62.02
C ALA F 397 -25.04 -32.53 -63.25
N LEU F 398 -25.37 -33.83 -63.36
CA LEU F 398 -26.24 -34.36 -64.38
C LEU F 398 -27.67 -33.93 -64.31
N ARG F 399 -28.27 -33.80 -63.09
CA ARG F 399 -29.64 -33.33 -62.80
C ARG F 399 -29.76 -31.89 -63.25
N ASP F 400 -28.79 -31.09 -62.82
CA ASP F 400 -28.73 -29.71 -63.19
C ASP F 400 -28.47 -29.42 -64.64
N ALA F 401 -27.55 -30.18 -65.29
CA ALA F 401 -27.33 -30.11 -66.70
C ALA F 401 -28.59 -30.32 -67.46
N LEU F 402 -29.41 -31.35 -67.10
CA LEU F 402 -30.72 -31.65 -67.71
C LEU F 402 -31.75 -30.50 -67.56
N GLY F 403 -31.92 -30.11 -66.29
CA GLY F 403 -32.69 -28.88 -65.97
C GLY F 403 -32.37 -27.64 -66.81
N THR F 404 -31.10 -27.27 -66.84
CA THR F 404 -30.45 -26.08 -67.45
C THR F 404 -30.72 -26.02 -68.94
N VAL F 405 -30.50 -27.19 -69.65
CA VAL F 405 -30.83 -27.46 -71.04
C VAL F 405 -32.35 -27.36 -71.31
N ALA F 406 -33.18 -27.87 -70.40
CA ALA F 406 -34.64 -27.77 -70.55
C ALA F 406 -35.10 -26.34 -70.53
N ASP F 407 -34.40 -25.48 -69.70
CA ASP F 407 -34.77 -24.07 -69.69
C ASP F 407 -34.44 -23.43 -70.97
N VAL F 408 -33.36 -23.77 -71.69
CA VAL F 408 -33.10 -23.19 -72.98
C VAL F 408 -34.22 -23.54 -73.97
N ILE F 409 -34.73 -24.81 -73.96
CA ILE F 409 -35.69 -25.21 -74.91
C ILE F 409 -37.08 -24.58 -74.57
N LYS F 410 -37.54 -24.54 -73.33
CA LYS F 410 -38.78 -23.98 -72.78
C LYS F 410 -38.95 -22.48 -73.01
N ASP F 411 -37.85 -21.80 -73.06
CA ASP F 411 -37.86 -20.41 -73.37
C ASP F 411 -37.50 -20.21 -74.84
N GLY F 412 -36.18 -20.38 -75.24
CA GLY F 412 -35.83 -20.25 -76.63
C GLY F 412 -34.60 -19.38 -76.88
N ARG F 413 -34.07 -18.71 -75.85
CA ARG F 413 -33.08 -17.59 -75.93
C ARG F 413 -31.79 -17.88 -75.21
N ALA F 414 -30.61 -17.55 -75.76
CA ALA F 414 -29.32 -17.77 -75.18
C ALA F 414 -28.30 -16.74 -75.57
N ILE F 415 -27.57 -16.29 -74.55
CA ILE F 415 -26.57 -15.23 -74.76
C ILE F 415 -25.16 -15.72 -74.54
N ALA F 416 -24.15 -14.93 -74.97
CA ALA F 416 -22.79 -15.37 -74.69
C ALA F 416 -22.40 -15.01 -73.27
N GLY F 417 -21.87 -15.97 -72.56
CA GLY F 417 -21.31 -15.78 -71.27
C GLY F 417 -19.91 -15.13 -71.36
N GLY F 418 -18.98 -15.39 -70.42
CA GLY F 418 -17.61 -14.90 -70.47
C GLY F 418 -17.36 -13.48 -70.18
N GLY F 419 -18.39 -12.80 -69.65
CA GLY F 419 -18.46 -11.39 -69.32
C GLY F 419 -18.90 -10.49 -70.36
N ALA F 420 -19.19 -11.13 -71.52
CA ALA F 420 -19.64 -10.43 -72.70
C ALA F 420 -20.88 -9.44 -72.62
N VAL F 421 -22.00 -10.02 -72.20
CA VAL F 421 -23.21 -9.25 -72.09
C VAL F 421 -23.19 -8.14 -70.99
N GLU F 422 -22.36 -8.35 -69.94
CA GLU F 422 -21.92 -7.55 -68.80
C GLU F 422 -21.16 -6.27 -69.38
N ILE F 423 -19.98 -6.44 -70.07
CA ILE F 423 -19.31 -5.31 -70.71
C ILE F 423 -20.22 -4.44 -71.60
N GLU F 424 -21.17 -5.12 -72.26
CA GLU F 424 -22.25 -4.52 -73.03
C GLU F 424 -23.29 -3.73 -72.15
N ILE F 425 -23.85 -4.36 -71.14
CA ILE F 425 -24.73 -3.73 -70.11
C ILE F 425 -24.04 -2.53 -69.42
N ALA F 426 -22.73 -2.56 -69.36
CA ALA F 426 -21.80 -1.56 -68.86
C ALA F 426 -21.73 -0.46 -69.98
N LYS F 427 -21.04 -0.61 -71.11
CA LYS F 427 -21.04 0.34 -72.22
C LYS F 427 -22.34 1.09 -72.57
N LYS F 428 -23.50 0.35 -72.84
CA LYS F 428 -24.80 0.93 -73.19
C LYS F 428 -25.38 1.92 -72.17
N LEU F 429 -25.08 1.73 -70.90
CA LEU F 429 -25.51 2.56 -69.74
C LEU F 429 -24.66 3.80 -69.80
N ARG F 430 -23.40 3.74 -70.16
CA ARG F 430 -22.50 4.90 -70.33
C ARG F 430 -22.96 5.82 -71.39
N LYS F 431 -23.42 5.24 -72.55
CA LYS F 431 -23.97 5.95 -73.70
C LYS F 431 -25.30 6.57 -73.38
N TYR F 432 -26.08 6.00 -72.46
CA TYR F 432 -27.39 6.39 -71.91
C TYR F 432 -27.28 7.61 -71.02
N ALA F 433 -26.30 7.56 -70.02
CA ALA F 433 -26.03 8.52 -68.95
C ALA F 433 -26.35 9.98 -69.28
N PRO F 434 -25.71 10.72 -70.22
CA PRO F 434 -26.03 12.08 -70.69
C PRO F 434 -27.47 12.39 -70.71
N GLN F 435 -28.34 11.50 -71.21
CA GLN F 435 -29.74 11.78 -71.51
C GLN F 435 -30.65 11.55 -70.31
N VAL F 436 -30.23 10.76 -69.32
CA VAL F 436 -31.01 10.46 -68.15
C VAL F 436 -31.36 11.68 -67.24
N GLY F 437 -30.48 12.69 -67.13
CA GLY F 437 -30.69 13.93 -66.36
C GLY F 437 -29.54 14.18 -65.44
N GLY F 438 -29.70 15.06 -64.45
CA GLY F 438 -28.60 15.36 -63.57
C GLY F 438 -28.00 14.26 -62.69
N LYS F 439 -28.45 13.97 -61.39
CA LYS F 439 -27.78 13.13 -60.44
C LYS F 439 -27.78 11.73 -60.80
N GLU F 440 -28.94 11.21 -61.27
CA GLU F 440 -29.09 9.87 -61.75
C GLU F 440 -27.97 9.42 -62.76
N GLN F 441 -27.38 10.39 -63.47
CA GLN F 441 -26.23 10.12 -64.45
C GLN F 441 -25.07 9.40 -63.73
N LEU F 442 -24.60 9.99 -62.60
CA LEU F 442 -23.62 9.35 -61.72
C LEU F 442 -24.05 7.98 -61.26
N ALA F 443 -25.36 7.85 -60.96
CA ALA F 443 -26.05 6.60 -60.57
C ALA F 443 -25.93 5.54 -61.76
N VAL F 444 -26.20 5.91 -63.04
CA VAL F 444 -26.11 5.01 -64.12
C VAL F 444 -24.68 4.53 -64.26
N GLU F 445 -23.71 5.44 -64.25
CA GLU F 445 -22.25 5.17 -64.30
C GLU F 445 -21.73 4.27 -63.17
N ALA F 446 -22.23 4.42 -61.96
CA ALA F 446 -21.97 3.55 -60.84
C ALA F 446 -22.51 2.12 -61.20
N TYR F 447 -23.82 1.96 -61.48
CA TYR F 447 -24.35 0.66 -61.91
C TYR F 447 -23.49 -0.09 -62.99
N ALA F 448 -22.94 0.72 -63.97
CA ALA F 448 -22.08 0.25 -65.09
C ALA F 448 -20.72 -0.27 -64.61
N ASN F 449 -20.02 0.55 -63.78
CA ASN F 449 -18.77 0.24 -63.17
C ASN F 449 -18.86 -1.04 -62.34
N ALA F 450 -19.94 -1.18 -61.58
CA ALA F 450 -20.21 -2.32 -60.83
C ALA F 450 -20.27 -3.64 -61.65
N LEU F 451 -20.85 -3.60 -62.84
CA LEU F 451 -20.94 -4.78 -63.74
C LEU F 451 -19.49 -5.19 -64.21
N GLU F 452 -18.67 -4.21 -64.39
CA GLU F 452 -17.29 -4.50 -64.77
C GLU F 452 -16.50 -5.12 -63.60
N SER F 453 -16.81 -4.73 -62.34
CA SER F 453 -16.25 -5.36 -61.15
C SER F 453 -16.44 -6.88 -61.16
N LEU F 454 -17.62 -7.31 -61.61
CA LEU F 454 -17.95 -8.71 -61.85
C LEU F 454 -17.03 -9.50 -62.77
N VAL F 455 -16.82 -8.90 -63.93
CA VAL F 455 -15.93 -9.43 -64.98
C VAL F 455 -14.48 -9.35 -64.45
N SER F 456 -14.14 -8.34 -63.63
CA SER F 456 -12.80 -8.14 -63.10
C SER F 456 -12.42 -9.17 -62.12
N ILE F 457 -13.32 -9.53 -61.12
CA ILE F 457 -13.23 -10.69 -60.22
C ILE F 457 -13.07 -11.97 -61.02
N LEU F 458 -13.81 -12.16 -62.08
CA LEU F 458 -13.81 -13.40 -62.97
C LEU F 458 -12.46 -13.56 -63.53
N ILE F 459 -11.87 -12.48 -64.03
CA ILE F 459 -10.46 -12.43 -64.60
C ILE F 459 -9.54 -12.69 -63.42
N GLU F 460 -9.57 -11.97 -62.28
CA GLU F 460 -8.76 -12.14 -61.09
C GLU F 460 -8.54 -13.59 -60.73
N ASN F 461 -9.58 -14.40 -60.48
CA ASN F 461 -9.47 -15.82 -60.11
C ASN F 461 -8.74 -16.64 -61.19
N ALA F 462 -8.56 -16.16 -62.44
CA ALA F 462 -7.93 -16.87 -63.53
C ALA F 462 -6.42 -16.74 -63.40
N GLY F 463 -5.94 -15.66 -62.71
CA GLY F 463 -4.49 -15.28 -62.48
C GLY F 463 -3.90 -14.20 -63.28
N PHE F 464 -4.74 -13.27 -63.77
CA PHE F 464 -4.37 -12.19 -64.67
C PHE F 464 -4.73 -10.89 -63.99
N ASP F 465 -4.45 -9.73 -64.62
CA ASP F 465 -4.71 -8.39 -64.09
C ASP F 465 -6.11 -7.80 -64.61
N PRO F 466 -7.12 -7.70 -63.79
CA PRO F 466 -8.43 -7.29 -64.22
C PRO F 466 -8.50 -5.99 -65.06
N ILE F 467 -7.82 -4.85 -64.63
CA ILE F 467 -7.89 -3.70 -65.53
C ILE F 467 -7.16 -3.92 -66.90
N ASP F 468 -5.95 -4.45 -66.90
CA ASP F 468 -5.30 -4.73 -68.13
C ASP F 468 -6.19 -5.45 -69.20
N LEU F 469 -6.68 -6.65 -68.88
CA LEU F 469 -7.59 -7.32 -69.77
C LEU F 469 -8.92 -6.65 -70.07
N LEU F 470 -9.54 -6.07 -69.05
CA LEU F 470 -10.80 -5.36 -69.20
C LEU F 470 -10.67 -4.23 -70.20
N MET F 471 -9.59 -3.41 -70.14
CA MET F 471 -9.24 -2.44 -71.20
C MET F 471 -8.90 -3.12 -72.54
N LYS F 472 -8.05 -4.23 -72.58
CA LYS F 472 -7.79 -4.98 -73.77
C LYS F 472 -9.06 -5.51 -74.48
N LEU F 473 -10.15 -5.70 -73.71
CA LEU F 473 -11.42 -6.21 -74.12
C LEU F 473 -12.34 -5.09 -74.62
N ARG F 474 -12.47 -4.04 -73.85
CA ARG F 474 -13.31 -2.92 -74.18
C ARG F 474 -12.99 -2.18 -75.46
N SER F 475 -11.87 -2.40 -76.19
CA SER F 475 -11.59 -1.76 -77.48
C SER F 475 -12.24 -2.66 -78.55
N THR F 476 -12.01 -3.89 -78.25
CA THR F 476 -12.45 -5.16 -78.77
C THR F 476 -13.96 -5.49 -78.51
N HIS F 477 -14.76 -4.47 -78.04
CA HIS F 477 -16.27 -4.69 -77.96
C HIS F 477 -16.96 -3.46 -78.48
N GLU F 478 -16.27 -2.51 -79.16
CA GLU F 478 -16.76 -1.34 -79.77
C GLU F 478 -17.74 -1.72 -80.89
N ASN F 479 -17.34 -2.59 -81.86
CA ASN F 479 -18.24 -2.83 -83.07
C ASN F 479 -19.36 -3.79 -82.79
N GLU F 480 -20.48 -3.82 -83.56
CA GLU F 480 -21.66 -4.71 -83.47
C GLU F 480 -21.34 -6.22 -83.55
N ASN F 481 -20.34 -6.63 -84.40
CA ASN F 481 -20.00 -7.98 -84.59
C ASN F 481 -19.29 -8.54 -83.45
N ASN F 482 -18.73 -7.67 -82.53
CA ASN F 482 -17.93 -8.11 -81.37
C ASN F 482 -18.89 -8.18 -80.15
N LYS F 483 -20.21 -8.28 -80.41
CA LYS F 483 -21.14 -8.27 -79.20
C LYS F 483 -21.06 -9.48 -78.19
N TRP F 484 -20.46 -10.63 -78.63
CA TRP F 484 -20.35 -11.80 -77.76
C TRP F 484 -18.88 -12.03 -77.37
N TYR F 485 -18.06 -11.04 -77.53
CA TYR F 485 -16.67 -11.14 -77.15
C TYR F 485 -16.48 -10.99 -75.70
N GLY F 486 -15.65 -11.87 -75.07
CA GLY F 486 -15.48 -11.77 -73.64
C GLY F 486 -14.03 -12.09 -73.47
N ILE F 487 -13.63 -12.54 -72.26
CA ILE F 487 -12.24 -12.82 -72.00
C ILE F 487 -12.04 -14.29 -71.67
N ASP F 488 -11.35 -15.11 -72.56
CA ASP F 488 -11.01 -16.47 -72.31
C ASP F 488 -10.11 -16.60 -71.06
N LEU F 489 -10.64 -17.24 -69.97
CA LEU F 489 -9.92 -17.28 -68.74
C LEU F 489 -8.99 -18.50 -68.68
N TYR F 490 -8.88 -19.29 -69.77
CA TYR F 490 -7.94 -20.38 -69.78
C TYR F 490 -6.80 -20.13 -70.69
N ALA F 491 -7.12 -19.61 -71.83
CA ALA F 491 -6.10 -19.18 -72.80
C ALA F 491 -5.58 -17.82 -72.41
N GLY F 492 -6.36 -17.00 -71.73
CA GLY F 492 -6.01 -15.69 -71.35
C GLY F 492 -5.80 -14.59 -72.31
N GLN F 493 -6.84 -14.20 -73.11
CA GLN F 493 -6.73 -13.11 -74.12
C GLN F 493 -8.22 -12.97 -74.69
N PRO F 494 -8.77 -11.81 -75.02
CA PRO F 494 -10.16 -11.61 -75.50
C PRO F 494 -10.52 -12.30 -76.78
N VAL F 495 -11.65 -13.05 -76.79
CA VAL F 495 -12.10 -13.79 -77.90
C VAL F 495 -13.60 -13.79 -77.95
N ASP F 496 -14.24 -14.30 -78.99
CA ASP F 496 -15.62 -14.50 -79.12
C ASP F 496 -15.97 -15.76 -78.33
N MET F 497 -16.76 -15.69 -77.26
CA MET F 497 -17.05 -16.75 -76.40
C MET F 497 -18.04 -17.67 -76.90
N TRP F 498 -19.00 -17.17 -77.72
CA TRP F 498 -19.88 -18.01 -78.51
C TRP F 498 -19.11 -18.99 -79.30
N GLN F 499 -18.18 -18.48 -80.11
CA GLN F 499 -17.22 -19.28 -80.87
C GLN F 499 -16.11 -19.80 -80.15
N LYS F 500 -16.27 -20.13 -78.87
CA LYS F 500 -15.37 -20.84 -77.98
C LYS F 500 -16.20 -21.70 -76.98
N GLY F 501 -17.57 -21.83 -77.26
CA GLY F 501 -18.52 -22.67 -76.56
C GLY F 501 -19.27 -22.05 -75.48
N VAL F 502 -18.97 -20.85 -74.96
CA VAL F 502 -19.55 -20.36 -73.73
C VAL F 502 -20.80 -19.58 -74.10
N ILE F 503 -22.00 -20.30 -74.16
CA ILE F 503 -23.34 -19.72 -74.45
C ILE F 503 -24.12 -20.22 -73.27
N GLU F 504 -25.17 -19.51 -72.86
CA GLU F 504 -25.90 -19.83 -71.65
C GLU F 504 -27.40 -19.44 -71.89
N PRO F 505 -28.43 -20.07 -71.17
CA PRO F 505 -29.81 -19.56 -71.13
C PRO F 505 -30.03 -18.09 -70.74
N ALA F 506 -30.50 -17.26 -71.68
CA ALA F 506 -30.72 -15.86 -71.52
C ALA F 506 -31.66 -15.48 -70.51
N LEU F 507 -32.49 -16.30 -69.92
CA LEU F 507 -33.46 -15.94 -68.87
C LEU F 507 -32.88 -16.15 -67.48
N VAL F 508 -32.01 -17.14 -67.33
CA VAL F 508 -31.30 -17.40 -66.09
C VAL F 508 -30.45 -16.14 -65.63
N LYS F 509 -29.59 -15.62 -66.54
CA LYS F 509 -28.73 -14.49 -66.26
C LYS F 509 -29.42 -13.15 -66.32
N MET F 510 -30.74 -13.18 -66.48
CA MET F 510 -31.53 -12.00 -66.54
C MET F 510 -32.34 -11.93 -65.26
N ASN F 511 -32.90 -13.09 -64.82
CA ASN F 511 -33.59 -13.18 -63.57
C ASN F 511 -32.57 -13.00 -62.47
N ALA F 512 -31.33 -13.29 -62.69
CA ALA F 512 -30.29 -12.79 -61.72
C ALA F 512 -30.19 -11.33 -61.49
N ILE F 513 -30.15 -10.50 -62.60
CA ILE F 513 -30.14 -9.09 -62.61
C ILE F 513 -31.32 -8.43 -61.90
N LYS F 514 -32.52 -9.03 -62.20
CA LYS F 514 -33.78 -8.60 -61.51
C LYS F 514 -33.72 -8.91 -60.03
N ALA F 515 -33.23 -10.09 -59.63
CA ALA F 515 -33.03 -10.49 -58.23
C ALA F 515 -32.14 -9.59 -57.43
N ALA F 516 -30.81 -9.46 -57.83
CA ALA F 516 -29.84 -8.53 -57.32
C ALA F 516 -30.37 -7.10 -57.23
N THR F 517 -30.97 -6.48 -58.34
CA THR F 517 -31.40 -5.02 -58.27
C THR F 517 -32.48 -4.76 -57.25
N GLU F 518 -33.47 -5.70 -57.12
CA GLU F 518 -34.54 -5.63 -56.13
C GLU F 518 -33.95 -5.57 -54.74
N ALA F 519 -33.07 -6.60 -54.43
CA ALA F 519 -32.33 -6.63 -53.18
C ALA F 519 -31.50 -5.38 -53.00
N ALA F 520 -30.60 -5.01 -53.92
CA ALA F 520 -29.79 -3.78 -53.79
C ALA F 520 -30.61 -2.56 -53.41
N THR F 521 -31.66 -2.24 -54.16
CA THR F 521 -32.54 -1.07 -53.95
C THR F 521 -33.39 -1.21 -52.73
N LEU F 522 -33.64 -2.44 -52.28
CA LEU F 522 -34.43 -2.75 -51.14
C LEU F 522 -33.50 -2.27 -49.92
N VAL F 523 -32.14 -2.45 -50.00
CA VAL F 523 -31.24 -1.96 -48.97
C VAL F 523 -31.22 -0.40 -48.82
N LEU F 524 -31.26 0.26 -50.00
CA LEU F 524 -31.32 1.67 -50.10
C LEU F 524 -32.63 2.27 -49.58
N ARG F 525 -33.71 1.48 -49.72
CA ARG F 525 -35.01 1.84 -49.24
C ARG F 525 -35.30 1.98 -47.77
N ILE F 526 -34.52 1.20 -46.95
CA ILE F 526 -34.45 1.12 -45.52
C ILE F 526 -33.72 2.38 -45.11
N ASP F 527 -34.37 3.19 -44.28
CA ASP F 527 -33.78 4.33 -43.62
C ASP F 527 -33.12 4.10 -42.28
N ASP F 528 -33.62 3.17 -41.52
CA ASP F 528 -33.30 2.94 -40.20
C ASP F 528 -33.90 1.61 -39.66
N VAL F 529 -33.32 1.09 -38.56
CA VAL F 529 -33.62 -0.20 -37.93
C VAL F 529 -34.02 0.03 -36.49
N VAL F 530 -35.16 -0.57 -36.12
CA VAL F 530 -35.74 -0.46 -34.79
C VAL F 530 -35.96 -1.80 -34.22
N SER F 531 -35.00 -2.18 -33.30
CA SER F 531 -34.89 -3.53 -32.70
C SER F 531 -35.56 -3.60 -31.31
N ALA F 532 -36.19 -4.77 -31.04
CA ALA F 532 -36.94 -5.01 -29.82
C ALA F 532 -36.21 -6.01 -28.92
N GLY G 28 -43.78 23.95 -14.63
CA GLY G 28 -43.14 24.92 -15.53
C GLY G 28 -42.05 24.24 -16.27
N LYS G 29 -40.84 24.82 -16.24
CA LYS G 29 -39.67 24.13 -16.79
C LYS G 29 -39.48 22.68 -16.33
N GLU G 30 -39.82 22.42 -15.03
CA GLU G 30 -39.95 21.10 -14.39
C GLU G 30 -40.32 19.88 -15.20
N ALA G 31 -41.61 19.66 -15.47
CA ALA G 31 -41.95 18.58 -16.30
C ALA G 31 -41.91 18.86 -17.85
N VAL G 32 -42.26 20.09 -18.23
CA VAL G 32 -42.44 20.59 -19.61
C VAL G 32 -41.28 20.29 -20.56
N ARG G 33 -40.07 20.26 -20.06
CA ARG G 33 -38.89 19.91 -20.85
C ARG G 33 -38.83 18.47 -21.29
N ALA G 34 -39.11 17.50 -20.34
CA ALA G 34 -39.35 16.11 -20.54
C ALA G 34 -40.37 15.86 -21.58
N ASN G 35 -41.56 16.46 -21.30
CA ASN G 35 -42.66 16.21 -22.21
C ASN G 35 -42.39 16.53 -23.69
N ILE G 36 -41.92 17.76 -23.90
CA ILE G 36 -41.36 18.20 -25.18
C ILE G 36 -40.31 17.34 -25.78
N ALA G 37 -39.17 17.01 -25.13
CA ALA G 37 -38.21 16.01 -25.55
C ALA G 37 -38.74 14.73 -26.12
N ALA G 38 -39.54 14.06 -25.28
CA ALA G 38 -40.27 12.91 -25.69
C ALA G 38 -41.12 13.10 -26.93
N VAL G 39 -41.92 14.20 -27.01
CA VAL G 39 -42.66 14.61 -28.19
C VAL G 39 -41.73 14.73 -29.39
N LYS G 40 -40.67 15.49 -29.40
CA LYS G 40 -39.61 15.59 -30.49
C LYS G 40 -39.09 14.19 -30.95
N ALA G 41 -38.83 13.21 -30.02
CA ALA G 41 -38.52 11.82 -30.32
C ALA G 41 -39.50 11.13 -31.16
N VAL G 42 -40.80 11.23 -30.79
CA VAL G 42 -41.90 10.81 -31.69
C VAL G 42 -41.95 11.49 -33.08
N GLU G 43 -41.79 12.79 -33.20
CA GLU G 43 -41.86 13.52 -34.40
C GLU G 43 -40.80 12.98 -35.40
N GLU G 44 -39.52 12.83 -34.99
CA GLU G 44 -38.32 12.17 -35.55
C GLU G 44 -38.51 10.69 -35.87
N ALA G 45 -39.62 9.99 -35.49
CA ALA G 45 -39.82 8.58 -35.74
C ALA G 45 -40.55 8.50 -37.03
N LEU G 46 -41.26 9.55 -37.42
CA LEU G 46 -42.06 9.51 -38.66
C LEU G 46 -41.55 10.48 -39.68
N LYS G 47 -40.96 11.60 -39.29
CA LYS G 47 -40.41 12.55 -40.22
C LYS G 47 -39.88 12.16 -41.61
N SER G 48 -38.90 11.16 -41.65
CA SER G 48 -38.28 10.55 -42.81
C SER G 48 -39.13 9.60 -43.63
N THR G 49 -40.44 9.55 -43.31
CA THR G 49 -41.41 8.75 -44.00
C THR G 49 -42.55 9.48 -44.56
N TYR G 50 -42.57 10.82 -44.41
CA TYR G 50 -43.59 11.67 -44.95
C TYR G 50 -43.55 12.09 -46.38
N GLY G 51 -44.70 11.91 -47.14
CA GLY G 51 -44.85 12.24 -48.47
C GLY G 51 -44.65 11.09 -49.29
N PRO G 52 -45.22 11.05 -50.49
CA PRO G 52 -45.17 9.90 -51.36
C PRO G 52 -43.75 9.49 -51.83
N ARG G 53 -42.69 10.19 -51.41
CA ARG G 53 -41.26 9.89 -51.65
C ARG G 53 -40.42 9.61 -50.40
N GLY G 54 -41.04 9.41 -49.21
CA GLY G 54 -40.45 8.99 -47.99
C GLY G 54 -39.74 7.68 -48.03
N MET G 55 -39.06 7.33 -46.97
CA MET G 55 -38.33 6.03 -46.75
C MET G 55 -39.13 5.01 -45.92
N ASP G 56 -38.50 3.80 -45.80
CA ASP G 56 -39.03 2.75 -45.03
C ASP G 56 -38.25 2.63 -43.80
N LYS G 57 -38.96 2.14 -42.78
CA LYS G 57 -38.47 1.73 -41.49
C LYS G 57 -38.54 0.25 -41.41
N MET G 58 -37.47 -0.33 -40.77
CA MET G 58 -37.43 -1.71 -40.38
C MET G 58 -37.57 -1.90 -38.95
N LEU G 59 -38.34 -2.92 -38.54
CA LEU G 59 -38.76 -3.18 -37.18
C LEU G 59 -38.38 -4.62 -36.98
N VAL G 60 -37.48 -4.87 -36.04
CA VAL G 60 -36.93 -6.22 -35.80
C VAL G 60 -37.47 -6.74 -34.52
N ASP G 61 -38.36 -7.80 -34.50
CA ASP G 61 -38.93 -8.41 -33.27
C ASP G 61 -37.82 -8.81 -32.23
N SER G 62 -38.29 -9.20 -31.04
CA SER G 62 -37.43 -9.79 -29.99
C SER G 62 -37.16 -11.23 -30.31
N LEU G 63 -38.04 -11.82 -31.17
CA LEU G 63 -38.08 -13.19 -31.56
C LEU G 63 -37.18 -13.32 -32.83
N GLY G 64 -36.71 -12.16 -33.19
CA GLY G 64 -35.72 -11.89 -34.22
C GLY G 64 -36.23 -11.86 -35.67
N ASP G 65 -37.53 -11.79 -35.92
CA ASP G 65 -38.14 -11.59 -37.28
C ASP G 65 -38.15 -10.14 -37.75
N ILE G 66 -38.21 -9.89 -39.10
CA ILE G 66 -38.04 -8.58 -39.63
C ILE G 66 -39.36 -8.08 -40.19
N THR G 67 -39.73 -6.85 -40.00
CA THR G 67 -40.92 -6.21 -40.56
C THR G 67 -40.51 -4.80 -41.11
N ILE G 68 -40.73 -4.69 -42.45
CA ILE G 68 -40.47 -3.45 -43.19
C ILE G 68 -41.74 -2.65 -43.51
N THR G 69 -41.76 -1.35 -43.16
CA THR G 69 -42.97 -0.54 -43.41
C THR G 69 -42.56 0.98 -43.47
N ASN G 70 -43.58 1.85 -43.73
CA ASN G 70 -43.42 3.29 -43.58
C ASN G 70 -44.69 3.84 -42.96
N ASP G 71 -45.49 2.91 -42.40
CA ASP G 71 -46.72 3.24 -41.71
C ASP G 71 -46.52 3.80 -40.40
N GLY G 72 -47.12 5.00 -40.15
CA GLY G 72 -47.18 5.66 -38.87
C GLY G 72 -47.63 4.93 -37.67
N ALA G 73 -48.77 4.42 -37.68
CA ALA G 73 -49.30 3.54 -36.62
C ALA G 73 -48.38 2.51 -36.18
N THR G 74 -47.96 1.69 -37.09
CA THR G 74 -47.04 0.65 -36.84
C THR G 74 -45.65 1.04 -36.25
N ILE G 75 -45.09 2.12 -36.77
CA ILE G 75 -43.81 2.71 -36.15
C ILE G 75 -43.96 3.28 -34.71
N LEU G 76 -45.28 3.55 -34.28
CA LEU G 76 -45.50 4.02 -32.90
C LEU G 76 -46.09 2.96 -31.96
N ASP G 77 -46.91 2.11 -32.55
CA ASP G 77 -47.44 0.95 -31.84
C ASP G 77 -46.37 -0.09 -31.44
N LYS G 78 -45.48 -0.52 -32.32
CA LYS G 78 -44.44 -1.54 -32.21
C LYS G 78 -43.26 -0.95 -31.49
N MET G 79 -43.30 0.33 -31.29
CA MET G 79 -42.23 0.98 -30.52
C MET G 79 -42.51 1.01 -29.01
N ASP G 80 -41.53 1.04 -28.09
CA ASP G 80 -41.79 1.09 -26.62
C ASP G 80 -41.60 2.58 -26.33
N LEU G 81 -42.78 3.16 -25.86
CA LEU G 81 -42.98 4.57 -25.54
C LEU G 81 -43.53 4.60 -24.12
N GLN G 82 -42.75 4.10 -23.14
CA GLN G 82 -43.04 3.91 -21.71
C GLN G 82 -43.45 5.26 -21.09
N HIS G 83 -42.78 6.37 -21.48
CA HIS G 83 -42.98 7.68 -20.93
C HIS G 83 -44.42 8.17 -21.02
N PRO G 84 -45.07 8.82 -20.02
CA PRO G 84 -46.45 9.32 -20.15
C PRO G 84 -46.73 10.28 -21.32
N ALA G 85 -45.94 11.32 -21.56
CA ALA G 85 -46.03 12.24 -22.67
C ALA G 85 -46.26 11.66 -24.01
N ALA G 86 -45.36 10.68 -24.35
CA ALA G 86 -45.43 9.87 -25.61
C ALA G 86 -46.82 9.19 -25.76
N LYS G 87 -47.27 8.43 -24.77
CA LYS G 87 -48.53 7.78 -24.79
C LYS G 87 -49.77 8.74 -24.89
N LEU G 88 -49.68 9.92 -24.26
CA LEU G 88 -50.69 10.95 -24.39
C LEU G 88 -50.79 11.62 -25.78
N LEU G 89 -49.55 11.91 -26.36
CA LEU G 89 -49.39 12.52 -27.67
C LEU G 89 -49.98 11.60 -28.73
N VAL G 90 -49.45 10.34 -28.85
CA VAL G 90 -49.86 9.44 -29.88
C VAL G 90 -51.40 9.14 -29.86
N GLN G 91 -52.00 9.07 -28.60
CA GLN G 91 -53.38 8.90 -28.40
C GLN G 91 -54.24 9.96 -28.99
N ILE G 92 -53.86 11.23 -28.88
CA ILE G 92 -54.68 12.24 -29.52
C ILE G 92 -54.36 12.26 -31.01
N ALA G 93 -53.04 12.12 -31.39
CA ALA G 93 -52.52 12.24 -32.76
C ALA G 93 -52.95 11.23 -33.71
N LYS G 94 -52.52 9.98 -33.43
CA LYS G 94 -52.98 8.88 -34.17
C LYS G 94 -54.49 8.58 -34.02
N GLY G 95 -54.88 8.45 -32.76
CA GLY G 95 -56.29 8.26 -32.38
C GLY G 95 -57.10 9.55 -32.49
N GLN G 96 -57.39 9.86 -33.74
CA GLN G 96 -58.27 11.03 -34.11
C GLN G 96 -59.43 10.42 -34.84
N ASP G 97 -60.27 11.25 -35.43
CA ASP G 97 -61.48 10.82 -36.09
C ASP G 97 -61.30 10.04 -37.37
N GLU G 98 -60.45 10.53 -38.29
CA GLU G 98 -60.29 9.94 -39.62
C GLU G 98 -59.24 8.80 -39.64
N GLU G 99 -59.46 7.63 -40.34
CA GLU G 99 -58.59 6.42 -40.27
C GLU G 99 -57.20 6.60 -40.78
N THR G 100 -57.19 7.34 -41.92
CA THR G 100 -56.03 7.82 -42.71
C THR G 100 -54.63 7.76 -42.05
N ALA G 101 -53.73 7.04 -42.76
CA ALA G 101 -52.41 6.82 -42.47
C ALA G 101 -51.58 8.17 -42.54
N ASP G 102 -51.82 8.96 -43.66
CA ASP G 102 -51.07 10.16 -43.92
C ASP G 102 -51.63 11.27 -43.17
N GLY G 103 -52.93 11.29 -42.93
CA GLY G 103 -53.50 12.20 -41.97
C GLY G 103 -53.09 11.93 -40.53
N THR G 104 -52.96 10.65 -40.07
CA THR G 104 -52.34 10.51 -38.75
C THR G 104 -50.87 10.87 -38.66
N LYS G 105 -50.08 10.56 -39.73
CA LYS G 105 -48.65 10.98 -39.87
C LYS G 105 -48.44 12.40 -39.86
N THR G 106 -49.43 13.11 -40.48
CA THR G 106 -49.50 14.60 -40.48
C THR G 106 -49.88 15.11 -39.05
N ALA G 107 -51.01 14.65 -38.50
CA ALA G 107 -51.43 14.92 -37.11
C ALA G 107 -50.36 14.92 -36.03
N VAL G 108 -49.40 13.85 -36.11
CA VAL G 108 -48.29 13.69 -35.14
C VAL G 108 -47.18 14.74 -35.48
N ILE G 109 -46.62 14.81 -36.72
CA ILE G 109 -45.66 15.81 -37.19
C ILE G 109 -46.02 17.27 -37.07
N PHE G 110 -47.23 17.73 -37.60
CA PHE G 110 -47.63 19.13 -37.46
C PHE G 110 -47.68 19.55 -35.99
N SER G 111 -48.12 18.62 -35.13
CA SER G 111 -48.11 18.71 -33.68
C SER G 111 -46.75 18.91 -33.15
N GLY G 112 -45.85 17.97 -33.49
CA GLY G 112 -44.53 18.14 -32.88
C GLY G 112 -43.77 19.39 -33.18
N GLU G 113 -43.95 19.89 -34.38
CA GLU G 113 -43.48 21.26 -34.68
C GLU G 113 -44.21 22.37 -33.97
N LEU G 114 -45.52 22.18 -33.78
CA LEU G 114 -46.27 23.17 -33.06
C LEU G 114 -45.91 23.38 -31.58
N VAL G 115 -45.54 22.27 -30.84
CA VAL G 115 -44.99 22.12 -29.54
C VAL G 115 -43.57 22.83 -29.47
N LYS G 116 -42.72 22.53 -30.45
CA LYS G 116 -41.43 23.15 -30.68
C LYS G 116 -41.45 24.66 -30.81
N LYS G 117 -42.17 25.17 -31.78
CA LYS G 117 -42.42 26.56 -32.04
C LYS G 117 -43.08 27.34 -30.88
N ALA G 118 -43.74 26.66 -29.94
CA ALA G 118 -44.31 27.24 -28.69
C ALA G 118 -43.18 27.55 -27.66
N GLU G 119 -42.16 26.70 -27.65
CA GLU G 119 -41.00 26.87 -26.72
C GLU G 119 -40.22 28.19 -26.76
N ASP G 120 -39.99 28.69 -27.96
CA ASP G 120 -39.37 29.91 -28.33
C ASP G 120 -40.16 31.16 -27.88
N LEU G 121 -41.52 31.03 -27.75
CA LEU G 121 -42.34 32.07 -27.14
C LEU G 121 -42.17 32.09 -25.62
N LEU G 122 -42.07 30.91 -24.95
CA LEU G 122 -41.79 30.88 -23.51
C LEU G 122 -40.44 31.44 -23.10
N TYR G 123 -39.37 31.28 -23.92
CA TYR G 123 -38.15 32.00 -23.64
C TYR G 123 -38.30 33.56 -23.63
N LYS G 124 -39.11 34.09 -24.59
CA LYS G 124 -39.51 35.50 -24.75
C LYS G 124 -40.60 35.90 -23.83
N ASP G 125 -40.98 34.86 -22.98
CA ASP G 125 -41.84 35.01 -21.80
C ASP G 125 -43.28 35.36 -22.09
N VAL G 126 -43.84 34.74 -23.12
CA VAL G 126 -45.24 34.74 -23.33
C VAL G 126 -45.78 33.64 -22.45
N HIS G 127 -46.82 33.98 -21.71
CA HIS G 127 -47.36 33.15 -20.72
C HIS G 127 -48.17 32.03 -21.41
N PRO G 128 -48.12 30.70 -21.01
CA PRO G 128 -48.81 29.70 -21.77
C PRO G 128 -50.29 29.97 -21.93
N THR G 129 -50.92 30.72 -20.93
CA THR G 129 -52.34 30.98 -21.05
C THR G 129 -52.64 31.81 -22.27
N ILE G 130 -51.71 32.67 -22.69
CA ILE G 130 -51.76 33.54 -23.86
C ILE G 130 -51.55 32.74 -25.13
N ILE G 131 -50.50 31.90 -25.08
CA ILE G 131 -50.13 31.05 -26.21
C ILE G 131 -51.19 30.05 -26.61
N ILE G 132 -51.99 29.65 -25.61
CA ILE G 132 -53.17 28.80 -25.76
C ILE G 132 -54.27 29.46 -26.47
N SER G 133 -54.63 30.71 -26.06
CA SER G 133 -55.57 31.68 -26.70
C SER G 133 -55.18 32.02 -28.08
N GLY G 134 -53.87 32.25 -28.31
CA GLY G 134 -53.29 32.40 -29.66
C GLY G 134 -53.55 31.24 -30.54
N TYR G 135 -53.19 30.03 -30.07
CA TYR G 135 -53.41 28.76 -30.83
C TYR G 135 -54.80 28.46 -31.21
N LYS G 136 -55.74 28.66 -30.22
CA LYS G 136 -57.21 28.63 -30.34
C LYS G 136 -57.74 29.56 -31.42
N LYS G 137 -57.50 30.89 -31.30
CA LYS G 137 -57.89 31.85 -32.42
C LYS G 137 -57.23 31.46 -33.78
N ALA G 138 -56.02 30.96 -33.80
CA ALA G 138 -55.36 30.50 -35.03
C ALA G 138 -55.91 29.15 -35.67
N GLU G 139 -56.24 28.14 -34.88
CA GLU G 139 -56.93 26.88 -35.26
C GLU G 139 -58.26 27.25 -35.95
N GLU G 140 -59.06 28.13 -35.34
CA GLU G 140 -60.30 28.67 -35.79
C GLU G 140 -60.22 29.10 -37.26
N VAL G 141 -59.31 30.09 -37.48
CA VAL G 141 -58.94 30.61 -38.81
C VAL G 141 -58.38 29.50 -39.77
N ALA G 142 -57.36 28.73 -39.34
CA ALA G 142 -56.69 27.64 -39.99
C ALA G 142 -57.60 26.55 -40.50
N LEU G 143 -58.65 26.32 -39.73
CA LEU G 143 -59.71 25.34 -40.13
C LEU G 143 -60.55 25.81 -41.27
N GLN G 144 -61.30 26.95 -40.99
CA GLN G 144 -62.26 27.61 -41.83
C GLN G 144 -61.64 28.09 -43.18
N THR G 145 -60.33 28.29 -43.18
CA THR G 145 -59.60 28.57 -44.42
C THR G 145 -59.59 27.34 -45.37
N ILE G 146 -59.90 26.12 -44.88
CA ILE G 146 -59.97 24.97 -45.74
C ILE G 146 -61.43 24.96 -46.28
N GLN G 147 -62.38 25.29 -45.52
CA GLN G 147 -63.81 25.33 -45.88
C GLN G 147 -64.00 26.33 -47.09
N GLU G 148 -63.73 27.63 -46.87
CA GLU G 148 -63.81 28.58 -47.92
C GLU G 148 -62.72 28.56 -49.03
N LEU G 149 -62.41 27.33 -49.55
CA LEU G 149 -61.41 27.11 -50.62
C LEU G 149 -61.59 25.76 -51.23
N ALA G 150 -62.14 24.74 -50.47
CA ALA G 150 -62.51 23.44 -51.02
C ALA G 150 -63.56 23.54 -52.14
N GLN G 151 -63.56 22.57 -53.03
CA GLN G 151 -64.43 22.44 -54.16
C GLN G 151 -65.37 21.25 -53.94
N THR G 152 -66.65 21.44 -54.46
CA THR G 152 -67.72 20.48 -54.39
C THR G 152 -67.56 19.26 -55.28
N VAL G 153 -67.41 18.15 -54.61
CA VAL G 153 -67.33 16.86 -55.27
C VAL G 153 -68.68 16.19 -55.36
N SER G 154 -69.00 15.48 -56.49
CA SER G 154 -70.28 14.79 -56.74
C SER G 154 -70.03 13.57 -57.67
N ILE G 155 -71.01 12.62 -57.73
CA ILE G 155 -70.73 11.37 -58.54
C ILE G 155 -70.47 11.58 -59.96
N ASN G 156 -70.91 12.75 -60.53
CA ASN G 156 -70.61 13.22 -61.81
C ASN G 156 -69.13 13.48 -62.00
N ASP G 157 -68.45 13.94 -60.91
CA ASP G 157 -67.06 14.20 -60.83
C ASP G 157 -66.28 12.88 -60.64
N THR G 158 -66.55 11.96 -61.62
CA THR G 158 -65.92 10.66 -61.54
C THR G 158 -64.42 10.69 -62.02
N ASP G 159 -64.05 11.67 -62.85
CA ASP G 159 -62.71 11.93 -63.26
C ASP G 159 -61.79 12.63 -62.18
N LEU G 160 -62.45 13.15 -61.14
CA LEU G 160 -61.75 13.70 -59.95
C LEU G 160 -61.39 12.52 -59.00
N LEU G 161 -62.28 11.60 -58.68
CA LEU G 161 -61.96 10.55 -57.77
C LEU G 161 -60.87 9.61 -58.24
N ARG G 162 -60.70 9.49 -59.58
CA ARG G 162 -59.64 8.78 -60.33
C ARG G 162 -58.19 9.34 -59.91
N LYS G 163 -58.20 10.67 -59.55
CA LYS G 163 -57.03 11.39 -59.14
C LYS G 163 -56.79 11.22 -57.66
N ILE G 164 -57.75 11.60 -56.80
CA ILE G 164 -57.87 11.35 -55.37
C ILE G 164 -57.47 9.81 -54.96
N ALA G 165 -57.68 8.79 -55.83
CA ALA G 165 -57.34 7.37 -55.60
C ALA G 165 -55.87 7.24 -55.64
N MET G 166 -55.24 7.82 -56.66
CA MET G 166 -53.80 7.79 -56.94
C MET G 166 -53.03 8.53 -55.76
N THR G 167 -53.69 9.66 -55.25
CA THR G 167 -53.23 10.41 -54.01
C THR G 167 -53.15 9.54 -52.78
N SER G 168 -53.76 8.32 -52.83
CA SER G 168 -53.85 7.29 -51.78
C SER G 168 -52.91 6.18 -52.05
N LEU G 169 -52.88 5.62 -53.32
CA LEU G 169 -52.02 4.50 -53.59
C LEU G 169 -50.54 4.99 -53.69
N SER G 170 -50.33 6.20 -54.17
CA SER G 170 -49.02 6.87 -54.28
C SER G 170 -48.22 6.95 -53.03
N SER G 171 -48.88 6.81 -51.85
CA SER G 171 -48.22 6.86 -50.54
C SER G 171 -47.71 5.46 -50.15
N LYS G 172 -48.32 4.43 -50.69
CA LYS G 172 -48.23 3.02 -50.34
C LYS G 172 -47.00 2.41 -50.92
N ALA G 173 -46.81 1.14 -50.54
CA ALA G 173 -45.68 0.23 -50.97
C ALA G 173 -45.64 -0.11 -52.44
N VAL G 174 -46.80 -0.31 -53.10
CA VAL G 174 -46.94 -0.52 -54.48
C VAL G 174 -46.48 0.68 -55.31
N ALA G 175 -45.84 0.27 -56.41
CA ALA G 175 -45.19 1.16 -57.30
C ALA G 175 -45.54 0.87 -58.76
N GLY G 176 -46.10 -0.30 -59.10
CA GLY G 176 -46.60 -0.52 -60.50
C GLY G 176 -48.08 -0.49 -60.65
N ALA G 177 -48.60 -0.18 -61.89
CA ALA G 177 -50.03 -0.13 -62.27
C ALA G 177 -51.00 0.55 -61.30
N ARG G 178 -50.67 1.73 -60.70
CA ARG G 178 -51.52 2.32 -59.71
C ARG G 178 -52.76 2.98 -60.29
N GLU G 179 -52.69 3.42 -61.55
CA GLU G 179 -53.81 3.79 -62.36
C GLU G 179 -54.90 2.74 -62.56
N TYR G 180 -54.39 1.52 -62.67
CA TYR G 180 -55.07 0.25 -62.81
C TYR G 180 -55.94 0.03 -61.64
N ILE G 181 -55.38 0.17 -60.45
CA ILE G 181 -56.05 0.08 -59.19
C ILE G 181 -56.98 1.27 -58.93
N ALA G 182 -56.51 2.51 -59.29
CA ALA G 182 -57.24 3.71 -59.25
C ALA G 182 -58.58 3.72 -60.03
N ASP G 183 -58.49 3.34 -61.32
CA ASP G 183 -59.73 3.24 -62.10
C ASP G 183 -60.74 2.28 -61.44
N ILE G 184 -60.30 1.02 -61.07
CA ILE G 184 -61.17 0.09 -60.41
C ILE G 184 -61.90 0.65 -59.21
N VAL G 185 -61.16 1.26 -58.20
CA VAL G 185 -61.68 1.87 -56.98
C VAL G 185 -62.78 2.85 -57.22
N VAL G 186 -62.66 3.72 -58.31
CA VAL G 186 -63.67 4.65 -58.65
C VAL G 186 -64.94 4.00 -59.01
N LYS G 187 -64.98 3.04 -59.94
CA LYS G 187 -66.16 2.35 -60.27
C LYS G 187 -66.80 1.61 -59.08
N ALA G 188 -65.94 0.98 -58.35
CA ALA G 188 -66.29 0.21 -57.13
C ALA G 188 -67.00 1.09 -56.09
N VAL G 189 -66.57 2.33 -55.87
CA VAL G 189 -67.20 3.14 -54.90
C VAL G 189 -68.49 3.77 -55.49
N THR G 190 -68.41 4.37 -56.65
CA THR G 190 -69.56 5.00 -57.37
C THR G 190 -70.72 4.11 -57.65
N GLN G 191 -70.47 2.81 -57.72
CA GLN G 191 -71.43 1.73 -57.75
C GLN G 191 -72.15 1.62 -56.44
N VAL G 192 -71.43 1.77 -55.31
CA VAL G 192 -72.02 1.54 -54.04
C VAL G 192 -72.57 2.76 -53.44
N ALA G 193 -72.08 3.95 -53.80
CA ALA G 193 -72.53 5.24 -53.35
C ALA G 193 -73.97 5.53 -53.78
N GLU G 194 -74.87 5.91 -52.84
CA GLU G 194 -76.30 6.21 -53.09
C GLU G 194 -76.56 7.45 -52.35
N LEU G 195 -77.37 8.41 -52.95
CA LEU G 195 -77.78 9.65 -52.48
C LEU G 195 -79.09 9.54 -51.67
N ARG G 196 -79.07 9.73 -50.38
CA ARG G 196 -80.25 9.48 -49.46
C ARG G 196 -80.39 10.77 -48.67
N GLY G 197 -81.53 11.45 -48.58
CA GLY G 197 -81.77 12.68 -47.85
C GLY G 197 -80.86 13.85 -48.37
N ASP G 198 -80.48 13.95 -49.69
CA ASP G 198 -79.53 14.94 -50.15
C ASP G 198 -78.10 14.83 -49.47
N LYS G 199 -77.69 13.55 -49.22
CA LYS G 199 -76.32 13.30 -48.68
C LYS G 199 -76.01 11.96 -49.25
N TRP G 200 -74.70 11.67 -49.62
CA TRP G 200 -74.34 10.38 -50.22
C TRP G 200 -73.88 9.47 -49.10
N TYR G 201 -74.20 8.21 -49.17
CA TYR G 201 -73.95 7.12 -48.23
C TYR G 201 -73.28 6.04 -49.00
N VAL G 202 -72.06 5.65 -48.56
CA VAL G 202 -71.39 4.62 -49.23
C VAL G 202 -71.26 3.38 -48.34
N ASP G 203 -72.27 2.43 -48.39
CA ASP G 203 -72.20 1.24 -47.51
C ASP G 203 -71.15 0.25 -47.95
N LEU G 204 -69.91 0.38 -47.38
CA LEU G 204 -68.81 -0.32 -47.76
C LEU G 204 -68.85 -1.93 -47.82
N ASP G 205 -69.70 -2.55 -46.96
CA ASP G 205 -70.05 -3.94 -46.89
C ASP G 205 -70.60 -4.60 -48.23
N ASN G 206 -71.10 -3.69 -49.15
CA ASN G 206 -71.74 -4.05 -50.39
C ASN G 206 -70.52 -4.32 -51.34
N ILE G 207 -69.30 -4.49 -50.83
CA ILE G 207 -68.03 -4.70 -51.58
C ILE G 207 -67.28 -5.89 -50.95
N GLN G 208 -66.99 -6.96 -51.79
CA GLN G 208 -66.32 -8.13 -51.32
C GLN G 208 -64.84 -8.01 -51.75
N ILE G 209 -63.86 -8.54 -51.00
CA ILE G 209 -62.44 -8.33 -51.36
C ILE G 209 -61.73 -9.66 -51.32
N VAL G 210 -61.35 -10.21 -52.48
CA VAL G 210 -60.69 -11.51 -52.54
C VAL G 210 -59.24 -11.25 -53.21
N LYS G 211 -58.18 -11.93 -52.71
CA LYS G 211 -56.80 -11.75 -53.13
C LYS G 211 -56.07 -13.09 -53.23
N LYS G 212 -55.29 -13.20 -54.30
CA LYS G 212 -54.60 -14.44 -54.62
C LYS G 212 -53.20 -14.07 -55.05
N ALA G 213 -52.18 -14.75 -54.48
CA ALA G 213 -50.76 -14.56 -54.82
C ALA G 213 -50.36 -14.85 -56.23
N GLY G 214 -49.42 -14.09 -56.72
CA GLY G 214 -48.86 -14.13 -58.06
C GLY G 214 -49.58 -13.22 -59.01
N GLY G 215 -49.21 -13.45 -60.25
CA GLY G 215 -49.61 -12.69 -61.38
C GLY G 215 -49.45 -11.21 -61.29
N SER G 216 -50.08 -10.49 -62.17
CA SER G 216 -49.89 -9.09 -62.28
C SER G 216 -51.03 -8.22 -61.76
N ILE G 217 -50.71 -6.94 -61.45
CA ILE G 217 -51.71 -6.04 -60.89
C ILE G 217 -52.76 -5.71 -62.04
N ASN G 218 -52.32 -5.85 -63.28
CA ASN G 218 -53.08 -5.73 -64.46
C ASN G 218 -54.09 -6.86 -64.67
N ASP G 219 -53.92 -7.99 -63.95
CA ASP G 219 -54.80 -9.17 -63.95
C ASP G 219 -55.88 -9.03 -62.86
N THR G 220 -56.00 -7.87 -62.28
CA THR G 220 -57.02 -7.52 -61.33
C THR G 220 -58.30 -7.02 -62.03
N GLN G 221 -59.43 -7.23 -61.36
CA GLN G 221 -60.70 -6.88 -61.92
C GLN G 221 -61.65 -6.51 -60.81
N LEU G 222 -62.72 -5.85 -61.32
CA LEU G 222 -63.94 -5.57 -60.54
C LEU G 222 -64.97 -6.59 -61.13
N VAL G 223 -65.69 -7.34 -60.26
CA VAL G 223 -66.82 -8.28 -60.57
C VAL G 223 -68.12 -7.73 -60.06
N TYR G 224 -69.22 -7.76 -60.85
CA TYR G 224 -70.50 -7.21 -60.52
C TYR G 224 -71.30 -8.33 -59.90
N GLY G 225 -70.92 -8.81 -58.69
CA GLY G 225 -71.56 -9.87 -58.05
C GLY G 225 -70.51 -10.41 -57.10
N ILE G 226 -70.88 -11.47 -56.34
CA ILE G 226 -70.04 -11.93 -55.19
C ILE G 226 -68.92 -12.88 -55.68
N VAL G 227 -67.79 -12.89 -54.98
CA VAL G 227 -66.81 -13.83 -55.26
C VAL G 227 -66.55 -14.54 -54.00
N VAL G 228 -66.87 -15.80 -54.01
CA VAL G 228 -66.79 -16.61 -52.82
C VAL G 228 -65.46 -17.30 -52.79
N ASP G 229 -64.64 -16.99 -51.77
CA ASP G 229 -63.30 -17.33 -51.64
C ASP G 229 -63.02 -18.81 -51.35
N LYS G 230 -63.56 -19.75 -52.27
CA LYS G 230 -63.46 -21.19 -52.17
C LYS G 230 -63.95 -21.71 -53.52
N GLU G 231 -63.46 -22.87 -53.93
CA GLU G 231 -63.82 -23.65 -55.11
C GLU G 231 -64.83 -24.63 -54.78
N VAL G 232 -65.42 -25.33 -55.77
CA VAL G 232 -66.34 -26.44 -55.48
C VAL G 232 -65.69 -27.77 -54.85
N VAL G 233 -66.40 -28.38 -53.93
CA VAL G 233 -65.80 -29.53 -53.11
C VAL G 233 -65.31 -30.69 -53.93
N HIS G 234 -66.04 -31.22 -54.97
CA HIS G 234 -65.67 -32.35 -55.71
C HIS G 234 -65.54 -32.09 -57.18
N PRO G 235 -64.41 -32.38 -57.87
CA PRO G 235 -64.22 -32.22 -59.30
C PRO G 235 -65.33 -32.62 -60.35
N GLY G 236 -66.19 -33.66 -60.09
CA GLY G 236 -67.15 -34.16 -61.02
C GLY G 236 -68.41 -33.45 -60.92
N MET G 237 -68.57 -32.38 -60.09
CA MET G 237 -69.66 -31.49 -60.02
C MET G 237 -69.59 -30.45 -61.06
N PRO G 238 -70.70 -30.04 -61.61
CA PRO G 238 -70.64 -29.15 -62.75
C PRO G 238 -70.10 -27.79 -62.22
N LYS G 239 -69.47 -26.96 -63.08
CA LYS G 239 -68.80 -25.73 -62.61
C LYS G 239 -69.61 -24.49 -62.99
N ARG G 240 -70.73 -24.52 -63.73
CA ARG G 240 -71.56 -23.39 -64.10
C ARG G 240 -73.05 -23.71 -64.13
N LEU G 241 -73.81 -23.09 -63.16
CA LEU G 241 -75.28 -23.38 -63.05
C LEU G 241 -76.09 -22.18 -63.46
N GLU G 242 -77.13 -22.37 -64.20
CA GLU G 242 -78.06 -21.40 -64.55
C GLU G 242 -79.19 -21.31 -63.59
N ASN G 243 -79.60 -20.06 -63.25
CA ASN G 243 -80.70 -19.78 -62.34
C ASN G 243 -80.42 -20.43 -61.03
N ALA G 244 -79.41 -19.85 -60.33
CA ALA G 244 -78.86 -20.31 -59.08
C ALA G 244 -79.82 -20.09 -57.94
N LYS G 245 -80.08 -21.16 -57.17
CA LYS G 245 -80.92 -21.03 -55.96
C LYS G 245 -80.19 -21.58 -54.79
N ILE G 246 -79.14 -20.82 -54.40
CA ILE G 246 -78.17 -21.04 -53.30
C ILE G 246 -78.73 -21.36 -51.88
N ALA G 247 -78.15 -22.30 -51.08
CA ALA G 247 -78.66 -22.56 -49.71
C ALA G 247 -77.46 -22.44 -48.80
N LEU G 248 -77.29 -21.30 -48.12
CA LEU G 248 -76.22 -20.93 -47.27
C LEU G 248 -76.22 -21.65 -45.89
N ILE G 249 -75.59 -22.86 -45.76
CA ILE G 249 -75.71 -23.78 -44.56
C ILE G 249 -74.64 -23.84 -43.40
N ASP G 250 -75.06 -23.36 -42.23
CA ASP G 250 -74.26 -23.32 -41.05
C ASP G 250 -74.10 -24.77 -40.51
N ALA G 251 -75.12 -25.64 -40.53
CA ALA G 251 -75.24 -27.05 -40.13
C ALA G 251 -74.25 -28.05 -40.81
N SER G 252 -73.57 -28.95 -40.06
CA SER G 252 -72.65 -29.95 -40.58
C SER G 252 -73.34 -31.00 -41.50
N LEU G 253 -72.75 -31.25 -42.70
CA LEU G 253 -73.22 -32.18 -43.54
C LEU G 253 -72.20 -33.29 -43.64
N GLU G 254 -71.29 -33.41 -42.60
CA GLU G 254 -70.33 -34.43 -42.43
C GLU G 254 -70.88 -35.56 -41.53
N VAL G 255 -70.63 -36.84 -42.01
CA VAL G 255 -70.97 -38.08 -41.32
C VAL G 255 -69.74 -38.54 -40.61
N GLU G 256 -69.82 -38.89 -39.29
CA GLU G 256 -68.69 -39.19 -38.45
C GLU G 256 -69.05 -40.26 -37.42
N LYS G 257 -68.01 -40.78 -36.75
CA LYS G 257 -68.06 -41.67 -35.55
C LYS G 257 -69.22 -41.31 -34.60
N PRO G 258 -70.01 -42.19 -34.02
CA PRO G 258 -71.01 -41.85 -33.02
C PRO G 258 -70.43 -41.18 -31.75
N GLU G 259 -71.15 -40.12 -31.29
CA GLU G 259 -70.79 -39.36 -30.14
C GLU G 259 -71.99 -38.90 -29.25
N LEU G 260 -73.22 -38.86 -29.92
CA LEU G 260 -74.43 -38.59 -29.23
C LEU G 260 -75.64 -39.54 -29.53
N ASP G 261 -75.53 -40.49 -30.48
CA ASP G 261 -76.52 -41.44 -30.71
C ASP G 261 -76.40 -42.69 -29.83
N ALA G 262 -75.25 -42.91 -29.28
CA ALA G 262 -75.00 -43.96 -28.32
C ALA G 262 -74.50 -43.21 -27.02
N GLU G 263 -74.93 -43.67 -25.82
CA GLU G 263 -74.70 -43.02 -24.50
C GLU G 263 -73.29 -43.04 -24.06
N ILE G 264 -72.60 -44.19 -24.21
CA ILE G 264 -71.18 -44.25 -23.94
C ILE G 264 -70.48 -44.72 -25.17
N ARG G 265 -69.13 -44.87 -25.15
CA ARG G 265 -68.31 -45.32 -26.20
C ARG G 265 -68.63 -46.87 -26.50
N ILE G 266 -68.91 -47.13 -27.79
CA ILE G 266 -69.10 -48.43 -28.39
C ILE G 266 -68.27 -49.64 -27.89
N ASN G 267 -68.90 -50.77 -27.75
CA ASN G 267 -68.16 -51.98 -27.38
C ASN G 267 -68.53 -53.25 -28.05
N ASP G 268 -69.51 -53.10 -28.98
CA ASP G 268 -70.15 -54.18 -29.76
C ASP G 268 -70.03 -53.87 -31.21
N PRO G 269 -69.57 -54.71 -32.15
CA PRO G 269 -69.41 -54.39 -33.57
C PRO G 269 -70.79 -54.25 -34.22
N THR G 270 -71.90 -54.82 -33.68
CA THR G 270 -73.20 -54.75 -34.22
C THR G 270 -73.66 -53.35 -34.13
N GLN G 271 -73.35 -52.74 -32.96
CA GLN G 271 -73.77 -51.34 -32.81
C GLN G 271 -73.03 -50.35 -33.78
N MET G 272 -71.78 -50.58 -34.00
CA MET G 272 -70.91 -49.82 -34.90
C MET G 272 -71.54 -49.79 -36.32
N GLN G 273 -71.71 -50.96 -36.97
CA GLN G 273 -72.38 -51.09 -38.23
C GLN G 273 -73.65 -50.28 -38.31
N LYS G 274 -74.68 -50.70 -37.55
CA LYS G 274 -75.94 -50.00 -37.57
C LYS G 274 -76.06 -48.47 -37.27
N PHE G 275 -74.97 -47.88 -36.60
CA PHE G 275 -74.84 -46.50 -36.28
C PHE G 275 -74.28 -45.81 -37.46
N LEU G 276 -73.11 -46.22 -38.02
CA LEU G 276 -72.54 -45.51 -39.16
C LEU G 276 -73.29 -45.82 -40.47
N ASP G 277 -74.10 -46.92 -40.58
CA ASP G 277 -75.01 -47.13 -41.70
C ASP G 277 -76.21 -46.14 -41.61
N GLU G 278 -76.94 -46.01 -40.46
CA GLU G 278 -78.03 -45.07 -40.46
C GLU G 278 -77.58 -43.67 -40.57
N GLU G 279 -76.41 -43.30 -40.02
CA GLU G 279 -75.89 -41.90 -40.17
C GLU G 279 -75.56 -41.63 -41.63
N GLU G 280 -75.26 -42.69 -42.37
CA GLU G 280 -75.08 -42.53 -43.84
C GLU G 280 -76.40 -42.51 -44.63
N ASN G 281 -77.37 -43.27 -44.25
CA ASN G 281 -78.65 -43.15 -44.94
C ASN G 281 -79.37 -41.85 -44.43
N LEU G 282 -79.00 -41.29 -43.22
CA LEU G 282 -79.39 -40.04 -42.63
C LEU G 282 -78.78 -38.84 -43.40
N ILE G 283 -77.54 -38.91 -43.87
CA ILE G 283 -77.00 -37.75 -44.61
C ILE G 283 -77.51 -37.55 -46.01
N LYS G 284 -77.78 -38.59 -46.83
CA LYS G 284 -78.43 -38.40 -48.11
C LYS G 284 -79.85 -37.84 -47.87
N GLU G 285 -80.49 -38.12 -46.77
CA GLU G 285 -81.76 -37.61 -46.34
C GLU G 285 -81.73 -36.12 -46.12
N LYS G 286 -80.82 -35.59 -45.31
CA LYS G 286 -80.65 -34.20 -45.04
C LYS G 286 -80.49 -33.40 -46.36
N VAL G 287 -79.60 -33.93 -47.23
CA VAL G 287 -79.47 -33.38 -48.57
C VAL G 287 -80.71 -33.38 -49.51
N ASP G 288 -81.45 -34.43 -49.60
CA ASP G 288 -82.66 -34.53 -50.42
C ASP G 288 -83.73 -33.66 -49.99
N LYS G 289 -83.74 -33.47 -48.66
CA LYS G 289 -84.71 -32.58 -48.07
C LYS G 289 -84.40 -31.08 -48.40
N ILE G 290 -83.09 -30.78 -48.67
CA ILE G 290 -82.74 -29.41 -49.06
C ILE G 290 -83.00 -29.32 -50.53
N LEU G 291 -82.62 -30.32 -51.36
CA LEU G 291 -82.91 -30.23 -52.75
C LEU G 291 -84.40 -30.25 -53.12
N ALA G 292 -85.35 -30.70 -52.23
CA ALA G 292 -86.81 -30.62 -52.42
C ALA G 292 -87.34 -29.26 -52.56
N THR G 293 -86.46 -28.20 -52.24
CA THR G 293 -86.89 -26.84 -52.21
C THR G 293 -86.55 -26.15 -53.49
N GLY G 294 -85.61 -26.72 -54.20
CA GLY G 294 -85.18 -26.32 -55.49
C GLY G 294 -83.77 -25.87 -55.55
N ALA G 295 -83.01 -25.99 -54.42
CA ALA G 295 -81.66 -25.51 -54.36
C ALA G 295 -80.77 -26.26 -55.40
N ASN G 296 -79.95 -25.60 -56.26
CA ASN G 296 -79.16 -26.33 -57.20
C ASN G 296 -77.68 -26.06 -56.94
N VAL G 297 -77.37 -25.23 -55.99
CA VAL G 297 -76.00 -25.07 -55.50
C VAL G 297 -76.26 -25.00 -53.99
N ILE G 298 -75.24 -25.42 -53.26
CA ILE G 298 -75.38 -25.47 -51.80
C ILE G 298 -74.02 -25.06 -51.28
N ILE G 299 -73.99 -24.04 -50.44
CA ILE G 299 -72.73 -23.53 -49.92
C ILE G 299 -72.91 -23.70 -48.40
N CYS G 300 -71.80 -24.04 -47.72
CA CYS G 300 -71.93 -24.31 -46.34
C CYS G 300 -70.82 -23.65 -45.56
N GLN G 301 -70.84 -23.78 -44.22
CA GLN G 301 -69.79 -23.13 -43.46
C GLN G 301 -68.74 -24.25 -43.05
N LYS G 302 -69.20 -25.52 -43.00
CA LYS G 302 -68.42 -26.63 -42.63
C LYS G 302 -68.50 -27.80 -43.63
N GLY G 303 -67.99 -29.02 -43.27
CA GLY G 303 -68.07 -30.30 -43.98
C GLY G 303 -69.37 -30.69 -44.59
N ILE G 304 -69.12 -31.19 -45.83
CA ILE G 304 -70.15 -31.95 -46.55
C ILE G 304 -69.46 -33.28 -46.72
N ASP G 305 -70.06 -34.42 -46.37
CA ASP G 305 -69.55 -35.75 -46.49
C ASP G 305 -69.40 -36.13 -47.95
N GLU G 306 -68.57 -37.10 -48.25
CA GLU G 306 -68.16 -37.58 -49.52
C GLU G 306 -69.34 -38.38 -50.06
N VAL G 307 -70.20 -38.95 -49.26
CA VAL G 307 -71.42 -39.72 -49.68
C VAL G 307 -72.51 -38.73 -50.02
N ALA G 308 -72.56 -37.58 -49.29
CA ALA G 308 -73.43 -36.52 -49.61
C ALA G 308 -72.89 -35.73 -50.86
N GLN G 309 -71.57 -35.86 -51.25
CA GLN G 309 -70.99 -35.41 -52.54
C GLN G 309 -71.31 -36.31 -53.68
N SER G 310 -71.24 -37.65 -53.50
CA SER G 310 -71.67 -38.59 -54.53
C SER G 310 -73.14 -38.55 -54.89
N TYR G 311 -73.96 -38.14 -53.96
CA TYR G 311 -75.39 -37.96 -54.05
C TYR G 311 -75.72 -36.65 -54.85
N LEU G 312 -75.10 -35.55 -54.50
CA LEU G 312 -75.19 -34.19 -55.13
C LEU G 312 -74.59 -34.32 -56.55
N ALA G 313 -73.58 -35.13 -56.74
CA ALA G 313 -73.02 -35.38 -58.06
C ALA G 313 -73.95 -36.05 -59.09
N LYS G 314 -74.72 -37.08 -58.63
CA LYS G 314 -75.58 -37.83 -59.56
C LYS G 314 -76.76 -36.90 -59.91
N LYS G 315 -77.13 -35.95 -59.01
CA LYS G 315 -78.24 -34.98 -59.13
C LYS G 315 -77.87 -33.76 -59.92
N GLY G 316 -76.54 -33.47 -59.99
CA GLY G 316 -75.97 -32.43 -60.80
C GLY G 316 -75.83 -31.13 -60.05
N VAL G 317 -75.73 -31.22 -58.73
CA VAL G 317 -75.59 -30.02 -57.87
C VAL G 317 -74.16 -29.50 -57.90
N LEU G 318 -73.98 -28.19 -57.55
CA LEU G 318 -72.67 -27.55 -57.39
C LEU G 318 -72.50 -27.26 -55.98
N ALA G 319 -71.55 -27.91 -55.26
CA ALA G 319 -71.48 -27.66 -53.85
C ALA G 319 -70.23 -27.05 -53.36
N VAL G 320 -70.31 -26.26 -52.28
CA VAL G 320 -69.05 -25.86 -51.65
C VAL G 320 -69.07 -26.19 -50.17
N ARG G 321 -68.01 -26.72 -49.65
CA ARG G 321 -67.82 -27.22 -48.35
C ARG G 321 -66.86 -26.34 -47.64
N ARG G 322 -67.16 -26.04 -46.32
CA ARG G 322 -66.19 -25.15 -45.58
C ARG G 322 -65.87 -23.76 -46.19
N ALA G 323 -66.85 -22.89 -46.56
CA ALA G 323 -66.54 -21.46 -47.02
C ALA G 323 -66.61 -20.68 -45.78
N LYS G 324 -65.75 -19.64 -45.79
CA LYS G 324 -65.48 -18.79 -44.67
C LYS G 324 -66.77 -18.12 -44.24
N LYS G 325 -67.10 -18.07 -42.96
CA LYS G 325 -68.36 -17.40 -42.53
C LYS G 325 -68.46 -15.92 -43.07
N SER G 326 -67.27 -15.22 -43.25
CA SER G 326 -67.14 -13.92 -43.90
C SER G 326 -67.74 -13.73 -45.23
N ASP G 327 -67.84 -14.75 -46.09
CA ASP G 327 -68.39 -14.72 -47.41
C ASP G 327 -69.83 -15.20 -47.45
N LEU G 328 -70.24 -15.94 -46.42
CA LEU G 328 -71.62 -16.28 -46.22
C LEU G 328 -72.47 -15.06 -45.96
N GLU G 329 -71.99 -14.17 -45.18
CA GLU G 329 -72.54 -12.81 -44.98
C GLU G 329 -72.63 -11.96 -46.19
N LYS G 330 -71.47 -11.84 -46.95
CA LYS G 330 -71.45 -11.21 -48.23
C LYS G 330 -72.40 -11.78 -49.27
N LEU G 331 -72.73 -13.07 -49.19
CA LEU G 331 -73.58 -13.74 -50.18
C LEU G 331 -75.05 -13.78 -49.93
N ALA G 332 -75.46 -13.69 -48.64
CA ALA G 332 -76.77 -13.45 -48.11
C ALA G 332 -77.31 -12.14 -48.68
N ARG G 333 -76.72 -11.01 -48.21
CA ARG G 333 -77.12 -9.72 -48.69
C ARG G 333 -76.83 -9.33 -50.10
N ALA G 334 -76.25 -10.27 -50.93
CA ALA G 334 -76.18 -10.03 -52.34
C ALA G 334 -77.31 -10.85 -53.11
N THR G 335 -77.85 -11.95 -52.57
CA THR G 335 -78.77 -12.86 -53.22
C THR G 335 -80.19 -12.77 -52.63
N GLY G 336 -80.29 -12.19 -51.49
CA GLY G 336 -81.47 -12.30 -50.70
C GLY G 336 -81.46 -13.48 -49.81
N GLY G 337 -80.41 -14.32 -49.81
CA GLY G 337 -80.47 -15.47 -48.90
C GLY G 337 -80.13 -15.25 -47.44
N ARG G 338 -80.25 -16.23 -46.64
CA ARG G 338 -80.04 -16.18 -45.23
C ARG G 338 -79.29 -17.40 -44.72
N VAL G 339 -78.28 -17.28 -43.81
CA VAL G 339 -77.57 -18.38 -43.29
C VAL G 339 -78.47 -19.33 -42.48
N VAL G 340 -78.91 -20.45 -43.14
CA VAL G 340 -79.71 -21.50 -42.52
C VAL G 340 -78.98 -22.23 -41.36
N SER G 341 -79.46 -22.13 -40.11
CA SER G 341 -78.88 -22.82 -38.98
C SER G 341 -79.05 -24.34 -38.96
N ASN G 342 -80.13 -24.85 -39.53
CA ASN G 342 -80.53 -26.26 -39.44
C ASN G 342 -81.12 -26.61 -40.79
N ILE G 343 -80.75 -27.79 -41.34
CA ILE G 343 -81.28 -28.26 -42.64
C ILE G 343 -82.86 -28.31 -42.67
N ASP G 344 -83.58 -28.58 -41.54
CA ASP G 344 -85.06 -28.72 -41.42
C ASP G 344 -85.81 -27.44 -41.42
N GLU G 345 -85.13 -26.34 -41.75
CA GLU G 345 -85.66 -25.00 -41.76
C GLU G 345 -85.45 -24.15 -43.06
N ILE G 346 -84.76 -24.73 -44.06
CA ILE G 346 -84.70 -24.12 -45.38
C ILE G 346 -86.14 -23.94 -45.96
N SER G 347 -86.31 -22.96 -46.84
CA SER G 347 -87.52 -22.58 -47.47
C SER G 347 -87.09 -21.90 -48.74
N GLU G 348 -88.12 -21.64 -49.60
CA GLU G 348 -88.04 -20.81 -50.72
C GLU G 348 -87.63 -19.35 -50.37
N GLN G 349 -87.84 -18.86 -49.17
CA GLN G 349 -87.42 -17.51 -48.82
C GLN G 349 -86.12 -17.43 -48.03
N ASP G 350 -85.55 -18.56 -47.64
CA ASP G 350 -84.24 -18.62 -47.04
C ASP G 350 -83.13 -18.90 -48.01
N LEU G 351 -83.46 -19.53 -49.19
CA LEU G 351 -82.54 -19.70 -50.27
C LEU G 351 -82.28 -18.42 -50.99
N GLY G 352 -81.11 -18.12 -51.51
CA GLY G 352 -80.66 -16.86 -52.18
C GLY G 352 -80.70 -17.01 -53.68
N TYR G 353 -81.04 -15.90 -54.43
CA TYR G 353 -81.23 -16.04 -55.83
C TYR G 353 -80.12 -15.27 -56.61
N ALA G 354 -79.79 -15.83 -57.83
CA ALA G 354 -78.78 -15.25 -58.71
C ALA G 354 -79.06 -15.90 -60.02
N SER G 355 -78.58 -15.39 -61.18
CA SER G 355 -78.90 -15.84 -62.49
C SER G 355 -77.87 -16.74 -63.03
N LEU G 356 -76.62 -16.70 -62.52
CA LEU G 356 -75.77 -17.73 -63.06
C LEU G 356 -74.70 -17.75 -61.96
N ILE G 357 -74.38 -18.93 -61.36
CA ILE G 357 -73.28 -19.06 -60.43
C ILE G 357 -72.26 -19.93 -61.12
N GLU G 358 -70.96 -19.68 -60.90
CA GLU G 358 -69.99 -20.55 -61.58
C GLU G 358 -68.70 -20.65 -60.80
N GLU G 359 -67.82 -21.54 -61.18
CA GLU G 359 -66.46 -21.62 -60.57
C GLU G 359 -65.46 -21.04 -61.61
N ARG G 360 -64.49 -20.16 -61.30
CA ARG G 360 -63.55 -19.64 -62.23
C ARG G 360 -62.08 -19.64 -61.76
N LYS G 361 -61.21 -20.47 -62.36
CA LYS G 361 -59.83 -20.49 -62.08
C LYS G 361 -59.14 -19.24 -62.53
N VAL G 362 -58.42 -18.62 -61.58
CA VAL G 362 -57.68 -17.41 -61.94
C VAL G 362 -56.21 -17.69 -61.58
N GLY G 363 -55.37 -17.78 -62.68
CA GLY G 363 -54.01 -18.20 -62.58
C GLY G 363 -53.78 -19.44 -61.82
N GLU G 364 -53.37 -19.27 -60.57
CA GLU G 364 -52.96 -20.34 -59.72
C GLU G 364 -54.03 -20.60 -58.64
N ASP G 365 -55.28 -20.10 -58.75
CA ASP G 365 -56.43 -20.42 -57.83
C ASP G 365 -57.91 -20.45 -58.30
N LYS G 366 -58.84 -21.07 -57.50
CA LYS G 366 -60.25 -21.20 -57.92
C LYS G 366 -61.19 -20.65 -56.88
N MET G 367 -62.20 -19.87 -57.29
CA MET G 367 -63.16 -19.32 -56.43
C MET G 367 -64.55 -19.54 -57.20
N VAL G 368 -65.66 -19.38 -56.43
CA VAL G 368 -67.03 -19.33 -56.97
C VAL G 368 -67.31 -17.85 -57.17
N PHE G 369 -67.91 -17.55 -58.31
CA PHE G 369 -68.31 -16.20 -58.72
C PHE G 369 -69.76 -16.19 -58.79
N VAL G 370 -70.43 -15.05 -58.53
CA VAL G 370 -71.83 -14.96 -58.38
C VAL G 370 -72.40 -13.74 -59.17
N GLU G 371 -72.22 -13.84 -60.50
CA GLU G 371 -72.59 -12.80 -61.38
C GLU G 371 -74.08 -12.74 -61.59
N GLY G 372 -74.63 -11.51 -61.89
CA GLY G 372 -76.07 -11.49 -62.03
C GLY G 372 -76.89 -11.77 -60.71
N ALA G 373 -76.34 -11.30 -59.56
CA ALA G 373 -76.88 -11.35 -58.27
C ALA G 373 -78.19 -10.50 -58.02
N LYS G 374 -79.01 -10.80 -56.96
CA LYS G 374 -80.27 -10.14 -56.73
C LYS G 374 -80.17 -8.63 -56.43
N ASN G 375 -79.21 -8.14 -55.64
CA ASN G 375 -78.83 -6.77 -55.24
C ASN G 375 -77.83 -6.03 -56.16
N PRO G 376 -78.10 -4.95 -56.93
CA PRO G 376 -77.22 -4.33 -57.89
C PRO G 376 -76.00 -3.76 -57.11
N LYS G 377 -76.00 -3.28 -55.83
CA LYS G 377 -74.81 -2.76 -55.17
C LYS G 377 -73.75 -3.75 -54.86
N SER G 378 -74.25 -4.91 -54.39
CA SER G 378 -73.27 -5.89 -53.89
C SER G 378 -72.21 -6.36 -55.00
N ILE G 379 -71.00 -5.96 -54.93
CA ILE G 379 -69.95 -6.33 -55.84
C ILE G 379 -68.66 -6.77 -55.25
N SER G 380 -67.71 -7.36 -55.98
CA SER G 380 -66.45 -7.77 -55.32
C SER G 380 -65.35 -7.33 -56.13
N ILE G 381 -64.14 -7.30 -55.51
CA ILE G 381 -62.95 -7.08 -56.29
C ILE G 381 -62.05 -8.26 -56.30
N LEU G 382 -61.28 -8.63 -57.38
CA LEU G 382 -60.29 -9.65 -57.30
C LEU G 382 -58.88 -9.24 -57.63
N ILE G 383 -58.04 -9.27 -56.61
CA ILE G 383 -56.61 -8.89 -56.57
C ILE G 383 -55.64 -10.00 -56.84
N ARG G 384 -54.58 -9.69 -57.53
CA ARG G 384 -53.36 -10.41 -57.90
C ARG G 384 -52.22 -9.41 -58.03
N GLY G 385 -50.98 -9.72 -57.67
CA GLY G 385 -49.94 -8.69 -57.82
C GLY G 385 -48.58 -9.09 -57.37
N GLY G 386 -48.08 -10.28 -57.76
CA GLY G 386 -46.78 -10.72 -57.21
C GLY G 386 -47.05 -11.52 -56.01
N LEU G 387 -45.97 -11.85 -55.32
CA LEU G 387 -45.78 -12.67 -54.18
C LEU G 387 -46.77 -12.44 -52.98
N GLU G 388 -46.68 -13.42 -52.05
CA GLU G 388 -47.63 -13.60 -50.87
C GLU G 388 -47.84 -12.51 -49.85
N ARG G 389 -46.90 -11.60 -49.64
CA ARG G 389 -47.01 -10.59 -48.68
C ARG G 389 -47.25 -9.29 -49.42
N LEU G 390 -46.73 -9.19 -50.65
CA LEU G 390 -47.04 -8.20 -51.65
C LEU G 390 -48.52 -8.05 -52.16
N VAL G 391 -49.20 -9.16 -52.26
CA VAL G 391 -50.63 -9.11 -52.52
C VAL G 391 -51.43 -8.55 -51.34
N ASP G 392 -51.02 -8.90 -50.10
CA ASP G 392 -51.59 -8.35 -48.91
C ASP G 392 -51.45 -6.81 -48.90
N GLU G 393 -50.25 -6.28 -49.17
CA GLU G 393 -50.06 -4.84 -48.96
C GLU G 393 -50.73 -4.11 -50.15
N THR G 394 -50.99 -4.77 -51.25
CA THR G 394 -51.83 -4.23 -52.32
C THR G 394 -53.26 -4.17 -52.00
N GLU G 395 -53.68 -5.17 -51.23
CA GLU G 395 -55.06 -5.29 -50.70
C GLU G 395 -55.36 -4.25 -49.65
N ARG G 396 -54.40 -3.96 -48.85
CA ARG G 396 -54.35 -3.01 -47.76
C ARG G 396 -54.51 -1.55 -48.38
N ALA G 397 -53.61 -1.27 -49.37
CA ALA G 397 -53.71 -0.15 -50.25
C ALA G 397 -55.07 0.03 -50.92
N LEU G 398 -55.73 -1.07 -51.41
CA LEU G 398 -57.04 -1.05 -52.09
C LEU G 398 -58.21 -0.74 -51.15
N ARG G 399 -58.25 -1.23 -49.87
CA ARG G 399 -59.12 -0.84 -48.82
C ARG G 399 -58.98 0.62 -48.54
N ASP G 400 -57.81 1.20 -48.33
CA ASP G 400 -57.62 2.64 -48.07
C ASP G 400 -58.04 3.50 -49.21
N ALA G 401 -57.73 3.14 -50.44
CA ALA G 401 -58.08 3.80 -51.66
C ALA G 401 -59.58 3.92 -51.88
N LEU G 402 -60.29 2.85 -51.59
CA LEU G 402 -61.74 2.65 -51.63
C LEU G 402 -62.31 3.63 -50.57
N GLY G 403 -61.89 3.50 -49.32
CA GLY G 403 -62.22 4.40 -48.21
C GLY G 403 -62.14 5.84 -48.55
N THR G 404 -60.99 6.30 -48.99
CA THR G 404 -60.66 7.64 -49.31
C THR G 404 -61.64 8.16 -50.36
N VAL G 405 -61.90 7.46 -51.47
CA VAL G 405 -62.89 7.81 -52.46
C VAL G 405 -64.31 7.87 -51.91
N ALA G 406 -64.74 6.85 -51.07
CA ALA G 406 -66.04 6.90 -50.45
C ALA G 406 -66.22 8.02 -49.48
N ASP G 407 -65.18 8.38 -48.68
CA ASP G 407 -65.22 9.48 -47.74
C ASP G 407 -65.28 10.89 -48.31
N VAL G 408 -64.51 11.15 -49.45
CA VAL G 408 -64.44 12.42 -50.19
C VAL G 408 -65.85 12.67 -50.70
N ILE G 409 -66.57 11.66 -51.18
CA ILE G 409 -67.96 11.62 -51.62
C ILE G 409 -69.04 11.75 -50.54
N LYS G 410 -68.86 11.06 -49.37
CA LYS G 410 -69.70 11.31 -48.16
C LYS G 410 -69.68 12.78 -47.64
N ASP G 411 -68.61 13.53 -47.88
CA ASP G 411 -68.46 14.87 -47.36
C ASP G 411 -68.83 15.92 -48.53
N GLY G 412 -67.92 16.04 -49.53
CA GLY G 412 -68.14 16.84 -50.75
C GLY G 412 -67.06 17.83 -50.96
N ARG G 413 -66.06 17.84 -50.12
CA ARG G 413 -65.00 18.83 -50.28
C ARG G 413 -63.63 18.32 -50.49
N ALA G 414 -62.88 18.88 -51.41
CA ALA G 414 -61.63 18.40 -51.85
C ALA G 414 -60.66 19.49 -52.29
N ILE G 415 -59.46 19.35 -51.78
CA ILE G 415 -58.42 20.40 -51.96
C ILE G 415 -57.23 19.83 -52.79
N ALA G 416 -56.35 20.76 -53.28
CA ALA G 416 -55.10 20.42 -53.88
C ALA G 416 -53.94 20.07 -52.91
N GLY G 417 -53.23 18.96 -52.95
CA GLY G 417 -52.14 18.64 -52.03
C GLY G 417 -50.85 19.29 -52.41
N GLY G 418 -49.76 18.68 -51.99
CA GLY G 418 -48.42 19.14 -52.38
C GLY G 418 -47.86 20.26 -51.58
N GLY G 419 -48.37 20.59 -50.38
CA GLY G 419 -48.04 21.86 -49.66
C GLY G 419 -48.89 23.05 -50.05
N ALA G 420 -49.79 22.97 -51.07
CA ALA G 420 -50.57 24.07 -51.50
C ALA G 420 -51.45 24.72 -50.44
N VAL G 421 -52.28 23.90 -49.77
CA VAL G 421 -53.18 24.37 -48.79
C VAL G 421 -52.43 24.87 -47.51
N GLU G 422 -51.25 24.25 -47.26
CA GLU G 422 -50.36 24.62 -46.16
C GLU G 422 -49.92 26.10 -46.31
N ILE G 423 -49.15 26.39 -47.43
CA ILE G 423 -48.69 27.71 -47.81
C ILE G 423 -49.81 28.80 -47.78
N GLU G 424 -51.09 28.48 -48.13
CA GLU G 424 -52.26 29.36 -47.93
C GLU G 424 -52.64 29.59 -46.49
N ILE G 425 -52.85 28.49 -45.70
CA ILE G 425 -53.11 28.57 -44.27
C ILE G 425 -51.98 29.25 -43.43
N ALA G 426 -50.78 29.21 -43.97
CA ALA G 426 -49.59 29.87 -43.47
C ALA G 426 -49.68 31.39 -43.72
N LYS G 427 -49.50 31.87 -45.01
CA LYS G 427 -49.79 33.15 -45.44
C LYS G 427 -51.03 33.87 -44.87
N LYS G 428 -52.20 33.20 -44.96
CA LYS G 428 -53.46 33.73 -44.39
C LYS G 428 -53.42 34.06 -42.87
N LEU G 429 -52.62 33.21 -42.13
CA LEU G 429 -52.42 33.40 -40.74
C LEU G 429 -51.37 34.52 -40.47
N ARG G 430 -50.22 34.57 -41.27
CA ARG G 430 -49.13 35.56 -41.13
C ARG G 430 -49.71 37.09 -41.30
N LYS G 431 -50.53 37.32 -42.31
CA LYS G 431 -51.25 38.52 -42.52
C LYS G 431 -52.32 38.84 -41.50
N TYR G 432 -52.93 37.77 -40.88
CA TYR G 432 -53.91 37.87 -39.77
C TYR G 432 -53.25 38.34 -38.52
N ALA G 433 -52.16 37.63 -38.14
CA ALA G 433 -51.29 37.90 -37.03
C ALA G 433 -51.09 39.36 -36.65
N PRO G 434 -50.54 40.40 -37.26
CA PRO G 434 -50.48 41.81 -36.84
C PRO G 434 -51.61 42.32 -36.03
N GLN G 435 -52.82 42.00 -36.45
CA GLN G 435 -54.16 42.51 -36.08
C GLN G 435 -54.73 41.83 -34.89
N VAL G 436 -54.09 40.63 -34.53
CA VAL G 436 -54.58 39.80 -33.41
C VAL G 436 -54.45 40.50 -32.08
N GLY G 437 -53.20 41.04 -31.90
CA GLY G 437 -52.81 41.58 -30.58
C GLY G 437 -51.31 41.41 -30.49
N GLY G 438 -50.87 41.78 -29.31
CA GLY G 438 -49.46 41.95 -28.96
C GLY G 438 -48.71 40.65 -28.98
N LYS G 439 -48.68 39.94 -27.90
CA LYS G 439 -47.98 38.68 -27.88
C LYS G 439 -48.68 37.63 -28.79
N GLU G 440 -50.03 37.54 -28.72
CA GLU G 440 -50.90 36.64 -29.40
C GLU G 440 -50.62 36.52 -30.94
N GLN G 441 -50.19 37.59 -31.61
CA GLN G 441 -49.59 37.60 -32.93
C GLN G 441 -48.41 36.68 -33.12
N LEU G 442 -47.38 36.76 -32.26
CA LEU G 442 -46.24 35.94 -32.26
C LEU G 442 -46.66 34.44 -32.12
N ALA G 443 -47.72 34.19 -31.27
CA ALA G 443 -48.31 32.87 -31.20
C ALA G 443 -48.88 32.36 -32.56
N VAL G 444 -49.68 33.23 -33.28
CA VAL G 444 -50.14 32.90 -34.59
C VAL G 444 -49.07 32.71 -35.67
N GLU G 445 -48.14 33.68 -35.76
CA GLU G 445 -46.99 33.57 -36.65
C GLU G 445 -46.20 32.28 -36.45
N ALA G 446 -46.04 31.81 -35.21
CA ALA G 446 -45.49 30.52 -34.88
C ALA G 446 -46.40 29.32 -35.35
N TYR G 447 -47.69 29.28 -34.92
CA TYR G 447 -48.59 28.28 -35.46
C TYR G 447 -48.52 28.10 -37.03
N ALA G 448 -48.39 29.19 -37.78
CA ALA G 448 -48.29 29.25 -39.27
C ALA G 448 -46.91 28.67 -39.76
N ASN G 449 -45.79 29.11 -39.13
CA ASN G 449 -44.44 28.67 -39.33
C ASN G 449 -44.31 27.13 -39.12
N ALA G 450 -44.93 26.58 -37.99
CA ALA G 450 -44.98 25.14 -37.77
C ALA G 450 -45.62 24.33 -38.89
N LEU G 451 -46.66 24.86 -39.49
CA LEU G 451 -47.24 24.37 -40.65
C LEU G 451 -46.40 24.39 -41.97
N GLU G 452 -45.56 25.38 -42.12
CA GLU G 452 -44.60 25.53 -43.23
C GLU G 452 -43.43 24.53 -43.20
N SER G 453 -42.96 24.19 -42.03
CA SER G 453 -42.13 23.04 -41.84
C SER G 453 -42.67 21.77 -42.36
N LEU G 454 -44.05 21.59 -42.34
CA LEU G 454 -44.67 20.39 -42.82
C LEU G 454 -44.26 20.07 -44.29
N VAL G 455 -44.40 21.11 -45.15
CA VAL G 455 -44.00 21.16 -46.55
C VAL G 455 -42.45 21.17 -46.76
N SER G 456 -41.72 21.71 -45.79
CA SER G 456 -40.27 21.67 -45.80
C SER G 456 -39.83 20.25 -45.70
N ILE G 457 -40.37 19.40 -44.74
CA ILE G 457 -40.11 17.97 -44.61
C ILE G 457 -40.37 17.19 -45.87
N LEU G 458 -41.50 17.58 -46.51
CA LEU G 458 -41.96 17.10 -47.79
C LEU G 458 -40.96 17.32 -48.92
N ILE G 459 -40.38 18.50 -49.04
CA ILE G 459 -39.31 18.78 -49.93
C ILE G 459 -38.00 18.00 -49.62
N GLU G 460 -37.62 18.20 -48.31
CA GLU G 460 -36.44 17.40 -47.74
C GLU G 460 -36.38 15.99 -48.17
N ASN G 461 -37.45 15.18 -47.84
CA ASN G 461 -37.59 13.80 -48.21
C ASN G 461 -37.55 13.51 -49.75
N ALA G 462 -37.80 14.54 -50.60
CA ALA G 462 -37.75 14.35 -52.02
C ALA G 462 -36.32 14.35 -52.58
N GLY G 463 -35.35 14.98 -51.88
CA GLY G 463 -33.95 15.02 -52.31
C GLY G 463 -33.63 16.41 -52.95
N PHE G 464 -34.49 17.43 -52.68
CA PHE G 464 -34.38 18.78 -53.15
C PHE G 464 -34.24 19.72 -51.94
N ASP G 465 -34.06 20.99 -52.13
CA ASP G 465 -33.74 22.06 -51.27
C ASP G 465 -34.94 22.72 -50.48
N PRO G 466 -35.16 22.38 -49.22
CA PRO G 466 -36.24 22.97 -48.47
C PRO G 466 -36.43 24.52 -48.35
N ILE G 467 -35.39 25.33 -48.02
CA ILE G 467 -35.66 26.76 -48.01
C ILE G 467 -35.96 27.31 -49.39
N ASP G 468 -35.02 26.95 -50.29
CA ASP G 468 -35.04 27.29 -51.74
C ASP G 468 -36.36 27.10 -52.46
N LEU G 469 -36.84 25.81 -52.44
CA LEU G 469 -38.08 25.34 -53.01
C LEU G 469 -39.25 25.92 -52.29
N LEU G 470 -39.25 26.12 -50.98
CA LEU G 470 -40.29 26.89 -50.28
C LEU G 470 -40.52 28.32 -50.79
N MET G 471 -39.46 29.06 -50.97
CA MET G 471 -39.45 30.40 -51.48
C MET G 471 -39.89 30.40 -52.91
N LYS G 472 -39.34 29.45 -53.74
CA LYS G 472 -39.81 29.22 -55.07
C LYS G 472 -41.38 28.83 -55.15
N LEU G 473 -41.96 28.18 -54.13
CA LEU G 473 -43.43 27.81 -54.13
C LEU G 473 -44.28 28.94 -53.64
N ARG G 474 -43.99 29.50 -52.41
CA ARG G 474 -44.75 30.64 -51.84
C ARG G 474 -44.65 31.93 -52.72
N SER G 475 -43.73 31.97 -53.74
CA SER G 475 -43.70 33.04 -54.68
C SER G 475 -44.59 32.67 -55.90
N THR G 476 -44.57 31.43 -56.42
CA THR G 476 -45.50 30.91 -57.40
C THR G 476 -46.88 30.63 -56.85
N HIS G 477 -47.20 31.04 -55.58
CA HIS G 477 -48.48 30.92 -54.92
C HIS G 477 -49.12 32.25 -54.58
N GLU G 478 -48.50 33.33 -54.97
CA GLU G 478 -49.00 34.69 -54.81
C GLU G 478 -50.38 35.02 -55.21
N ASN G 479 -50.85 34.55 -56.34
CA ASN G 479 -52.16 34.89 -56.87
C ASN G 479 -53.07 33.72 -56.80
N GLU G 480 -54.38 33.99 -56.62
CA GLU G 480 -55.51 33.10 -56.51
C GLU G 480 -55.72 32.03 -57.67
N ASN G 481 -55.17 32.30 -58.91
CA ASN G 481 -55.11 31.35 -59.99
C ASN G 481 -54.01 30.28 -59.71
N ASN G 482 -53.13 30.52 -58.71
CA ASN G 482 -52.06 29.66 -58.34
C ASN G 482 -52.27 28.94 -56.99
N LYS G 483 -53.55 28.99 -56.48
CA LYS G 483 -54.02 28.46 -55.19
C LYS G 483 -53.71 26.99 -54.95
N TRP G 484 -53.53 26.28 -56.08
CA TRP G 484 -53.22 24.85 -56.07
C TRP G 484 -51.76 24.54 -56.48
N TYR G 485 -50.87 25.49 -56.42
CA TYR G 485 -49.43 25.19 -56.71
C TYR G 485 -48.81 24.61 -55.46
N GLY G 486 -48.07 23.60 -55.67
CA GLY G 486 -47.44 22.90 -54.62
C GLY G 486 -46.09 22.47 -55.13
N ILE G 487 -45.44 21.52 -54.49
CA ILE G 487 -44.12 21.01 -54.94
C ILE G 487 -44.10 19.47 -55.31
N ASP G 488 -43.98 19.24 -56.60
CA ASP G 488 -43.71 17.98 -57.25
C ASP G 488 -42.42 17.36 -56.79
N LEU G 489 -42.61 16.23 -56.08
CA LEU G 489 -41.49 15.54 -55.39
C LEU G 489 -40.67 14.68 -56.35
N TYR G 490 -41.09 14.54 -57.57
CA TYR G 490 -40.36 13.84 -58.60
C TYR G 490 -39.86 14.81 -59.65
N ALA G 491 -40.47 15.98 -59.89
CA ALA G 491 -40.02 16.97 -60.86
C ALA G 491 -39.26 18.14 -60.24
N GLY G 492 -39.34 18.28 -58.90
CA GLY G 492 -38.61 19.22 -58.09
C GLY G 492 -38.84 20.74 -58.44
N GLN G 493 -40.10 21.25 -58.41
CA GLN G 493 -40.40 22.63 -58.84
C GLN G 493 -41.89 22.83 -58.62
N PRO G 494 -42.33 24.02 -58.27
CA PRO G 494 -43.74 24.22 -57.96
C PRO G 494 -44.62 23.98 -59.23
N VAL G 495 -45.68 23.23 -59.12
CA VAL G 495 -46.54 22.98 -60.23
C VAL G 495 -47.91 22.97 -59.75
N ASP G 496 -48.88 22.96 -60.70
CA ASP G 496 -50.26 22.89 -60.31
C ASP G 496 -50.58 21.47 -59.96
N MET G 497 -50.70 21.07 -58.70
CA MET G 497 -50.93 19.74 -58.26
C MET G 497 -52.35 19.28 -58.63
N TRP G 498 -53.38 20.20 -58.64
CA TRP G 498 -54.66 19.90 -59.21
C TRP G 498 -54.57 19.36 -60.61
N GLN G 499 -53.90 20.11 -61.56
CA GLN G 499 -53.59 19.68 -62.89
C GLN G 499 -52.49 18.66 -62.88
N LYS G 500 -52.37 17.79 -61.93
CA LYS G 500 -51.46 16.65 -61.96
C LYS G 500 -52.04 15.56 -61.15
N GLY G 501 -53.38 15.62 -60.86
CA GLY G 501 -54.04 14.57 -60.17
C GLY G 501 -53.72 14.39 -58.64
N VAL G 502 -53.12 15.37 -57.94
CA VAL G 502 -52.86 15.25 -56.50
C VAL G 502 -53.80 16.04 -55.62
N ILE G 503 -54.98 15.51 -55.45
CA ILE G 503 -56.08 16.15 -54.77
C ILE G 503 -56.38 15.20 -53.62
N GLU G 504 -56.95 15.70 -52.51
CA GLU G 504 -57.13 14.90 -51.31
C GLU G 504 -58.43 15.37 -50.61
N PRO G 505 -59.04 14.57 -49.83
CA PRO G 505 -60.14 14.79 -48.94
C PRO G 505 -59.99 15.98 -47.99
N ALA G 506 -60.72 17.10 -48.13
CA ALA G 506 -60.55 18.29 -47.27
C ALA G 506 -61.04 18.10 -45.79
N LEU G 507 -61.46 16.82 -45.39
CA LEU G 507 -61.86 16.41 -44.03
C LEU G 507 -60.65 15.76 -43.29
N VAL G 508 -59.78 15.03 -44.04
CA VAL G 508 -58.55 14.43 -43.55
C VAL G 508 -57.62 15.53 -42.98
N LYS G 509 -57.38 16.62 -43.78
CA LYS G 509 -56.47 17.71 -43.36
C LYS G 509 -57.10 18.72 -42.42
N MET G 510 -58.34 18.41 -41.97
CA MET G 510 -59.11 19.28 -41.05
C MET G 510 -59.15 18.60 -39.70
N ASN G 511 -59.36 17.29 -39.65
CA ASN G 511 -59.23 16.54 -38.38
C ASN G 511 -57.80 16.39 -37.84
N ALA G 512 -56.79 16.48 -38.77
CA ALA G 512 -55.33 16.57 -38.42
C ALA G 512 -55.09 17.76 -37.48
N ILE G 513 -55.56 18.97 -37.91
CA ILE G 513 -55.52 20.24 -37.21
C ILE G 513 -56.12 20.21 -35.85
N LYS G 514 -57.29 19.62 -35.76
CA LYS G 514 -58.03 19.50 -34.48
C LYS G 514 -57.24 18.59 -33.51
N ALA G 515 -56.75 17.48 -34.06
CA ALA G 515 -55.91 16.50 -33.38
C ALA G 515 -54.68 17.15 -32.86
N ALA G 516 -53.81 17.64 -33.71
CA ALA G 516 -52.54 18.29 -33.43
C ALA G 516 -52.61 19.37 -32.45
N THR G 517 -53.47 20.37 -32.63
CA THR G 517 -53.64 21.50 -31.72
C THR G 517 -54.15 21.10 -30.38
N GLU G 518 -55.04 20.09 -30.24
CA GLU G 518 -55.42 19.51 -28.95
C GLU G 518 -54.21 18.90 -28.28
N ALA G 519 -53.46 17.99 -28.95
CA ALA G 519 -52.23 17.45 -28.37
C ALA G 519 -51.25 18.57 -28.03
N ALA G 520 -50.96 19.49 -28.98
CA ALA G 520 -50.14 20.73 -28.80
C ALA G 520 -50.41 21.59 -27.60
N THR G 521 -51.65 22.05 -27.45
CA THR G 521 -52.01 22.77 -26.28
C THR G 521 -52.07 21.94 -25.00
N LEU G 522 -52.28 20.62 -25.14
CA LEU G 522 -52.35 19.80 -23.91
C LEU G 522 -50.99 19.76 -23.22
N VAL G 523 -49.92 19.62 -24.02
CA VAL G 523 -48.54 19.64 -23.46
C VAL G 523 -48.20 21.01 -22.85
N LEU G 524 -48.62 22.11 -23.54
CA LEU G 524 -48.49 23.37 -22.83
C LEU G 524 -49.40 23.67 -21.61
N ARG G 525 -50.59 23.11 -21.52
CA ARG G 525 -51.45 23.13 -20.33
C ARG G 525 -50.84 22.41 -19.07
N ILE G 526 -50.05 21.35 -19.21
CA ILE G 526 -49.44 20.56 -18.13
C ILE G 526 -48.20 21.28 -17.61
N ASP G 527 -48.33 21.57 -16.28
CA ASP G 527 -47.33 22.28 -15.61
C ASP G 527 -46.25 21.41 -14.94
N ASP G 528 -46.62 20.40 -14.14
CA ASP G 528 -45.74 19.51 -13.48
C ASP G 528 -46.34 18.14 -13.36
N VAL G 529 -45.52 17.11 -12.99
CA VAL G 529 -45.94 15.75 -12.83
C VAL G 529 -45.74 15.16 -11.39
N VAL G 530 -46.74 14.48 -10.87
CA VAL G 530 -46.80 13.86 -9.60
C VAL G 530 -46.97 12.45 -10.04
N SER G 531 -46.19 11.47 -9.57
CA SER G 531 -46.26 10.08 -9.83
C SER G 531 -46.21 9.37 -8.57
N ALA G 532 -46.95 8.32 -8.45
CA ALA G 532 -46.78 7.40 -7.34
C ALA G 532 -45.77 6.29 -7.48
N GLY H 28 -40.97 25.14 19.95
CA GLY H 28 -40.09 26.29 19.52
C GLY H 28 -39.64 26.23 18.09
N LYS H 29 -38.69 27.07 17.68
CA LYS H 29 -38.09 27.09 16.34
C LYS H 29 -37.70 25.86 15.66
N GLU H 30 -37.22 24.96 16.54
CA GLU H 30 -36.94 23.56 16.34
C GLU H 30 -37.87 22.84 15.35
N ALA H 31 -39.10 22.51 15.80
CA ALA H 31 -40.13 21.92 15.04
C ALA H 31 -40.93 22.93 14.26
N VAL H 32 -41.33 24.09 14.81
CA VAL H 32 -42.10 25.16 14.25
C VAL H 32 -41.72 25.68 12.87
N ARG H 33 -40.41 25.66 12.56
CA ARG H 33 -39.95 25.96 11.23
C ARG H 33 -40.41 24.95 10.25
N ALA H 34 -40.20 23.63 10.55
CA ALA H 34 -40.37 22.46 9.79
C ALA H 34 -41.75 22.47 9.32
N ASN H 35 -42.65 22.57 10.35
CA ASN H 35 -44.12 22.62 10.08
C ASN H 35 -44.53 23.72 9.09
N ILE H 36 -44.17 24.95 9.37
CA ILE H 36 -44.35 26.12 8.41
C ILE H 36 -43.91 25.84 6.99
N ALA H 37 -42.58 25.45 6.82
CA ALA H 37 -42.03 24.85 5.64
C ALA H 37 -42.79 23.76 4.82
N ALA H 38 -43.14 22.69 5.55
CA ALA H 38 -44.00 21.66 5.04
C ALA H 38 -45.34 22.21 4.42
N VAL H 39 -46.00 23.06 5.25
CA VAL H 39 -47.31 23.62 4.85
C VAL H 39 -47.16 24.41 3.55
N LYS H 40 -46.21 25.35 3.61
CA LYS H 40 -45.77 26.20 2.45
C LYS H 40 -45.44 25.43 1.18
N ALA H 41 -44.80 24.28 1.30
CA ALA H 41 -44.55 23.30 0.27
C ALA H 41 -45.80 22.82 -0.45
N VAL H 42 -46.80 22.38 0.30
CA VAL H 42 -48.11 22.00 -0.24
C VAL H 42 -48.82 23.14 -1.02
N GLU H 43 -48.70 24.38 -0.50
CA GLU H 43 -49.28 25.56 -1.23
C GLU H 43 -48.70 25.68 -2.62
N GLU H 44 -47.36 25.60 -2.71
CA GLU H 44 -46.61 25.56 -3.95
C GLU H 44 -46.97 24.43 -4.89
N ALA H 45 -47.84 23.54 -4.48
CA ALA H 45 -48.16 22.47 -5.31
C ALA H 45 -49.39 22.84 -6.09
N LEU H 46 -50.17 23.85 -5.57
CA LEU H 46 -51.42 24.27 -6.17
C LEU H 46 -51.35 25.63 -6.87
N LYS H 47 -50.52 26.52 -6.41
CA LYS H 47 -50.34 27.91 -6.85
C LYS H 47 -50.68 28.24 -8.31
N SER H 48 -50.05 27.47 -9.30
CA SER H 48 -50.31 27.65 -10.69
C SER H 48 -51.70 27.11 -11.15
N THR H 49 -52.63 26.72 -10.29
CA THR H 49 -53.85 26.18 -10.78
C THR H 49 -55.04 27.08 -10.34
N TYR H 50 -54.77 28.17 -9.62
CA TYR H 50 -55.71 29.10 -9.12
C TYR H 50 -56.34 29.92 -10.23
N GLY H 51 -57.69 30.05 -10.08
CA GLY H 51 -58.67 30.88 -10.76
C GLY H 51 -58.90 30.33 -12.09
N PRO H 52 -59.78 30.92 -12.89
CA PRO H 52 -60.19 30.42 -14.21
C PRO H 52 -59.09 30.43 -15.28
N ARG H 53 -57.88 30.94 -15.12
CA ARG H 53 -56.85 30.83 -16.18
C ARG H 53 -55.69 29.93 -15.89
N GLY H 54 -55.71 29.20 -14.73
CA GLY H 54 -54.65 28.31 -14.20
C GLY H 54 -54.55 27.11 -15.02
N MET H 55 -53.39 26.38 -14.80
CA MET H 55 -52.92 25.23 -15.57
C MET H 55 -53.22 23.98 -14.89
N ASP H 56 -53.03 22.90 -15.66
CA ASP H 56 -53.30 21.52 -15.30
C ASP H 56 -52.00 20.87 -14.83
N LYS H 57 -52.05 19.98 -13.87
CA LYS H 57 -50.94 19.18 -13.40
C LYS H 57 -51.19 17.79 -13.87
N MET H 58 -50.13 16.97 -14.15
CA MET H 58 -50.35 15.65 -14.59
C MET H 58 -50.05 14.66 -13.45
N LEU H 59 -50.91 13.58 -13.36
CA LEU H 59 -50.78 12.67 -12.28
C LEU H 59 -50.78 11.29 -12.90
N VAL H 60 -49.65 10.61 -12.71
CA VAL H 60 -49.29 9.27 -13.15
C VAL H 60 -49.31 8.26 -12.06
N ASP H 61 -50.23 7.29 -12.07
CA ASP H 61 -50.38 6.30 -11.01
C ASP H 61 -49.41 5.15 -11.30
N SER H 62 -49.35 4.22 -10.34
CA SER H 62 -48.38 3.04 -10.30
C SER H 62 -48.25 2.20 -11.55
N LEU H 63 -49.39 1.73 -12.11
CA LEU H 63 -49.40 0.97 -13.28
C LEU H 63 -49.53 1.82 -14.52
N GLY H 64 -49.12 3.12 -14.40
CA GLY H 64 -49.05 4.24 -15.40
C GLY H 64 -50.26 4.96 -15.74
N ASP H 65 -51.33 4.78 -14.93
CA ASP H 65 -52.60 5.35 -15.27
C ASP H 65 -52.63 6.87 -15.19
N ILE H 66 -53.11 7.56 -16.28
CA ILE H 66 -52.96 9.00 -16.36
C ILE H 66 -54.25 9.82 -16.14
N THR H 67 -54.04 10.88 -15.30
CA THR H 67 -55.21 11.80 -15.05
C THR H 67 -54.63 13.21 -15.14
N ILE H 68 -55.03 14.09 -16.02
CA ILE H 68 -54.42 15.40 -16.09
C ILE H 68 -55.58 16.29 -15.47
N THR H 69 -55.36 17.11 -14.48
CA THR H 69 -56.47 17.90 -13.95
C THR H 69 -55.89 19.10 -13.28
N ASN H 70 -56.81 19.91 -12.73
CA ASN H 70 -56.67 21.12 -11.99
C ASN H 70 -57.38 21.15 -10.66
N ASP H 71 -58.23 20.11 -10.44
CA ASP H 71 -59.07 19.75 -9.30
C ASP H 71 -58.29 19.67 -8.11
N GLY H 72 -58.40 20.64 -7.23
CA GLY H 72 -57.61 20.70 -5.98
C GLY H 72 -57.55 19.48 -5.16
N ALA H 73 -58.77 18.90 -4.78
CA ALA H 73 -59.04 17.64 -4.19
C ALA H 73 -58.19 16.52 -4.82
N THR H 74 -58.38 16.26 -6.11
CA THR H 74 -57.53 15.23 -6.85
C THR H 74 -55.96 15.45 -6.77
N ILE H 75 -55.51 16.72 -6.85
CA ILE H 75 -54.12 17.13 -6.67
C ILE H 75 -53.65 16.92 -5.26
N LEU H 76 -54.53 16.75 -4.20
CA LEU H 76 -54.17 16.53 -2.83
C LEU H 76 -54.39 15.11 -2.36
N ASP H 77 -55.44 14.46 -2.93
CA ASP H 77 -55.71 13.11 -2.73
C ASP H 77 -54.66 12.17 -3.40
N LYS H 78 -54.27 12.40 -4.68
CA LYS H 78 -53.23 11.54 -5.22
C LYS H 78 -51.79 11.83 -4.74
N MET H 79 -51.60 12.99 -4.03
CA MET H 79 -50.29 13.37 -3.65
C MET H 79 -49.99 12.88 -2.25
N ASP H 80 -48.77 12.33 -2.07
CA ASP H 80 -48.44 11.75 -0.74
C ASP H 80 -48.10 12.83 0.34
N LEU H 81 -48.78 12.70 1.46
CA LEU H 81 -48.54 13.54 2.63
C LEU H 81 -48.26 12.69 3.76
N GLN H 82 -47.14 12.95 4.41
CA GLN H 82 -46.62 12.17 5.56
C GLN H 82 -46.06 13.13 6.60
N HIS H 83 -46.19 14.49 6.39
CA HIS H 83 -45.61 15.39 7.37
C HIS H 83 -46.70 15.84 8.24
N PRO H 84 -46.77 15.72 9.58
CA PRO H 84 -48.01 15.91 10.41
C PRO H 84 -48.70 17.30 10.18
N ALA H 85 -47.97 18.37 10.16
CA ALA H 85 -48.48 19.68 9.89
C ALA H 85 -49.35 19.86 8.62
N ALA H 86 -48.79 19.43 7.45
CA ALA H 86 -49.36 19.36 6.12
C ALA H 86 -50.62 18.48 6.25
N LYS H 87 -50.50 17.26 6.81
CA LYS H 87 -51.66 16.46 7.10
C LYS H 87 -52.80 17.01 8.02
N LEU H 88 -52.38 17.84 9.00
CA LEU H 88 -53.35 18.53 9.87
C LEU H 88 -54.17 19.61 9.24
N LEU H 89 -53.42 20.31 8.43
CA LEU H 89 -53.86 21.44 7.61
C LEU H 89 -54.90 20.98 6.55
N VAL H 90 -54.54 20.05 5.66
CA VAL H 90 -55.43 19.70 4.51
C VAL H 90 -56.76 19.22 5.00
N GLN H 91 -56.90 18.47 6.11
CA GLN H 91 -58.15 18.10 6.65
C GLN H 91 -59.05 19.15 7.03
N ILE H 92 -58.57 20.26 7.65
CA ILE H 92 -59.50 21.41 7.96
C ILE H 92 -59.82 22.19 6.70
N ALA H 93 -58.84 22.35 5.81
CA ALA H 93 -59.11 23.13 4.57
C ALA H 93 -60.12 22.43 3.69
N LYS H 94 -59.78 21.22 3.28
CA LYS H 94 -60.63 20.33 2.50
C LYS H 94 -61.98 20.10 3.03
N GLY H 95 -61.95 19.51 4.26
CA GLY H 95 -63.03 19.18 5.25
C GLY H 95 -63.89 20.35 5.69
N GLN H 96 -64.00 21.44 4.89
CA GLN H 96 -64.92 22.55 5.06
C GLN H 96 -66.39 22.15 4.78
N ASP H 97 -67.30 23.01 5.32
CA ASP H 97 -68.74 22.73 5.31
C ASP H 97 -69.41 22.81 3.91
N GLU H 98 -69.13 23.82 3.11
CA GLU H 98 -69.78 24.00 1.84
C GLU H 98 -69.08 23.16 0.73
N GLU H 99 -69.84 22.59 -0.26
CA GLU H 99 -69.19 21.91 -1.32
C GLU H 99 -68.63 22.85 -2.49
N THR H 100 -67.28 22.85 -2.65
CA THR H 100 -66.67 23.75 -3.55
C THR H 100 -65.32 23.16 -3.95
N ALA H 101 -64.93 23.53 -5.16
CA ALA H 101 -63.54 23.23 -5.63
C ALA H 101 -62.56 24.43 -5.83
N ASP H 102 -63.11 25.65 -5.70
CA ASP H 102 -62.25 26.82 -5.78
C ASP H 102 -62.05 27.51 -4.37
N GLY H 103 -62.98 27.20 -3.41
CA GLY H 103 -62.91 27.62 -1.98
C GLY H 103 -61.82 26.85 -1.24
N THR H 104 -61.77 25.53 -1.30
CA THR H 104 -60.75 24.61 -0.68
C THR H 104 -59.44 24.91 -1.40
N LYS H 105 -59.40 25.20 -2.75
CA LYS H 105 -58.14 25.60 -3.32
C LYS H 105 -57.68 26.85 -2.78
N THR H 106 -58.63 27.79 -2.44
CA THR H 106 -58.30 29.11 -1.80
C THR H 106 -57.82 28.81 -0.43
N ALA H 107 -58.66 28.20 0.41
CA ALA H 107 -58.24 27.75 1.79
C ALA H 107 -56.82 27.25 1.97
N VAL H 108 -56.34 26.37 1.10
CA VAL H 108 -54.97 25.90 1.19
C VAL H 108 -53.95 27.02 0.84
N ILE H 109 -54.11 27.65 -0.39
CA ILE H 109 -53.16 28.70 -0.74
C ILE H 109 -53.02 29.75 0.38
N PHE H 110 -54.17 30.32 0.78
CA PHE H 110 -54.34 31.29 1.82
C PHE H 110 -53.90 30.83 3.23
N SER H 111 -54.07 29.53 3.60
CA SER H 111 -53.53 28.91 4.81
C SER H 111 -51.99 29.12 4.82
N GLY H 112 -51.35 28.76 3.70
CA GLY H 112 -49.93 28.80 3.48
C GLY H 112 -49.37 30.25 3.50
N GLU H 113 -50.18 31.27 3.08
CA GLU H 113 -49.82 32.67 3.26
C GLU H 113 -49.88 33.11 4.67
N LEU H 114 -50.87 32.65 5.41
CA LEU H 114 -51.00 32.98 6.87
C LEU H 114 -49.85 32.40 7.65
N VAL H 115 -49.44 31.18 7.43
CA VAL H 115 -48.23 30.64 8.02
C VAL H 115 -46.95 31.39 7.63
N LYS H 116 -46.78 31.69 6.31
CA LYS H 116 -45.67 32.43 5.65
C LYS H 116 -45.48 33.86 6.28
N LYS H 117 -46.48 34.79 6.10
CA LYS H 117 -46.41 36.20 6.70
C LYS H 117 -46.23 36.10 8.20
N ALA H 118 -46.60 34.96 8.88
CA ALA H 118 -46.43 34.80 10.37
C ALA H 118 -45.09 34.51 10.75
N GLU H 119 -44.26 33.87 9.95
CA GLU H 119 -42.83 33.48 10.24
C GLU H 119 -41.98 34.74 10.48
N ASP H 120 -42.21 35.81 9.70
CA ASP H 120 -41.61 37.13 9.84
C ASP H 120 -41.92 37.85 11.13
N LEU H 121 -43.06 37.56 11.75
CA LEU H 121 -43.54 38.13 13.05
C LEU H 121 -42.81 37.45 14.21
N LEU H 122 -42.62 36.10 14.18
CA LEU H 122 -41.89 35.28 15.14
C LEU H 122 -40.49 35.72 15.12
N TYR H 123 -39.91 36.09 13.98
CA TYR H 123 -38.55 36.58 13.74
C TYR H 123 -38.31 37.91 14.47
N LYS H 124 -39.31 38.81 14.54
CA LYS H 124 -39.37 40.09 15.28
C LYS H 124 -39.65 39.95 16.78
N ASP H 125 -39.78 38.72 17.24
CA ASP H 125 -39.95 38.29 18.57
C ASP H 125 -41.29 38.79 19.00
N VAL H 126 -42.39 38.66 18.17
CA VAL H 126 -43.76 38.90 18.60
C VAL H 126 -44.33 37.54 18.98
N HIS H 127 -45.03 37.50 20.14
CA HIS H 127 -45.47 36.29 20.73
C HIS H 127 -46.58 35.60 19.97
N PRO H 128 -46.67 34.25 19.83
CA PRO H 128 -47.70 33.56 19.03
C PRO H 128 -49.10 33.84 19.49
N THR H 129 -49.17 34.16 20.81
CA THR H 129 -50.37 34.54 21.48
C THR H 129 -51.02 35.85 20.95
N ILE H 130 -50.23 36.79 20.49
CA ILE H 130 -50.76 37.97 19.77
C ILE H 130 -51.14 37.68 18.33
N ILE H 131 -50.28 37.02 17.58
CA ILE H 131 -50.35 36.64 16.17
C ILE H 131 -51.58 35.73 16.00
N ILE H 132 -52.03 34.91 17.02
CA ILE H 132 -53.32 34.22 16.95
C ILE H 132 -54.44 35.23 17.04
N SER H 133 -54.45 36.08 18.06
CA SER H 133 -55.45 37.06 18.43
C SER H 133 -55.59 38.07 17.28
N GLY H 134 -54.53 38.52 16.59
CA GLY H 134 -54.50 39.37 15.36
C GLY H 134 -55.27 38.74 14.28
N TYR H 135 -54.89 37.50 13.97
CA TYR H 135 -55.61 36.70 12.93
C TYR H 135 -57.09 36.48 13.20
N LYS H 136 -57.57 36.21 14.39
CA LYS H 136 -58.94 36.15 14.96
C LYS H 136 -59.66 37.48 14.73
N LYS H 137 -59.15 38.60 15.33
CA LYS H 137 -59.70 39.99 15.18
C LYS H 137 -59.82 40.33 13.73
N ALA H 138 -58.87 40.01 12.82
CA ALA H 138 -58.92 40.21 11.41
C ALA H 138 -59.93 39.35 10.72
N GLU H 139 -60.09 37.99 11.08
CA GLU H 139 -61.15 37.15 10.63
C GLU H 139 -62.50 37.74 10.88
N GLU H 140 -62.76 38.21 12.10
CA GLU H 140 -63.98 38.90 12.49
C GLU H 140 -64.56 39.92 11.53
N VAL H 141 -63.71 41.01 11.34
CA VAL H 141 -63.89 41.97 10.30
C VAL H 141 -63.94 41.42 8.92
N ALA H 142 -62.94 40.65 8.45
CA ALA H 142 -62.96 40.01 7.14
C ALA H 142 -64.19 39.21 6.73
N LEU H 143 -64.77 38.49 7.75
CA LEU H 143 -65.95 37.73 7.61
C LEU H 143 -67.10 38.65 7.49
N GLN H 144 -67.32 39.47 8.52
CA GLN H 144 -68.41 40.48 8.55
C GLN H 144 -68.41 41.43 7.35
N THR H 145 -67.27 41.68 6.72
CA THR H 145 -67.10 42.39 5.46
C THR H 145 -67.76 41.70 4.21
N ILE H 146 -68.02 40.33 4.25
CA ILE H 146 -68.68 39.62 3.24
C ILE H 146 -70.18 39.67 3.56
N GLN H 147 -70.62 39.52 4.77
CA GLN H 147 -72.00 39.63 5.19
C GLN H 147 -72.60 41.04 4.90
N GLU H 148 -72.02 42.06 5.56
CA GLU H 148 -72.36 43.48 5.31
C GLU H 148 -71.95 44.08 3.98
N LEU H 149 -72.18 43.39 2.92
CA LEU H 149 -71.84 43.81 1.62
C LEU H 149 -72.58 42.95 0.56
N ALA H 150 -72.87 41.68 0.87
CA ALA H 150 -73.57 40.77 -0.01
C ALA H 150 -74.97 41.13 -0.27
N GLN H 151 -75.50 40.74 -1.44
CA GLN H 151 -76.81 41.06 -1.89
C GLN H 151 -77.73 39.84 -1.83
N THR H 152 -78.95 40.18 -1.46
CA THR H 152 -80.04 39.28 -1.27
C THR H 152 -80.49 38.66 -2.56
N VAL H 153 -80.24 37.33 -2.72
CA VAL H 153 -80.64 36.55 -3.90
C VAL H 153 -81.77 35.56 -3.59
N SER H 154 -82.73 35.49 -4.44
CA SER H 154 -83.97 34.71 -4.22
C SER H 154 -84.41 34.09 -5.51
N ILE H 155 -85.63 33.53 -5.49
CA ILE H 155 -86.23 32.70 -6.44
C ILE H 155 -86.49 33.42 -7.74
N ASN H 156 -86.83 34.73 -7.70
CA ASN H 156 -86.98 35.50 -8.89
C ASN H 156 -85.74 36.19 -9.37
N ASP H 157 -84.59 36.15 -8.67
CA ASP H 157 -83.29 36.69 -9.15
C ASP H 157 -82.53 35.80 -10.15
N THR H 158 -83.29 35.42 -11.23
CA THR H 158 -82.78 34.50 -12.24
C THR H 158 -81.80 35.22 -13.15
N ASP H 159 -81.85 36.50 -13.37
CA ASP H 159 -80.84 37.19 -14.14
C ASP H 159 -79.58 37.33 -13.27
N LEU H 160 -79.64 37.12 -11.96
CA LEU H 160 -78.45 36.95 -11.15
C LEU H 160 -77.90 35.58 -11.03
N LEU H 161 -78.75 34.58 -10.78
CA LEU H 161 -78.31 33.16 -10.64
C LEU H 161 -77.70 32.67 -11.95
N ARG H 162 -78.11 33.21 -13.13
CA ARG H 162 -77.50 32.95 -14.43
C ARG H 162 -76.05 33.32 -14.55
N LYS H 163 -75.67 34.32 -13.78
CA LYS H 163 -74.34 34.90 -13.73
C LYS H 163 -73.56 33.97 -12.83
N ILE H 164 -73.92 33.83 -11.51
CA ILE H 164 -73.35 32.84 -10.60
C ILE H 164 -73.19 31.40 -11.11
N ALA H 165 -74.02 30.91 -12.02
CA ALA H 165 -73.90 29.69 -12.81
C ALA H 165 -72.75 29.76 -13.83
N MET H 166 -72.64 30.89 -14.59
CA MET H 166 -71.59 31.09 -15.54
C MET H 166 -70.19 31.16 -14.79
N THR H 167 -70.11 31.84 -13.61
CA THR H 167 -68.99 31.87 -12.63
C THR H 167 -68.59 30.51 -12.09
N SER H 168 -69.36 29.41 -12.33
CA SER H 168 -69.05 28.03 -11.94
C SER H 168 -68.62 27.31 -13.13
N LEU H 169 -69.38 27.32 -14.22
CA LEU H 169 -69.06 26.52 -15.37
C LEU H 169 -67.85 27.07 -16.17
N SER H 170 -67.56 28.45 -16.19
CA SER H 170 -66.46 29.10 -16.89
C SER H 170 -65.10 28.59 -16.49
N SER H 171 -65.04 27.97 -15.24
CA SER H 171 -63.76 27.65 -14.61
C SER H 171 -63.38 26.21 -14.85
N LYS H 172 -64.24 25.58 -15.61
CA LYS H 172 -64.20 24.21 -15.95
C LYS H 172 -63.53 23.89 -17.28
N ALA H 173 -63.02 22.67 -17.48
CA ALA H 173 -62.45 22.29 -18.82
C ALA H 173 -63.39 22.37 -20.04
N VAL H 174 -64.67 21.90 -19.91
CA VAL H 174 -65.53 22.02 -21.09
C VAL H 174 -66.01 23.50 -21.44
N ALA H 175 -65.29 24.27 -22.39
CA ALA H 175 -65.57 25.67 -22.78
C ALA H 175 -66.77 25.87 -23.76
N GLY H 176 -67.35 24.83 -24.39
CA GLY H 176 -68.35 24.98 -25.29
C GLY H 176 -69.73 25.13 -24.65
N ALA H 177 -70.49 26.14 -25.14
CA ALA H 177 -71.89 26.44 -24.79
C ALA H 177 -72.20 26.56 -23.32
N ARG H 178 -71.36 27.27 -22.45
CA ARG H 178 -71.55 27.36 -21.12
C ARG H 178 -72.75 28.30 -20.78
N GLU H 179 -73.14 29.33 -21.61
CA GLU H 179 -74.31 30.09 -21.46
C GLU H 179 -75.65 29.28 -21.44
N TYR H 180 -75.66 28.26 -22.36
CA TYR H 180 -76.63 27.29 -22.60
C TYR H 180 -76.88 26.45 -21.40
N ILE H 181 -75.75 25.94 -20.82
CA ILE H 181 -75.87 25.22 -19.58
C ILE H 181 -76.23 26.14 -18.41
N ALA H 182 -75.70 27.37 -18.34
CA ALA H 182 -75.97 28.37 -17.35
C ALA H 182 -77.47 28.68 -17.18
N ASP H 183 -78.17 28.96 -18.29
CA ASP H 183 -79.63 29.08 -18.31
C ASP H 183 -80.40 27.85 -17.79
N ILE H 184 -80.08 26.64 -18.20
CA ILE H 184 -80.62 25.35 -17.79
C ILE H 184 -80.45 25.14 -16.28
N VAL H 185 -79.19 25.25 -15.72
CA VAL H 185 -78.90 25.15 -14.33
C VAL H 185 -79.76 25.98 -13.41
N VAL H 186 -80.02 27.28 -13.82
CA VAL H 186 -80.91 28.17 -13.17
C VAL H 186 -82.36 27.61 -13.16
N LYS H 187 -82.94 27.20 -14.30
CA LYS H 187 -84.26 26.64 -14.31
C LYS H 187 -84.44 25.37 -13.48
N ALA H 188 -83.43 24.50 -13.55
CA ALA H 188 -83.33 23.35 -12.71
C ALA H 188 -83.35 23.44 -11.25
N VAL H 189 -82.73 24.49 -10.68
CA VAL H 189 -82.65 24.82 -9.22
C VAL H 189 -83.87 25.55 -8.76
N THR H 190 -84.21 26.64 -9.45
CA THR H 190 -85.48 27.39 -9.26
C THR H 190 -86.69 26.47 -9.37
N GLN H 191 -86.67 25.34 -10.12
CA GLN H 191 -87.79 24.39 -10.24
C GLN H 191 -88.02 23.55 -8.95
N VAL H 192 -86.88 23.12 -8.33
CA VAL H 192 -86.82 22.17 -7.22
C VAL H 192 -86.94 22.87 -5.86
N ALA H 193 -86.54 24.16 -5.81
CA ALA H 193 -86.48 25.01 -4.73
C ALA H 193 -87.90 25.23 -4.12
N GLU H 194 -88.07 25.19 -2.79
CA GLU H 194 -89.39 25.37 -2.15
C GLU H 194 -89.10 26.04 -0.77
N LEU H 195 -90.07 26.87 -0.31
CA LEU H 195 -90.10 27.68 0.86
C LEU H 195 -90.71 26.90 2.00
N ARG H 196 -89.82 26.49 3.05
CA ARG H 196 -90.30 25.70 4.19
C ARG H 196 -89.79 26.28 5.46
N GLY H 197 -90.81 26.67 6.29
CA GLY H 197 -90.56 27.52 7.46
C GLY H 197 -89.81 28.88 7.32
N ASP H 198 -90.23 29.66 6.28
CA ASP H 198 -89.69 31.00 5.94
C ASP H 198 -88.28 30.93 5.32
N LYS H 199 -87.88 29.76 4.79
CA LYS H 199 -86.45 29.55 4.31
C LYS H 199 -86.48 28.66 3.02
N TRP H 200 -85.61 28.96 1.96
CA TRP H 200 -85.60 28.19 0.73
C TRP H 200 -84.77 26.91 0.96
N TYR H 201 -85.16 25.78 0.35
CA TYR H 201 -84.41 24.52 0.35
C TYR H 201 -84.57 24.03 -1.08
N VAL H 202 -83.60 23.24 -1.56
CA VAL H 202 -83.62 22.74 -2.91
C VAL H 202 -83.26 21.30 -2.69
N ASP H 203 -84.25 20.42 -2.72
CA ASP H 203 -83.98 19.00 -2.55
C ASP H 203 -83.27 18.50 -3.87
N LEU H 204 -81.91 18.49 -4.10
CA LEU H 204 -81.21 18.03 -5.35
C LEU H 204 -81.57 16.69 -5.83
N ASP H 205 -81.93 15.80 -4.89
CA ASP H 205 -82.33 14.49 -5.21
C ASP H 205 -83.56 14.42 -6.17
N ASN H 206 -84.40 15.47 -6.21
CA ASN H 206 -85.52 15.73 -7.13
C ASN H 206 -85.10 16.13 -8.58
N ILE H 207 -83.79 15.91 -8.83
CA ILE H 207 -83.26 16.17 -10.17
C ILE H 207 -82.45 15.02 -10.65
N GLN H 208 -82.85 14.47 -11.82
CA GLN H 208 -82.27 13.24 -12.33
C GLN H 208 -81.23 13.61 -13.47
N ILE H 209 -80.16 12.80 -13.58
CA ILE H 209 -79.03 13.10 -14.45
C ILE H 209 -78.82 11.91 -15.37
N VAL H 210 -79.11 12.00 -16.65
CA VAL H 210 -78.88 10.84 -17.60
C VAL H 210 -77.96 11.30 -18.59
N LYS H 211 -76.98 10.47 -19.09
CA LYS H 211 -75.99 11.01 -19.96
C LYS H 211 -75.67 10.06 -21.06
N LYS H 212 -75.56 10.59 -22.30
CA LYS H 212 -75.35 9.75 -23.49
C LYS H 212 -74.21 10.41 -24.15
N ALA H 213 -73.06 9.80 -24.05
CA ALA H 213 -71.82 10.11 -24.75
C ALA H 213 -71.93 10.42 -26.28
N GLY H 214 -71.09 11.39 -26.68
CA GLY H 214 -71.08 11.86 -27.99
C GLY H 214 -71.88 13.13 -27.94
N GLY H 215 -72.32 13.64 -29.18
CA GLY H 215 -73.10 14.92 -29.33
C GLY H 215 -72.19 16.14 -28.95
N SER H 216 -72.78 17.37 -29.15
CA SER H 216 -72.16 18.58 -28.71
C SER H 216 -72.78 18.99 -27.40
N ILE H 217 -72.30 19.99 -26.61
CA ILE H 217 -72.96 20.35 -25.32
C ILE H 217 -74.30 21.02 -25.54
N ASN H 218 -74.56 21.58 -26.74
CA ASN H 218 -75.85 22.09 -27.26
C ASN H 218 -76.84 20.99 -27.46
N ASP H 219 -76.40 19.71 -27.44
CA ASP H 219 -77.34 18.58 -27.46
C ASP H 219 -77.82 18.23 -26.02
N THR H 220 -77.70 19.04 -24.99
CA THR H 220 -78.20 18.78 -23.72
C THR H 220 -79.54 19.39 -23.49
N GLN H 221 -80.30 18.94 -22.47
CA GLN H 221 -81.56 19.59 -22.23
C GLN H 221 -82.02 19.37 -20.77
N LEU H 222 -83.11 20.15 -20.39
CA LEU H 222 -83.81 19.97 -19.20
C LEU H 222 -85.08 19.30 -19.49
N VAL H 223 -85.43 18.27 -18.73
CA VAL H 223 -86.67 17.56 -18.96
C VAL H 223 -87.59 17.88 -17.88
N TYR H 224 -88.80 18.23 -18.20
CA TYR H 224 -89.86 18.60 -17.25
C TYR H 224 -90.54 17.27 -16.97
N GLY H 225 -89.87 16.35 -16.28
CA GLY H 225 -90.28 14.98 -15.98
C GLY H 225 -89.07 14.08 -15.62
N ILE H 226 -89.24 12.88 -15.19
CA ILE H 226 -88.16 11.88 -14.99
C ILE H 226 -87.73 11.28 -16.28
N VAL H 227 -86.42 10.84 -16.29
CA VAL H 227 -85.81 10.29 -17.47
C VAL H 227 -85.13 9.07 -16.94
N VAL H 228 -85.51 7.82 -17.36
CA VAL H 228 -84.89 6.50 -17.02
C VAL H 228 -83.90 6.04 -18.13
N ASP H 229 -82.61 5.88 -17.87
CA ASP H 229 -81.55 5.67 -18.84
C ASP H 229 -81.75 4.43 -19.79
N LYS H 230 -82.16 3.23 -19.28
CA LYS H 230 -82.35 2.00 -19.99
C LYS H 230 -83.45 1.99 -21.13
N GLU H 231 -83.12 1.54 -22.26
CA GLU H 231 -84.14 1.41 -23.32
C GLU H 231 -85.36 0.51 -22.96
N VAL H 232 -86.41 0.61 -23.83
CA VAL H 232 -87.47 -0.39 -23.79
C VAL H 232 -86.88 -1.68 -24.48
N VAL H 233 -87.20 -2.78 -23.77
CA VAL H 233 -86.58 -4.03 -23.94
C VAL H 233 -86.61 -4.71 -25.37
N HIS H 234 -87.83 -4.69 -25.91
CA HIS H 234 -88.17 -5.38 -27.12
C HIS H 234 -88.63 -4.38 -28.28
N PRO H 235 -88.33 -4.50 -29.55
CA PRO H 235 -88.78 -3.51 -30.56
C PRO H 235 -90.18 -3.68 -30.94
N GLY H 236 -90.81 -4.78 -30.60
CA GLY H 236 -92.27 -5.07 -30.89
C GLY H 236 -93.19 -4.44 -29.87
N MET H 237 -92.68 -3.71 -28.81
CA MET H 237 -93.65 -3.05 -27.86
C MET H 237 -93.98 -1.62 -28.25
N PRO H 238 -95.04 -1.01 -27.85
CA PRO H 238 -95.43 0.37 -28.17
C PRO H 238 -94.55 1.22 -27.27
N LYS H 239 -93.87 2.29 -27.80
CA LYS H 239 -92.83 3.07 -27.17
C LYS H 239 -93.49 4.29 -26.53
N ARG H 240 -94.86 4.47 -26.59
CA ARG H 240 -95.45 5.63 -25.95
C ARG H 240 -96.75 5.07 -25.27
N LEU H 241 -96.87 5.00 -23.91
CA LEU H 241 -98.11 4.56 -23.32
C LEU H 241 -98.88 5.71 -22.68
N GLU H 242 -100.23 5.78 -22.84
CA GLU H 242 -101.09 6.86 -22.38
C GLU H 242 -101.60 6.65 -20.93
N ASN H 243 -101.63 7.76 -20.11
CA ASN H 243 -102.05 7.76 -18.75
C ASN H 243 -101.36 6.62 -18.01
N ALA H 244 -100.06 6.64 -18.04
CA ALA H 244 -99.22 5.58 -17.57
C ALA H 244 -99.55 5.21 -16.18
N LYS H 245 -99.49 3.90 -15.94
CA LYS H 245 -99.71 3.26 -14.65
C LYS H 245 -98.57 2.34 -14.40
N ILE H 246 -97.27 2.89 -14.32
CA ILE H 246 -95.98 2.19 -14.24
C ILE H 246 -95.99 1.17 -13.05
N ALA H 247 -95.35 -0.09 -13.23
CA ALA H 247 -95.30 -1.03 -12.11
C ALA H 247 -93.79 -1.39 -11.93
N LEU H 248 -93.12 -0.77 -10.97
CA LEU H 248 -91.71 -1.01 -10.59
C LEU H 248 -91.59 -2.30 -9.87
N ILE H 249 -91.36 -3.43 -10.59
CA ILE H 249 -91.30 -4.77 -10.00
C ILE H 249 -89.79 -5.13 -9.88
N ASP H 250 -89.24 -5.06 -8.71
CA ASP H 250 -87.79 -5.46 -8.45
C ASP H 250 -87.53 -6.99 -8.61
N ALA H 251 -88.58 -7.80 -8.48
CA ALA H 251 -88.60 -9.22 -8.64
C ALA H 251 -88.30 -9.70 -10.04
N SER H 252 -87.68 -10.94 -10.20
CA SER H 252 -87.31 -11.47 -11.50
C SER H 252 -88.58 -11.91 -12.24
N LEU H 253 -88.59 -11.62 -13.56
CA LEU H 253 -89.61 -12.20 -14.44
C LEU H 253 -88.87 -13.05 -15.49
N GLU H 254 -87.74 -13.58 -15.11
CA GLU H 254 -87.02 -14.37 -16.07
C GLU H 254 -86.90 -15.81 -15.67
N VAL H 255 -86.78 -16.69 -16.67
CA VAL H 255 -86.72 -18.09 -16.36
C VAL H 255 -85.27 -18.47 -16.20
N GLU H 256 -84.97 -19.26 -15.19
CA GLU H 256 -83.69 -19.89 -15.00
C GLU H 256 -83.84 -21.41 -14.86
N LYS H 257 -82.76 -22.18 -14.82
CA LYS H 257 -82.78 -23.59 -14.67
C LYS H 257 -83.29 -23.91 -13.22
N PRO H 258 -84.14 -24.92 -12.95
CA PRO H 258 -84.72 -25.22 -11.67
C PRO H 258 -83.68 -25.19 -10.51
N GLU H 259 -84.03 -24.55 -9.40
CA GLU H 259 -83.22 -24.72 -8.17
C GLU H 259 -84.20 -24.61 -6.95
N LEU H 260 -85.11 -23.67 -7.00
CA LEU H 260 -86.06 -23.52 -5.88
C LEU H 260 -87.00 -24.77 -5.86
N ASP H 261 -87.55 -25.12 -7.02
CA ASP H 261 -88.44 -26.21 -7.32
C ASP H 261 -87.84 -27.58 -7.05
N ALA H 262 -86.57 -27.79 -7.38
CA ALA H 262 -85.98 -29.10 -7.07
C ALA H 262 -84.75 -28.88 -6.19
N GLU H 263 -84.79 -29.31 -4.89
CA GLU H 263 -83.65 -29.26 -3.90
C GLU H 263 -82.54 -30.25 -4.27
N ILE H 264 -82.74 -31.44 -4.80
CA ILE H 264 -81.71 -32.44 -5.11
C ILE H 264 -81.65 -32.47 -6.64
N ARG H 265 -80.49 -32.90 -7.16
CA ARG H 265 -80.23 -32.97 -8.58
C ARG H 265 -81.17 -33.90 -9.32
N ILE H 266 -81.29 -33.56 -10.59
CA ILE H 266 -82.11 -34.20 -11.70
C ILE H 266 -81.25 -35.19 -12.52
N ASN H 267 -81.84 -36.34 -12.85
CA ASN H 267 -81.16 -37.48 -13.39
C ASN H 267 -81.79 -38.03 -14.67
N ASP H 268 -83.06 -37.70 -14.91
CA ASP H 268 -83.85 -38.00 -16.06
C ASP H 268 -84.06 -36.61 -16.70
N PRO H 269 -83.85 -36.31 -17.98
CA PRO H 269 -84.12 -35.01 -18.65
C PRO H 269 -85.55 -34.61 -18.76
N THR H 270 -86.46 -35.63 -18.60
CA THR H 270 -87.95 -35.39 -18.54
C THR H 270 -88.27 -34.53 -17.36
N GLN H 271 -87.62 -34.67 -16.17
CA GLN H 271 -87.98 -33.79 -15.07
C GLN H 271 -87.62 -32.39 -15.19
N MET H 272 -86.42 -32.14 -15.83
CA MET H 272 -85.91 -30.91 -16.23
C MET H 272 -86.90 -30.14 -17.16
N GLN H 273 -87.22 -30.67 -18.40
CA GLN H 273 -88.30 -30.21 -19.24
C GLN H 273 -89.64 -29.91 -18.47
N LYS H 274 -90.28 -31.03 -17.90
CA LYS H 274 -91.58 -30.72 -17.20
C LYS H 274 -91.64 -29.67 -16.08
N PHE H 275 -90.49 -29.16 -15.57
CA PHE H 275 -90.29 -28.13 -14.57
C PHE H 275 -90.42 -26.78 -15.31
N LEU H 276 -89.56 -26.71 -16.29
CA LEU H 276 -89.33 -25.53 -17.18
C LEU H 276 -90.44 -25.20 -18.20
N ASP H 277 -91.32 -26.19 -18.52
CA ASP H 277 -92.49 -26.07 -19.36
C ASP H 277 -93.54 -25.23 -18.60
N GLU H 278 -93.85 -25.65 -17.36
CA GLU H 278 -94.83 -25.02 -16.47
C GLU H 278 -94.36 -23.60 -16.00
N GLU H 279 -93.02 -23.50 -15.85
CA GLU H 279 -92.24 -22.26 -15.47
C GLU H 279 -92.35 -21.20 -16.53
N GLU H 280 -92.61 -21.64 -17.82
CA GLU H 280 -92.87 -20.68 -18.85
C GLU H 280 -94.30 -20.12 -18.72
N ASN H 281 -95.31 -20.85 -18.31
CA ASN H 281 -96.57 -20.37 -18.04
C ASN H 281 -96.52 -19.69 -16.64
N LEU H 282 -95.50 -19.91 -15.79
CA LEU H 282 -95.33 -19.27 -14.50
C LEU H 282 -95.03 -17.76 -14.66
N ILE H 283 -94.25 -17.41 -15.63
CA ILE H 283 -94.01 -15.97 -15.84
C ILE H 283 -95.19 -15.33 -16.46
N LYS H 284 -95.94 -15.99 -17.37
CA LYS H 284 -97.17 -15.41 -17.95
C LYS H 284 -98.27 -15.17 -16.88
N GLU H 285 -98.25 -16.03 -15.86
CA GLU H 285 -99.00 -15.77 -14.65
C GLU H 285 -98.59 -14.56 -13.86
N LYS H 286 -97.22 -14.50 -13.54
CA LYS H 286 -96.67 -13.37 -12.80
C LYS H 286 -96.96 -11.99 -13.36
N VAL H 287 -96.81 -11.90 -14.69
CA VAL H 287 -97.20 -10.76 -15.54
C VAL H 287 -98.69 -10.34 -15.42
N ASP H 288 -99.67 -11.32 -15.51
CA ASP H 288 -101.09 -11.08 -15.38
C ASP H 288 -101.45 -10.63 -13.91
N LYS H 289 -100.69 -11.19 -12.92
CA LYS H 289 -100.74 -10.78 -11.49
C LYS H 289 -100.28 -9.33 -11.36
N ILE H 290 -99.42 -8.79 -12.25
CA ILE H 290 -99.04 -7.37 -12.24
C ILE H 290 -100.00 -6.49 -12.98
N LEU H 291 -100.43 -6.89 -14.22
CA LEU H 291 -101.42 -6.24 -15.00
C LEU H 291 -102.86 -6.23 -14.46
N ALA H 292 -102.99 -7.06 -13.37
CA ALA H 292 -104.13 -7.17 -12.47
C ALA H 292 -104.51 -5.87 -11.69
N THR H 293 -103.57 -4.92 -11.68
CA THR H 293 -103.70 -3.65 -11.02
C THR H 293 -104.09 -2.53 -11.96
N GLY H 294 -103.88 -2.86 -13.27
CA GLY H 294 -104.25 -2.04 -14.41
C GLY H 294 -103.01 -1.41 -14.98
N ALA H 295 -101.86 -1.92 -14.59
CA ALA H 295 -100.51 -1.54 -15.08
C ALA H 295 -100.38 -1.80 -16.57
N ASN H 296 -99.64 -0.91 -17.21
CA ASN H 296 -99.61 -0.84 -18.66
C ASN H 296 -98.21 -0.60 -19.14
N VAL H 297 -97.33 -0.34 -18.13
CA VAL H 297 -95.87 -0.31 -18.22
C VAL H 297 -95.37 -1.07 -16.95
N ILE H 298 -94.21 -1.67 -17.07
CA ILE H 298 -93.59 -2.53 -16.10
C ILE H 298 -92.11 -2.28 -16.24
N ILE H 299 -91.46 -1.97 -15.10
CA ILE H 299 -90.11 -1.62 -15.05
C ILE H 299 -89.59 -2.61 -14.08
N CYS H 300 -88.36 -2.98 -14.29
CA CYS H 300 -87.88 -4.11 -13.54
C CYS H 300 -86.50 -3.62 -13.11
N GLN H 301 -85.80 -4.48 -12.37
CA GLN H 301 -84.40 -4.29 -12.02
C GLN H 301 -83.62 -5.54 -12.38
N LYS H 302 -84.35 -6.63 -12.38
CA LYS H 302 -83.86 -7.94 -12.86
C LYS H 302 -84.42 -8.17 -14.21
N GLY H 303 -84.37 -9.41 -14.69
CA GLY H 303 -84.78 -9.68 -16.06
C GLY H 303 -86.28 -9.97 -16.33
N ILE H 304 -86.63 -10.23 -17.62
CA ILE H 304 -87.96 -10.50 -18.17
C ILE H 304 -87.60 -11.50 -19.20
N ASP H 305 -88.30 -12.63 -19.23
CA ASP H 305 -88.10 -13.69 -20.21
C ASP H 305 -88.48 -13.27 -21.64
N GLU H 306 -87.93 -13.93 -22.76
CA GLU H 306 -88.20 -13.52 -24.12
C GLU H 306 -89.53 -13.97 -24.58
N VAL H 307 -90.09 -15.02 -23.97
CA VAL H 307 -91.44 -15.38 -24.29
C VAL H 307 -92.35 -14.42 -23.48
N ALA H 308 -91.98 -13.93 -22.26
CA ALA H 308 -92.72 -12.96 -21.55
C ALA H 308 -92.63 -11.61 -22.15
N GLN H 309 -91.62 -11.33 -23.01
CA GLN H 309 -91.61 -10.19 -23.89
C GLN H 309 -92.61 -10.37 -25.06
N SER H 310 -92.60 -11.58 -25.69
CA SER H 310 -93.49 -11.90 -26.79
C SER H 310 -94.99 -11.83 -26.41
N TYR H 311 -95.34 -12.06 -25.13
CA TYR H 311 -96.64 -11.90 -24.55
C TYR H 311 -96.94 -10.44 -24.36
N LEU H 312 -96.00 -9.70 -23.73
CA LEU H 312 -96.23 -8.35 -23.40
C LEU H 312 -96.32 -7.56 -24.65
N ALA H 313 -95.60 -7.89 -25.75
CA ALA H 313 -95.59 -7.10 -26.99
C ALA H 313 -97.00 -7.10 -27.58
N LYS H 314 -97.67 -8.29 -27.52
CA LYS H 314 -99.03 -8.52 -27.95
C LYS H 314 -100.09 -7.87 -27.08
N LYS H 315 -99.80 -7.72 -25.80
CA LYS H 315 -100.61 -7.26 -24.70
C LYS H 315 -100.62 -5.71 -24.77
N GLY H 316 -99.61 -5.06 -25.48
CA GLY H 316 -99.62 -3.68 -25.53
C GLY H 316 -98.96 -2.91 -24.51
N VAL H 317 -98.15 -3.64 -23.80
CA VAL H 317 -97.48 -3.14 -22.62
C VAL H 317 -96.04 -2.55 -22.96
N LEU H 318 -95.55 -1.56 -22.11
CA LEU H 318 -94.26 -1.06 -22.25
C LEU H 318 -93.33 -1.54 -21.18
N ALA H 319 -92.31 -2.32 -21.56
CA ALA H 319 -91.46 -2.87 -20.57
C ALA H 319 -90.01 -2.38 -20.67
N VAL H 320 -89.29 -2.30 -19.53
CA VAL H 320 -87.81 -2.04 -19.41
C VAL H 320 -87.26 -3.24 -18.60
N ARG H 321 -86.05 -3.79 -19.05
CA ARG H 321 -85.39 -4.98 -18.47
C ARG H 321 -84.00 -4.69 -17.95
N ARG H 322 -83.73 -4.99 -16.69
CA ARG H 322 -82.48 -4.76 -15.99
C ARG H 322 -81.97 -3.36 -15.78
N ALA H 323 -82.80 -2.42 -15.44
CA ALA H 323 -82.42 -1.05 -15.16
C ALA H 323 -81.83 -0.89 -13.74
N LYS H 324 -80.85 0.03 -13.63
CA LYS H 324 -80.14 0.31 -12.38
C LYS H 324 -81.07 0.95 -11.34
N LYS H 325 -80.86 0.52 -10.04
CA LYS H 325 -81.62 0.89 -8.87
C LYS H 325 -81.73 2.45 -8.75
N SER H 326 -80.67 3.12 -9.21
CA SER H 326 -80.66 4.53 -9.27
C SER H 326 -81.78 5.36 -9.83
N ASP H 327 -82.38 4.76 -10.90
CA ASP H 327 -83.34 5.56 -11.64
C ASP H 327 -84.77 5.21 -11.16
N LEU H 328 -84.93 3.98 -10.63
CA LEU H 328 -86.10 3.37 -10.08
C LEU H 328 -86.52 4.20 -8.92
N GLU H 329 -85.53 4.64 -8.11
CA GLU H 329 -85.65 5.58 -7.00
C GLU H 329 -86.14 6.97 -7.52
N LYS H 330 -85.50 7.64 -8.50
CA LYS H 330 -85.95 8.88 -9.16
C LYS H 330 -87.34 8.79 -9.73
N LEU H 331 -87.87 7.61 -10.12
CA LEU H 331 -89.19 7.52 -10.61
C LEU H 331 -90.31 7.43 -9.54
N ALA H 332 -89.86 6.93 -8.36
CA ALA H 332 -90.65 6.53 -7.19
C ALA H 332 -91.47 7.70 -6.66
N ARG H 333 -90.72 8.66 -6.09
CA ARG H 333 -91.24 9.92 -5.58
C ARG H 333 -91.62 10.83 -6.77
N ALA H 334 -91.55 10.52 -8.08
CA ALA H 334 -91.93 11.37 -9.20
C ALA H 334 -93.34 10.99 -9.67
N THR H 335 -93.61 9.71 -9.74
CA THR H 335 -94.91 9.22 -10.27
C THR H 335 -95.80 8.68 -9.13
N GLY H 336 -95.25 8.75 -7.92
CA GLY H 336 -95.83 8.19 -6.69
C GLY H 336 -95.77 6.61 -6.62
N GLY H 337 -94.94 6.00 -7.51
CA GLY H 337 -94.66 4.53 -7.57
C GLY H 337 -93.85 4.05 -6.50
N ARG H 338 -94.02 2.80 -6.15
CA ARG H 338 -93.30 2.12 -5.13
C ARG H 338 -92.70 0.87 -5.68
N VAL H 339 -91.36 0.70 -5.48
CA VAL H 339 -90.73 -0.56 -5.88
C VAL H 339 -91.16 -1.80 -4.94
N VAL H 340 -91.54 -2.92 -5.59
CA VAL H 340 -92.02 -4.10 -4.85
C VAL H 340 -91.21 -5.34 -5.34
N SER H 341 -90.64 -6.24 -4.44
CA SER H 341 -89.69 -7.30 -4.80
C SER H 341 -90.46 -8.59 -4.85
N ASN H 342 -91.79 -8.51 -5.02
CA ASN H 342 -92.65 -9.68 -5.09
C ASN H 342 -93.84 -9.40 -5.92
N ILE H 343 -93.97 -10.02 -7.08
CA ILE H 343 -95.08 -9.86 -7.99
C ILE H 343 -96.46 -10.08 -7.30
N ASP H 344 -96.60 -10.87 -6.29
CA ASP H 344 -97.92 -11.02 -5.65
C ASP H 344 -98.21 -9.90 -4.66
N GLU H 345 -97.47 -8.82 -4.66
CA GLU H 345 -97.69 -7.66 -3.69
C GLU H 345 -97.86 -6.27 -4.25
N ILE H 346 -97.73 -6.13 -5.57
CA ILE H 346 -98.01 -4.87 -6.26
C ILE H 346 -99.48 -4.55 -6.26
N SER H 347 -99.80 -3.30 -5.80
CA SER H 347 -101.20 -2.83 -5.82
C SER H 347 -101.24 -1.59 -6.59
N GLU H 348 -102.48 -1.12 -6.78
CA GLU H 348 -102.85 0.09 -7.45
C GLU H 348 -102.37 1.39 -6.82
N GLN H 349 -101.86 1.29 -5.59
CA GLN H 349 -101.21 2.41 -4.91
C GLN H 349 -99.68 2.49 -5.15
N ASP H 350 -99.17 1.31 -5.50
CA ASP H 350 -97.73 1.15 -5.72
C ASP H 350 -97.47 1.47 -7.14
N LEU H 351 -98.55 1.62 -8.01
CA LEU H 351 -98.38 2.07 -9.38
C LEU H 351 -97.92 3.54 -9.46
N GLY H 352 -97.19 3.78 -10.52
CA GLY H 352 -96.60 5.03 -10.94
C GLY H 352 -97.45 5.69 -11.89
N TYR H 353 -97.95 6.94 -11.52
CA TYR H 353 -98.78 7.74 -12.42
C TYR H 353 -98.13 8.86 -13.18
N ALA H 354 -98.33 8.77 -14.49
CA ALA H 354 -97.81 9.80 -15.33
C ALA H 354 -98.76 9.98 -16.54
N SER H 355 -98.83 11.20 -17.20
CA SER H 355 -99.76 11.47 -18.31
C SER H 355 -99.33 10.75 -19.56
N LEU H 356 -98.00 10.62 -19.71
CA LEU H 356 -97.41 9.86 -20.76
C LEU H 356 -95.98 9.35 -20.46
N ILE H 357 -95.83 8.04 -20.71
CA ILE H 357 -94.49 7.54 -20.65
C ILE H 357 -94.09 7.17 -22.01
N GLU H 358 -92.82 7.45 -22.38
CA GLU H 358 -92.33 6.97 -23.67
C GLU H 358 -90.90 6.75 -23.71
N GLU H 359 -90.36 6.20 -24.78
CA GLU H 359 -88.96 6.12 -25.07
C GLU H 359 -88.62 6.90 -26.26
N ARG H 360 -87.64 7.87 -26.22
CA ARG H 360 -87.17 8.74 -27.22
C ARG H 360 -85.63 8.62 -27.37
N LYS H 361 -85.08 8.97 -28.56
CA LYS H 361 -83.68 8.86 -28.97
C LYS H 361 -83.06 10.21 -29.22
N VAL H 362 -81.85 10.42 -28.60
CA VAL H 362 -81.22 11.71 -28.61
C VAL H 362 -79.84 11.41 -29.18
N GLY H 363 -79.73 11.75 -30.44
CA GLY H 363 -78.52 11.59 -31.12
C GLY H 363 -78.10 10.19 -31.46
N GLU H 364 -77.19 9.59 -30.63
CA GLU H 364 -76.70 8.24 -30.84
C GLU H 364 -77.25 7.32 -29.67
N ASP H 365 -78.05 7.76 -28.70
CA ASP H 365 -78.59 6.79 -27.64
C ASP H 365 -80.05 7.08 -27.33
N LYS H 366 -80.76 6.05 -26.75
CA LYS H 366 -82.17 6.10 -26.45
C LYS H 366 -82.47 5.84 -25.01
N MET H 367 -83.62 6.33 -24.60
CA MET H 367 -83.99 6.21 -23.23
C MET H 367 -85.47 6.46 -23.03
N VAL H 368 -86.01 6.20 -21.84
CA VAL H 368 -87.30 6.41 -21.44
C VAL H 368 -87.43 7.78 -20.74
N PHE H 369 -88.44 8.52 -21.01
CA PHE H 369 -88.84 9.81 -20.47
C PHE H 369 -90.18 9.67 -19.76
N VAL H 370 -90.46 10.40 -18.73
CA VAL H 370 -91.69 10.27 -17.92
C VAL H 370 -92.27 11.68 -17.70
N GLU H 371 -92.64 12.30 -18.75
CA GLU H 371 -93.25 13.59 -18.60
C GLU H 371 -94.71 13.42 -18.02
N GLY H 372 -95.25 14.47 -17.40
CA GLY H 372 -96.66 14.40 -16.92
C GLY H 372 -96.74 13.76 -15.57
N ALA H 373 -95.73 13.66 -14.69
CA ALA H 373 -95.78 12.93 -13.44
C ALA H 373 -96.54 13.62 -12.33
N LYS H 374 -96.75 12.92 -11.17
CA LYS H 374 -97.51 13.33 -10.01
C LYS H 374 -96.77 14.42 -9.29
N ASN H 375 -95.44 14.22 -9.22
CA ASN H 375 -94.60 15.22 -8.65
C ASN H 375 -94.05 16.19 -9.74
N PRO H 376 -94.40 17.52 -9.79
CA PRO H 376 -94.03 18.39 -10.84
C PRO H 376 -92.60 18.86 -10.52
N LYS H 377 -92.17 18.60 -9.31
CA LYS H 377 -90.80 19.07 -8.99
C LYS H 377 -89.73 18.24 -9.65
N SER H 378 -89.95 16.91 -9.88
CA SER H 378 -89.03 15.86 -10.42
C SER H 378 -88.70 16.22 -11.85
N ILE H 379 -87.46 16.68 -12.12
CA ILE H 379 -87.04 17.12 -13.45
C ILE H 379 -85.75 16.46 -13.66
N SER H 380 -85.26 16.47 -14.92
CA SER H 380 -84.05 15.81 -15.31
C SER H 380 -83.22 16.64 -16.10
N ILE H 381 -81.93 16.28 -16.19
CA ILE H 381 -81.00 16.96 -17.04
C ILE H 381 -80.54 15.87 -17.95
N LEU H 382 -80.36 16.09 -19.28
CA LEU H 382 -79.90 15.06 -20.20
C LEU H 382 -78.59 15.46 -20.81
N ILE H 383 -77.39 14.78 -20.49
CA ILE H 383 -76.05 15.16 -20.93
C ILE H 383 -75.48 14.56 -22.12
N ARG H 384 -74.80 15.42 -22.94
CA ARG H 384 -74.12 14.90 -24.14
C ARG H 384 -72.93 15.86 -24.20
N GLY H 385 -72.00 15.71 -25.08
CA GLY H 385 -70.83 16.48 -25.29
C GLY H 385 -69.62 15.62 -25.14
N GLY H 386 -69.23 15.01 -26.25
CA GLY H 386 -68.09 14.14 -26.28
C GLY H 386 -68.20 12.78 -25.68
N LEU H 387 -67.22 11.88 -26.03
CA LEU H 387 -67.05 10.46 -25.72
C LEU H 387 -67.11 10.11 -24.25
N GLU H 388 -66.68 8.87 -23.97
CA GLU H 388 -66.71 8.30 -22.62
C GLU H 388 -66.14 9.05 -21.38
N ARG H 389 -65.15 10.01 -21.63
CA ARG H 389 -64.57 10.79 -20.55
C ARG H 389 -65.12 12.25 -20.60
N LEU H 390 -65.39 12.82 -21.83
CA LEU H 390 -66.00 14.08 -21.91
C LEU H 390 -67.39 14.25 -21.29
N VAL H 391 -68.20 13.23 -21.47
CA VAL H 391 -69.62 13.30 -21.04
C VAL H 391 -69.65 13.46 -19.45
N ASP H 392 -68.73 12.68 -18.85
CA ASP H 392 -68.35 12.57 -17.46
C ASP H 392 -67.84 13.94 -16.86
N GLU H 393 -66.93 14.62 -17.54
CA GLU H 393 -66.53 15.95 -17.11
C GLU H 393 -67.57 17.13 -17.46
N THR H 394 -68.54 16.95 -18.41
CA THR H 394 -69.65 17.85 -18.55
C THR H 394 -70.70 17.65 -17.44
N GLU H 395 -70.84 16.35 -16.98
CA GLU H 395 -71.71 15.88 -15.88
C GLU H 395 -71.16 16.43 -14.52
N ARG H 396 -69.82 16.50 -14.47
CA ARG H 396 -69.20 17.14 -13.33
C ARG H 396 -69.46 18.61 -13.24
N ALA H 397 -69.09 19.32 -14.37
CA ALA H 397 -69.25 20.79 -14.40
C ALA H 397 -70.67 21.22 -14.08
N LEU H 398 -71.58 20.52 -14.72
CA LEU H 398 -73.08 20.64 -14.55
C LEU H 398 -73.60 20.23 -13.16
N ARG H 399 -73.01 19.20 -12.50
CA ARG H 399 -73.33 18.86 -11.17
C ARG H 399 -72.99 20.03 -10.21
N ASP H 400 -71.70 20.60 -10.27
CA ASP H 400 -71.20 21.69 -9.45
C ASP H 400 -71.94 22.98 -9.70
N ALA H 401 -72.25 23.29 -10.95
CA ALA H 401 -73.18 24.30 -11.27
C ALA H 401 -74.57 24.22 -10.68
N LEU H 402 -75.24 23.00 -10.70
CA LEU H 402 -76.54 22.89 -10.12
C LEU H 402 -76.38 23.13 -8.62
N GLY H 403 -75.47 22.32 -8.00
CA GLY H 403 -75.09 22.40 -6.60
C GLY H 403 -74.85 23.78 -6.01
N THR H 404 -73.91 24.52 -6.63
CA THR H 404 -73.58 25.95 -6.38
C THR H 404 -74.65 26.92 -6.47
N VAL H 405 -75.47 26.90 -7.62
CA VAL H 405 -76.66 27.69 -7.81
C VAL H 405 -77.72 27.47 -6.73
N ALA H 406 -77.90 26.22 -6.36
CA ALA H 406 -78.80 25.79 -5.29
C ALA H 406 -78.32 26.31 -3.92
N ASP H 407 -77.03 26.43 -3.72
CA ASP H 407 -76.62 27.00 -2.43
C ASP H 407 -76.95 28.49 -2.19
N VAL H 408 -76.87 29.26 -3.35
CA VAL H 408 -77.11 30.73 -3.38
C VAL H 408 -78.55 30.92 -2.99
N ILE H 409 -79.41 30.04 -3.48
CA ILE H 409 -80.87 30.07 -3.14
C ILE H 409 -81.12 29.66 -1.69
N LYS H 410 -80.58 28.55 -1.19
CA LYS H 410 -80.83 28.00 0.13
C LYS H 410 -80.44 29.02 1.34
N ASP H 411 -79.47 29.89 1.14
CA ASP H 411 -78.88 30.85 2.02
C ASP H 411 -79.50 32.17 1.67
N GLY H 412 -79.02 32.73 0.53
CA GLY H 412 -79.67 33.88 -0.14
C GLY H 412 -78.82 35.05 -0.32
N ARG H 413 -77.44 34.83 -0.19
CA ARG H 413 -76.48 35.94 -0.30
C ARG H 413 -75.42 35.75 -1.34
N ALA H 414 -75.01 36.75 -2.10
CA ALA H 414 -74.01 36.66 -3.16
C ALA H 414 -73.19 37.94 -3.44
N ILE H 415 -71.84 37.79 -3.58
CA ILE H 415 -70.82 38.88 -3.63
C ILE H 415 -70.10 38.94 -4.97
N ALA H 416 -69.36 39.99 -5.34
CA ALA H 416 -68.56 40.04 -6.61
C ALA H 416 -67.29 39.26 -6.63
N GLY H 417 -67.16 38.43 -7.68
CA GLY H 417 -66.05 37.58 -7.97
C GLY H 417 -64.73 38.28 -8.38
N GLY H 418 -63.76 37.56 -8.87
CA GLY H 418 -62.48 38.08 -9.32
C GLY H 418 -61.71 39.02 -8.50
N GLY H 419 -61.60 38.73 -7.17
CA GLY H 419 -60.81 39.49 -6.24
C GLY H 419 -61.47 40.67 -5.59
N ALA H 420 -62.67 41.03 -5.97
CA ALA H 420 -63.40 42.23 -5.46
C ALA H 420 -63.49 42.46 -3.91
N VAL H 421 -64.11 41.45 -3.24
CA VAL H 421 -64.24 41.47 -1.77
C VAL H 421 -62.98 41.41 -0.91
N GLU H 422 -61.98 40.76 -1.52
CA GLU H 422 -60.63 40.52 -1.00
C GLU H 422 -59.94 41.88 -0.79
N ILE H 423 -59.68 42.57 -1.92
CA ILE H 423 -59.01 43.88 -1.95
C ILE H 423 -59.59 44.84 -0.93
N GLU H 424 -60.95 44.82 -0.74
CA GLU H 424 -61.75 45.61 0.18
C GLU H 424 -61.40 45.24 1.58
N ILE H 425 -61.52 43.98 1.95
CA ILE H 425 -61.07 43.45 3.27
C ILE H 425 -59.65 43.79 3.68
N ALA H 426 -58.74 44.04 2.74
CA ALA H 426 -57.40 44.49 2.92
C ALA H 426 -57.47 45.96 3.29
N LYS H 427 -57.82 46.82 2.34
CA LYS H 427 -58.08 48.22 2.38
C LYS H 427 -58.83 48.61 3.66
N LYS H 428 -60.03 48.04 4.00
CA LYS H 428 -60.71 48.21 5.28
C LYS H 428 -59.90 47.80 6.56
N LEU H 429 -59.02 46.73 6.51
CA LEU H 429 -58.11 46.20 7.56
C LEU H 429 -56.92 47.09 7.77
N ARG H 430 -56.35 47.65 6.72
CA ARG H 430 -55.31 48.58 6.81
C ARG H 430 -55.73 49.84 7.60
N LYS H 431 -56.94 50.38 7.31
CA LYS H 431 -57.55 51.38 8.07
C LYS H 431 -57.93 50.93 9.51
N TYR H 432 -58.16 49.66 9.81
CA TYR H 432 -58.51 49.12 11.15
C TYR H 432 -57.24 49.10 12.01
N ALA H 433 -56.12 48.51 11.48
CA ALA H 433 -54.81 48.29 12.13
C ALA H 433 -54.29 49.38 13.13
N PRO H 434 -54.05 50.69 12.91
CA PRO H 434 -53.76 51.68 13.94
C PRO H 434 -54.54 51.47 15.31
N GLN H 435 -55.85 51.17 15.15
CA GLN H 435 -56.82 51.18 16.27
C GLN H 435 -56.78 49.87 17.01
N VAL H 436 -56.34 48.82 16.33
CA VAL H 436 -56.19 47.51 16.94
C VAL H 436 -55.26 47.56 18.20
N GLY H 437 -54.08 48.13 17.97
CA GLY H 437 -53.03 48.23 19.03
C GLY H 437 -51.67 48.27 18.48
N GLY H 438 -50.65 48.16 19.41
CA GLY H 438 -49.25 48.20 19.14
C GLY H 438 -48.80 47.02 18.32
N LYS H 439 -48.39 45.91 18.90
CA LYS H 439 -47.86 44.75 18.20
C LYS H 439 -48.89 44.12 17.33
N GLU H 440 -50.11 43.92 17.89
CA GLU H 440 -51.21 43.34 17.22
C GLU H 440 -51.60 43.95 15.84
N GLN H 441 -51.40 45.26 15.58
CA GLN H 441 -51.50 45.87 14.29
C GLN H 441 -50.62 45.12 13.29
N LEU H 442 -49.33 44.84 13.61
CA LEU H 442 -48.49 44.11 12.69
C LEU H 442 -49.00 42.81 12.20
N ALA H 443 -49.65 42.04 13.14
CA ALA H 443 -50.40 40.89 12.80
C ALA H 443 -51.53 41.02 11.87
N VAL H 444 -52.38 42.04 12.14
CA VAL H 444 -53.57 42.42 11.35
C VAL H 444 -53.18 42.84 9.94
N GLU H 445 -52.14 43.80 9.83
CA GLU H 445 -51.52 44.11 8.54
C GLU H 445 -50.96 42.91 7.80
N ALA H 446 -50.38 41.96 8.47
CA ALA H 446 -49.90 40.74 7.84
C ALA H 446 -51.12 39.90 7.27
N TYR H 447 -52.11 39.57 8.04
CA TYR H 447 -53.37 38.97 7.57
C TYR H 447 -53.88 39.67 6.35
N ALA H 448 -53.80 40.99 6.38
CA ALA H 448 -54.26 41.85 5.34
C ALA H 448 -53.43 41.70 4.09
N ASN H 449 -52.12 41.70 4.17
CA ASN H 449 -51.08 41.44 3.16
C ASN H 449 -51.31 40.06 2.53
N ALA H 450 -51.59 39.04 3.36
CA ALA H 450 -51.82 37.72 2.85
C ALA H 450 -52.97 37.64 1.80
N LEU H 451 -54.08 38.41 1.98
CA LEU H 451 -55.20 38.52 1.09
C LEU H 451 -54.80 39.17 -0.18
N GLU H 452 -53.89 40.20 -0.17
CA GLU H 452 -53.46 40.72 -1.51
C GLU H 452 -52.54 39.72 -2.21
N SER H 453 -51.77 38.95 -1.52
CA SER H 453 -51.03 37.79 -2.20
C SER H 453 -51.93 36.84 -2.96
N LEU H 454 -53.13 36.55 -2.45
CA LEU H 454 -54.16 35.76 -3.09
C LEU H 454 -54.58 36.31 -4.45
N VAL H 455 -54.81 37.65 -4.50
CA VAL H 455 -55.20 38.38 -5.70
C VAL H 455 -54.06 38.54 -6.68
N SER H 456 -52.79 38.57 -6.21
CA SER H 456 -51.55 38.59 -7.02
C SER H 456 -51.29 37.39 -7.82
N ILE H 457 -51.43 36.25 -7.12
CA ILE H 457 -51.35 34.89 -7.64
C ILE H 457 -52.32 34.70 -8.83
N LEU H 458 -53.53 35.23 -8.57
CA LEU H 458 -54.57 35.32 -9.52
C LEU H 458 -54.21 36.22 -10.72
N ILE H 459 -53.64 37.45 -10.44
CA ILE H 459 -53.15 38.24 -11.57
C ILE H 459 -52.06 37.50 -12.42
N GLU H 460 -50.96 36.98 -11.78
CA GLU H 460 -49.84 36.25 -12.29
C GLU H 460 -50.19 35.22 -13.30
N ASN H 461 -51.01 34.30 -12.82
CA ASN H 461 -51.54 33.15 -13.54
C ASN H 461 -52.35 33.57 -14.83
N ALA H 462 -52.72 34.89 -14.98
CA ALA H 462 -53.29 35.30 -16.21
C ALA H 462 -52.21 35.62 -17.23
N GLY H 463 -51.01 35.96 -16.87
CA GLY H 463 -49.90 36.34 -17.77
C GLY H 463 -49.51 37.75 -17.58
N PHE H 464 -49.66 38.37 -16.41
CA PHE H 464 -49.36 39.83 -16.19
C PHE H 464 -48.59 40.20 -14.92
N ASP H 465 -48.13 41.52 -14.71
CA ASP H 465 -47.35 41.96 -13.53
C ASP H 465 -48.32 42.05 -12.38
N PRO H 466 -48.27 41.24 -11.32
CA PRO H 466 -49.18 41.41 -10.17
C PRO H 466 -49.21 42.80 -9.54
N ILE H 467 -47.99 43.39 -9.31
CA ILE H 467 -48.02 44.73 -8.69
C ILE H 467 -48.62 45.78 -9.50
N ASP H 468 -48.24 45.94 -10.82
CA ASP H 468 -48.81 46.98 -11.74
C ASP H 468 -50.37 47.00 -11.70
N LEU H 469 -51.00 45.85 -12.09
CA LEU H 469 -52.45 45.73 -12.06
C LEU H 469 -53.09 45.86 -10.70
N LEU H 470 -52.51 45.35 -9.61
CA LEU H 470 -52.89 45.49 -8.21
C LEU H 470 -52.92 47.00 -7.82
N MET H 471 -51.91 47.85 -8.07
CA MET H 471 -51.83 49.23 -7.76
C MET H 471 -52.82 50.12 -8.45
N LYS H 472 -52.97 49.88 -9.78
CA LYS H 472 -54.02 50.40 -10.63
C LYS H 472 -55.48 50.01 -10.27
N LEU H 473 -55.70 48.88 -9.62
CA LEU H 473 -56.98 48.43 -9.23
C LEU H 473 -57.27 49.06 -7.90
N ARG H 474 -56.31 48.97 -6.91
CA ARG H 474 -56.57 49.57 -5.65
C ARG H 474 -56.80 51.08 -5.53
N SER H 475 -56.57 51.87 -6.55
CA SER H 475 -56.93 53.28 -6.69
C SER H 475 -58.29 53.43 -7.33
N THR H 476 -58.60 52.66 -8.38
CA THR H 476 -59.92 52.55 -9.06
C THR H 476 -60.99 51.76 -8.20
N HIS H 477 -60.62 51.45 -6.95
CA HIS H 477 -61.36 50.79 -5.91
C HIS H 477 -61.36 51.68 -4.69
N GLU H 478 -60.84 52.88 -4.76
CA GLU H 478 -60.96 53.85 -3.67
C GLU H 478 -62.34 54.38 -3.50
N ASN H 479 -63.04 54.71 -4.55
CA ASN H 479 -64.42 55.15 -4.51
C ASN H 479 -65.42 54.19 -3.83
N GLU H 480 -66.35 54.58 -2.91
CA GLU H 480 -67.31 53.71 -2.18
C GLU H 480 -68.36 53.02 -3.06
N ASN H 481 -68.62 53.37 -4.30
CA ASN H 481 -69.51 52.57 -5.16
C ASN H 481 -68.73 51.52 -5.94
N ASN H 482 -67.40 51.63 -6.07
CA ASN H 482 -66.54 50.71 -6.78
C ASN H 482 -66.14 49.50 -5.86
N LYS H 483 -67.09 48.91 -5.16
CA LYS H 483 -66.84 47.90 -4.13
C LYS H 483 -66.93 46.50 -4.73
N TRP H 484 -67.24 46.38 -6.01
CA TRP H 484 -67.40 45.08 -6.68
C TRP H 484 -66.38 44.96 -7.80
N TYR H 485 -65.40 45.87 -7.77
CA TYR H 485 -64.28 45.96 -8.75
C TYR H 485 -63.23 44.91 -8.47
N GLY H 486 -62.81 44.25 -9.50
CA GLY H 486 -61.83 43.18 -9.42
C GLY H 486 -60.96 43.36 -10.62
N ILE H 487 -60.22 42.29 -11.03
CA ILE H 487 -59.24 42.31 -12.14
C ILE H 487 -59.54 41.38 -13.37
N ASP H 488 -59.91 42.05 -14.47
CA ASP H 488 -60.16 41.37 -15.72
C ASP H 488 -58.99 40.63 -16.25
N LEU H 489 -59.04 39.35 -16.23
CA LEU H 489 -57.83 38.59 -16.60
C LEU H 489 -57.64 38.29 -18.09
N TYR H 490 -58.68 38.51 -18.94
CA TYR H 490 -58.58 38.36 -20.37
C TYR H 490 -58.09 39.63 -20.94
N ALA H 491 -58.75 40.81 -20.59
CA ALA H 491 -58.41 42.15 -21.05
C ALA H 491 -57.31 42.85 -20.23
N GLY H 492 -57.00 42.37 -18.98
CA GLY H 492 -55.93 42.80 -18.16
C GLY H 492 -56.07 44.24 -17.68
N GLN H 493 -57.08 44.48 -16.85
CA GLN H 493 -57.33 45.88 -16.42
C GLN H 493 -58.55 45.80 -15.50
N PRO H 494 -58.62 46.62 -14.39
CA PRO H 494 -59.57 46.63 -13.28
C PRO H 494 -60.96 46.86 -13.82
N VAL H 495 -62.03 46.06 -13.55
CA VAL H 495 -63.33 46.33 -14.05
C VAL H 495 -64.32 45.94 -12.95
N ASP H 496 -65.64 46.33 -13.09
CA ASP H 496 -66.69 45.92 -12.22
C ASP H 496 -67.07 44.51 -12.59
N MET H 497 -66.72 43.53 -11.74
CA MET H 497 -66.87 42.12 -12.05
C MET H 497 -68.26 41.79 -12.09
N TRP H 498 -68.97 42.23 -11.07
CA TRP H 498 -70.43 42.13 -11.02
C TRP H 498 -71.17 42.73 -12.24
N GLN H 499 -70.87 43.98 -12.62
CA GLN H 499 -71.42 44.61 -13.85
C GLN H 499 -70.73 44.14 -15.08
N LYS H 500 -70.19 42.88 -15.07
CA LYS H 500 -69.66 42.18 -16.24
C LYS H 500 -69.96 40.66 -15.99
N GLY H 501 -70.89 40.38 -15.07
CA GLY H 501 -71.47 39.07 -14.87
C GLY H 501 -70.70 38.18 -13.98
N VAL H 502 -69.76 38.58 -13.10
CA VAL H 502 -69.04 37.59 -12.26
C VAL H 502 -69.46 37.88 -10.84
N ILE H 503 -70.47 37.16 -10.26
CA ILE H 503 -70.96 37.17 -8.89
C ILE H 503 -70.74 35.72 -8.52
N GLU H 504 -70.63 35.47 -7.19
CA GLU H 504 -70.44 34.11 -6.55
C GLU H 504 -71.17 33.96 -5.29
N PRO H 505 -71.56 32.71 -4.79
CA PRO H 505 -72.24 32.43 -3.47
C PRO H 505 -71.49 33.06 -2.19
N ALA H 506 -71.98 34.08 -1.53
CA ALA H 506 -71.39 34.78 -0.45
C ALA H 506 -71.05 33.89 0.74
N LEU H 507 -71.60 32.67 0.82
CA LEU H 507 -71.22 31.73 1.91
C LEU H 507 -70.05 30.83 1.60
N VAL H 508 -69.90 30.38 0.36
CA VAL H 508 -68.85 29.50 -0.07
C VAL H 508 -67.54 30.27 0.18
N LYS H 509 -67.42 31.50 -0.30
CA LYS H 509 -66.32 32.40 -0.04
C LYS H 509 -66.23 33.11 1.31
N MET H 510 -67.05 32.63 2.24
CA MET H 510 -67.05 33.06 3.67
C MET H 510 -66.50 31.83 4.46
N ASN H 511 -67.01 30.63 4.10
CA ASN H 511 -66.62 29.40 4.76
C ASN H 511 -65.17 29.06 4.35
N ALA H 512 -64.74 29.47 3.16
CA ALA H 512 -63.41 29.27 2.63
C ALA H 512 -62.31 29.87 3.59
N ILE H 513 -62.41 31.16 3.95
CA ILE H 513 -61.77 32.07 5.00
C ILE H 513 -61.91 31.45 6.33
N LYS H 514 -63.10 30.91 6.74
CA LYS H 514 -63.25 30.26 8.07
C LYS H 514 -62.41 28.96 8.26
N ALA H 515 -62.32 28.11 7.19
CA ALA H 515 -61.50 26.88 7.02
C ALA H 515 -60.08 27.34 7.15
N ALA H 516 -59.64 28.22 6.26
CA ALA H 516 -58.31 28.79 6.27
C ALA H 516 -57.74 29.39 7.57
N THR H 517 -58.53 30.30 8.17
CA THR H 517 -58.06 30.87 9.38
C THR H 517 -57.94 29.90 10.58
N GLU H 518 -58.84 28.87 10.64
CA GLU H 518 -58.73 27.78 11.54
C GLU H 518 -57.44 27.01 11.45
N ALA H 519 -57.13 26.49 10.23
CA ALA H 519 -55.99 25.73 9.81
C ALA H 519 -54.75 26.52 10.09
N ALA H 520 -54.71 27.76 9.53
CA ALA H 520 -53.62 28.71 9.72
C ALA H 520 -53.18 28.94 11.11
N THR H 521 -54.12 29.36 12.03
CA THR H 521 -53.82 29.63 13.43
C THR H 521 -53.55 28.44 14.23
N LEU H 522 -54.14 27.35 13.82
CA LEU H 522 -54.01 26.10 14.47
C LEU H 522 -52.61 25.54 14.32
N VAL H 523 -51.99 25.76 13.13
CA VAL H 523 -50.58 25.41 13.00
C VAL H 523 -49.61 26.21 13.87
N LEU H 524 -49.93 27.52 13.95
CA LEU H 524 -49.17 28.48 14.78
C LEU H 524 -49.39 28.28 16.30
N ARG H 525 -50.55 27.72 16.70
CA ARG H 525 -50.82 27.37 18.09
C ARG H 525 -49.97 26.23 18.71
N ILE H 526 -49.59 25.32 17.86
CA ILE H 526 -48.71 24.23 18.06
C ILE H 526 -47.22 24.70 18.34
N ASP H 527 -46.63 24.27 19.45
CA ASP H 527 -45.28 24.56 19.81
C ASP H 527 -44.27 23.55 19.29
N ASP H 528 -44.57 22.27 19.46
CA ASP H 528 -43.65 21.28 19.07
C ASP H 528 -44.45 20.09 18.66
N VAL H 529 -43.71 19.15 17.99
CA VAL H 529 -44.15 17.81 17.62
C VAL H 529 -43.23 16.88 18.35
N VAL H 530 -43.80 15.97 19.04
CA VAL H 530 -43.23 14.76 19.69
C VAL H 530 -43.61 13.46 19.08
N SER H 531 -42.69 12.89 18.29
CA SER H 531 -43.08 11.65 17.58
C SER H 531 -42.61 10.42 18.35
N ALA H 532 -43.54 9.41 18.47
CA ALA H 532 -43.33 8.09 19.07
C ALA H 532 -42.35 7.35 18.10
N GLY I 28 -21.56 9.58 44.74
CA GLY I 28 -22.23 10.96 44.93
C GLY I 28 -22.59 11.62 43.62
N LYS I 29 -21.87 12.71 43.27
CA LYS I 29 -22.02 13.49 42.14
C LYS I 29 -22.20 12.70 40.82
N GLU I 30 -21.55 11.54 40.75
CA GLU I 30 -21.57 10.51 39.80
C GLU I 30 -22.98 10.40 39.08
N ALA I 31 -23.93 9.84 39.86
CA ALA I 31 -25.25 9.45 39.49
C ALA I 31 -26.19 10.65 39.65
N VAL I 32 -26.03 11.43 40.75
CA VAL I 32 -26.69 12.72 41.09
C VAL I 32 -26.74 13.65 39.89
N ARG I 33 -25.81 13.61 38.96
CA ARG I 33 -25.87 14.51 37.78
C ARG I 33 -27.07 14.18 36.89
N ALA I 34 -27.21 12.86 36.64
CA ALA I 34 -28.20 12.17 35.91
C ALA I 34 -29.54 12.51 36.38
N ASN I 35 -29.74 12.21 37.71
CA ASN I 35 -31.01 12.57 38.34
C ASN I 35 -31.51 13.96 38.12
N ILE I 36 -30.62 14.96 38.50
CA ILE I 36 -30.79 16.43 38.39
C ILE I 36 -31.14 16.77 36.97
N ALA I 37 -30.32 16.37 35.96
CA ALA I 37 -30.63 16.43 34.53
C ALA I 37 -32.05 15.91 34.12
N ALA I 38 -32.32 14.66 34.45
CA ALA I 38 -33.57 13.89 34.14
C ALA I 38 -34.80 14.71 34.54
N VAL I 39 -34.72 15.20 35.82
CA VAL I 39 -35.82 16.11 36.39
C VAL I 39 -35.91 17.34 35.48
N LYS I 40 -34.77 18.10 35.29
CA LYS I 40 -34.75 19.25 34.38
C LYS I 40 -35.26 19.02 32.95
N ALA I 41 -34.96 17.87 32.31
CA ALA I 41 -35.46 17.45 31.01
C ALA I 41 -36.98 17.39 31.06
N VAL I 42 -37.61 16.70 32.04
CA VAL I 42 -39.04 16.64 32.19
C VAL I 42 -39.67 18.06 32.32
N GLU I 43 -39.05 19.04 33.14
CA GLU I 43 -39.53 20.46 33.21
C GLU I 43 -39.60 21.14 31.84
N GLU I 44 -38.53 21.04 31.01
CA GLU I 44 -38.43 21.51 29.72
C GLU I 44 -39.49 20.93 28.82
N ALA I 45 -40.35 19.95 29.27
CA ALA I 45 -41.40 19.36 28.43
C ALA I 45 -42.67 20.00 28.62
N LEU I 46 -42.85 20.69 29.74
CA LEU I 46 -44.12 21.35 29.99
C LEU I 46 -43.85 22.86 29.93
N LYS I 47 -42.71 23.42 30.25
CA LYS I 47 -42.45 24.84 30.32
C LYS I 47 -43.26 25.84 29.47
N SER I 48 -43.32 25.64 28.18
CA SER I 48 -44.17 26.40 27.24
C SER I 48 -45.74 26.15 27.19
N THR I 49 -46.24 25.40 28.15
CA THR I 49 -47.66 24.94 28.23
C THR I 49 -48.24 25.42 29.57
N TYR I 50 -47.43 26.17 30.38
CA TYR I 50 -47.98 26.78 31.57
C TYR I 50 -49.02 27.94 31.33
N GLY I 51 -50.05 27.96 32.22
CA GLY I 51 -51.15 28.91 32.18
C GLY I 51 -52.06 28.82 30.96
N PRO I 52 -53.05 29.76 30.93
CA PRO I 52 -54.12 29.80 29.90
C PRO I 52 -53.53 30.41 28.67
N ARG I 53 -52.33 31.02 28.90
CA ARG I 53 -51.53 31.58 27.87
C ARG I 53 -50.56 30.55 27.37
N GLY I 54 -50.65 29.28 27.81
CA GLY I 54 -49.79 28.25 27.30
C GLY I 54 -49.95 27.89 25.82
N MET I 55 -48.96 27.20 25.23
CA MET I 55 -49.12 26.91 23.80
C MET I 55 -49.38 25.38 23.73
N ASP I 56 -49.72 24.81 22.57
CA ASP I 56 -50.09 23.37 22.39
C ASP I 56 -49.03 22.50 21.85
N LYS I 57 -49.01 21.19 22.29
CA LYS I 57 -48.05 20.22 21.85
C LYS I 57 -48.84 19.27 20.92
N MET I 58 -48.08 18.86 19.83
CA MET I 58 -48.57 17.77 18.96
C MET I 58 -47.80 16.46 19.31
N LEU I 59 -48.51 15.29 19.37
CA LEU I 59 -47.95 14.01 19.79
C LEU I 59 -48.36 13.05 18.72
N VAL I 60 -47.42 12.45 17.98
CA VAL I 60 -47.65 11.54 16.82
C VAL I 60 -47.36 10.11 17.28
N ASP I 61 -48.48 9.29 17.38
CA ASP I 61 -48.65 7.91 17.82
C ASP I 61 -47.79 7.01 16.97
N SER I 62 -47.43 5.80 17.44
CA SER I 62 -46.55 4.96 16.72
C SER I 62 -47.10 4.44 15.41
N LEU I 63 -48.42 4.43 15.22
CA LEU I 63 -49.02 4.07 13.96
C LEU I 63 -49.02 5.18 12.93
N GLY I 64 -48.79 6.41 13.44
CA GLY I 64 -48.78 7.58 12.63
C GLY I 64 -49.95 8.49 12.80
N ASP I 65 -50.83 8.16 13.75
CA ASP I 65 -51.93 9.08 14.16
C ASP I 65 -51.49 10.31 14.97
N ILE I 66 -52.15 11.47 14.74
CA ILE I 66 -51.77 12.75 15.30
C ILE I 66 -52.81 13.11 16.32
N THR I 67 -52.30 13.59 17.48
CA THR I 67 -53.06 14.00 18.61
C THR I 67 -52.46 15.29 19.25
N ILE I 68 -53.24 16.40 19.27
CA ILE I 68 -52.88 17.70 19.80
C ILE I 68 -53.53 17.98 21.21
N THR I 69 -52.74 18.50 22.18
CA THR I 69 -53.19 18.73 23.53
C THR I 69 -52.30 19.87 24.13
N ASN I 70 -52.64 20.25 25.36
CA ASN I 70 -51.80 21.01 26.26
C ASN I 70 -52.02 20.45 27.67
N ASP I 71 -52.63 19.21 27.93
CA ASP I 71 -52.74 18.67 29.20
C ASP I 71 -51.43 17.94 29.66
N GLY I 72 -51.01 18.26 30.91
CA GLY I 72 -49.79 17.73 31.46
C GLY I 72 -49.54 16.25 31.42
N ALA I 73 -50.53 15.53 31.99
CA ALA I 73 -50.67 14.08 32.04
C ALA I 73 -50.32 13.45 30.69
N THR I 74 -51.04 13.74 29.67
CA THR I 74 -50.91 13.27 28.32
C THR I 74 -49.58 13.52 27.63
N ILE I 75 -48.99 14.72 27.84
CA ILE I 75 -47.63 15.02 27.41
C ILE I 75 -46.51 14.22 28.04
N LEU I 76 -46.76 13.59 29.24
CA LEU I 76 -45.84 12.75 29.96
C LEU I 76 -46.16 11.33 29.75
N ASP I 77 -47.48 11.03 29.60
CA ASP I 77 -48.03 9.70 29.39
C ASP I 77 -47.57 9.18 28.05
N LYS I 78 -47.69 9.99 26.96
CA LYS I 78 -47.24 9.77 25.59
C LYS I 78 -45.81 9.91 25.40
N MET I 79 -45.02 10.35 26.36
CA MET I 79 -43.62 10.45 26.19
C MET I 79 -42.87 9.19 26.58
N ASP I 80 -41.79 8.81 25.92
CA ASP I 80 -41.06 7.60 26.26
C ASP I 80 -40.00 7.89 27.37
N LEU I 81 -40.45 7.91 28.64
CA LEU I 81 -39.55 8.18 29.73
C LEU I 81 -38.77 6.91 30.08
N GLN I 82 -37.43 6.96 30.25
CA GLN I 82 -36.63 5.77 30.54
C GLN I 82 -36.03 5.93 31.93
N HIS I 83 -35.52 7.15 32.25
CA HIS I 83 -34.71 7.30 33.51
C HIS I 83 -35.41 7.06 34.85
N PRO I 84 -34.91 6.30 35.87
CA PRO I 84 -35.59 6.00 37.11
C PRO I 84 -36.11 7.30 37.79
N ALA I 85 -35.22 8.28 37.94
CA ALA I 85 -35.53 9.66 38.39
C ALA I 85 -36.76 10.35 37.68
N ALA I 86 -36.79 10.36 36.34
CA ALA I 86 -37.91 10.80 35.56
C ALA I 86 -39.23 10.07 35.81
N LYS I 87 -39.18 8.72 35.74
CA LYS I 87 -40.22 7.79 35.97
C LYS I 87 -40.83 7.86 37.43
N LEU I 88 -39.99 8.16 38.44
CA LEU I 88 -40.32 8.43 39.77
C LEU I 88 -40.96 9.71 39.98
N LEU I 89 -40.56 10.80 39.33
CA LEU I 89 -40.97 12.17 39.32
C LEU I 89 -42.38 12.24 38.78
N VAL I 90 -42.60 11.77 37.57
CA VAL I 90 -43.92 11.73 37.02
C VAL I 90 -45.02 10.96 37.78
N GLN I 91 -44.59 9.92 38.41
CA GLN I 91 -45.42 9.17 39.37
C GLN I 91 -45.94 9.96 40.64
N ILE I 92 -45.07 10.76 41.23
CA ILE I 92 -45.47 11.54 42.43
C ILE I 92 -46.34 12.69 42.00
N ALA I 93 -45.90 13.33 40.87
CA ALA I 93 -46.51 14.51 40.38
C ALA I 93 -48.00 14.26 39.94
N LYS I 94 -48.21 13.33 38.97
CA LYS I 94 -49.48 12.86 38.38
C LYS I 94 -50.40 12.32 39.44
N GLY I 95 -50.02 11.25 40.16
CA GLY I 95 -50.73 10.53 41.25
C GLY I 95 -50.73 11.25 42.64
N GLN I 96 -50.85 12.56 42.58
CA GLN I 96 -51.23 13.35 43.66
C GLN I 96 -52.68 13.01 44.15
N ASP I 97 -53.05 13.49 45.41
CA ASP I 97 -54.45 13.20 45.91
C ASP I 97 -55.54 13.82 44.97
N GLU I 98 -55.38 15.07 44.46
CA GLU I 98 -56.47 15.73 43.78
C GLU I 98 -56.37 15.37 42.30
N GLU I 99 -57.50 15.64 41.59
CA GLU I 99 -57.67 15.26 40.21
C GLU I 99 -57.33 16.28 39.20
N THR I 100 -56.78 17.44 39.66
CA THR I 100 -56.46 18.65 38.95
C THR I 100 -55.42 18.58 37.78
N ALA I 101 -55.86 19.32 36.72
CA ALA I 101 -55.10 19.48 35.48
C ALA I 101 -53.97 20.43 35.67
N ASP I 102 -54.26 21.67 36.11
CA ASP I 102 -53.27 22.69 36.28
C ASP I 102 -52.36 22.45 37.50
N GLY I 103 -52.85 21.84 38.57
CA GLY I 103 -52.02 21.55 39.77
C GLY I 103 -50.96 20.53 39.59
N THR I 104 -51.23 19.59 38.66
CA THR I 104 -50.31 18.59 38.07
C THR I 104 -49.31 19.24 37.11
N LYS I 105 -49.76 20.27 36.32
CA LYS I 105 -48.81 21.01 35.49
C LYS I 105 -47.79 21.80 36.30
N THR I 106 -48.28 22.42 37.44
CA THR I 106 -47.50 23.14 38.46
C THR I 106 -46.64 22.24 39.23
N ALA I 107 -47.18 21.14 39.82
CA ALA I 107 -46.48 20.14 40.49
C ALA I 107 -45.17 19.76 39.85
N VAL I 108 -45.26 19.55 38.51
CA VAL I 108 -44.04 19.26 37.67
C VAL I 108 -43.11 20.45 37.46
N ILE I 109 -43.59 21.67 37.01
CA ILE I 109 -42.79 22.90 36.91
C ILE I 109 -42.13 23.24 38.20
N PHE I 110 -42.87 23.42 39.34
CA PHE I 110 -42.33 23.63 40.67
C PHE I 110 -41.29 22.56 41.12
N SER I 111 -41.56 21.23 40.81
CA SER I 111 -40.61 20.15 41.05
C SER I 111 -39.29 20.34 40.31
N GLY I 112 -39.29 20.57 38.98
CA GLY I 112 -38.04 20.82 38.21
C GLY I 112 -37.37 22.09 38.60
N GLU I 113 -38.08 23.14 39.00
CA GLU I 113 -37.56 24.35 39.50
C GLU I 113 -36.86 24.35 40.84
N LEU I 114 -37.47 23.58 41.77
CA LEU I 114 -36.90 23.28 43.14
C LEU I 114 -35.60 22.47 43.08
N VAL I 115 -35.59 21.49 42.17
CA VAL I 115 -34.36 20.73 41.72
C VAL I 115 -33.34 21.59 41.10
N LYS I 116 -33.74 22.49 40.12
CA LYS I 116 -32.81 23.47 39.48
C LYS I 116 -32.21 24.36 40.53
N LYS I 117 -33.00 25.15 41.30
CA LYS I 117 -32.62 26.04 42.39
C LYS I 117 -31.82 25.30 43.53
N ALA I 118 -32.00 23.92 43.65
CA ALA I 118 -31.23 23.09 44.63
C ALA I 118 -29.88 22.80 44.06
N GLU I 119 -29.63 22.76 42.72
CA GLU I 119 -28.25 22.58 42.28
C GLU I 119 -27.35 23.64 42.66
N ASP I 120 -27.76 24.89 42.57
CA ASP I 120 -26.91 26.02 42.94
C ASP I 120 -26.53 25.96 44.42
N LEU I 121 -27.26 25.31 45.28
CA LEU I 121 -26.91 25.08 46.67
C LEU I 121 -25.82 23.98 46.87
N LEU I 122 -25.97 22.90 46.10
CA LEU I 122 -25.03 21.82 46.12
C LEU I 122 -23.64 22.23 45.60
N TYR I 123 -23.62 23.14 44.59
CA TYR I 123 -22.44 23.77 43.98
C TYR I 123 -21.67 24.54 45.02
N LYS I 124 -22.42 25.20 45.89
CA LYS I 124 -21.93 26.00 47.05
C LYS I 124 -21.51 25.20 48.23
N ASP I 125 -21.46 23.81 48.10
CA ASP I 125 -21.12 22.81 49.10
C ASP I 125 -22.08 22.89 50.22
N VAL I 126 -23.40 22.90 50.05
CA VAL I 126 -24.30 22.74 51.16
C VAL I 126 -24.70 21.27 51.16
N HIS I 127 -24.73 20.59 52.33
CA HIS I 127 -25.16 19.25 52.46
C HIS I 127 -26.64 19.03 52.03
N PRO I 128 -26.90 17.99 51.29
CA PRO I 128 -28.26 17.60 50.86
C PRO I 128 -29.28 17.29 51.90
N THR I 129 -28.69 16.84 53.09
CA THR I 129 -29.51 16.72 54.30
C THR I 129 -30.08 18.01 54.75
N ILE I 130 -29.35 19.09 54.53
CA ILE I 130 -29.78 20.45 54.87
C ILE I 130 -30.78 20.95 53.87
N ILE I 131 -30.47 20.78 52.52
CA ILE I 131 -31.36 21.37 51.54
C ILE I 131 -32.76 20.87 51.67
N ILE I 132 -32.89 19.63 52.15
CA ILE I 132 -34.20 19.04 52.48
C ILE I 132 -34.95 19.61 53.66
N SER I 133 -34.26 19.68 54.82
CA SER I 133 -34.66 20.27 56.06
C SER I 133 -35.10 21.77 55.85
N GLY I 134 -34.40 22.55 54.99
CA GLY I 134 -34.69 23.84 54.44
C GLY I 134 -36.02 23.85 53.74
N TYR I 135 -36.20 22.96 52.79
CA TYR I 135 -37.41 22.87 52.04
C TYR I 135 -38.65 22.57 52.90
N LYS I 136 -38.57 21.59 53.87
CA LYS I 136 -39.54 21.21 54.90
C LYS I 136 -39.87 22.38 55.75
N LYS I 137 -38.86 23.10 56.39
CA LYS I 137 -39.11 24.36 57.04
C LYS I 137 -39.82 25.38 56.13
N ALA I 138 -39.47 25.48 54.86
CA ALA I 138 -40.07 26.44 53.93
C ALA I 138 -41.49 26.07 53.57
N GLU I 139 -41.76 24.75 53.27
CA GLU I 139 -43.00 24.07 52.84
C GLU I 139 -44.01 24.31 53.98
N GLU I 140 -43.59 24.09 55.27
CA GLU I 140 -44.34 24.43 56.49
C GLU I 140 -44.99 25.78 56.44
N VAL I 141 -44.18 26.83 56.36
CA VAL I 141 -44.65 28.22 56.28
C VAL I 141 -45.53 28.41 55.06
N ALA I 142 -44.98 27.93 53.92
CA ALA I 142 -45.77 27.94 52.72
C ALA I 142 -47.19 27.40 52.85
N LEU I 143 -47.43 26.31 53.60
CA LEU I 143 -48.77 25.68 53.72
C LEU I 143 -49.58 26.59 54.53
N GLN I 144 -49.21 26.89 55.83
CA GLN I 144 -50.02 27.75 56.71
C GLN I 144 -50.33 29.13 56.21
N THR I 145 -49.46 29.65 55.30
CA THR I 145 -49.67 30.90 54.63
C THR I 145 -50.78 30.86 53.60
N ILE I 146 -51.27 29.64 53.21
CA ILE I 146 -52.39 29.53 52.27
C ILE I 146 -53.68 29.49 53.10
N GLN I 147 -53.53 28.80 54.21
CA GLN I 147 -54.56 28.63 55.20
C GLN I 147 -54.98 29.91 55.84
N GLU I 148 -54.10 30.64 56.51
CA GLU I 148 -54.17 31.97 57.05
C GLU I 148 -54.11 33.04 56.07
N LEU I 149 -54.89 32.91 54.95
CA LEU I 149 -55.03 33.86 53.90
C LEU I 149 -56.25 33.45 53.06
N ALA I 150 -56.69 32.13 53.01
CA ALA I 150 -57.86 31.72 52.34
C ALA I 150 -59.09 32.28 52.87
N GLN I 151 -59.98 32.62 52.00
CA GLN I 151 -61.27 33.16 52.37
C GLN I 151 -62.36 32.15 52.06
N THR I 152 -63.30 32.10 52.97
CA THR I 152 -64.34 31.18 53.09
C THR I 152 -65.47 31.20 52.06
N VAL I 153 -65.59 30.11 51.24
CA VAL I 153 -66.59 29.85 50.20
C VAL I 153 -67.46 28.62 50.61
N SER I 154 -68.80 28.77 50.45
CA SER I 154 -69.83 27.84 50.78
C SER I 154 -70.89 27.97 49.69
N ILE I 155 -72.08 27.31 49.83
CA ILE I 155 -73.07 27.27 48.84
C ILE I 155 -73.70 28.58 48.37
N ASN I 156 -73.82 29.64 49.27
CA ASN I 156 -74.51 30.90 48.96
C ASN I 156 -73.73 31.93 48.31
N ASP I 157 -72.38 31.64 48.25
CA ASP I 157 -71.38 32.42 47.56
C ASP I 157 -71.23 32.00 46.06
N THR I 158 -72.30 32.00 45.24
CA THR I 158 -72.16 31.43 43.93
C THR I 158 -71.48 32.34 42.95
N ASP I 159 -71.44 33.64 43.12
CA ASP I 159 -70.71 34.54 42.16
C ASP I 159 -69.23 34.39 42.41
N LEU I 160 -68.79 33.74 43.47
CA LEU I 160 -67.42 33.33 43.69
C LEU I 160 -67.04 32.02 43.03
N LEU I 161 -67.89 30.98 43.13
CA LEU I 161 -67.83 29.70 42.38
C LEU I 161 -67.88 29.81 40.89
N ARG I 162 -68.60 30.89 40.43
CA ARG I 162 -68.67 31.37 39.04
C ARG I 162 -67.33 31.71 38.55
N LYS I 163 -66.44 32.20 39.45
CA LYS I 163 -65.19 32.63 39.06
C LYS I 163 -64.33 31.42 39.00
N ILE I 164 -64.16 30.71 40.09
CA ILE I 164 -63.39 29.39 40.13
C ILE I 164 -63.67 28.44 39.01
N ALA I 165 -64.87 28.44 38.47
CA ALA I 165 -65.28 27.67 37.33
C ALA I 165 -64.58 28.12 36.00
N MET I 166 -64.57 29.48 35.68
CA MET I 166 -63.91 30.13 34.57
C MET I 166 -62.41 29.96 34.81
N THR I 167 -61.91 30.05 36.05
CA THR I 167 -60.53 29.65 36.46
C THR I 167 -60.13 28.16 36.13
N SER I 168 -61.07 27.27 35.76
CA SER I 168 -60.93 25.89 35.45
C SER I 168 -61.08 25.76 33.91
N LEU I 169 -62.07 26.39 33.34
CA LEU I 169 -62.29 26.29 31.90
C LEU I 169 -61.35 27.13 31.00
N SER I 170 -60.84 28.26 31.52
CA SER I 170 -59.97 29.19 30.78
C SER I 170 -58.75 28.56 30.26
N SER I 171 -58.32 27.39 30.86
CA SER I 171 -57.11 26.80 30.45
C SER I 171 -57.33 25.66 29.51
N LYS I 172 -58.55 25.49 29.04
CA LYS I 172 -58.95 24.38 28.15
C LYS I 172 -58.79 24.86 26.76
N ALA I 173 -58.76 23.96 25.81
CA ALA I 173 -58.56 24.10 24.39
C ALA I 173 -59.83 24.56 23.77
N VAL I 174 -61.08 24.25 24.35
CA VAL I 174 -62.41 24.65 23.90
C VAL I 174 -62.67 26.10 24.41
N ALA I 175 -62.08 27.06 23.80
CA ALA I 175 -62.00 28.48 24.19
C ALA I 175 -63.38 29.16 24.38
N GLY I 176 -64.30 28.89 23.49
CA GLY I 176 -65.64 29.52 23.44
C GLY I 176 -66.46 29.43 24.69
N ALA I 177 -67.18 30.55 24.93
CA ALA I 177 -68.21 30.75 25.96
C ALA I 177 -68.02 30.06 27.34
N ARG I 178 -66.89 30.25 28.03
CA ARG I 178 -66.74 29.53 29.30
C ARG I 178 -67.60 30.11 30.44
N GLU I 179 -67.90 31.43 30.35
CA GLU I 179 -68.84 32.04 31.26
C GLU I 179 -70.21 31.28 31.22
N TYR I 180 -70.73 30.90 30.04
CA TYR I 180 -71.79 30.02 29.99
C TYR I 180 -71.65 28.67 30.67
N ILE I 181 -70.54 28.00 30.35
CA ILE I 181 -70.37 26.65 30.93
C ILE I 181 -70.21 26.67 32.37
N ALA I 182 -69.44 27.72 32.78
CA ALA I 182 -69.27 28.03 34.21
C ALA I 182 -70.61 28.26 34.92
N ASP I 183 -71.46 29.06 34.43
CA ASP I 183 -72.77 29.29 35.10
C ASP I 183 -73.56 28.02 35.31
N ILE I 184 -73.70 27.16 34.27
CA ILE I 184 -74.31 25.81 34.31
C ILE I 184 -73.73 24.98 35.43
N VAL I 185 -72.41 24.87 35.46
CA VAL I 185 -71.57 24.19 36.37
C VAL I 185 -71.83 24.37 37.80
N VAL I 186 -72.05 25.69 38.10
CA VAL I 186 -72.50 26.17 39.36
C VAL I 186 -73.84 25.72 39.77
N LYS I 187 -74.88 25.87 38.94
CA LYS I 187 -76.21 25.38 39.22
C LYS I 187 -76.28 23.86 39.43
N ALA I 188 -75.59 23.14 38.58
CA ALA I 188 -75.45 21.72 38.67
C ALA I 188 -74.89 21.18 39.94
N VAL I 189 -73.91 21.93 40.46
CA VAL I 189 -73.32 21.57 41.77
C VAL I 189 -74.13 21.98 42.99
N THR I 190 -74.52 23.23 43.05
CA THR I 190 -75.31 23.74 44.24
C THR I 190 -76.60 22.96 44.46
N GLN I 191 -77.16 22.43 43.36
CA GLN I 191 -78.38 21.63 43.39
C GLN I 191 -78.17 20.34 44.11
N VAL I 192 -76.97 19.78 43.84
CA VAL I 192 -76.59 18.50 44.38
C VAL I 192 -75.84 18.57 45.72
N ALA I 193 -75.23 19.74 46.06
CA ALA I 193 -74.53 20.03 47.28
C ALA I 193 -75.40 19.79 48.56
N GLU I 194 -74.75 19.30 49.67
CA GLU I 194 -75.48 18.98 50.89
C GLU I 194 -74.57 18.87 51.98
N LEU I 195 -75.09 19.14 53.24
CA LEU I 195 -74.31 19.10 54.49
C LEU I 195 -74.42 17.69 55.07
N ARG I 196 -73.36 16.90 55.17
CA ARG I 196 -73.32 15.67 55.81
C ARG I 196 -72.26 15.71 56.95
N GLY I 197 -72.67 15.46 58.20
CA GLY I 197 -71.68 15.38 59.34
C GLY I 197 -70.78 16.59 59.61
N ASP I 198 -71.43 17.73 59.41
CA ASP I 198 -70.83 19.02 59.48
C ASP I 198 -69.68 19.31 58.45
N LYS I 199 -69.62 18.51 57.32
CA LYS I 199 -68.86 18.71 56.11
C LYS I 199 -69.71 18.70 54.91
N TRP I 200 -69.62 19.70 54.03
CA TRP I 200 -70.35 19.70 52.74
C TRP I 200 -69.89 18.57 51.77
N TYR I 201 -70.90 18.01 51.13
CA TYR I 201 -70.68 16.95 50.24
C TYR I 201 -71.44 17.28 48.96
N VAL I 202 -70.86 16.87 47.82
CA VAL I 202 -71.46 16.85 46.51
C VAL I 202 -71.25 15.53 45.90
N ASP I 203 -72.37 14.89 45.54
CA ASP I 203 -72.29 13.57 44.95
C ASP I 203 -72.39 13.69 43.38
N LEU I 204 -71.30 13.61 42.61
CA LEU I 204 -71.18 13.67 41.18
C LEU I 204 -72.10 12.63 40.51
N ASP I 205 -72.29 11.47 41.22
CA ASP I 205 -73.17 10.44 40.76
C ASP I 205 -74.60 10.95 40.57
N ASN I 206 -75.04 12.06 41.26
CA ASN I 206 -76.34 12.68 41.11
C ASN I 206 -76.33 13.60 39.95
N ILE I 207 -75.39 13.57 39.02
CA ILE I 207 -75.34 14.41 37.80
C ILE I 207 -74.99 13.54 36.58
N GLN I 208 -75.79 13.58 35.53
CA GLN I 208 -75.62 12.81 34.32
C GLN I 208 -75.07 13.67 33.28
N ILE I 209 -74.20 13.07 32.41
CA ILE I 209 -73.60 13.88 31.31
C ILE I 209 -73.76 13.24 29.99
N VAL I 210 -74.58 13.79 29.10
CA VAL I 210 -74.91 13.35 27.80
C VAL I 210 -74.51 14.24 26.71
N LYS I 211 -74.02 13.71 25.58
CA LYS I 211 -73.42 14.49 24.47
C LYS I 211 -73.84 14.13 23.08
N LYS I 212 -74.18 15.11 22.22
CA LYS I 212 -74.53 14.91 20.89
C LYS I 212 -73.58 15.77 20.12
N ALA I 213 -72.88 15.28 19.06
CA ALA I 213 -71.99 16.09 18.18
C ALA I 213 -72.76 17.11 17.33
N GLY I 214 -72.13 18.22 17.02
CA GLY I 214 -72.77 19.37 16.38
C GLY I 214 -73.23 20.39 17.43
N GLY I 215 -73.86 21.49 16.95
CA GLY I 215 -74.22 22.57 17.77
C GLY I 215 -72.99 23.38 18.34
N SER I 216 -73.23 24.40 19.15
CA SER I 216 -72.27 25.30 19.72
C SER I 216 -72.21 24.99 21.19
N ILE I 217 -71.22 25.42 21.92
CA ILE I 217 -71.02 25.18 23.33
C ILE I 217 -72.05 26.07 24.05
N ASN I 218 -72.59 27.13 23.37
CA ASN I 218 -73.76 27.92 23.83
C ASN I 218 -75.05 27.08 23.72
N ASP I 219 -75.00 26.02 22.92
CA ASP I 219 -76.13 25.16 22.72
C ASP I 219 -76.18 24.03 23.85
N THR I 220 -75.42 24.23 24.94
CA THR I 220 -75.50 23.35 26.13
C THR I 220 -76.64 23.79 27.06
N GLN I 221 -77.18 22.87 27.91
CA GLN I 221 -78.26 23.28 28.76
C GLN I 221 -78.28 22.39 30.04
N LEU I 222 -78.98 22.81 31.12
CA LEU I 222 -79.06 22.12 32.33
C LEU I 222 -80.45 21.57 32.24
N VAL I 223 -80.57 20.26 32.62
CA VAL I 223 -81.83 19.51 32.72
C VAL I 223 -82.01 19.21 34.16
N TYR I 224 -83.21 19.36 34.77
CA TYR I 224 -83.37 19.00 36.16
C TYR I 224 -84.00 17.65 36.34
N GLY I 225 -83.41 16.68 35.61
CA GLY I 225 -83.87 15.34 35.59
C GLY I 225 -82.89 14.45 34.84
N ILE I 226 -83.13 13.15 34.61
CA ILE I 226 -82.31 12.22 33.93
C ILE I 226 -82.57 12.37 32.46
N VAL I 227 -81.55 12.15 31.61
CA VAL I 227 -81.61 12.08 30.18
C VAL I 227 -80.93 10.90 29.70
N VAL I 228 -81.63 9.96 29.15
CA VAL I 228 -81.12 8.65 28.72
C VAL I 228 -80.81 9.03 27.27
N ASP I 229 -79.55 8.94 26.87
CA ASP I 229 -79.02 9.19 25.53
C ASP I 229 -79.75 8.37 24.44
N LYS I 230 -80.04 7.09 24.59
CA LYS I 230 -80.76 6.36 23.65
C LYS I 230 -82.24 6.80 23.48
N GLU I 231 -82.62 6.96 22.20
CA GLU I 231 -83.89 7.40 21.73
C GLU I 231 -84.99 6.30 21.57
N VAL I 232 -86.32 6.71 21.46
CA VAL I 232 -87.38 5.70 21.43
C VAL I 232 -87.32 4.70 20.28
N VAL I 233 -87.53 3.37 20.52
CA VAL I 233 -87.21 2.26 19.52
C VAL I 233 -88.02 2.48 18.21
N HIS I 234 -89.34 2.57 18.22
CA HIS I 234 -90.27 2.61 17.19
C HIS I 234 -90.88 4.04 17.34
N PRO I 235 -90.98 4.95 16.38
CA PRO I 235 -91.53 6.30 16.48
C PRO I 235 -93.06 6.36 16.43
N GLY I 236 -93.74 5.18 16.32
CA GLY I 236 -95.21 4.99 16.45
C GLY I 236 -95.69 4.96 17.88
N MET I 237 -94.74 5.00 18.81
CA MET I 237 -95.11 5.03 20.18
C MET I 237 -95.40 6.50 20.67
N PRO I 238 -95.97 6.80 21.87
CA PRO I 238 -96.20 8.15 22.40
C PRO I 238 -94.89 8.92 22.42
N LYS I 239 -94.90 10.14 21.89
CA LYS I 239 -93.72 10.99 22.03
C LYS I 239 -93.42 11.35 23.46
N ARG I 240 -94.53 11.68 24.09
CA ARG I 240 -94.68 12.07 25.50
C ARG I 240 -95.59 11.19 26.24
N LEU I 241 -95.16 10.62 27.39
CA LEU I 241 -95.91 9.76 28.17
C LEU I 241 -96.25 10.46 29.48
N GLU I 242 -97.51 10.37 29.98
CA GLU I 242 -98.05 10.78 31.24
C GLU I 242 -97.94 9.80 32.35
N ASN I 243 -97.50 10.16 33.56
CA ASN I 243 -97.38 9.37 34.79
C ASN I 243 -96.48 8.15 34.65
N ALA I 244 -95.19 8.33 34.17
CA ALA I 244 -94.16 7.28 33.84
C ALA I 244 -93.81 6.36 35.00
N LYS I 245 -94.18 5.03 34.82
CA LYS I 245 -93.85 4.03 35.76
C LYS I 245 -92.76 3.30 34.94
N ILE I 246 -91.47 3.81 35.00
CA ILE I 246 -90.36 3.14 34.34
C ILE I 246 -90.25 1.66 34.69
N ALA I 247 -89.92 0.86 33.72
CA ALA I 247 -89.66 -0.56 33.90
C ALA I 247 -88.39 -0.96 33.21
N LEU I 248 -87.29 -1.01 33.93
CA LEU I 248 -85.94 -1.34 33.70
C LEU I 248 -85.67 -2.87 33.59
N ILE I 249 -85.73 -3.39 32.36
CA ILE I 249 -85.58 -4.80 32.00
C ILE I 249 -84.25 -5.16 31.52
N ASP I 250 -83.44 -5.85 32.36
CA ASP I 250 -82.13 -6.39 31.96
C ASP I 250 -82.27 -7.56 30.96
N ALA I 251 -83.30 -8.40 31.14
CA ALA I 251 -83.47 -9.54 30.24
C ALA I 251 -83.69 -9.23 28.77
N SER I 252 -83.39 -10.21 27.84
CA SER I 252 -83.87 -9.99 26.47
C SER I 252 -85.35 -9.97 26.25
N LEU I 253 -85.87 -9.03 25.45
CA LEU I 253 -87.33 -9.08 25.14
C LEU I 253 -87.52 -9.23 23.64
N GLU I 254 -86.48 -9.66 22.92
CA GLU I 254 -86.37 -9.88 21.50
C GLU I 254 -86.37 -11.39 21.23
N VAL I 255 -87.12 -11.91 20.22
CA VAL I 255 -87.09 -13.35 19.97
C VAL I 255 -85.73 -13.89 19.49
N GLU I 256 -85.19 -15.03 19.94
CA GLU I 256 -83.91 -15.55 19.55
C GLU I 256 -84.06 -16.93 18.88
N LYS I 257 -83.06 -17.42 18.08
CA LYS I 257 -83.09 -18.72 17.43
C LYS I 257 -82.99 -19.84 18.43
N PRO I 258 -83.44 -21.09 18.31
CA PRO I 258 -83.35 -22.02 19.41
C PRO I 258 -81.93 -22.33 19.80
N GLU I 259 -81.71 -22.65 21.08
CA GLU I 259 -80.51 -23.07 21.63
C GLU I 259 -80.61 -23.80 22.93
N LEU I 260 -81.84 -23.87 23.51
CA LEU I 260 -82.28 -24.65 24.72
C LEU I 260 -83.57 -25.34 24.75
N ASP I 261 -84.25 -25.22 23.68
CA ASP I 261 -85.56 -25.92 23.49
C ASP I 261 -85.47 -27.43 23.36
N ALA I 262 -84.25 -27.91 22.89
CA ALA I 262 -83.86 -29.23 22.61
C ALA I 262 -82.33 -29.27 22.56
N GLU I 263 -81.66 -30.35 23.02
CA GLU I 263 -80.27 -30.42 22.91
C GLU I 263 -79.82 -30.91 21.52
N ILE I 264 -80.65 -31.68 20.84
CA ILE I 264 -80.40 -32.20 19.44
C ILE I 264 -80.54 -31.12 18.43
N ARG I 265 -79.82 -31.28 17.28
CA ARG I 265 -79.77 -30.40 16.15
C ARG I 265 -81.09 -30.45 15.45
N ILE I 266 -81.62 -29.29 15.25
CA ILE I 266 -82.87 -29.05 14.55
C ILE I 266 -82.71 -29.04 13.00
N ASN I 267 -83.22 -30.04 12.25
CA ASN I 267 -82.99 -30.10 10.82
C ASN I 267 -84.29 -29.99 10.01
N ASP I 268 -85.45 -30.17 10.67
CA ASP I 268 -86.77 -30.19 10.10
C ASP I 268 -87.48 -28.93 10.08
N PRO I 269 -87.94 -28.42 9.01
CA PRO I 269 -88.69 -27.13 9.14
C PRO I 269 -89.97 -27.11 9.87
N THR I 270 -90.63 -28.30 10.15
CA THR I 270 -91.78 -28.40 11.06
C THR I 270 -91.31 -28.08 12.46
N GLN I 271 -90.13 -28.50 12.81
CA GLN I 271 -89.60 -28.21 14.08
C GLN I 271 -89.19 -26.71 14.22
N MET I 272 -88.59 -26.09 13.24
CA MET I 272 -88.12 -24.72 13.25
C MET I 272 -89.16 -23.67 13.59
N GLN I 273 -90.16 -23.55 12.67
CA GLN I 273 -91.42 -22.82 12.81
C GLN I 273 -92.11 -22.96 14.13
N LYS I 274 -92.62 -24.18 14.43
CA LYS I 274 -93.39 -24.49 15.68
C LYS I 274 -92.70 -24.16 17.00
N PHE I 275 -91.39 -23.89 17.00
CA PHE I 275 -90.53 -23.38 18.06
C PHE I 275 -90.59 -21.88 18.07
N LEU I 276 -90.33 -21.27 16.91
CA LEU I 276 -90.33 -19.81 16.76
C LEU I 276 -91.76 -19.23 16.93
N ASP I 277 -92.70 -20.11 16.73
CA ASP I 277 -94.11 -19.82 17.07
C ASP I 277 -94.39 -19.73 18.55
N GLU I 278 -93.98 -20.75 19.39
CA GLU I 278 -94.15 -20.69 20.85
C GLU I 278 -93.30 -19.58 21.49
N GLU I 279 -92.11 -19.24 20.86
CA GLU I 279 -91.20 -18.21 21.23
C GLU I 279 -91.76 -16.80 20.98
N GLU I 280 -92.59 -16.68 19.93
CA GLU I 280 -93.31 -15.47 19.64
C GLU I 280 -94.48 -15.24 20.45
N ASN I 281 -95.29 -16.33 20.81
CA ASN I 281 -96.42 -16.08 21.68
C ASN I 281 -95.91 -15.92 23.18
N LEU I 282 -94.64 -16.39 23.44
CA LEU I 282 -93.86 -16.22 24.67
C LEU I 282 -93.42 -14.84 24.91
N ILE I 283 -92.99 -14.19 23.83
CA ILE I 283 -92.48 -12.79 23.94
C ILE I 283 -93.57 -11.84 24.20
N LYS I 284 -94.77 -12.00 23.61
CA LYS I 284 -95.97 -11.21 24.02
C LYS I 284 -96.40 -11.50 25.48
N GLU I 285 -96.13 -12.72 26.00
CA GLU I 285 -96.38 -13.15 27.37
C GLU I 285 -95.40 -12.41 28.34
N LYS I 286 -94.04 -12.52 28.03
CA LYS I 286 -93.08 -11.77 28.81
C LYS I 286 -93.34 -10.30 28.88
N VAL I 287 -93.60 -9.62 27.74
CA VAL I 287 -93.97 -8.23 27.68
C VAL I 287 -95.23 -8.00 28.44
N ASP I 288 -96.31 -8.80 28.28
CA ASP I 288 -97.52 -8.57 29.01
C ASP I 288 -97.36 -8.85 30.51
N LYS I 289 -96.50 -9.76 30.86
CA LYS I 289 -96.19 -10.17 32.25
C LYS I 289 -95.52 -9.03 32.97
N ILE I 290 -94.88 -8.14 32.23
CA ILE I 290 -94.32 -6.90 32.80
C ILE I 290 -95.34 -5.77 32.85
N LEU I 291 -96.09 -5.60 31.81
CA LEU I 291 -97.22 -4.64 31.74
C LEU I 291 -98.47 -4.88 32.68
N ALA I 292 -98.58 -6.12 33.20
CA ALA I 292 -99.40 -6.60 34.27
C ALA I 292 -99.26 -5.91 35.66
N THR I 293 -98.21 -5.22 35.87
CA THR I 293 -97.75 -4.54 37.05
C THR I 293 -98.02 -3.05 37.03
N GLY I 294 -98.29 -2.56 35.82
CA GLY I 294 -98.70 -1.17 35.67
C GLY I 294 -97.51 -0.33 35.26
N ALA I 295 -96.52 -1.06 34.59
CA ALA I 295 -95.36 -0.61 33.96
C ALA I 295 -95.78 0.05 32.67
N ASN I 296 -95.75 1.39 32.52
CA ASN I 296 -96.25 2.04 31.24
C ASN I 296 -95.14 2.63 30.40
N VAL I 297 -93.88 2.36 30.78
CA VAL I 297 -92.63 2.66 29.96
C VAL I 297 -91.82 1.45 30.18
N ILE I 298 -91.00 1.00 29.16
CA ILE I 298 -90.22 -0.22 29.17
C ILE I 298 -88.90 0.07 28.45
N ILE I 299 -87.85 -0.10 29.19
CA ILE I 299 -86.46 0.19 28.77
C ILE I 299 -85.79 -1.10 28.96
N CYS I 300 -84.81 -1.37 28.00
CA CYS I 300 -84.00 -2.51 27.89
C CYS I 300 -82.54 -2.14 27.62
N GLN I 301 -81.70 -3.11 27.63
CA GLN I 301 -80.30 -3.07 27.46
C GLN I 301 -79.86 -3.82 26.24
N LYS I 302 -80.74 -4.70 25.85
CA LYS I 302 -80.91 -5.73 24.77
C LYS I 302 -82.11 -5.27 23.92
N GLY I 303 -82.59 -6.08 23.00
CA GLY I 303 -83.70 -5.63 22.09
C GLY I 303 -85.07 -5.82 22.73
N ILE I 304 -86.08 -5.38 21.93
CA ILE I 304 -87.46 -5.68 22.19
C ILE I 304 -88.07 -6.09 20.80
N ASP I 305 -88.64 -7.28 20.60
CA ASP I 305 -89.13 -7.79 19.30
C ASP I 305 -90.05 -6.89 18.39
N GLU I 306 -89.98 -7.24 17.06
CA GLU I 306 -90.74 -6.51 16.09
C GLU I 306 -92.22 -6.90 16.22
N VAL I 307 -92.59 -8.05 16.76
CA VAL I 307 -93.97 -8.43 17.04
C VAL I 307 -94.48 -7.73 18.24
N ALA I 308 -93.56 -7.46 19.23
CA ALA I 308 -93.68 -6.76 20.48
C ALA I 308 -93.81 -5.26 20.31
N GLN I 309 -93.46 -4.68 19.14
CA GLN I 309 -93.61 -3.25 18.97
C GLN I 309 -95.13 -2.97 18.80
N SER I 310 -95.76 -3.74 17.93
CA SER I 310 -97.17 -3.57 17.63
C SER I 310 -98.16 -3.71 18.86
N TYR I 311 -97.65 -4.53 19.78
CA TYR I 311 -98.28 -4.86 21.04
C TYR I 311 -98.05 -3.71 21.95
N LEU I 312 -96.86 -3.19 22.09
CA LEU I 312 -96.60 -2.08 22.94
C LEU I 312 -97.29 -0.75 22.42
N ALA I 313 -97.44 -0.56 21.15
CA ALA I 313 -98.13 0.67 20.51
C ALA I 313 -99.60 0.71 20.81
N LYS I 314 -100.22 -0.52 20.71
CA LYS I 314 -101.57 -0.76 21.17
C LYS I 314 -101.85 -0.73 22.73
N LYS I 315 -100.76 -1.03 23.45
CA LYS I 315 -100.74 -0.81 24.90
C LYS I 315 -100.51 0.62 25.32
N GLY I 316 -99.89 1.41 24.47
CA GLY I 316 -99.69 2.84 24.77
C GLY I 316 -98.40 2.92 25.60
N VAL I 317 -97.36 2.02 25.32
CA VAL I 317 -96.09 2.00 25.98
C VAL I 317 -95.03 2.87 25.29
N LEU I 318 -94.18 3.50 26.08
CA LEU I 318 -93.06 4.28 25.55
C LEU I 318 -91.83 3.40 25.80
N ALA I 319 -91.20 2.89 24.74
CA ALA I 319 -90.15 1.94 24.95
C ALA I 319 -88.86 2.49 24.33
N VAL I 320 -87.71 2.16 24.93
CA VAL I 320 -86.41 2.41 24.50
C VAL I 320 -85.66 1.06 24.40
N ARG I 321 -84.82 0.82 23.28
CA ARG I 321 -84.05 -0.41 23.27
C ARG I 321 -82.56 -0.29 23.22
N ARG I 322 -81.75 -1.27 23.77
CA ARG I 322 -80.29 -1.26 23.81
C ARG I 322 -79.62 -0.13 24.53
N ALA I 323 -80.12 0.30 25.73
CA ALA I 323 -79.57 1.40 26.53
C ALA I 323 -78.28 0.92 27.21
N LYS I 324 -77.32 1.84 27.37
CA LYS I 324 -76.00 1.55 28.04
C LYS I 324 -76.09 1.44 29.51
N LYS I 325 -75.32 0.44 30.12
CA LYS I 325 -75.48 0.19 31.59
C LYS I 325 -75.30 1.36 32.51
N SER I 326 -74.44 2.32 32.11
CA SER I 326 -74.36 3.68 32.70
C SER I 326 -75.75 4.45 32.83
N ASP I 327 -76.75 4.32 31.98
CA ASP I 327 -77.85 5.17 32.04
C ASP I 327 -79.00 4.40 32.71
N LEU I 328 -78.99 3.08 32.75
CA LEU I 328 -79.90 2.33 33.61
C LEU I 328 -79.63 2.70 35.08
N GLU I 329 -78.29 2.82 35.45
CA GLU I 329 -77.82 3.21 36.70
C GLU I 329 -78.30 4.63 37.11
N LYS I 330 -78.05 5.63 36.26
CA LYS I 330 -78.52 7.00 36.58
C LYS I 330 -80.04 7.13 36.68
N LEU I 331 -80.79 6.26 36.02
CA LEU I 331 -82.23 6.26 36.07
C LEU I 331 -82.75 5.45 37.20
N ALA I 332 -82.04 4.46 37.68
CA ALA I 332 -82.33 3.64 38.90
C ALA I 332 -82.41 4.51 40.11
N ARG I 333 -81.26 5.09 40.49
CA ARG I 333 -81.07 5.88 41.69
C ARG I 333 -81.74 7.33 41.56
N ALA I 334 -82.46 7.56 40.44
CA ALA I 334 -83.27 8.72 40.16
C ALA I 334 -84.79 8.47 40.36
N THR I 335 -85.32 7.33 39.86
CA THR I 335 -86.79 7.12 39.88
C THR I 335 -87.22 6.20 41.00
N GLY I 336 -86.21 5.53 41.54
CA GLY I 336 -86.28 4.59 42.63
C GLY I 336 -86.54 3.23 42.17
N GLY I 337 -86.48 3.01 40.87
CA GLY I 337 -86.61 1.74 40.25
C GLY I 337 -85.35 0.86 40.41
N ARG I 338 -85.36 -0.36 39.94
CA ARG I 338 -84.23 -1.24 40.12
C ARG I 338 -84.07 -1.85 38.75
N VAL I 339 -82.85 -2.38 38.31
CA VAL I 339 -82.72 -3.11 37.11
C VAL I 339 -83.00 -4.54 37.30
N VAL I 340 -84.11 -5.02 36.70
CA VAL I 340 -84.65 -6.28 37.03
C VAL I 340 -83.92 -7.34 36.21
N SER I 341 -83.36 -8.37 36.93
CA SER I 341 -82.65 -9.41 36.21
C SER I 341 -83.55 -10.27 35.33
N ASN I 342 -84.72 -10.78 35.85
CA ASN I 342 -85.62 -11.61 35.16
C ASN I 342 -87.06 -11.03 35.21
N ILE I 343 -87.76 -11.02 34.04
CA ILE I 343 -89.09 -10.48 33.79
C ILE I 343 -90.27 -10.94 34.73
N ASP I 344 -90.23 -12.18 35.33
CA ASP I 344 -91.18 -12.77 36.24
C ASP I 344 -91.09 -12.32 37.68
N GLU I 345 -90.26 -11.28 37.97
CA GLU I 345 -89.98 -10.86 39.29
C GLU I 345 -90.26 -9.37 39.44
N ILE I 346 -90.61 -8.63 38.36
CA ILE I 346 -90.85 -7.19 38.45
C ILE I 346 -92.15 -6.86 39.26
N SER I 347 -92.05 -5.91 40.16
CA SER I 347 -93.08 -5.54 41.11
C SER I 347 -93.37 -4.00 41.17
N GLU I 348 -94.23 -3.52 42.07
CA GLU I 348 -94.43 -2.10 42.41
C GLU I 348 -93.17 -1.38 43.03
N GLN I 349 -92.07 -2.11 43.45
CA GLN I 349 -90.81 -1.52 43.89
C GLN I 349 -89.72 -1.68 42.90
N ASP I 350 -90.03 -2.43 41.80
CA ASP I 350 -88.90 -2.51 40.77
C ASP I 350 -89.14 -1.60 39.65
N LEU I 351 -90.41 -1.00 39.58
CA LEU I 351 -90.75 0.05 38.60
C LEU I 351 -90.38 1.39 39.15
N GLY I 352 -89.96 2.39 38.34
CA GLY I 352 -89.62 3.71 38.81
C GLY I 352 -90.75 4.66 38.80
N TYR I 353 -90.55 5.79 39.47
CA TYR I 353 -91.71 6.70 39.42
C TYR I 353 -91.22 7.99 38.81
N ALA I 354 -91.87 8.48 37.79
CA ALA I 354 -91.47 9.78 37.30
C ALA I 354 -92.80 10.40 36.78
N SER I 355 -93.00 11.72 36.87
CA SER I 355 -94.15 12.42 36.46
C SER I 355 -94.50 12.34 35.05
N LEU I 356 -93.48 12.42 34.20
CA LEU I 356 -93.59 12.38 32.77
C LEU I 356 -92.33 11.91 32.15
N ILE I 357 -92.29 10.93 31.18
CA ILE I 357 -91.11 10.56 30.38
C ILE I 357 -91.41 10.99 28.98
N GLU I 358 -90.47 11.50 28.16
CA GLU I 358 -90.73 11.95 26.81
C GLU I 358 -89.52 11.78 26.00
N GLU I 359 -89.61 12.06 24.77
CA GLU I 359 -88.47 12.12 23.90
C GLU I 359 -88.50 13.46 23.21
N ARG I 360 -87.35 14.17 23.30
CA ARG I 360 -87.22 15.50 22.88
C ARG I 360 -85.93 15.68 22.09
N LYS I 361 -86.08 16.45 20.93
CA LYS I 361 -85.04 16.68 19.94
C LYS I 361 -84.30 17.95 20.34
N VAL I 362 -82.94 17.89 20.29
CA VAL I 362 -82.19 19.06 20.78
C VAL I 362 -81.29 19.50 19.68
N GLY I 363 -81.78 19.62 18.48
CA GLY I 363 -80.95 20.03 17.36
C GLY I 363 -80.75 18.80 16.55
N GLU I 364 -79.50 18.41 16.35
CA GLU I 364 -79.10 17.23 15.61
C GLU I 364 -79.81 15.89 15.95
N ASP I 365 -79.85 15.54 17.21
CA ASP I 365 -80.38 14.27 17.62
C ASP I 365 -81.42 14.43 18.69
N LYS I 366 -82.11 13.32 19.03
CA LYS I 366 -83.10 13.30 20.09
C LYS I 366 -82.70 12.25 21.10
N MET I 367 -83.03 12.60 22.34
CA MET I 367 -82.82 11.76 23.51
C MET I 367 -84.07 11.57 24.22
N VAL I 368 -84.08 10.59 25.19
CA VAL I 368 -85.27 10.39 26.04
C VAL I 368 -84.90 11.23 27.33
N PHE I 369 -85.87 12.00 27.81
CA PHE I 369 -85.64 12.85 28.96
C PHE I 369 -86.60 12.24 29.95
N VAL I 370 -86.22 12.35 31.25
CA VAL I 370 -86.90 11.83 32.38
C VAL I 370 -86.97 12.82 33.49
N GLU I 371 -87.64 13.98 33.15
CA GLU I 371 -88.02 15.01 34.11
C GLU I 371 -89.20 14.55 35.03
N GLY I 372 -89.26 15.13 36.26
CA GLY I 372 -90.33 14.81 37.25
C GLY I 372 -90.08 13.56 38.04
N ALA I 373 -88.80 13.13 38.06
CA ALA I 373 -88.35 11.92 38.61
C ALA I 373 -88.52 12.05 40.14
N LYS I 374 -88.55 10.92 40.82
CA LYS I 374 -88.61 10.87 42.32
C LYS I 374 -87.57 11.70 43.00
N ASN I 375 -86.28 11.39 42.73
CA ASN I 375 -85.12 12.05 43.34
C ASN I 375 -84.91 13.46 42.76
N PRO I 376 -85.06 14.58 43.53
CA PRO I 376 -84.90 15.89 42.93
C PRO I 376 -83.50 16.26 42.79
N LYS I 377 -82.52 15.66 43.52
CA LYS I 377 -81.09 15.95 43.33
C LYS I 377 -80.50 15.50 41.97
N SER I 378 -80.97 14.36 41.47
CA SER I 378 -80.63 13.73 40.17
C SER I 378 -80.93 14.65 39.00
N ILE I 379 -79.96 15.21 38.32
CA ILE I 379 -80.02 16.17 37.25
C ILE I 379 -79.15 15.72 36.10
N SER I 380 -79.26 16.34 34.93
CA SER I 380 -78.38 15.91 33.87
C SER I 380 -77.93 17.17 33.26
N ILE I 381 -76.80 17.18 32.58
CA ILE I 381 -76.26 18.26 31.85
C ILE I 381 -76.14 17.84 30.41
N LEU I 382 -76.49 18.70 29.47
CA LEU I 382 -76.45 18.33 28.08
C LEU I 382 -75.52 19.06 27.21
N ILE I 383 -74.52 18.30 26.75
CA ILE I 383 -73.46 18.75 25.91
C ILE I 383 -73.85 18.60 24.46
N ARG I 384 -73.45 19.68 23.74
CA ARG I 384 -73.51 19.81 22.33
C ARG I 384 -72.25 20.62 22.19
N GLY I 385 -71.43 20.43 21.10
CA GLY I 385 -70.16 21.25 21.05
C GLY I 385 -69.40 20.90 19.80
N GLY I 386 -70.03 20.96 18.62
CA GLY I 386 -69.40 20.66 17.31
C GLY I 386 -68.97 19.25 17.12
N LEU I 387 -67.94 19.12 16.26
CA LEU I 387 -67.30 17.89 15.82
C LEU I 387 -67.03 16.83 16.90
N GLU I 388 -66.88 15.55 16.48
CA GLU I 388 -66.70 14.39 17.33
C GLU I 388 -65.58 14.41 18.34
N ARG I 389 -64.55 15.34 18.14
CA ARG I 389 -63.44 15.41 19.01
C ARG I 389 -63.55 16.72 19.81
N LEU I 390 -64.13 17.81 19.28
CA LEU I 390 -64.50 19.06 20.05
C LEU I 390 -65.50 18.78 21.12
N VAL I 391 -66.50 17.89 20.90
CA VAL I 391 -67.57 17.46 21.82
C VAL I 391 -67.04 16.66 22.97
N ASP I 392 -66.12 15.73 22.73
CA ASP I 392 -65.37 15.01 23.73
C ASP I 392 -64.58 15.93 24.65
N GLU I 393 -63.83 16.90 24.12
CA GLU I 393 -62.95 17.73 24.94
C GLU I 393 -63.76 18.79 25.75
N THR I 394 -65.05 18.99 25.28
CA THR I 394 -66.07 19.87 25.96
C THR I 394 -66.57 19.13 27.21
N GLU I 395 -66.63 17.79 27.14
CA GLU I 395 -66.90 16.91 28.23
C GLU I 395 -65.84 16.81 29.20
N ARG I 396 -64.64 16.88 28.76
CA ARG I 396 -63.38 16.88 29.58
C ARG I 396 -63.33 18.20 30.45
N ALA I 397 -63.42 19.34 29.77
CA ALA I 397 -63.52 20.63 30.35
C ALA I 397 -64.71 20.76 31.34
N LEU I 398 -65.91 20.27 31.00
CA LEU I 398 -67.11 20.28 31.82
C LEU I 398 -67.00 19.44 33.08
N ARG I 399 -66.35 18.25 32.90
CA ARG I 399 -66.12 17.33 34.04
C ARG I 399 -65.26 17.93 35.10
N ASP I 400 -64.17 18.38 34.63
CA ASP I 400 -63.17 19.03 35.47
C ASP I 400 -63.74 20.31 36.06
N ALA I 401 -64.44 21.15 35.34
CA ALA I 401 -65.12 22.33 35.84
C ALA I 401 -66.10 22.10 36.96
N LEU I 402 -66.96 21.02 36.84
CA LEU I 402 -68.01 20.61 37.81
C LEU I 402 -67.31 20.17 39.11
N GLY I 403 -66.45 19.17 38.94
CA GLY I 403 -65.53 18.64 39.97
C GLY I 403 -64.90 19.75 40.74
N THR I 404 -64.20 20.66 40.00
CA THR I 404 -63.48 21.75 40.58
C THR I 404 -64.34 22.58 41.45
N VAL I 405 -65.53 23.08 40.96
CA VAL I 405 -66.56 23.77 41.76
C VAL I 405 -67.15 22.96 42.99
N ALA I 406 -67.40 21.69 42.76
CA ALA I 406 -67.82 20.85 43.83
C ALA I 406 -66.71 20.59 44.89
N ASP I 407 -65.41 20.53 44.54
CA ASP I 407 -64.34 20.35 45.56
C ASP I 407 -64.19 21.50 46.44
N VAL I 408 -64.37 22.73 45.86
CA VAL I 408 -64.29 24.02 46.61
C VAL I 408 -65.31 24.07 47.69
N ILE I 409 -66.57 23.58 47.46
CA ILE I 409 -67.62 23.49 48.48
C ILE I 409 -67.21 22.43 49.53
N LYS I 410 -66.75 21.25 49.06
CA LYS I 410 -66.36 20.07 49.87
C LYS I 410 -65.25 20.43 50.82
N ASP I 411 -64.42 21.44 50.52
CA ASP I 411 -63.38 21.89 51.42
C ASP I 411 -63.91 23.11 52.10
N GLY I 412 -63.94 24.24 51.36
CA GLY I 412 -64.48 25.47 51.78
C GLY I 412 -63.56 26.64 51.80
N ARG I 413 -62.35 26.56 51.23
CA ARG I 413 -61.35 27.70 51.17
C ARG I 413 -61.01 28.07 49.70
N ALA I 414 -60.90 29.40 49.40
CA ALA I 414 -60.53 29.87 48.02
C ALA I 414 -59.75 31.19 48.08
N ILE I 415 -58.63 31.21 47.27
CA ILE I 415 -57.60 32.27 47.21
C ILE I 415 -57.65 32.91 45.81
N ALA I 416 -57.04 34.09 45.55
CA ALA I 416 -56.91 34.72 44.23
C ALA I 416 -55.79 33.96 43.51
N GLY I 417 -56.04 33.59 42.26
CA GLY I 417 -54.89 33.15 41.41
C GLY I 417 -54.08 34.31 40.89
N GLY I 418 -53.31 34.06 39.76
CA GLY I 418 -52.46 35.06 39.05
C GLY I 418 -51.18 35.48 39.56
N GLY I 419 -50.57 34.70 40.49
CA GLY I 419 -49.23 34.92 41.07
C GLY I 419 -49.37 35.43 42.49
N ALA I 420 -50.58 35.72 42.93
CA ALA I 420 -50.79 36.32 44.24
C ALA I 420 -50.20 35.66 45.45
N VAL I 421 -50.58 34.38 45.64
CA VAL I 421 -50.11 33.65 46.82
C VAL I 421 -48.61 33.40 46.76
N GLU I 422 -48.02 33.29 45.58
CA GLU I 422 -46.65 33.05 45.24
C GLU I 422 -45.78 34.13 45.79
N ILE I 423 -45.94 35.37 45.25
CA ILE I 423 -45.26 36.56 45.71
C ILE I 423 -45.28 36.84 47.19
N GLU I 424 -46.47 36.58 47.85
CA GLU I 424 -46.43 36.77 49.30
C GLU I 424 -45.58 35.72 50.11
N ILE I 425 -45.83 34.34 49.92
CA ILE I 425 -45.06 33.29 50.42
C ILE I 425 -43.58 33.43 50.10
N ALA I 426 -43.26 34.10 49.02
CA ALA I 426 -41.95 34.42 48.56
C ALA I 426 -41.40 35.48 49.50
N LYS I 427 -41.86 36.70 49.41
CA LYS I 427 -41.59 37.84 50.26
C LYS I 427 -41.38 37.40 51.76
N LYS I 428 -42.36 36.69 52.34
CA LYS I 428 -42.38 36.15 53.72
C LYS I 428 -41.26 35.26 53.95
N LEU I 429 -40.79 34.46 52.97
CA LEU I 429 -39.71 33.54 53.14
C LEU I 429 -38.38 34.29 53.17
N ARG I 430 -38.20 35.31 52.34
CA ARG I 430 -37.03 36.11 52.13
C ARG I 430 -36.65 36.83 53.42
N LYS I 431 -37.71 37.33 54.12
CA LYS I 431 -37.72 37.77 55.51
C LYS I 431 -37.60 36.72 56.58
N TYR I 432 -37.99 35.49 56.35
CA TYR I 432 -37.88 34.38 57.30
C TYR I 432 -36.38 33.92 57.38
N ALA I 433 -35.86 33.67 56.23
CA ALA I 433 -34.48 33.29 55.92
C ALA I 433 -33.41 33.85 56.81
N PRO I 434 -33.13 35.11 57.06
CA PRO I 434 -32.16 35.61 58.07
C PRO I 434 -32.04 34.88 59.41
N GLN I 435 -33.19 34.56 59.99
CA GLN I 435 -33.46 34.08 61.34
C GLN I 435 -33.31 32.54 61.48
N VAL I 436 -33.42 31.81 60.35
CA VAL I 436 -33.37 30.38 60.33
C VAL I 436 -31.98 29.88 60.42
N GLY I 437 -30.99 30.71 60.14
CA GLY I 437 -29.62 30.38 60.45
C GLY I 437 -28.74 30.39 59.24
N GLY I 438 -27.59 29.64 59.33
CA GLY I 438 -26.56 29.63 58.30
C GLY I 438 -26.91 29.10 56.96
N LYS I 439 -26.76 27.73 56.72
CA LYS I 439 -27.02 27.09 55.47
C LYS I 439 -28.47 27.01 55.13
N GLU I 440 -29.42 26.63 56.04
CA GLU I 440 -30.91 26.74 55.80
C GLU I 440 -31.47 28.03 55.27
N GLN I 441 -30.87 29.23 55.54
CA GLN I 441 -31.24 30.57 55.02
C GLN I 441 -31.19 30.54 53.55
N LEU I 442 -30.05 30.06 53.00
CA LEU I 442 -29.84 29.87 51.55
C LEU I 442 -30.89 28.97 50.88
N ALA I 443 -31.29 27.88 51.57
CA ALA I 443 -32.40 27.04 51.13
C ALA I 443 -33.73 27.74 51.03
N VAL I 444 -34.10 28.45 52.09
CA VAL I 444 -35.31 29.29 52.17
C VAL I 444 -35.25 30.42 51.13
N GLU I 445 -34.14 31.22 50.98
CA GLU I 445 -34.06 32.18 49.89
C GLU I 445 -34.29 31.50 48.53
N ALA I 446 -33.80 30.24 48.34
CA ALA I 446 -33.94 29.47 47.07
C ALA I 446 -35.44 29.17 46.81
N TYR I 447 -36.03 28.54 47.87
CA TYR I 447 -37.44 28.17 47.94
C TYR I 447 -38.33 29.43 47.52
N ALA I 448 -37.93 30.61 47.94
CA ALA I 448 -38.52 31.90 47.65
C ALA I 448 -38.34 32.32 46.18
N ASN I 449 -37.07 32.25 45.65
CA ASN I 449 -36.69 32.41 44.23
C ASN I 449 -37.49 31.46 43.37
N ALA I 450 -37.65 30.16 43.75
CA ALA I 450 -38.55 29.26 42.99
C ALA I 450 -40.06 29.66 42.88
N LEU I 451 -40.61 30.21 43.97
CA LEU I 451 -42.04 30.68 43.97
C LEU I 451 -42.28 31.86 43.08
N GLU I 452 -41.33 32.81 43.02
CA GLU I 452 -41.36 33.98 42.07
C GLU I 452 -41.17 33.53 40.66
N SER I 453 -40.31 32.54 40.37
CA SER I 453 -40.09 31.87 39.11
C SER I 453 -41.36 31.35 38.48
N LEU I 454 -42.24 30.78 39.33
CA LEU I 454 -43.47 30.13 38.82
C LEU I 454 -44.33 31.03 37.97
N VAL I 455 -44.61 32.21 38.50
CA VAL I 455 -45.29 33.32 37.95
C VAL I 455 -44.43 34.00 36.82
N SER I 456 -43.11 33.94 36.93
CA SER I 456 -42.27 34.49 35.91
C SER I 456 -42.41 33.70 34.58
N ILE I 457 -42.31 32.38 34.62
CA ILE I 457 -42.58 31.42 33.53
C ILE I 457 -43.99 31.65 32.89
N LEU I 458 -45.04 31.88 33.76
CA LEU I 458 -46.41 32.29 33.33
C LEU I 458 -46.57 33.68 32.56
N ILE I 459 -45.87 34.70 33.11
CA ILE I 459 -45.74 36.00 32.49
C ILE I 459 -45.06 35.84 31.09
N GLU I 460 -43.87 35.10 31.13
CA GLU I 460 -43.19 34.70 29.89
C GLU I 460 -44.11 34.18 28.77
N ASN I 461 -44.80 33.12 29.03
CA ASN I 461 -45.72 32.48 28.16
C ASN I 461 -46.86 33.34 27.79
N ALA I 462 -47.04 34.51 28.44
CA ALA I 462 -47.99 35.45 28.02
C ALA I 462 -47.57 36.41 26.93
N GLY I 463 -46.32 36.58 26.79
CA GLY I 463 -45.65 37.41 25.74
C GLY I 463 -45.19 38.73 26.21
N PHE I 464 -45.08 38.82 27.51
CA PHE I 464 -44.63 40.02 28.19
C PHE I 464 -43.31 39.63 28.87
N ASP I 465 -42.48 40.63 29.19
CA ASP I 465 -41.16 40.54 29.84
C ASP I 465 -41.17 40.02 31.31
N PRO I 466 -40.85 38.81 31.66
CA PRO I 466 -40.95 38.30 32.99
C PRO I 466 -40.27 39.07 34.09
N ILE I 467 -38.99 39.51 33.94
CA ILE I 467 -38.29 40.16 35.00
C ILE I 467 -38.96 41.48 35.28
N ASP I 468 -39.21 42.25 34.22
CA ASP I 468 -39.84 43.60 34.27
C ASP I 468 -41.13 43.55 35.04
N LEU I 469 -42.11 42.68 34.66
CA LEU I 469 -43.35 42.48 35.33
C LEU I 469 -43.27 41.94 36.71
N LEU I 470 -42.40 40.92 37.00
CA LEU I 470 -42.09 40.41 38.29
C LEU I 470 -41.61 41.46 39.29
N MET I 471 -40.66 42.34 38.90
CA MET I 471 -40.26 43.47 39.77
C MET I 471 -41.39 44.37 39.98
N LYS I 472 -42.15 44.75 38.93
CA LYS I 472 -43.36 45.52 39.11
C LYS I 472 -44.49 44.92 40.00
N LEU I 473 -44.46 43.52 40.05
CA LEU I 473 -45.46 42.73 40.69
C LEU I 473 -45.16 42.63 42.16
N ARG I 474 -43.97 42.22 42.59
CA ARG I 474 -43.65 42.32 43.97
C ARG I 474 -43.55 43.71 44.59
N SER I 475 -43.61 44.84 43.73
CA SER I 475 -43.61 46.21 44.22
C SER I 475 -45.05 46.67 44.51
N THR I 476 -45.96 46.30 43.53
CA THR I 476 -47.42 46.47 43.74
C THR I 476 -48.00 45.59 44.72
N HIS I 477 -47.14 44.87 45.51
CA HIS I 477 -47.55 43.87 46.50
C HIS I 477 -47.00 44.15 47.92
N GLU I 478 -46.18 45.21 48.11
CA GLU I 478 -45.45 45.45 49.36
C GLU I 478 -46.43 45.62 50.51
N ASN I 479 -47.52 46.36 50.30
CA ASN I 479 -48.56 46.65 51.24
C ASN I 479 -49.64 45.53 51.34
N GLU I 480 -50.33 45.50 52.45
CA GLU I 480 -51.36 44.52 52.98
C GLU I 480 -52.67 44.48 52.23
N ASN I 481 -53.12 45.47 51.47
CA ASN I 481 -54.35 45.57 50.69
C ASN I 481 -54.16 44.99 49.22
N ASN I 482 -52.99 44.50 48.94
CA ASN I 482 -52.49 43.93 47.74
C ASN I 482 -52.19 42.44 47.78
N LYS I 483 -52.98 41.65 48.58
CA LYS I 483 -52.77 40.25 48.70
C LYS I 483 -53.20 39.47 47.49
N TRP I 484 -54.36 39.85 46.91
CA TRP I 484 -55.03 39.20 45.77
C TRP I 484 -54.56 39.77 44.43
N TYR I 485 -53.47 40.56 44.46
CA TYR I 485 -52.83 41.17 43.32
C TYR I 485 -51.93 40.20 42.57
N GLY I 486 -52.05 40.22 41.31
CA GLY I 486 -51.32 39.33 40.42
C GLY I 486 -50.96 40.08 39.21
N ILE I 487 -50.68 39.33 38.15
CA ILE I 487 -50.27 39.82 36.85
C ILE I 487 -51.21 39.50 35.70
N ASP I 488 -51.79 40.60 35.20
CA ASP I 488 -52.76 40.51 34.12
C ASP I 488 -52.13 39.87 32.78
N LEU I 489 -52.54 38.66 32.41
CA LEU I 489 -51.85 38.07 31.33
C LEU I 489 -52.42 38.45 29.94
N TYR I 490 -53.21 39.55 29.81
CA TYR I 490 -53.74 40.02 28.57
C TYR I 490 -53.61 41.55 28.40
N ALA I 491 -53.55 42.29 29.59
CA ALA I 491 -53.26 43.69 29.48
C ALA I 491 -51.76 43.80 29.51
N GLY I 492 -51.13 43.19 30.59
CA GLY I 492 -49.70 43.21 30.88
C GLY I 492 -49.34 44.36 31.82
N GLN I 493 -49.76 44.18 33.11
CA GLN I 493 -49.62 45.10 34.14
C GLN I 493 -50.25 44.44 35.44
N PRO I 494 -49.80 44.61 36.67
CA PRO I 494 -50.35 44.03 37.86
C PRO I 494 -51.70 44.41 38.15
N VAL I 495 -52.67 43.47 38.46
CA VAL I 495 -54.00 43.91 38.94
C VAL I 495 -54.53 42.98 39.98
N ASP I 496 -55.62 43.34 40.65
CA ASP I 496 -56.31 42.56 41.70
C ASP I 496 -57.13 41.43 40.94
N MET I 497 -56.64 40.15 41.00
CA MET I 497 -57.09 38.88 40.43
C MET I 497 -58.48 38.32 40.92
N TRP I 498 -58.68 38.37 42.27
CA TRP I 498 -60.04 38.15 42.83
C TRP I 498 -61.19 38.99 42.20
N GLN I 499 -61.04 40.35 42.25
CA GLN I 499 -61.94 41.30 41.58
C GLN I 499 -61.68 41.34 40.05
N LYS I 500 -61.29 40.21 39.42
CA LYS I 500 -61.11 40.10 38.01
C LYS I 500 -61.55 38.72 37.62
N GLY I 501 -62.25 38.00 38.52
CA GLY I 501 -62.68 36.70 38.17
C GLY I 501 -61.68 35.60 38.26
N VAL I 502 -60.43 35.75 38.80
CA VAL I 502 -59.52 34.62 38.97
C VAL I 502 -59.36 34.26 40.36
N ILE I 503 -60.12 33.25 40.84
CA ILE I 503 -59.94 32.70 42.22
C ILE I 503 -59.62 31.23 41.90
N GLU I 504 -58.89 30.54 42.84
CA GLU I 504 -58.65 29.13 42.73
C GLU I 504 -58.66 28.41 44.12
N PRO I 505 -58.97 27.11 44.16
CA PRO I 505 -59.00 26.28 45.36
C PRO I 505 -57.72 26.21 46.28
N ALA I 506 -57.73 26.81 47.53
CA ALA I 506 -56.62 26.90 48.50
C ALA I 506 -56.11 25.52 48.90
N LEU I 507 -56.85 24.42 48.59
CA LEU I 507 -56.35 23.14 48.92
C LEU I 507 -55.63 22.46 47.81
N VAL I 508 -56.09 22.71 46.53
CA VAL I 508 -55.34 22.25 45.34
C VAL I 508 -53.97 22.84 45.27
N LYS I 509 -53.92 24.20 45.45
CA LYS I 509 -52.71 24.99 45.39
C LYS I 509 -51.95 24.88 46.72
N MET I 510 -52.30 23.95 47.65
CA MET I 510 -51.58 23.59 48.91
C MET I 510 -50.88 22.25 48.85
N ASN I 511 -51.67 21.27 48.32
CA ASN I 511 -51.13 19.93 48.09
C ASN I 511 -50.09 19.98 46.96
N ALA I 512 -50.26 21.02 46.11
CA ALA I 512 -49.31 21.26 45.07
C ALA I 512 -47.83 21.44 45.53
N ILE I 513 -47.67 22.36 46.55
CA ILE I 513 -46.52 22.70 47.30
C ILE I 513 -45.93 21.44 47.97
N LYS I 514 -46.82 20.64 48.63
CA LYS I 514 -46.51 19.35 49.24
C LYS I 514 -46.04 18.26 48.29
N ALA I 515 -46.78 18.05 47.11
CA ALA I 515 -46.46 17.11 46.04
C ALA I 515 -45.05 17.48 45.50
N ALA I 516 -44.91 18.71 44.99
CA ALA I 516 -43.65 19.17 44.50
C ALA I 516 -42.46 18.97 45.36
N THR I 517 -42.61 19.41 46.60
CA THR I 517 -41.60 19.33 47.63
C THR I 517 -41.28 17.89 47.98
N GLU I 518 -42.27 17.02 47.91
CA GLU I 518 -42.08 15.56 48.11
C GLU I 518 -41.13 15.02 47.12
N ALA I 519 -41.43 15.17 45.80
CA ALA I 519 -40.55 14.77 44.71
C ALA I 519 -39.17 15.43 44.77
N ALA I 520 -39.14 16.78 44.84
CA ALA I 520 -37.94 17.61 45.00
C ALA I 520 -36.95 17.17 46.03
N THR I 521 -37.38 17.03 47.30
CA THR I 521 -36.61 16.54 48.39
C THR I 521 -36.25 15.09 48.29
N LEU I 522 -37.06 14.30 47.58
CA LEU I 522 -36.77 12.85 47.41
C LEU I 522 -35.58 12.58 46.59
N VAL I 523 -35.41 13.33 45.45
CA VAL I 523 -34.27 13.39 44.51
C VAL I 523 -33.02 13.85 45.22
N LEU I 524 -33.17 14.84 46.15
CA LEU I 524 -32.07 15.37 47.01
C LEU I 524 -31.60 14.35 48.06
N ARG I 525 -32.51 13.46 48.52
CA ARG I 525 -32.18 12.45 49.44
C ARG I 525 -31.26 11.37 48.96
N ILE I 526 -31.34 11.12 47.67
CA ILE I 526 -30.58 10.00 47.07
C ILE I 526 -29.05 10.33 46.81
N ASP I 527 -28.17 9.37 47.15
CA ASP I 527 -26.75 9.49 46.94
C ASP I 527 -26.28 8.65 45.75
N ASP I 528 -26.94 7.51 45.53
CA ASP I 528 -26.55 6.70 44.38
C ASP I 528 -27.66 5.82 43.85
N VAL I 529 -27.54 5.36 42.58
CA VAL I 529 -28.51 4.64 41.82
C VAL I 529 -27.87 3.33 41.27
N VAL I 530 -28.17 2.20 41.88
CA VAL I 530 -27.64 0.85 41.60
C VAL I 530 -28.53 0.10 40.62
N SER I 531 -28.00 -0.33 39.53
CA SER I 531 -28.79 -0.94 38.44
C SER I 531 -28.32 -2.32 38.07
N ALA I 532 -29.22 -3.28 37.84
CA ALA I 532 -28.91 -4.68 37.63
C ALA I 532 -28.61 -4.97 36.18
N GLY J 28 40.47 -19.71 26.24
CA GLY J 28 39.90 -21.09 26.00
C GLY J 28 39.63 -21.45 24.53
N LYS J 29 38.97 -22.61 24.26
CA LYS J 29 38.56 -23.09 22.92
C LYS J 29 37.88 -22.09 22.00
N GLU J 30 37.03 -21.18 22.65
CA GLU J 30 36.49 -19.88 22.24
C GLU J 30 37.34 -19.10 21.31
N ALA J 31 38.37 -18.46 21.80
CA ALA J 31 39.29 -17.57 21.08
C ALA J 31 40.40 -18.41 20.35
N VAL J 32 40.92 -19.50 21.02
CA VAL J 32 41.81 -20.55 20.52
C VAL J 32 41.38 -21.05 19.14
N ARG J 33 40.12 -21.08 18.74
CA ARG J 33 39.64 -21.55 17.50
C ARG J 33 40.15 -20.61 16.38
N ALA J 34 40.11 -19.25 16.47
CA ALA J 34 40.59 -18.35 15.50
C ALA J 34 42.11 -18.60 15.12
N ASN J 35 42.93 -18.60 16.13
CA ASN J 35 44.35 -18.85 15.96
C ASN J 35 44.59 -20.13 15.22
N ILE J 36 44.07 -21.26 15.72
CA ILE J 36 44.10 -22.57 15.15
C ILE J 36 43.61 -22.51 13.70
N ALA J 37 42.33 -21.99 13.39
CA ALA J 37 41.83 -21.77 12.07
C ALA J 37 42.92 -21.18 11.13
N ALA J 38 43.49 -20.00 11.45
CA ALA J 38 44.46 -19.23 10.71
C ALA J 38 45.73 -20.05 10.37
N VAL J 39 46.29 -20.73 11.35
CA VAL J 39 47.41 -21.66 11.20
C VAL J 39 47.08 -22.74 10.09
N LYS J 40 45.91 -23.46 10.28
CA LYS J 40 45.48 -24.47 9.29
C LYS J 40 45.36 -23.87 7.81
N ALA J 41 44.82 -22.61 7.78
CA ALA J 41 44.84 -21.91 6.50
C ALA J 41 46.15 -21.76 5.88
N VAL J 42 47.21 -21.28 6.58
CA VAL J 42 48.57 -21.12 6.06
C VAL J 42 49.21 -22.43 5.58
N GLU J 43 48.97 -23.52 6.31
CA GLU J 43 49.37 -24.84 5.91
C GLU J 43 48.81 -25.30 4.63
N GLU J 44 47.47 -25.09 4.47
CA GLU J 44 46.81 -25.35 3.24
C GLU J 44 47.30 -24.63 2.00
N ALA J 45 48.14 -23.67 2.20
CA ALA J 45 48.59 -22.85 1.11
C ALA J 45 49.88 -23.43 0.60
N LEU J 46 50.61 -24.27 1.37
CA LEU J 46 51.83 -24.87 0.86
C LEU J 46 51.66 -26.35 0.60
N LYS J 47 50.78 -27.01 1.34
CA LYS J 47 50.49 -28.45 1.32
C LYS J 47 50.73 -29.23 -0.07
N SER J 48 50.12 -28.78 -1.16
CA SER J 48 50.27 -29.35 -2.47
C SER J 48 51.60 -29.12 -3.21
N THR J 49 52.53 -28.41 -2.51
CA THR J 49 53.79 -28.08 -3.13
C THR J 49 54.96 -28.73 -2.43
N TYR J 50 54.74 -29.46 -1.33
CA TYR J 50 55.71 -30.24 -0.61
C TYR J 50 56.42 -31.27 -1.45
N GLY J 51 57.77 -31.24 -1.35
CA GLY J 51 58.64 -32.20 -1.94
C GLY J 51 58.80 -32.10 -3.41
N PRO J 52 59.66 -32.90 -4.09
CA PRO J 52 59.94 -32.74 -5.50
C PRO J 52 58.85 -33.14 -6.40
N ARG J 53 57.90 -34.04 -5.97
CA ARG J 53 56.81 -34.44 -6.81
C ARG J 53 55.54 -33.53 -6.69
N GLY J 54 55.49 -32.63 -5.81
CA GLY J 54 54.41 -31.61 -5.85
C GLY J 54 54.40 -30.61 -6.94
N MET J 55 53.45 -29.66 -6.82
CA MET J 55 53.12 -28.79 -7.95
C MET J 55 53.49 -27.33 -7.71
N ASP J 56 53.05 -26.30 -8.53
CA ASP J 56 53.40 -24.92 -8.42
C ASP J 56 52.23 -24.09 -8.24
N LYS J 57 52.44 -22.97 -7.55
CA LYS J 57 51.40 -21.96 -7.38
C LYS J 57 51.68 -20.78 -8.21
N MET J 58 50.60 -20.13 -8.80
CA MET J 58 50.74 -18.94 -9.61
C MET J 58 50.31 -17.78 -8.80
N LEU J 59 51.10 -16.68 -8.94
CA LEU J 59 50.97 -15.44 -8.20
C LEU J 59 50.91 -14.34 -9.22
N VAL J 60 49.73 -13.64 -9.16
CA VAL J 60 49.34 -12.61 -10.05
C VAL J 60 49.36 -11.29 -9.36
N ASP J 61 50.31 -10.44 -9.83
CA ASP J 61 50.62 -9.16 -9.19
C ASP J 61 49.58 -8.05 -9.52
N SER J 62 49.65 -6.95 -8.80
CA SER J 62 48.75 -5.80 -8.91
C SER J 62 48.61 -5.26 -10.36
N LEU J 63 49.71 -5.26 -11.13
CA LEU J 63 49.66 -4.83 -12.52
C LEU J 63 49.53 -6.04 -13.45
N GLY J 64 49.39 -7.31 -12.92
CA GLY J 64 49.17 -8.47 -13.70
C GLY J 64 50.35 -9.27 -14.12
N ASP J 65 51.48 -8.96 -13.56
CA ASP J 65 52.74 -9.63 -13.76
C ASP J 65 52.73 -11.06 -13.09
N ILE J 66 53.19 -12.13 -13.84
CA ILE J 66 52.81 -13.44 -13.44
C ILE J 66 54.07 -14.15 -12.87
N THR J 67 53.93 -14.90 -11.78
CA THR J 67 55.05 -15.72 -11.19
C THR J 67 54.56 -17.08 -10.79
N ILE J 68 55.06 -18.11 -11.43
CA ILE J 68 54.64 -19.42 -11.11
C ILE J 68 55.79 -19.92 -10.25
N THR J 69 55.59 -20.54 -9.06
CA THR J 69 56.71 -21.03 -8.28
C THR J 69 56.30 -22.08 -7.32
N ASN J 70 57.27 -22.68 -6.61
CA ASN J 70 56.83 -23.65 -5.57
C ASN J 70 57.54 -23.34 -4.27
N ASP J 71 58.20 -22.14 -4.25
CA ASP J 71 58.96 -21.47 -3.20
C ASP J 71 58.14 -21.07 -2.06
N GLY J 72 58.40 -21.64 -0.83
CA GLY J 72 57.71 -21.33 0.42
C GLY J 72 57.68 -19.83 0.73
N ALA J 73 58.82 -19.12 0.85
CA ALA J 73 58.78 -17.71 1.06
C ALA J 73 57.83 -16.90 0.15
N THR J 74 58.12 -16.97 -1.16
CA THR J 74 57.40 -16.28 -2.16
C THR J 74 55.86 -16.48 -2.16
N ILE J 75 55.43 -17.75 -1.93
CA ILE J 75 53.99 -18.16 -1.85
C ILE J 75 53.28 -17.54 -0.67
N LEU J 76 54.04 -17.08 0.37
CA LEU J 76 53.51 -16.44 1.52
C LEU J 76 53.71 -14.91 1.48
N ASP J 77 54.72 -14.38 0.87
CA ASP J 77 55.04 -12.97 0.72
C ASP J 77 54.00 -12.31 -0.22
N LYS J 78 53.73 -12.89 -1.39
CA LYS J 78 52.86 -12.24 -2.41
C LYS J 78 51.37 -12.33 -2.05
N MET J 79 51.04 -13.08 -1.02
CA MET J 79 49.79 -13.35 -0.38
C MET J 79 49.43 -12.28 0.72
N ASP J 80 48.19 -12.23 1.08
CA ASP J 80 47.67 -11.14 1.92
C ASP J 80 47.41 -11.74 3.29
N LEU J 81 48.52 -12.31 3.86
CA LEU J 81 48.56 -12.93 5.16
C LEU J 81 48.69 -11.88 6.25
N GLN J 82 47.76 -11.88 7.29
CA GLN J 82 47.78 -10.77 8.19
C GLN J 82 47.52 -11.19 9.67
N HIS J 83 46.87 -12.31 9.92
CA HIS J 83 46.55 -12.73 11.27
C HIS J 83 47.74 -13.05 12.15
N PRO J 84 47.69 -12.63 13.47
CA PRO J 84 48.83 -12.82 14.40
C PRO J 84 49.34 -14.21 14.56
N ALA J 85 48.54 -15.28 14.75
CA ALA J 85 49.00 -16.60 14.75
C ALA J 85 49.88 -16.95 13.60
N ALA J 86 49.41 -16.72 12.42
CA ALA J 86 50.01 -16.92 11.17
C ALA J 86 51.38 -16.21 11.04
N LYS J 87 51.44 -14.94 11.36
CA LYS J 87 52.65 -14.11 11.49
C LYS J 87 53.66 -14.59 12.55
N LEU J 88 53.19 -15.18 13.66
CA LEU J 88 53.97 -15.72 14.71
C LEU J 88 54.64 -17.01 14.24
N LEU J 89 53.89 -17.84 13.45
CA LEU J 89 54.42 -19.04 12.81
C LEU J 89 55.47 -18.70 11.80
N VAL J 90 55.19 -17.85 10.78
CA VAL J 90 56.31 -17.54 9.86
C VAL J 90 57.60 -16.98 10.41
N GLN J 91 57.62 -16.13 11.49
CA GLN J 91 58.90 -15.76 12.05
C GLN J 91 59.74 -16.85 12.69
N ILE J 92 59.13 -17.78 13.39
CA ILE J 92 59.79 -18.85 14.03
C ILE J 92 60.22 -19.83 12.90
N ALA J 93 59.39 -20.02 11.93
CA ALA J 93 59.54 -20.99 10.82
C ALA J 93 60.69 -20.58 9.95
N LYS J 94 60.61 -19.38 9.34
CA LYS J 94 61.66 -18.72 8.50
C LYS J 94 62.92 -18.55 9.31
N GLY J 95 62.84 -17.81 10.39
CA GLY J 95 63.91 -17.60 11.33
C GLY J 95 64.46 -18.68 12.17
N GLN J 96 64.82 -19.82 11.55
CA GLN J 96 65.53 -20.93 12.04
C GLN J 96 67.01 -20.62 11.82
N ASP J 97 67.86 -21.49 12.32
CA ASP J 97 69.28 -21.31 12.29
C ASP J 97 70.03 -21.17 11.00
N GLU J 98 69.58 -22.01 10.02
CA GLU J 98 70.11 -22.06 8.69
C GLU J 98 68.95 -22.03 7.64
N GLU J 99 69.21 -21.29 6.53
CA GLU J 99 68.30 -21.12 5.47
C GLU J 99 68.10 -22.34 4.54
N THR J 100 66.82 -22.67 4.16
CA THR J 100 66.50 -23.87 3.39
C THR J 100 65.08 -23.68 2.92
N ALA J 101 64.76 -24.07 1.68
CA ALA J 101 63.52 -24.10 1.00
C ALA J 101 62.66 -25.32 1.41
N ASP J 102 63.24 -26.49 1.79
CA ASP J 102 62.40 -27.59 2.18
C ASP J 102 62.19 -27.45 3.69
N GLY J 103 63.23 -27.21 4.49
CA GLY J 103 63.12 -27.06 6.00
C GLY J 103 62.08 -26.10 6.56
N THR J 104 62.01 -24.96 5.99
CA THR J 104 60.94 -24.04 6.32
C THR J 104 59.53 -24.50 5.87
N LYS J 105 59.47 -25.12 4.67
CA LYS J 105 58.22 -25.80 4.30
C LYS J 105 57.78 -26.92 5.11
N THR J 106 58.69 -27.73 5.61
CA THR J 106 58.47 -28.80 6.58
C THR J 106 58.06 -28.14 7.87
N ALA J 107 58.89 -27.23 8.45
CA ALA J 107 58.57 -26.39 9.60
C ALA J 107 57.14 -25.83 9.73
N VAL J 108 56.64 -25.27 8.58
CA VAL J 108 55.25 -24.75 8.61
C VAL J 108 54.19 -25.87 8.64
N ILE J 109 54.24 -26.78 7.67
CA ILE J 109 53.36 -27.93 7.52
C ILE J 109 53.25 -28.79 8.83
N PHE J 110 54.42 -29.26 9.34
CA PHE J 110 54.52 -30.05 10.57
C PHE J 110 53.96 -29.24 11.78
N SER J 111 54.25 -27.94 11.86
CA SER J 111 53.62 -27.01 12.82
C SER J 111 52.11 -27.02 12.72
N GLY J 112 51.56 -26.75 11.56
CA GLY J 112 50.12 -26.81 11.46
C GLY J 112 49.34 -28.07 11.59
N GLU J 113 50.01 -29.20 11.23
CA GLU J 113 49.52 -30.61 11.42
C GLU J 113 49.56 -30.86 12.93
N LEU J 114 50.60 -30.40 13.73
CA LEU J 114 50.60 -30.48 15.16
C LEU J 114 49.48 -29.76 15.86
N VAL J 115 49.15 -28.56 15.35
CA VAL J 115 48.03 -27.71 15.86
C VAL J 115 46.75 -28.55 15.69
N LYS J 116 46.66 -29.16 14.49
CA LYS J 116 45.61 -30.08 14.08
C LYS J 116 45.39 -31.22 15.04
N LYS J 117 46.37 -32.11 15.24
CA LYS J 117 46.27 -33.25 16.11
C LYS J 117 46.03 -32.79 17.59
N ALA J 118 46.40 -31.58 17.96
CA ALA J 118 46.06 -31.10 19.26
C ALA J 118 44.58 -30.59 19.50
N GLU J 119 43.92 -30.02 18.47
CA GLU J 119 42.59 -29.54 18.58
C GLU J 119 41.65 -30.68 18.98
N ASP J 120 41.87 -31.94 18.43
CA ASP J 120 41.09 -33.06 18.81
C ASP J 120 41.30 -33.45 20.24
N LEU J 121 42.45 -33.13 20.88
CA LEU J 121 42.78 -33.41 22.28
C LEU J 121 41.99 -32.45 23.15
N LEU J 122 41.80 -31.13 22.75
CA LEU J 122 40.87 -30.32 23.43
C LEU J 122 39.40 -30.81 23.29
N TYR J 123 38.96 -31.41 22.21
CA TYR J 123 37.61 -31.99 22.02
C TYR J 123 37.40 -33.14 22.98
N LYS J 124 38.44 -33.96 23.19
CA LYS J 124 38.62 -34.90 24.21
C LYS J 124 39.02 -34.41 25.67
N ASP J 125 39.09 -33.13 25.87
CA ASP J 125 39.26 -32.48 27.24
C ASP J 125 40.62 -32.68 27.92
N VAL J 126 41.75 -32.41 27.22
CA VAL J 126 43.00 -32.57 27.93
C VAL J 126 43.59 -31.15 28.08
N HIS J 127 43.97 -30.69 29.31
CA HIS J 127 44.50 -29.34 29.60
C HIS J 127 45.64 -28.83 28.61
N PRO J 128 45.59 -27.62 28.01
CA PRO J 128 46.57 -27.22 27.09
C PRO J 128 48.01 -27.21 27.49
N THR J 129 48.21 -27.05 28.84
CA THR J 129 49.56 -27.10 29.41
C THR J 129 50.18 -28.49 29.23
N ILE J 130 49.35 -29.55 29.26
CA ILE J 130 49.73 -30.94 29.16
C ILE J 130 50.10 -31.29 27.73
N ILE J 131 49.26 -30.87 26.76
CA ILE J 131 49.48 -31.09 25.35
C ILE J 131 50.78 -30.47 24.89
N ILE J 132 51.19 -29.34 25.54
CA ILE J 132 52.50 -28.69 25.28
C ILE J 132 53.66 -29.55 25.69
N SER J 133 53.54 -30.01 27.01
CA SER J 133 54.53 -30.86 27.71
C SER J 133 54.72 -32.13 26.94
N GLY J 134 53.65 -32.76 26.38
CA GLY J 134 53.68 -33.88 25.52
C GLY J 134 54.53 -33.76 24.28
N TYR J 135 54.27 -32.70 23.53
CA TYR J 135 54.98 -32.35 22.33
C TYR J 135 56.46 -32.04 22.58
N LYS J 136 56.82 -31.29 23.66
CA LYS J 136 58.21 -31.06 24.10
C LYS J 136 58.95 -32.42 24.33
N LYS J 137 58.45 -33.31 25.18
CA LYS J 137 59.05 -34.60 25.40
C LYS J 137 59.26 -35.42 24.16
N ALA J 138 58.30 -35.33 23.23
CA ALA J 138 58.47 -35.91 21.93
C ALA J 138 59.51 -35.27 21.08
N GLU J 139 59.64 -33.92 21.11
CA GLU J 139 60.71 -33.14 20.46
C GLU J 139 62.07 -33.63 20.99
N GLU J 140 62.32 -33.77 22.31
CA GLU J 140 63.51 -34.31 22.97
C GLU J 140 64.05 -35.53 22.23
N VAL J 141 63.29 -36.63 22.17
CA VAL J 141 63.51 -37.91 21.46
C VAL J 141 63.68 -37.72 20.01
N ALA J 142 62.72 -37.05 19.34
CA ALA J 142 62.73 -36.69 17.94
C ALA J 142 63.96 -36.05 17.36
N LEU J 143 64.49 -35.26 18.19
CA LEU J 143 65.78 -34.62 17.97
C LEU J 143 66.97 -35.58 18.09
N GLN J 144 67.10 -36.15 19.26
CA GLN J 144 68.26 -37.12 19.50
C GLN J 144 68.27 -38.24 18.52
N THR J 145 67.11 -38.65 18.00
CA THR J 145 66.79 -39.70 16.99
C THR J 145 67.34 -39.34 15.57
N ILE J 146 67.63 -38.04 15.28
CA ILE J 146 68.19 -37.68 14.05
C ILE J 146 69.75 -37.71 14.13
N GLN J 147 70.23 -37.25 15.26
CA GLN J 147 71.63 -37.30 15.65
C GLN J 147 72.23 -38.70 15.77
N GLU J 148 71.75 -39.49 16.72
CA GLU J 148 72.14 -40.92 16.94
C GLU J 148 71.62 -41.91 15.90
N LEU J 149 71.78 -41.47 14.65
CA LEU J 149 71.39 -42.23 13.53
C LEU J 149 72.04 -41.73 12.23
N ALA J 150 72.38 -40.49 12.18
CA ALA J 150 73.20 -39.85 11.14
C ALA J 150 74.57 -40.46 10.85
N GLN J 151 75.05 -40.42 9.57
CA GLN J 151 76.37 -40.84 9.19
C GLN J 151 77.30 -39.70 8.89
N THR J 152 78.59 -39.93 9.26
CA THR J 152 79.63 -38.91 9.06
C THR J 152 80.03 -38.64 7.67
N VAL J 153 79.70 -37.42 7.20
CA VAL J 153 80.17 -36.92 5.91
C VAL J 153 81.23 -35.93 6.23
N SER J 154 82.36 -35.98 5.48
CA SER J 154 83.53 -35.11 5.60
C SER J 154 83.95 -34.76 4.17
N ILE J 155 85.09 -34.07 3.98
CA ILE J 155 85.58 -33.52 2.70
C ILE J 155 85.92 -34.61 1.68
N ASN J 156 86.32 -35.83 2.12
CA ASN J 156 86.63 -36.82 1.17
C ASN J 156 85.43 -37.79 0.80
N ASP J 157 84.17 -37.53 1.23
CA ASP J 157 83.03 -38.17 0.81
C ASP J 157 82.37 -37.42 -0.39
N THR J 158 83.14 -37.30 -1.48
CA THR J 158 82.71 -36.45 -2.57
C THR J 158 81.63 -37.05 -3.45
N ASP J 159 81.63 -38.37 -3.43
CA ASP J 159 80.61 -39.15 -4.15
C ASP J 159 79.29 -39.13 -3.33
N LEU J 160 79.40 -38.69 -2.09
CA LEU J 160 78.23 -38.53 -1.28
C LEU J 160 77.66 -37.14 -1.54
N LEU J 161 78.39 -36.08 -1.50
CA LEU J 161 77.92 -34.75 -1.74
C LEU J 161 77.32 -34.59 -3.16
N ARG J 162 77.74 -35.39 -4.17
CA ARG J 162 77.07 -35.51 -5.45
C ARG J 162 75.59 -35.89 -5.43
N LYS J 163 75.17 -36.72 -4.38
CA LYS J 163 73.84 -37.27 -4.07
C LYS J 163 72.97 -36.19 -3.27
N ILE J 164 73.47 -35.76 -2.07
CA ILE J 164 72.94 -34.65 -1.32
C ILE J 164 72.54 -33.37 -2.19
N ALA J 165 73.37 -33.16 -3.23
CA ALA J 165 73.17 -32.15 -4.26
C ALA J 165 72.01 -32.34 -5.18
N MET J 166 71.85 -33.62 -5.69
CA MET J 166 70.61 -33.93 -6.38
C MET J 166 69.40 -33.90 -5.56
N THR J 167 69.36 -34.36 -4.27
CA THR J 167 68.26 -34.16 -3.29
C THR J 167 67.85 -32.71 -3.15
N SER J 168 68.59 -31.74 -3.66
CA SER J 168 68.33 -30.36 -3.53
C SER J 168 67.85 -29.85 -4.88
N LEU J 169 68.66 -30.12 -5.96
CA LEU J 169 68.49 -29.60 -7.22
C LEU J 169 67.25 -30.24 -7.86
N SER J 170 66.89 -31.54 -7.50
CA SER J 170 65.73 -32.29 -7.94
C SER J 170 64.38 -31.61 -7.68
N SER J 171 64.24 -30.65 -6.77
CA SER J 171 62.99 -30.02 -6.50
C SER J 171 62.71 -28.72 -7.12
N LYS J 172 63.74 -28.24 -7.85
CA LYS J 172 63.66 -26.96 -8.60
C LYS J 172 62.88 -27.09 -9.90
N ALA J 173 62.45 -25.93 -10.39
CA ALA J 173 61.77 -25.81 -11.67
C ALA J 173 62.78 -26.00 -12.81
N VAL J 174 64.05 -25.80 -12.63
CA VAL J 174 65.13 -25.98 -13.64
C VAL J 174 65.56 -27.44 -13.58
N ALA J 175 65.22 -28.22 -14.65
CA ALA J 175 65.39 -29.60 -14.69
C ALA J 175 66.44 -30.25 -15.53
N GLY J 176 67.01 -29.45 -16.48
CA GLY J 176 68.14 -29.87 -17.32
C GLY J 176 69.40 -30.12 -16.65
N ALA J 177 70.02 -31.30 -16.98
CA ALA J 177 71.35 -31.62 -16.47
C ALA J 177 71.69 -31.23 -15.03
N ARG J 178 70.83 -31.65 -14.06
CA ARG J 178 71.12 -31.23 -12.64
C ARG J 178 72.28 -32.12 -12.15
N GLU J 179 72.49 -33.40 -12.66
CA GLU J 179 73.64 -34.21 -12.43
C GLU J 179 74.95 -33.48 -12.78
N TYR J 180 74.97 -32.69 -13.89
CA TYR J 180 76.00 -31.73 -14.27
C TYR J 180 76.25 -30.62 -13.26
N ILE J 181 75.22 -29.93 -12.79
CA ILE J 181 75.36 -28.89 -11.81
C ILE J 181 75.80 -29.49 -10.44
N ALA J 182 75.25 -30.62 -10.03
CA ALA J 182 75.68 -31.39 -8.85
C ALA J 182 77.11 -31.70 -8.87
N ASP J 183 77.62 -32.28 -10.00
CA ASP J 183 79.02 -32.61 -10.06
C ASP J 183 79.98 -31.38 -9.86
N ILE J 184 79.67 -30.28 -10.61
CA ILE J 184 80.30 -28.95 -10.57
C ILE J 184 80.25 -28.41 -9.07
N VAL J 185 79.12 -28.34 -8.43
CA VAL J 185 78.86 -27.91 -7.06
C VAL J 185 79.82 -28.57 -6.07
N VAL J 186 80.08 -29.91 -6.17
CA VAL J 186 80.97 -30.68 -5.32
C VAL J 186 82.39 -30.20 -5.50
N LYS J 187 82.98 -30.14 -6.67
CA LYS J 187 84.32 -29.62 -6.93
C LYS J 187 84.56 -28.23 -6.48
N ALA J 188 83.58 -27.38 -6.79
CA ALA J 188 83.52 -25.97 -6.48
C ALA J 188 83.65 -25.63 -5.01
N VAL J 189 83.03 -26.47 -4.19
CA VAL J 189 83.00 -26.34 -2.78
C VAL J 189 84.30 -26.96 -2.13
N THR J 190 84.65 -28.20 -2.53
CA THR J 190 85.82 -28.93 -2.08
C THR J 190 87.15 -28.20 -2.24
N GLN J 191 87.23 -27.29 -3.21
CA GLN J 191 88.34 -26.39 -3.52
C GLN J 191 88.53 -25.38 -2.47
N VAL J 192 87.48 -24.75 -1.91
CA VAL J 192 87.36 -23.59 -1.07
C VAL J 192 87.32 -24.10 0.37
N ALA J 193 86.89 -25.40 0.64
CA ALA J 193 86.73 -25.99 1.96
C ALA J 193 87.99 -25.98 2.81
N GLU J 194 87.87 -25.58 4.06
CA GLU J 194 89.08 -25.35 4.82
C GLU J 194 88.91 -25.64 6.32
N LEU J 195 89.94 -26.02 7.00
CA LEU J 195 90.01 -26.34 8.41
C LEU J 195 90.36 -25.14 9.30
N ARG J 196 89.33 -24.67 10.12
CA ARG J 196 89.40 -23.68 11.14
C ARG J 196 88.85 -24.22 12.38
N GLY J 197 89.45 -24.15 13.60
CA GLY J 197 88.82 -24.70 14.83
C GLY J 197 88.37 -26.21 14.95
N ASP J 198 89.12 -27.09 14.26
CA ASP J 198 88.86 -28.50 14.26
C ASP J 198 87.54 -28.96 13.59
N LYS J 199 87.01 -28.12 12.65
CA LYS J 199 85.83 -28.31 11.94
C LYS J 199 86.00 -27.74 10.63
N TRP J 200 85.19 -28.15 9.60
CA TRP J 200 85.29 -27.56 8.30
C TRP J 200 84.47 -26.36 8.22
N TYR J 201 84.89 -25.52 7.26
CA TYR J 201 84.25 -24.23 6.95
C TYR J 201 84.33 -24.10 5.45
N VAL J 202 83.24 -23.59 4.82
CA VAL J 202 83.19 -23.21 3.42
C VAL J 202 82.77 -21.74 3.37
N ASP J 203 83.72 -20.78 2.93
CA ASP J 203 83.29 -19.40 2.72
C ASP J 203 82.83 -19.20 1.29
N LEU J 204 81.51 -19.22 1.05
CA LEU J 204 80.86 -19.19 -0.22
C LEU J 204 81.33 -18.00 -1.08
N ASP J 205 81.71 -16.92 -0.45
CA ASP J 205 82.26 -15.74 -1.11
C ASP J 205 83.51 -16.07 -1.93
N ASN J 206 84.26 -17.20 -1.68
CA ASN J 206 85.43 -17.66 -2.46
C ASN J 206 85.02 -18.36 -3.79
N ILE J 207 83.75 -18.20 -4.17
CA ILE J 207 83.06 -18.60 -5.38
C ILE J 207 82.29 -17.49 -5.99
N GLN J 208 82.59 -17.18 -7.22
CA GLN J 208 82.01 -16.16 -8.04
C GLN J 208 81.07 -16.88 -8.91
N ILE J 209 80.00 -16.14 -9.24
CA ILE J 209 78.86 -16.61 -9.98
C ILE J 209 78.54 -15.64 -11.01
N VAL J 210 78.76 -15.97 -12.29
CA VAL J 210 78.43 -15.08 -13.38
C VAL J 210 77.39 -15.81 -14.17
N LYS J 211 76.42 -15.11 -14.72
CA LYS J 211 75.31 -15.70 -15.50
C LYS J 211 74.95 -14.89 -16.74
N LYS J 212 74.66 -15.56 -17.86
CA LYS J 212 74.36 -14.81 -19.07
C LYS J 212 73.23 -15.55 -19.73
N ALA J 213 72.31 -14.76 -20.29
CA ALA J 213 71.09 -15.31 -20.87
C ALA J 213 71.30 -16.14 -22.15
N GLY J 214 70.70 -17.33 -22.30
CA GLY J 214 70.85 -18.24 -23.44
C GLY J 214 71.48 -19.57 -23.21
N GLY J 215 71.43 -20.34 -24.25
CA GLY J 215 72.16 -21.62 -24.33
C GLY J 215 71.70 -22.80 -23.41
N SER J 216 72.39 -23.93 -23.35
CA SER J 216 71.94 -24.96 -22.42
C SER J 216 72.67 -24.86 -21.05
N ILE J 217 72.21 -25.75 -20.13
CA ILE J 217 72.74 -25.96 -18.83
C ILE J 217 74.10 -26.76 -18.97
N ASN J 218 74.30 -27.47 -20.11
CA ASN J 218 75.56 -28.19 -20.37
C ASN J 218 76.70 -27.24 -20.61
N ASP J 219 76.26 -26.01 -21.00
CA ASP J 219 77.13 -24.90 -21.29
C ASP J 219 77.61 -24.09 -20.11
N THR J 220 77.37 -24.69 -18.95
CA THR J 220 77.91 -24.38 -17.61
C THR J 220 79.27 -24.96 -17.37
N GLN J 221 80.11 -24.29 -16.61
CA GLN J 221 81.46 -24.70 -16.35
C GLN J 221 81.97 -24.14 -15.05
N LEU J 222 83.11 -24.69 -14.53
CA LEU J 222 83.91 -24.21 -13.39
C LEU J 222 85.14 -23.54 -13.89
N VAL J 223 85.57 -22.32 -13.44
CA VAL J 223 86.84 -21.73 -13.75
C VAL J 223 87.63 -21.75 -12.49
N TYR J 224 88.95 -22.22 -12.57
CA TYR J 224 89.87 -22.12 -11.48
C TYR J 224 90.49 -20.74 -11.43
N GLY J 225 89.71 -19.69 -11.17
CA GLY J 225 90.12 -18.37 -11.20
C GLY J 225 88.99 -17.44 -11.38
N ILE J 226 89.27 -16.10 -11.40
CA ILE J 226 88.26 -15.03 -11.35
C ILE J 226 87.68 -14.80 -12.76
N VAL J 227 86.44 -14.42 -12.84
CA VAL J 227 85.79 -14.05 -14.09
C VAL J 227 85.09 -12.73 -13.97
N VAL J 228 85.59 -11.73 -14.67
CA VAL J 228 85.04 -10.35 -14.78
C VAL J 228 84.09 -10.29 -15.97
N ASP J 229 82.73 -10.07 -15.80
CA ASP J 229 81.89 -10.15 -16.94
C ASP J 229 81.82 -8.93 -17.87
N LYS J 230 82.62 -7.90 -17.62
CA LYS J 230 82.84 -6.79 -18.46
C LYS J 230 84.12 -7.07 -19.28
N GLU J 231 83.90 -6.92 -20.57
CA GLU J 231 84.83 -7.11 -21.68
C GLU J 231 85.89 -6.07 -21.75
N VAL J 232 87.09 -6.37 -22.49
CA VAL J 232 88.18 -5.43 -22.67
C VAL J 232 87.71 -4.20 -23.41
N VAL J 233 88.09 -3.03 -22.95
CA VAL J 233 87.47 -1.81 -23.45
C VAL J 233 87.78 -1.46 -24.90
N HIS J 234 89.05 -1.47 -25.37
CA HIS J 234 89.40 -1.17 -26.72
C HIS J 234 89.84 -2.36 -27.59
N PRO J 235 89.21 -2.66 -28.75
CA PRO J 235 89.61 -3.73 -29.65
C PRO J 235 90.99 -3.87 -30.11
N GLY J 236 91.81 -2.73 -30.23
CA GLY J 236 93.13 -2.91 -30.77
C GLY J 236 94.14 -3.47 -29.82
N MET J 237 93.79 -3.47 -28.51
CA MET J 237 94.49 -4.01 -27.33
C MET J 237 94.70 -5.52 -27.40
N PRO J 238 95.76 -6.15 -26.85
CA PRO J 238 95.87 -7.60 -26.73
C PRO J 238 94.81 -8.06 -25.79
N LYS J 239 94.26 -9.25 -26.13
CA LYS J 239 93.22 -9.88 -25.36
C LYS J 239 93.69 -11.08 -24.58
N ARG J 240 94.96 -11.27 -24.35
CA ARG J 240 95.56 -12.33 -23.72
C ARG J 240 97.06 -12.11 -23.42
N LEU J 241 97.35 -11.69 -22.20
CA LEU J 241 98.66 -11.20 -21.70
C LEU J 241 99.32 -12.10 -20.65
N GLU J 242 100.64 -12.30 -20.76
CA GLU J 242 101.35 -13.01 -19.79
C GLU J 242 101.94 -12.26 -18.60
N ASN J 243 101.76 -12.82 -17.38
CA ASN J 243 102.07 -12.27 -16.09
C ASN J 243 101.43 -10.95 -15.75
N ALA J 244 100.09 -11.06 -15.72
CA ALA J 244 99.13 -10.05 -15.49
C ALA J 244 99.21 -9.38 -14.15
N LYS J 245 99.62 -8.15 -14.19
CA LYS J 245 99.90 -7.27 -13.06
C LYS J 245 98.79 -6.27 -12.84
N ILE J 246 97.63 -6.82 -12.51
CA ILE J 246 96.34 -6.17 -12.48
C ILE J 246 96.39 -4.92 -11.68
N ALA J 247 95.70 -3.89 -12.21
CA ALA J 247 95.70 -2.62 -11.51
C ALA J 247 94.25 -2.26 -11.28
N LEU J 248 93.68 -2.56 -10.10
CA LEU J 248 92.38 -2.23 -9.63
C LEU J 248 92.10 -0.79 -9.25
N ILE J 249 91.80 0.08 -10.25
CA ILE J 249 91.62 1.48 -10.09
C ILE J 249 90.21 1.83 -10.10
N ASP J 250 89.55 2.17 -8.96
CA ASP J 250 88.17 2.65 -8.94
C ASP J 250 88.10 4.07 -9.49
N ALA J 251 89.17 4.94 -9.34
CA ALA J 251 89.29 6.23 -9.93
C ALA J 251 88.98 6.30 -11.40
N SER J 252 88.24 7.42 -11.81
CA SER J 252 87.93 7.67 -13.20
C SER J 252 89.07 8.01 -14.14
N LEU J 253 89.12 7.38 -15.35
CA LEU J 253 90.15 7.64 -16.37
C LEU J 253 89.59 8.37 -17.62
N GLU J 254 88.52 9.19 -17.43
CA GLU J 254 87.70 9.81 -18.43
C GLU J 254 87.80 11.31 -18.36
N VAL J 255 87.79 12.05 -19.49
CA VAL J 255 87.72 13.51 -19.63
C VAL J 255 86.28 13.98 -19.72
N GLU J 256 85.79 14.61 -18.64
CA GLU J 256 84.42 14.99 -18.47
C GLU J 256 84.10 16.40 -18.89
N LYS J 257 83.45 17.17 -18.06
CA LYS J 257 83.23 18.64 -18.36
C LYS J 257 83.76 19.43 -17.13
N PRO J 258 83.95 20.72 -17.09
CA PRO J 258 84.55 21.36 -15.96
C PRO J 258 83.82 21.19 -14.62
N GLU J 259 84.55 20.90 -13.44
CA GLU J 259 83.99 20.80 -12.12
C GLU J 259 84.91 21.45 -11.08
N LEU J 260 86.09 20.85 -10.81
CA LEU J 260 87.12 21.43 -9.80
C LEU J 260 87.78 22.81 -10.04
N ASP J 261 88.00 23.15 -11.39
CA ASP J 261 88.66 24.40 -11.74
C ASP J 261 88.00 25.72 -11.35
N ALA J 262 86.67 25.71 -11.18
CA ALA J 262 85.82 26.89 -10.97
C ALA J 262 84.41 26.50 -10.66
N GLU J 263 83.81 27.19 -9.70
CA GLU J 263 82.42 27.16 -9.43
C GLU J 263 81.69 27.88 -10.45
N ILE J 264 82.26 29.08 -10.83
CA ILE J 264 81.67 29.88 -11.80
C ILE J 264 81.48 29.44 -13.26
N ARG J 265 80.56 30.06 -13.96
CA ARG J 265 80.24 29.71 -15.33
C ARG J 265 81.28 30.11 -16.30
N ILE J 266 81.42 29.33 -17.34
CA ILE J 266 82.26 29.60 -18.57
C ILE J 266 81.39 30.35 -19.66
N ASN J 267 81.89 31.53 -20.19
CA ASN J 267 81.14 32.37 -21.13
C ASN J 267 82.00 32.70 -22.31
N ASP J 268 83.27 32.21 -22.32
CA ASP J 268 84.16 32.32 -23.40
C ASP J 268 84.48 30.91 -23.96
N PRO J 269 84.31 30.59 -25.21
CA PRO J 269 84.75 29.35 -25.80
C PRO J 269 86.23 29.17 -25.87
N THR J 270 86.98 30.21 -25.75
CA THR J 270 88.41 30.13 -25.64
C THR J 270 88.84 29.37 -24.37
N GLN J 271 88.07 29.67 -23.33
CA GLN J 271 88.24 29.18 -22.00
C GLN J 271 87.84 27.68 -21.89
N MET J 272 86.72 27.25 -22.61
CA MET J 272 86.33 25.87 -22.75
C MET J 272 87.48 24.99 -23.22
N GLN J 273 87.88 25.27 -24.48
CA GLN J 273 89.01 24.58 -25.16
C GLN J 273 90.17 24.42 -24.25
N LYS J 274 90.87 25.45 -23.83
CA LYS J 274 92.09 25.41 -22.96
C LYS J 274 92.07 24.66 -21.61
N PHE J 275 90.82 24.37 -21.18
CA PHE J 275 90.41 23.61 -20.02
C PHE J 275 90.45 22.12 -20.30
N LEU J 276 89.62 21.79 -21.30
CA LEU J 276 89.43 20.42 -21.73
C LEU J 276 90.65 19.88 -22.49
N ASP J 277 91.49 20.76 -23.03
CA ASP J 277 92.73 20.46 -23.72
C ASP J 277 93.68 19.92 -22.63
N GLU J 278 93.85 20.66 -21.47
CA GLU J 278 94.77 20.19 -20.44
C GLU J 278 94.34 19.00 -19.74
N GLU J 279 93.04 18.77 -19.54
CA GLU J 279 92.38 17.66 -18.97
C GLU J 279 92.56 16.37 -19.83
N GLU J 280 92.72 16.60 -21.16
CA GLU J 280 93.01 15.50 -22.02
C GLU J 280 94.38 15.03 -21.96
N ASN J 281 95.40 15.92 -21.77
CA ASN J 281 96.76 15.52 -21.46
C ASN J 281 96.94 15.12 -20.06
N LEU J 282 95.99 15.56 -19.23
CA LEU J 282 95.94 15.20 -17.80
C LEU J 282 95.52 13.71 -17.68
N ILE J 283 94.54 13.29 -18.56
CA ILE J 283 94.07 11.92 -18.50
C ILE J 283 95.01 10.93 -18.94
N LYS J 284 95.83 11.17 -20.02
CA LYS J 284 96.93 10.26 -20.38
C LYS J 284 98.00 10.21 -19.30
N GLU J 285 98.14 11.34 -18.52
CA GLU J 285 99.04 11.50 -17.44
C GLU J 285 98.67 10.52 -16.28
N LYS J 286 97.40 10.57 -15.91
CA LYS J 286 96.68 9.69 -14.93
C LYS J 286 96.78 8.24 -15.22
N VAL J 287 96.56 7.92 -16.46
CA VAL J 287 96.86 6.55 -16.92
C VAL J 287 98.35 6.20 -16.72
N ASP J 288 99.28 7.13 -17.12
CA ASP J 288 100.69 6.88 -17.15
C ASP J 288 101.23 6.73 -15.76
N LYS J 289 100.66 7.42 -14.76
CA LYS J 289 100.93 7.33 -13.35
C LYS J 289 100.56 5.96 -12.78
N ILE J 290 99.62 5.28 -13.38
CA ILE J 290 99.24 3.95 -12.93
C ILE J 290 100.12 2.96 -13.65
N LEU J 291 100.41 3.02 -14.95
CA LEU J 291 101.36 2.15 -15.59
C LEU J 291 102.84 2.33 -15.22
N ALA J 292 103.08 3.50 -14.52
CA ALA J 292 104.32 3.84 -13.74
C ALA J 292 104.76 2.95 -12.58
N THR J 293 103.77 2.09 -12.17
CA THR J 293 103.75 1.18 -11.06
C THR J 293 104.13 -0.22 -11.65
N GLY J 294 104.09 -0.40 -13.03
CA GLY J 294 104.50 -1.56 -13.78
C GLY J 294 103.35 -2.43 -14.08
N ALA J 295 102.09 -1.84 -14.23
CA ALA J 295 100.94 -2.65 -14.60
C ALA J 295 100.75 -2.98 -16.09
N ASN J 296 100.41 -4.21 -16.52
CA ASN J 296 100.10 -4.54 -17.94
C ASN J 296 98.59 -4.63 -18.08
N VAL J 297 97.83 -4.48 -16.99
CA VAL J 297 96.38 -4.50 -17.05
C VAL J 297 95.82 -3.45 -16.18
N ILE J 298 94.65 -2.83 -16.51
CA ILE J 298 94.07 -1.84 -15.66
C ILE J 298 92.56 -1.91 -15.71
N ILE J 299 91.85 -2.12 -14.56
CA ILE J 299 90.38 -2.32 -14.63
C ILE J 299 89.83 -1.27 -13.70
N CYS J 300 88.69 -0.64 -14.14
CA CYS J 300 88.17 0.47 -13.37
C CYS J 300 86.77 0.25 -13.23
N GLN J 301 86.12 1.11 -12.46
CA GLN J 301 84.69 1.08 -12.12
C GLN J 301 84.00 2.26 -12.69
N LYS J 302 84.81 3.40 -12.92
CA LYS J 302 84.22 4.49 -13.58
C LYS J 302 84.78 4.49 -15.00
N GLY J 303 84.51 5.59 -15.77
CA GLY J 303 84.98 5.72 -17.22
C GLY J 303 86.44 5.62 -17.58
N ILE J 304 86.83 5.51 -18.89
CA ILE J 304 88.17 5.56 -19.44
C ILE J 304 87.97 6.27 -20.82
N ASP J 305 88.74 7.32 -21.11
CA ASP J 305 88.67 8.08 -22.37
C ASP J 305 89.06 7.26 -23.58
N GLU J 306 88.52 7.64 -24.78
CA GLU J 306 88.90 6.94 -26.09
C GLU J 306 90.33 7.32 -26.55
N VAL J 307 90.83 8.47 -26.13
CA VAL J 307 92.13 8.99 -26.35
C VAL J 307 93.12 8.28 -25.40
N ALA J 308 92.60 8.01 -24.18
CA ALA J 308 93.30 7.20 -23.21
C ALA J 308 93.24 5.71 -23.66
N GLN J 309 92.31 5.18 -24.49
CA GLN J 309 92.28 3.87 -24.96
C GLN J 309 93.34 3.69 -26.00
N SER J 310 93.51 4.67 -26.93
CA SER J 310 94.57 4.66 -27.93
C SER J 310 95.96 4.78 -27.26
N TYR J 311 95.99 5.37 -26.04
CA TYR J 311 97.19 5.41 -25.25
C TYR J 311 97.54 4.03 -24.64
N LEU J 312 96.52 3.40 -24.07
CA LEU J 312 96.68 2.12 -23.47
C LEU J 312 96.95 1.07 -24.56
N ALA J 313 96.34 1.30 -25.72
CA ALA J 313 96.54 0.44 -26.87
C ALA J 313 97.93 0.45 -27.38
N LYS J 314 98.58 1.63 -27.42
CA LYS J 314 99.93 1.86 -27.81
C LYS J 314 100.94 1.31 -26.78
N LYS J 315 100.57 1.26 -25.52
CA LYS J 315 101.40 0.76 -24.42
C LYS J 315 101.32 -0.76 -24.46
N GLY J 316 100.22 -1.20 -25.09
CA GLY J 316 100.10 -2.53 -25.42
C GLY J 316 99.45 -3.27 -24.25
N VAL J 317 98.58 -2.59 -23.53
CA VAL J 317 98.03 -3.05 -22.26
C VAL J 317 96.63 -3.43 -22.30
N LEU J 318 96.10 -4.27 -21.40
CA LEU J 318 94.74 -4.77 -21.46
C LEU J 318 93.95 -4.04 -20.32
N ALA J 319 92.96 -3.25 -20.78
CA ALA J 319 92.19 -2.49 -19.91
C ALA J 319 90.74 -2.85 -20.06
N VAL J 320 89.89 -2.72 -19.00
CA VAL J 320 88.39 -2.89 -18.96
C VAL J 320 87.74 -1.65 -18.38
N ARG J 321 86.68 -1.19 -19.00
CA ARG J 321 86.00 0.06 -18.54
C ARG J 321 84.69 -0.24 -17.92
N ARG J 322 84.31 0.37 -16.75
CA ARG J 322 83.09 0.27 -15.95
C ARG J 322 82.78 -1.17 -15.53
N ALA J 323 83.75 -1.89 -14.90
CA ALA J 323 83.54 -3.19 -14.32
C ALA J 323 82.67 -3.05 -13.01
N LYS J 324 82.08 -4.12 -12.50
CA LYS J 324 81.14 -3.91 -11.34
C LYS J 324 81.98 -4.09 -10.12
N LYS J 325 81.82 -3.28 -9.06
CA LYS J 325 82.55 -3.27 -7.82
C LYS J 325 82.51 -4.61 -7.14
N SER J 326 81.35 -5.35 -7.38
CA SER J 326 81.03 -6.67 -6.95
C SER J 326 82.06 -7.65 -7.25
N ASP J 327 82.77 -7.47 -8.36
CA ASP J 327 83.85 -8.28 -8.84
C ASP J 327 85.23 -7.69 -8.56
N LEU J 328 85.38 -6.41 -8.32
CA LEU J 328 86.65 -5.78 -7.89
C LEU J 328 87.07 -6.46 -6.59
N GLU J 329 86.04 -6.68 -5.72
CA GLU J 329 86.31 -7.41 -4.41
C GLU J 329 86.76 -8.80 -4.51
N LYS J 330 85.99 -9.62 -5.24
CA LYS J 330 86.34 -10.99 -5.54
C LYS J 330 87.72 -11.08 -6.23
N LEU J 331 88.14 -10.07 -6.96
CA LEU J 331 89.40 -10.07 -7.64
C LEU J 331 90.58 -9.55 -6.89
N ALA J 332 90.31 -8.69 -5.88
CA ALA J 332 91.26 -8.13 -4.95
C ALA J 332 91.83 -9.30 -4.16
N ARG J 333 91.12 -9.96 -3.22
CA ARG J 333 91.68 -11.04 -2.42
C ARG J 333 91.84 -12.35 -3.08
N ALA J 334 91.52 -12.37 -4.35
CA ALA J 334 91.85 -13.49 -5.23
C ALA J 334 93.30 -13.33 -5.81
N THR J 335 93.76 -12.19 -6.35
CA THR J 335 95.08 -11.95 -6.88
C THR J 335 95.96 -11.30 -5.87
N GLY J 336 95.46 -11.07 -4.65
CA GLY J 336 96.14 -10.37 -3.47
C GLY J 336 96.15 -8.87 -3.73
N GLY J 337 95.59 -8.40 -4.89
CA GLY J 337 95.54 -6.93 -5.10
C GLY J 337 94.69 -6.10 -4.16
N ARG J 338 94.71 -4.80 -4.28
CA ARG J 338 93.81 -3.98 -3.44
C ARG J 338 93.17 -2.94 -4.43
N VAL J 339 91.98 -2.41 -4.12
CA VAL J 339 91.40 -1.37 -4.94
C VAL J 339 91.88 -0.07 -4.54
N VAL J 340 92.46 0.79 -5.46
CA VAL J 340 92.88 2.09 -5.16
C VAL J 340 91.69 3.01 -5.55
N SER J 341 91.44 4.09 -4.74
CA SER J 341 90.38 5.00 -4.98
C SER J 341 90.83 6.25 -5.66
N ASN J 342 92.25 6.50 -5.67
CA ASN J 342 92.81 7.78 -6.22
C ASN J 342 93.99 7.47 -7.13
N ILE J 343 94.07 7.99 -8.40
CA ILE J 343 95.21 7.78 -9.28
C ILE J 343 96.49 8.24 -8.67
N ASP J 344 96.54 9.30 -7.75
CA ASP J 344 97.73 9.73 -7.08
C ASP J 344 98.11 8.90 -5.86
N GLU J 345 97.50 7.70 -5.66
CA GLU J 345 97.67 6.89 -4.44
C GLU J 345 98.05 5.47 -4.77
N ILE J 346 98.15 5.05 -6.01
CA ILE J 346 98.51 3.70 -6.32
C ILE J 346 100.00 3.32 -5.98
N SER J 347 100.24 2.22 -5.26
CA SER J 347 101.56 1.78 -4.87
C SER J 347 101.79 0.44 -5.56
N GLU J 348 103.05 -0.16 -5.51
CA GLU J 348 103.31 -1.53 -6.08
C GLU J 348 102.67 -2.63 -5.18
N GLN J 349 102.24 -2.41 -3.94
CA GLN J 349 101.62 -3.37 -3.03
C GLN J 349 100.21 -3.65 -3.41
N ASP J 350 99.63 -2.62 -3.95
CA ASP J 350 98.25 -2.68 -4.34
C ASP J 350 97.90 -3.52 -5.58
N LEU J 351 98.88 -3.70 -6.46
CA LEU J 351 98.57 -4.40 -7.72
C LEU J 351 98.45 -5.89 -7.53
N GLY J 352 97.68 -6.53 -8.39
CA GLY J 352 97.18 -7.92 -8.35
C GLY J 352 98.08 -8.75 -9.26
N TYR J 353 98.16 -10.05 -8.88
CA TYR J 353 99.00 -11.04 -9.56
C TYR J 353 98.24 -12.16 -10.09
N ALA J 354 98.42 -12.45 -11.37
CA ALA J 354 97.81 -13.56 -12.00
C ALA J 354 98.74 -14.08 -13.07
N SER J 355 98.77 -15.37 -13.39
CA SER J 355 99.73 -15.92 -14.40
C SER J 355 99.45 -15.36 -15.76
N LEU J 356 98.15 -15.27 -16.15
CA LEU J 356 97.63 -14.93 -17.43
C LEU J 356 96.27 -14.34 -17.32
N ILE J 357 95.97 -13.21 -17.95
CA ILE J 357 94.62 -12.62 -17.98
C ILE J 357 94.31 -12.74 -19.46
N GLU J 358 93.06 -13.02 -19.76
CA GLU J 358 92.56 -13.11 -21.10
C GLU J 358 91.10 -12.73 -21.31
N GLU J 359 90.54 -12.65 -22.47
CA GLU J 359 89.17 -12.35 -22.77
C GLU J 359 88.76 -13.58 -23.57
N ARG J 360 87.47 -14.06 -23.42
CA ARG J 360 86.84 -15.19 -24.14
C ARG J 360 85.26 -15.03 -24.26
N LYS J 361 84.78 -15.65 -25.35
CA LYS J 361 83.42 -15.63 -25.69
C LYS J 361 82.72 -16.79 -24.99
N VAL J 362 81.63 -16.53 -24.25
CA VAL J 362 80.96 -17.57 -23.46
C VAL J 362 79.81 -18.20 -24.25
N GLY J 363 79.66 -17.78 -25.51
CA GLY J 363 78.52 -18.26 -26.27
C GLY J 363 78.07 -17.17 -27.24
N GLU J 364 77.45 -16.17 -26.60
CA GLU J 364 77.21 -14.90 -27.20
C GLU J 364 77.96 -13.85 -26.52
N ASP J 365 78.11 -13.81 -25.22
CA ASP J 365 78.73 -12.75 -24.48
C ASP J 365 80.23 -12.89 -24.43
N LYS J 366 80.97 -11.77 -24.25
CA LYS J 366 82.40 -11.73 -24.05
C LYS J 366 82.71 -11.35 -22.64
N MET J 367 83.68 -12.05 -22.00
CA MET J 367 84.09 -11.86 -20.60
C MET J 367 85.61 -11.99 -20.42
N VAL J 368 86.09 -11.36 -19.40
CA VAL J 368 87.51 -11.41 -19.00
C VAL J 368 87.64 -12.48 -17.97
N PHE J 369 88.69 -13.30 -18.17
CA PHE J 369 88.94 -14.37 -17.26
C PHE J 369 90.24 -14.10 -16.60
N VAL J 370 90.41 -14.54 -15.35
CA VAL J 370 91.60 -14.19 -14.57
C VAL J 370 92.16 -15.48 -13.88
N GLU J 371 92.64 -16.42 -14.74
CA GLU J 371 93.29 -17.66 -14.33
C GLU J 371 94.72 -17.48 -13.81
N GLY J 372 95.11 -18.39 -12.91
CA GLY J 372 96.44 -18.25 -12.37
C GLY J 372 96.53 -17.20 -11.27
N ALA J 373 95.40 -16.91 -10.59
CA ALA J 373 95.25 -15.96 -9.55
C ALA J 373 96.00 -16.51 -8.41
N LYS J 374 96.62 -15.62 -7.61
CA LYS J 374 97.36 -15.92 -6.43
C LYS J 374 96.80 -16.76 -5.34
N ASN J 375 95.52 -16.53 -4.89
CA ASN J 375 94.78 -17.29 -4.05
C ASN J 375 94.06 -18.48 -4.88
N PRO J 376 94.34 -19.77 -4.65
CA PRO J 376 93.75 -20.92 -5.41
C PRO J 376 92.30 -21.23 -4.94
N LYS J 377 91.76 -20.65 -3.84
CA LYS J 377 90.41 -20.85 -3.44
C LYS J 377 89.36 -20.02 -4.24
N SER J 378 89.71 -18.76 -4.52
CA SER J 378 88.76 -17.89 -5.19
C SER J 378 88.55 -18.31 -6.62
N ILE J 379 87.45 -18.92 -6.90
CA ILE J 379 87.12 -19.56 -8.14
C ILE J 379 85.74 -19.16 -8.60
N SER J 380 85.35 -19.58 -9.84
CA SER J 380 84.11 -19.16 -10.36
C SER J 380 83.26 -20.27 -10.96
N ILE J 381 81.97 -19.99 -11.11
CA ILE J 381 81.09 -20.83 -11.89
C ILE J 381 80.57 -19.87 -12.96
N LEU J 382 80.31 -20.43 -14.21
CA LEU J 382 79.74 -19.72 -15.27
C LEU J 382 78.40 -20.37 -15.64
N ILE J 383 77.29 -19.66 -15.34
CA ILE J 383 75.92 -20.16 -15.66
C ILE J 383 75.48 -19.67 -17.04
N ARG J 384 74.79 -20.57 -17.71
CA ARG J 384 74.03 -20.51 -18.96
C ARG J 384 72.83 -21.49 -18.76
N GLY J 385 71.84 -21.50 -19.61
CA GLY J 385 70.62 -22.14 -19.35
C GLY J 385 69.51 -21.14 -19.46
N GLY J 386 68.97 -21.17 -20.64
CA GLY J 386 67.90 -20.37 -21.17
C GLY J 386 67.84 -18.99 -20.91
N LEU J 387 66.64 -18.44 -21.24
CA LEU J 387 66.24 -17.04 -21.16
C LEU J 387 66.66 -16.32 -19.88
N GLU J 388 66.57 -14.93 -19.83
CA GLU J 388 66.89 -13.95 -18.75
C GLU J 388 66.17 -14.24 -17.41
N ARG J 389 65.06 -14.96 -17.45
CA ARG J 389 64.44 -15.29 -16.18
C ARG J 389 64.70 -16.75 -15.78
N LEU J 390 64.74 -17.69 -16.72
CA LEU J 390 65.26 -19.03 -16.42
C LEU J 390 66.63 -19.17 -15.90
N VAL J 391 67.55 -18.36 -16.48
CA VAL J 391 68.97 -18.37 -16.16
C VAL J 391 69.15 -18.03 -14.64
N ASP J 392 68.31 -17.04 -14.20
CA ASP J 392 68.10 -16.58 -12.80
C ASP J 392 67.74 -17.69 -11.82
N GLU J 393 66.74 -18.55 -12.26
CA GLU J 393 66.28 -19.70 -11.46
C GLU J 393 67.36 -20.82 -11.49
N THR J 394 68.28 -20.89 -12.43
CA THR J 394 69.44 -21.77 -12.35
C THR J 394 70.47 -21.34 -11.36
N GLU J 395 70.59 -20.00 -11.16
CA GLU J 395 71.37 -19.45 -10.07
C GLU J 395 70.81 -19.67 -8.67
N ARG J 396 69.45 -19.67 -8.53
CA ARG J 396 68.73 -20.07 -7.30
C ARG J 396 69.05 -21.52 -7.00
N ALA J 397 68.81 -22.42 -7.98
CA ALA J 397 69.24 -23.79 -7.86
C ALA J 397 70.70 -23.99 -7.41
N LEU J 398 71.70 -23.28 -7.93
CA LEU J 398 73.10 -23.27 -7.64
C LEU J 398 73.37 -22.74 -6.27
N ARG J 399 72.66 -21.67 -5.86
CA ARG J 399 72.89 -21.07 -4.48
C ARG J 399 72.59 -22.07 -3.42
N ASP J 400 71.44 -22.72 -3.53
CA ASP J 400 71.10 -23.81 -2.65
C ASP J 400 71.97 -25.04 -2.75
N ALA J 401 72.21 -25.43 -3.99
CA ALA J 401 73.05 -26.64 -4.33
C ALA J 401 74.51 -26.56 -3.73
N LEU J 402 75.19 -25.43 -3.88
CA LEU J 402 76.49 -25.10 -3.20
C LEU J 402 76.41 -24.97 -1.67
N GLY J 403 75.48 -24.03 -1.25
CA GLY J 403 75.07 -23.88 0.16
C GLY J 403 74.79 -25.10 0.97
N THR J 404 73.80 -25.96 0.52
CA THR J 404 73.50 -27.25 1.15
C THR J 404 74.70 -28.16 1.28
N VAL J 405 75.43 -28.33 0.14
CA VAL J 405 76.54 -29.22 0.14
C VAL J 405 77.60 -28.87 1.16
N ALA J 406 77.86 -27.50 1.23
CA ALA J 406 78.75 -26.81 2.15
C ALA J 406 78.27 -26.91 3.58
N ASP J 407 76.92 -26.90 3.79
CA ASP J 407 76.40 -27.06 5.17
C ASP J 407 76.67 -28.48 5.67
N VAL J 408 76.57 -29.45 4.75
CA VAL J 408 76.85 -30.80 5.09
C VAL J 408 78.25 -31.05 5.50
N ILE J 409 79.26 -30.44 4.80
CA ILE J 409 80.70 -30.58 5.18
C ILE J 409 81.01 -29.86 6.50
N LYS J 410 80.51 -28.55 6.67
CA LYS J 410 80.64 -27.77 7.86
C LYS J 410 80.14 -28.44 9.13
N ASP J 411 79.13 -29.25 9.00
CA ASP J 411 78.49 -29.99 10.06
C ASP J 411 79.09 -31.39 10.07
N GLY J 412 78.75 -32.21 9.08
CA GLY J 412 79.30 -33.53 8.98
C GLY J 412 78.41 -34.75 9.15
N ARG J 413 77.10 -34.50 9.08
CA ARG J 413 76.02 -35.42 9.34
C ARG J 413 75.15 -35.48 8.11
N ALA J 414 74.73 -36.66 7.75
CA ALA J 414 73.78 -36.78 6.68
C ALA J 414 72.92 -38.00 6.87
N ILE J 415 71.55 -37.80 6.72
CA ILE J 415 70.56 -38.93 6.89
C ILE J 415 69.82 -39.29 5.55
N ALA J 416 69.13 -40.40 5.42
CA ALA J 416 68.39 -40.83 4.26
C ALA J 416 67.03 -40.02 4.25
N GLY J 417 66.76 -39.38 3.10
CA GLY J 417 65.62 -38.54 2.72
C GLY J 417 64.44 -39.40 2.41
N GLY J 418 63.31 -38.94 1.85
CA GLY J 418 62.27 -39.85 1.48
C GLY J 418 61.43 -40.38 2.64
N GLY J 419 61.60 -39.78 3.83
CA GLY J 419 60.68 -40.20 4.96
C GLY J 419 61.26 -41.37 5.81
N ALA J 420 62.44 -41.84 5.44
CA ALA J 420 63.17 -42.93 6.17
C ALA J 420 63.36 -42.71 7.74
N VAL J 421 64.00 -41.57 8.09
CA VAL J 421 64.14 -41.21 9.49
C VAL J 421 62.81 -40.82 10.19
N GLU J 422 61.81 -40.27 9.40
CA GLU J 422 60.51 -39.85 9.85
C GLU J 422 59.83 -41.10 10.37
N ILE J 423 59.55 -42.21 9.65
CA ILE J 423 58.99 -43.39 10.17
C ILE J 423 59.68 -43.95 11.43
N GLU J 424 61.04 -43.80 11.57
CA GLU J 424 61.68 -44.11 12.81
C GLU J 424 61.28 -43.16 13.92
N ILE J 425 61.37 -41.83 13.85
CA ILE J 425 60.87 -40.83 14.81
C ILE J 425 59.39 -41.08 15.14
N ALA J 426 58.57 -41.64 14.30
CA ALA J 426 57.15 -41.98 14.56
C ALA J 426 57.20 -43.21 15.41
N LYS J 427 57.56 -44.36 14.85
CA LYS J 427 57.74 -45.66 15.46
C LYS J 427 58.44 -45.53 16.85
N LYS J 428 59.66 -44.97 16.99
CA LYS J 428 60.31 -44.80 18.22
C LYS J 428 59.58 -44.09 19.34
N LEU J 429 58.83 -43.06 18.94
CA LEU J 429 57.92 -42.29 19.82
C LEU J 429 56.59 -43.08 20.18
N ARG J 430 56.02 -43.78 19.23
CA ARG J 430 54.76 -44.50 19.50
C ARG J 430 55.03 -45.54 20.61
N LYS J 431 56.13 -46.22 20.43
CA LYS J 431 56.71 -47.16 21.43
C LYS J 431 57.20 -46.55 22.77
N TYR J 432 57.63 -45.24 22.69
CA TYR J 432 57.99 -44.44 23.87
C TYR J 432 56.73 -44.11 24.67
N ALA J 433 55.68 -43.49 24.08
CA ALA J 433 54.41 -42.98 24.61
C ALA J 433 53.79 -43.68 25.78
N PRO J 434 53.41 -44.98 25.73
CA PRO J 434 52.95 -45.76 26.91
C PRO J 434 53.58 -45.49 28.24
N GLN J 435 54.93 -45.27 28.28
CA GLN J 435 55.70 -45.28 29.50
C GLN J 435 55.64 -43.84 30.17
N VAL J 436 55.33 -42.77 29.40
CA VAL J 436 55.48 -41.42 29.93
C VAL J 436 54.29 -41.02 30.83
N GLY J 437 53.10 -41.63 30.69
CA GLY J 437 51.99 -41.12 31.46
C GLY J 437 50.59 -41.31 30.84
N GLY J 438 49.57 -40.94 31.68
CA GLY J 438 48.20 -40.91 31.26
C GLY J 438 47.80 -40.06 30.09
N LYS J 439 47.39 -38.78 30.29
CA LYS J 439 46.90 -37.94 29.27
C LYS J 439 48.02 -37.53 28.30
N GLU J 440 49.22 -37.16 28.75
CA GLU J 440 50.43 -36.82 28.02
C GLU J 440 50.91 -37.78 26.88
N GLN J 441 50.54 -39.07 27.12
CA GLN J 441 50.63 -40.15 26.15
C GLN J 441 49.96 -39.86 24.89
N LEU J 442 48.71 -39.45 25.02
CA LEU J 442 47.88 -38.97 23.92
C LEU J 442 48.57 -37.90 23.10
N ALA J 443 49.27 -36.90 23.73
CA ALA J 443 50.13 -35.85 23.13
C ALA J 443 51.31 -36.41 22.39
N VAL J 444 52.05 -37.35 23.03
CA VAL J 444 53.17 -37.96 22.39
C VAL J 444 52.81 -38.74 21.13
N GLU J 445 51.79 -39.56 21.26
CA GLU J 445 51.22 -40.24 20.06
C GLU J 445 50.75 -39.33 18.97
N ALA J 446 50.20 -38.24 19.33
CA ALA J 446 49.68 -37.15 18.48
C ALA J 446 50.70 -36.54 17.64
N TYR J 447 51.77 -36.09 18.33
CA TYR J 447 53.00 -35.68 17.75
C TYR J 447 53.61 -36.54 16.63
N ALA J 448 53.59 -37.89 16.87
CA ALA J 448 54.00 -38.91 15.99
C ALA J 448 53.05 -39.01 14.80
N ASN J 449 51.69 -39.04 15.06
CA ASN J 449 50.63 -39.12 14.01
C ASN J 449 50.80 -37.92 13.01
N ALA J 450 51.03 -36.70 13.60
CA ALA J 450 51.34 -35.56 12.73
C ALA J 450 52.62 -35.78 11.84
N LEU J 451 53.65 -36.36 12.38
CA LEU J 451 54.88 -36.53 11.64
C LEU J 451 54.69 -37.51 10.46
N GLU J 452 53.84 -38.57 10.66
CA GLU J 452 53.54 -39.52 9.62
C GLU J 452 52.65 -38.77 8.64
N SER J 453 51.80 -37.83 9.01
CA SER J 453 51.07 -37.00 8.06
C SER J 453 51.92 -36.24 7.09
N LEU J 454 53.08 -35.84 7.58
CA LEU J 454 54.15 -35.22 6.76
C LEU J 454 54.57 -36.09 5.52
N VAL J 455 54.87 -37.39 5.73
CA VAL J 455 55.24 -38.37 4.75
C VAL J 455 54.00 -38.76 3.92
N SER J 456 52.81 -38.60 4.53
CA SER J 456 51.55 -38.90 3.82
C SER J 456 51.29 -37.89 2.69
N ILE J 457 51.51 -36.59 3.03
CA ILE J 457 51.44 -35.51 2.11
C ILE J 457 52.33 -35.70 0.97
N LEU J 458 53.58 -36.11 1.23
CA LEU J 458 54.58 -36.41 0.27
C LEU J 458 54.17 -37.57 -0.63
N ILE J 459 53.64 -38.66 -0.07
CA ILE J 459 53.14 -39.71 -0.78
C ILE J 459 51.93 -39.21 -1.72
N GLU J 460 50.92 -38.51 -1.09
CA GLU J 460 49.75 -37.96 -1.71
C GLU J 460 50.04 -37.33 -3.05
N ASN J 461 50.90 -36.22 -2.95
CA ASN J 461 51.45 -35.41 -4.05
C ASN J 461 52.21 -36.26 -5.07
N ALA J 462 52.60 -37.50 -4.84
CA ALA J 462 53.21 -38.42 -5.85
C ALA J 462 52.22 -39.26 -6.67
N GLY J 463 51.00 -39.41 -6.12
CA GLY J 463 49.87 -40.02 -6.82
C GLY J 463 49.79 -41.55 -6.54
N PHE J 464 50.16 -41.95 -5.29
CA PHE J 464 49.98 -43.24 -4.69
C PHE J 464 49.12 -42.97 -3.45
N ASP J 465 48.49 -44.04 -2.94
CA ASP J 465 47.58 -44.00 -1.79
C ASP J 465 48.41 -43.90 -0.45
N PRO J 466 48.33 -42.82 0.33
CA PRO J 466 49.17 -42.60 1.58
C PRO J 466 49.20 -43.65 2.61
N ILE J 467 47.96 -44.24 3.04
CA ILE J 467 47.91 -45.22 4.10
C ILE J 467 48.60 -46.52 3.69
N ASP J 468 48.20 -46.96 2.48
CA ASP J 468 48.76 -48.19 1.79
C ASP J 468 50.28 -48.27 1.78
N LEU J 469 50.96 -47.25 1.18
CA LEU J 469 52.35 -47.12 1.04
C LEU J 469 53.05 -47.00 2.34
N LEU J 470 52.47 -46.16 3.22
CA LEU J 470 53.02 -46.02 4.54
C LEU J 470 53.03 -47.32 5.33
N MET J 471 51.91 -48.07 5.36
CA MET J 471 51.95 -49.32 6.06
C MET J 471 52.86 -50.30 5.43
N LYS J 472 52.83 -50.48 4.11
CA LYS J 472 53.81 -51.34 3.43
C LYS J 472 55.29 -51.02 3.65
N LEU J 473 55.62 -49.77 3.85
CA LEU J 473 56.91 -49.20 4.12
C LEU J 473 57.25 -49.35 5.61
N ARG J 474 56.35 -48.98 6.51
CA ARG J 474 56.56 -49.31 7.86
C ARG J 474 56.59 -50.86 8.21
N SER J 475 56.28 -51.79 7.28
CA SER J 475 56.45 -53.19 7.36
C SER J 475 57.78 -53.56 6.83
N THR J 476 58.21 -52.94 5.76
CA THR J 476 59.57 -53.06 5.17
C THR J 476 60.64 -52.38 6.07
N HIS J 477 60.32 -51.92 7.28
CA HIS J 477 61.19 -51.07 8.13
C HIS J 477 61.46 -51.73 9.48
N GLU J 478 61.07 -53.06 9.60
CA GLU J 478 61.21 -53.81 10.80
C GLU J 478 62.73 -53.93 11.18
N ASN J 479 63.61 -54.28 10.23
CA ASN J 479 65.07 -54.30 10.55
C ASN J 479 65.75 -52.96 10.40
N GLU J 480 66.84 -52.87 11.25
CA GLU J 480 67.82 -51.82 11.14
C GLU J 480 68.60 -51.73 9.85
N ASN J 481 68.66 -52.82 9.01
CA ASN J 481 69.19 -52.76 7.71
C ASN J 481 68.18 -52.27 6.67
N ASN J 482 67.07 -51.71 7.23
CA ASN J 482 66.02 -51.03 6.50
C ASN J 482 65.72 -49.67 7.08
N LYS J 483 66.71 -49.06 7.75
CA LYS J 483 66.65 -47.78 8.38
C LYS J 483 66.61 -46.68 7.32
N TRP J 484 67.21 -46.90 6.12
CA TRP J 484 67.22 -45.97 5.03
C TRP J 484 66.11 -46.32 3.99
N TYR J 485 65.09 -47.02 4.39
CA TYR J 485 63.91 -47.22 3.59
C TYR J 485 62.89 -46.15 3.65
N GLY J 486 62.41 -45.81 2.43
CA GLY J 486 61.45 -44.72 2.23
C GLY J 486 60.55 -45.07 1.16
N ILE J 487 59.92 -44.04 0.63
CA ILE J 487 59.01 -44.10 -0.51
C ILE J 487 59.63 -43.26 -1.65
N ASP J 488 60.11 -43.93 -2.70
CA ASP J 488 60.46 -43.36 -4.04
C ASP J 488 59.26 -42.75 -4.73
N LEU J 489 59.10 -41.41 -4.92
CA LEU J 489 57.92 -40.75 -5.43
C LEU J 489 57.67 -40.74 -6.91
N TYR J 490 58.55 -41.42 -7.60
CA TYR J 490 58.43 -41.54 -9.06
C TYR J 490 58.21 -43.01 -9.37
N ALA J 491 58.65 -43.97 -8.49
CA ALA J 491 58.39 -45.37 -8.66
C ALA J 491 57.07 -45.74 -7.98
N GLY J 492 56.78 -45.30 -6.75
CA GLY J 492 55.65 -45.66 -6.03
C GLY J 492 55.77 -47.07 -5.52
N GLN J 493 56.73 -47.23 -4.51
CA GLN J 493 57.15 -48.48 -3.88
C GLN J 493 58.21 -48.26 -2.78
N PRO J 494 58.23 -48.97 -1.66
CA PRO J 494 59.23 -48.86 -0.62
C PRO J 494 60.60 -49.21 -1.18
N VAL J 495 61.63 -48.32 -1.02
CA VAL J 495 63.03 -48.61 -1.41
C VAL J 495 64.16 -48.03 -0.48
N ASP J 496 65.42 -48.51 -0.63
CA ASP J 496 66.51 -47.89 0.11
C ASP J 496 66.88 -46.63 -0.49
N MET J 497 66.62 -45.40 0.20
CA MET J 497 66.76 -44.06 -0.38
C MET J 497 68.16 -43.71 -0.54
N TRP J 498 68.99 -44.02 0.46
CA TRP J 498 70.45 -43.80 0.44
C TRP J 498 71.09 -44.41 -0.78
N GLN J 499 70.77 -45.75 -0.96
CA GLN J 499 71.08 -46.54 -2.17
C GLN J 499 70.24 -46.19 -3.44
N LYS J 500 69.75 -44.93 -3.60
CA LYS J 500 68.95 -44.42 -4.70
C LYS J 500 69.31 -42.98 -4.83
N GLY J 501 70.44 -42.58 -4.13
CA GLY J 501 70.96 -41.21 -4.20
C GLY J 501 70.26 -40.24 -3.35
N VAL J 502 69.28 -40.69 -2.55
CA VAL J 502 68.56 -39.71 -1.75
C VAL J 502 68.99 -39.73 -0.34
N ILE J 503 69.92 -38.80 0.01
CA ILE J 503 70.41 -38.46 1.28
C ILE J 503 70.21 -36.89 1.53
N GLU J 504 70.14 -36.37 2.83
CA GLU J 504 69.88 -35.03 3.24
C GLU J 504 70.66 -34.56 4.49
N PRO J 505 70.96 -33.22 4.65
CA PRO J 505 71.61 -32.55 5.81
C PRO J 505 70.95 -32.78 7.11
N ALA J 506 71.45 -33.56 8.06
CA ALA J 506 70.78 -33.84 9.32
C ALA J 506 70.57 -32.68 10.29
N LEU J 507 71.22 -31.51 10.06
CA LEU J 507 71.08 -30.40 10.99
C LEU J 507 70.08 -29.52 10.50
N VAL J 508 69.97 -29.31 9.15
CA VAL J 508 68.85 -28.59 8.55
C VAL J 508 67.53 -29.24 8.86
N LYS J 509 67.51 -30.60 8.59
CA LYS J 509 66.31 -31.34 8.90
C LYS J 509 66.11 -31.67 10.36
N MET J 510 66.88 -31.01 11.18
CA MET J 510 66.66 -31.12 12.62
C MET J 510 66.11 -29.89 13.15
N ASN J 511 66.67 -28.72 12.68
CA ASN J 511 66.22 -27.41 13.05
C ASN J 511 64.81 -27.17 12.57
N ALA J 512 64.35 -27.84 11.47
CA ALA J 512 62.95 -27.73 11.03
C ALA J 512 61.92 -28.15 12.12
N ILE J 513 62.08 -29.39 12.63
CA ILE J 513 61.35 -29.89 13.78
C ILE J 513 61.45 -29.01 15.06
N LYS J 514 62.64 -28.54 15.35
CA LYS J 514 62.90 -27.72 16.51
C LYS J 514 62.15 -26.44 16.39
N ALA J 515 62.09 -25.80 15.20
CA ALA J 515 61.24 -24.68 14.90
C ALA J 515 59.76 -24.99 15.02
N ALA J 516 59.33 -25.99 14.23
CA ALA J 516 57.96 -26.34 14.15
C ALA J 516 57.25 -26.56 15.44
N THR J 517 57.86 -27.38 16.29
CA THR J 517 57.28 -27.68 17.58
C THR J 517 57.18 -26.48 18.49
N GLU J 518 58.13 -25.56 18.37
CA GLU J 518 58.22 -24.36 19.08
C GLU J 518 57.08 -23.43 18.86
N ALA J 519 56.85 -23.08 17.57
CA ALA J 519 55.71 -22.42 17.10
C ALA J 519 54.38 -23.13 17.41
N ALA J 520 54.20 -24.39 17.00
CA ALA J 520 53.05 -25.17 17.32
C ALA J 520 52.65 -25.08 18.79
N THR J 521 53.59 -25.37 19.74
CA THR J 521 53.27 -25.28 21.20
C THR J 521 53.02 -23.93 21.81
N LEU J 522 53.58 -22.83 21.16
CA LEU J 522 53.33 -21.43 21.57
C LEU J 522 51.84 -21.14 21.23
N VAL J 523 51.27 -21.62 20.11
CA VAL J 523 49.97 -21.27 19.77
C VAL J 523 49.01 -21.80 20.72
N LEU J 524 49.31 -23.07 21.18
CA LEU J 524 48.52 -23.86 22.15
C LEU J 524 48.69 -23.18 23.55
N ARG J 525 49.82 -22.46 23.86
CA ARG J 525 50.07 -21.73 25.09
C ARG J 525 49.14 -20.41 25.22
N ILE J 526 48.76 -19.85 24.04
CA ILE J 526 47.87 -18.70 24.02
C ILE J 526 46.42 -19.07 24.36
N ASP J 527 45.89 -18.43 25.45
CA ASP J 527 44.57 -18.59 25.93
C ASP J 527 43.55 -17.82 25.15
N ASP J 528 43.87 -16.56 25.00
CA ASP J 528 42.94 -15.57 24.47
C ASP J 528 43.74 -14.43 23.81
N VAL J 529 43.08 -13.55 22.98
CA VAL J 529 43.68 -12.44 22.17
C VAL J 529 42.98 -11.07 22.38
N VAL J 530 43.71 -10.07 22.90
CA VAL J 530 43.14 -8.76 23.19
C VAL J 530 43.62 -7.65 22.30
N SER J 531 42.71 -7.04 21.46
CA SER J 531 43.03 -6.16 20.38
C SER J 531 42.77 -4.72 20.80
N ALA J 532 43.77 -3.89 20.95
CA ALA J 532 43.73 -2.52 21.37
C ALA J 532 43.08 -1.62 20.26
N GLY K 28 22.59 2.97 45.15
CA GLY K 28 21.61 1.82 45.12
C GLY K 28 22.21 0.50 44.57
N LYS K 29 21.46 -0.59 44.80
CA LYS K 29 21.66 -1.93 44.16
C LYS K 29 21.95 -1.99 42.59
N GLU K 30 21.36 -0.99 41.84
CA GLU K 30 21.65 -0.49 40.50
C GLU K 30 23.11 -0.48 40.14
N ALA K 31 23.77 0.52 40.66
CA ALA K 31 25.19 0.89 40.42
C ALA K 31 26.14 -0.02 41.25
N VAL K 32 25.85 -0.42 42.49
CA VAL K 32 26.59 -1.50 43.20
C VAL K 32 26.82 -2.80 42.42
N ARG K 33 25.79 -3.12 41.55
CA ARG K 33 25.89 -4.27 40.64
C ARG K 33 26.97 -4.11 39.58
N ALA K 34 27.05 -2.96 38.99
CA ALA K 34 28.00 -2.54 37.97
C ALA K 34 29.42 -2.74 38.49
N ASN K 35 29.73 -2.13 39.65
CA ASN K 35 30.99 -2.27 40.25
C ASN K 35 31.48 -3.69 40.48
N ILE K 36 30.66 -4.47 41.15
CA ILE K 36 30.84 -5.95 41.28
C ILE K 36 31.05 -6.70 39.94
N ALA K 37 30.16 -6.61 38.94
CA ALA K 37 30.32 -7.08 37.59
C ALA K 37 31.68 -6.75 36.91
N ALA K 38 31.94 -5.46 36.80
CA ALA K 38 33.21 -4.85 36.29
C ALA K 38 34.53 -5.39 36.89
N VAL K 39 34.51 -5.44 38.23
CA VAL K 39 35.53 -6.07 39.03
C VAL K 39 35.85 -7.53 38.64
N LYS K 40 34.71 -8.36 38.69
CA LYS K 40 34.66 -9.76 38.37
C LYS K 40 35.24 -10.05 37.03
N ALA K 41 34.91 -9.22 36.05
CA ALA K 41 35.44 -9.09 34.68
C ALA K 41 36.96 -8.86 34.67
N VAL K 42 37.54 -7.90 35.47
CA VAL K 42 38.98 -7.72 35.50
C VAL K 42 39.68 -8.99 35.99
N GLU K 43 39.10 -9.68 37.05
CA GLU K 43 39.56 -11.03 37.63
C GLU K 43 39.62 -12.04 36.54
N GLU K 44 38.54 -12.16 35.75
CA GLU K 44 38.40 -12.98 34.54
C GLU K 44 39.45 -12.73 33.44
N ALA K 45 40.24 -11.63 33.61
CA ALA K 45 41.23 -11.25 32.63
C ALA K 45 42.64 -11.79 32.97
N LEU K 46 42.82 -12.07 34.27
CA LEU K 46 44.11 -12.67 34.72
C LEU K 46 43.94 -14.14 35.22
N LYS K 47 42.83 -14.66 35.76
CA LYS K 47 42.57 -16.01 36.21
C LYS K 47 43.32 -17.18 35.54
N SER K 48 43.23 -17.34 34.20
CA SER K 48 44.00 -18.31 33.40
C SER K 48 45.51 -18.00 33.37
N THR K 49 46.08 -17.03 34.13
CA THR K 49 47.52 -16.75 34.17
C THR K 49 48.08 -16.94 35.54
N TYR K 50 47.26 -17.35 36.53
CA TYR K 50 47.73 -17.54 37.93
C TYR K 50 48.75 -18.68 38.03
N GLY K 51 49.81 -18.42 38.77
CA GLY K 51 50.94 -19.33 39.14
C GLY K 51 51.94 -19.68 38.03
N PRO K 52 52.92 -20.51 38.26
CA PRO K 52 53.82 -20.91 37.22
C PRO K 52 53.24 -21.81 36.04
N ARG K 53 52.00 -22.22 36.07
CA ARG K 53 51.29 -23.07 35.13
C ARG K 53 50.31 -22.24 34.30
N GLY K 54 50.22 -20.91 34.59
CA GLY K 54 49.43 -19.93 33.96
C GLY K 54 49.67 -19.83 32.52
N MET K 55 48.64 -19.62 31.76
CA MET K 55 48.59 -19.55 30.30
C MET K 55 49.02 -18.19 29.83
N ASP K 56 49.35 -18.04 28.55
CA ASP K 56 49.76 -16.70 28.03
C ASP K 56 48.62 -16.22 27.25
N LYS K 57 48.49 -14.89 27.20
CA LYS K 57 47.57 -14.06 26.51
C LYS K 57 48.28 -13.38 25.34
N MET K 58 47.61 -13.15 24.24
CA MET K 58 48.15 -12.36 23.16
C MET K 58 47.54 -11.05 23.15
N LEU K 59 48.38 -9.98 22.93
CA LEU K 59 47.84 -8.64 23.08
C LEU K 59 48.28 -7.90 21.78
N VAL K 60 47.25 -7.52 20.98
CA VAL K 60 47.41 -7.04 19.61
C VAL K 60 47.22 -5.57 19.42
N ASP K 61 48.34 -4.79 19.08
CA ASP K 61 48.26 -3.37 18.81
C ASP K 61 47.54 -2.83 17.56
N SER K 62 46.89 -1.64 17.56
CA SER K 62 46.16 -1.04 16.34
C SER K 62 46.99 -1.16 15.06
N LEU K 63 48.34 -0.91 15.14
CA LEU K 63 49.27 -0.93 13.96
C LEU K 63 49.91 -2.22 13.65
N GLY K 64 49.37 -3.34 14.26
CA GLY K 64 49.83 -4.69 14.01
C GLY K 64 50.91 -5.28 14.93
N ASP K 65 51.43 -4.51 15.89
CA ASP K 65 52.45 -5.15 16.76
C ASP K 65 51.92 -6.15 17.76
N ILE K 66 52.55 -7.35 17.92
CA ILE K 66 52.01 -8.40 18.81
C ILE K 66 52.91 -8.55 20.03
N THR K 67 52.23 -8.83 21.16
CA THR K 67 52.89 -9.22 22.35
C THR K 67 52.19 -10.32 23.03
N ILE K 68 52.81 -11.50 23.20
CA ILE K 68 52.23 -12.67 23.90
C ILE K 68 52.88 -12.71 25.29
N THR K 69 52.09 -12.79 26.34
CA THR K 69 52.73 -12.90 27.64
C THR K 69 51.83 -13.44 28.70
N ASN K 70 52.33 -13.60 29.92
CA ASN K 70 51.69 -14.04 31.15
C ASN K 70 51.96 -13.01 32.37
N ASP K 71 52.52 -11.84 31.95
CA ASP K 71 52.75 -10.81 32.90
C ASP K 71 51.50 -10.11 33.23
N GLY K 72 50.99 -10.40 34.48
CA GLY K 72 49.73 -9.78 34.87
C GLY K 72 49.51 -8.33 34.67
N ALA K 73 50.41 -7.53 35.25
CA ALA K 73 50.63 -6.12 35.05
C ALA K 73 50.57 -5.72 33.61
N THR K 74 51.43 -6.30 32.78
CA THR K 74 51.30 -6.08 31.38
C THR K 74 49.94 -6.32 30.71
N ILE K 75 49.23 -7.39 31.03
CA ILE K 75 47.90 -7.73 30.52
C ILE K 75 46.84 -6.70 31.03
N LEU K 76 47.20 -5.98 32.13
CA LEU K 76 46.33 -5.07 32.70
C LEU K 76 46.60 -3.60 32.24
N ASP K 77 47.88 -3.24 32.05
CA ASP K 77 48.38 -1.99 31.49
C ASP K 77 48.00 -1.79 30.05
N LYS K 78 48.07 -2.80 29.18
CA LYS K 78 47.62 -2.56 27.77
C LYS K 78 46.06 -2.53 27.67
N MET K 79 45.34 -2.88 28.67
CA MET K 79 43.90 -2.97 28.71
C MET K 79 43.31 -1.65 29.02
N ASP K 80 42.58 -1.03 28.06
CA ASP K 80 41.88 0.28 28.22
C ASP K 80 40.77 0.14 29.08
N LEU K 81 41.03 0.66 30.34
CA LEU K 81 40.00 0.67 31.30
C LEU K 81 39.15 1.88 31.15
N GLN K 82 37.75 1.72 31.18
CA GLN K 82 36.83 2.83 30.87
C GLN K 82 35.82 3.00 31.95
N HIS K 83 35.96 2.19 33.03
CA HIS K 83 35.09 2.12 34.25
C HIS K 83 35.72 2.46 35.53
N PRO K 84 35.15 3.33 36.42
CA PRO K 84 35.78 3.75 37.71
C PRO K 84 36.17 2.65 38.63
N ALA K 85 35.29 1.61 38.90
CA ALA K 85 35.52 0.46 39.76
C ALA K 85 36.81 -0.28 39.43
N ALA K 86 37.02 -0.62 38.14
CA ALA K 86 38.26 -1.19 37.56
C ALA K 86 39.47 -0.25 37.87
N LYS K 87 39.24 0.99 37.52
CA LYS K 87 40.31 2.03 37.78
C LYS K 87 40.69 2.19 39.21
N LEU K 88 39.75 2.03 40.16
CA LEU K 88 40.07 2.17 41.61
C LEU K 88 40.88 1.05 42.05
N LEU K 89 40.49 -0.12 41.62
CA LEU K 89 40.99 -1.44 41.96
C LEU K 89 42.44 -1.61 41.54
N VAL K 90 42.75 -1.41 40.24
CA VAL K 90 44.12 -1.44 39.75
C VAL K 90 45.12 -0.53 40.54
N GLN K 91 44.73 0.64 41.01
CA GLN K 91 45.55 1.53 41.77
C GLN K 91 46.00 0.99 43.16
N ILE K 92 45.08 0.31 43.81
CA ILE K 92 45.32 -0.34 45.18
C ILE K 92 46.12 -1.67 44.99
N ALA K 93 45.73 -2.43 43.93
CA ALA K 93 46.33 -3.76 43.50
C ALA K 93 47.81 -3.60 42.95
N LYS K 94 47.99 -2.82 41.83
CA LYS K 94 49.32 -2.57 41.22
C LYS K 94 50.27 -1.89 42.25
N GLY K 95 49.89 -0.67 42.74
CA GLY K 95 50.63 0.18 43.69
C GLY K 95 50.46 -0.25 45.17
N GLN K 96 50.87 -1.55 45.37
CA GLN K 96 51.10 -2.23 46.65
C GLN K 96 52.41 -1.86 47.14
N ASP K 97 52.61 -2.21 48.49
CA ASP K 97 53.85 -1.69 49.16
C ASP K 97 55.21 -2.08 48.70
N GLU K 98 55.45 -3.39 48.38
CA GLU K 98 56.74 -3.88 47.87
C GLU K 98 56.49 -4.46 46.53
N GLU K 99 57.31 -4.24 45.48
CA GLU K 99 57.09 -4.58 44.06
C GLU K 99 57.23 -6.14 43.87
N THR K 100 56.47 -6.71 42.92
CA THR K 100 56.44 -8.15 42.72
C THR K 100 55.55 -8.38 41.46
N ALA K 101 55.73 -9.43 40.71
CA ALA K 101 54.84 -9.75 39.66
C ALA K 101 53.71 -10.73 40.00
N ASP K 102 54.01 -11.87 40.62
CA ASP K 102 53.09 -12.81 41.18
C ASP K 102 52.15 -12.21 42.21
N GLY K 103 52.62 -11.29 43.07
CA GLY K 103 51.82 -10.64 44.15
C GLY K 103 50.78 -9.63 43.72
N THR K 104 51.04 -8.81 42.64
CA THR K 104 50.07 -7.95 42.09
C THR K 104 49.02 -8.81 41.39
N LYS K 105 49.49 -9.94 40.75
CA LYS K 105 48.53 -10.86 40.09
C LYS K 105 47.56 -11.58 41.06
N THR K 106 48.14 -11.89 42.28
CA THR K 106 47.42 -12.48 43.39
C THR K 106 46.44 -11.42 43.89
N ALA K 107 47.03 -10.24 44.31
CA ALA K 107 46.25 -9.03 44.72
C ALA K 107 45.00 -8.77 43.91
N VAL K 108 45.07 -8.82 42.56
CA VAL K 108 43.85 -8.63 41.74
C VAL K 108 42.76 -9.79 41.79
N ILE K 109 43.24 -10.98 41.60
CA ILE K 109 42.45 -12.24 41.67
C ILE K 109 41.70 -12.30 43.00
N PHE K 110 42.48 -12.22 44.11
CA PHE K 110 41.97 -12.16 45.43
C PHE K 110 40.94 -11.01 45.66
N SER K 111 41.22 -9.82 45.03
CA SER K 111 40.26 -8.72 45.05
C SER K 111 38.87 -9.06 44.45
N GLY K 112 38.81 -9.54 43.23
CA GLY K 112 37.54 -10.08 42.69
C GLY K 112 36.92 -11.34 43.38
N GLU K 113 37.80 -12.21 43.96
CA GLU K 113 37.37 -13.30 44.77
C GLU K 113 36.67 -12.96 46.04
N LEU K 114 37.04 -11.96 46.78
CA LEU K 114 36.37 -11.42 47.94
C LEU K 114 35.02 -10.81 47.67
N VAL K 115 35.04 -10.05 46.55
CA VAL K 115 33.88 -9.32 45.98
C VAL K 115 32.89 -10.33 45.60
N LYS K 116 33.34 -11.42 44.92
CA LYS K 116 32.53 -12.59 44.58
C LYS K 116 31.96 -13.23 45.79
N LYS K 117 32.77 -13.73 46.73
CA LYS K 117 32.30 -14.40 47.94
C LYS K 117 31.40 -13.55 48.84
N ALA K 118 31.54 -12.22 48.70
CA ALA K 118 30.72 -11.27 49.37
C ALA K 118 29.30 -11.10 48.77
N GLU K 119 29.10 -11.31 47.47
CA GLU K 119 27.86 -11.20 46.76
C GLU K 119 26.85 -12.14 47.31
N ASP K 120 27.21 -13.36 47.72
CA ASP K 120 26.30 -14.24 48.36
C ASP K 120 25.80 -13.82 49.67
N LEU K 121 26.54 -12.97 50.45
CA LEU K 121 26.12 -12.49 51.82
C LEU K 121 25.12 -11.40 51.59
N LEU K 122 25.33 -10.53 50.63
CA LEU K 122 24.39 -9.41 50.27
C LEU K 122 23.05 -10.03 49.79
N TYR K 123 23.14 -11.20 49.12
CA TYR K 123 21.97 -11.95 48.66
C TYR K 123 21.14 -12.45 49.78
N LYS K 124 21.85 -12.89 50.86
CA LYS K 124 21.21 -13.23 52.17
C LYS K 124 20.89 -12.03 53.09
N ASP K 125 21.08 -10.69 52.61
CA ASP K 125 20.82 -9.41 53.34
C ASP K 125 21.74 -8.97 54.41
N VAL K 126 23.10 -9.29 54.36
CA VAL K 126 24.11 -8.79 55.28
C VAL K 126 24.50 -7.35 54.98
N HIS K 127 24.25 -6.34 55.91
CA HIS K 127 24.64 -4.98 55.59
C HIS K 127 26.12 -4.82 55.17
N PRO K 128 26.55 -4.11 54.19
CA PRO K 128 28.02 -4.06 53.87
C PRO K 128 29.00 -3.58 55.02
N THR K 129 28.53 -2.68 55.99
CA THR K 129 29.30 -2.18 57.17
C THR K 129 29.75 -3.28 57.99
N ILE K 130 28.89 -4.32 57.94
CA ILE K 130 29.13 -5.60 58.63
C ILE K 130 30.10 -6.45 57.86
N ILE K 131 29.94 -6.67 56.52
CA ILE K 131 30.88 -7.44 55.71
C ILE K 131 32.29 -6.86 55.55
N ILE K 132 32.39 -5.47 55.67
CA ILE K 132 33.64 -4.83 55.75
C ILE K 132 34.22 -5.22 57.05
N SER K 133 33.48 -4.97 58.16
CA SER K 133 34.08 -5.16 59.47
C SER K 133 34.56 -6.60 59.67
N GLY K 134 33.78 -7.56 59.25
CA GLY K 134 34.15 -9.02 59.21
C GLY K 134 35.38 -9.29 58.51
N TYR K 135 35.50 -8.84 57.20
CA TYR K 135 36.72 -9.03 56.36
C TYR K 135 37.94 -8.34 57.03
N LYS K 136 37.76 -7.14 57.59
CA LYS K 136 38.72 -6.40 58.39
C LYS K 136 39.28 -7.15 59.60
N LYS K 137 38.43 -7.70 60.54
CA LYS K 137 38.75 -8.58 61.62
C LYS K 137 39.47 -9.86 61.07
N ALA K 138 39.08 -10.45 59.97
CA ALA K 138 39.71 -11.58 59.30
C ALA K 138 41.13 -11.24 58.75
N GLU K 139 41.30 -10.04 58.14
CA GLU K 139 42.55 -9.48 57.69
C GLU K 139 43.53 -9.39 58.80
N GLU K 140 43.06 -8.87 59.99
CA GLU K 140 43.89 -8.86 61.16
C GLU K 140 44.66 -10.10 61.46
N VAL K 141 43.92 -11.19 61.75
CA VAL K 141 44.36 -12.54 61.97
C VAL K 141 45.13 -13.12 60.82
N ALA K 142 44.59 -13.03 59.62
CA ALA K 142 45.27 -13.39 58.36
C ALA K 142 46.65 -12.87 58.07
N LEU K 143 46.90 -11.57 58.49
CA LEU K 143 48.15 -10.92 58.37
C LEU K 143 49.13 -11.53 59.41
N GLN K 144 48.78 -11.41 60.74
CA GLN K 144 49.64 -11.87 61.82
C GLN K 144 49.95 -13.41 61.73
N THR K 145 49.08 -14.24 61.05
CA THR K 145 49.16 -15.65 60.75
C THR K 145 50.31 -16.08 59.83
N ILE K 146 50.91 -15.04 59.14
CA ILE K 146 52.11 -15.18 58.28
C ILE K 146 53.37 -14.88 59.04
N GLN K 147 53.30 -13.88 59.93
CA GLN K 147 54.38 -13.55 60.88
C GLN K 147 54.69 -14.59 61.88
N GLU K 148 53.69 -14.94 62.75
CA GLU K 148 53.83 -16.04 63.73
C GLU K 148 53.89 -17.46 63.03
N LEU K 149 54.68 -17.59 61.93
CA LEU K 149 54.70 -18.91 61.25
C LEU K 149 55.87 -18.99 60.29
N ALA K 150 56.22 -17.78 59.79
CA ALA K 150 57.41 -17.48 58.95
C ALA K 150 58.72 -17.79 59.54
N GLN K 151 59.70 -18.13 58.69
CA GLN K 151 61.02 -18.62 59.07
C GLN K 151 62.11 -17.68 58.90
N THR K 152 63.07 -17.53 59.83
CA THR K 152 64.09 -16.55 59.80
C THR K 152 65.09 -16.79 58.68
N VAL K 153 65.19 -15.94 57.66
CA VAL K 153 66.02 -16.11 56.54
C VAL K 153 66.94 -14.88 56.36
N SER K 154 68.29 -15.03 56.25
CA SER K 154 69.10 -13.88 55.98
C SER K 154 70.22 -14.37 55.18
N ILE K 155 71.29 -13.58 55.16
CA ILE K 155 72.45 -13.74 54.37
C ILE K 155 73.18 -15.08 54.39
N ASN K 156 73.20 -15.77 55.57
CA ASN K 156 73.90 -17.07 55.69
C ASN K 156 72.93 -18.25 55.36
N ASP K 157 71.72 -17.98 55.00
CA ASP K 157 70.81 -19.00 54.52
C ASP K 157 70.93 -19.14 53.08
N THR K 158 72.14 -19.29 52.60
CA THR K 158 72.51 -19.14 51.22
C THR K 158 72.11 -20.35 50.28
N ASP K 159 71.96 -21.58 50.89
CA ASP K 159 71.38 -22.64 50.15
C ASP K 159 69.82 -22.61 50.13
N LEU K 160 69.30 -21.73 51.04
CA LEU K 160 67.95 -21.49 51.07
C LEU K 160 67.57 -20.36 50.13
N LEU K 161 68.27 -19.23 50.12
CA LEU K 161 68.02 -18.10 49.17
C LEU K 161 68.14 -18.52 47.69
N ARG K 162 68.99 -19.53 47.46
CA ARG K 162 69.18 -20.19 46.21
C ARG K 162 67.80 -20.77 45.73
N LYS K 163 66.93 -21.17 46.65
CA LYS K 163 65.65 -21.86 46.40
C LYS K 163 64.61 -20.84 46.07
N ILE K 164 64.37 -19.91 47.02
CA ILE K 164 63.59 -18.64 46.95
C ILE K 164 63.84 -17.85 45.62
N ALA K 165 65.05 -17.91 45.02
CA ALA K 165 65.32 -17.29 43.76
C ALA K 165 64.60 -18.12 42.60
N MET K 166 64.61 -19.42 42.56
CA MET K 166 63.93 -20.26 41.60
C MET K 166 62.39 -20.03 41.74
N THR K 167 61.84 -19.85 42.95
CA THR K 167 60.48 -19.44 43.15
C THR K 167 60.06 -18.12 42.46
N SER K 168 60.92 -17.27 41.93
CA SER K 168 60.74 -15.96 41.33
C SER K 168 60.88 -16.12 39.82
N LEU K 169 61.97 -16.79 39.43
CA LEU K 169 62.21 -17.03 38.04
C LEU K 169 61.33 -18.05 37.30
N SER K 170 60.88 -19.06 38.11
CA SER K 170 59.91 -20.12 37.62
C SER K 170 58.56 -19.70 37.08
N SER K 171 57.98 -18.51 37.41
CA SER K 171 56.74 -18.07 36.91
C SER K 171 56.97 -17.41 35.55
N LYS K 172 58.20 -16.99 35.15
CA LYS K 172 58.46 -16.28 33.89
C LYS K 172 58.57 -17.15 32.62
N ALA K 173 58.43 -16.61 31.31
CA ALA K 173 58.56 -17.37 30.02
C ALA K 173 59.93 -17.92 29.82
N VAL K 174 60.99 -17.31 30.48
CA VAL K 174 62.34 -17.79 30.42
C VAL K 174 62.61 -18.99 31.34
N ALA K 175 62.52 -20.25 30.79
CA ALA K 175 62.61 -21.42 31.63
C ALA K 175 63.90 -22.14 31.55
N GLY K 176 64.81 -21.80 30.60
CA GLY K 176 66.09 -22.36 30.55
C GLY K 176 67.02 -21.94 31.66
N ALA K 177 67.78 -22.95 32.20
CA ALA K 177 68.81 -22.86 33.23
C ALA K 177 68.57 -21.89 34.33
N ARG K 178 67.39 -22.08 35.00
CA ARG K 178 67.09 -21.18 36.06
C ARG K 178 67.94 -21.35 37.37
N GLU K 179 68.44 -22.58 37.62
CA GLU K 179 69.29 -22.93 38.69
C GLU K 179 70.56 -22.07 38.75
N TYR K 180 71.12 -21.84 37.57
CA TYR K 180 72.21 -20.96 37.28
C TYR K 180 72.05 -19.58 37.62
N ILE K 181 70.91 -19.03 37.17
CA ILE K 181 70.51 -17.68 37.40
C ILE K 181 70.16 -17.47 38.82
N ALA K 182 69.46 -18.40 39.44
CA ALA K 182 69.27 -18.41 40.86
C ALA K 182 70.50 -18.31 41.70
N ASP K 183 71.48 -19.19 41.42
CA ASP K 183 72.76 -19.22 42.07
C ASP K 183 73.55 -17.93 41.99
N ILE K 184 73.71 -17.32 40.82
CA ILE K 184 74.21 -15.95 40.44
C ILE K 184 73.49 -14.83 41.22
N VAL K 185 72.20 -14.73 41.18
CA VAL K 185 71.31 -13.83 41.86
C VAL K 185 71.64 -13.72 43.33
N VAL K 186 71.86 -14.85 44.03
CA VAL K 186 72.24 -14.98 45.44
C VAL K 186 73.58 -14.35 45.68
N LYS K 187 74.60 -14.74 44.94
CA LYS K 187 75.88 -14.10 45.18
C LYS K 187 75.87 -12.58 44.94
N ALA K 188 75.24 -12.16 43.84
CA ALA K 188 75.13 -10.74 43.56
C ALA K 188 74.45 -9.80 44.58
N VAL K 189 73.39 -10.35 45.25
CA VAL K 189 72.74 -9.62 46.29
C VAL K 189 73.55 -9.70 47.61
N THR K 190 73.94 -10.88 48.15
CA THR K 190 74.70 -11.13 49.36
C THR K 190 76.05 -10.44 49.45
N GLN K 191 76.69 -10.13 48.28
CA GLN K 191 77.88 -9.31 48.10
C GLN K 191 77.55 -7.83 48.38
N VAL K 192 76.41 -7.31 47.93
CA VAL K 192 76.11 -5.93 48.01
C VAL K 192 75.41 -5.68 49.35
N ALA K 193 74.76 -6.68 49.92
CA ALA K 193 74.00 -6.65 51.13
C ALA K 193 74.91 -6.12 52.32
N GLU K 194 74.46 -5.09 53.07
CA GLU K 194 75.25 -4.54 54.19
C GLU K 194 74.36 -4.20 55.41
N LEU K 195 74.77 -4.47 56.68
CA LEU K 195 74.07 -4.10 57.90
C LEU K 195 73.98 -2.63 58.27
N ARG K 196 72.80 -1.97 58.36
CA ARG K 196 72.64 -0.53 58.66
C ARG K 196 71.44 -0.37 59.57
N GLY K 197 71.57 0.26 60.76
CA GLY K 197 70.54 0.53 61.78
C GLY K 197 70.08 -0.82 62.39
N ASP K 198 70.90 -1.89 62.22
CA ASP K 198 70.78 -3.31 62.47
C ASP K 198 69.77 -4.04 61.55
N LYS K 199 69.50 -3.46 60.43
CA LYS K 199 68.67 -4.08 59.36
C LYS K 199 69.49 -4.10 58.10
N TRP K 200 69.58 -5.25 57.38
CA TRP K 200 70.42 -5.33 56.15
C TRP K 200 69.89 -4.48 54.98
N TYR K 201 70.77 -3.86 54.19
CA TYR K 201 70.40 -3.05 53.04
C TYR K 201 71.10 -3.51 51.71
N VAL K 202 70.40 -3.49 50.58
CA VAL K 202 70.85 -3.90 49.30
C VAL K 202 70.70 -2.72 48.32
N ASP K 203 71.80 -2.21 47.83
CA ASP K 203 71.82 -1.07 46.97
C ASP K 203 72.02 -1.45 45.51
N LEU K 204 70.87 -1.59 44.81
CA LEU K 204 70.78 -2.15 43.49
C LEU K 204 71.69 -1.46 42.44
N ASP K 205 71.87 -0.16 42.67
CA ASP K 205 72.87 0.58 41.87
C ASP K 205 74.29 0.06 41.85
N ASN K 206 74.82 -0.74 42.83
CA ASN K 206 76.08 -1.33 43.01
C ASN K 206 76.15 -2.57 42.16
N ILE K 207 75.15 -2.81 41.25
CA ILE K 207 74.97 -3.94 40.38
C ILE K 207 74.65 -3.38 39.04
N GLN K 208 75.51 -3.71 38.01
CA GLN K 208 75.42 -3.31 36.67
C GLN K 208 74.75 -4.42 35.94
N ILE K 209 73.96 -4.06 34.88
CA ILE K 209 73.27 -5.12 34.09
C ILE K 209 73.47 -4.87 32.59
N VAL K 210 74.28 -5.73 31.93
CA VAL K 210 74.65 -5.62 30.54
C VAL K 210 74.03 -6.81 29.84
N LYS K 211 73.57 -6.59 28.62
CA LYS K 211 72.87 -7.64 27.78
C LYS K 211 73.41 -7.48 26.38
N LYS K 212 73.68 -8.60 25.76
CA LYS K 212 74.09 -8.63 24.38
C LYS K 212 73.25 -9.73 23.83
N ALA K 213 72.57 -9.38 22.68
CA ALA K 213 71.71 -10.33 21.98
C ALA K 213 72.44 -11.50 21.48
N GLY K 214 71.79 -12.69 21.43
CA GLY K 214 72.35 -13.93 20.93
C GLY K 214 72.84 -14.67 22.20
N GLY K 215 73.47 -15.85 21.99
CA GLY K 215 73.88 -16.73 23.10
C GLY K 215 72.81 -17.62 23.61
N SER K 216 73.11 -18.30 24.70
CA SER K 216 72.27 -19.20 25.47
C SER K 216 72.26 -18.72 26.91
N ILE K 217 71.28 -19.15 27.69
CA ILE K 217 71.26 -18.66 29.11
C ILE K 217 72.35 -19.28 29.96
N ASN K 218 72.85 -20.44 29.49
CA ASN K 218 74.06 -21.01 30.08
C ASN K 218 75.33 -20.25 29.81
N ASP K 219 75.35 -19.32 28.81
CA ASP K 219 76.44 -18.51 28.44
C ASP K 219 76.48 -17.25 29.28
N THR K 220 75.74 -17.18 30.42
CA THR K 220 75.85 -15.99 31.29
C THR K 220 76.89 -16.09 32.33
N GLN K 221 77.20 -14.98 32.95
CA GLN K 221 78.17 -14.96 34.05
C GLN K 221 77.99 -13.75 34.99
N LEU K 222 78.63 -13.88 36.16
CA LEU K 222 78.69 -12.80 37.14
C LEU K 222 80.10 -12.29 37.14
N VAL K 223 80.20 -10.99 37.11
CA VAL K 223 81.44 -10.21 37.12
C VAL K 223 81.70 -9.47 38.41
N TYR K 224 82.92 -9.58 38.86
CA TYR K 224 83.34 -8.97 40.07
C TYR K 224 83.89 -7.59 39.79
N GLY K 225 83.19 -6.66 39.11
CA GLY K 225 83.53 -5.30 38.90
C GLY K 225 82.50 -4.85 37.95
N ILE K 226 82.53 -3.53 37.57
CA ILE K 226 81.55 -2.97 36.66
C ILE K 226 82.07 -3.28 35.21
N VAL K 227 81.08 -3.27 34.34
CA VAL K 227 81.18 -3.58 33.00
C VAL K 227 80.61 -2.45 32.18
N VAL K 228 81.39 -1.76 31.37
CA VAL K 228 81.04 -0.67 30.47
C VAL K 228 80.73 -1.31 29.08
N ASP K 229 79.49 -1.18 28.54
CA ASP K 229 79.01 -1.87 27.31
C ASP K 229 79.80 -1.54 25.99
N LYS K 230 80.42 -0.34 25.79
CA LYS K 230 81.35 -0.03 24.72
C LYS K 230 82.67 -0.85 24.80
N GLU K 231 83.28 -1.24 23.70
CA GLU K 231 84.57 -1.92 23.59
C GLU K 231 85.51 -0.79 23.31
N VAL K 232 86.84 -0.99 23.35
CA VAL K 232 87.74 0.09 23.05
C VAL K 232 87.69 0.60 21.65
N VAL K 233 87.97 1.92 21.56
CA VAL K 233 87.77 2.71 20.37
C VAL K 233 88.49 2.43 19.01
N HIS K 234 89.73 1.99 19.06
CA HIS K 234 90.52 1.65 17.88
C HIS K 234 91.34 0.40 18.21
N PRO K 235 91.51 -0.66 17.40
CA PRO K 235 92.31 -1.86 17.70
C PRO K 235 93.72 -1.69 18.08
N GLY K 236 94.48 -0.62 17.69
CA GLY K 236 95.90 -0.39 18.02
C GLY K 236 96.09 0.08 19.50
N MET K 237 95.03 0.32 20.27
CA MET K 237 95.14 0.63 21.68
C MET K 237 95.31 -0.59 22.52
N PRO K 238 95.55 -0.58 23.80
CA PRO K 238 95.61 -1.79 24.65
C PRO K 238 94.32 -2.51 24.95
N LYS K 239 94.22 -3.87 24.93
CA LYS K 239 93.04 -4.61 25.32
C LYS K 239 93.25 -5.06 26.77
N ARG K 240 94.43 -4.83 27.42
CA ARG K 240 94.54 -5.07 28.87
C ARG K 240 95.49 -4.15 29.58
N LEU K 241 95.00 -3.21 30.40
CA LEU K 241 95.90 -2.31 31.08
C LEU K 241 95.99 -2.50 32.62
N GLU K 242 97.18 -2.48 33.19
CA GLU K 242 97.45 -2.54 34.62
C GLU K 242 97.45 -1.14 35.20
N ASN K 243 96.83 -1.11 36.37
CA ASN K 243 96.69 0.02 37.25
C ASN K 243 96.13 1.23 36.63
N ALA K 244 94.92 1.08 36.05
CA ALA K 244 94.10 2.08 35.41
C ALA K 244 93.76 3.34 36.25
N LYS K 245 93.85 4.49 35.54
CA LYS K 245 93.51 5.77 36.05
C LYS K 245 92.58 6.48 35.04
N ILE K 246 91.41 5.80 34.89
CA ILE K 246 90.28 6.17 34.06
C ILE K 246 89.90 7.60 34.24
N ALA K 247 89.67 8.20 33.07
CA ALA K 247 89.37 9.60 33.04
C ALA K 247 88.03 9.75 32.30
N LEU K 248 86.93 9.87 33.14
CA LEU K 248 85.56 9.98 32.83
C LEU K 248 85.29 11.33 32.30
N ILE K 249 85.46 11.60 30.99
CA ILE K 249 85.23 12.87 30.32
C ILE K 249 83.93 13.01 29.56
N ASP K 250 83.03 13.79 30.12
CA ASP K 250 81.77 14.07 29.43
C ASP K 250 82.01 15.09 28.32
N ALA K 251 83.20 15.73 28.25
CA ALA K 251 83.56 16.61 27.12
C ALA K 251 83.76 15.85 25.80
N SER K 252 83.55 16.56 24.64
CA SER K 252 83.75 16.01 23.31
C SER K 252 85.22 16.08 22.89
N LEU K 253 85.82 15.03 22.46
CA LEU K 253 87.14 14.97 21.84
C LEU K 253 87.02 14.81 20.37
N GLU K 254 85.85 15.19 19.83
CA GLU K 254 85.48 15.10 18.49
C GLU K 254 85.49 16.51 17.92
N VAL K 255 85.99 16.67 16.67
CA VAL K 255 86.04 17.92 15.97
C VAL K 255 84.75 18.17 15.11
N GLU K 256 84.30 19.39 14.94
CA GLU K 256 83.23 19.73 14.07
C GLU K 256 83.45 21.15 13.73
N LYS K 257 82.88 21.63 12.62
CA LYS K 257 82.94 22.89 12.01
C LYS K 257 82.89 24.07 13.02
N PRO K 258 83.37 25.28 12.75
CA PRO K 258 83.28 26.39 13.70
C PRO K 258 81.95 26.66 14.38
N GLU K 259 81.95 26.93 15.69
CA GLU K 259 80.84 27.14 16.49
C GLU K 259 80.86 28.57 16.98
N LEU K 260 81.68 28.89 18.06
CA LEU K 260 81.71 30.15 18.62
C LEU K 260 83.11 30.77 18.45
N ASP K 261 83.92 30.08 17.65
CA ASP K 261 85.27 30.44 17.23
C ASP K 261 85.32 31.69 16.47
N ALA K 262 84.41 31.91 15.52
CA ALA K 262 84.52 33.11 14.63
C ALA K 262 83.44 34.21 14.97
N GLU K 263 83.73 35.49 14.59
CA GLU K 263 82.83 36.59 14.75
C GLU K 263 82.07 36.84 13.53
N ILE K 264 82.37 36.14 12.41
CA ILE K 264 81.80 36.35 11.08
C ILE K 264 81.31 35.02 10.46
N ARG K 265 80.41 35.01 9.43
CA ARG K 265 80.11 33.81 8.72
C ARG K 265 81.26 33.59 7.71
N ILE K 266 81.96 32.44 7.90
CA ILE K 266 83.07 32.24 7.08
C ILE K 266 82.79 32.00 5.58
N ASN K 267 83.51 32.74 4.69
CA ASN K 267 83.27 32.51 3.23
C ASN K 267 84.59 32.22 2.49
N ASP K 268 85.76 32.19 3.02
CA ASP K 268 87.01 32.08 2.22
C ASP K 268 87.59 30.70 2.66
N PRO K 269 88.12 29.72 1.80
CA PRO K 269 88.66 28.45 2.30
C PRO K 269 89.95 28.56 3.01
N THR K 270 90.69 29.68 2.92
CA THR K 270 91.84 29.95 3.73
C THR K 270 91.51 30.05 5.16
N GLN K 271 90.39 30.71 5.53
CA GLN K 271 89.87 30.78 6.95
C GLN K 271 89.28 29.44 7.54
N MET K 272 88.49 28.69 6.65
CA MET K 272 87.94 27.35 6.91
C MET K 272 88.91 26.40 7.35
N GLN K 273 89.93 26.13 6.48
CA GLN K 273 91.12 25.36 6.66
C GLN K 273 91.84 25.63 8.03
N LYS K 274 92.44 26.82 8.18
CA LYS K 274 93.10 27.35 9.37
C LYS K 274 92.37 27.34 10.75
N PHE K 275 91.06 27.11 10.58
CA PHE K 275 90.17 26.87 11.75
C PHE K 275 90.24 25.38 12.18
N LEU K 276 90.00 24.45 11.22
CA LEU K 276 89.99 23.00 11.46
C LEU K 276 91.41 22.44 11.67
N ASP K 277 92.42 23.19 11.21
CA ASP K 277 93.89 22.97 11.47
C ASP K 277 94.16 23.24 12.85
N GLU K 278 93.79 24.40 13.43
CA GLU K 278 93.92 24.67 14.85
C GLU K 278 93.04 23.82 15.73
N GLU K 279 91.91 23.32 15.21
CA GLU K 279 91.04 22.40 15.97
C GLU K 279 91.67 21.01 16.24
N GLU K 280 92.49 20.56 15.33
CA GLU K 280 93.23 19.19 15.41
C GLU K 280 94.34 19.48 16.41
N ASN K 281 94.94 20.72 16.43
CA ASN K 281 95.88 20.87 17.51
C ASN K 281 95.17 21.12 18.85
N LEU K 282 93.84 21.55 18.80
CA LEU K 282 93.03 21.69 20.03
C LEU K 282 92.70 20.32 20.65
N ILE K 283 92.40 19.27 19.83
CA ILE K 283 92.03 18.02 20.53
C ILE K 283 93.23 17.29 21.12
N LYS K 284 94.41 17.23 20.44
CA LYS K 284 95.56 16.62 20.98
C LYS K 284 96.02 17.37 22.31
N GLU K 285 95.65 18.78 22.44
CA GLU K 285 95.79 19.52 23.61
C GLU K 285 94.90 19.01 24.74
N LYS K 286 93.59 18.82 24.43
CA LYS K 286 92.64 18.38 25.41
C LYS K 286 93.04 17.13 26.06
N VAL K 287 93.47 16.15 25.23
CA VAL K 287 94.03 14.83 25.46
C VAL K 287 95.24 14.97 26.22
N ASP K 288 96.22 15.86 25.90
CA ASP K 288 97.40 16.13 26.74
C ASP K 288 97.22 16.78 28.05
N LYS K 289 96.25 17.70 28.18
CA LYS K 289 95.81 18.28 29.44
C LYS K 289 95.09 17.26 30.33
N ILE K 290 94.52 16.15 29.76
CA ILE K 290 94.07 15.09 30.67
C ILE K 290 95.27 14.15 30.92
N LEU K 291 96.13 13.75 29.89
CA LEU K 291 97.19 12.85 30.26
C LEU K 291 98.22 13.48 31.17
N ALA K 292 98.18 14.83 31.39
CA ALA K 292 98.98 15.60 32.39
C ALA K 292 98.74 15.15 33.88
N THR K 293 97.64 14.39 34.17
CA THR K 293 97.30 14.07 35.52
C THR K 293 97.76 12.71 35.88
N GLY K 294 98.03 11.87 34.82
CA GLY K 294 98.50 10.50 35.05
C GLY K 294 97.47 9.56 34.38
N ALA K 295 96.42 10.12 33.75
CA ALA K 295 95.28 9.40 33.13
C ALA K 295 95.82 8.40 32.10
N ASN K 296 95.69 7.06 32.20
CA ASN K 296 96.19 6.13 31.21
C ASN K 296 95.06 5.42 30.45
N VAL K 297 93.78 5.63 30.83
CA VAL K 297 92.66 5.18 30.10
C VAL K 297 91.74 6.42 30.18
N ILE K 298 90.94 6.61 29.17
CA ILE K 298 90.12 7.78 28.94
C ILE K 298 88.84 7.41 28.32
N ILE K 299 87.71 7.73 29.04
CA ILE K 299 86.40 7.33 28.51
C ILE K 299 85.51 8.55 28.43
N CYS K 300 84.65 8.62 27.38
CA CYS K 300 83.89 9.81 27.28
C CYS K 300 82.50 9.46 27.00
N GLN K 301 81.66 10.52 26.92
CA GLN K 301 80.20 10.59 26.70
C GLN K 301 79.94 11.03 25.30
N LYS K 302 81.02 11.43 24.69
CA LYS K 302 81.01 11.92 23.30
C LYS K 302 81.98 11.24 22.43
N GLY K 303 82.03 11.55 21.11
CA GLY K 303 83.13 11.03 20.26
C GLY K 303 84.52 11.44 20.68
N ILE K 304 85.54 10.82 20.03
CA ILE K 304 86.96 11.06 20.09
C ILE K 304 87.28 11.06 18.58
N ASP K 305 87.92 12.17 18.05
CA ASP K 305 88.34 12.30 16.70
C ASP K 305 89.22 11.07 16.35
N GLU K 306 89.39 10.64 15.03
CA GLU K 306 90.21 9.55 14.57
C GLU K 306 91.69 9.88 14.61
N VAL K 307 92.05 11.17 14.49
CA VAL K 307 93.42 11.65 14.57
C VAL K 307 93.80 11.73 16.01
N ALA K 308 92.78 12.04 16.84
CA ALA K 308 93.01 11.95 18.29
C ALA K 308 93.17 10.53 18.83
N GLN K 309 92.73 9.56 18.08
CA GLN K 309 92.90 8.14 18.29
C GLN K 309 94.31 7.74 17.95
N SER K 310 94.85 8.22 16.85
CA SER K 310 96.33 8.01 16.50
C SER K 310 97.23 8.61 17.59
N TYR K 311 96.72 9.66 18.24
CA TYR K 311 97.38 10.31 19.32
C TYR K 311 97.34 9.49 20.63
N LEU K 312 96.17 8.93 20.97
CA LEU K 312 96.02 8.00 22.08
C LEU K 312 96.69 6.65 21.90
N ALA K 313 96.74 6.15 20.67
CA ALA K 313 97.53 4.95 20.35
C ALA K 313 99.02 5.22 20.47
N LYS K 314 99.56 6.40 20.04
CA LYS K 314 100.99 6.83 20.06
C LYS K 314 101.46 7.16 21.48
N LYS K 315 100.48 7.53 22.32
CA LYS K 315 100.60 7.67 23.72
C LYS K 315 100.50 6.31 24.41
N GLY K 316 99.86 5.30 23.79
CA GLY K 316 99.76 3.96 24.33
C GLY K 316 98.71 3.80 25.48
N VAL K 317 97.68 4.73 25.51
CA VAL K 317 96.61 4.91 26.46
C VAL K 317 95.38 4.23 25.86
N LEU K 318 94.41 3.84 26.72
CA LEU K 318 93.26 3.00 26.32
C LEU K 318 92.02 3.80 26.25
N ALA K 319 91.40 4.03 25.04
CA ALA K 319 90.22 4.90 25.04
C ALA K 319 88.94 4.27 24.52
N VAL K 320 87.91 4.75 25.11
CA VAL K 320 86.53 4.36 24.89
C VAL K 320 85.82 5.66 24.54
N ARG K 321 84.95 5.68 23.48
CA ARG K 321 84.07 6.82 23.07
C ARG K 321 82.63 6.57 23.10
N ARG K 322 81.79 7.62 23.33
CA ARG K 322 80.30 7.63 23.29
C ARG K 322 79.65 6.78 24.41
N ALA K 323 80.15 6.81 25.62
CA ALA K 323 79.56 5.92 26.60
C ALA K 323 78.29 6.54 27.18
N LYS K 324 77.37 5.64 27.55
CA LYS K 324 76.12 6.13 28.06
C LYS K 324 76.40 6.50 29.51
N LYS K 325 75.96 7.75 29.93
CA LYS K 325 76.28 8.40 31.21
C LYS K 325 76.04 7.57 32.49
N SER K 326 75.06 6.67 32.42
CA SER K 326 74.73 5.63 33.31
C SER K 326 75.88 4.76 33.70
N ASP K 327 76.86 4.54 32.79
CA ASP K 327 77.97 3.63 33.02
C ASP K 327 79.22 4.32 33.46
N LEU K 328 79.32 5.58 33.16
CA LEU K 328 80.24 6.62 33.70
C LEU K 328 80.12 6.83 35.17
N GLU K 329 78.84 6.94 35.62
CA GLU K 329 78.30 6.96 37.00
C GLU K 329 78.64 5.70 37.80
N LYS K 330 78.32 4.52 37.26
CA LYS K 330 78.62 3.19 37.83
C LYS K 330 80.15 3.03 38.08
N LEU K 331 81.01 3.69 37.32
CA LEU K 331 82.50 3.58 37.43
C LEU K 331 82.99 4.61 38.39
N ALA K 332 82.25 5.70 38.64
CA ALA K 332 82.44 6.71 39.58
C ALA K 332 82.35 6.07 40.97
N ARG K 333 81.20 5.58 41.43
CA ARG K 333 81.14 5.03 42.72
C ARG K 333 81.77 3.64 42.91
N ALA K 334 82.36 3.09 41.80
CA ALA K 334 83.14 1.90 41.94
C ALA K 334 84.61 2.17 42.11
N THR K 335 85.14 3.03 41.15
CA THR K 335 86.59 3.25 40.99
C THR K 335 87.12 4.50 41.63
N GLY K 336 86.18 5.34 42.15
CA GLY K 336 86.49 6.58 42.84
C GLY K 336 86.74 7.77 41.97
N GLY K 337 86.55 7.66 40.66
CA GLY K 337 86.64 8.79 39.78
C GLY K 337 85.46 9.70 39.73
N ARG K 338 85.61 10.71 38.90
CA ARG K 338 84.53 11.68 38.76
C ARG K 338 84.46 12.18 37.37
N VAL K 339 83.24 12.50 36.97
CA VAL K 339 82.87 12.97 35.69
C VAL K 339 83.04 14.45 35.51
N VAL K 340 83.92 14.84 34.49
CA VAL K 340 84.37 16.12 34.19
C VAL K 340 83.98 16.53 32.79
N SER K 341 83.26 17.69 32.59
CA SER K 341 82.67 18.20 31.39
C SER K 341 83.51 19.23 30.71
N ASN K 342 84.46 19.88 31.46
CA ASN K 342 85.34 20.91 31.10
C ASN K 342 86.72 20.39 31.30
N ILE K 343 87.55 20.36 30.22
CA ILE K 343 88.95 19.89 30.19
C ILE K 343 89.85 20.53 31.26
N ASP K 344 89.56 21.80 31.62
CA ASP K 344 90.28 22.58 32.56
C ASP K 344 89.95 22.26 34.02
N GLU K 345 89.23 21.16 34.30
CA GLU K 345 88.83 20.80 35.61
C GLU K 345 89.28 19.41 35.93
N ILE K 346 89.93 18.62 34.94
CA ILE K 346 90.27 17.29 35.39
C ILE K 346 91.52 17.32 36.38
N SER K 347 91.52 16.63 37.50
CA SER K 347 92.60 16.74 38.54
C SER K 347 93.01 15.25 38.72
N GLU K 348 93.90 15.08 39.74
CA GLU K 348 94.40 13.74 40.11
C GLU K 348 93.45 12.96 41.04
N GLN K 349 92.42 13.69 41.62
CA GLN K 349 91.44 13.08 42.46
C GLN K 349 90.10 12.85 41.77
N ASP K 350 90.07 13.23 40.50
CA ASP K 350 88.93 12.97 39.65
C ASP K 350 89.14 11.73 38.82
N LEU K 351 90.23 11.04 39.15
CA LEU K 351 90.54 9.85 38.48
C LEU K 351 90.08 8.55 38.95
N GLY K 352 89.73 7.64 38.01
CA GLY K 352 89.09 6.37 38.33
C GLY K 352 90.09 5.28 38.43
N TYR K 353 90.48 5.03 39.66
CA TYR K 353 91.49 4.02 39.94
C TYR K 353 90.95 2.58 39.96
N ALA K 354 91.37 1.74 39.02
CA ALA K 354 91.11 0.34 38.89
C ALA K 354 92.33 -0.40 38.74
N SER K 355 92.53 -1.56 39.48
CA SER K 355 93.73 -2.40 39.39
C SER K 355 94.02 -2.82 38.01
N LEU K 356 92.98 -3.14 37.31
CA LEU K 356 93.12 -3.49 35.91
C LEU K 356 91.78 -3.29 35.24
N ILE K 357 91.78 -2.58 34.11
CA ILE K 357 90.61 -2.46 33.22
C ILE K 357 90.99 -3.19 31.99
N GLU K 358 90.10 -3.86 31.31
CA GLU K 358 90.39 -4.64 30.10
C GLU K 358 89.14 -4.67 29.24
N GLU K 359 89.41 -5.19 28.01
CA GLU K 359 88.33 -5.51 27.13
C GLU K 359 88.27 -7.05 27.01
N ARG K 360 87.06 -7.63 27.30
CA ARG K 360 86.75 -9.09 27.35
C ARG K 360 85.77 -9.39 26.29
N LYS K 361 86.09 -10.45 25.62
CA LYS K 361 85.30 -11.12 24.68
C LYS K 361 84.70 -12.33 25.34
N VAL K 362 83.42 -12.25 25.58
CA VAL K 362 82.49 -13.20 26.16
C VAL K 362 81.59 -13.74 25.05
N GLY K 363 81.94 -14.91 24.47
CA GLY K 363 81.28 -15.34 23.27
C GLY K 363 81.56 -14.58 22.09
N GLU K 364 80.50 -14.32 21.33
CA GLU K 364 80.47 -13.47 20.18
C GLU K 364 80.72 -11.94 20.46
N ASP K 365 80.31 -11.48 21.64
CA ASP K 365 80.41 -10.13 22.04
C ASP K 365 81.53 -9.65 23.01
N LYS K 366 81.98 -8.39 22.79
CA LYS K 366 83.06 -7.78 23.59
C LYS K 366 82.87 -6.40 23.99
N MET K 367 83.46 -6.10 25.19
CA MET K 367 83.16 -4.82 25.82
C MET K 367 84.17 -4.62 26.92
N VAL K 368 84.17 -3.50 27.64
CA VAL K 368 85.13 -3.21 28.67
C VAL K 368 84.62 -3.70 30.04
N PHE K 369 85.54 -4.34 30.86
CA PHE K 369 85.27 -4.71 32.26
C PHE K 369 86.23 -3.92 33.11
N VAL K 370 85.95 -3.53 34.33
CA VAL K 370 86.81 -2.62 35.07
C VAL K 370 86.93 -3.34 36.45
N GLU K 371 87.46 -4.58 36.49
CA GLU K 371 87.68 -5.27 37.75
C GLU K 371 88.82 -4.79 38.66
N GLY K 372 88.68 -5.06 40.00
CA GLY K 372 89.74 -4.59 40.87
C GLY K 372 89.59 -3.18 41.36
N ALA K 373 88.37 -2.59 41.24
CA ALA K 373 88.01 -1.27 41.73
C ALA K 373 88.05 -0.94 43.20
N LYS K 374 87.91 0.33 43.59
CA LYS K 374 87.93 0.59 45.04
C LYS K 374 86.79 -0.02 45.85
N ASN K 375 85.52 0.19 45.39
CA ASN K 375 84.28 -0.27 46.00
C ASN K 375 84.04 -1.75 45.71
N PRO K 376 84.08 -2.64 46.69
CA PRO K 376 83.92 -4.16 46.59
C PRO K 376 82.49 -4.49 46.30
N LYS K 377 81.47 -3.69 46.65
CA LYS K 377 80.03 -4.03 46.33
C LYS K 377 79.78 -4.06 44.79
N SER K 378 80.46 -3.07 44.14
CA SER K 378 80.11 -2.86 42.74
C SER K 378 80.56 -3.99 41.80
N ILE K 379 79.57 -4.74 41.36
CA ILE K 379 79.59 -5.92 40.52
C ILE K 379 78.69 -5.82 39.36
N SER K 380 78.78 -6.75 38.35
CA SER K 380 77.95 -6.66 37.11
C SER K 380 77.46 -8.00 36.71
N ILE K 381 76.40 -8.12 35.94
CA ILE K 381 76.01 -9.38 35.42
C ILE K 381 76.06 -9.17 33.89
N LEU K 382 76.54 -10.15 33.17
CA LEU K 382 76.58 -10.13 31.73
C LEU K 382 75.67 -11.20 31.22
N ILE K 383 74.56 -10.68 30.60
CA ILE K 383 73.49 -11.46 30.05
C ILE K 383 73.74 -11.74 28.57
N ARG K 384 73.38 -13.04 28.19
CA ARG K 384 73.42 -13.56 26.82
C ARG K 384 72.23 -14.50 26.89
N GLY K 385 71.39 -14.63 25.83
CA GLY K 385 70.19 -15.40 25.97
C GLY K 385 69.19 -15.20 24.82
N GLY K 386 69.68 -15.20 23.59
CA GLY K 386 68.79 -15.07 22.45
C GLY K 386 68.48 -13.67 21.92
N LEU K 387 67.52 -13.56 20.96
CA LEU K 387 67.25 -12.38 20.26
C LEU K 387 66.67 -11.17 21.06
N GLU K 388 66.52 -9.96 20.41
CA GLU K 388 66.20 -8.76 21.11
C GLU K 388 65.01 -8.77 22.11
N ARG K 389 64.07 -9.69 22.06
CA ARG K 389 62.93 -9.69 22.97
C ARG K 389 63.17 -10.79 23.94
N LEU K 390 63.75 -11.91 23.53
CA LEU K 390 64.19 -12.91 24.45
C LEU K 390 65.29 -12.53 25.49
N VAL K 391 66.34 -11.79 25.10
CA VAL K 391 67.39 -11.20 25.92
C VAL K 391 66.84 -10.14 26.83
N ASP K 392 65.88 -9.34 26.30
CA ASP K 392 65.19 -8.29 27.00
C ASP K 392 64.50 -8.89 28.29
N GLU K 393 63.78 -10.03 28.07
CA GLU K 393 63.09 -10.70 29.08
C GLU K 393 63.84 -11.49 30.05
N THR K 394 65.12 -11.79 29.66
CA THR K 394 66.07 -12.34 30.57
C THR K 394 66.63 -11.24 31.61
N GLU K 395 66.69 -10.01 31.14
CA GLU K 395 66.95 -8.89 32.01
C GLU K 395 65.76 -8.56 32.93
N ARG K 396 64.50 -8.62 32.50
CA ARG K 396 63.36 -8.51 33.43
C ARG K 396 63.30 -9.65 34.46
N ALA K 397 63.29 -10.96 34.06
CA ALA K 397 63.34 -12.09 35.03
C ALA K 397 64.48 -12.02 36.04
N LEU K 398 65.75 -11.70 35.63
CA LEU K 398 66.94 -11.58 36.44
C LEU K 398 66.83 -10.39 37.43
N ARG K 399 66.28 -9.30 36.96
CA ARG K 399 65.96 -8.07 37.74
C ARG K 399 65.03 -8.37 38.90
N ASP K 400 63.89 -9.01 38.59
CA ASP K 400 62.88 -9.45 39.51
C ASP K 400 63.52 -10.46 40.49
N ALA K 401 64.26 -11.42 39.94
CA ALA K 401 64.96 -12.44 40.73
C ALA K 401 65.90 -11.90 41.79
N LEU K 402 66.70 -10.89 41.48
CA LEU K 402 67.55 -10.19 42.42
C LEU K 402 66.80 -9.50 43.45
N GLY K 403 65.86 -8.63 43.01
CA GLY K 403 64.92 -8.00 43.90
C GLY K 403 64.31 -8.90 44.91
N THR K 404 63.63 -9.99 44.46
CA THR K 404 62.89 -11.01 45.31
C THR K 404 63.83 -11.55 46.44
N VAL K 405 65.09 -11.96 46.03
CA VAL K 405 66.20 -12.31 46.95
C VAL K 405 66.64 -11.18 47.91
N ALA K 406 66.71 -9.92 47.45
CA ALA K 406 67.05 -8.78 48.31
C ALA K 406 65.99 -8.49 49.44
N ASP K 407 64.69 -8.64 49.11
CA ASP K 407 63.64 -8.33 49.99
C ASP K 407 63.55 -9.31 51.16
N VAL K 408 63.97 -10.58 50.84
CA VAL K 408 64.09 -11.65 51.93
C VAL K 408 65.11 -11.26 52.93
N ILE K 409 66.23 -10.73 52.51
CA ILE K 409 67.28 -10.38 53.40
C ILE K 409 66.88 -9.15 54.18
N LYS K 410 66.32 -8.15 53.44
CA LYS K 410 65.92 -6.91 54.01
C LYS K 410 64.87 -6.99 55.14
N ASP K 411 64.03 -8.04 55.04
CA ASP K 411 62.98 -8.32 56.05
C ASP K 411 63.51 -9.42 56.99
N GLY K 412 63.65 -10.65 56.51
CA GLY K 412 64.28 -11.78 57.19
C GLY K 412 63.26 -12.82 57.45
N ARG K 413 62.09 -12.73 56.85
CA ARG K 413 61.06 -13.75 57.08
C ARG K 413 60.66 -14.34 55.75
N ALA K 414 60.50 -15.68 55.71
CA ALA K 414 60.10 -16.33 54.48
C ALA K 414 59.27 -17.62 54.80
N ILE K 415 58.17 -17.79 54.11
CA ILE K 415 57.15 -18.82 54.27
C ILE K 415 57.14 -19.75 53.09
N ALA K 416 56.50 -20.91 53.21
CA ALA K 416 56.34 -21.92 52.16
C ALA K 416 55.22 -21.61 51.16
N GLY K 417 55.53 -21.63 49.82
CA GLY K 417 54.58 -21.28 48.70
C GLY K 417 53.74 -22.41 48.28
N GLY K 418 53.00 -22.25 47.13
CA GLY K 418 52.13 -23.25 46.54
C GLY K 418 50.86 -23.55 47.20
N GLY K 419 50.24 -22.61 47.87
CA GLY K 419 48.93 -22.79 48.50
C GLY K 419 48.99 -23.08 49.94
N ALA K 420 50.18 -23.38 50.46
CA ALA K 420 50.42 -23.69 51.89
C ALA K 420 49.96 -22.70 52.94
N VAL K 421 50.36 -21.43 52.90
CA VAL K 421 49.93 -20.34 53.77
C VAL K 421 48.46 -19.86 53.65
N GLU K 422 47.92 -20.03 52.44
CA GLU K 422 46.48 -19.84 52.19
C GLU K 422 45.65 -20.81 52.99
N ILE K 423 45.69 -22.13 52.70
CA ILE K 423 44.94 -23.17 53.32
C ILE K 423 45.01 -23.14 54.89
N GLU K 424 46.12 -22.72 55.48
CA GLU K 424 46.29 -22.51 56.88
C GLU K 424 45.47 -21.28 57.34
N ILE K 425 45.66 -20.08 56.73
CA ILE K 425 44.89 -18.84 57.02
C ILE K 425 43.48 -19.06 56.85
N ALA K 426 43.12 -19.94 56.01
CA ALA K 426 41.78 -20.44 55.83
C ALA K 426 41.43 -21.32 57.03
N LYS K 427 41.92 -22.56 57.33
CA LYS K 427 41.71 -23.38 58.44
C LYS K 427 41.59 -22.60 59.78
N LYS K 428 42.62 -21.85 60.16
CA LYS K 428 42.68 -20.99 61.31
C LYS K 428 41.62 -19.86 61.41
N LEU K 429 41.24 -19.31 60.20
CA LEU K 429 40.08 -18.37 60.23
C LEU K 429 38.79 -19.07 60.53
N ARG K 430 38.55 -20.27 59.98
CA ARG K 430 37.36 -21.12 60.14
C ARG K 430 37.14 -21.45 61.56
N LYS K 431 38.25 -21.80 62.30
CA LYS K 431 38.15 -22.11 63.68
C LYS K 431 37.74 -20.94 64.47
N TYR K 432 38.10 -19.70 64.00
CA TYR K 432 37.92 -18.45 64.65
C TYR K 432 36.49 -17.96 64.58
N ALA K 433 35.95 -17.91 63.34
CA ALA K 433 34.64 -17.44 62.91
C ALA K 433 33.59 -17.58 63.98
N PRO K 434 33.14 -18.68 64.66
CA PRO K 434 32.16 -18.68 65.79
C PRO K 434 32.17 -17.61 66.70
N GLN K 435 33.37 -17.15 67.11
CA GLN K 435 33.56 -16.29 68.25
C GLN K 435 33.44 -14.86 67.84
N VAL K 436 33.53 -14.53 66.49
CA VAL K 436 33.50 -13.24 66.00
C VAL K 436 32.11 -12.61 66.26
N GLY K 437 31.06 -13.41 66.04
CA GLY K 437 29.67 -13.15 66.26
C GLY K 437 28.74 -13.82 65.26
N GLY K 438 27.48 -13.29 65.15
CA GLY K 438 26.41 -13.75 64.28
C GLY K 438 26.70 -13.70 62.83
N LYS K 439 26.36 -12.56 62.24
CA LYS K 439 26.59 -12.33 60.80
C LYS K 439 28.07 -12.21 60.35
N GLU K 440 28.85 -11.42 61.10
CA GLU K 440 30.30 -11.18 60.85
C GLU K 440 31.12 -12.49 60.66
N GLN K 441 30.65 -13.54 61.41
CA GLN K 441 31.14 -14.92 61.21
C GLN K 441 31.13 -15.47 59.83
N LEU K 442 29.97 -15.37 59.15
CA LEU K 442 29.74 -15.79 57.78
C LEU K 442 30.69 -15.13 56.77
N ALA K 443 30.97 -13.84 57.04
CA ALA K 443 31.98 -13.03 56.42
C ALA K 443 33.42 -13.65 56.66
N VAL K 444 33.83 -14.01 57.88
CA VAL K 444 35.09 -14.67 58.19
C VAL K 444 35.10 -16.03 57.46
N GLU K 445 34.01 -16.80 57.52
CA GLU K 445 33.91 -18.10 56.74
C GLU K 445 34.14 -17.97 55.18
N ALA K 446 33.60 -16.89 54.58
CA ALA K 446 33.65 -16.47 53.23
C ALA K 446 35.06 -16.17 52.84
N TYR K 447 35.69 -15.22 53.62
CA TYR K 447 37.17 -14.94 53.60
C TYR K 447 38.10 -16.09 53.59
N ALA K 448 37.76 -17.18 54.34
CA ALA K 448 38.39 -18.48 54.38
C ALA K 448 38.26 -19.28 53.09
N ASN K 449 37.00 -19.39 52.62
CA ASN K 449 36.64 -19.91 51.28
C ASN K 449 37.32 -19.14 50.16
N ALA K 450 37.39 -17.80 50.19
CA ALA K 450 38.06 -17.05 49.25
C ALA K 450 39.54 -17.38 49.12
N LEU K 451 40.31 -17.58 50.23
CA LEU K 451 41.70 -17.90 50.26
C LEU K 451 41.89 -19.28 49.61
N GLU K 452 40.89 -20.17 49.88
CA GLU K 452 40.91 -21.58 49.42
C GLU K 452 40.66 -21.56 47.90
N SER K 453 39.85 -20.64 47.39
CA SER K 453 39.65 -20.36 45.95
C SER K 453 40.90 -20.09 45.11
N LEU K 454 41.88 -19.40 45.68
CA LEU K 454 43.21 -19.13 45.19
C LEU K 454 43.90 -20.43 44.83
N VAL K 455 43.90 -21.32 45.85
CA VAL K 455 44.62 -22.55 45.71
C VAL K 455 43.93 -23.41 44.63
N SER K 456 42.61 -23.22 44.49
CA SER K 456 41.76 -23.93 43.52
C SER K 456 42.06 -23.63 42.05
N ILE K 457 42.18 -22.29 41.80
CA ILE K 457 42.73 -21.78 40.59
C ILE K 457 44.15 -22.33 40.06
N LEU K 458 45.03 -22.39 41.00
CA LEU K 458 46.35 -22.97 40.83
C LEU K 458 46.31 -24.44 40.42
N ILE K 459 45.43 -25.15 41.14
CA ILE K 459 45.15 -26.52 40.85
C ILE K 459 44.51 -26.69 39.45
N GLU K 460 43.40 -26.02 39.15
CA GLU K 460 42.73 -25.90 37.81
C GLU K 460 43.76 -25.74 36.69
N ASN K 461 44.59 -24.66 36.67
CA ASN K 461 45.62 -24.40 35.72
C ASN K 461 46.68 -25.48 35.65
N ALA K 462 46.76 -26.33 36.73
CA ALA K 462 47.81 -27.34 36.68
C ALA K 462 47.30 -28.55 35.85
N GLY K 463 45.99 -28.74 35.66
CA GLY K 463 45.56 -29.93 34.83
C GLY K 463 44.97 -31.05 35.68
N PHE K 464 44.51 -30.68 36.89
CA PHE K 464 44.04 -31.58 37.96
C PHE K 464 42.75 -31.05 38.50
N ASP K 465 41.97 -31.88 39.19
CA ASP K 465 40.66 -31.41 39.58
C ASP K 465 40.79 -30.36 40.75
N PRO K 466 40.23 -29.09 40.78
CA PRO K 466 40.33 -28.17 41.92
C PRO K 466 39.88 -28.72 43.27
N ILE K 467 38.68 -29.32 43.39
CA ILE K 467 38.10 -29.85 44.58
C ILE K 467 38.85 -31.05 45.12
N ASP K 468 39.19 -32.08 44.24
CA ASP K 468 39.98 -33.25 44.62
C ASP K 468 41.29 -32.98 45.42
N LEU K 469 42.22 -32.22 44.81
CA LEU K 469 43.47 -31.86 45.40
C LEU K 469 43.26 -30.89 46.61
N LEU K 470 42.25 -29.92 46.59
CA LEU K 470 41.87 -29.12 47.72
C LEU K 470 41.42 -29.89 48.93
N MET K 471 40.49 -30.94 48.79
CA MET K 471 40.07 -31.88 49.86
C MET K 471 41.26 -32.77 50.30
N LYS K 472 42.03 -33.39 49.33
CA LYS K 472 43.23 -34.18 49.62
C LYS K 472 44.33 -33.37 50.41
N LEU K 473 44.38 -32.08 50.33
CA LEU K 473 45.20 -31.20 51.11
C LEU K 473 44.46 -30.87 52.38
N ARG K 474 43.22 -30.40 52.47
CA ARG K 474 42.59 -30.07 53.73
C ARG K 474 42.46 -31.34 54.64
N SER K 475 42.69 -32.51 54.03
CA SER K 475 42.79 -33.67 54.93
C SER K 475 44.27 -33.98 55.45
N THR K 476 45.22 -33.95 54.50
CA THR K 476 46.69 -34.01 54.73
C THR K 476 47.35 -32.75 55.25
N HIS K 477 46.62 -31.72 55.67
CA HIS K 477 47.27 -30.52 56.20
C HIS K 477 46.86 -30.35 57.67
N GLU K 478 46.16 -31.32 58.33
CA GLU K 478 45.66 -31.15 59.67
C GLU K 478 46.75 -31.17 60.75
N ASN K 479 47.81 -31.93 60.56
CA ASN K 479 49.02 -31.98 61.39
C ASN K 479 49.75 -30.63 61.40
N GLU K 480 50.32 -30.28 62.54
CA GLU K 480 50.96 -29.06 62.86
C GLU K 480 52.16 -28.90 61.97
N ASN K 481 52.90 -30.05 61.77
CA ASN K 481 54.05 -30.09 60.88
C ASN K 481 53.71 -30.27 59.50
N ASN K 482 52.43 -30.22 59.14
CA ASN K 482 51.98 -30.22 57.71
C ASN K 482 51.57 -28.85 57.35
N LYS K 483 52.12 -27.87 58.07
CA LYS K 483 52.03 -26.41 57.87
C LYS K 483 52.40 -25.91 56.56
N TRP K 484 53.42 -26.54 55.92
CA TRP K 484 53.97 -26.07 54.67
C TRP K 484 53.63 -26.90 53.48
N TYR K 485 52.56 -27.78 53.64
CA TYR K 485 52.08 -28.64 52.59
C TYR K 485 51.28 -27.77 51.65
N GLY K 486 51.58 -27.90 50.31
CA GLY K 486 50.94 -27.16 49.22
C GLY K 486 50.73 -28.13 48.09
N ILE K 487 50.52 -27.60 46.84
CA ILE K 487 50.32 -28.41 45.71
C ILE K 487 51.43 -28.20 44.62
N ASP K 488 52.26 -29.20 44.46
CA ASP K 488 53.17 -29.36 43.37
C ASP K 488 52.44 -29.48 42.01
N LEU K 489 52.63 -28.45 41.22
CA LEU K 489 51.76 -28.32 40.06
C LEU K 489 52.47 -28.96 38.87
N TYR K 490 53.68 -29.50 39.08
CA TYR K 490 54.51 -30.19 38.08
C TYR K 490 54.07 -31.61 38.01
N ALA K 491 53.75 -32.23 39.11
CA ALA K 491 53.29 -33.57 39.18
C ALA K 491 51.89 -33.77 39.64
N GLY K 492 51.28 -32.69 40.15
CA GLY K 492 49.86 -32.73 40.48
C GLY K 492 49.59 -33.56 41.64
N GLN K 493 49.96 -33.07 42.88
CA GLN K 493 49.90 -33.90 44.14
C GLN K 493 50.30 -33.17 45.49
N PRO K 494 49.75 -33.36 46.75
CA PRO K 494 50.18 -32.68 47.89
C PRO K 494 51.61 -32.95 48.26
N VAL K 495 52.40 -31.94 48.52
CA VAL K 495 53.77 -32.21 48.96
C VAL K 495 54.16 -31.17 50.01
N ASP K 496 55.31 -31.39 50.73
CA ASP K 496 55.93 -30.33 51.54
C ASP K 496 56.71 -29.44 50.57
N MET K 497 56.22 -28.20 50.36
CA MET K 497 56.77 -27.26 49.36
C MET K 497 58.15 -26.71 49.89
N TRP K 498 58.21 -26.31 51.20
CA TRP K 498 59.53 -25.95 51.78
C TRP K 498 60.62 -26.94 51.53
N GLN K 499 60.38 -28.25 51.90
CA GLN K 499 61.26 -29.31 51.51
C GLN K 499 61.22 -29.76 50.05
N LYS K 500 60.90 -28.90 49.13
CA LYS K 500 60.85 -29.17 47.68
C LYS K 500 61.33 -27.93 46.91
N GLY K 501 61.86 -26.94 47.60
CA GLY K 501 62.44 -25.74 47.01
C GLY K 501 61.53 -24.57 46.76
N VAL K 502 60.27 -24.58 47.28
CA VAL K 502 59.36 -23.49 47.08
C VAL K 502 59.20 -22.65 48.33
N ILE K 503 60.12 -21.65 48.57
CA ILE K 503 60.00 -20.80 49.69
C ILE K 503 59.87 -19.42 49.16
N GLU K 504 59.25 -18.39 49.85
CA GLU K 504 59.04 -17.13 49.30
C GLU K 504 59.11 -15.98 50.31
N PRO K 505 59.42 -14.70 49.85
CA PRO K 505 59.37 -13.50 50.74
C PRO K 505 58.09 -13.25 51.56
N ALA K 506 58.06 -13.46 52.90
CA ALA K 506 56.92 -13.31 53.77
C ALA K 506 56.29 -11.92 53.88
N LEU K 507 56.91 -10.87 53.48
CA LEU K 507 56.32 -9.52 53.44
C LEU K 507 55.69 -9.14 52.18
N VAL K 508 56.19 -9.58 51.08
CA VAL K 508 55.67 -9.41 49.64
C VAL K 508 54.27 -10.01 49.55
N LYS K 509 54.07 -11.32 49.94
CA LYS K 509 52.82 -12.02 49.98
C LYS K 509 52.02 -11.67 51.27
N MET K 510 52.44 -10.62 51.98
CA MET K 510 51.60 -10.13 53.12
C MET K 510 51.02 -8.81 52.65
N ASN K 511 51.74 -7.99 51.93
CA ASN K 511 51.15 -6.80 51.31
C ASN K 511 50.14 -7.02 50.15
N ALA K 512 50.28 -8.11 49.44
CA ALA K 512 49.39 -8.48 48.33
C ALA K 512 47.91 -8.59 48.69
N ILE K 513 47.67 -9.33 49.81
CA ILE K 513 46.47 -9.47 50.65
C ILE K 513 46.05 -8.11 51.25
N LYS K 514 47.01 -7.36 51.77
CA LYS K 514 46.70 -6.06 52.40
C LYS K 514 46.11 -5.01 51.42
N ALA K 515 46.72 -4.95 50.20
CA ALA K 515 46.22 -4.36 49.04
C ALA K 515 44.82 -4.90 48.60
N ALA K 516 44.71 -6.23 48.26
CA ALA K 516 43.40 -6.78 47.88
C ALA K 516 42.15 -6.48 48.84
N THR K 517 42.29 -6.64 50.17
CA THR K 517 41.25 -6.44 51.17
C THR K 517 40.87 -4.99 51.26
N GLU K 518 41.84 -4.05 51.05
CA GLU K 518 41.59 -2.62 50.88
C GLU K 518 40.65 -2.36 49.69
N ALA K 519 41.04 -2.90 48.51
CA ALA K 519 40.26 -2.84 47.29
C ALA K 519 38.85 -3.41 47.38
N ALA K 520 38.83 -4.63 47.81
CA ALA K 520 37.69 -5.45 48.03
C ALA K 520 36.61 -4.69 48.80
N THR K 521 37.01 -4.16 49.99
CA THR K 521 36.22 -3.28 50.87
C THR K 521 35.91 -1.91 50.31
N LEU K 522 36.76 -1.45 49.37
CA LEU K 522 36.41 -0.29 48.52
C LEU K 522 35.22 -0.50 47.59
N VAL K 523 35.13 -1.77 46.99
CA VAL K 523 33.93 -2.04 46.21
C VAL K 523 32.68 -2.02 47.12
N LEU K 524 32.89 -2.59 48.32
CA LEU K 524 31.81 -2.69 49.23
C LEU K 524 31.31 -1.34 49.84
N ARG K 525 32.23 -0.36 49.99
CA ARG K 525 32.05 0.91 50.51
C ARG K 525 31.22 1.83 49.74
N ILE K 526 31.26 1.67 48.43
CA ILE K 526 30.62 2.61 47.47
C ILE K 526 29.14 2.28 47.34
N ASP K 527 28.25 3.17 47.81
CA ASP K 527 26.81 3.07 47.68
C ASP K 527 26.27 3.51 46.38
N ASP K 528 26.88 4.43 45.56
CA ASP K 528 26.26 4.79 44.32
C ASP K 528 27.29 5.48 43.52
N VAL K 529 27.04 5.65 42.20
CA VAL K 529 27.95 6.26 41.28
C VAL K 529 27.23 7.42 40.59
N VAL K 530 27.75 8.60 40.81
CA VAL K 530 27.11 9.73 40.20
C VAL K 530 28.04 10.24 39.23
N SER K 531 27.50 10.45 37.99
CA SER K 531 28.23 11.01 36.94
C SER K 531 27.59 12.27 36.51
N ALA K 532 28.46 13.27 36.20
CA ALA K 532 28.16 14.63 35.86
C ALA K 532 27.50 14.77 34.44
N GLY L 28 -1.73 25.94 45.00
CA GLY L 28 -2.13 24.60 45.72
C GLY L 28 -1.27 23.42 45.28
N LYS L 29 -1.80 22.18 45.49
CA LYS L 29 -1.11 20.93 45.12
C LYS L 29 -0.44 20.99 43.62
N GLU L 30 -1.02 21.74 42.59
CA GLU L 30 -0.52 22.07 41.31
C GLU L 30 0.98 22.20 41.23
N ALA L 31 1.60 23.34 41.72
CA ALA L 31 3.03 23.51 41.70
C ALA L 31 3.70 22.83 42.83
N VAL L 32 3.05 22.85 44.05
CA VAL L 32 3.51 22.37 45.38
C VAL L 32 4.16 20.93 45.31
N ARG L 33 3.68 20.02 44.38
CA ARG L 33 4.18 18.68 44.24
C ARG L 33 5.63 18.69 43.76
N ALA L 34 5.91 19.59 42.72
CA ALA L 34 7.32 19.91 42.34
C ALA L 34 8.22 20.33 43.56
N ASN L 35 7.76 21.36 44.23
CA ASN L 35 8.59 21.90 45.29
C ASN L 35 9.04 20.79 46.31
N ILE L 36 8.01 20.04 46.82
CA ILE L 36 8.16 18.82 47.61
C ILE L 36 9.02 17.78 47.06
N ALA L 37 8.73 17.39 45.84
CA ALA L 37 9.47 16.52 45.01
C ALA L 37 10.96 16.85 45.04
N ALA L 38 11.27 18.10 44.63
CA ALA L 38 12.64 18.58 44.58
C ALA L 38 13.44 18.33 45.93
N VAL L 39 12.80 18.73 47.06
CA VAL L 39 13.34 18.46 48.41
C VAL L 39 13.54 17.05 48.66
N LYS L 40 12.43 16.18 48.47
CA LYS L 40 12.48 14.79 48.64
C LYS L 40 13.71 14.07 47.89
N ALA L 41 14.00 14.36 46.63
CA ALA L 41 15.14 13.98 45.86
C ALA L 41 16.45 14.27 46.55
N VAL L 42 16.68 15.48 47.00
CA VAL L 42 17.91 15.88 47.72
C VAL L 42 18.17 15.09 49.05
N GLU L 43 17.14 14.82 49.86
CA GLU L 43 17.19 13.96 51.03
C GLU L 43 17.59 12.55 50.66
N GLU L 44 16.92 11.93 49.71
CA GLU L 44 17.37 10.65 49.12
C GLU L 44 18.77 10.53 48.45
N ALA L 45 19.49 11.66 48.35
CA ALA L 45 20.85 11.63 47.88
C ALA L 45 21.78 11.49 49.07
N LEU L 46 21.37 11.85 50.29
CA LEU L 46 22.22 11.84 51.48
C LEU L 46 21.85 10.78 52.48
N LYS L 47 20.61 10.36 52.61
CA LYS L 47 20.12 9.36 53.59
C LYS L 47 21.11 8.24 54.06
N SER L 48 21.72 7.47 53.11
CA SER L 48 22.64 6.36 53.38
C SER L 48 24.05 6.75 53.96
N THR L 49 24.24 8.15 54.18
CA THR L 49 25.56 8.67 54.70
C THR L 49 25.54 9.29 56.03
N TYR L 50 24.34 9.34 56.59
CA TYR L 50 24.10 9.88 57.94
C TYR L 50 24.69 8.87 58.93
N GLY L 51 25.25 9.32 60.08
CA GLY L 51 25.95 8.44 61.04
C GLY L 51 27.38 8.02 60.71
N PRO L 52 28.06 7.58 61.76
CA PRO L 52 29.42 7.09 61.56
C PRO L 52 29.43 5.67 61.07
N ARG L 53 28.24 5.12 60.85
CA ARG L 53 28.06 3.81 60.37
C ARG L 53 27.52 3.85 58.98
N GLY L 54 27.53 5.08 58.35
CA GLY L 54 27.11 5.25 56.95
C GLY L 54 28.11 4.79 55.90
N MET L 55 27.67 4.88 54.61
CA MET L 55 28.37 4.54 53.46
C MET L 55 29.00 5.70 52.77
N ASP L 56 29.62 5.51 51.62
CA ASP L 56 30.31 6.51 50.83
C ASP L 56 29.56 6.49 49.50
N LYS L 57 29.59 7.61 48.74
CA LYS L 57 29.16 7.72 47.43
C LYS L 57 30.35 7.86 46.48
N MET L 58 30.32 7.35 45.26
CA MET L 58 31.42 7.65 44.35
C MET L 58 30.82 8.66 43.39
N LEU L 59 31.64 9.69 43.04
CA LEU L 59 31.34 10.77 42.18
C LEU L 59 32.34 10.95 41.08
N VAL L 60 31.85 10.86 39.88
CA VAL L 60 32.54 10.79 38.62
C VAL L 60 32.38 12.07 37.89
N ASP L 61 33.42 12.86 37.75
CA ASP L 61 33.47 14.14 37.05
C ASP L 61 33.39 14.09 35.54
N SER L 62 33.21 15.28 34.89
CA SER L 62 33.31 15.60 33.45
C SER L 62 34.47 15.06 32.64
N LEU L 63 35.62 14.92 33.38
CA LEU L 63 36.89 14.57 32.69
C LEU L 63 37.30 13.11 33.01
N GLY L 64 36.51 12.33 33.81
CA GLY L 64 36.83 11.00 34.17
C GLY L 64 37.42 10.88 35.57
N ASP L 65 37.58 11.98 36.30
CA ASP L 65 38.13 12.04 37.60
C ASP L 65 37.13 11.48 38.58
N ILE L 66 37.64 10.66 39.61
CA ILE L 66 36.85 9.98 40.56
C ILE L 66 36.95 10.57 42.00
N THR L 67 35.77 10.68 42.71
CA THR L 67 35.77 11.26 44.12
C THR L 67 34.84 10.36 44.88
N ILE L 68 35.36 9.66 45.93
CA ILE L 68 34.56 8.84 46.84
C ILE L 68 34.48 9.58 48.09
N THR L 69 33.29 9.80 48.69
CA THR L 69 33.25 10.59 49.95
C THR L 69 31.95 10.26 50.72
N ASN L 70 31.75 10.80 51.94
CA ASN L 70 30.54 10.68 52.70
C ASN L 70 30.19 11.97 53.35
N ASP L 71 30.81 13.11 52.92
CA ASP L 71 30.43 14.45 53.42
C ASP L 71 29.19 15.05 52.67
N GLY L 72 28.18 15.44 53.49
CA GLY L 72 26.97 16.03 53.01
C GLY L 72 27.15 17.22 52.03
N ALA L 73 27.91 18.25 52.38
CA ALA L 73 28.28 19.37 51.55
C ALA L 73 28.80 18.96 50.17
N THR L 74 29.89 18.14 50.22
CA THR L 74 30.45 17.60 48.97
C THR L 74 29.51 16.85 48.04
N ILE L 75 28.63 16.06 48.55
CA ILE L 75 27.64 15.27 47.80
C ILE L 75 26.55 16.22 47.13
N LEU L 76 26.37 17.44 47.61
CA LEU L 76 25.46 18.51 47.12
C LEU L 76 26.20 19.50 46.22
N ASP L 77 27.45 19.72 46.57
CA ASP L 77 28.35 20.63 45.86
C ASP L 77 28.64 20.00 44.49
N LYS L 78 28.98 18.67 44.50
CA LYS L 78 29.20 17.90 43.22
C LYS L 78 27.90 17.56 42.48
N MET L 79 26.74 17.76 43.15
CA MET L 79 25.36 17.52 42.58
C MET L 79 24.90 18.71 41.79
N ASP L 80 24.52 18.30 40.55
CA ASP L 80 24.23 19.32 39.58
C ASP L 80 22.81 19.79 39.63
N LEU L 81 22.53 20.84 40.49
CA LEU L 81 21.23 21.28 40.77
C LEU L 81 20.70 22.35 39.79
N GLN L 82 19.36 22.37 39.71
CA GLN L 82 18.75 23.40 38.91
C GLN L 82 17.34 23.79 39.34
N HIS L 83 16.69 22.98 40.14
CA HIS L 83 15.36 23.30 40.65
C HIS L 83 15.24 24.31 41.71
N PRO L 84 14.36 25.43 41.67
CA PRO L 84 14.32 26.45 42.73
C PRO L 84 14.14 26.00 44.16
N ALA L 85 13.18 25.14 44.44
CA ALA L 85 12.97 24.57 45.74
C ALA L 85 14.21 24.03 46.34
N ALA L 86 14.93 23.15 45.62
CA ALA L 86 16.21 22.59 45.95
C ALA L 86 17.29 23.69 46.24
N LYS L 87 17.52 24.65 45.31
CA LYS L 87 18.54 25.70 45.46
C LYS L 87 18.34 26.58 46.66
N LEU L 88 17.05 26.72 46.99
CA LEU L 88 16.64 27.39 48.23
C LEU L 88 16.91 26.61 49.41
N LEU L 89 16.66 25.31 49.34
CA LEU L 89 16.92 24.39 50.42
C LEU L 89 18.41 24.37 50.76
N VAL L 90 19.34 23.98 49.82
CA VAL L 90 20.74 23.87 50.20
C VAL L 90 21.49 25.17 50.82
N GLN L 91 21.19 26.40 50.39
CA GLN L 91 21.69 27.63 50.98
C GLN L 91 21.23 27.91 52.43
N ILE L 92 19.99 27.58 52.75
CA ILE L 92 19.46 27.68 54.06
C ILE L 92 20.01 26.55 54.87
N ALA L 93 20.17 25.33 54.31
CA ALA L 93 20.68 24.21 55.05
C ALA L 93 22.19 24.42 55.48
N LYS L 94 23.03 24.61 54.48
CA LYS L 94 24.45 24.74 54.61
C LYS L 94 25.03 25.83 55.53
N GLY L 95 24.69 27.14 55.22
CA GLY L 95 25.22 28.29 55.98
C GLY L 95 24.51 28.46 57.35
N GLN L 96 24.98 27.83 58.40
CA GLN L 96 24.52 27.81 59.77
C GLN L 96 25.31 28.84 60.47
N ASP L 97 24.88 29.33 61.62
CA ASP L 97 25.64 30.24 62.48
C ASP L 97 27.10 29.81 62.81
N GLU L 98 27.32 28.49 63.00
CA GLU L 98 28.61 27.98 63.43
C GLU L 98 28.92 26.78 62.52
N GLU L 99 30.24 26.53 62.27
CA GLU L 99 30.74 25.47 61.34
C GLU L 99 30.36 24.03 61.75
N THR L 100 29.78 23.27 60.77
CA THR L 100 29.52 21.90 60.93
C THR L 100 29.24 21.10 59.66
N ALA L 101 29.64 19.79 59.81
CA ALA L 101 29.58 18.90 58.70
C ALA L 101 28.37 17.95 58.86
N ASP L 102 28.21 17.46 60.10
CA ASP L 102 27.21 16.44 60.33
C ASP L 102 25.90 17.05 60.57
N GLY L 103 25.73 18.33 60.94
CA GLY L 103 24.55 19.08 61.07
C GLY L 103 23.93 19.65 59.77
N THR L 104 24.73 19.90 58.72
CA THR L 104 24.32 20.24 57.38
C THR L 104 23.72 18.97 56.76
N LYS L 105 24.31 17.79 57.06
CA LYS L 105 23.81 16.50 56.66
C LYS L 105 22.46 16.26 57.32
N THR L 106 22.34 16.75 58.59
CA THR L 106 21.10 16.62 59.40
C THR L 106 20.05 17.50 58.81
N ALA L 107 20.35 18.80 58.74
CA ALA L 107 19.52 19.79 58.19
C ALA L 107 18.82 19.40 56.88
N VAL L 108 19.50 18.89 55.94
CA VAL L 108 18.84 18.42 54.70
C VAL L 108 18.00 17.22 54.94
N ILE L 109 18.55 16.15 55.58
CA ILE L 109 17.70 14.99 55.88
C ILE L 109 16.46 15.30 56.69
N PHE L 110 16.59 15.91 57.88
CA PHE L 110 15.49 16.32 58.66
C PHE L 110 14.47 17.28 57.99
N SER L 111 15.01 18.22 57.16
CA SER L 111 14.20 19.07 56.23
C SER L 111 13.37 18.23 55.30
N GLY L 112 13.93 17.31 54.49
CA GLY L 112 13.18 16.51 53.55
C GLY L 112 12.19 15.54 54.26
N GLU L 113 12.49 15.04 55.55
CA GLU L 113 11.56 14.28 56.42
C GLU L 113 10.40 15.12 56.94
N LEU L 114 10.64 16.37 57.31
CA LEU L 114 9.63 17.36 57.69
C LEU L 114 8.60 17.70 56.60
N VAL L 115 9.07 17.78 55.36
CA VAL L 115 8.25 17.93 54.16
C VAL L 115 7.35 16.67 53.98
N LYS L 116 7.98 15.46 54.14
CA LYS L 116 7.34 14.19 54.14
C LYS L 116 6.19 14.16 55.15
N LYS L 117 6.52 14.31 56.45
CA LYS L 117 5.44 14.33 57.52
C LYS L 117 4.37 15.49 57.36
N ALA L 118 4.64 16.66 56.75
CA ALA L 118 3.66 17.71 56.46
C ALA L 118 2.90 17.35 55.30
N GLU L 119 3.48 16.61 54.35
CA GLU L 119 2.70 16.13 53.22
C GLU L 119 1.52 15.24 53.54
N ASP L 120 1.65 14.34 54.49
CA ASP L 120 0.63 13.44 55.03
C ASP L 120 -0.54 14.19 55.66
N LEU L 121 -0.26 15.37 56.16
CA LEU L 121 -1.28 16.27 56.73
C LEU L 121 -2.10 16.94 55.67
N LEU L 122 -1.50 17.39 54.54
CA LEU L 122 -2.12 18.05 53.40
C LEU L 122 -3.16 17.06 52.79
N TYR L 123 -2.77 15.78 52.79
CA TYR L 123 -3.68 14.73 52.38
C TYR L 123 -4.95 14.52 53.23
N LYS L 124 -4.83 14.69 54.60
CA LYS L 124 -5.93 14.68 55.48
C LYS L 124 -6.77 15.91 55.49
N ASP L 125 -6.40 16.82 54.62
CA ASP L 125 -6.98 18.07 54.20
C ASP L 125 -6.60 19.20 55.19
N VAL L 126 -5.46 19.14 55.91
CA VAL L 126 -5.06 20.20 56.81
C VAL L 126 -4.36 21.34 55.97
N HIS L 127 -4.86 22.64 56.02
CA HIS L 127 -4.27 23.71 55.31
C HIS L 127 -2.87 24.02 55.75
N PRO L 128 -1.91 24.44 54.87
CA PRO L 128 -0.44 24.72 55.19
C PRO L 128 -0.25 25.83 56.15
N THR L 129 -1.12 26.88 56.31
CA THR L 129 -0.95 27.86 57.35
C THR L 129 -1.05 27.30 58.74
N ILE L 130 -1.89 26.20 58.94
CA ILE L 130 -1.96 25.59 60.31
C ILE L 130 -0.69 24.84 60.61
N ILE L 131 -0.30 24.04 59.55
CA ILE L 131 0.92 23.26 59.65
C ILE L 131 2.21 24.12 59.94
N ILE L 132 2.24 25.36 59.42
CA ILE L 132 3.29 26.36 59.59
C ILE L 132 3.32 26.87 61.01
N SER L 133 2.18 27.34 61.59
CA SER L 133 2.05 27.82 62.93
C SER L 133 2.47 26.76 63.96
N GLY L 134 2.03 25.49 63.71
CA GLY L 134 2.43 24.30 64.40
C GLY L 134 3.84 23.99 64.47
N TYR L 135 4.43 23.91 63.27
CA TYR L 135 5.86 23.67 63.14
C TYR L 135 6.73 24.74 63.86
N LYS L 136 6.36 26.00 63.76
CA LYS L 136 6.93 27.13 64.38
C LYS L 136 7.00 26.96 65.97
N LYS L 137 5.83 26.73 66.53
CA LYS L 137 5.60 26.45 67.99
C LYS L 137 6.38 25.28 68.52
N ALA L 138 6.49 24.20 67.70
CA ALA L 138 7.23 22.99 67.97
C ALA L 138 8.74 23.30 67.99
N GLU L 139 9.22 24.12 67.00
CA GLU L 139 10.61 24.53 66.89
C GLU L 139 11.01 25.27 68.14
N GLU L 140 10.18 26.24 68.64
CA GLU L 140 10.38 26.94 69.91
C GLU L 140 10.71 26.10 71.11
N VAL L 141 9.77 25.21 71.43
CA VAL L 141 9.91 24.26 72.48
C VAL L 141 11.16 23.33 72.33
N ALA L 142 11.28 22.69 71.17
CA ALA L 142 12.32 21.89 70.70
C ALA L 142 13.75 22.47 70.83
N LEU L 143 13.86 23.78 70.57
CA LEU L 143 15.06 24.57 70.81
C LEU L 143 15.44 24.82 72.30
N GLN L 144 14.57 25.46 73.11
CA GLN L 144 14.76 25.59 74.52
C GLN L 144 14.95 24.29 75.26
N THR L 145 14.47 23.11 74.78
CA THR L 145 14.74 21.78 75.28
C THR L 145 16.17 21.35 75.05
N ILE L 146 16.99 22.00 74.24
CA ILE L 146 18.39 21.71 74.14
C ILE L 146 19.15 22.55 75.13
N GLN L 147 18.78 23.82 75.36
CA GLN L 147 19.29 24.79 76.27
C GLN L 147 19.13 24.20 77.71
N GLU L 148 17.85 24.05 78.14
CA GLU L 148 17.43 23.56 79.43
C GLU L 148 17.60 22.06 79.63
N LEU L 149 18.74 21.58 79.24
CA LEU L 149 19.07 20.18 79.20
C LEU L 149 20.60 19.95 79.19
N ALA L 150 21.31 20.92 78.61
CA ALA L 150 22.78 20.91 78.64
C ALA L 150 23.52 21.00 80.03
N GLN L 151 24.73 20.41 80.08
CA GLN L 151 25.63 20.37 81.28
C GLN L 151 26.71 21.33 80.88
N THR L 152 27.13 22.13 81.87
CA THR L 152 28.08 23.17 81.65
C THR L 152 29.51 22.80 81.33
N VAL L 153 29.94 23.05 80.09
CA VAL L 153 31.28 22.57 79.72
C VAL L 153 32.14 23.81 79.53
N SER L 154 33.39 23.80 80.17
CA SER L 154 34.32 24.92 80.10
C SER L 154 35.71 24.50 79.73
N ILE L 155 36.61 25.44 79.78
CA ILE L 155 37.98 25.33 79.39
C ILE L 155 38.79 24.23 80.18
N ASN L 156 38.34 23.95 81.45
CA ASN L 156 38.99 22.95 82.31
C ASN L 156 38.28 21.65 82.21
N ASP L 157 37.11 21.53 81.53
CA ASP L 157 36.40 20.23 81.37
C ASP L 157 37.08 19.56 80.19
N THR L 158 38.37 19.15 80.27
CA THR L 158 39.22 18.69 79.18
C THR L 158 38.95 17.21 78.93
N ASP L 159 38.54 16.40 79.94
CA ASP L 159 38.16 15.01 79.75
C ASP L 159 36.77 14.88 79.05
N LEU L 160 36.07 16.07 79.09
CA LEU L 160 34.79 16.19 78.37
C LEU L 160 35.02 16.68 76.91
N LEU L 161 35.82 17.68 76.68
CA LEU L 161 36.14 18.04 75.30
C LEU L 161 36.86 16.89 74.47
N ARG L 162 37.59 15.97 75.08
CA ARG L 162 38.10 14.79 74.59
C ARG L 162 37.08 13.77 74.09
N LYS L 163 35.84 13.76 74.60
CA LYS L 163 34.77 12.83 74.34
C LYS L 163 34.09 13.39 73.11
N ILE L 164 33.59 14.63 73.25
CA ILE L 164 33.19 15.46 72.14
C ILE L 164 34.13 15.48 70.95
N ALA L 165 35.50 15.32 71.12
CA ALA L 165 36.45 15.23 70.04
C ALA L 165 36.26 13.93 69.32
N MET L 166 36.09 12.77 70.03
CA MET L 166 35.91 11.45 69.37
C MET L 166 34.57 11.57 68.60
N THR L 167 33.46 12.15 69.13
CA THR L 167 32.19 12.36 68.43
C THR L 167 32.21 13.15 67.12
N SER L 168 33.39 13.77 66.85
CA SER L 168 33.60 14.61 65.66
C SER L 168 34.48 13.70 64.71
N LEU L 169 35.59 13.10 65.16
CA LEU L 169 36.49 12.40 64.29
C LEU L 169 35.85 11.06 63.87
N SER L 170 34.98 10.40 64.68
CA SER L 170 34.34 9.12 64.39
C SER L 170 33.53 9.11 63.07
N SER L 171 33.10 10.33 62.55
CA SER L 171 32.40 10.43 61.32
C SER L 171 33.32 10.47 60.11
N LYS L 172 34.60 10.88 60.31
CA LYS L 172 35.60 11.10 59.32
C LYS L 172 36.04 9.74 58.65
N ALA L 173 36.68 9.83 57.46
CA ALA L 173 37.25 8.72 56.78
C ALA L 173 38.58 8.20 57.49
N VAL L 174 39.24 9.09 58.24
CA VAL L 174 40.42 8.78 58.92
C VAL L 174 40.14 7.96 60.21
N ALA L 175 39.94 6.62 60.07
CA ALA L 175 39.56 5.67 61.07
C ALA L 175 40.59 5.45 62.25
N GLY L 176 41.87 5.17 61.96
CA GLY L 176 43.01 4.94 62.82
C GLY L 176 43.40 5.98 63.91
N ALA L 177 43.77 5.50 65.15
CA ALA L 177 44.22 6.28 66.37
C ALA L 177 43.62 7.72 66.47
N ARG L 178 42.24 7.84 66.48
CA ARG L 178 41.55 9.08 66.56
C ARG L 178 41.58 9.57 68.02
N GLU L 179 41.72 8.66 69.08
CA GLU L 179 41.95 9.03 70.49
C GLU L 179 43.10 9.93 70.75
N TYR L 180 44.20 9.64 70.01
CA TYR L 180 45.42 10.38 69.96
C TYR L 180 45.20 11.78 69.53
N ILE L 181 44.48 11.92 68.39
CA ILE L 181 44.13 13.20 67.78
C ILE L 181 43.12 14.01 68.55
N ALA L 182 42.13 13.26 69.12
CA ALA L 182 41.20 13.83 70.20
C ALA L 182 41.97 14.42 71.37
N ASP L 183 42.91 13.67 71.99
CA ASP L 183 43.71 14.20 73.14
C ASP L 183 44.47 15.52 72.85
N ILE L 184 45.18 15.47 71.70
CA ILE L 184 45.92 16.60 71.13
C ILE L 184 45.06 17.86 70.93
N VAL L 185 43.92 17.73 70.21
CA VAL L 185 42.93 18.76 69.87
C VAL L 185 42.54 19.62 71.11
N VAL L 186 42.36 18.90 72.23
CA VAL L 186 42.09 19.61 73.58
C VAL L 186 43.25 20.36 74.11
N LYS L 187 44.51 19.71 74.19
CA LYS L 187 45.66 20.50 74.68
C LYS L 187 45.99 21.76 73.81
N ALA L 188 45.95 21.62 72.46
CA ALA L 188 46.02 22.69 71.44
C ALA L 188 44.98 23.77 71.44
N VAL L 189 43.69 23.45 71.70
CA VAL L 189 42.67 24.55 71.78
C VAL L 189 42.82 25.17 73.14
N THR L 190 42.76 24.43 74.27
CA THR L 190 42.96 25.07 75.61
C THR L 190 44.29 25.95 75.83
N GLN L 191 45.35 25.64 75.06
CA GLN L 191 46.53 26.53 75.08
C GLN L 191 46.23 27.99 74.47
N VAL L 192 45.38 28.08 73.36
CA VAL L 192 45.02 29.17 72.53
C VAL L 192 43.74 29.88 73.18
N ALA L 193 42.92 29.21 74.01
CA ALA L 193 41.70 29.81 74.56
C ALA L 193 41.96 30.93 75.61
N GLU L 194 41.11 32.01 75.55
CA GLU L 194 41.23 33.14 76.44
C GLU L 194 39.93 33.83 76.71
N LEU L 195 39.84 34.64 77.77
CA LEU L 195 38.69 35.33 78.18
C LEU L 195 38.57 36.73 77.60
N ARG L 196 37.49 36.97 76.90
CA ARG L 196 37.21 38.24 76.18
C ARG L 196 35.81 38.63 76.43
N GLY L 197 35.48 39.88 76.85
CA GLY L 197 34.05 40.19 77.10
C GLY L 197 33.42 39.58 78.39
N ASP L 198 34.28 38.97 79.22
CA ASP L 198 33.97 38.22 80.38
C ASP L 198 33.23 36.97 79.99
N LYS L 199 33.76 36.33 78.90
CA LYS L 199 33.27 35.12 78.21
C LYS L 199 34.46 34.49 77.52
N TRP L 200 34.46 33.14 77.31
CA TRP L 200 35.52 32.41 76.59
C TRP L 200 35.48 32.47 75.13
N TYR L 201 36.66 32.77 74.49
CA TYR L 201 36.86 32.97 73.05
C TYR L 201 38.24 32.33 72.69
N VAL L 202 38.39 31.87 71.44
CA VAL L 202 39.45 31.19 70.80
C VAL L 202 39.62 31.75 69.42
N ASP L 203 40.82 32.35 69.08
CA ASP L 203 41.17 32.86 67.79
C ASP L 203 42.04 31.75 67.15
N LEU L 204 41.42 30.92 66.31
CA LEU L 204 42.10 29.84 65.56
C LEU L 204 43.32 30.17 64.79
N ASP L 205 43.55 31.42 64.32
CA ASP L 205 44.80 31.86 63.75
C ASP L 205 46.12 31.65 64.63
N ASN L 206 45.92 31.44 65.97
CA ASN L 206 47.02 31.13 66.81
C ASN L 206 47.49 29.65 66.72
N ILE L 207 47.05 28.88 65.69
CA ILE L 207 47.35 27.49 65.55
C ILE L 207 47.78 27.40 64.10
N GLN L 208 49.06 26.90 63.87
CA GLN L 208 49.68 26.74 62.58
C GLN L 208 49.55 25.28 62.23
N ILE L 209 49.34 25.01 60.98
CA ILE L 209 49.01 23.59 60.56
C ILE L 209 49.92 23.16 59.48
N VAL L 210 50.84 22.22 59.81
CA VAL L 210 51.77 21.68 58.87
C VAL L 210 51.43 20.28 58.65
N LYS L 211 51.59 19.68 57.43
CA LYS L 211 51.18 18.34 57.18
C LYS L 211 52.24 17.71 56.28
N LYS L 212 52.64 16.45 56.56
CA LYS L 212 53.69 15.76 55.79
C LYS L 212 53.34 14.33 55.45
N ALA L 213 53.53 13.90 54.19
CA ALA L 213 53.21 12.60 53.63
C ALA L 213 53.93 11.41 54.28
N GLY L 214 53.19 10.31 54.47
CA GLY L 214 53.70 9.02 54.98
C GLY L 214 53.71 8.94 56.46
N GLY L 215 54.35 7.85 56.95
CA GLY L 215 54.34 7.66 58.44
C GLY L 215 53.03 7.32 58.96
N SER L 216 52.87 7.35 60.29
CA SER L 216 51.66 6.98 60.99
C SER L 216 50.96 8.15 61.54
N ILE L 217 49.62 8.04 61.90
CA ILE L 217 48.85 9.13 62.51
C ILE L 217 49.26 9.27 63.93
N ASN L 218 49.88 8.21 64.47
CA ASN L 218 50.60 8.12 65.75
C ASN L 218 51.92 8.97 65.68
N ASP L 219 52.37 9.30 64.46
CA ASP L 219 53.55 10.21 64.44
C ASP L 219 53.09 11.72 64.42
N THR L 220 51.76 12.11 64.75
CA THR L 220 51.40 13.52 64.66
C THR L 220 51.78 14.14 66.03
N GLN L 221 51.90 15.47 66.12
CA GLN L 221 52.35 16.08 67.37
C GLN L 221 51.77 17.57 67.51
N LEU L 222 51.77 18.13 68.70
CA LEU L 222 51.48 19.57 69.04
C LEU L 222 52.89 20.02 69.31
N VAL L 223 53.21 21.16 68.81
CA VAL L 223 54.44 21.93 69.03
C VAL L 223 54.11 23.24 69.81
N TYR L 224 54.88 23.50 70.85
CA TYR L 224 54.74 24.73 71.59
C TYR L 224 55.59 25.80 70.89
N GLY L 225 55.19 26.27 69.70
CA GLY L 225 55.82 27.32 68.94
C GLY L 225 55.47 27.19 67.50
N ILE L 226 55.92 28.27 66.78
CA ILE L 226 55.64 28.29 65.41
C ILE L 226 56.61 27.48 64.58
N VAL L 227 56.14 26.78 63.57
CA VAL L 227 56.81 25.80 62.73
C VAL L 227 56.63 26.17 61.25
N VAL L 228 57.68 26.52 60.52
CA VAL L 228 57.73 27.01 59.17
C VAL L 228 57.98 25.75 58.33
N ASP L 229 57.04 25.33 57.43
CA ASP L 229 57.08 24.16 56.54
C ASP L 229 58.36 24.16 55.60
N LYS L 230 58.90 25.28 55.06
CA LYS L 230 60.16 25.31 54.31
C LYS L 230 61.33 25.17 55.26
N GLU L 231 62.38 24.47 54.78
CA GLU L 231 63.67 24.20 55.44
C GLU L 231 64.70 25.18 55.17
N VAL L 232 65.85 25.13 55.86
CA VAL L 232 66.98 26.01 55.60
C VAL L 232 67.45 25.83 54.17
N VAL L 233 67.82 27.01 53.64
CA VAL L 233 68.33 27.10 52.29
C VAL L 233 69.63 26.34 51.97
N HIS L 234 70.64 26.34 52.88
CA HIS L 234 71.90 25.76 52.57
C HIS L 234 72.59 24.97 53.70
N PRO L 235 73.26 23.86 53.35
CA PRO L 235 73.90 22.95 54.31
C PRO L 235 74.93 23.52 55.19
N GLY L 236 75.75 24.50 54.69
CA GLY L 236 76.86 25.02 55.39
C GLY L 236 76.46 26.01 56.56
N MET L 237 75.18 26.27 56.72
CA MET L 237 74.60 27.10 57.74
C MET L 237 74.37 26.33 59.04
N PRO L 238 74.33 26.99 60.18
CA PRO L 238 74.12 26.44 61.51
C PRO L 238 72.69 25.92 61.69
N LYS L 239 72.53 24.81 62.40
CA LYS L 239 71.16 24.28 62.47
C LYS L 239 70.41 24.85 63.72
N ARG L 240 71.09 25.23 64.86
CA ARG L 240 70.39 25.69 66.07
C ARG L 240 71.01 26.99 66.57
N LEU L 241 70.30 28.14 66.45
CA LEU L 241 70.88 29.41 66.85
C LEU L 241 70.15 29.84 68.08
N GLU L 242 70.86 30.33 69.11
CA GLU L 242 70.36 30.85 70.33
C GLU L 242 70.02 32.27 70.30
N ASN L 243 68.94 32.68 70.96
CA ASN L 243 68.37 34.05 71.05
C ASN L 243 67.97 34.53 69.74
N ALA L 244 67.06 33.74 69.13
CA ALA L 244 66.71 33.91 67.75
C ALA L 244 66.07 35.19 67.38
N LYS L 245 66.78 36.12 66.67
CA LYS L 245 66.26 37.47 66.36
C LYS L 245 65.82 37.55 64.91
N ILE L 246 64.65 36.85 64.66
CA ILE L 246 64.11 36.60 63.28
C ILE L 246 63.99 37.91 62.46
N ALA L 247 64.30 37.81 61.15
CA ALA L 247 64.17 38.98 60.29
C ALA L 247 63.27 38.53 59.12
N LEU L 248 61.94 38.85 59.22
CA LEU L 248 60.98 38.52 58.14
C LEU L 248 61.08 39.43 56.88
N ILE L 249 61.99 39.08 55.98
CA ILE L 249 62.25 39.92 54.81
C ILE L 249 61.50 39.49 53.60
N ASP L 250 60.46 40.27 53.25
CA ASP L 250 59.66 40.13 52.00
C ASP L 250 60.32 41.02 50.96
N ALA L 251 61.63 40.89 50.68
CA ALA L 251 62.38 41.54 49.67
C ALA L 251 63.49 40.67 49.13
N SER L 252 63.73 40.73 47.84
CA SER L 252 64.76 39.89 47.23
C SER L 252 66.19 39.94 47.86
N LEU L 253 66.83 38.77 47.92
CA LEU L 253 68.20 38.58 48.22
C LEU L 253 68.82 37.75 47.15
N GLU L 254 68.18 37.83 45.92
CA GLU L 254 68.54 36.98 44.80
C GLU L 254 68.82 37.75 43.53
N VAL L 255 69.87 37.32 42.80
CA VAL L 255 70.41 37.89 41.65
C VAL L 255 69.66 37.49 40.40
N GLU L 256 69.54 38.29 39.37
CA GLU L 256 68.93 37.89 38.13
C GLU L 256 69.44 38.88 37.09
N LYS L 257 69.20 38.63 35.78
CA LYS L 257 69.62 39.38 34.65
C LYS L 257 69.01 40.81 34.75
N PRO L 258 69.79 41.86 34.34
CA PRO L 258 69.38 43.31 34.50
C PRO L 258 68.00 43.65 33.85
N GLU L 259 67.30 44.68 34.38
CA GLU L 259 66.03 45.15 33.81
C GLU L 259 65.72 46.67 33.93
N LEU L 260 66.43 47.40 34.89
CA LEU L 260 66.38 48.85 35.05
C LEU L 260 67.75 49.49 35.13
N ASP L 261 68.85 48.70 34.92
CA ASP L 261 70.24 49.16 35.19
C ASP L 261 70.70 50.04 34.04
N ALA L 262 70.17 49.81 32.90
CA ALA L 262 70.39 50.54 31.63
C ALA L 262 69.04 50.68 30.95
N GLU L 263 68.84 51.76 30.14
CA GLU L 263 67.57 52.02 29.47
C GLU L 263 67.48 51.33 28.15
N ILE L 264 68.65 50.94 27.64
CA ILE L 264 68.82 50.22 26.37
C ILE L 264 68.87 48.74 26.48
N ARG L 265 68.77 48.05 25.29
CA ARG L 265 68.95 46.59 25.16
C ARG L 265 70.40 46.26 25.11
N ILE L 266 70.97 45.53 26.03
CA ILE L 266 72.37 45.37 26.11
C ILE L 266 72.96 44.43 25.05
N ASN L 267 73.81 44.97 24.18
CA ASN L 267 74.38 44.31 23.04
C ASN L 267 75.91 44.14 23.25
N ASP L 268 76.45 44.49 24.43
CA ASP L 268 77.80 44.49 24.77
C ASP L 268 78.05 43.57 26.00
N PRO L 269 78.88 42.52 25.81
CA PRO L 269 79.21 41.65 26.94
C PRO L 269 80.05 42.34 28.06
N THR L 270 80.78 43.48 27.82
CA THR L 270 81.47 44.28 28.92
C THR L 270 80.38 44.84 29.88
N GLN L 271 79.21 45.23 29.25
CA GLN L 271 78.07 45.84 29.97
C GLN L 271 77.30 44.78 30.80
N MET L 272 77.17 43.57 30.27
CA MET L 272 76.64 42.49 30.93
C MET L 272 77.31 42.14 32.23
N GLN L 273 78.61 41.74 32.20
CA GLN L 273 79.53 41.45 33.31
C GLN L 273 79.35 42.45 34.42
N LYS L 274 79.77 43.67 34.20
CA LYS L 274 79.72 44.72 35.26
C LYS L 274 78.42 45.06 35.97
N PHE L 275 77.26 44.58 35.36
CA PHE L 275 75.95 44.61 35.85
C PHE L 275 75.76 43.44 36.77
N LEU L 276 75.96 42.15 36.32
CA LEU L 276 75.77 41.03 37.22
C LEU L 276 76.84 40.90 38.32
N ASP L 277 78.07 41.50 38.22
CA ASP L 277 79.09 41.48 39.16
C ASP L 277 78.69 42.41 40.30
N GLU L 278 78.30 43.62 39.98
CA GLU L 278 77.87 44.68 40.94
C GLU L 278 76.57 44.37 41.68
N GLU L 279 75.62 43.65 41.04
CA GLU L 279 74.44 43.17 41.71
C GLU L 279 74.60 42.10 42.80
N GLU L 280 75.66 41.19 42.73
CA GLU L 280 75.97 40.08 43.63
C GLU L 280 76.60 40.72 44.84
N ASN L 281 77.37 41.83 44.65
CA ASN L 281 77.83 42.64 45.81
C ASN L 281 76.79 43.51 46.45
N LEU L 282 75.67 43.77 45.74
CA LEU L 282 74.41 44.36 46.24
C LEU L 282 73.75 43.38 47.17
N ILE L 283 73.80 42.03 46.88
CA ILE L 283 73.16 41.07 47.79
C ILE L 283 74.02 40.84 49.12
N LYS L 284 75.42 40.80 49.07
CA LYS L 284 76.14 40.92 50.30
C LYS L 284 75.96 42.28 51.03
N GLU L 285 75.70 43.44 50.33
CA GLU L 285 75.36 44.75 50.87
C GLU L 285 74.01 44.67 51.64
N LYS L 286 73.01 44.12 50.98
CA LYS L 286 71.72 43.85 51.61
C LYS L 286 71.82 42.94 52.84
N VAL L 287 72.64 41.86 52.82
CA VAL L 287 72.95 40.98 53.89
C VAL L 287 73.58 41.81 54.96
N ASP L 288 74.53 42.68 54.66
CA ASP L 288 75.08 43.45 55.77
C ASP L 288 74.06 44.47 56.46
N LYS L 289 73.14 44.95 55.61
CA LYS L 289 72.04 45.78 56.06
C LYS L 289 70.97 45.11 56.92
N ILE L 290 70.80 43.81 56.82
CA ILE L 290 70.01 43.06 57.76
C ILE L 290 70.85 42.68 59.00
N LEU L 291 72.10 42.22 58.71
CA LEU L 291 73.06 41.90 59.84
C LEU L 291 73.58 43.07 60.68
N ALA L 292 73.44 44.32 60.24
CA ALA L 292 73.59 45.65 60.82
C ALA L 292 72.61 45.86 61.98
N THR L 293 71.54 45.00 62.03
CA THR L 293 70.51 45.04 63.10
C THR L 293 70.78 43.96 64.18
N GLY L 294 71.62 42.90 63.81
CA GLY L 294 71.79 41.82 64.76
C GLY L 294 70.95 40.65 64.65
N ALA L 295 70.53 40.42 63.38
CA ALA L 295 69.71 39.31 62.98
C ALA L 295 70.51 38.04 62.79
N ASN L 296 70.23 36.91 63.55
CA ASN L 296 71.01 35.69 63.38
C ASN L 296 70.27 34.65 62.59
N VAL L 297 68.99 34.95 62.23
CA VAL L 297 68.26 34.13 61.27
C VAL L 297 67.58 35.12 60.38
N ILE L 298 67.39 34.76 59.10
CA ILE L 298 66.75 35.61 58.15
C ILE L 298 65.98 34.62 57.24
N ILE L 299 64.64 34.82 57.21
CA ILE L 299 63.70 34.05 56.56
C ILE L 299 62.95 35.00 55.70
N CYS L 300 62.61 34.56 54.49
CA CYS L 300 62.02 35.48 53.58
C CYS L 300 60.78 34.86 52.87
N GLN L 301 60.14 35.70 52.02
CA GLN L 301 59.02 35.34 51.24
C GLN L 301 59.40 35.45 49.75
N LYS L 302 60.67 35.85 49.49
CA LYS L 302 61.36 35.86 48.22
C LYS L 302 62.70 35.24 48.42
N GLY L 303 63.47 35.11 47.27
CA GLY L 303 64.69 34.40 47.10
C GLY L 303 65.91 34.80 47.93
N ILE L 304 67.02 34.00 48.05
CA ILE L 304 68.37 34.20 48.67
C ILE L 304 69.40 33.59 47.70
N ASP L 305 70.41 34.27 47.10
CA ASP L 305 71.34 33.75 46.08
C ASP L 305 72.35 32.64 46.60
N GLU L 306 72.90 31.88 45.68
CA GLU L 306 73.78 30.79 46.03
C GLU L 306 75.09 31.23 46.50
N VAL L 307 75.56 32.44 46.10
CA VAL L 307 76.74 33.14 46.57
C VAL L 307 76.42 33.82 47.95
N ALA L 308 75.13 34.17 48.09
CA ALA L 308 74.60 34.73 49.32
C ALA L 308 74.41 33.77 50.43
N GLN L 309 74.39 32.50 50.07
CA GLN L 309 74.32 31.36 50.97
C GLN L 309 75.52 31.03 51.61
N SER L 310 76.69 31.05 50.83
CA SER L 310 77.97 31.19 51.40
C SER L 310 78.32 32.43 52.23
N TYR L 311 77.75 33.63 52.02
CA TYR L 311 78.04 34.76 52.85
C TYR L 311 77.36 34.64 54.23
N LEU L 312 76.05 34.22 54.17
CA LEU L 312 75.26 33.96 55.34
C LEU L 312 75.86 32.79 56.18
N ALA L 313 76.42 31.79 55.43
CA ALA L 313 77.15 30.68 56.04
C ALA L 313 78.47 31.19 56.75
N LYS L 314 79.19 32.15 56.08
CA LYS L 314 80.39 32.65 56.75
C LYS L 314 80.19 33.53 57.92
N LYS L 315 79.06 34.27 58.01
CA LYS L 315 78.70 35.16 59.07
C LYS L 315 78.16 34.26 60.22
N GLY L 316 77.65 33.01 59.91
CA GLY L 316 77.03 32.09 60.88
C GLY L 316 75.62 32.50 61.11
N VAL L 317 74.86 32.77 59.98
CA VAL L 317 73.45 33.08 60.09
C VAL L 317 72.63 31.95 59.47
N LEU L 318 71.30 31.78 59.85
CA LEU L 318 70.44 30.65 59.53
C LEU L 318 69.43 31.17 58.61
N ALA L 319 69.45 30.75 57.35
CA ALA L 319 68.48 31.32 56.45
C ALA L 319 67.55 30.40 55.74
N VAL L 320 66.38 30.94 55.48
CA VAL L 320 65.33 30.21 54.75
C VAL L 320 64.92 31.10 53.60
N ARG L 321 64.75 30.63 52.36
CA ARG L 321 64.32 31.56 51.34
C ARG L 321 63.03 31.02 50.73
N ARG L 322 62.17 31.93 50.10
CA ARG L 322 60.88 31.61 49.52
C ARG L 322 59.90 30.75 50.31
N ALA L 323 59.59 31.17 51.54
CA ALA L 323 58.51 30.55 52.28
C ALA L 323 57.19 31.15 51.96
N LYS L 324 56.05 30.46 52.18
CA LYS L 324 54.71 31.01 51.91
C LYS L 324 54.27 32.12 52.87
N LYS L 325 53.61 33.13 52.32
CA LYS L 325 53.09 34.31 52.99
C LYS L 325 52.24 34.00 54.16
N SER L 326 51.53 32.84 54.20
CA SER L 326 50.82 32.10 55.26
C SER L 326 51.57 31.79 56.54
N ASP L 327 52.86 31.60 56.46
CA ASP L 327 53.72 31.24 57.59
C ASP L 327 54.60 32.45 58.10
N LEU L 328 54.86 33.38 57.22
CA LEU L 328 55.44 34.70 57.49
C LEU L 328 54.58 35.55 58.46
N GLU L 329 53.24 35.61 58.31
CA GLU L 329 52.34 36.36 59.21
C GLU L 329 52.42 35.76 60.59
N LYS L 330 52.13 34.43 60.65
CA LYS L 330 52.08 33.65 61.88
C LYS L 330 53.39 33.67 62.63
N LEU L 331 54.54 33.78 61.98
CA LEU L 331 55.81 33.81 62.67
C LEU L 331 56.20 35.21 63.06
N ALA L 332 55.73 36.27 62.37
CA ALA L 332 55.90 37.68 62.76
C ALA L 332 55.34 38.10 64.03
N ARG L 333 54.01 38.12 64.05
CA ARG L 333 53.13 38.56 65.18
C ARG L 333 53.15 37.58 66.36
N ALA L 334 53.94 36.53 66.23
CA ALA L 334 54.16 35.58 67.33
C ALA L 334 55.58 35.64 67.92
N THR L 335 56.41 36.47 67.37
CA THR L 335 57.76 36.79 67.74
C THR L 335 57.99 38.29 67.89
N GLY L 336 57.03 39.09 67.50
CA GLY L 336 57.05 40.55 67.58
C GLY L 336 57.66 41.33 66.46
N GLY L 337 57.96 40.63 65.38
CA GLY L 337 58.44 41.08 64.08
C GLY L 337 57.37 41.73 63.27
N ARG L 338 57.78 42.16 62.07
CA ARG L 338 56.84 42.65 61.02
C ARG L 338 57.39 42.15 59.71
N VAL L 339 56.51 41.73 58.79
CA VAL L 339 56.93 41.27 57.52
C VAL L 339 57.18 42.49 56.64
N VAL L 340 58.43 42.93 56.60
CA VAL L 340 59.06 44.10 55.96
C VAL L 340 59.27 43.91 54.50
N SER L 341 58.87 44.91 53.65
CA SER L 341 58.92 44.83 52.20
C SER L 341 60.15 45.47 51.51
N ASN L 342 61.06 46.05 52.33
CA ASN L 342 62.24 46.75 51.87
C ASN L 342 63.46 46.62 52.83
N ILE L 343 64.49 45.96 52.40
CA ILE L 343 65.79 45.72 53.14
C ILE L 343 66.50 46.99 53.64
N ASP L 344 66.40 48.12 52.94
CA ASP L 344 66.87 49.43 53.38
C ASP L 344 65.96 50.14 54.41
N GLU L 345 64.96 49.43 55.02
CA GLU L 345 63.99 49.88 56.01
C GLU L 345 64.02 48.97 57.21
N ILE L 346 64.87 47.86 57.25
CA ILE L 346 64.99 47.05 58.46
C ILE L 346 65.35 47.75 59.75
N SER L 347 64.81 47.22 60.90
CA SER L 347 65.04 47.75 62.23
C SER L 347 64.76 46.71 63.33
N GLU L 348 65.18 47.00 64.54
CA GLU L 348 65.08 46.08 65.73
C GLU L 348 63.62 45.78 66.19
N GLN L 349 62.75 46.75 65.99
CA GLN L 349 61.40 46.72 66.23
C GLN L 349 60.72 45.83 65.11
N ASP L 350 61.25 45.89 63.90
CA ASP L 350 60.79 44.99 62.85
C ASP L 350 61.31 43.58 62.97
N LEU L 351 62.35 43.38 63.85
CA LEU L 351 62.83 42.06 64.09
C LEU L 351 62.01 41.33 65.19
N GLY L 352 61.81 40.00 64.97
CA GLY L 352 61.09 39.14 65.95
C GLY L 352 62.08 38.63 66.96
N TYR L 353 61.58 37.79 67.92
CA TYR L 353 62.45 37.21 68.92
C TYR L 353 61.80 35.86 69.35
N ALA L 354 62.64 34.79 69.61
CA ALA L 354 62.37 33.51 70.13
C ALA L 354 63.59 33.01 70.82
N SER L 355 63.47 32.06 71.71
CA SER L 355 64.56 31.54 72.53
C SER L 355 65.59 30.82 71.75
N LEU L 356 65.07 29.96 70.81
CA LEU L 356 65.96 29.23 69.91
C LEU L 356 65.14 28.86 68.72
N ILE L 357 65.72 29.16 67.53
CA ILE L 357 65.11 28.73 66.28
C ILE L 357 66.04 27.68 65.82
N GLU L 358 65.47 26.60 65.17
CA GLU L 358 66.24 25.51 64.65
C GLU L 358 65.64 24.78 63.48
N GLU L 359 66.28 23.78 62.84
CA GLU L 359 65.76 23.03 61.76
C GLU L 359 65.72 21.57 62.29
N ARG L 360 64.54 20.97 62.27
CA ARG L 360 64.40 19.63 62.77
C ARG L 360 63.82 18.78 61.63
N LYS L 361 64.47 17.64 61.44
CA LYS L 361 63.93 16.67 60.51
C LYS L 361 62.85 15.82 61.19
N VAL L 362 61.62 15.80 60.60
CA VAL L 362 60.61 14.98 61.24
C VAL L 362 60.06 14.13 60.11
N GLY L 363 60.23 12.79 60.20
CA GLY L 363 60.13 11.92 59.00
C GLY L 363 61.25 12.15 58.03
N GLU L 364 60.99 11.77 56.77
CA GLU L 364 61.95 12.01 55.74
C GLU L 364 62.17 13.53 55.35
N ASP L 365 61.13 14.35 55.65
CA ASP L 365 61.17 15.79 55.44
C ASP L 365 61.81 16.51 56.62
N LYS L 366 62.29 17.75 56.44
CA LYS L 366 62.85 18.62 57.51
C LYS L 366 62.29 19.98 57.33
N MET L 367 62.20 20.80 58.41
CA MET L 367 61.48 22.07 58.43
C MET L 367 61.92 22.94 59.65
N VAL L 368 61.61 24.25 59.62
CA VAL L 368 62.10 25.11 60.69
C VAL L 368 61.12 25.26 61.79
N PHE L 369 61.63 25.18 63.04
CA PHE L 369 60.78 25.29 64.23
C PHE L 369 61.23 26.46 65.03
N VAL L 370 60.34 27.14 65.76
CA VAL L 370 60.68 28.33 66.45
C VAL L 370 60.06 28.39 67.90
N GLU L 371 60.46 27.44 68.78
CA GLU L 371 59.93 27.35 70.14
C GLU L 371 60.55 28.46 71.07
N GLY L 372 59.83 28.83 72.21
CA GLY L 372 60.24 29.84 73.16
C GLY L 372 60.00 31.21 72.68
N ALA L 373 59.01 31.27 71.78
CA ALA L 373 58.45 32.38 71.05
C ALA L 373 58.03 33.55 71.94
N LYS L 374 57.96 34.78 71.46
CA LYS L 374 57.53 35.97 72.22
C LYS L 374 56.12 36.03 72.72
N ASN L 375 55.29 35.41 71.91
CA ASN L 375 53.87 35.20 72.25
C ASN L 375 53.45 33.75 72.43
N PRO L 376 53.14 33.18 73.55
CA PRO L 376 52.76 31.82 73.77
C PRO L 376 51.53 31.31 73.00
N LYS L 377 50.41 32.02 72.81
CA LYS L 377 49.12 31.49 72.23
C LYS L 377 49.38 30.88 70.86
N SER L 378 50.26 31.48 70.06
CA SER L 378 50.71 31.00 68.78
C SER L 378 51.57 29.72 68.84
N ILE L 379 50.98 28.57 68.48
CA ILE L 379 51.55 27.25 68.60
C ILE L 379 51.33 26.52 67.29
N SER L 380 51.91 25.31 67.01
CA SER L 380 51.65 24.63 65.72
C SER L 380 51.23 23.19 65.93
N ILE L 381 50.56 22.62 64.95
CA ILE L 381 50.27 21.11 64.91
C ILE L 381 50.93 20.59 63.69
N LEU L 382 51.55 19.39 63.74
CA LEU L 382 52.11 18.81 62.62
C LEU L 382 51.48 17.50 62.25
N ILE L 383 50.77 17.35 61.05
CA ILE L 383 50.02 16.13 60.74
C ILE L 383 50.87 15.22 59.91
N ARG L 384 50.79 13.87 60.26
CA ARG L 384 51.51 12.74 59.63
C ARG L 384 50.58 11.62 59.57
N GLY L 385 50.81 10.57 58.71
CA GLY L 385 49.86 9.45 58.65
C GLY L 385 49.39 9.26 57.27
N GLY L 386 50.05 8.33 56.53
CA GLY L 386 49.60 7.84 55.27
C GLY L 386 49.78 8.73 54.06
N LEU L 387 49.54 8.08 52.87
CA LEU L 387 49.64 8.65 51.55
C LEU L 387 49.16 10.10 51.32
N GLU L 388 49.56 10.61 50.09
CA GLU L 388 49.49 11.97 49.57
C GLU L 388 48.14 12.66 49.61
N ARG L 389 47.02 11.86 49.63
CA ARG L 389 45.65 12.36 49.76
C ARG L 389 45.08 12.01 51.19
N LEU L 390 45.45 10.89 51.82
CA LEU L 390 45.04 10.53 53.17
C LEU L 390 45.50 11.47 54.31
N VAL L 391 46.68 12.00 54.16
CA VAL L 391 47.27 13.03 55.02
C VAL L 391 46.52 14.37 54.93
N ASP L 392 46.13 14.80 53.71
CA ASP L 392 45.22 15.94 53.44
C ASP L 392 43.88 15.76 54.24
N GLU L 393 43.26 14.57 54.19
CA GLU L 393 41.99 14.33 54.85
C GLU L 393 42.06 14.25 56.40
N THR L 394 43.24 14.07 56.92
CA THR L 394 43.51 14.25 58.38
C THR L 394 43.50 15.70 58.67
N GLU L 395 43.89 16.61 57.78
CA GLU L 395 43.95 18.03 58.02
C GLU L 395 42.53 18.61 58.18
N ARG L 396 41.57 18.01 57.40
CA ARG L 396 40.13 18.29 57.52
C ARG L 396 39.65 17.82 58.75
N ALA L 397 39.80 16.52 59.07
CA ALA L 397 39.37 15.94 60.33
C ALA L 397 39.78 16.62 61.63
N LEU L 398 41.05 16.98 61.66
CA LEU L 398 41.70 17.67 62.74
C LEU L 398 41.11 19.15 62.89
N ARG L 399 40.93 19.90 61.81
CA ARG L 399 40.37 21.27 61.78
C ARG L 399 38.92 21.28 62.32
N ASP L 400 38.08 20.35 61.88
CA ASP L 400 36.70 20.24 62.40
C ASP L 400 36.75 19.83 63.89
N ALA L 401 37.57 18.86 64.29
CA ALA L 401 37.76 18.48 65.67
C ALA L 401 38.20 19.66 66.57
N LEU L 402 39.15 20.49 66.12
CA LEU L 402 39.69 21.67 66.84
C LEU L 402 38.57 22.62 66.94
N GLY L 403 37.92 23.05 65.85
CA GLY L 403 36.77 23.95 65.90
C GLY L 403 35.68 23.58 66.88
N THR L 404 35.15 22.37 66.68
CA THR L 404 33.97 21.80 67.35
C THR L 404 34.18 21.84 68.87
N VAL L 405 35.31 21.36 69.34
CA VAL L 405 35.83 21.45 70.70
C VAL L 405 36.03 22.91 71.21
N ALA L 406 36.54 23.85 70.38
CA ALA L 406 36.68 25.25 70.68
C ALA L 406 35.39 25.98 70.81
N ASP L 407 34.36 25.48 70.04
CA ASP L 407 33.04 26.08 70.07
C ASP L 407 32.31 25.81 71.42
N VAL L 408 32.55 24.65 72.00
CA VAL L 408 31.94 24.24 73.27
C VAL L 408 32.30 25.17 74.38
N ILE L 409 33.60 25.56 74.39
CA ILE L 409 34.31 26.46 75.30
C ILE L 409 33.76 27.89 75.02
N LYS L 410 33.62 28.28 73.77
CA LYS L 410 33.03 29.45 73.34
C LYS L 410 31.51 29.68 73.81
N ASP L 411 30.80 28.57 73.96
CA ASP L 411 29.43 28.59 74.29
C ASP L 411 29.21 28.31 75.82
N GLY L 412 29.41 27.00 76.23
CA GLY L 412 29.29 26.56 77.63
C GLY L 412 28.42 25.33 77.73
N ARG L 413 27.90 24.90 76.65
CA ARG L 413 26.92 23.84 76.60
C ARG L 413 27.22 22.61 75.84
N ALA L 414 26.84 21.43 76.40
CA ALA L 414 27.04 20.16 75.79
C ALA L 414 25.98 19.20 76.19
N ILE L 415 25.39 18.52 75.17
CA ILE L 415 24.37 17.56 75.35
C ILE L 415 24.89 16.19 74.91
N ALA L 416 24.23 15.09 75.29
CA ALA L 416 24.61 13.76 74.91
C ALA L 416 24.15 13.51 73.46
N GLY L 417 25.00 12.97 72.54
CA GLY L 417 24.64 12.70 71.22
C GLY L 417 23.82 11.41 71.06
N GLY L 418 24.06 10.77 69.90
CA GLY L 418 23.65 9.38 69.64
C GLY L 418 22.08 9.22 69.85
N GLY L 419 21.25 10.15 69.39
CA GLY L 419 19.86 10.08 69.35
C GLY L 419 19.14 10.51 70.63
N ALA L 420 19.84 10.69 71.77
CA ALA L 420 19.39 11.00 73.08
C ALA L 420 18.52 12.18 73.28
N VAL L 421 18.99 13.42 72.88
CA VAL L 421 18.11 14.67 72.96
C VAL L 421 16.97 14.61 71.97
N GLU L 422 17.11 13.95 70.86
CA GLU L 422 15.97 13.74 69.96
C GLU L 422 14.77 12.98 70.58
N ILE L 423 14.91 11.71 71.04
CA ILE L 423 13.77 10.94 71.68
C ILE L 423 13.14 11.80 72.82
N GLU L 424 13.91 12.65 73.60
CA GLU L 424 13.30 13.58 74.55
C GLU L 424 12.48 14.66 73.87
N ILE L 425 13.04 15.50 72.94
CA ILE L 425 12.44 16.55 72.19
C ILE L 425 11.15 16.03 71.40
N ALA L 426 11.11 14.69 71.04
CA ALA L 426 9.98 14.02 70.48
C ALA L 426 8.92 13.84 71.62
N LYS L 427 9.24 12.95 72.52
CA LYS L 427 8.45 12.73 73.71
C LYS L 427 7.79 13.96 74.36
N LYS L 428 8.57 14.99 74.67
CA LYS L 428 8.09 16.27 75.13
C LYS L 428 7.19 16.99 74.19
N LEU L 429 7.37 16.88 72.88
CA LEU L 429 6.54 17.50 71.87
C LEU L 429 5.23 16.78 71.87
N ARG L 430 5.20 15.42 71.99
CA ARG L 430 4.04 14.56 72.02
C ARG L 430 3.13 14.92 73.21
N LYS L 431 3.77 15.10 74.42
CA LYS L 431 3.22 15.50 75.69
C LYS L 431 2.70 16.95 75.55
N TYR L 432 3.36 17.82 74.70
CA TYR L 432 3.01 19.27 74.41
C TYR L 432 1.77 19.34 73.56
N ALA L 433 1.79 18.61 72.45
CA ALA L 433 0.75 18.54 71.45
C ALA L 433 -0.73 18.70 71.82
N PRO L 434 -1.36 17.90 72.67
CA PRO L 434 -2.73 18.01 73.25
C PRO L 434 -3.29 19.39 73.59
N GLN L 435 -2.41 20.27 74.17
CA GLN L 435 -2.84 21.59 74.62
C GLN L 435 -2.89 22.66 73.58
N VAL L 436 -2.09 22.42 72.45
CA VAL L 436 -1.80 23.34 71.38
C VAL L 436 -3.14 23.79 70.69
N GLY L 437 -4.01 22.84 70.29
CA GLY L 437 -5.30 23.12 69.60
C GLY L 437 -5.81 21.92 68.86
N GLY L 438 -6.72 22.16 67.93
CA GLY L 438 -7.30 21.18 67.06
C GLY L 438 -6.39 20.49 66.02
N LYS L 439 -6.38 21.07 64.84
CA LYS L 439 -5.51 20.69 63.68
C LYS L 439 -4.04 20.98 63.95
N GLU L 440 -3.65 22.13 64.49
CA GLU L 440 -2.32 22.54 64.98
C GLU L 440 -1.52 21.61 65.86
N GLN L 441 -2.20 20.74 66.65
CA GLN L 441 -1.75 19.59 67.38
C GLN L 441 -1.14 18.61 66.44
N LEU L 442 -1.94 18.25 65.38
CA LEU L 442 -1.58 17.25 64.40
C LEU L 442 -0.19 17.57 63.80
N ALA L 443 0.09 18.89 63.56
CA ALA L 443 1.42 19.42 63.19
C ALA L 443 2.53 19.24 64.10
N VAL L 444 2.27 19.61 65.40
CA VAL L 444 3.29 19.49 66.43
C VAL L 444 3.70 18.04 66.64
N GLU L 445 2.68 17.10 66.75
CA GLU L 445 2.92 15.60 66.70
C GLU L 445 3.59 15.08 65.46
N ALA L 446 3.30 15.68 64.24
CA ALA L 446 4.01 15.37 63.03
C ALA L 446 5.45 15.73 63.09
N TYR L 447 5.77 16.98 63.47
CA TYR L 447 7.17 17.34 63.85
C TYR L 447 7.93 16.35 64.75
N ALA L 448 7.20 15.80 65.75
CA ALA L 448 7.81 14.76 66.65
C ALA L 448 8.20 13.47 65.95
N ASN L 449 7.27 12.90 65.13
CA ASN L 449 7.52 11.65 64.35
C ASN L 449 8.68 11.93 63.45
N ALA L 450 8.85 13.09 62.78
CA ALA L 450 10.03 13.40 61.96
C ALA L 450 11.32 13.35 62.70
N LEU L 451 11.43 13.74 63.95
CA LEU L 451 12.61 13.58 64.82
C LEU L 451 12.87 12.16 65.25
N GLU L 452 11.85 11.36 65.50
CA GLU L 452 12.12 9.91 65.87
C GLU L 452 12.61 9.13 64.67
N SER L 453 12.04 9.48 63.45
CA SER L 453 12.46 9.00 62.02
C SER L 453 13.93 9.19 61.71
N LEU L 454 14.45 10.30 62.14
CA LEU L 454 15.90 10.67 62.05
C LEU L 454 16.84 9.61 62.71
N VAL L 455 16.43 9.27 63.92
CA VAL L 455 17.14 8.19 64.72
C VAL L 455 16.80 6.81 64.09
N SER L 456 15.66 6.63 63.41
CA SER L 456 15.34 5.39 62.68
C SER L 456 16.21 5.13 61.52
N ILE L 457 16.43 6.17 60.63
CA ILE L 457 17.54 6.19 59.58
C ILE L 457 18.87 5.85 60.16
N LEU L 458 19.21 6.36 61.36
CA LEU L 458 20.43 6.09 62.03
C LEU L 458 20.50 4.61 62.36
N ILE L 459 19.45 3.96 62.89
CA ILE L 459 19.32 2.53 63.20
C ILE L 459 19.47 1.71 61.89
N GLU L 460 18.65 2.09 60.83
CA GLU L 460 18.72 1.54 59.44
C GLU L 460 20.12 1.35 58.89
N ASN L 461 20.86 2.46 58.79
CA ASN L 461 22.24 2.54 58.36
C ASN L 461 23.19 1.77 59.29
N ALA L 462 22.79 1.40 60.55
CA ALA L 462 23.57 0.56 61.43
C ALA L 462 23.50 -0.96 61.20
N GLY L 463 22.40 -1.32 60.50
CA GLY L 463 21.92 -2.60 60.00
C GLY L 463 20.98 -3.34 60.98
N PHE L 464 20.46 -2.63 61.96
CA PHE L 464 19.48 -3.18 62.87
C PHE L 464 18.02 -2.74 62.41
N ASP L 465 17.02 -3.39 62.99
CA ASP L 465 15.57 -3.06 62.79
C ASP L 465 15.23 -1.65 63.29
N PRO L 466 14.81 -0.62 62.53
CA PRO L 466 14.42 0.69 63.12
C PRO L 466 13.36 0.65 64.24
N ILE L 467 12.35 -0.10 63.97
CA ILE L 467 11.19 -0.18 64.91
C ILE L 467 11.54 -0.76 66.28
N ASP L 468 12.22 -1.95 66.30
CA ASP L 468 12.56 -2.73 67.43
C ASP L 468 13.24 -1.91 68.52
N LEU L 469 14.37 -1.34 68.02
CA LEU L 469 15.21 -0.41 68.77
C LEU L 469 14.56 0.81 69.07
N LEU L 470 13.74 1.48 68.18
CA LEU L 470 13.08 2.73 68.54
C LEU L 470 12.13 2.53 69.72
N MET L 471 11.38 1.43 69.78
CA MET L 471 10.60 1.16 70.95
C MET L 471 11.45 0.89 72.14
N LYS L 472 12.44 0.04 72.03
CA LYS L 472 13.33 -0.43 73.07
C LYS L 472 14.10 0.75 73.70
N LEU L 473 14.29 1.75 72.86
CA LEU L 473 15.00 2.93 73.23
C LEU L 473 14.02 3.82 73.92
N ARG L 474 12.89 4.18 73.33
CA ARG L 474 11.95 5.08 73.96
C ARG L 474 11.30 4.60 75.22
N SER L 475 11.44 3.35 75.68
CA SER L 475 11.02 2.86 77.01
C SER L 475 12.16 3.06 78.01
N THR L 476 13.40 2.67 77.60
CA THR L 476 14.66 2.77 78.35
C THR L 476 15.21 4.13 78.41
N HIS L 477 14.38 5.05 77.91
CA HIS L 477 14.61 6.48 77.94
C HIS L 477 13.38 7.23 78.50
N GLU L 478 12.23 6.63 78.99
CA GLU L 478 11.18 7.47 79.61
C GLU L 478 11.58 8.22 80.80
N ASN L 479 12.33 7.58 81.80
CA ASN L 479 12.68 8.28 83.02
C ASN L 479 13.77 9.36 82.92
N GLU L 480 13.78 10.34 83.89
CA GLU L 480 14.69 11.46 84.00
C GLU L 480 16.19 11.09 84.06
N ASN L 481 16.50 10.03 84.82
CA ASN L 481 17.89 9.59 84.93
C ASN L 481 18.43 8.77 83.73
N ASN L 482 17.50 8.46 82.80
CA ASN L 482 17.76 7.86 81.55
C ASN L 482 17.77 8.89 80.45
N LYS L 483 17.89 10.23 80.80
CA LYS L 483 17.86 11.33 79.85
C LYS L 483 18.97 11.24 78.81
N TRP L 484 20.15 10.62 79.11
CA TRP L 484 21.30 10.56 78.11
C TRP L 484 21.37 9.23 77.46
N TYR L 485 20.29 8.40 77.51
CA TYR L 485 20.22 7.14 76.78
C TYR L 485 19.88 7.42 75.31
N GLY L 486 20.59 6.76 74.36
CA GLY L 486 20.44 6.88 72.92
C GLY L 486 20.67 5.49 72.40
N ILE L 487 21.07 5.35 71.06
CA ILE L 487 21.20 4.01 70.44
C ILE L 487 22.66 3.67 69.91
N ASP L 488 23.34 2.68 70.62
CA ASP L 488 24.62 2.17 70.24
C ASP L 488 24.58 1.51 68.83
N LEU L 489 25.29 2.15 67.88
CA LEU L 489 25.35 1.80 66.44
C LEU L 489 26.21 0.63 66.09
N TYR L 490 26.97 0.25 67.05
CA TYR L 490 27.92 -0.84 66.93
C TYR L 490 27.36 -2.02 67.57
N ALA L 491 27.09 -1.85 68.87
CA ALA L 491 26.54 -2.78 69.85
C ALA L 491 25.03 -3.14 69.64
N GLY L 492 24.07 -2.30 69.09
CA GLY L 492 22.68 -2.77 68.89
C GLY L 492 21.88 -2.99 70.16
N GLN L 493 21.70 -1.96 70.95
CA GLN L 493 20.99 -1.89 72.15
C GLN L 493 21.01 -0.52 72.65
N PRO L 494 19.86 0.02 73.23
CA PRO L 494 19.77 1.44 73.76
C PRO L 494 20.81 1.55 74.96
N VAL L 495 21.67 2.57 74.97
CA VAL L 495 22.66 2.64 76.09
C VAL L 495 22.85 4.16 76.46
N ASP L 496 23.52 4.47 77.51
CA ASP L 496 23.82 5.81 77.89
C ASP L 496 24.89 6.38 77.12
N MET L 497 24.57 7.37 76.28
CA MET L 497 25.46 7.96 75.34
C MET L 497 26.61 8.73 75.96
N TRP L 498 26.23 9.55 76.94
CA TRP L 498 27.10 10.29 77.82
C TRP L 498 28.22 9.44 78.43
N GLN L 499 27.76 8.34 79.07
CA GLN L 499 28.66 7.27 79.57
C GLN L 499 29.29 6.31 78.50
N LYS L 500 29.50 6.87 77.31
CA LYS L 500 30.25 6.18 76.32
C LYS L 500 30.98 7.20 75.47
N GLY L 501 31.09 8.44 76.01
CA GLY L 501 31.83 9.48 75.31
C GLY L 501 31.07 10.09 74.16
N VAL L 502 29.83 9.62 73.78
CA VAL L 502 29.20 10.26 72.70
C VAL L 502 28.35 11.44 73.19
N ILE L 503 29.00 12.61 73.30
CA ILE L 503 28.44 13.89 73.75
C ILE L 503 28.81 14.90 72.66
N GLU L 504 28.08 16.05 72.47
CA GLU L 504 28.21 16.98 71.34
C GLU L 504 27.95 18.41 71.79
N PRO L 505 28.52 19.46 71.13
CA PRO L 505 28.28 20.90 71.30
C PRO L 505 26.78 21.14 71.20
N ALA L 506 26.06 21.51 72.26
CA ALA L 506 24.62 21.81 72.19
C ALA L 506 24.24 22.96 71.33
N LEU L 507 25.21 23.79 70.77
CA LEU L 507 24.93 24.94 69.91
C LEU L 507 24.82 24.52 68.46
N VAL L 508 25.64 23.56 68.07
CA VAL L 508 25.75 22.81 66.71
C VAL L 508 24.38 22.13 66.46
N LYS L 509 23.93 21.44 67.52
CA LYS L 509 22.78 20.65 67.47
C LYS L 509 21.49 21.48 67.63
N MET L 510 21.63 22.79 67.64
CA MET L 510 20.68 23.83 67.71
C MET L 510 20.49 24.56 66.47
N ASN L 511 21.58 24.99 65.80
CA ASN L 511 21.40 25.60 64.51
C ASN L 511 20.96 24.70 63.36
N ALA L 512 21.27 23.34 63.39
CA ALA L 512 20.83 22.33 62.37
C ALA L 512 19.34 22.22 62.13
N ILE L 513 18.73 22.03 63.28
CA ILE L 513 17.29 22.01 63.51
C ILE L 513 16.65 23.35 63.08
N LYS L 514 17.30 24.53 63.41
CA LYS L 514 16.92 25.86 62.92
C LYS L 514 16.99 26.10 61.43
N ALA L 515 18.06 25.65 60.79
CA ALA L 515 18.24 25.54 59.34
C ALA L 515 17.18 24.62 58.72
N ALA L 516 17.13 23.33 59.12
CA ALA L 516 16.07 22.34 58.60
C ALA L 516 14.66 22.92 58.70
N THR L 517 14.27 23.42 59.89
CA THR L 517 12.92 23.94 60.08
C THR L 517 12.57 25.20 59.34
N GLU L 518 13.56 26.09 59.19
CA GLU L 518 13.41 27.28 58.33
C GLU L 518 13.02 26.94 56.90
N ALA L 519 13.87 26.09 56.35
CA ALA L 519 13.74 25.52 54.97
C ALA L 519 12.41 24.78 54.85
N ALA L 520 12.13 23.81 55.79
CA ALA L 520 10.88 23.10 55.83
C ALA L 520 9.62 23.93 55.75
N THR L 521 9.54 24.92 56.65
CA THR L 521 8.41 25.84 56.64
C THR L 521 8.39 26.83 55.45
N LEU L 522 9.45 27.20 54.75
CA LEU L 522 9.47 28.00 53.51
C LEU L 522 8.89 27.23 52.35
N VAL L 523 9.18 25.92 52.25
CA VAL L 523 8.62 25.04 51.21
C VAL L 523 7.13 24.96 51.38
N LEU L 524 6.63 24.95 52.64
CA LEU L 524 5.15 24.97 52.89
C LEU L 524 4.49 26.27 52.60
N ARG L 525 5.26 27.39 52.71
CA ARG L 525 4.76 28.67 52.43
C ARG L 525 4.41 28.95 50.96
N ILE L 526 5.13 28.28 50.05
CA ILE L 526 4.92 28.63 48.66
C ILE L 526 3.64 28.10 48.07
N ASP L 527 2.70 28.88 47.57
CA ASP L 527 1.48 28.34 47.04
C ASP L 527 1.67 27.99 45.59
N ASP L 528 2.46 28.79 44.86
CA ASP L 528 2.64 28.55 43.41
C ASP L 528 3.93 29.08 42.95
N VAL L 529 4.44 28.47 41.91
CA VAL L 529 5.76 28.74 41.28
C VAL L 529 5.35 29.30 39.88
N VAL L 530 5.68 30.52 39.53
CA VAL L 530 5.49 31.17 38.26
C VAL L 530 6.86 31.32 37.60
N SER L 531 7.00 30.92 36.35
CA SER L 531 8.25 31.10 35.64
C SER L 531 8.13 31.77 34.32
N ALA L 532 9.01 32.77 34.05
CA ALA L 532 9.14 33.56 32.86
C ALA L 532 9.45 32.71 31.53
N GLY M 28 -20.34 42.48 21.11
CA GLY M 28 -21.13 41.53 22.01
C GLY M 28 -20.23 40.53 22.65
N LYS M 29 -20.77 39.38 22.96
CA LYS M 29 -20.14 38.23 23.58
C LYS M 29 -18.75 37.76 22.95
N GLU M 30 -18.44 37.82 21.62
CA GLU M 30 -17.19 37.51 20.95
C GLU M 30 -16.00 37.86 21.85
N ALA M 31 -15.70 39.16 21.94
CA ALA M 31 -14.58 39.68 22.80
C ALA M 31 -15.03 39.78 24.25
N VAL M 32 -16.25 40.23 24.51
CA VAL M 32 -16.67 40.38 25.91
C VAL M 32 -16.41 39.20 26.89
N ARG M 33 -16.56 37.90 26.46
CA ARG M 33 -16.33 36.68 27.16
C ARG M 33 -14.87 36.53 27.54
N ALA M 34 -14.04 36.82 26.49
CA ALA M 34 -12.55 36.78 26.52
C ALA M 34 -11.94 37.68 27.55
N ASN M 35 -12.36 38.95 27.47
CA ASN M 35 -11.99 39.99 28.37
C ASN M 35 -12.27 39.56 29.81
N ILE M 36 -13.56 39.16 30.11
CA ILE M 36 -13.93 38.56 31.45
C ILE M 36 -13.01 37.43 31.84
N ALA M 37 -12.80 36.33 31.04
CA ALA M 37 -11.80 35.26 31.28
C ALA M 37 -10.47 35.84 31.71
N ALA M 38 -9.85 36.75 30.94
CA ALA M 38 -8.68 37.48 31.24
C ALA M 38 -8.72 38.16 32.59
N VAL M 39 -9.80 38.91 32.89
CA VAL M 39 -9.91 39.47 34.26
C VAL M 39 -9.87 38.38 35.36
N LYS M 40 -10.74 37.32 35.23
CA LYS M 40 -10.83 36.21 36.08
C LYS M 40 -9.47 35.51 36.33
N ALA M 41 -8.67 35.41 35.25
CA ALA M 41 -7.29 34.91 35.26
C ALA M 41 -6.43 35.73 36.22
N VAL M 42 -6.38 37.11 36.06
CA VAL M 42 -5.57 37.94 36.94
C VAL M 42 -6.00 37.85 38.41
N GLU M 43 -7.31 37.90 38.77
CA GLU M 43 -7.77 37.78 40.17
C GLU M 43 -7.30 36.48 40.88
N GLU M 44 -7.49 35.37 40.14
CA GLU M 44 -7.03 34.03 40.51
C GLU M 44 -5.50 33.91 40.69
N ALA M 45 -4.66 34.95 40.36
CA ALA M 45 -3.17 35.03 40.56
C ALA M 45 -2.92 35.65 41.95
N LEU M 46 -3.90 36.40 42.49
CA LEU M 46 -3.68 37.01 43.79
C LEU M 46 -4.54 36.46 44.89
N LYS M 47 -5.74 35.91 44.59
CA LYS M 47 -6.72 35.27 45.55
C LYS M 47 -6.17 34.64 46.84
N SER M 48 -5.20 33.61 46.76
CA SER M 48 -4.58 32.96 47.94
C SER M 48 -3.65 33.92 48.67
N THR M 49 -3.51 35.23 48.40
CA THR M 49 -2.55 36.13 49.03
C THR M 49 -3.25 37.27 49.68
N TYR M 50 -4.62 37.29 49.61
CA TYR M 50 -5.38 38.27 50.27
C TYR M 50 -5.30 38.19 51.85
N GLY M 51 -5.31 39.40 52.47
CA GLY M 51 -5.26 39.51 53.92
C GLY M 51 -3.92 39.33 54.50
N PRO M 52 -3.67 39.66 55.73
CA PRO M 52 -2.39 39.35 56.36
C PRO M 52 -2.09 37.88 56.61
N ARG M 53 -2.92 36.86 56.31
CA ARG M 53 -2.63 35.45 56.46
C ARG M 53 -2.50 34.88 55.08
N GLY M 54 -2.31 35.60 53.95
CA GLY M 54 -2.04 35.05 52.60
C GLY M 54 -0.80 34.17 52.51
N MET M 55 -0.64 33.58 51.34
CA MET M 55 0.53 32.77 50.97
C MET M 55 1.53 33.50 50.08
N ASP M 56 2.69 32.91 49.90
CA ASP M 56 3.87 33.38 49.19
C ASP M 56 3.82 32.76 47.89
N LYS M 57 4.09 33.48 46.78
CA LYS M 57 4.10 33.06 45.47
C LYS M 57 5.59 33.08 45.06
N MET M 58 6.05 32.15 44.17
CA MET M 58 7.43 32.20 43.72
C MET M 58 7.37 32.69 42.31
N LEU M 59 8.33 33.51 41.91
CA LEU M 59 8.45 34.06 40.64
C LEU M 59 9.88 33.81 40.20
N VAL M 60 10.07 33.02 39.09
CA VAL M 60 11.38 32.61 38.54
C VAL M 60 11.61 33.31 37.23
N ASP M 61 12.53 34.21 37.23
CA ASP M 61 12.84 35.02 36.06
C ASP M 61 13.59 34.22 35.08
N SER M 62 13.77 34.65 33.83
CA SER M 62 14.29 33.80 32.68
C SER M 62 15.45 32.87 32.90
N LEU M 63 16.52 33.41 33.49
CA LEU M 63 17.85 32.80 33.80
C LEU M 63 17.96 31.99 35.11
N GLY M 64 16.77 31.79 35.73
CA GLY M 64 16.58 31.05 36.93
C GLY M 64 16.63 31.87 38.14
N ASP M 65 16.65 33.22 38.17
CA ASP M 65 16.66 34.12 39.35
C ASP M 65 15.33 33.95 40.03
N ILE M 66 15.36 33.84 41.38
CA ILE M 66 14.19 33.49 42.17
C ILE M 66 13.79 34.70 42.94
N THR M 67 12.47 34.94 42.99
CA THR M 67 11.90 35.98 43.81
C THR M 67 10.62 35.42 44.43
N ILE M 68 10.65 35.30 45.78
CA ILE M 68 9.54 34.84 46.51
C ILE M 68 8.85 36.06 47.10
N THR M 69 7.48 36.24 47.01
CA THR M 69 6.89 37.46 47.58
C THR M 69 5.47 37.12 47.86
N ASN M 70 4.70 38.05 48.38
CA ASN M 70 3.32 38.00 48.59
C ASN M 70 2.82 39.40 48.44
N ASP M 71 3.58 40.24 47.78
CA ASP M 71 3.20 41.59 47.51
C ASP M 71 2.37 41.63 46.21
N GLY M 72 1.11 42.27 46.20
CA GLY M 72 0.28 42.39 45.03
C GLY M 72 0.83 42.87 43.74
N ALA M 73 1.39 44.11 43.77
CA ALA M 73 2.10 44.70 42.66
C ALA M 73 3.06 43.78 42.01
N THR M 74 4.02 43.28 42.74
CA THR M 74 5.09 42.38 42.31
C THR M 74 4.59 41.17 41.58
N ILE M 75 3.51 40.51 42.02
CA ILE M 75 2.98 39.38 41.28
C ILE M 75 2.40 39.66 39.90
N LEU M 76 2.02 40.92 39.59
CA LEU M 76 1.43 41.35 38.38
C LEU M 76 2.50 42.10 37.56
N ASP M 77 3.42 42.79 38.22
CA ASP M 77 4.44 43.57 37.61
C ASP M 77 5.36 42.60 36.92
N LYS M 78 5.76 41.58 37.61
CA LYS M 78 6.56 40.58 36.97
C LYS M 78 5.92 39.58 35.99
N MET M 79 4.56 39.61 35.99
CA MET M 79 3.81 38.68 35.15
C MET M 79 3.75 39.09 33.62
N ASP M 80 3.89 38.10 32.74
CA ASP M 80 3.89 38.43 31.29
C ASP M 80 2.46 38.59 30.78
N LEU M 81 1.80 39.72 31.12
CA LEU M 81 0.47 39.88 30.56
C LEU M 81 0.70 40.26 29.11
N GLN M 82 -0.23 39.84 28.26
CA GLN M 82 -0.33 40.13 26.84
C GLN M 82 -1.59 40.88 26.43
N HIS M 83 -2.78 40.46 27.02
CA HIS M 83 -4.12 40.99 26.70
C HIS M 83 -4.39 42.45 27.00
N PRO M 84 -4.97 43.32 26.17
CA PRO M 84 -5.28 44.72 26.46
C PRO M 84 -6.09 44.88 27.71
N ALA M 85 -7.23 44.09 27.86
CA ALA M 85 -8.07 44.11 29.08
C ALA M 85 -7.33 44.00 30.34
N ALA M 86 -6.43 42.95 30.45
CA ALA M 86 -5.52 42.76 31.53
C ALA M 86 -4.62 43.95 31.83
N LYS M 87 -3.90 44.44 30.77
CA LYS M 87 -3.11 45.66 30.90
C LYS M 87 -3.92 46.94 31.38
N LEU M 88 -5.12 47.16 31.00
CA LEU M 88 -6.03 48.23 31.34
C LEU M 88 -6.50 48.10 32.82
N LEU M 89 -6.80 46.84 33.26
CA LEU M 89 -7.20 46.48 34.63
C LEU M 89 -6.04 46.77 35.60
N VAL M 90 -4.89 46.17 35.34
CA VAL M 90 -3.69 46.33 36.24
C VAL M 90 -3.26 47.73 36.47
N GLN M 91 -3.40 48.67 35.40
CA GLN M 91 -3.15 50.06 35.49
C GLN M 91 -4.15 50.81 36.44
N ILE M 92 -5.45 50.55 36.42
CA ILE M 92 -6.42 51.26 37.21
C ILE M 92 -6.33 50.78 38.65
N ALA M 93 -6.14 49.48 38.89
CA ALA M 93 -6.02 48.85 40.15
C ALA M 93 -4.78 49.39 40.83
N LYS M 94 -3.61 49.22 40.25
CA LYS M 94 -2.36 49.74 40.77
C LYS M 94 -2.38 51.37 40.94
N GLY M 95 -2.58 52.14 39.89
CA GLY M 95 -2.41 53.62 39.98
C GLY M 95 -3.55 54.25 40.65
N GLN M 96 -3.36 54.75 41.88
CA GLN M 96 -4.45 55.41 42.61
C GLN M 96 -4.05 56.84 43.08
N ASP M 97 -4.89 57.58 43.87
CA ASP M 97 -4.49 58.90 44.32
C ASP M 97 -3.35 58.88 45.32
N GLU M 98 -3.25 57.77 46.20
CA GLU M 98 -2.29 57.74 47.25
C GLU M 98 -1.68 56.35 47.23
N GLU M 99 -0.43 56.18 47.61
CA GLU M 99 0.21 54.96 47.42
C GLU M 99 0.00 53.95 48.49
N THR M 100 -0.14 52.70 48.05
CA THR M 100 -0.53 51.63 49.00
C THR M 100 -0.13 50.33 48.42
N ALA M 101 0.25 49.40 49.34
CA ALA M 101 0.64 48.03 49.00
C ALA M 101 -0.49 47.07 49.25
N ASP M 102 -1.20 47.12 50.38
CA ASP M 102 -2.36 46.30 50.62
C ASP M 102 -3.56 46.78 49.82
N GLY M 103 -3.96 48.06 49.67
CA GLY M 103 -5.12 48.55 48.96
C GLY M 103 -5.09 48.22 47.44
N THR M 104 -3.95 48.18 46.81
CA THR M 104 -3.87 47.79 45.43
C THR M 104 -4.24 46.33 45.19
N LYS M 105 -3.79 45.44 46.10
CA LYS M 105 -4.11 44.01 46.11
C LYS M 105 -5.69 43.82 46.32
N THR M 106 -6.28 44.71 47.13
CA THR M 106 -7.70 44.63 47.44
C THR M 106 -8.41 45.00 46.27
N ALA M 107 -8.09 46.19 45.76
CA ALA M 107 -8.55 46.73 44.50
C ALA M 107 -8.64 45.71 43.31
N VAL M 108 -7.62 44.87 43.11
CA VAL M 108 -7.76 43.90 42.07
C VAL M 108 -8.78 42.80 42.42
N ILE M 109 -8.80 42.14 43.61
CA ILE M 109 -9.72 41.11 44.07
C ILE M 109 -11.21 41.60 43.96
N PHE M 110 -11.58 42.75 44.60
CA PHE M 110 -12.91 43.35 44.56
C PHE M 110 -13.43 43.73 43.21
N SER M 111 -12.53 44.27 42.35
CA SER M 111 -12.71 44.41 40.89
C SER M 111 -12.99 43.10 40.16
N GLY M 112 -12.16 42.05 40.23
CA GLY M 112 -12.43 40.78 39.52
C GLY M 112 -13.57 40.07 40.05
N GLU M 113 -13.93 40.21 41.35
CA GLU M 113 -15.12 39.64 41.99
C GLU M 113 -16.40 40.24 41.48
N LEU M 114 -16.43 41.53 41.26
CA LEU M 114 -17.39 42.36 40.71
C LEU M 114 -17.86 42.08 39.32
N VAL M 115 -16.78 41.81 38.49
CA VAL M 115 -16.68 41.28 37.16
C VAL M 115 -17.24 39.92 36.99
N LYS M 116 -16.85 38.93 37.92
CA LYS M 116 -17.51 37.67 37.95
C LYS M 116 -18.98 37.79 38.13
N LYS M 117 -19.48 38.42 39.25
CA LYS M 117 -20.86 38.68 39.57
C LYS M 117 -21.57 39.47 38.47
N ALA M 118 -20.84 40.26 37.59
CA ALA M 118 -21.38 40.98 36.46
C ALA M 118 -21.65 40.10 35.27
N GLU M 119 -20.87 39.02 35.07
CA GLU M 119 -21.02 38.06 33.97
C GLU M 119 -22.42 37.45 34.18
N ASP M 120 -22.74 37.18 35.39
CA ASP M 120 -24.11 36.74 35.76
C ASP M 120 -25.26 37.62 35.54
N LEU M 121 -25.11 38.98 35.48
CA LEU M 121 -26.08 39.94 35.07
C LEU M 121 -26.27 39.94 33.48
N LEU M 122 -25.12 39.80 32.73
CA LEU M 122 -25.14 39.71 31.25
C LEU M 122 -25.92 38.43 30.89
N TYR M 123 -25.80 37.38 31.69
CA TYR M 123 -26.53 36.11 31.56
C TYR M 123 -27.97 36.28 31.69
N LYS M 124 -28.42 37.15 32.65
CA LYS M 124 -29.90 37.46 32.84
C LYS M 124 -30.48 38.48 31.84
N ASP M 125 -29.64 38.82 30.89
CA ASP M 125 -29.88 39.68 29.75
C ASP M 125 -30.03 41.19 30.11
N VAL M 126 -29.24 41.57 31.13
CA VAL M 126 -29.32 42.97 31.44
C VAL M 126 -28.25 43.66 30.62
N HIS M 127 -28.67 44.77 29.97
CA HIS M 127 -27.77 45.53 29.08
C HIS M 127 -26.62 46.22 29.83
N PRO M 128 -25.41 46.33 29.39
CA PRO M 128 -24.26 46.82 30.14
C PRO M 128 -24.43 48.27 30.67
N THR M 129 -25.25 49.18 30.02
CA THR M 129 -25.54 50.51 30.47
C THR M 129 -26.22 50.58 31.83
N ILE M 130 -27.05 49.57 32.11
CA ILE M 130 -27.70 49.39 33.39
C ILE M 130 -26.72 48.81 34.37
N ILE M 131 -26.01 47.76 34.04
CA ILE M 131 -25.08 47.17 35.03
C ILE M 131 -23.97 48.23 35.45
N ILE M 132 -23.62 49.15 34.53
CA ILE M 132 -22.78 50.34 34.87
C ILE M 132 -23.55 51.32 35.86
N SER M 133 -24.75 51.70 35.53
CA SER M 133 -25.56 52.61 36.32
C SER M 133 -25.79 52.10 37.74
N GLY M 134 -26.10 50.79 37.88
CA GLY M 134 -26.18 50.03 39.11
C GLY M 134 -24.85 50.15 39.85
N TYR M 135 -23.70 49.81 39.25
CA TYR M 135 -22.39 49.99 39.83
C TYR M 135 -22.09 51.40 40.19
N LYS M 136 -22.38 52.48 39.40
CA LYS M 136 -22.19 53.82 39.90
C LYS M 136 -22.92 54.13 41.19
N LYS M 137 -24.24 54.08 41.22
CA LYS M 137 -25.13 54.43 42.26
C LYS M 137 -24.75 53.64 43.56
N ALA M 138 -24.39 52.40 43.44
CA ALA M 138 -23.99 51.49 44.52
C ALA M 138 -22.61 51.86 45.10
N GLU M 139 -21.62 52.22 44.14
CA GLU M 139 -20.32 52.76 44.43
C GLU M 139 -20.46 54.14 45.24
N GLU M 140 -21.34 55.06 44.75
CA GLU M 140 -21.59 56.36 45.27
C GLU M 140 -21.77 56.27 46.84
N VAL M 141 -22.90 55.63 47.23
CA VAL M 141 -23.28 55.27 48.55
C VAL M 141 -22.31 54.41 49.38
N ALA M 142 -21.84 53.28 48.77
CA ALA M 142 -20.79 52.47 49.36
C ALA M 142 -19.55 53.26 49.84
N LEU M 143 -19.14 54.30 49.12
CA LEU M 143 -18.11 55.17 49.42
C LEU M 143 -18.50 56.10 50.54
N GLN M 144 -19.56 56.88 50.28
CA GLN M 144 -20.06 57.93 51.19
C GLN M 144 -20.40 57.39 52.62
N THR M 145 -20.69 56.04 52.66
CA THR M 145 -20.90 55.33 53.87
C THR M 145 -19.65 55.19 54.79
N ILE M 146 -18.47 55.45 54.24
CA ILE M 146 -17.15 55.42 54.98
C ILE M 146 -16.93 56.86 55.51
N GLN M 147 -17.33 57.83 54.75
CA GLN M 147 -17.32 59.23 55.18
C GLN M 147 -18.20 59.36 56.44
N GLU M 148 -19.54 59.15 56.41
CA GLU M 148 -20.39 59.15 57.59
C GLU M 148 -20.27 57.90 58.54
N LEU M 149 -19.05 57.45 58.89
CA LEU M 149 -18.77 56.33 59.77
C LEU M 149 -17.28 56.27 60.23
N ALA M 150 -16.26 56.85 59.51
CA ALA M 150 -14.88 56.92 59.89
C ALA M 150 -14.58 57.77 61.10
N GLN M 151 -13.49 57.38 61.87
CA GLN M 151 -13.19 58.10 63.06
C GLN M 151 -12.01 58.97 63.00
N THR M 152 -12.01 60.13 63.67
CA THR M 152 -10.90 61.13 63.56
C THR M 152 -9.52 60.76 64.17
N VAL M 153 -8.46 60.53 63.37
CA VAL M 153 -7.17 60.26 63.86
C VAL M 153 -6.32 61.42 63.52
N SER M 154 -5.81 62.14 64.53
CA SER M 154 -4.90 63.23 64.35
C SER M 154 -3.57 62.98 65.10
N ILE M 155 -2.73 64.00 65.30
CA ILE M 155 -1.41 63.99 65.85
C ILE M 155 -1.27 63.59 67.32
N ASN M 156 -2.33 63.85 68.06
CA ASN M 156 -2.36 63.49 69.49
C ASN M 156 -2.79 62.03 69.64
N ASP M 157 -3.42 61.49 68.52
CA ASP M 157 -3.88 60.06 68.52
C ASP M 157 -2.69 59.06 68.23
N THR M 158 -1.66 59.12 69.10
CA THR M 158 -0.38 58.39 68.87
C THR M 158 -0.56 56.90 69.25
N ASP M 159 -1.55 56.60 70.16
CA ASP M 159 -1.79 55.24 70.46
C ASP M 159 -2.60 54.61 69.30
N LEU M 160 -3.16 55.40 68.38
CA LEU M 160 -3.94 54.89 67.27
C LEU M 160 -3.01 54.66 66.19
N LEU M 161 -2.12 55.67 65.84
CA LEU M 161 -1.16 55.49 64.79
C LEU M 161 -0.13 54.32 65.06
N ARG M 162 0.14 53.87 66.32
CA ARG M 162 0.82 52.69 66.68
C ARG M 162 0.19 51.39 66.16
N LYS M 163 -1.12 51.36 66.04
CA LYS M 163 -1.94 50.34 65.67
C LYS M 163 -2.03 50.29 64.17
N ILE M 164 -2.51 51.33 63.49
CA ILE M 164 -2.43 51.50 62.02
C ILE M 164 -1.08 51.09 61.35
N ALA M 165 0.06 51.31 62.11
CA ALA M 165 1.39 50.89 61.65
C ALA M 165 1.49 49.36 61.67
N MET M 166 1.10 48.64 62.71
CA MET M 166 1.03 47.19 62.90
C MET M 166 0.06 46.56 61.91
N THR M 167 -1.07 47.22 61.64
CA THR M 167 -2.00 46.87 60.51
C THR M 167 -1.34 46.89 59.08
N SER M 168 -0.14 47.47 58.95
CA SER M 168 0.58 47.78 57.71
C SER M 168 1.64 46.75 57.68
N LEU M 169 2.40 46.57 58.84
CA LEU M 169 3.52 45.68 58.90
C LEU M 169 3.08 44.24 58.97
N SER M 170 1.92 43.94 59.55
CA SER M 170 1.40 42.54 59.55
C SER M 170 1.21 41.78 58.26
N SER M 171 1.04 42.48 57.17
CA SER M 171 0.95 41.82 55.85
C SER M 171 2.31 41.59 55.19
N LYS M 172 3.33 42.28 55.59
CA LYS M 172 4.69 42.17 55.19
C LYS M 172 5.35 40.91 55.50
N ALA M 173 6.42 40.55 54.84
CA ALA M 173 7.12 39.30 55.07
C ALA M 173 7.69 39.14 56.53
N VAL M 174 8.45 40.17 56.95
CA VAL M 174 9.08 40.16 58.21
C VAL M 174 7.99 40.33 59.32
N ALA M 175 8.09 39.53 60.37
CA ALA M 175 7.07 39.47 61.36
C ALA M 175 7.55 39.50 62.83
N GLY M 176 8.85 39.67 63.09
CA GLY M 176 9.27 39.95 64.47
C GLY M 176 9.18 41.32 65.06
N ALA M 177 8.75 41.53 66.36
CA ALA M 177 8.60 42.77 67.14
C ALA M 177 8.06 44.00 66.36
N ARG M 178 6.94 43.77 65.65
CA ARG M 178 6.44 44.74 64.75
C ARG M 178 5.83 45.94 65.47
N GLU M 179 5.29 45.76 66.69
CA GLU M 179 4.88 46.79 67.64
C GLU M 179 5.93 47.83 68.01
N TYR M 180 7.16 47.31 68.14
CA TYR M 180 8.36 48.09 68.26
C TYR M 180 8.64 49.05 67.04
N ILE M 181 8.58 48.53 65.83
CA ILE M 181 8.80 49.22 64.55
C ILE M 181 7.69 50.17 64.38
N ALA M 182 6.44 49.73 64.69
CA ALA M 182 5.24 50.53 64.65
C ALA M 182 5.38 51.80 65.48
N ASP M 183 5.78 51.65 66.73
CA ASP M 183 6.03 52.82 67.64
C ASP M 183 7.02 53.84 66.97
N ILE M 184 8.19 53.43 66.40
CA ILE M 184 9.19 54.22 65.69
C ILE M 184 8.55 55.03 64.63
N VAL M 185 7.82 54.31 63.76
CA VAL M 185 7.06 54.92 62.71
C VAL M 185 6.17 56.15 63.02
N VAL M 186 5.42 56.08 64.18
CA VAL M 186 4.57 57.14 64.73
C VAL M 186 5.42 58.32 65.11
N LYS M 187 6.47 58.11 65.96
CA LYS M 187 7.37 59.08 66.47
C LYS M 187 8.10 59.89 65.36
N ALA M 188 8.56 59.12 64.39
CA ALA M 188 9.15 59.64 63.15
C ALA M 188 8.21 60.58 62.31
N VAL M 189 6.94 60.29 62.28
CA VAL M 189 5.99 61.03 61.52
C VAL M 189 5.48 62.25 62.23
N THR M 190 4.98 62.11 63.55
CA THR M 190 4.62 63.24 64.39
C THR M 190 5.65 64.32 64.70
N GLN M 191 6.93 64.01 64.62
CA GLN M 191 8.02 64.95 64.71
C GLN M 191 8.12 65.93 63.55
N VAL M 192 7.94 65.32 62.33
CA VAL M 192 8.09 65.78 61.00
C VAL M 192 6.91 66.50 60.42
N ALA M 193 5.70 66.16 60.90
CA ALA M 193 4.41 66.77 60.72
C ALA M 193 4.23 68.15 61.24
N GLU M 194 3.71 69.05 60.34
CA GLU M 194 3.56 70.45 60.61
C GLU M 194 2.26 70.99 59.98
N LEU M 195 1.52 71.74 60.81
CA LEU M 195 0.31 72.33 60.35
C LEU M 195 0.65 73.55 59.52
N ARG M 196 0.09 73.78 58.33
CA ARG M 196 0.36 74.96 57.50
C ARG M 196 -1.02 75.27 57.01
N GLY M 197 -1.61 76.49 57.22
CA GLY M 197 -2.91 76.89 56.77
C GLY M 197 -4.07 75.95 57.10
N ASP M 198 -4.12 75.59 58.39
CA ASP M 198 -5.07 74.70 59.10
C ASP M 198 -5.22 73.32 58.52
N LYS M 199 -4.22 72.76 57.80
CA LYS M 199 -4.16 71.48 57.23
C LYS M 199 -2.80 70.82 57.57
N TRP M 200 -2.82 69.55 57.95
CA TRP M 200 -1.58 68.84 58.42
C TRP M 200 -0.88 68.18 57.28
N TYR M 201 0.38 68.61 57.12
CA TYR M 201 1.31 68.08 56.16
C TYR M 201 2.31 67.15 56.76
N VAL M 202 3.10 66.35 55.93
CA VAL M 202 4.11 65.47 56.46
C VAL M 202 5.28 65.36 55.45
N ASP M 203 6.34 66.21 55.62
CA ASP M 203 7.50 66.32 54.67
C ASP M 203 8.42 65.17 54.75
N LEU M 204 8.15 64.03 54.06
CA LEU M 204 8.84 62.76 54.12
C LEU M 204 10.34 62.84 53.91
N ASP M 205 10.87 63.77 53.08
CA ASP M 205 12.33 64.07 52.96
C ASP M 205 13.10 64.45 54.21
N ASN M 206 12.41 64.97 55.21
CA ASN M 206 12.96 65.21 56.57
C ASN M 206 13.08 64.00 57.48
N ILE M 207 12.96 62.80 56.87
CA ILE M 207 13.11 61.55 57.52
C ILE M 207 14.13 60.84 56.71
N GLN M 208 15.19 60.44 57.45
CA GLN M 208 16.26 59.70 56.79
C GLN M 208 16.03 58.27 57.19
N ILE M 209 16.39 57.40 56.25
CA ILE M 209 16.22 55.99 56.42
C ILE M 209 17.61 55.37 56.01
N VAL M 210 18.35 54.82 57.01
CA VAL M 210 19.60 54.06 56.88
C VAL M 210 19.48 52.63 57.34
N LYS M 211 20.18 51.66 56.61
CA LYS M 211 20.07 50.22 56.92
C LYS M 211 21.40 49.68 56.81
N LYS M 212 21.77 48.80 57.76
CA LYS M 212 23.09 48.21 57.98
C LYS M 212 22.62 46.80 58.47
N ALA M 213 23.25 45.71 57.98
CA ALA M 213 22.82 44.40 58.36
C ALA M 213 23.35 43.89 59.73
N GLY M 214 22.97 42.61 60.09
CA GLY M 214 23.41 42.17 61.42
C GLY M 214 22.50 42.69 62.46
N GLY M 215 22.77 42.25 63.73
CA GLY M 215 21.99 42.68 64.87
C GLY M 215 20.51 42.32 64.84
N SER M 216 19.69 42.82 65.74
CA SER M 216 18.27 42.45 65.78
C SER M 216 17.38 43.64 65.38
N ILE M 217 16.13 43.29 65.06
CA ILE M 217 15.14 44.27 64.56
C ILE M 217 14.67 45.13 65.77
N ASN M 218 14.85 44.65 67.06
CA ASN M 218 14.76 45.48 68.26
C ASN M 218 15.92 46.47 68.34
N ASP M 219 17.07 46.38 67.68
CA ASP M 219 18.17 47.29 67.82
C ASP M 219 18.08 48.49 66.92
N THR M 220 16.95 48.69 66.29
CA THR M 220 16.55 49.80 65.41
C THR M 220 16.16 51.01 66.19
N GLN M 221 16.39 52.25 65.68
CA GLN M 221 16.03 53.37 66.47
C GLN M 221 15.70 54.57 65.69
N LEU M 222 15.06 55.50 66.39
CA LEU M 222 14.86 56.78 65.79
C LEU M 222 15.87 57.72 66.44
N VAL M 223 16.56 58.47 65.57
CA VAL M 223 17.63 59.36 65.96
C VAL M 223 17.13 60.82 65.83
N TYR M 224 17.36 61.61 66.85
CA TYR M 224 16.86 62.95 66.90
C TYR M 224 17.97 63.88 66.39
N GLY M 225 18.12 63.79 65.11
CA GLY M 225 19.10 64.38 64.31
C GLY M 225 19.31 63.60 63.06
N ILE M 226 20.24 64.03 62.15
CA ILE M 226 20.48 63.40 60.86
C ILE M 226 21.51 62.31 61.03
N VAL M 227 21.48 61.30 60.09
CA VAL M 227 22.51 60.32 60.04
C VAL M 227 23.03 60.16 58.66
N VAL M 228 24.33 60.42 58.47
CA VAL M 228 24.98 60.38 57.17
C VAL M 228 25.57 58.95 57.04
N ASP M 229 25.14 58.15 56.05
CA ASP M 229 25.47 56.74 55.93
C ASP M 229 26.97 56.46 55.82
N LYS M 230 27.72 57.16 54.97
CA LYS M 230 29.13 57.01 54.82
C LYS M 230 30.00 57.19 56.11
N GLU M 231 30.83 56.17 56.46
CA GLU M 231 31.76 56.30 57.59
C GLU M 231 32.91 57.29 57.36
N VAL M 232 33.45 57.89 58.38
CA VAL M 232 34.57 58.89 58.34
C VAL M 232 35.88 58.41 57.72
N VAL M 233 36.57 59.28 57.04
CA VAL M 233 37.70 58.90 56.23
C VAL M 233 39.03 58.44 56.88
N HIS M 234 39.52 59.10 57.95
CA HIS M 234 40.75 58.79 58.65
C HIS M 234 40.53 58.37 60.07
N PRO M 235 40.86 57.13 60.56
CA PRO M 235 40.58 56.76 61.85
C PRO M 235 41.30 57.58 62.95
N GLY M 236 42.41 58.22 62.67
CA GLY M 236 43.09 59.07 63.64
C GLY M 236 42.49 60.37 64.10
N MET M 237 41.42 60.70 63.35
CA MET M 237 40.52 61.83 63.60
C MET M 237 39.61 61.68 64.88
N PRO M 238 39.19 62.73 65.50
CA PRO M 238 38.40 62.41 66.67
C PRO M 238 37.00 61.90 66.34
N LYS M 239 36.36 61.01 67.17
CA LYS M 239 35.15 60.34 66.82
C LYS M 239 33.96 61.14 67.18
N ARG M 240 34.09 62.14 68.02
CA ARG M 240 33.07 63.08 68.49
C ARG M 240 33.62 64.42 68.46
N LEU M 241 32.95 65.36 67.72
CA LEU M 241 33.44 66.71 67.55
C LEU M 241 32.42 67.70 68.21
N GLU M 242 32.99 68.68 68.99
CA GLU M 242 32.18 69.69 69.57
C GLU M 242 31.88 70.99 68.74
N ASN M 243 30.68 71.42 68.82
CA ASN M 243 30.07 72.54 68.09
C ASN M 243 30.34 72.57 66.59
N ALA M 244 29.67 71.59 65.95
CA ALA M 244 29.79 71.28 64.57
C ALA M 244 29.41 72.44 63.59
N LYS M 245 30.39 72.87 62.83
CA LYS M 245 30.17 73.92 61.83
C LYS M 245 30.49 73.23 60.46
N ILE M 246 29.67 72.29 60.01
CA ILE M 246 29.90 71.46 58.88
C ILE M 246 30.18 72.14 57.60
N ALA M 247 31.15 71.60 56.84
CA ALA M 247 31.56 72.14 55.56
C ALA M 247 31.34 70.96 54.62
N LEU M 248 30.14 70.94 53.94
CA LEU M 248 29.66 70.07 52.90
C LEU M 248 30.41 70.46 51.60
N ILE M 249 31.57 69.84 51.36
CA ILE M 249 32.37 70.21 50.17
C ILE M 249 32.08 69.22 49.10
N ASP M 250 31.28 69.55 48.00
CA ASP M 250 30.96 68.77 46.89
C ASP M 250 32.22 68.65 46.08
N ALA M 251 33.09 69.64 46.01
CA ALA M 251 34.36 69.79 45.28
C ALA M 251 35.40 68.72 45.75
N SER M 252 36.22 68.16 44.79
CA SER M 252 37.19 67.16 45.15
C SER M 252 38.31 67.68 45.95
N LEU M 253 38.80 67.01 46.96
CA LEU M 253 39.92 67.58 47.78
C LEU M 253 41.10 66.72 47.86
N GLU M 254 41.34 65.89 46.79
CA GLU M 254 42.49 64.87 46.71
C GLU M 254 43.30 65.33 45.56
N VAL M 255 44.56 64.90 45.55
CA VAL M 255 45.43 65.08 44.36
C VAL M 255 45.13 64.06 43.25
N GLU M 256 45.40 64.35 41.95
CA GLU M 256 45.35 63.51 40.82
C GLU M 256 46.50 63.62 39.91
N LYS M 257 46.95 62.47 39.41
CA LYS M 257 48.02 62.42 38.48
C LYS M 257 47.96 63.37 37.29
N PRO M 258 48.91 64.29 37.00
CA PRO M 258 48.95 65.23 35.90
C PRO M 258 48.19 65.05 34.64
N GLU M 259 47.37 66.09 34.28
CA GLU M 259 46.58 66.07 33.07
C GLU M 259 46.60 67.40 32.38
N LEU M 260 46.10 68.41 33.10
CA LEU M 260 45.92 69.76 32.56
C LEU M 260 47.03 70.68 32.88
N ASP M 261 48.04 70.04 33.53
CA ASP M 261 49.25 70.60 34.00
C ASP M 261 50.21 71.10 32.94
N ALA M 262 50.29 70.26 31.84
CA ALA M 262 51.05 70.53 30.60
C ALA M 262 50.10 70.39 29.35
N GLU M 263 50.45 71.12 28.23
CA GLU M 263 49.70 71.20 26.99
C GLU M 263 49.44 69.85 26.40
N ILE M 264 50.48 69.02 26.40
CA ILE M 264 50.50 67.62 25.87
C ILE M 264 51.03 66.77 26.98
N ARG M 265 51.02 65.43 26.82
CA ARG M 265 51.52 64.44 27.78
C ARG M 265 52.95 64.82 28.33
N ILE M 266 53.23 64.72 29.66
CA ILE M 266 54.56 65.02 30.19
C ILE M 266 55.42 63.80 30.01
N ASN M 267 56.60 63.98 29.28
CA ASN M 267 57.51 62.93 28.95
C ASN M 267 58.94 63.05 29.65
N ASP M 268 59.10 64.14 30.43
CA ASP M 268 60.27 64.47 31.26
C ASP M 268 59.86 64.27 32.79
N PRO M 269 60.32 63.23 33.54
CA PRO M 269 59.81 63.02 34.91
C PRO M 269 60.13 64.14 35.91
N THR M 270 61.09 65.08 35.71
CA THR M 270 61.15 66.11 36.70
C THR M 270 59.92 66.96 36.85
N GLN M 271 59.37 67.20 35.64
CA GLN M 271 58.18 68.04 35.41
C GLN M 271 56.93 67.36 35.91
N MET M 272 56.78 66.00 35.78
CA MET M 272 55.72 65.23 36.47
C MET M 272 55.80 65.41 37.99
N GLN M 273 56.92 65.08 38.61
CA GLN M 273 57.24 65.37 40.00
C GLN M 273 56.90 66.73 40.53
N LYS M 274 57.60 67.83 40.06
CA LYS M 274 57.32 69.22 40.43
C LYS M 274 55.90 69.75 40.22
N PHE M 275 55.00 69.10 39.48
CA PHE M 275 53.62 69.42 39.22
C PHE M 275 52.82 68.87 40.39
N LEU M 276 52.94 67.58 40.62
CA LEU M 276 52.23 66.91 41.75
C LEU M 276 52.87 67.36 43.08
N ASP M 277 54.09 67.91 43.08
CA ASP M 277 54.70 68.40 44.32
C ASP M 277 54.01 69.69 44.77
N GLU M 278 53.86 70.66 43.88
CA GLU M 278 53.05 71.84 44.15
C GLU M 278 51.55 71.54 44.34
N GLU M 279 50.96 70.55 43.63
CA GLU M 279 49.55 70.16 43.84
C GLU M 279 49.34 69.60 45.16
N GLU M 280 50.36 69.04 45.86
CA GLU M 280 50.09 68.57 47.26
C GLU M 280 49.98 69.68 48.27
N ASN M 281 50.75 70.81 48.10
CA ASN M 281 50.57 72.00 48.89
C ASN M 281 49.32 72.78 48.46
N LEU M 282 48.77 72.52 47.30
CA LEU M 282 47.57 73.08 46.70
C LEU M 282 46.40 72.49 47.44
N ILE M 283 46.38 71.23 47.86
CA ILE M 283 45.23 70.67 48.58
C ILE M 283 45.20 71.19 49.98
N LYS M 284 46.34 71.31 50.60
CA LYS M 284 46.45 71.96 51.92
C LYS M 284 46.05 73.46 51.95
N GLU M 285 46.21 74.10 50.79
CA GLU M 285 45.75 75.46 50.58
C GLU M 285 44.25 75.54 50.59
N LYS M 286 43.60 74.73 49.76
CA LYS M 286 42.16 74.62 49.66
C LYS M 286 41.53 74.32 51.05
N VAL M 287 42.13 73.42 51.82
CA VAL M 287 41.85 73.18 53.27
C VAL M 287 41.97 74.45 54.16
N ASP M 288 43.09 75.23 54.09
CA ASP M 288 43.24 76.39 54.90
C ASP M 288 42.17 77.51 54.44
N LYS M 289 41.82 77.59 53.11
CA LYS M 289 40.67 78.44 52.66
C LYS M 289 39.31 77.94 53.22
N ILE M 290 39.17 76.70 53.55
CA ILE M 290 37.92 76.13 54.05
C ILE M 290 37.85 76.28 55.56
N LEU M 291 38.98 75.94 56.26
CA LEU M 291 39.20 76.18 57.72
C LEU M 291 39.22 77.67 58.02
N ALA M 292 39.29 78.62 57.02
CA ALA M 292 39.11 80.06 57.11
C ALA M 292 37.78 80.61 57.63
N THR M 293 36.72 79.70 57.64
CA THR M 293 35.30 79.84 58.04
C THR M 293 35.13 79.36 59.46
N GLY M 294 36.06 78.61 59.94
CA GLY M 294 35.94 78.17 61.29
C GLY M 294 35.48 76.75 61.35
N ALA M 295 35.23 76.14 60.15
CA ALA M 295 34.87 74.74 60.00
C ALA M 295 35.77 73.82 60.80
N ASN M 296 35.13 72.96 61.61
CA ASN M 296 35.78 71.96 62.39
C ASN M 296 35.25 70.55 62.07
N VAL M 297 34.30 70.48 61.13
CA VAL M 297 33.98 69.25 60.55
C VAL M 297 33.83 69.46 58.99
N ILE M 298 34.18 68.41 58.10
CA ILE M 298 34.15 68.54 56.71
C ILE M 298 33.70 67.23 56.08
N ILE M 299 32.57 67.20 55.36
CA ILE M 299 32.09 66.03 54.69
C ILE M 299 32.00 66.32 53.25
N CYS M 300 32.25 65.30 52.36
CA CYS M 300 32.44 65.54 50.95
C CYS M 300 31.66 64.52 50.04
N GLN M 301 31.74 64.75 48.77
CA GLN M 301 31.11 63.90 47.82
C GLN M 301 32.10 63.10 47.11
N LYS M 302 33.34 63.58 47.02
CA LYS M 302 34.44 63.03 46.32
C LYS M 302 35.59 62.85 47.30
N GLY M 303 36.89 62.89 46.79
CA GLY M 303 38.05 62.77 47.61
C GLY M 303 38.43 63.77 48.53
N ILE M 304 39.39 63.29 49.41
CA ILE M 304 40.12 64.00 50.43
C ILE M 304 41.43 63.34 50.33
N ASP M 305 42.53 64.08 50.18
CA ASP M 305 43.88 63.44 50.05
C ASP M 305 44.32 62.60 51.23
N GLU M 306 45.29 61.70 51.07
CA GLU M 306 45.84 60.93 52.17
C GLU M 306 46.72 61.76 53.03
N VAL M 307 47.36 62.86 52.41
CA VAL M 307 48.19 63.87 53.21
C VAL M 307 47.25 64.79 53.92
N ALA M 308 46.12 65.09 53.29
CA ALA M 308 45.10 65.90 53.85
C ALA M 308 44.32 65.25 54.96
N GLN M 309 44.39 63.92 55.09
CA GLN M 309 43.82 63.25 56.21
C GLN M 309 44.67 63.39 57.43
N SER M 310 46.01 63.19 57.18
CA SER M 310 47.05 63.39 58.18
C SER M 310 47.11 64.80 58.72
N TYR M 311 46.74 65.87 57.93
CA TYR M 311 46.69 67.34 58.30
C TYR M 311 45.54 67.66 59.26
N LEU M 312 44.37 67.15 58.83
CA LEU M 312 43.15 67.23 59.54
C LEU M 312 43.12 66.48 60.79
N ALA M 313 43.86 65.36 60.84
CA ALA M 313 43.95 64.58 62.07
C ALA M 313 44.68 65.41 63.03
N LYS M 314 45.80 66.20 62.68
CA LYS M 314 46.51 67.09 63.61
C LYS M 314 45.80 68.34 64.06
N LYS M 315 44.92 68.87 63.22
CA LYS M 315 44.13 70.04 63.51
C LYS M 315 42.96 69.55 64.43
N GLY M 316 42.59 68.24 64.40
CA GLY M 316 41.52 67.77 65.26
C GLY M 316 40.17 68.05 64.66
N VAL M 317 40.11 67.79 63.32
CA VAL M 317 38.96 68.00 62.49
C VAL M 317 38.22 66.69 62.06
N LEU M 318 36.90 66.56 62.00
CA LEU M 318 36.25 65.25 61.77
C LEU M 318 35.68 65.21 60.31
N ALA M 319 36.26 64.35 59.43
CA ALA M 319 35.97 64.33 58.01
C ALA M 319 35.41 63.00 57.47
N VAL M 320 34.55 63.12 56.45
CA VAL M 320 33.98 61.90 55.74
C VAL M 320 34.31 62.02 54.22
N ARG M 321 34.77 60.97 53.56
CA ARG M 321 35.00 61.04 52.13
C ARG M 321 33.94 60.26 51.33
N ARG M 322 33.61 60.76 50.08
CA ARG M 322 32.62 60.11 49.24
C ARG M 322 31.22 59.85 49.81
N ALA M 323 30.55 60.82 50.37
CA ALA M 323 29.23 60.65 50.84
C ALA M 323 28.09 60.70 49.78
N LYS M 324 26.88 60.21 50.07
CA LYS M 324 26.04 60.16 48.88
C LYS M 324 25.26 61.43 49.03
N LYS M 325 25.00 62.05 47.88
CA LYS M 325 24.29 63.30 47.83
C LYS M 325 22.88 63.24 48.54
N SER M 326 22.27 62.05 48.56
CA SER M 326 21.05 61.63 49.30
C SER M 326 21.06 61.96 50.87
N ASP M 327 22.19 61.91 51.62
CA ASP M 327 22.25 62.20 53.01
C ASP M 327 22.77 63.61 53.17
N LEU M 328 23.48 64.22 52.19
CA LEU M 328 23.92 65.61 52.16
C LEU M 328 22.71 66.62 52.14
N GLU M 329 21.72 66.36 51.32
CA GLU M 329 20.52 67.21 51.22
C GLU M 329 19.74 67.37 52.50
N LYS M 330 19.49 66.12 53.07
CA LYS M 330 18.92 65.96 54.42
C LYS M 330 19.68 66.63 55.47
N LEU M 331 20.98 66.81 55.32
CA LEU M 331 21.79 67.40 56.38
C LEU M 331 21.92 68.89 56.21
N ALA M 332 21.80 69.36 54.94
CA ALA M 332 21.77 70.80 54.57
C ALA M 332 20.57 71.50 55.28
N ARG M 333 19.33 71.15 54.92
CA ARG M 333 18.18 71.83 55.51
C ARG M 333 17.83 71.47 56.94
N ALA M 334 18.70 70.59 57.55
CA ALA M 334 18.66 70.16 58.93
C ALA M 334 19.58 70.99 59.79
N THR M 335 20.77 71.38 59.27
CA THR M 335 21.82 72.20 59.94
C THR M 335 21.86 73.65 59.45
N GLY M 336 21.15 73.93 58.33
CA GLY M 336 20.88 75.21 57.70
C GLY M 336 21.99 75.38 56.75
N GLY M 337 22.78 74.33 56.50
CA GLY M 337 23.89 74.48 55.49
C GLY M 337 23.62 74.53 53.99
N ARG M 338 24.72 74.70 53.23
CA ARG M 338 24.59 74.74 51.75
C ARG M 338 25.78 74.09 51.10
N VAL M 339 25.55 73.17 50.17
CA VAL M 339 26.55 72.37 49.47
C VAL M 339 27.29 73.29 48.48
N VAL M 340 28.64 73.19 48.38
CA VAL M 340 29.47 74.00 47.54
C VAL M 340 30.40 73.11 46.65
N SER M 341 30.27 73.23 45.31
CA SER M 341 30.96 72.45 44.28
C SER M 341 32.27 73.07 43.94
N ASN M 342 32.50 74.37 44.36
CA ASN M 342 33.77 75.09 44.18
C ASN M 342 34.41 75.69 45.40
N ILE M 343 35.65 75.25 45.83
CA ILE M 343 36.29 75.63 47.09
C ILE M 343 36.43 77.14 47.42
N ASP M 344 36.55 77.98 46.39
CA ASP M 344 36.62 79.36 46.59
C ASP M 344 35.34 80.12 46.78
N GLU M 345 34.28 79.37 47.07
CA GLU M 345 32.94 79.97 47.29
C GLU M 345 32.26 79.62 48.61
N ILE M 346 32.81 78.79 49.50
CA ILE M 346 32.29 78.63 50.86
C ILE M 346 32.60 79.70 51.84
N SER M 347 31.60 80.15 52.61
CA SER M 347 31.71 81.18 53.65
C SER M 347 31.12 80.70 54.96
N GLU M 348 31.31 81.49 56.10
CA GLU M 348 30.72 81.21 57.41
C GLU M 348 29.24 81.11 57.41
N GLN M 349 28.57 81.83 56.44
CA GLN M 349 27.18 81.75 56.14
C GLN M 349 26.73 80.49 55.38
N ASP M 350 27.63 79.69 54.74
CA ASP M 350 27.34 78.39 54.06
C ASP M 350 27.44 77.21 54.90
N LEU M 351 28.02 77.32 56.15
CA LEU M 351 28.22 76.24 57.12
C LEU M 351 26.93 75.78 57.73
N GLY M 352 27.02 74.49 58.05
CA GLY M 352 25.97 73.68 58.66
C GLY M 352 26.11 73.73 60.15
N TYR M 353 25.19 74.29 60.93
CA TYR M 353 25.30 74.49 62.42
C TYR M 353 24.53 73.61 63.19
N ALA M 354 25.24 72.89 64.14
CA ALA M 354 24.83 71.82 64.96
C ALA M 354 25.60 71.66 66.22
N SER M 355 24.93 71.17 67.34
CA SER M 355 25.63 70.99 68.60
C SER M 355 26.75 69.95 68.67
N LEU M 356 26.54 68.80 68.06
CA LEU M 356 27.59 67.86 68.10
C LEU M 356 27.44 66.83 66.99
N ILE M 357 28.54 66.61 66.21
CA ILE M 357 28.62 65.53 65.24
C ILE M 357 29.63 64.51 65.66
N GLU M 358 29.31 63.21 65.38
CA GLU M 358 30.15 62.08 65.84
C GLU M 358 30.00 60.98 64.78
N GLU M 359 30.80 59.96 65.04
CA GLU M 359 30.76 58.70 64.35
C GLU M 359 30.36 57.61 65.34
N ARG M 360 29.32 56.85 65.13
CA ARG M 360 28.98 55.88 66.08
C ARG M 360 28.99 54.54 65.42
N LYS M 361 29.38 53.48 66.21
CA LYS M 361 29.26 52.12 65.67
C LYS M 361 28.04 51.53 66.33
N VAL M 362 26.97 51.11 65.55
CA VAL M 362 25.86 50.56 66.22
C VAL M 362 25.79 49.05 66.06
N GLY M 363 26.86 48.49 65.40
CA GLY M 363 26.94 47.06 65.19
C GLY M 363 28.18 46.70 64.49
N GLU M 364 28.08 46.06 63.29
CA GLU M 364 29.29 45.82 62.41
C GLU M 364 29.65 47.12 61.71
N ASP M 365 28.68 47.97 61.38
CA ASP M 365 28.77 49.19 60.72
C ASP M 365 28.78 50.41 61.60
N LYS M 366 29.35 51.48 61.09
CA LYS M 366 29.44 52.73 61.83
C LYS M 366 29.13 53.85 60.77
N MET M 367 28.66 55.04 61.19
CA MET M 367 28.23 56.04 60.29
C MET M 367 28.25 57.30 61.11
N VAL M 368 27.97 58.53 60.51
CA VAL M 368 28.07 59.83 61.16
C VAL M 368 26.69 60.10 61.67
N PHE M 369 26.56 60.60 62.90
CA PHE M 369 25.27 60.96 63.50
C PHE M 369 25.47 62.45 63.65
N VAL M 370 24.28 63.16 63.52
CA VAL M 370 24.26 64.61 63.53
C VAL M 370 23.12 65.08 64.46
N GLU M 371 23.23 64.81 65.74
CA GLU M 371 22.42 65.21 66.80
C GLU M 371 22.68 66.71 67.14
N GLY M 372 21.70 67.43 67.84
CA GLY M 372 21.74 68.81 68.14
C GLY M 372 21.56 69.71 66.90
N ALA M 373 20.96 69.17 65.81
CA ALA M 373 20.77 69.85 64.55
C ALA M 373 20.07 71.20 64.65
N LYS M 374 20.24 72.17 63.76
CA LYS M 374 19.46 73.41 63.83
C LYS M 374 18.01 73.28 63.62
N ASN M 375 17.58 72.44 62.68
CA ASN M 375 16.15 72.01 62.63
C ASN M 375 15.74 70.92 63.62
N PRO M 376 14.48 70.99 64.02
CA PRO M 376 13.90 70.02 65.00
C PRO M 376 13.13 68.96 64.28
N LYS M 377 12.67 69.25 63.11
CA LYS M 377 11.86 68.29 62.48
C LYS M 377 12.63 67.15 61.77
N SER M 378 13.78 67.49 61.18
CA SER M 378 14.74 66.52 60.57
C SER M 378 15.29 65.54 61.56
N ILE M 379 14.84 64.32 61.37
CA ILE M 379 15.19 63.18 62.17
C ILE M 379 15.59 61.99 61.34
N SER M 380 16.13 60.90 61.93
CA SER M 380 16.48 59.74 61.12
C SER M 380 16.01 58.43 61.79
N ILE M 381 15.89 57.39 60.94
CA ILE M 381 15.66 56.03 61.32
C ILE M 381 16.75 55.15 60.88
N LEU M 382 17.15 54.21 61.77
CA LEU M 382 18.16 53.26 61.57
C LEU M 382 17.57 51.88 61.59
N ILE M 383 17.61 51.15 60.45
CA ILE M 383 17.15 49.76 60.23
C ILE M 383 18.36 48.85 60.46
N ARG M 384 18.06 47.66 61.15
CA ARG M 384 18.95 46.51 61.42
C ARG M 384 18.10 45.29 61.46
N GLY M 385 18.57 44.04 61.55
CA GLY M 385 17.62 42.87 61.51
C GLY M 385 18.17 41.67 60.86
N GLY M 386 19.25 41.12 61.37
CA GLY M 386 19.88 39.96 60.79
C GLY M 386 20.48 40.07 59.41
N LEU M 387 20.44 38.99 58.62
CA LEU M 387 20.86 38.85 57.22
C LEU M 387 20.63 40.10 56.26
N GLU M 388 21.44 40.14 55.15
CA GLU M 388 21.54 41.10 54.12
C GLU M 388 20.22 41.31 53.43
N ARG M 389 19.26 40.39 53.46
CA ARG M 389 17.90 40.56 52.89
C ARG M 389 16.82 40.77 53.87
N LEU M 390 16.87 40.18 55.08
CA LEU M 390 15.95 40.39 56.14
C LEU M 390 15.90 41.84 56.57
N VAL M 391 17.11 42.53 56.56
CA VAL M 391 17.24 43.99 56.82
C VAL M 391 16.60 44.88 55.82
N ASP M 392 16.78 44.52 54.53
CA ASP M 392 16.21 45.09 53.32
C ASP M 392 14.63 45.06 53.27
N GLU M 393 14.05 43.90 53.49
CA GLU M 393 12.59 43.71 53.51
C GLU M 393 11.99 44.23 54.75
N THR M 394 12.78 44.49 55.86
CA THR M 394 12.31 45.34 56.92
C THR M 394 12.27 46.84 56.49
N GLU M 395 13.13 47.34 55.58
CA GLU M 395 13.09 48.68 55.07
C GLU M 395 11.80 48.85 54.22
N ARG M 396 11.32 47.87 53.43
CA ARG M 396 10.09 47.93 52.58
C ARG M 396 8.91 48.12 53.47
N ALA M 397 8.78 47.19 54.43
CA ALA M 397 7.73 47.21 55.44
C ALA M 397 7.66 48.54 56.21
N LEU M 398 8.84 49.11 56.63
CA LEU M 398 8.79 50.47 57.28
C LEU M 398 8.43 51.66 56.38
N ARG M 399 8.81 51.70 55.09
CA ARG M 399 8.49 52.71 54.12
C ARG M 399 7.03 52.80 53.91
N ASP M 400 6.48 51.63 53.72
CA ASP M 400 5.05 51.42 53.60
C ASP M 400 4.31 51.83 54.92
N ALA M 401 4.86 51.44 56.06
CA ALA M 401 4.45 51.80 57.42
C ALA M 401 4.39 53.26 57.71
N LEU M 402 5.43 54.04 57.26
CA LEU M 402 5.66 55.45 57.37
C LEU M 402 4.60 56.11 56.61
N GLY M 403 4.56 55.73 55.30
CA GLY M 403 3.60 56.06 54.30
C GLY M 403 2.13 56.06 54.67
N THR M 404 1.71 54.85 55.11
CA THR M 404 0.35 54.63 55.64
C THR M 404 -0.06 55.57 56.86
N VAL M 405 0.78 55.62 57.87
CA VAL M 405 0.56 56.55 59.00
C VAL M 405 0.47 58.00 58.61
N ALA M 406 1.34 58.45 57.75
CA ALA M 406 1.44 59.79 57.25
C ALA M 406 0.34 60.25 56.41
N ASP M 407 -0.27 59.31 55.60
CA ASP M 407 -1.51 59.60 54.75
C ASP M 407 -2.73 59.76 55.63
N VAL M 408 -2.74 58.92 56.69
CA VAL M 408 -3.73 59.03 57.79
C VAL M 408 -3.78 60.38 58.47
N ILE M 409 -2.56 60.99 58.70
CA ILE M 409 -2.43 62.33 59.36
C ILE M 409 -2.88 63.40 58.44
N LYS M 410 -2.36 63.29 57.17
CA LYS M 410 -2.71 64.13 56.03
C LYS M 410 -4.21 64.11 55.67
N ASP M 411 -4.96 63.01 55.94
CA ASP M 411 -6.40 62.92 55.67
C ASP M 411 -7.05 63.17 57.05
N GLY M 412 -7.01 62.24 58.06
CA GLY M 412 -7.61 62.39 59.43
C GLY M 412 -8.77 61.40 59.69
N ARG M 413 -9.05 60.52 58.73
CA ARG M 413 -10.13 59.61 58.90
C ARG M 413 -9.64 58.12 58.83
N ALA M 414 -10.11 57.26 59.70
CA ALA M 414 -9.58 55.90 59.78
C ALA M 414 -10.68 54.94 60.28
N ILE M 415 -10.79 53.78 59.55
CA ILE M 415 -11.89 52.90 59.84
C ILE M 415 -11.46 51.56 60.43
N ALA M 416 -12.40 50.76 60.98
CA ALA M 416 -12.04 49.41 61.39
C ALA M 416 -11.95 48.42 60.28
N GLY M 417 -10.84 47.65 60.16
CA GLY M 417 -10.54 46.64 59.07
C GLY M 417 -11.16 45.28 59.34
N GLY M 418 -10.92 44.20 58.53
CA GLY M 418 -11.47 42.89 58.90
C GLY M 418 -12.80 42.66 58.38
N GLY M 419 -13.28 43.47 57.45
CA GLY M 419 -14.61 43.25 56.87
C GLY M 419 -15.79 43.96 57.48
N ALA M 420 -15.61 44.69 58.60
CA ALA M 420 -16.65 45.48 59.29
C ALA M 420 -17.46 46.51 58.51
N VAL M 421 -16.79 47.45 57.91
CA VAL M 421 -17.47 48.42 57.05
C VAL M 421 -18.07 47.79 55.78
N GLU M 422 -17.48 46.66 55.27
CA GLU M 422 -17.90 45.85 54.06
C GLU M 422 -19.27 45.30 54.34
N ILE M 423 -19.45 44.42 55.30
CA ILE M 423 -20.74 43.80 55.64
C ILE M 423 -21.83 44.91 55.85
N GLU M 424 -21.48 46.12 56.39
CA GLU M 424 -22.42 47.25 56.54
C GLU M 424 -22.72 47.77 55.14
N ILE M 425 -21.70 48.18 54.27
CA ILE M 425 -21.84 48.55 52.88
C ILE M 425 -22.55 47.51 51.99
N ALA M 426 -22.60 46.25 52.33
CA ALA M 426 -23.40 45.20 51.71
C ALA M 426 -24.84 45.41 52.18
N LYS M 427 -25.15 45.00 53.39
CA LYS M 427 -26.53 45.10 53.98
C LYS M 427 -27.30 46.39 53.60
N LYS M 428 -26.60 47.54 53.92
CA LYS M 428 -27.16 48.90 53.73
C LYS M 428 -27.61 49.20 52.25
N LEU M 429 -26.84 48.53 51.28
CA LEU M 429 -27.08 48.48 49.85
C LEU M 429 -28.25 47.61 49.38
N ARG M 430 -28.49 46.44 49.99
CA ARG M 430 -29.61 45.58 49.77
C ARG M 430 -30.91 46.23 50.06
N LYS M 431 -30.94 47.05 51.20
CA LYS M 431 -32.07 47.89 51.55
C LYS M 431 -32.34 48.99 50.57
N TYR M 432 -31.28 49.42 49.83
CA TYR M 432 -31.36 50.51 48.82
C TYR M 432 -32.03 49.96 47.60
N ALA M 433 -31.46 48.79 47.10
CA ALA M 433 -31.87 48.14 45.86
C ALA M 433 -33.29 48.28 45.42
N PRO M 434 -34.38 47.82 46.23
CA PRO M 434 -35.83 48.09 46.03
C PRO M 434 -36.29 49.41 45.42
N GLN M 435 -35.62 50.49 45.86
CA GLN M 435 -35.97 51.86 45.57
C GLN M 435 -35.43 52.37 44.30
N VAL M 436 -34.36 51.65 43.89
CA VAL M 436 -33.58 51.94 42.64
C VAL M 436 -34.33 51.62 41.45
N GLY M 437 -35.06 50.55 41.45
CA GLY M 437 -35.83 50.12 40.33
C GLY M 437 -35.67 48.65 39.97
N GLY M 438 -36.06 48.20 38.78
CA GLY M 438 -36.05 46.83 38.34
C GLY M 438 -34.73 46.14 38.22
N LYS M 439 -34.10 46.28 36.98
CA LYS M 439 -33.00 45.50 36.66
C LYS M 439 -31.81 45.96 37.49
N GLU M 440 -31.69 47.30 37.68
CA GLU M 440 -30.80 47.93 38.65
C GLU M 440 -30.81 47.44 40.12
N GLN M 441 -31.98 46.85 40.71
CA GLN M 441 -31.99 46.13 41.98
C GLN M 441 -30.98 44.95 42.07
N LEU M 442 -30.99 44.05 41.14
CA LEU M 442 -30.01 42.97 40.94
C LEU M 442 -28.59 43.47 40.81
N ALA M 443 -28.36 44.59 40.07
CA ALA M 443 -27.00 45.18 40.10
C ALA M 443 -26.50 45.72 41.43
N VAL M 444 -27.26 46.50 42.17
CA VAL M 444 -26.90 47.06 43.50
C VAL M 444 -26.77 45.88 44.43
N GLU M 445 -27.80 44.88 44.41
CA GLU M 445 -27.69 43.58 45.15
C GLU M 445 -26.37 42.82 44.73
N ALA M 446 -25.95 42.78 43.46
CA ALA M 446 -24.79 42.13 42.93
C ALA M 446 -23.53 42.83 43.51
N TYR M 447 -23.34 44.17 43.39
CA TYR M 447 -22.23 44.98 44.02
C TYR M 447 -22.02 44.69 45.53
N ALA M 448 -23.21 44.46 46.23
CA ALA M 448 -23.24 43.95 47.65
C ALA M 448 -22.80 42.55 47.80
N ASN M 449 -23.33 41.59 46.98
CA ASN M 449 -22.75 40.22 47.08
C ASN M 449 -21.26 40.07 46.87
N ALA M 450 -20.76 40.69 45.79
CA ALA M 450 -19.34 40.74 45.49
C ALA M 450 -18.53 41.32 46.66
N LEU M 451 -19.03 42.31 47.33
CA LEU M 451 -18.39 42.83 48.54
C LEU M 451 -18.34 41.89 49.79
N GLU M 452 -19.39 41.10 49.97
CA GLU M 452 -19.39 40.04 50.97
C GLU M 452 -18.44 38.88 50.58
N SER M 453 -18.35 38.61 49.26
CA SER M 453 -17.33 37.78 48.65
C SER M 453 -15.87 38.13 49.03
N LEU M 454 -15.59 39.48 49.17
CA LEU M 454 -14.31 39.92 49.63
C LEU M 454 -13.89 39.37 50.95
N VAL M 455 -14.80 39.40 51.87
CA VAL M 455 -14.64 38.93 53.21
C VAL M 455 -14.61 37.41 53.34
N SER M 456 -15.30 36.64 52.46
CA SER M 456 -15.22 35.18 52.38
C SER M 456 -13.79 34.84 51.95
N ILE M 457 -13.21 35.49 50.89
CA ILE M 457 -11.84 35.32 50.43
C ILE M 457 -10.82 35.55 51.52
N LEU M 458 -11.05 36.60 52.33
CA LEU M 458 -10.23 36.97 53.41
C LEU M 458 -10.13 35.91 54.46
N ILE M 459 -11.29 35.32 54.88
CA ILE M 459 -11.51 34.20 55.78
C ILE M 459 -10.89 32.93 55.24
N GLU M 460 -11.19 32.63 53.95
CA GLU M 460 -10.62 31.48 53.20
C GLU M 460 -9.18 31.26 53.49
N ASN M 461 -8.36 32.33 53.20
CA ASN M 461 -6.96 32.48 53.49
C ASN M 461 -6.50 32.35 54.92
N ALA M 462 -7.42 32.44 55.90
CA ALA M 462 -7.08 32.25 57.33
C ALA M 462 -7.08 30.81 57.70
N GLY M 463 -7.83 30.01 56.88
CA GLY M 463 -8.04 28.59 57.14
C GLY M 463 -9.28 28.26 57.90
N PHE M 464 -10.35 29.08 57.78
CA PHE M 464 -11.64 28.94 58.47
C PHE M 464 -12.71 28.87 57.36
N ASP M 465 -14.00 28.52 57.79
CA ASP M 465 -15.16 28.31 56.94
C ASP M 465 -15.86 29.64 56.54
N PRO M 466 -15.68 30.10 55.30
CA PRO M 466 -16.20 31.44 54.96
C PRO M 466 -17.66 31.69 55.21
N ILE M 467 -18.62 30.84 54.78
CA ILE M 467 -20.01 31.09 54.95
C ILE M 467 -20.45 31.19 56.41
N ASP M 468 -20.00 30.20 57.20
CA ASP M 468 -20.16 30.16 58.63
C ASP M 468 -19.74 31.43 59.36
N LEU M 469 -18.46 31.78 59.29
CA LEU M 469 -18.03 33.05 59.99
C LEU M 469 -18.68 34.29 59.41
N LEU M 470 -18.82 34.43 58.05
CA LEU M 470 -19.61 35.56 57.54
C LEU M 470 -21.04 35.72 58.08
N MET M 471 -21.78 34.62 58.08
CA MET M 471 -23.12 34.60 58.59
C MET M 471 -23.11 34.96 60.16
N LYS M 472 -22.19 34.33 60.94
CA LYS M 472 -22.00 34.55 62.38
C LYS M 472 -21.60 35.98 62.71
N LEU M 473 -20.97 36.65 61.87
CA LEU M 473 -20.45 37.98 61.94
C LEU M 473 -21.48 38.96 61.50
N ARG M 474 -22.06 38.83 60.30
CA ARG M 474 -23.12 39.74 59.79
C ARG M 474 -24.38 39.73 60.56
N SER M 475 -24.55 38.80 61.46
CA SER M 475 -25.66 38.79 62.38
C SER M 475 -25.34 39.65 63.63
N THR M 476 -24.15 39.45 64.20
CA THR M 476 -23.57 40.19 65.31
C THR M 476 -23.01 41.55 64.92
N HIS M 477 -23.19 41.98 63.70
CA HIS M 477 -22.73 43.28 63.16
C HIS M 477 -23.92 44.15 62.86
N GLU M 478 -25.16 43.61 63.04
CA GLU M 478 -26.33 44.52 62.87
C GLU M 478 -26.39 45.69 63.89
N ASN M 479 -26.23 45.50 65.22
CA ASN M 479 -26.16 46.67 66.06
C ASN M 479 -25.20 47.85 65.69
N GLU M 480 -25.67 49.14 65.84
CA GLU M 480 -24.81 50.25 65.62
C GLU M 480 -23.44 50.30 66.51
N ASN M 481 -23.47 49.74 67.70
CA ASN M 481 -22.39 49.60 68.69
C ASN M 481 -21.55 48.36 68.50
N ASN M 482 -21.80 47.61 67.41
CA ASN M 482 -21.13 46.45 66.93
C ASN M 482 -20.73 46.71 65.55
N LYS M 483 -20.74 47.94 65.03
CA LYS M 483 -20.44 48.26 63.65
C LYS M 483 -18.99 48.04 63.35
N TRP M 484 -18.12 47.99 64.34
CA TRP M 484 -16.71 47.67 64.12
C TRP M 484 -16.43 46.19 64.37
N TYR M 485 -17.47 45.33 64.41
CA TYR M 485 -17.27 43.93 64.44
C TYR M 485 -16.83 43.38 63.04
N GLY M 486 -15.77 42.55 63.00
CA GLY M 486 -15.19 41.95 61.83
C GLY M 486 -14.67 40.59 62.15
N ILE M 487 -13.75 40.05 61.30
CA ILE M 487 -13.33 38.67 61.61
C ILE M 487 -11.91 38.51 61.91
N ASP M 488 -11.63 38.24 63.16
CA ASP M 488 -10.31 37.97 63.59
C ASP M 488 -9.71 36.73 62.91
N LEU M 489 -8.76 36.88 61.96
CA LEU M 489 -8.27 35.79 61.15
C LEU M 489 -7.32 34.79 61.91
N TYR M 490 -6.88 35.27 63.15
CA TYR M 490 -5.95 34.51 63.98
C TYR M 490 -6.59 33.73 65.21
N ALA M 491 -7.55 34.46 65.85
CA ALA M 491 -8.39 33.90 66.88
C ALA M 491 -9.57 33.07 66.34
N GLY M 492 -9.94 33.31 65.02
CA GLY M 492 -11.00 32.63 64.26
C GLY M 492 -12.32 32.81 64.92
N GLN M 493 -12.87 34.05 64.95
CA GLN M 493 -14.19 34.30 65.60
C GLN M 493 -14.66 35.72 65.47
N PRO M 494 -15.93 36.20 65.35
CA PRO M 494 -16.25 37.67 65.14
C PRO M 494 -15.85 38.47 66.38
N VAL M 495 -15.05 39.55 66.23
CA VAL M 495 -14.80 40.40 67.38
C VAL M 495 -14.80 41.85 66.88
N ASP M 496 -14.77 42.82 67.77
CA ASP M 496 -14.76 44.25 67.50
C ASP M 496 -13.33 44.55 67.14
N MET M 497 -13.04 44.82 65.90
CA MET M 497 -11.75 45.00 65.31
C MET M 497 -11.00 46.19 65.80
N TRP M 498 -11.68 47.35 65.86
CA TRP M 498 -11.19 48.62 66.37
C TRP M 498 -10.57 48.43 67.75
N GLN M 499 -11.47 47.87 68.62
CA GLN M 499 -11.17 47.50 70.00
C GLN M 499 -10.30 46.23 70.08
N LYS M 500 -9.41 45.99 69.09
CA LYS M 500 -8.36 45.01 69.02
C LYS M 500 -7.18 45.48 68.18
N GLY M 501 -7.00 46.83 67.82
CA GLY M 501 -5.83 47.30 67.12
C GLY M 501 -5.90 47.24 65.71
N VAL M 502 -6.94 46.77 65.05
CA VAL M 502 -7.06 46.75 63.62
C VAL M 502 -7.83 47.96 63.11
N ILE M 503 -7.07 49.06 62.79
CA ILE M 503 -7.66 50.25 62.09
C ILE M 503 -6.83 50.53 60.83
N GLU M 504 -7.39 51.10 59.81
CA GLU M 504 -6.81 51.31 58.56
C GLU M 504 -7.19 52.66 57.90
N PRO M 505 -6.34 53.23 56.99
CA PRO M 505 -6.62 54.50 56.33
C PRO M 505 -8.05 54.67 55.60
N ALA M 506 -8.99 55.48 56.08
CA ALA M 506 -10.25 55.64 55.33
C ALA M 506 -10.16 56.22 53.94
N LEU M 507 -8.99 56.72 53.51
CA LEU M 507 -8.89 57.31 52.18
C LEU M 507 -8.55 56.29 51.04
N VAL M 508 -7.59 55.42 51.48
CA VAL M 508 -7.16 54.28 50.85
C VAL M 508 -8.33 53.34 50.56
N LYS M 509 -9.16 53.06 51.57
CA LYS M 509 -10.31 52.17 51.48
C LYS M 509 -11.53 52.81 50.89
N MET M 510 -11.30 54.02 50.31
CA MET M 510 -12.30 54.68 49.48
C MET M 510 -11.79 54.62 48.03
N ASN M 511 -10.50 54.91 47.83
CA ASN M 511 -9.88 54.89 46.56
C ASN M 511 -9.80 53.47 45.89
N ALA M 512 -9.69 52.40 46.71
CA ALA M 512 -9.87 51.01 46.38
C ALA M 512 -11.27 50.76 45.77
N ILE M 513 -12.38 51.13 46.40
CA ILE M 513 -13.73 50.99 45.81
C ILE M 513 -13.99 51.73 44.46
N LYS M 514 -13.49 52.98 44.46
CA LYS M 514 -13.58 53.88 43.32
C LYS M 514 -12.74 53.32 42.04
N ALA M 515 -11.50 52.90 42.33
CA ALA M 515 -10.65 52.15 41.44
C ALA M 515 -11.30 50.88 40.99
N ALA M 516 -11.65 49.95 41.92
CA ALA M 516 -12.29 48.63 41.60
C ALA M 516 -13.48 48.67 40.66
N THR M 517 -14.39 49.62 40.95
CA THR M 517 -15.52 49.99 40.05
C THR M 517 -15.24 50.60 38.76
N GLU M 518 -14.20 51.45 38.73
CA GLU M 518 -13.67 52.10 37.52
C GLU M 518 -13.21 51.05 36.53
N ALA M 519 -12.29 50.16 36.97
CA ALA M 519 -11.86 49.04 36.21
C ALA M 519 -12.97 48.09 35.82
N ALA M 520 -13.84 47.63 36.81
CA ALA M 520 -15.04 46.86 36.47
C ALA M 520 -15.94 47.32 35.36
N THR M 521 -16.45 48.53 35.51
CA THR M 521 -17.39 49.14 34.55
C THR M 521 -16.67 49.40 33.21
N LEU M 522 -15.33 49.57 33.29
CA LEU M 522 -14.50 49.83 32.11
C LEU M 522 -14.55 48.59 31.31
N VAL M 523 -14.46 47.42 31.94
CA VAL M 523 -14.46 46.16 31.29
C VAL M 523 -15.82 45.98 30.57
N LEU M 524 -16.94 46.41 31.19
CA LEU M 524 -18.25 46.33 30.64
C LEU M 524 -18.54 47.29 29.47
N ARG M 525 -17.88 48.45 29.45
CA ARG M 525 -18.10 49.49 28.41
C ARG M 525 -17.75 49.08 27.00
N ILE M 526 -16.74 48.21 26.89
CA ILE M 526 -16.24 47.57 25.63
C ILE M 526 -17.18 46.47 25.07
N ASP M 527 -17.83 46.82 23.93
CA ASP M 527 -18.81 45.92 23.24
C ASP M 527 -17.97 45.04 22.34
N ASP M 528 -16.91 45.50 21.65
CA ASP M 528 -16.13 44.67 20.85
C ASP M 528 -14.69 45.21 20.72
N VAL M 529 -13.76 44.37 20.34
CA VAL M 529 -12.38 44.67 20.42
C VAL M 529 -11.90 44.35 18.99
N VAL M 530 -11.40 45.42 18.28
CA VAL M 530 -10.85 45.28 16.92
C VAL M 530 -9.28 45.33 16.98
N SER M 531 -8.67 44.31 16.45
CA SER M 531 -7.26 44.07 16.41
C SER M 531 -6.57 44.10 15.08
N ALA M 532 -5.56 44.95 15.01
CA ALA M 532 -4.75 45.23 13.90
C ALA M 532 -3.41 44.30 14.02
N GLY N 28 -26.03 43.51 -12.45
CA GLY N 28 -27.23 42.89 -11.87
C GLY N 28 -26.92 42.23 -10.55
N LYS N 29 -27.76 41.43 -9.98
CA LYS N 29 -27.61 40.83 -8.65
C LYS N 29 -26.23 40.26 -8.34
N GLU N 30 -25.56 39.71 -9.37
CA GLU N 30 -24.24 39.15 -9.53
C GLU N 30 -23.23 39.82 -8.58
N ALA N 31 -22.73 40.98 -9.01
CA ALA N 31 -21.84 41.80 -8.27
C ALA N 31 -22.51 42.65 -7.17
N VAL N 32 -23.70 43.20 -7.41
CA VAL N 32 -24.52 44.00 -6.43
C VAL N 32 -24.57 43.36 -5.08
N ARG N 33 -24.55 42.01 -4.89
CA ARG N 33 -24.64 41.48 -3.53
C ARG N 33 -23.40 41.83 -2.65
N ALA N 34 -22.25 41.66 -3.29
CA ALA N 34 -20.88 41.92 -2.70
C ALA N 34 -20.80 43.36 -2.03
N ASN N 35 -21.14 44.37 -2.89
CA ASN N 35 -21.30 45.81 -2.52
C ASN N 35 -22.25 46.03 -1.28
N ILE N 36 -23.48 45.57 -1.30
CA ILE N 36 -24.46 45.52 -0.25
C ILE N 36 -23.99 44.96 1.05
N ALA N 37 -23.42 43.74 0.95
CA ALA N 37 -22.69 43.14 2.03
C ALA N 37 -21.68 44.03 2.80
N ALA N 38 -20.72 44.50 2.02
CA ALA N 38 -19.67 45.42 2.41
C ALA N 38 -20.31 46.66 3.08
N VAL N 39 -21.36 47.26 2.54
CA VAL N 39 -22.10 48.25 3.28
C VAL N 39 -22.68 47.92 4.57
N LYS N 40 -23.54 46.89 4.53
CA LYS N 40 -24.08 46.35 5.80
C LYS N 40 -23.10 46.03 6.87
N ALA N 41 -21.96 45.53 6.58
CA ALA N 41 -20.82 45.34 7.48
C ALA N 41 -20.33 46.58 8.18
N VAL N 42 -20.09 47.63 7.32
CA VAL N 42 -19.68 48.98 7.79
C VAL N 42 -20.74 49.55 8.76
N GLU N 43 -22.09 49.38 8.44
CA GLU N 43 -23.20 49.71 9.41
C GLU N 43 -23.11 48.98 10.74
N GLU N 44 -22.93 47.62 10.71
CA GLU N 44 -22.68 46.77 11.82
C GLU N 44 -21.46 47.13 12.65
N ALA N 45 -20.60 48.16 12.23
CA ALA N 45 -19.41 48.59 12.95
C ALA N 45 -19.78 49.78 13.87
N LEU N 46 -20.92 50.52 13.58
CA LEU N 46 -21.19 51.63 14.41
C LEU N 46 -22.43 51.41 15.22
N LYS N 47 -23.40 50.60 14.67
CA LYS N 47 -24.76 50.37 15.15
C LYS N 47 -24.98 50.47 16.75
N SER N 48 -24.18 49.69 17.55
CA SER N 48 -24.20 49.72 19.02
C SER N 48 -23.63 50.86 19.69
N THR N 49 -23.19 51.93 18.98
CA THR N 49 -22.66 53.06 19.61
C THR N 49 -23.52 54.31 19.25
N TYR N 50 -24.61 54.17 18.48
CA TYR N 50 -25.58 55.18 18.12
C TYR N 50 -26.21 55.76 19.40
N GLY N 51 -26.54 57.09 19.30
CA GLY N 51 -27.20 57.96 20.34
C GLY N 51 -26.31 58.23 21.58
N PRO N 52 -26.83 59.00 22.58
CA PRO N 52 -26.06 59.40 23.78
C PRO N 52 -25.77 58.22 24.69
N ARG N 53 -26.41 57.12 24.49
CA ARG N 53 -26.42 55.95 25.44
C ARG N 53 -25.51 54.83 24.95
N GLY N 54 -25.03 55.00 23.75
CA GLY N 54 -24.17 54.00 23.01
C GLY N 54 -23.01 53.41 23.73
N MET N 55 -22.57 52.25 23.26
CA MET N 55 -21.44 51.46 23.84
C MET N 55 -20.08 52.00 23.34
N ASP N 56 -18.97 51.37 23.79
CA ASP N 56 -17.60 51.74 23.32
C ASP N 56 -17.13 50.54 22.48
N LYS N 57 -16.32 50.88 21.44
CA LYS N 57 -15.58 49.92 20.67
C LYS N 57 -14.12 50.15 21.23
N MET N 58 -13.36 49.09 21.37
CA MET N 58 -11.95 49.20 21.65
C MET N 58 -11.13 48.79 20.39
N LEU N 59 -10.04 49.51 20.14
CA LEU N 59 -9.29 49.31 18.96
C LEU N 59 -7.84 49.23 19.39
N VAL N 60 -7.21 48.06 19.10
CA VAL N 60 -5.84 47.83 19.41
C VAL N 60 -4.94 47.79 18.22
N ASP N 61 -4.02 48.83 18.04
CA ASP N 61 -3.11 48.91 16.90
C ASP N 61 -2.10 47.70 16.86
N SER N 62 -1.50 47.42 15.65
CA SER N 62 -0.49 46.42 15.43
C SER N 62 0.77 46.55 16.25
N LEU N 63 1.07 47.78 16.75
CA LEU N 63 2.11 47.97 17.69
C LEU N 63 1.75 47.78 19.21
N GLY N 64 0.53 47.14 19.35
CA GLY N 64 0.00 46.84 20.64
C GLY N 64 -0.69 47.91 21.34
N ASP N 65 -0.75 49.08 20.67
CA ASP N 65 -1.23 50.29 21.32
C ASP N 65 -2.77 50.20 21.43
N ILE N 66 -3.37 50.66 22.49
CA ILE N 66 -4.78 50.57 22.75
C ILE N 66 -5.47 51.93 22.61
N THR N 67 -6.64 51.93 22.00
CA THR N 67 -7.46 53.13 21.82
C THR N 67 -8.90 52.74 22.03
N ILE N 68 -9.53 53.24 23.00
CA ILE N 68 -10.95 52.94 23.32
C ILE N 68 -11.81 54.09 22.90
N THR N 69 -12.92 53.95 22.12
CA THR N 69 -13.64 55.15 21.61
C THR N 69 -15.12 54.80 21.32
N ASN N 70 -16.01 55.71 20.90
CA ASN N 70 -17.38 55.53 20.43
C ASN N 70 -17.54 56.56 19.32
N ASP N 71 -16.47 57.35 19.02
CA ASP N 71 -16.44 58.39 18.01
C ASP N 71 -16.53 57.87 16.60
N GLY N 72 -17.51 58.36 15.77
CA GLY N 72 -17.79 57.93 14.36
C GLY N 72 -16.54 58.03 13.57
N ALA N 73 -15.94 59.17 13.48
CA ALA N 73 -14.67 59.39 12.90
C ALA N 73 -13.58 58.38 13.26
N THR N 74 -13.19 58.28 14.58
CA THR N 74 -12.19 57.38 15.07
C THR N 74 -12.43 55.91 14.67
N ILE N 75 -13.66 55.37 14.72
CA ILE N 75 -14.12 53.99 14.37
C ILE N 75 -13.99 53.73 12.93
N LEU N 76 -13.95 54.82 12.17
CA LEU N 76 -13.78 54.66 10.70
C LEU N 76 -12.29 54.99 10.33
N ASP N 77 -11.58 55.96 11.02
CA ASP N 77 -10.25 56.30 10.66
C ASP N 77 -9.31 55.23 10.96
N LYS N 78 -9.33 54.64 12.20
CA LYS N 78 -8.46 53.52 12.47
C LYS N 78 -8.75 52.13 11.96
N MET N 79 -9.98 51.95 11.42
CA MET N 79 -10.47 50.73 10.83
C MET N 79 -10.15 50.52 9.39
N ASP N 80 -9.67 49.37 9.00
CA ASP N 80 -9.21 49.10 7.67
C ASP N 80 -10.44 48.76 6.89
N LEU N 81 -10.60 49.42 5.74
CA LEU N 81 -11.75 49.17 4.91
C LEU N 81 -11.05 49.06 3.52
N GLN N 82 -11.08 47.92 2.81
CA GLN N 82 -10.51 47.90 1.52
C GLN N 82 -11.37 47.53 0.34
N HIS N 83 -12.53 46.97 0.62
CA HIS N 83 -13.50 46.74 -0.51
C HIS N 83 -14.07 48.09 -0.98
N PRO N 84 -14.23 48.20 -2.28
CA PRO N 84 -14.64 49.43 -2.95
C PRO N 84 -15.95 49.97 -2.42
N ALA N 85 -17.05 49.24 -2.21
CA ALA N 85 -18.22 49.75 -1.63
C ALA N 85 -18.08 50.57 -0.29
N ALA N 86 -17.40 49.96 0.71
CA ALA N 86 -17.05 50.53 1.99
C ALA N 86 -16.33 51.82 1.89
N LYS N 87 -15.20 51.80 1.07
CA LYS N 87 -14.44 53.04 0.77
C LYS N 87 -15.20 54.18 0.05
N LEU N 88 -16.13 53.81 -0.81
CA LEU N 88 -17.07 54.72 -1.48
C LEU N 88 -18.06 55.31 -0.54
N LEU N 89 -18.60 54.43 0.37
CA LEU N 89 -19.52 54.75 1.42
C LEU N 89 -18.85 55.74 2.38
N VAL N 90 -17.68 55.48 3.05
CA VAL N 90 -17.05 56.50 3.96
C VAL N 90 -16.76 57.83 3.39
N GLN N 91 -16.36 57.95 2.10
CA GLN N 91 -16.10 59.20 1.49
C GLN N 91 -17.33 60.11 1.38
N ILE N 92 -18.51 59.63 1.09
CA ILE N 92 -19.73 60.39 1.14
C ILE N 92 -20.29 60.58 2.50
N ALA N 93 -20.27 59.53 3.38
CA ALA N 93 -20.82 59.69 4.67
C ALA N 93 -20.06 60.64 5.63
N LYS N 94 -18.75 60.20 5.82
CA LYS N 94 -17.88 60.78 6.84
C LYS N 94 -17.66 62.29 6.82
N GLY N 95 -17.03 62.81 5.70
CA GLY N 95 -16.78 64.26 5.41
C GLY N 95 -17.91 65.07 4.95
N GLN N 96 -19.02 65.18 5.81
CA GLN N 96 -20.24 65.82 5.30
C GLN N 96 -20.17 67.34 5.55
N ASP N 97 -20.97 68.17 4.81
CA ASP N 97 -20.78 69.64 4.80
C ASP N 97 -20.52 70.28 6.17
N GLU N 98 -21.27 69.96 7.22
CA GLU N 98 -21.12 70.42 8.49
C GLU N 98 -20.68 69.32 9.34
N GLU N 99 -19.62 69.58 10.08
CA GLU N 99 -18.98 68.60 10.98
C GLU N 99 -19.87 68.19 12.19
N THR N 100 -19.85 66.90 12.48
CA THR N 100 -20.61 66.30 13.58
C THR N 100 -20.10 64.89 13.76
N ALA N 101 -20.47 64.29 14.93
CA ALA N 101 -20.01 62.96 15.44
C ALA N 101 -21.23 62.08 15.63
N ASP N 102 -22.43 62.64 15.48
CA ASP N 102 -23.68 62.01 15.55
C ASP N 102 -24.29 61.93 14.21
N GLY N 103 -24.24 63.02 13.48
CA GLY N 103 -24.79 63.07 12.15
C GLY N 103 -23.98 62.24 11.10
N THR N 104 -22.65 62.02 11.26
CA THR N 104 -21.88 61.10 10.39
C THR N 104 -22.31 59.65 10.64
N LYS N 105 -22.57 59.38 11.93
CA LYS N 105 -23.12 58.10 12.49
C LYS N 105 -24.52 57.78 12.00
N THR N 106 -25.37 58.77 11.82
CA THR N 106 -26.67 58.67 11.17
C THR N 106 -26.42 58.40 9.69
N ALA N 107 -25.68 59.25 8.96
CA ALA N 107 -25.27 59.11 7.57
C ALA N 107 -24.85 57.65 7.18
N VAL N 108 -23.99 56.99 7.98
CA VAL N 108 -23.60 55.63 7.74
C VAL N 108 -24.65 54.53 8.13
N ILE N 109 -25.16 54.52 9.35
CA ILE N 109 -26.19 53.61 9.75
C ILE N 109 -27.42 53.63 8.88
N PHE N 110 -28.04 54.81 8.70
CA PHE N 110 -29.20 55.06 7.84
C PHE N 110 -29.06 54.73 6.40
N SER N 111 -27.89 54.99 5.76
CA SER N 111 -27.49 54.56 4.43
C SER N 111 -27.56 53.07 4.43
N GLY N 112 -26.90 52.32 5.37
CA GLY N 112 -26.91 50.83 5.30
C GLY N 112 -28.34 50.27 5.50
N GLU N 113 -29.19 50.93 6.28
CA GLU N 113 -30.62 50.57 6.39
C GLU N 113 -31.47 50.84 5.11
N LEU N 114 -31.27 51.95 4.33
CA LEU N 114 -31.83 52.22 3.04
C LEU N 114 -31.39 51.15 2.04
N VAL N 115 -30.17 50.76 2.04
CA VAL N 115 -29.59 49.75 1.21
C VAL N 115 -30.25 48.42 1.51
N LYS N 116 -30.40 48.09 2.76
CA LYS N 116 -31.12 46.92 3.17
C LYS N 116 -32.58 46.80 2.64
N LYS N 117 -33.38 47.82 3.02
CA LYS N 117 -34.75 48.01 2.70
C LYS N 117 -35.06 48.10 1.25
N ALA N 118 -34.08 48.47 0.43
CA ALA N 118 -34.07 48.36 -0.99
C ALA N 118 -33.72 47.02 -1.55
N GLU N 119 -32.89 46.15 -0.95
CA GLU N 119 -32.63 44.87 -1.47
C GLU N 119 -33.91 44.12 -1.51
N ASP N 120 -34.79 44.32 -0.44
CA ASP N 120 -36.08 43.75 -0.44
C ASP N 120 -37.00 44.14 -1.59
N LEU N 121 -36.81 45.29 -2.16
CA LEU N 121 -37.53 45.64 -3.35
C LEU N 121 -37.04 44.90 -4.62
N LEU N 122 -35.71 44.77 -4.66
CA LEU N 122 -35.03 44.01 -5.78
C LEU N 122 -35.45 42.55 -5.75
N TYR N 123 -35.75 41.85 -4.60
CA TYR N 123 -36.40 40.49 -4.53
C TYR N 123 -37.76 40.50 -5.18
N LYS N 124 -38.55 41.58 -4.96
CA LYS N 124 -39.84 41.81 -5.56
C LYS N 124 -39.81 42.29 -7.04
N ASP N 125 -38.61 42.35 -7.65
CA ASP N 125 -38.37 42.78 -9.07
C ASP N 125 -38.81 44.21 -9.36
N VAL N 126 -38.65 45.06 -8.35
CA VAL N 126 -38.68 46.50 -8.53
C VAL N 126 -37.25 46.93 -8.98
N HIS N 127 -37.24 47.60 -10.16
CA HIS N 127 -36.11 48.05 -10.91
C HIS N 127 -35.28 49.06 -10.15
N PRO N 128 -33.87 49.01 -10.09
CA PRO N 128 -33.17 49.93 -9.30
C PRO N 128 -33.44 51.40 -9.66
N THR N 129 -33.81 51.69 -10.96
CA THR N 129 -34.27 53.03 -11.45
C THR N 129 -35.51 53.56 -10.82
N ILE N 130 -36.43 52.67 -10.48
CA ILE N 130 -37.65 53.03 -9.83
C ILE N 130 -37.28 53.36 -8.36
N ILE N 131 -36.51 52.43 -7.67
CA ILE N 131 -36.17 52.65 -6.25
C ILE N 131 -35.39 53.88 -6.00
N ILE N 132 -34.58 54.34 -6.97
CA ILE N 132 -33.81 55.53 -6.93
C ILE N 132 -34.73 56.79 -6.91
N SER N 133 -35.62 56.78 -7.93
CA SER N 133 -36.68 57.81 -8.07
C SER N 133 -37.52 57.84 -6.85
N GLY N 134 -37.84 56.69 -6.28
CA GLY N 134 -38.51 56.62 -4.98
C GLY N 134 -37.80 57.39 -3.88
N TYR N 135 -36.50 56.97 -3.64
CA TYR N 135 -35.60 57.50 -2.59
C TYR N 135 -35.41 59.02 -2.72
N LYS N 136 -35.22 59.52 -4.03
CA LYS N 136 -35.18 60.97 -4.39
C LYS N 136 -36.36 61.74 -3.96
N LYS N 137 -37.51 61.28 -4.47
CA LYS N 137 -38.75 61.92 -4.11
C LYS N 137 -39.06 61.97 -2.62
N ALA N 138 -38.72 60.86 -1.87
CA ALA N 138 -38.86 60.72 -0.46
C ALA N 138 -37.95 61.65 0.35
N GLU N 139 -36.71 61.72 -0.19
CA GLU N 139 -35.65 62.60 0.38
C GLU N 139 -36.07 64.08 0.35
N GLU N 140 -36.61 64.52 -0.81
CA GLU N 140 -37.22 65.80 -1.10
C GLU N 140 -38.15 66.18 0.00
N VAL N 141 -39.23 65.43 0.25
CA VAL N 141 -40.18 65.62 1.30
C VAL N 141 -39.57 65.69 2.69
N ALA N 142 -38.75 64.68 2.98
CA ALA N 142 -37.89 64.61 4.18
C ALA N 142 -37.03 65.86 4.46
N LEU N 143 -36.54 66.51 3.34
CA LEU N 143 -35.78 67.78 3.52
C LEU N 143 -36.75 68.89 3.94
N GLN N 144 -37.77 69.22 3.04
CA GLN N 144 -38.76 70.34 3.28
C GLN N 144 -39.54 70.16 4.54
N THR N 145 -39.70 68.90 5.04
CA THR N 145 -40.31 68.56 6.34
C THR N 145 -39.51 69.02 7.48
N ILE N 146 -38.27 69.37 7.38
CA ILE N 146 -37.50 69.91 8.46
C ILE N 146 -37.69 71.42 8.46
N GLN N 147 -37.82 71.93 7.21
CA GLN N 147 -38.01 73.37 6.88
C GLN N 147 -39.27 73.87 7.43
N GLU N 148 -40.50 73.38 7.00
CA GLU N 148 -41.76 73.70 7.61
C GLU N 148 -42.01 73.01 8.95
N LEU N 149 -41.00 73.00 9.83
CA LEU N 149 -41.26 72.40 11.17
C LEU N 149 -40.18 72.83 12.17
N ALA N 150 -38.92 73.18 11.72
CA ALA N 150 -37.83 73.78 12.50
C ALA N 150 -38.29 75.07 13.18
N GLN N 151 -37.81 75.40 14.36
CA GLN N 151 -38.19 76.69 15.03
C GLN N 151 -37.00 77.61 14.90
N THR N 152 -37.32 78.91 14.62
CA THR N 152 -36.44 80.10 14.42
C THR N 152 -35.78 80.56 15.68
N VAL N 153 -34.43 80.36 15.76
CA VAL N 153 -33.63 80.48 16.98
C VAL N 153 -32.53 81.43 16.52
N SER N 154 -32.11 82.34 17.43
CA SER N 154 -31.19 83.44 17.15
C SER N 154 -30.42 83.88 18.44
N ILE N 155 -29.74 85.04 18.38
CA ILE N 155 -28.80 85.51 19.36
C ILE N 155 -29.31 85.56 20.83
N ASN N 156 -30.59 86.02 21.09
CA ASN N 156 -31.00 86.12 22.50
C ASN N 156 -31.84 84.95 22.97
N ASP N 157 -31.91 83.89 22.15
CA ASP N 157 -32.52 82.63 22.57
C ASP N 157 -31.43 81.71 23.16
N THR N 158 -30.72 82.25 24.23
CA THR N 158 -29.57 81.61 24.85
C THR N 158 -29.88 80.48 25.76
N ASP N 159 -31.15 80.49 26.34
CA ASP N 159 -31.66 79.32 27.11
C ASP N 159 -32.05 78.16 26.11
N LEU N 160 -32.09 78.40 24.82
CA LEU N 160 -32.26 77.34 23.80
C LEU N 160 -30.87 76.80 23.46
N LEU N 161 -29.88 77.67 23.22
CA LEU N 161 -28.54 77.23 23.00
C LEU N 161 -27.87 76.40 24.13
N ARG N 162 -28.28 76.65 25.38
CA ARG N 162 -27.92 75.82 26.53
C ARG N 162 -28.35 74.38 26.40
N LYS N 163 -29.43 74.15 25.72
CA LYS N 163 -29.94 72.83 25.52
C LYS N 163 -29.25 72.15 24.42
N ILE N 164 -29.31 72.74 23.21
CA ILE N 164 -28.43 72.38 22.07
C ILE N 164 -26.89 72.04 22.31
N ALA N 165 -26.33 72.69 23.32
CA ALA N 165 -25.00 72.38 23.94
C ALA N 165 -24.86 71.13 24.75
N MET N 166 -25.83 70.85 25.71
CA MET N 166 -25.88 69.68 26.47
C MET N 166 -26.09 68.44 25.57
N THR N 167 -26.97 68.56 24.57
CA THR N 167 -27.27 67.65 23.48
C THR N 167 -25.99 67.31 22.59
N SER N 168 -24.87 68.04 22.82
CA SER N 168 -23.64 67.98 22.04
C SER N 168 -22.72 67.23 22.97
N LEU N 169 -22.64 67.62 24.28
CA LEU N 169 -21.74 67.04 25.26
C LEU N 169 -22.17 65.65 25.75
N SER N 170 -23.50 65.45 25.81
CA SER N 170 -23.96 64.18 26.37
C SER N 170 -23.53 62.95 25.60
N SER N 171 -23.16 63.18 24.36
CA SER N 171 -22.72 62.13 23.38
C SER N 171 -21.23 61.90 23.40
N LYS N 172 -20.50 62.69 24.13
CA LYS N 172 -19.06 62.62 24.18
C LYS N 172 -18.63 61.68 25.30
N ALA N 173 -17.28 61.39 25.40
CA ALA N 173 -16.78 60.49 26.42
C ALA N 173 -16.43 61.05 27.76
N VAL N 174 -16.89 62.30 27.98
CA VAL N 174 -16.85 63.16 29.08
C VAL N 174 -18.19 63.40 29.63
N ALA N 175 -18.41 63.13 30.90
CA ALA N 175 -19.73 63.26 31.47
C ALA N 175 -19.71 64.23 32.72
N GLY N 176 -18.68 64.48 33.57
CA GLY N 176 -18.91 65.31 34.74
C GLY N 176 -19.01 66.68 34.48
N ALA N 177 -20.04 67.34 35.07
CA ALA N 177 -20.29 68.80 35.02
C ALA N 177 -20.51 69.29 33.60
N ARG N 178 -21.39 68.74 32.74
CA ARG N 178 -21.69 69.21 31.41
C ARG N 178 -22.57 70.40 31.34
N GLU N 179 -23.54 70.60 32.34
CA GLU N 179 -24.35 71.82 32.49
C GLU N 179 -23.59 73.10 32.58
N TYR N 180 -22.48 72.97 33.32
CA TYR N 180 -21.46 74.00 33.50
C TYR N 180 -20.85 74.37 32.27
N ILE N 181 -20.28 73.40 31.45
CA ILE N 181 -19.63 73.54 30.19
C ILE N 181 -20.68 74.02 29.15
N ALA N 182 -21.97 73.47 29.14
CA ALA N 182 -23.04 74.01 28.23
C ALA N 182 -23.24 75.51 28.47
N ASP N 183 -23.46 76.01 29.73
CA ASP N 183 -23.57 77.41 30.04
C ASP N 183 -22.39 78.25 29.52
N ILE N 184 -21.16 77.79 29.73
CA ILE N 184 -19.90 78.47 29.25
C ILE N 184 -20.00 78.62 27.73
N VAL N 185 -20.25 77.48 27.05
CA VAL N 185 -20.36 77.39 25.61
C VAL N 185 -21.23 78.36 24.90
N VAL N 186 -22.38 78.59 25.46
CA VAL N 186 -23.31 79.59 24.97
C VAL N 186 -22.70 80.99 25.07
N LYS N 187 -22.25 81.46 26.26
CA LYS N 187 -21.61 82.79 26.50
C LYS N 187 -20.29 83.02 25.63
N ALA N 188 -19.44 82.01 25.51
CA ALA N 188 -18.26 82.05 24.63
C ALA N 188 -18.62 82.39 23.20
N VAL N 189 -19.76 81.90 22.68
CA VAL N 189 -20.21 82.08 21.35
C VAL N 189 -20.90 83.41 21.13
N THR N 190 -21.98 83.74 21.97
CA THR N 190 -22.59 85.05 21.93
C THR N 190 -21.60 86.20 22.10
N GLN N 191 -20.46 86.07 22.74
CA GLN N 191 -19.44 87.02 22.87
C GLN N 191 -18.57 87.41 21.61
N VAL N 192 -18.21 86.41 20.78
CA VAL N 192 -17.44 86.53 19.59
C VAL N 192 -18.27 86.92 18.36
N ALA N 193 -19.55 86.58 18.40
CA ALA N 193 -20.62 86.81 17.39
C ALA N 193 -20.84 88.27 16.91
N GLU N 194 -20.92 88.34 15.53
CA GLU N 194 -21.13 89.60 14.86
C GLU N 194 -21.94 89.32 13.62
N LEU N 195 -22.27 90.37 12.80
CA LEU N 195 -23.04 90.27 11.55
C LEU N 195 -22.14 90.63 10.40
N ARG N 196 -22.20 89.77 9.31
CA ARG N 196 -21.38 89.96 8.19
C ARG N 196 -22.23 89.69 7.00
N GLY N 197 -22.37 90.61 6.07
CA GLY N 197 -23.38 90.48 5.02
C GLY N 197 -24.92 90.37 5.42
N ASP N 198 -25.31 91.05 6.49
CA ASP N 198 -26.64 91.00 7.17
C ASP N 198 -27.04 89.60 7.57
N LYS N 199 -26.10 88.84 8.01
CA LYS N 199 -26.32 87.47 8.43
C LYS N 199 -25.37 87.25 9.57
N TRP N 200 -25.77 86.43 10.49
CA TRP N 200 -24.87 86.24 11.61
C TRP N 200 -23.60 85.46 11.22
N TYR N 201 -22.45 85.73 11.90
CA TYR N 201 -21.21 85.04 11.73
C TYR N 201 -20.62 84.98 13.12
N VAL N 202 -19.85 83.91 13.37
CA VAL N 202 -19.34 83.59 14.64
C VAL N 202 -17.93 83.30 14.40
N ASP N 203 -17.11 84.17 14.96
CA ASP N 203 -15.69 84.16 14.91
C ASP N 203 -15.03 83.29 15.99
N LEU N 204 -15.02 81.97 15.89
CA LEU N 204 -14.41 80.99 16.90
C LEU N 204 -12.94 81.26 17.18
N ASP N 205 -12.20 81.70 16.20
CA ASP N 205 -10.79 82.10 16.36
C ASP N 205 -10.63 83.21 17.42
N ASN N 206 -11.70 84.04 17.71
CA ASN N 206 -11.63 85.00 18.77
C ASN N 206 -11.83 84.38 20.18
N ILE N 207 -11.68 83.03 20.30
CA ILE N 207 -11.77 82.18 21.51
C ILE N 207 -10.48 81.41 21.30
N GLN N 208 -9.69 81.54 22.35
CA GLN N 208 -8.35 80.86 22.53
C GLN N 208 -8.57 79.65 23.50
N ILE N 209 -7.86 78.52 23.30
CA ILE N 209 -8.18 77.35 24.05
C ILE N 209 -6.95 76.66 24.76
N VAL N 210 -6.93 76.71 26.12
CA VAL N 210 -5.79 76.33 26.93
C VAL N 210 -6.30 75.24 27.81
N LYS N 211 -5.47 74.23 28.11
CA LYS N 211 -5.88 73.03 28.91
C LYS N 211 -4.74 72.83 29.85
N LYS N 212 -4.99 72.53 31.14
CA LYS N 212 -3.97 72.19 32.07
C LYS N 212 -4.48 70.82 32.69
N ALA N 213 -3.58 69.84 32.80
CA ALA N 213 -3.87 68.54 33.33
C ALA N 213 -4.09 68.59 34.83
N GLY N 214 -5.01 67.79 35.27
CA GLY N 214 -5.42 67.78 36.66
C GLY N 214 -6.77 68.54 36.74
N GLY N 215 -7.14 68.98 37.96
CA GLY N 215 -8.44 69.64 38.30
C GLY N 215 -9.60 68.87 37.97
N SER N 216 -10.78 69.48 38.13
CA SER N 216 -12.12 68.89 37.90
C SER N 216 -12.79 69.71 36.79
N ILE N 217 -13.87 69.24 36.16
CA ILE N 217 -14.46 70.04 35.03
C ILE N 217 -15.15 71.27 35.73
N ASN N 218 -15.48 71.20 37.03
CA ASN N 218 -16.00 72.30 37.82
C ASN N 218 -15.00 73.44 38.17
N ASP N 219 -13.70 73.11 37.95
CA ASP N 219 -12.61 74.08 37.99
C ASP N 219 -12.29 74.83 36.70
N THR N 220 -13.17 74.78 35.70
CA THR N 220 -13.11 75.45 34.47
C THR N 220 -13.74 76.85 34.41
N GLN N 221 -13.19 77.77 33.57
CA GLN N 221 -13.72 79.13 33.50
C GLN N 221 -13.51 79.72 32.19
N LEU N 222 -14.22 80.90 32.06
CA LEU N 222 -14.17 81.76 30.88
C LEU N 222 -13.39 83.01 31.15
N VAL N 223 -12.49 83.39 30.20
CA VAL N 223 -11.59 84.52 30.37
C VAL N 223 -11.92 85.65 29.42
N TYR N 224 -11.93 86.88 29.90
CA TYR N 224 -12.17 87.99 28.96
C TYR N 224 -10.87 88.71 28.59
N GLY N 225 -10.03 87.84 27.99
CA GLY N 225 -8.69 88.16 27.59
C GLY N 225 -8.14 86.96 26.88
N ILE N 226 -6.92 87.14 26.28
CA ILE N 226 -6.22 86.07 25.70
C ILE N 226 -5.32 85.39 26.72
N VAL N 227 -5.07 84.12 26.61
CA VAL N 227 -4.30 83.41 27.61
C VAL N 227 -3.18 82.50 27.03
N VAL N 228 -1.89 82.85 27.38
CA VAL N 228 -0.68 82.28 26.86
C VAL N 228 -0.25 81.24 27.91
N ASP N 229 -0.24 79.96 27.42
CA ASP N 229 0.12 78.82 28.18
C ASP N 229 1.45 78.84 28.79
N LYS N 230 2.51 79.28 27.97
CA LYS N 230 3.85 79.61 28.35
C LYS N 230 3.95 80.65 29.47
N GLU N 231 4.66 80.17 30.57
CA GLU N 231 4.83 80.90 31.86
C GLU N 231 5.95 81.93 31.83
N VAL N 232 6.09 82.85 32.86
CA VAL N 232 7.18 83.79 32.73
C VAL N 232 8.59 83.17 32.82
N VAL N 233 9.63 83.85 32.33
CA VAL N 233 10.99 83.24 32.23
C VAL N 233 11.83 83.31 33.54
N HIS N 234 11.45 84.22 34.47
CA HIS N 234 12.20 84.43 35.72
C HIS N 234 11.27 84.89 36.84
N PRO N 235 11.36 84.38 38.09
CA PRO N 235 10.48 84.74 39.24
C PRO N 235 10.83 86.11 39.71
N GLY N 236 11.98 86.79 39.36
CA GLY N 236 12.32 88.08 39.87
C GLY N 236 11.64 89.27 39.08
N MET N 237 11.02 88.96 37.95
CA MET N 237 10.34 89.98 37.18
C MET N 237 8.99 90.36 37.85
N PRO N 238 8.30 91.39 37.53
CA PRO N 238 7.02 91.70 38.13
C PRO N 238 6.10 90.92 37.29
N LYS N 239 5.54 89.94 37.99
CA LYS N 239 4.60 89.03 37.40
C LYS N 239 3.18 89.51 37.50
N ARG N 240 3.00 90.82 37.18
CA ARG N 240 1.68 91.49 37.12
C ARG N 240 2.01 92.90 36.89
N LEU N 241 1.92 93.35 35.61
CA LEU N 241 2.16 94.66 35.21
C LEU N 241 0.90 95.31 34.75
N GLU N 242 0.81 96.59 35.15
CA GLU N 242 -0.21 97.44 34.81
C GLU N 242 -0.03 98.22 33.43
N ASN N 243 -1.08 98.29 32.56
CA ASN N 243 -1.00 98.97 31.23
C ASN N 243 0.00 98.30 30.35
N ALA N 244 -0.38 97.10 29.85
CA ALA N 244 0.50 96.21 29.05
C ALA N 244 0.75 96.76 27.65
N LYS N 245 1.98 97.07 27.25
CA LYS N 245 2.33 97.52 25.93
C LYS N 245 3.17 96.40 25.27
N ILE N 246 2.48 95.30 24.90
CA ILE N 246 3.05 94.06 24.43
C ILE N 246 4.00 94.24 23.25
N ALA N 247 5.16 93.39 23.29
CA ALA N 247 6.21 93.31 22.25
C ALA N 247 6.35 91.88 21.82
N LEU N 248 5.67 91.55 20.69
CA LEU N 248 5.75 90.36 19.93
C LEU N 248 7.04 90.31 19.12
N ILE N 249 8.15 89.82 19.67
CA ILE N 249 9.41 89.69 19.06
C ILE N 249 9.71 88.21 18.59
N ASP N 250 9.63 87.99 17.27
CA ASP N 250 10.15 86.81 16.55
C ASP N 250 11.64 87.09 16.20
N ALA N 251 12.45 87.67 17.13
CA ALA N 251 13.81 87.95 16.94
C ALA N 251 14.49 87.25 18.11
N SER N 252 15.71 86.59 17.84
CA SER N 252 16.36 85.89 18.93
C SER N 252 17.04 86.83 19.84
N LEU N 253 16.84 86.57 21.11
CA LEU N 253 17.56 87.44 22.11
C LEU N 253 18.31 86.49 23.11
N GLU N 254 18.95 85.39 22.64
CA GLU N 254 19.83 84.47 23.39
C GLU N 254 21.29 84.42 22.82
N VAL N 255 22.24 84.13 23.69
CA VAL N 255 23.62 84.04 23.36
C VAL N 255 23.97 82.57 23.06
N GLU N 256 24.76 82.32 21.98
CA GLU N 256 25.18 81.05 21.39
C GLU N 256 26.53 81.44 20.69
N LYS N 257 27.36 80.46 20.57
CA LYS N 257 28.68 80.52 19.95
C LYS N 257 28.70 80.97 18.48
N PRO N 258 29.72 81.71 17.95
CA PRO N 258 29.80 82.21 16.56
C PRO N 258 29.26 81.29 15.36
N GLU N 259 28.55 81.98 14.43
CA GLU N 259 27.92 81.35 13.23
C GLU N 259 28.14 82.17 11.90
N LEU N 260 28.62 83.41 11.94
CA LEU N 260 28.80 84.29 10.82
C LEU N 260 30.09 85.18 10.84
N ASP N 261 30.97 85.16 11.88
CA ASP N 261 32.23 85.95 11.86
C ASP N 261 33.26 85.49 10.86
N ALA N 262 33.34 84.19 10.64
CA ALA N 262 34.24 83.55 9.74
C ALA N 262 33.74 82.10 9.49
N GLU N 263 34.32 81.47 8.43
CA GLU N 263 33.92 80.07 8.16
C GLU N 263 34.65 79.04 9.04
N ILE N 264 35.97 79.12 9.15
CA ILE N 264 36.85 78.30 9.97
C ILE N 264 36.43 77.89 11.34
N ARG N 265 37.04 76.95 11.96
CA ARG N 265 36.78 76.62 13.36
C ARG N 265 37.62 77.59 14.29
N ILE N 266 37.05 77.97 15.48
CA ILE N 266 37.85 78.74 16.40
C ILE N 266 38.63 77.79 17.23
N ASN N 267 39.99 78.06 17.48
CA ASN N 267 40.82 77.16 18.25
C ASN N 267 41.59 77.89 19.34
N ASP N 268 41.62 79.25 19.34
CA ASP N 268 42.35 80.05 20.23
C ASP N 268 41.34 80.56 21.38
N PRO N 269 41.40 80.20 22.63
CA PRO N 269 40.44 80.63 23.60
C PRO N 269 40.49 82.09 24.00
N THR N 270 41.64 82.79 23.62
CA THR N 270 41.69 84.21 23.75
C THR N 270 40.63 84.83 22.79
N GLN N 271 40.47 84.25 21.55
CA GLN N 271 39.52 84.74 20.51
C GLN N 271 38.10 84.42 20.85
N MET N 272 37.83 83.30 21.46
CA MET N 272 36.55 82.83 22.08
C MET N 272 36.01 83.82 23.05
N GLN N 273 36.71 84.12 24.12
CA GLN N 273 36.42 85.18 25.05
C GLN N 273 36.06 86.48 24.37
N LYS N 274 36.98 87.11 23.63
CA LYS N 274 36.65 88.36 22.96
C LYS N 274 35.46 88.38 21.98
N PHE N 275 35.01 87.19 21.57
CA PHE N 275 33.84 86.85 20.74
C PHE N 275 32.53 86.77 21.57
N LEU N 276 32.47 85.94 22.64
CA LEU N 276 31.38 85.68 23.49
C LEU N 276 31.12 86.78 24.54
N ASP N 277 32.16 87.64 24.76
CA ASP N 277 32.10 88.89 25.50
C ASP N 277 31.33 89.84 24.58
N GLU N 278 31.72 89.99 23.33
CA GLU N 278 31.11 90.94 22.44
C GLU N 278 29.59 90.60 22.03
N GLU N 279 29.22 89.31 21.96
CA GLU N 279 27.81 88.80 21.81
C GLU N 279 26.86 89.11 22.94
N GLU N 280 27.45 89.20 24.13
CA GLU N 280 26.72 89.53 25.29
C GLU N 280 26.40 91.03 25.43
N ASN N 281 27.22 91.98 25.02
CA ASN N 281 26.74 93.36 24.89
C ASN N 281 25.96 93.53 23.61
N LEU N 282 26.07 92.62 22.68
CA LEU N 282 25.29 92.63 21.45
C LEU N 282 23.80 92.28 21.73
N ILE N 283 23.58 91.31 22.63
CA ILE N 283 22.27 90.85 22.91
C ILE N 283 21.49 91.83 23.78
N LYS N 284 22.17 92.48 24.75
CA LYS N 284 21.63 93.59 25.48
C LYS N 284 21.30 94.86 24.67
N GLU N 285 22.02 95.08 23.56
CA GLU N 285 21.75 96.09 22.55
C GLU N 285 20.39 95.75 21.95
N LYS N 286 20.21 94.56 21.41
CA LYS N 286 18.98 94.15 20.71
C LYS N 286 17.74 94.38 21.60
N VAL N 287 17.79 93.92 22.94
CA VAL N 287 16.77 94.17 23.95
C VAL N 287 16.65 95.66 24.18
N ASP N 288 17.76 96.47 24.32
CA ASP N 288 17.72 97.87 24.62
C ASP N 288 17.03 98.64 23.41
N LYS N 289 17.22 98.18 22.17
CA LYS N 289 16.63 98.57 20.89
C LYS N 289 15.13 98.23 20.91
N ILE N 290 14.63 97.26 21.68
CA ILE N 290 13.20 96.98 21.78
C ILE N 290 12.59 97.83 22.89
N LEU N 291 13.23 97.96 24.07
CA LEU N 291 12.75 98.78 25.08
C LEU N 291 12.73 100.26 24.80
N ALA N 292 13.38 100.74 23.73
CA ALA N 292 13.34 102.03 23.16
C ALA N 292 11.88 102.46 22.77
N THR N 293 10.92 101.46 22.75
CA THR N 293 9.61 101.63 22.28
C THR N 293 8.68 101.76 23.49
N GLY N 294 9.06 101.32 24.73
CA GLY N 294 8.31 101.54 26.02
C GLY N 294 7.46 100.33 26.39
N ALA N 295 7.68 99.24 25.65
CA ALA N 295 7.02 97.94 25.83
C ALA N 295 7.49 97.39 27.21
N ASN N 296 6.59 97.32 28.23
CA ASN N 296 6.90 96.95 29.57
C ASN N 296 6.73 95.41 29.66
N VAL N 297 6.38 94.74 28.61
CA VAL N 297 6.18 93.32 28.50
C VAL N 297 6.79 92.91 27.14
N ILE N 298 7.38 91.72 27.03
CA ILE N 298 8.08 91.23 25.88
C ILE N 298 7.87 89.72 25.75
N ILE N 299 7.26 89.31 24.58
CA ILE N 299 7.02 87.90 24.43
C ILE N 299 7.73 87.54 23.11
N CYS N 300 8.30 86.34 23.05
CA CYS N 300 8.94 85.87 21.84
C CYS N 300 8.57 84.37 21.58
N GLN N 301 9.07 83.82 20.43
CA GLN N 301 8.90 82.49 19.93
C GLN N 301 10.24 81.78 20.16
N LYS N 302 11.22 82.58 20.36
CA LYS N 302 12.60 82.21 20.59
C LYS N 302 13.03 82.52 22.00
N GLY N 303 14.35 82.52 22.26
CA GLY N 303 14.85 82.81 23.54
C GLY N 303 14.94 84.24 23.95
N ILE N 304 15.08 84.47 25.27
CA ILE N 304 15.43 85.77 25.84
C ILE N 304 16.41 85.43 26.97
N ASP N 305 17.76 85.66 26.77
CA ASP N 305 18.93 85.29 27.58
C ASP N 305 18.89 85.52 29.13
N GLU N 306 19.76 84.95 29.97
CA GLU N 306 19.72 85.26 31.32
C GLU N 306 20.21 86.68 31.57
N VAL N 307 21.06 87.21 30.62
CA VAL N 307 21.59 88.54 30.77
C VAL N 307 20.54 89.53 30.27
N ALA N 308 19.77 89.03 29.27
CA ALA N 308 18.64 89.82 28.90
C ALA N 308 17.53 89.81 29.95
N GLN N 309 17.49 88.81 30.86
CA GLN N 309 16.54 88.77 31.98
C GLN N 309 16.96 89.70 33.10
N SER N 310 18.16 89.80 33.55
CA SER N 310 18.68 90.79 34.63
C SER N 310 18.48 92.26 34.14
N TYR N 311 18.54 92.45 32.81
CA TYR N 311 18.33 93.70 32.15
C TYR N 311 16.84 94.03 32.16
N LEU N 312 15.93 93.13 31.83
CA LEU N 312 14.49 93.36 31.86
C LEU N 312 14.02 93.52 33.32
N ALA N 313 14.71 92.83 34.19
CA ALA N 313 14.38 92.90 35.63
C ALA N 313 14.63 94.21 36.20
N LYS N 314 15.73 94.84 35.83
CA LYS N 314 15.96 96.13 36.32
C LYS N 314 15.10 97.30 35.81
N LYS N 315 14.63 97.09 34.60
CA LYS N 315 13.77 97.96 33.86
C LYS N 315 12.35 97.84 34.26
N GLY N 316 11.96 96.71 34.84
CA GLY N 316 10.54 96.54 35.19
C GLY N 316 9.64 95.88 34.09
N VAL N 317 10.25 94.86 33.44
CA VAL N 317 9.65 94.24 32.29
C VAL N 317 9.22 92.86 32.65
N LEU N 318 8.16 92.34 32.03
CA LEU N 318 7.65 91.01 32.24
C LEU N 318 7.81 90.24 31.00
N ALA N 319 8.66 89.17 31.06
CA ALA N 319 8.92 88.42 29.89
C ALA N 319 8.60 86.98 29.81
N VAL N 320 8.23 86.47 28.59
CA VAL N 320 7.89 85.06 28.31
C VAL N 320 8.85 84.76 27.13
N ARG N 321 9.51 83.57 27.09
CA ARG N 321 10.32 83.24 25.92
C ARG N 321 9.73 81.90 25.37
N ARG N 322 9.84 81.66 24.07
CA ARG N 322 9.30 80.46 23.50
C ARG N 322 7.84 80.23 23.71
N ALA N 323 6.98 81.25 23.53
CA ALA N 323 5.60 81.02 23.46
C ALA N 323 5.30 80.64 22.04
N LYS N 324 4.46 79.60 21.85
CA LYS N 324 4.13 78.99 20.56
C LYS N 324 3.46 79.94 19.63
N LYS N 325 3.83 79.88 18.33
CA LYS N 325 3.30 80.82 17.29
C LYS N 325 1.79 80.80 17.19
N SER N 326 1.20 79.69 17.50
CA SER N 326 -0.21 79.39 17.64
C SER N 326 -0.96 80.41 18.53
N ASP N 327 -0.26 80.95 19.55
CA ASP N 327 -0.87 81.85 20.53
C ASP N 327 -0.46 83.27 20.15
N LEU N 328 0.66 83.43 19.45
CA LEU N 328 1.10 84.70 18.97
C LEU N 328 0.13 85.39 18.03
N GLU N 329 -0.43 84.62 17.08
CA GLU N 329 -1.55 85.00 16.18
C GLU N 329 -2.78 85.43 16.92
N LYS N 330 -3.30 84.63 17.82
CA LYS N 330 -4.41 84.87 18.75
C LYS N 330 -4.18 86.10 19.65
N LEU N 331 -2.95 86.45 20.00
CA LEU N 331 -2.63 87.62 20.86
C LEU N 331 -2.37 88.89 19.92
N ALA N 332 -2.02 88.67 18.64
CA ALA N 332 -1.79 89.69 17.66
C ALA N 332 -3.09 90.51 17.46
N ARG N 333 -4.16 89.96 16.83
CA ARG N 333 -5.26 90.81 16.69
C ARG N 333 -6.03 90.97 17.97
N ALA N 334 -5.56 90.39 19.13
CA ALA N 334 -6.26 90.67 20.37
C ALA N 334 -5.87 91.99 21.01
N THR N 335 -4.60 92.28 20.99
CA THR N 335 -3.99 93.40 21.62
C THR N 335 -3.75 94.55 20.63
N GLY N 336 -4.09 94.29 19.33
CA GLY N 336 -3.86 95.09 18.11
C GLY N 336 -2.39 95.10 17.61
N GLY N 337 -1.61 94.04 18.00
CA GLY N 337 -0.12 94.12 17.86
C GLY N 337 0.37 93.48 16.59
N ARG N 338 1.60 93.69 16.14
CA ARG N 338 2.16 93.16 14.91
C ARG N 338 3.24 92.37 15.42
N VAL N 339 3.39 91.19 14.82
CA VAL N 339 4.47 90.28 15.12
C VAL N 339 5.68 90.75 14.34
N VAL N 340 6.80 90.99 15.02
CA VAL N 340 8.01 91.52 14.41
C VAL N 340 9.08 90.55 14.57
N SER N 341 9.77 90.25 13.46
CA SER N 341 10.88 89.25 13.36
C SER N 341 12.28 89.84 13.36
N ASN N 342 12.38 91.17 13.56
CA ASN N 342 13.69 91.82 13.57
C ASN N 342 13.72 93.10 14.43
N ILE N 343 14.76 93.27 15.29
CA ILE N 343 14.96 94.45 16.12
C ILE N 343 15.03 95.81 15.38
N ASP N 344 15.55 95.92 14.11
CA ASP N 344 15.63 97.13 13.36
C ASP N 344 14.24 97.50 12.77
N GLU N 345 13.22 96.74 13.19
CA GLU N 345 11.90 96.98 12.54
C GLU N 345 10.79 97.30 13.52
N ILE N 346 11.15 97.26 14.86
CA ILE N 346 10.16 97.49 15.90
C ILE N 346 9.91 98.96 16.02
N SER N 347 8.69 99.39 16.34
CA SER N 347 8.30 100.74 16.68
C SER N 347 7.13 100.75 17.67
N GLU N 348 6.76 101.99 17.99
CA GLU N 348 5.65 102.33 18.83
C GLU N 348 4.29 102.05 18.19
N GLN N 349 4.21 101.85 16.86
CA GLN N 349 2.96 101.47 16.19
C GLN N 349 2.81 99.95 16.27
N ASP N 350 3.89 99.18 16.09
CA ASP N 350 3.92 97.75 16.15
C ASP N 350 3.49 97.11 17.47
N LEU N 351 3.85 97.72 18.58
CA LEU N 351 3.45 97.14 19.84
C LEU N 351 1.95 97.14 20.05
N GLY N 352 1.46 96.10 20.81
CA GLY N 352 0.04 95.77 21.16
C GLY N 352 -0.18 96.37 22.47
N TYR N 353 -1.41 96.28 22.95
CA TYR N 353 -1.85 96.82 24.26
C TYR N 353 -2.95 95.89 24.90
N ALA N 354 -3.07 96.00 26.20
CA ALA N 354 -4.03 95.41 27.08
C ALA N 354 -4.03 96.22 28.39
N SER N 355 -5.04 96.02 29.30
CA SER N 355 -5.02 96.80 30.58
C SER N 355 -4.08 96.25 31.66
N LEU N 356 -3.99 94.87 31.75
CA LEU N 356 -3.16 94.24 32.77
C LEU N 356 -2.74 92.81 32.33
N ILE N 357 -1.41 92.43 32.39
CA ILE N 357 -0.90 91.08 32.12
C ILE N 357 -0.35 90.58 33.46
N GLU N 358 -0.56 89.30 33.77
CA GLU N 358 -0.01 88.77 35.01
C GLU N 358 0.26 87.29 34.73
N GLU N 359 0.94 86.62 35.65
CA GLU N 359 1.04 85.14 35.66
C GLU N 359 0.13 84.60 36.74
N ARG N 360 -0.78 83.52 36.47
CA ARG N 360 -1.70 83.01 37.48
C ARG N 360 -1.64 81.49 37.44
N LYS N 361 -1.60 80.86 38.59
CA LYS N 361 -1.62 79.45 38.83
C LYS N 361 -3.04 78.97 39.08
N VAL N 362 -3.61 78.29 38.13
CA VAL N 362 -5.01 77.82 38.27
C VAL N 362 -5.08 76.50 38.93
N GLY N 363 -3.95 75.81 39.09
CA GLY N 363 -4.04 74.56 39.76
C GLY N 363 -2.65 74.04 40.02
N GLU N 364 -2.30 72.85 39.47
CA GLU N 364 -0.99 72.33 39.79
C GLU N 364 -0.01 73.08 38.90
N ASP N 365 -0.38 73.53 37.66
CA ASP N 365 0.46 74.33 36.76
C ASP N 365 -0.11 75.77 36.69
N LYS N 366 0.66 76.69 36.06
CA LYS N 366 0.37 78.06 35.94
C LYS N 366 0.45 78.67 34.49
N MET N 367 -0.11 79.78 34.28
CA MET N 367 -0.07 80.49 32.92
C MET N 367 -0.27 82.00 32.96
N VAL N 368 0.06 82.65 31.79
CA VAL N 368 -0.06 84.10 31.69
C VAL N 368 -1.43 84.54 31.18
N PHE N 369 -2.02 85.54 31.79
CA PHE N 369 -3.30 85.98 31.36
C PHE N 369 -3.10 87.35 30.81
N VAL N 370 -3.85 87.78 29.88
CA VAL N 370 -3.69 89.06 29.25
C VAL N 370 -5.05 89.63 29.21
N GLU N 371 -5.71 89.82 30.38
CA GLU N 371 -7.10 90.23 30.52
C GLU N 371 -7.15 91.67 30.21
N GLY N 372 -8.38 92.09 29.71
CA GLY N 372 -8.49 93.48 29.29
C GLY N 372 -7.90 93.75 27.99
N ALA N 373 -7.88 92.72 27.12
CA ALA N 373 -7.35 92.81 25.79
C ALA N 373 -8.24 93.64 24.86
N LYS N 374 -7.46 94.50 24.19
CA LYS N 374 -7.84 95.60 23.31
C LYS N 374 -9.03 95.25 22.45
N ASN N 375 -9.14 94.05 21.90
CA ASN N 375 -10.29 93.70 21.13
C ASN N 375 -11.38 93.02 22.03
N PRO N 376 -12.63 93.46 22.26
CA PRO N 376 -13.58 92.89 23.21
C PRO N 376 -13.99 91.47 22.90
N LYS N 377 -14.00 91.10 21.58
CA LYS N 377 -14.34 89.77 21.21
C LYS N 377 -13.33 88.68 21.68
N SER N 378 -12.02 89.07 21.80
CA SER N 378 -10.96 88.10 22.07
C SER N 378 -11.10 87.56 23.44
N ILE N 379 -11.43 86.25 23.64
CA ILE N 379 -11.67 85.52 24.94
C ILE N 379 -10.86 84.25 24.99
N SER N 380 -10.81 83.58 26.12
CA SER N 380 -10.17 82.25 26.26
C SER N 380 -11.04 81.30 27.00
N ILE N 381 -10.81 79.96 26.81
CA ILE N 381 -11.50 78.99 27.68
C ILE N 381 -10.39 78.26 28.45
N LEU N 382 -10.49 77.92 29.81
CA LEU N 382 -9.46 77.21 30.50
C LEU N 382 -10.09 75.95 30.85
N ILE N 383 -9.59 74.93 30.16
CA ILE N 383 -9.99 73.56 30.37
C ILE N 383 -9.13 72.84 31.40
N ARG N 384 -9.80 71.96 32.25
CA ARG N 384 -9.21 71.20 33.39
C ARG N 384 -10.21 70.03 33.45
N GLY N 385 -9.92 68.89 34.17
CA GLY N 385 -10.80 67.73 34.23
C GLY N 385 -10.04 66.45 34.20
N GLY N 386 -9.26 66.11 35.28
CA GLY N 386 -8.46 64.88 35.33
C GLY N 386 -7.25 64.88 34.52
N LEU N 387 -6.64 63.63 34.41
CA LEU N 387 -5.37 63.48 33.68
C LEU N 387 -5.32 63.81 32.20
N GLU N 388 -4.08 63.73 31.67
CA GLU N 388 -3.54 64.22 30.46
C GLU N 388 -4.27 63.85 29.15
N ARG N 389 -5.05 62.80 29.23
CA ARG N 389 -5.89 62.36 28.17
C ARG N 389 -7.30 62.65 28.47
N LEU N 390 -7.68 62.66 29.74
CA LEU N 390 -9.05 63.05 30.12
C LEU N 390 -9.39 64.48 29.88
N VAL N 391 -8.41 65.39 30.22
CA VAL N 391 -8.44 66.82 29.93
C VAL N 391 -8.51 67.11 28.46
N ASP N 392 -7.72 66.25 27.77
CA ASP N 392 -7.69 66.29 26.35
C ASP N 392 -9.06 66.05 25.65
N GLU N 393 -9.86 64.99 26.06
CA GLU N 393 -11.13 64.85 25.44
C GLU N 393 -12.18 65.73 25.90
N THR N 394 -11.95 66.43 27.02
CA THR N 394 -12.75 67.56 27.46
C THR N 394 -12.54 68.75 26.60
N GLU N 395 -11.37 68.91 26.08
CA GLU N 395 -11.07 69.98 25.14
C GLU N 395 -11.81 69.68 23.79
N ARG N 396 -11.92 68.43 23.25
CA ARG N 396 -12.60 68.05 22.06
C ARG N 396 -14.06 68.33 22.25
N ALA N 397 -14.67 67.75 23.30
CA ALA N 397 -16.14 67.92 23.69
C ALA N 397 -16.54 69.32 23.74
N LEU N 398 -15.75 70.22 24.36
CA LEU N 398 -15.96 71.68 24.40
C LEU N 398 -15.75 72.37 23.01
N ARG N 399 -14.79 72.01 22.12
CA ARG N 399 -14.63 72.54 20.77
C ARG N 399 -15.82 72.33 19.93
N ASP N 400 -16.32 71.05 19.91
CA ASP N 400 -17.42 70.56 19.16
C ASP N 400 -18.71 71.20 19.66
N ALA N 401 -18.89 71.29 20.98
CA ALA N 401 -19.99 71.97 21.61
C ALA N 401 -20.19 73.43 21.19
N LEU N 402 -19.03 74.22 21.13
CA LEU N 402 -18.97 75.63 20.64
C LEU N 402 -19.27 75.67 19.30
N GLY N 403 -18.60 74.92 18.42
CA GLY N 403 -18.78 74.74 17.03
C GLY N 403 -20.29 74.54 16.68
N THR N 404 -20.88 73.53 17.27
CA THR N 404 -22.24 73.20 17.16
C THR N 404 -23.30 74.33 17.54
N VAL N 405 -23.21 74.97 18.75
CA VAL N 405 -24.02 76.06 19.18
C VAL N 405 -23.95 77.27 18.22
N ALA N 406 -22.74 77.60 17.72
CA ALA N 406 -22.52 78.56 16.64
C ALA N 406 -23.11 78.22 15.30
N ASP N 407 -23.15 76.93 14.83
CA ASP N 407 -23.77 76.62 13.52
C ASP N 407 -25.19 76.85 13.56
N VAL N 408 -25.82 76.63 14.72
CA VAL N 408 -27.24 76.98 14.95
C VAL N 408 -27.54 78.41 14.88
N ILE N 409 -26.70 79.36 15.40
CA ILE N 409 -26.84 80.80 15.26
C ILE N 409 -26.65 81.22 13.84
N LYS N 410 -25.62 80.67 13.12
CA LYS N 410 -25.26 80.92 11.73
C LYS N 410 -26.32 80.58 10.75
N ASP N 411 -27.23 79.56 11.07
CA ASP N 411 -28.30 79.06 10.29
C ASP N 411 -29.63 79.69 10.82
N GLY N 412 -30.09 79.30 12.00
CA GLY N 412 -31.25 79.88 12.59
C GLY N 412 -32.33 78.91 12.91
N ARG N 413 -32.02 77.61 12.70
CA ARG N 413 -33.02 76.55 12.88
C ARG N 413 -32.69 75.51 13.94
N ALA N 414 -33.73 75.15 14.69
CA ALA N 414 -33.53 74.12 15.64
C ALA N 414 -34.74 73.25 15.94
N ILE N 415 -34.62 71.91 15.96
CA ILE N 415 -35.63 70.91 16.05
C ILE N 415 -35.50 70.20 17.38
N ALA N 416 -36.51 69.43 17.81
CA ALA N 416 -36.47 68.63 19.00
C ALA N 416 -35.71 67.35 18.76
N GLY N 417 -34.67 66.89 19.46
CA GLY N 417 -34.01 65.61 19.14
C GLY N 417 -34.67 64.38 19.67
N GLY N 418 -33.87 63.28 19.83
CA GLY N 418 -34.48 62.04 20.35
C GLY N 418 -35.45 61.31 19.48
N GLY N 419 -35.37 61.41 18.11
CA GLY N 419 -36.30 60.69 17.25
C GLY N 419 -37.56 61.44 16.79
N ALA N 420 -37.86 62.63 17.39
CA ALA N 420 -39.09 63.37 17.21
C ALA N 420 -39.45 63.68 15.81
N VAL N 421 -38.55 64.40 15.06
CA VAL N 421 -38.64 64.68 13.71
C VAL N 421 -38.57 63.49 12.72
N GLU N 422 -37.82 62.45 13.10
CA GLU N 422 -37.56 61.23 12.38
C GLU N 422 -38.81 60.52 12.14
N ILE N 423 -39.46 60.04 13.20
CA ILE N 423 -40.71 59.29 13.20
C ILE N 423 -41.73 60.06 12.35
N GLU N 424 -41.70 61.43 12.38
CA GLU N 424 -42.59 62.32 11.65
C GLU N 424 -42.40 62.23 10.11
N ILE N 425 -41.17 62.50 9.74
CA ILE N 425 -40.59 62.32 8.37
C ILE N 425 -40.77 60.89 7.80
N ALA N 426 -40.88 59.84 8.69
CA ALA N 426 -41.29 58.49 8.32
C ALA N 426 -42.80 58.58 8.08
N LYS N 427 -43.58 58.81 9.10
CA LYS N 427 -45.00 58.96 9.06
C LYS N 427 -45.54 59.69 7.92
N LYS N 428 -45.18 60.90 7.60
CA LYS N 428 -45.57 61.70 6.47
C LYS N 428 -45.33 61.05 5.08
N LEU N 429 -44.30 60.27 4.96
CA LEU N 429 -43.94 59.45 3.84
C LEU N 429 -44.82 58.27 3.76
N ARG N 430 -45.14 57.67 4.92
CA ARG N 430 -46.09 56.52 4.90
C ARG N 430 -47.48 56.94 4.28
N LYS N 431 -47.98 58.13 4.70
CA LYS N 431 -49.22 58.82 4.26
C LYS N 431 -49.09 59.20 2.76
N TYR N 432 -47.89 59.55 2.30
CA TYR N 432 -47.61 59.97 0.94
C TYR N 432 -47.60 58.82 -0.08
N ALA N 433 -46.79 57.76 0.17
CA ALA N 433 -46.66 56.53 -0.63
C ALA N 433 -47.91 56.17 -1.45
N PRO N 434 -49.06 55.86 -0.91
CA PRO N 434 -50.31 55.64 -1.71
C PRO N 434 -50.56 56.48 -2.96
N GLN N 435 -50.34 57.80 -2.89
CA GLN N 435 -50.65 58.79 -3.94
C GLN N 435 -49.49 58.96 -4.96
N VAL N 436 -48.26 58.58 -4.60
CA VAL N 436 -47.08 58.67 -5.47
C VAL N 436 -47.17 57.88 -6.86
N GLY N 437 -47.80 56.62 -6.84
CA GLY N 437 -48.07 55.76 -7.94
C GLY N 437 -47.80 54.26 -7.73
N GLY N 438 -47.51 53.45 -8.78
CA GLY N 438 -47.36 52.01 -8.63
C GLY N 438 -46.22 51.50 -7.80
N LYS N 439 -45.11 51.21 -8.48
CA LYS N 439 -43.91 50.63 -7.93
C LYS N 439 -43.14 51.62 -7.02
N GLU N 440 -42.91 52.89 -7.44
CA GLU N 440 -42.27 54.01 -6.68
C GLU N 440 -42.84 54.20 -5.31
N GLN N 441 -44.10 53.93 -5.15
CA GLN N 441 -44.85 53.94 -3.90
C GLN N 441 -44.10 53.06 -2.88
N LEU N 442 -43.84 51.77 -3.23
CA LEU N 442 -43.01 50.87 -2.43
C LEU N 442 -41.66 51.30 -2.02
N ALA N 443 -40.94 51.95 -2.95
CA ALA N 443 -39.70 52.65 -2.60
C ALA N 443 -39.86 53.75 -1.47
N VAL N 444 -40.87 54.66 -1.60
CA VAL N 444 -41.16 55.66 -0.58
C VAL N 444 -41.57 54.94 0.72
N GLU N 445 -42.46 53.90 0.66
CA GLU N 445 -42.78 53.12 1.86
C GLU N 445 -41.54 52.53 2.56
N ALA N 446 -40.53 52.09 1.75
CA ALA N 446 -39.26 51.64 2.25
C ALA N 446 -38.51 52.64 2.98
N TYR N 447 -38.19 53.84 2.42
CA TYR N 447 -37.56 55.01 3.09
C TYR N 447 -38.15 55.30 4.49
N ALA N 448 -39.48 55.19 4.54
CA ALA N 448 -40.32 55.40 5.77
C ALA N 448 -40.04 54.33 6.78
N ASN N 449 -40.10 53.03 6.39
CA ASN N 449 -39.77 51.93 7.29
C ASN N 449 -38.27 52.12 7.84
N ALA N 450 -37.32 52.44 6.94
CA ALA N 450 -35.91 52.63 7.25
C ALA N 450 -35.63 53.68 8.32
N LEU N 451 -36.33 54.80 8.31
CA LEU N 451 -36.28 55.82 9.28
C LEU N 451 -36.76 55.44 10.61
N GLU N 452 -37.86 54.64 10.68
CA GLU N 452 -38.40 54.17 12.02
C GLU N 452 -37.44 53.14 12.61
N SER N 453 -36.80 52.27 11.76
CA SER N 453 -35.68 51.44 12.15
C SER N 453 -34.51 52.22 12.82
N LEU N 454 -34.15 53.48 12.34
CA LEU N 454 -33.17 54.43 12.85
C LEU N 454 -33.34 54.74 14.29
N VAL N 455 -34.64 55.02 14.59
CA VAL N 455 -35.11 55.23 15.93
C VAL N 455 -35.08 53.90 16.76
N SER N 456 -35.27 52.72 16.14
CA SER N 456 -35.22 51.44 16.83
C SER N 456 -33.86 51.15 17.29
N ILE N 457 -32.83 51.31 16.44
CA ILE N 457 -31.39 51.20 16.83
C ILE N 457 -31.09 52.16 18.06
N LEU N 458 -31.67 53.37 17.94
CA LEU N 458 -31.53 54.34 19.01
C LEU N 458 -32.16 53.80 20.36
N ILE N 459 -33.42 53.24 20.30
CA ILE N 459 -34.09 52.66 21.45
C ILE N 459 -33.33 51.48 21.90
N GLU N 460 -32.96 50.52 21.03
CA GLU N 460 -32.16 49.32 21.17
C GLU N 460 -30.97 49.63 21.98
N ASN N 461 -30.09 50.61 21.65
CA ASN N 461 -28.92 50.95 22.45
C ASN N 461 -29.23 51.39 23.88
N ALA N 462 -30.49 51.69 24.21
CA ALA N 462 -30.88 51.86 25.57
C ALA N 462 -31.19 50.54 26.39
N GLY N 463 -31.54 49.40 25.72
CA GLY N 463 -31.75 48.08 26.25
C GLY N 463 -33.24 47.80 26.41
N PHE N 464 -34.10 48.72 26.01
CA PHE N 464 -35.56 48.56 25.95
C PHE N 464 -36.15 48.11 24.64
N ASP N 465 -37.37 47.52 24.71
CA ASP N 465 -38.00 46.98 23.53
C ASP N 465 -38.23 48.07 22.41
N PRO N 466 -37.54 48.01 21.24
CA PRO N 466 -37.78 48.92 20.11
C PRO N 466 -39.20 49.20 19.56
N ILE N 467 -39.99 48.19 19.30
CA ILE N 467 -41.27 48.39 18.73
C ILE N 467 -42.18 49.13 19.67
N ASP N 468 -42.25 48.71 20.93
CA ASP N 468 -43.10 49.27 21.88
C ASP N 468 -43.12 50.73 22.01
N LEU N 469 -41.91 51.26 22.38
CA LEU N 469 -41.69 52.65 22.55
C LEU N 469 -41.87 53.41 21.28
N LEU N 470 -41.38 52.80 20.17
CA LEU N 470 -41.58 53.38 18.92
C LEU N 470 -43.12 53.56 18.51
N MET N 471 -43.98 52.57 18.67
CA MET N 471 -45.44 52.75 18.40
C MET N 471 -46.22 53.75 19.31
N LYS N 472 -45.84 53.61 20.62
CA LYS N 472 -46.30 54.50 21.65
C LYS N 472 -45.94 55.93 21.41
N LEU N 473 -44.83 56.16 20.68
CA LEU N 473 -44.32 57.48 20.37
C LEU N 473 -45.03 58.00 19.10
N ARG N 474 -45.01 57.32 17.99
CA ARG N 474 -45.76 57.90 16.92
C ARG N 474 -47.35 58.06 17.09
N SER N 475 -47.88 57.45 18.19
CA SER N 475 -49.29 57.61 18.52
C SER N 475 -49.39 58.80 19.45
N THR N 476 -48.46 58.93 20.45
CA THR N 476 -48.41 60.11 21.34
C THR N 476 -47.86 61.36 20.61
N HIS N 477 -47.69 61.33 19.26
CA HIS N 477 -47.14 62.33 18.40
C HIS N 477 -47.99 62.51 17.18
N GLU N 478 -49.31 62.28 17.27
CA GLU N 478 -50.18 62.62 16.14
C GLU N 478 -50.71 64.02 16.22
N ASN N 479 -50.90 64.56 17.42
CA ASN N 479 -51.32 65.89 17.70
C ASN N 479 -50.18 66.90 17.51
N GLU N 480 -50.65 68.15 17.25
CA GLU N 480 -49.73 69.24 16.85
C GLU N 480 -48.89 69.68 18.01
N ASN N 481 -49.36 69.71 19.20
CA ASN N 481 -48.60 70.11 20.40
C ASN N 481 -47.72 69.04 20.99
N ASN N 482 -47.82 67.84 20.42
CA ASN N 482 -46.97 66.66 20.75
C ASN N 482 -45.84 66.52 19.71
N LYS N 483 -45.58 67.51 18.82
CA LYS N 483 -44.61 67.52 17.69
C LYS N 483 -43.21 67.26 18.15
N TRP N 484 -42.92 67.68 19.40
CA TRP N 484 -41.55 67.62 19.92
C TRP N 484 -41.44 66.44 20.95
N TYR N 485 -42.42 65.50 20.98
CA TYR N 485 -42.31 64.23 21.74
C TYR N 485 -41.39 63.20 21.04
N GLY N 486 -40.48 62.61 21.78
CA GLY N 486 -39.53 61.64 21.23
C GLY N 486 -39.34 60.53 22.32
N ILE N 487 -38.27 59.72 22.29
CA ILE N 487 -38.04 58.68 23.32
C ILE N 487 -36.77 58.91 24.12
N ASP N 488 -36.97 59.28 25.39
CA ASP N 488 -35.91 59.41 26.43
C ASP N 488 -35.28 58.09 26.71
N LEU N 489 -34.00 58.00 26.34
CA LEU N 489 -33.29 56.78 26.48
C LEU N 489 -32.74 56.61 27.89
N TYR N 490 -33.02 57.47 28.90
CA TYR N 490 -32.64 57.22 30.23
C TYR N 490 -33.81 56.50 30.97
N ALA N 491 -35.01 57.15 30.96
CA ALA N 491 -36.13 56.61 31.60
C ALA N 491 -36.73 55.37 30.80
N GLY N 492 -36.81 55.51 29.43
CA GLY N 492 -37.42 54.53 28.61
C GLY N 492 -38.94 54.73 28.51
N GLN N 493 -39.42 55.79 27.85
CA GLN N 493 -40.81 56.18 27.81
C GLN N 493 -40.87 57.37 26.92
N PRO N 494 -41.88 57.67 26.20
CA PRO N 494 -42.09 58.94 25.33
C PRO N 494 -42.16 60.23 26.10
N VAL N 495 -41.36 61.25 25.81
CA VAL N 495 -41.52 62.53 26.53
C VAL N 495 -41.21 63.59 25.54
N ASP N 496 -41.50 64.85 25.95
CA ASP N 496 -41.18 66.10 25.18
C ASP N 496 -39.68 66.32 25.35
N MET N 497 -39.00 66.04 24.23
CA MET N 497 -37.61 66.04 24.19
C MET N 497 -37.11 67.43 24.25
N TRP N 498 -37.74 68.42 23.50
CA TRP N 498 -37.41 69.81 23.66
C TRP N 498 -37.41 70.27 25.08
N GLN N 499 -38.51 70.12 25.74
CA GLN N 499 -38.73 70.50 27.14
C GLN N 499 -37.90 69.55 28.10
N LYS N 500 -36.79 69.04 27.69
CA LYS N 500 -35.92 68.18 28.46
C LYS N 500 -34.50 68.56 28.05
N GLY N 501 -34.38 69.72 27.34
CA GLY N 501 -33.13 70.21 26.85
C GLY N 501 -32.65 69.41 25.65
N VAL N 502 -33.35 68.40 25.19
CA VAL N 502 -32.90 67.61 24.08
C VAL N 502 -33.40 68.30 22.80
N ILE N 503 -32.67 69.28 22.28
CA ILE N 503 -32.97 70.00 21.04
C ILE N 503 -31.74 69.76 20.20
N GLU N 504 -31.75 69.86 18.84
CA GLU N 504 -30.58 69.49 17.98
C GLU N 504 -30.49 70.44 16.75
N PRO N 505 -29.43 70.75 16.09
CA PRO N 505 -29.28 71.43 14.84
C PRO N 505 -30.09 70.91 13.67
N ALA N 506 -31.10 71.65 13.11
CA ALA N 506 -31.95 71.30 12.00
C ALA N 506 -31.25 71.23 10.64
N LEU N 507 -30.03 71.80 10.52
CA LEU N 507 -29.23 71.73 9.31
C LEU N 507 -28.22 70.52 9.33
N VAL N 508 -27.68 70.16 10.50
CA VAL N 508 -26.90 68.94 10.69
C VAL N 508 -27.86 67.77 10.31
N LYS N 509 -29.05 67.85 10.90
CA LYS N 509 -30.11 66.83 10.70
C LYS N 509 -30.81 66.96 9.40
N MET N 510 -30.27 67.85 8.45
CA MET N 510 -30.74 67.94 7.06
C MET N 510 -29.65 67.35 6.27
N ASN N 511 -28.33 67.70 6.54
CA ASN N 511 -27.20 67.13 5.73
C ASN N 511 -26.90 65.69 5.96
N ALA N 512 -27.23 65.15 7.18
CA ALA N 512 -27.15 63.70 7.52
C ALA N 512 -27.98 62.82 6.58
N ILE N 513 -29.26 63.22 6.39
CA ILE N 513 -30.18 62.61 5.39
C ILE N 513 -29.58 62.68 4.04
N LYS N 514 -29.08 63.90 3.62
CA LYS N 514 -28.64 64.16 2.25
C LYS N 514 -27.49 63.20 1.92
N ALA N 515 -26.55 63.07 2.92
CA ALA N 515 -25.41 62.26 3.00
C ALA N 515 -25.78 60.86 2.82
N ALA N 516 -26.62 60.30 3.68
CA ALA N 516 -27.19 58.97 3.65
C ALA N 516 -27.83 58.57 2.31
N THR N 517 -28.68 59.44 1.81
CA THR N 517 -29.32 59.26 0.54
C THR N 517 -28.46 59.29 -0.70
N GLU N 518 -27.42 60.13 -0.67
CA GLU N 518 -26.40 60.19 -1.66
C GLU N 518 -25.69 58.91 -1.79
N ALA N 519 -25.12 58.40 -0.69
CA ALA N 519 -24.47 57.09 -0.53
C ALA N 519 -25.37 55.92 -0.88
N ALA N 520 -26.51 55.70 -0.32
CA ALA N 520 -27.55 54.77 -0.66
C ALA N 520 -27.92 54.70 -2.19
N THR N 521 -28.23 55.88 -2.86
CA THR N 521 -28.59 55.81 -4.28
C THR N 521 -27.41 55.48 -5.10
N LEU N 522 -26.17 55.74 -4.62
CA LEU N 522 -24.94 55.38 -5.40
C LEU N 522 -24.73 53.93 -5.41
N VAL N 523 -25.05 53.25 -4.27
CA VAL N 523 -24.93 51.82 -4.28
C VAL N 523 -25.90 51.18 -5.26
N LEU N 524 -27.13 51.70 -5.37
CA LEU N 524 -28.11 51.19 -6.31
C LEU N 524 -27.86 51.49 -7.78
N ARG N 525 -27.22 52.59 -8.02
CA ARG N 525 -26.84 52.97 -9.34
C ARG N 525 -25.72 52.05 -9.95
N ILE N 526 -24.79 51.40 -9.19
CA ILE N 526 -23.77 50.54 -9.75
C ILE N 526 -24.18 49.11 -10.07
N ASP N 527 -24.48 48.81 -11.37
CA ASP N 527 -24.92 47.48 -11.91
C ASP N 527 -23.92 46.30 -11.72
N ASP N 528 -22.61 46.61 -12.03
CA ASP N 528 -21.57 45.56 -11.95
C ASP N 528 -20.28 46.28 -11.70
N VAL N 529 -19.27 45.51 -11.15
CA VAL N 529 -17.94 45.89 -10.79
C VAL N 529 -16.85 45.11 -11.60
N VAL N 530 -16.04 45.89 -12.30
CA VAL N 530 -14.92 45.41 -13.05
C VAL N 530 -13.63 45.66 -12.26
N SER N 531 -12.86 44.61 -11.95
CA SER N 531 -11.72 44.90 -11.05
C SER N 531 -10.53 44.57 -11.89
N ALA N 532 -9.32 45.12 -11.63
CA ALA N 532 -8.17 44.84 -12.52
C ALA N 532 -7.69 43.36 -12.49
N GLY O 28 -14.42 27.98 -40.89
CA GLY O 28 -14.93 26.84 -40.05
C GLY O 28 -15.64 27.27 -38.77
N LYS O 29 -16.81 26.68 -38.45
CA LYS O 29 -17.69 26.95 -37.23
C LYS O 29 -16.86 26.99 -35.91
N GLU O 30 -15.81 26.15 -35.96
CA GLU O 30 -14.64 26.01 -35.16
C GLU O 30 -14.16 27.32 -34.57
N ALA O 31 -13.50 28.09 -35.49
CA ALA O 31 -12.92 29.31 -35.15
C ALA O 31 -13.92 30.47 -35.19
N VAL O 32 -14.86 30.43 -36.19
CA VAL O 32 -16.01 31.29 -36.46
C VAL O 32 -16.88 31.61 -35.22
N ARG O 33 -16.96 30.65 -34.25
CA ARG O 33 -17.62 30.88 -32.96
C ARG O 33 -17.03 31.83 -32.01
N ALA O 34 -15.76 31.65 -31.77
CA ALA O 34 -14.95 32.46 -30.93
C ALA O 34 -15.20 33.93 -31.29
N ASN O 35 -15.02 34.36 -32.57
CA ASN O 35 -15.25 35.70 -33.03
C ASN O 35 -16.72 36.17 -32.59
N ILE O 36 -17.78 35.38 -32.93
CA ILE O 36 -19.21 35.60 -32.54
C ILE O 36 -19.41 35.80 -31.08
N ALA O 37 -18.96 34.84 -30.22
CA ALA O 37 -18.78 34.79 -28.74
C ALA O 37 -18.17 36.07 -28.16
N ALA O 38 -16.96 36.39 -28.55
CA ALA O 38 -16.18 37.59 -28.14
C ALA O 38 -16.94 38.85 -28.40
N VAL O 39 -17.48 38.99 -29.63
CA VAL O 39 -18.25 40.11 -30.06
C VAL O 39 -19.52 40.26 -29.12
N LYS O 40 -20.31 39.16 -29.00
CA LYS O 40 -21.46 39.16 -28.03
C LYS O 40 -21.05 39.57 -26.61
N ALA O 41 -19.86 39.11 -26.12
CA ALA O 41 -19.31 39.51 -24.84
C ALA O 41 -19.11 41.02 -24.58
N VAL O 42 -18.45 41.74 -25.51
CA VAL O 42 -18.21 43.16 -25.60
C VAL O 42 -19.60 43.94 -25.54
N GLU O 43 -20.63 43.40 -26.26
CA GLU O 43 -21.97 43.94 -26.17
C GLU O 43 -22.61 43.94 -24.79
N GLU O 44 -22.54 42.74 -24.14
CA GLU O 44 -22.97 42.45 -22.77
C GLU O 44 -22.30 43.28 -21.70
N ALA O 45 -21.29 44.06 -22.10
CA ALA O 45 -20.58 44.88 -21.16
C ALA O 45 -21.16 46.27 -21.15
N LEU O 46 -21.79 46.78 -22.21
CA LEU O 46 -22.33 48.19 -22.20
C LEU O 46 -23.85 48.09 -22.15
N LYS O 47 -24.45 47.02 -22.69
CA LYS O 47 -25.90 46.83 -22.82
C LYS O 47 -26.84 47.59 -21.78
N SER O 48 -26.43 47.36 -20.46
CA SER O 48 -27.11 47.99 -19.33
C SER O 48 -26.90 49.59 -19.13
N THR O 49 -26.22 50.24 -20.05
CA THR O 49 -25.91 51.64 -19.83
C THR O 49 -26.53 52.38 -20.97
N TYR O 50 -27.22 51.72 -21.99
CA TYR O 50 -27.87 52.32 -23.05
C TYR O 50 -29.16 53.14 -22.61
N GLY O 51 -29.20 54.40 -23.02
CA GLY O 51 -30.21 55.43 -22.84
C GLY O 51 -29.98 56.22 -21.58
N PRO O 52 -30.71 57.30 -21.33
CA PRO O 52 -30.60 58.14 -20.12
C PRO O 52 -31.11 57.36 -18.92
N ARG O 53 -31.77 56.10 -19.04
CA ARG O 53 -32.21 55.36 -17.90
C ARG O 53 -31.33 54.19 -17.57
N GLY O 54 -30.16 54.10 -18.32
CA GLY O 54 -29.08 53.14 -18.02
C GLY O 54 -28.31 53.40 -16.82
N MET O 55 -27.63 52.39 -16.32
CA MET O 55 -26.99 52.30 -15.02
C MET O 55 -25.53 52.70 -15.22
N ASP O 56 -24.76 52.72 -14.15
CA ASP O 56 -23.35 53.13 -14.09
C ASP O 56 -22.49 51.94 -13.82
N LYS O 57 -21.24 51.86 -14.35
CA LYS O 57 -20.29 50.75 -14.11
C LYS O 57 -19.18 51.25 -13.16
N MET O 58 -18.64 50.32 -12.29
CA MET O 58 -17.52 50.69 -11.42
C MET O 58 -16.36 49.94 -11.93
N LEU O 59 -15.22 50.56 -12.02
CA LEU O 59 -14.02 50.02 -12.59
C LEU O 59 -13.00 50.28 -11.55
N VAL O 60 -12.44 49.21 -10.92
CA VAL O 60 -11.44 49.28 -9.83
C VAL O 60 -10.05 48.85 -10.31
N ASP O 61 -9.02 49.74 -10.33
CA ASP O 61 -7.66 49.30 -10.87
C ASP O 61 -6.77 48.50 -9.91
N SER O 62 -5.58 48.21 -10.43
CA SER O 62 -4.56 47.41 -9.86
C SER O 62 -4.04 47.89 -8.55
N LEU O 63 -3.89 49.21 -8.26
CA LEU O 63 -3.43 49.81 -6.98
C LEU O 63 -4.62 50.33 -6.12
N GLY O 64 -5.87 50.12 -6.53
CA GLY O 64 -6.98 50.41 -5.73
C GLY O 64 -7.86 51.52 -6.30
N ASP O 65 -7.43 52.30 -7.31
CA ASP O 65 -8.24 53.35 -7.87
C ASP O 65 -9.63 53.04 -8.44
N ILE O 66 -10.64 53.85 -8.00
CA ILE O 66 -11.98 53.51 -8.36
C ILE O 66 -12.38 54.52 -9.39
N THR O 67 -13.07 54.04 -10.44
CA THR O 67 -13.65 54.91 -11.47
C THR O 67 -14.98 54.40 -11.82
N ILE O 68 -15.97 55.25 -11.54
CA ILE O 68 -17.34 54.96 -11.74
C ILE O 68 -17.77 55.73 -12.98
N THR O 69 -18.39 55.12 -13.96
CA THR O 69 -18.70 55.83 -15.19
C THR O 69 -19.86 55.19 -16.05
N ASN O 70 -20.19 55.83 -17.20
CA ASN O 70 -21.26 55.29 -18.10
C ASN O 70 -20.92 55.65 -19.58
N ASP O 71 -19.63 56.04 -19.78
CA ASP O 71 -19.01 56.16 -21.07
C ASP O 71 -18.46 54.72 -21.49
N GLY O 72 -19.00 54.20 -22.60
CA GLY O 72 -18.59 52.91 -23.11
C GLY O 72 -17.16 52.65 -23.22
N ALA O 73 -16.54 53.55 -24.05
CA ALA O 73 -15.12 53.55 -24.39
C ALA O 73 -14.31 53.20 -23.05
N THR O 74 -14.38 54.00 -21.95
CA THR O 74 -13.63 53.77 -20.79
C THR O 74 -13.83 52.36 -20.26
N ILE O 75 -15.09 51.81 -20.24
CA ILE O 75 -15.46 50.49 -19.79
C ILE O 75 -14.81 49.39 -20.64
N LEU O 76 -14.34 49.80 -21.80
CA LEU O 76 -13.58 48.97 -22.71
C LEU O 76 -12.14 49.19 -22.60
N ASP O 77 -11.73 50.41 -22.19
CA ASP O 77 -10.33 50.77 -22.00
C ASP O 77 -9.83 49.96 -20.82
N LYS O 78 -10.57 49.93 -19.72
CA LYS O 78 -10.21 49.25 -18.54
C LYS O 78 -10.39 47.74 -18.75
N MET O 79 -10.98 47.30 -19.93
CA MET O 79 -11.19 45.94 -20.33
C MET O 79 -10.09 45.41 -21.22
N ASP O 80 -9.42 44.38 -20.72
CA ASP O 80 -8.31 43.84 -21.49
C ASP O 80 -8.85 42.85 -22.57
N LEU O 81 -8.95 43.25 -23.80
CA LEU O 81 -9.48 42.35 -24.86
C LEU O 81 -8.47 41.43 -25.38
N GLN O 82 -8.80 40.16 -25.32
CA GLN O 82 -7.95 39.05 -25.53
C GLN O 82 -8.27 38.48 -26.91
N HIS O 83 -9.39 38.88 -27.56
CA HIS O 83 -9.88 38.60 -28.91
C HIS O 83 -9.52 39.54 -30.03
N PRO O 84 -8.91 39.07 -31.10
CA PRO O 84 -8.68 39.96 -32.25
C PRO O 84 -9.87 40.62 -32.79
N ALA O 85 -10.96 39.81 -32.97
CA ALA O 85 -12.30 40.21 -33.36
C ALA O 85 -12.82 41.38 -32.57
N ALA O 86 -12.74 41.27 -31.26
CA ALA O 86 -13.14 42.25 -30.33
C ALA O 86 -12.59 43.64 -30.50
N LYS O 87 -11.24 43.64 -30.60
CA LYS O 87 -10.37 44.83 -30.87
C LYS O 87 -10.64 45.40 -32.22
N LEU O 88 -11.00 44.60 -33.21
CA LEU O 88 -11.34 45.13 -34.53
C LEU O 88 -12.63 45.87 -34.61
N LEU O 89 -13.61 45.39 -33.80
CA LEU O 89 -14.89 46.02 -33.59
C LEU O 89 -14.81 47.30 -32.97
N VAL O 90 -14.20 47.32 -31.78
CA VAL O 90 -14.10 48.52 -31.00
C VAL O 90 -13.32 49.66 -31.71
N GLN O 91 -12.33 49.34 -32.52
CA GLN O 91 -11.67 50.22 -33.47
C GLN O 91 -12.60 50.81 -34.58
N ILE O 92 -13.50 50.03 -35.14
CA ILE O 92 -14.52 50.61 -36.06
C ILE O 92 -15.70 51.38 -35.34
N ALA O 93 -16.09 50.82 -34.15
CA ALA O 93 -17.12 51.45 -33.28
C ALA O 93 -16.72 52.81 -32.73
N LYS O 94 -15.66 52.98 -32.02
CA LYS O 94 -15.14 54.21 -31.55
C LYS O 94 -14.75 55.04 -32.69
N GLY O 95 -13.83 54.53 -33.45
CA GLY O 95 -13.15 55.30 -34.55
C GLY O 95 -14.00 55.53 -35.84
N GLN O 96 -15.32 55.85 -35.65
CA GLN O 96 -16.35 56.19 -36.59
C GLN O 96 -16.21 57.66 -36.93
N ASP O 97 -17.08 58.26 -37.64
CA ASP O 97 -17.10 59.67 -38.08
C ASP O 97 -17.90 60.69 -37.24
N GLU O 98 -18.05 60.37 -35.98
CA GLU O 98 -18.66 61.27 -35.04
C GLU O 98 -17.96 60.84 -33.67
N GLU O 99 -18.06 61.71 -32.69
CA GLU O 99 -17.38 61.61 -31.46
C GLU O 99 -18.40 61.79 -30.23
N THR O 100 -19.51 61.09 -30.40
CA THR O 100 -20.57 61.15 -29.42
C THR O 100 -20.73 59.83 -28.75
N ALA O 101 -20.68 59.89 -27.40
CA ALA O 101 -20.75 58.75 -26.56
C ALA O 101 -21.91 57.85 -26.74
N ASP O 102 -23.16 58.41 -26.97
CA ASP O 102 -24.31 57.55 -27.32
C ASP O 102 -24.27 56.78 -28.62
N GLY O 103 -23.74 57.49 -29.62
CA GLY O 103 -23.46 56.96 -30.95
C GLY O 103 -22.41 55.80 -31.00
N THR O 104 -21.25 56.01 -30.29
CA THR O 104 -20.24 54.94 -30.15
C THR O 104 -20.70 53.69 -29.36
N LYS O 105 -21.55 53.91 -28.30
CA LYS O 105 -22.27 52.97 -27.49
C LYS O 105 -23.24 52.20 -28.32
N THR O 106 -23.87 52.90 -29.27
CA THR O 106 -24.83 52.35 -30.25
C THR O 106 -24.11 51.48 -31.24
N ALA O 107 -23.08 51.98 -31.93
CA ALA O 107 -22.16 51.31 -32.74
C ALA O 107 -21.73 49.95 -32.24
N VAL O 108 -21.43 49.83 -30.94
CA VAL O 108 -21.06 48.48 -30.37
C VAL O 108 -22.24 47.58 -30.17
N ILE O 109 -23.31 48.00 -29.46
CA ILE O 109 -24.60 47.24 -29.31
C ILE O 109 -25.20 46.76 -30.69
N PHE O 110 -25.41 47.64 -31.66
CA PHE O 110 -25.94 47.26 -32.94
C PHE O 110 -25.18 46.23 -33.71
N SER O 111 -23.84 46.40 -33.60
CA SER O 111 -22.82 45.58 -34.16
C SER O 111 -23.02 44.20 -33.56
N GLY O 112 -23.08 44.05 -32.17
CA GLY O 112 -23.33 42.76 -31.53
C GLY O 112 -24.71 42.13 -31.84
N GLU O 113 -25.74 42.93 -32.04
CA GLU O 113 -27.04 42.50 -32.41
C GLU O 113 -27.18 41.89 -33.83
N LEU O 114 -26.42 42.51 -34.83
CA LEU O 114 -26.29 42.02 -36.14
C LEU O 114 -25.62 40.68 -36.23
N VAL O 115 -24.56 40.55 -35.38
CA VAL O 115 -23.89 39.29 -35.19
C VAL O 115 -24.81 38.21 -34.69
N LYS O 116 -25.55 38.50 -33.60
CA LYS O 116 -26.56 37.64 -33.03
C LYS O 116 -27.58 37.22 -34.09
N LYS O 117 -28.28 38.22 -34.64
CA LYS O 117 -29.32 37.91 -35.69
C LYS O 117 -28.78 37.16 -36.87
N ALA O 118 -27.43 37.25 -37.09
CA ALA O 118 -26.79 36.54 -38.15
C ALA O 118 -26.65 35.09 -37.75
N GLU O 119 -26.50 34.75 -36.44
CA GLU O 119 -26.25 33.40 -36.00
C GLU O 119 -27.33 32.43 -36.37
N ASP O 120 -28.53 32.88 -36.19
CA ASP O 120 -29.59 32.08 -36.58
C ASP O 120 -29.68 31.74 -38.10
N LEU O 121 -29.13 32.64 -38.95
CA LEU O 121 -29.11 32.44 -40.37
C LEU O 121 -28.14 31.27 -40.77
N LEU O 122 -26.97 31.24 -40.04
CA LEU O 122 -25.97 30.21 -40.10
C LEU O 122 -26.51 28.84 -39.59
N TYR O 123 -27.43 28.78 -38.57
CA TYR O 123 -28.04 27.56 -38.16
C TYR O 123 -28.80 26.91 -39.30
N LYS O 124 -29.44 27.71 -40.12
CA LYS O 124 -30.13 27.28 -41.34
C LYS O 124 -29.20 26.97 -42.54
N ASP O 125 -27.86 27.09 -42.44
CA ASP O 125 -26.83 26.91 -43.50
C ASP O 125 -27.05 27.86 -44.73
N VAL O 126 -27.33 29.19 -44.47
CA VAL O 126 -27.17 30.28 -45.35
C VAL O 126 -25.74 30.75 -45.31
N HIS O 127 -25.10 30.80 -46.54
CA HIS O 127 -23.73 31.15 -46.61
C HIS O 127 -23.41 32.52 -46.28
N PRO O 128 -22.34 32.89 -45.63
CA PRO O 128 -21.96 34.26 -45.31
C PRO O 128 -21.81 35.14 -46.49
N THR O 129 -21.44 34.60 -47.70
CA THR O 129 -21.29 35.33 -48.97
C THR O 129 -22.62 35.95 -49.37
N ILE O 130 -23.70 35.24 -49.09
CA ILE O 130 -25.08 35.75 -49.14
C ILE O 130 -25.40 36.64 -48.01
N ILE O 131 -25.08 36.25 -46.75
CA ILE O 131 -25.55 37.09 -45.64
C ILE O 131 -24.99 38.52 -45.70
N ILE O 132 -23.83 38.71 -46.32
CA ILE O 132 -23.11 39.99 -46.51
C ILE O 132 -23.79 40.90 -47.40
N SER O 133 -24.09 40.37 -48.57
CA SER O 133 -24.90 40.99 -49.65
C SER O 133 -26.32 41.35 -49.14
N GLY O 134 -26.92 40.42 -48.27
CA GLY O 134 -28.10 40.78 -47.53
C GLY O 134 -27.95 42.05 -46.72
N TYR O 135 -26.96 42.04 -45.85
CA TYR O 135 -26.59 43.13 -44.95
C TYR O 135 -26.23 44.45 -45.56
N LYS O 136 -25.48 44.42 -46.69
CA LYS O 136 -25.36 45.59 -47.53
C LYS O 136 -26.72 46.09 -48.02
N LYS O 137 -27.48 45.23 -48.67
CA LYS O 137 -28.79 45.70 -49.16
C LYS O 137 -29.72 46.34 -48.08
N ALA O 138 -29.71 45.72 -46.91
CA ALA O 138 -30.52 46.19 -45.84
C ALA O 138 -30.05 47.48 -45.24
N GLU O 139 -28.69 47.58 -45.09
CA GLU O 139 -28.00 48.71 -44.60
C GLU O 139 -28.39 49.89 -45.55
N GLU O 140 -28.30 49.74 -46.94
CA GLU O 140 -28.67 50.75 -47.97
C GLU O 140 -29.95 51.43 -47.66
N VAL O 141 -31.06 50.66 -47.71
CA VAL O 141 -32.39 51.04 -47.36
C VAL O 141 -32.46 51.59 -45.95
N ALA O 142 -31.87 50.98 -44.89
CA ALA O 142 -31.77 51.44 -43.47
C ALA O 142 -31.18 52.88 -43.32
N LEU O 143 -30.15 53.16 -44.16
CA LEU O 143 -29.53 54.45 -44.30
C LEU O 143 -30.39 55.47 -44.96
N GLN O 144 -30.81 55.19 -46.24
CA GLN O 144 -31.72 56.06 -46.98
C GLN O 144 -33.00 56.34 -46.24
N THR O 145 -33.48 55.46 -45.38
CA THR O 145 -34.63 55.74 -44.47
C THR O 145 -34.45 56.79 -43.43
N ILE O 146 -33.18 57.10 -43.14
CA ILE O 146 -32.88 58.10 -42.12
C ILE O 146 -32.81 59.40 -42.88
N GLN O 147 -32.27 59.44 -44.08
CA GLN O 147 -32.25 60.62 -44.97
C GLN O 147 -33.68 61.06 -45.37
N GLU O 148 -34.48 60.15 -46.11
CA GLU O 148 -35.88 60.42 -46.52
C GLU O 148 -36.89 60.37 -45.37
N LEU O 149 -36.59 61.03 -44.21
CA LEU O 149 -37.46 61.08 -43.06
C LEU O 149 -36.98 62.20 -42.15
N ALA O 150 -35.70 62.60 -42.22
CA ALA O 150 -35.19 63.67 -41.35
C ALA O 150 -35.76 65.13 -41.63
N GLN O 151 -35.88 65.91 -40.53
CA GLN O 151 -36.31 67.35 -40.67
C GLN O 151 -35.19 68.38 -40.48
N THR O 152 -35.23 69.40 -41.29
CA THR O 152 -34.21 70.45 -41.50
C THR O 152 -34.02 71.42 -40.27
N VAL O 153 -32.87 71.36 -39.65
CA VAL O 153 -32.56 72.14 -38.50
C VAL O 153 -31.29 72.90 -38.67
N SER O 154 -31.27 74.13 -38.35
CA SER O 154 -30.04 74.84 -38.53
C SER O 154 -29.91 75.85 -37.51
N ILE O 155 -29.17 76.89 -37.83
CA ILE O 155 -28.83 78.01 -36.92
C ILE O 155 -29.99 78.82 -36.42
N ASN O 156 -31.03 79.08 -37.24
CA ASN O 156 -32.29 79.81 -36.89
C ASN O 156 -33.25 79.03 -36.05
N ASP O 157 -33.12 77.73 -36.00
CA ASP O 157 -33.99 76.87 -35.24
C ASP O 157 -33.46 76.70 -33.88
N THR O 158 -33.32 77.74 -33.14
CA THR O 158 -32.68 77.76 -31.79
C THR O 158 -33.56 77.22 -30.67
N ASP O 159 -34.91 77.18 -30.72
CA ASP O 159 -35.80 76.50 -29.80
C ASP O 159 -35.74 75.02 -30.09
N LEU O 160 -35.17 74.54 -31.23
CA LEU O 160 -34.93 73.12 -31.49
C LEU O 160 -33.64 72.54 -30.97
N LEU O 161 -32.49 73.23 -31.21
CA LEU O 161 -31.19 72.97 -30.60
C LEU O 161 -31.27 73.11 -29.09
N ARG O 162 -32.24 73.90 -28.46
CA ARG O 162 -32.47 73.91 -27.02
C ARG O 162 -32.86 72.56 -26.56
N LYS O 163 -33.56 71.76 -27.39
CA LYS O 163 -34.00 70.41 -27.10
C LYS O 163 -32.86 69.40 -27.38
N ILE O 164 -32.31 69.29 -28.58
CA ILE O 164 -31.14 68.51 -28.92
C ILE O 164 -29.97 68.64 -27.89
N ALA O 165 -29.78 69.87 -27.22
CA ALA O 165 -28.80 70.13 -26.13
C ALA O 165 -29.17 69.34 -24.91
N MET O 166 -30.46 69.42 -24.53
CA MET O 166 -31.03 68.72 -23.39
C MET O 166 -30.93 67.25 -23.63
N THR O 167 -31.22 66.71 -24.84
CA THR O 167 -30.99 65.35 -25.39
C THR O 167 -29.58 64.85 -25.34
N SER O 168 -28.58 65.75 -25.07
CA SER O 168 -27.14 65.48 -25.06
C SER O 168 -26.71 65.43 -23.55
N LEU O 169 -27.12 66.47 -22.83
CA LEU O 169 -26.65 66.68 -21.50
C LEU O 169 -27.36 65.62 -20.57
N SER O 170 -28.62 65.22 -20.96
CA SER O 170 -29.41 64.18 -20.26
C SER O 170 -28.91 62.80 -20.12
N SER O 171 -27.99 62.30 -20.96
CA SER O 171 -27.38 60.91 -20.77
C SER O 171 -26.12 60.98 -19.90
N LYS O 172 -25.64 62.22 -19.50
CA LYS O 172 -24.43 62.36 -18.67
C LYS O 172 -24.58 62.33 -17.12
N ALA O 173 -23.46 62.29 -16.31
CA ALA O 173 -23.39 62.22 -14.83
C ALA O 173 -24.10 63.39 -14.18
N VAL O 174 -23.71 64.61 -14.49
CA VAL O 174 -24.36 65.77 -13.88
C VAL O 174 -25.72 66.06 -14.54
N ALA O 175 -26.76 66.34 -13.73
CA ALA O 175 -28.16 66.45 -14.14
C ALA O 175 -28.89 67.75 -13.67
N GLY O 176 -28.24 68.58 -12.86
CA GLY O 176 -28.89 69.80 -12.32
C GLY O 176 -29.02 70.86 -13.35
N ALA O 177 -30.14 71.59 -13.40
CA ALA O 177 -30.45 72.67 -14.31
C ALA O 177 -30.07 72.60 -15.89
N ARG O 178 -30.42 71.46 -16.58
CA ARG O 178 -29.94 71.24 -17.93
C ARG O 178 -30.69 72.15 -18.93
N GLU O 179 -31.93 72.51 -18.73
CA GLU O 179 -32.56 73.51 -19.60
C GLU O 179 -31.78 74.89 -19.61
N TYR O 180 -31.24 75.39 -18.49
CA TYR O 180 -30.45 76.58 -18.31
C TYR O 180 -29.19 76.44 -19.10
N ILE O 181 -28.45 75.29 -18.88
CA ILE O 181 -27.23 75.01 -19.66
C ILE O 181 -27.44 74.73 -21.13
N ALA O 182 -28.43 74.01 -21.41
CA ALA O 182 -28.91 73.82 -22.73
C ALA O 182 -29.18 75.11 -23.51
N ASP O 183 -30.01 76.11 -23.01
CA ASP O 183 -30.24 77.29 -23.67
C ASP O 183 -28.88 78.04 -24.03
N ILE O 184 -27.90 78.22 -23.05
CA ILE O 184 -26.59 78.75 -23.11
C ILE O 184 -25.77 78.11 -24.21
N VAL O 185 -25.72 76.78 -24.16
CA VAL O 185 -25.04 76.03 -25.21
C VAL O 185 -25.40 76.40 -26.63
N VAL O 186 -26.69 76.58 -26.88
CA VAL O 186 -27.19 76.99 -28.17
C VAL O 186 -26.72 78.41 -28.59
N LYS O 187 -26.92 79.45 -27.73
CA LYS O 187 -26.51 80.82 -27.98
C LYS O 187 -25.00 80.92 -28.25
N ALA O 188 -24.19 80.22 -27.47
CA ALA O 188 -22.70 80.18 -27.56
C ALA O 188 -22.24 79.73 -28.95
N VAL O 189 -22.92 78.74 -29.51
CA VAL O 189 -22.61 78.11 -30.89
C VAL O 189 -23.18 78.94 -32.04
N THR O 190 -24.50 79.35 -32.09
CA THR O 190 -25.04 80.27 -33.12
C THR O 190 -24.30 81.58 -33.34
N GLN O 191 -23.58 82.05 -32.28
CA GLN O 191 -22.79 83.25 -32.23
C GLN O 191 -21.55 83.07 -33.11
N VAL O 192 -20.95 81.83 -33.05
CA VAL O 192 -19.78 81.52 -33.84
C VAL O 192 -20.04 81.01 -35.19
N ALA O 193 -21.15 80.39 -35.41
CA ALA O 193 -21.67 79.81 -36.61
C ALA O 193 -21.88 80.72 -37.78
N GLU O 194 -21.04 80.55 -38.78
CA GLU O 194 -21.02 81.37 -39.97
C GLU O 194 -21.24 80.52 -41.21
N LEU O 195 -22.00 81.01 -42.18
CA LEU O 195 -22.17 80.33 -43.42
C LEU O 195 -21.00 80.49 -44.39
N ARG O 196 -20.16 79.53 -44.56
CA ARG O 196 -18.95 79.57 -45.41
C ARG O 196 -18.93 78.62 -46.50
N GLY O 197 -19.16 79.12 -47.78
CA GLY O 197 -19.21 78.25 -48.94
C GLY O 197 -20.63 77.65 -49.08
N ASP O 198 -21.61 78.46 -48.70
CA ASP O 198 -23.04 78.06 -48.56
C ASP O 198 -23.24 76.95 -47.53
N LYS O 199 -22.31 76.72 -46.53
CA LYS O 199 -22.48 75.60 -45.69
C LYS O 199 -22.04 76.12 -44.41
N TRP O 200 -22.50 75.72 -43.22
CA TRP O 200 -22.19 76.29 -41.95
C TRP O 200 -20.92 75.79 -41.40
N TYR O 201 -20.17 76.68 -40.77
CA TYR O 201 -18.97 76.46 -40.04
C TYR O 201 -19.16 76.90 -38.63
N VAL O 202 -18.69 76.09 -37.67
CA VAL O 202 -18.48 76.35 -36.23
C VAL O 202 -17.02 76.20 -35.94
N ASP O 203 -16.39 77.33 -35.43
CA ASP O 203 -15.05 77.26 -34.97
C ASP O 203 -15.05 77.12 -33.46
N LEU O 204 -14.74 75.96 -32.92
CA LEU O 204 -14.77 75.65 -31.50
C LEU O 204 -13.91 76.49 -30.63
N ASP O 205 -12.78 76.84 -31.18
CA ASP O 205 -11.77 77.74 -30.61
C ASP O 205 -12.29 79.15 -30.27
N ASN O 206 -13.39 79.58 -30.96
CA ASN O 206 -13.99 80.85 -30.63
C ASN O 206 -14.93 80.82 -29.41
N ILE O 207 -14.86 79.74 -28.65
CA ILE O 207 -15.65 79.44 -27.52
C ILE O 207 -14.62 79.00 -26.55
N GLN O 208 -14.62 79.72 -25.39
CA GLN O 208 -13.82 79.38 -24.29
C GLN O 208 -14.75 78.77 -23.21
N ILE O 209 -14.13 77.87 -22.49
CA ILE O 209 -14.77 77.31 -21.35
C ILE O 209 -13.86 77.40 -20.20
N VAL O 210 -14.21 78.21 -19.17
CA VAL O 210 -13.44 78.39 -17.94
C VAL O 210 -14.36 77.75 -16.90
N LYS O 211 -13.80 77.10 -15.89
CA LYS O 211 -14.68 76.56 -14.84
C LYS O 211 -14.12 76.72 -13.42
N LYS O 212 -14.97 77.15 -12.48
CA LYS O 212 -14.53 77.32 -11.12
C LYS O 212 -15.35 76.47 -10.10
N ALA O 213 -14.75 75.68 -9.21
CA ALA O 213 -15.39 74.80 -8.24
C ALA O 213 -16.26 75.57 -7.25
N GLY O 214 -17.34 74.95 -6.73
CA GLY O 214 -18.25 75.60 -5.79
C GLY O 214 -19.31 76.38 -6.59
N GLY O 215 -20.28 77.11 -5.93
CA GLY O 215 -21.48 77.76 -6.58
C GLY O 215 -22.53 76.77 -6.99
N SER O 216 -23.61 77.19 -7.59
CA SER O 216 -24.59 76.30 -8.15
C SER O 216 -24.41 76.20 -9.66
N ILE O 217 -25.06 75.29 -10.42
CA ILE O 217 -25.04 75.29 -11.87
C ILE O 217 -25.91 76.45 -12.43
N ASN O 218 -26.90 76.96 -11.54
CA ASN O 218 -27.60 78.20 -11.89
C ASN O 218 -26.68 79.47 -11.85
N ASP O 219 -25.49 79.39 -11.21
CA ASP O 219 -24.52 80.47 -11.18
C ASP O 219 -23.56 80.40 -12.43
N THR O 220 -23.88 79.58 -13.49
CA THR O 220 -23.11 79.60 -14.67
C THR O 220 -23.61 80.68 -15.59
N GLN O 221 -22.77 81.18 -16.51
CA GLN O 221 -23.15 82.26 -17.41
C GLN O 221 -22.36 82.16 -18.67
N LEU O 222 -22.82 82.89 -19.70
CA LEU O 222 -22.31 83.11 -20.96
C LEU O 222 -21.74 84.50 -20.84
N VAL O 223 -20.52 84.63 -21.34
CA VAL O 223 -19.78 85.88 -21.45
C VAL O 223 -19.74 86.32 -22.90
N TYR O 224 -20.06 87.61 -23.28
CA TYR O 224 -19.96 87.95 -24.74
C TYR O 224 -18.57 88.54 -25.01
N GLY O 225 -17.47 87.83 -24.54
CA GLY O 225 -16.03 88.17 -24.54
C GLY O 225 -15.15 87.00 -24.09
N ILE O 226 -13.83 87.28 -24.12
CA ILE O 226 -12.83 86.33 -23.75
C ILE O 226 -12.55 86.40 -22.21
N VAL O 227 -12.38 85.22 -21.61
CA VAL O 227 -12.16 85.10 -20.13
C VAL O 227 -10.95 84.25 -19.84
N VAL O 228 -9.93 84.89 -19.16
CA VAL O 228 -8.65 84.29 -18.85
C VAL O 228 -8.77 83.73 -17.46
N ASP O 229 -8.66 82.41 -17.30
CA ASP O 229 -8.73 81.69 -16.03
C ASP O 229 -7.81 82.24 -14.92
N LYS O 230 -6.59 82.67 -15.25
CA LYS O 230 -5.65 83.23 -14.33
C LYS O 230 -6.02 84.73 -13.83
N GLU O 231 -5.99 84.87 -12.49
CA GLU O 231 -6.23 86.11 -11.81
C GLU O 231 -5.09 87.11 -11.78
N VAL O 232 -5.25 88.46 -11.49
CA VAL O 232 -4.20 89.51 -11.44
C VAL O 232 -3.16 89.33 -10.39
N VAL O 233 -1.91 89.66 -10.65
CA VAL O 233 -0.73 89.38 -9.84
C VAL O 233 -0.44 90.20 -8.56
N HIS O 234 -0.98 91.40 -8.47
CA HIS O 234 -0.84 92.22 -7.27
C HIS O 234 -2.19 92.80 -6.82
N PRO O 235 -2.71 92.74 -5.56
CA PRO O 235 -3.96 93.40 -5.21
C PRO O 235 -3.99 94.88 -5.41
N GLY O 236 -2.83 95.47 -5.26
CA GLY O 236 -2.61 96.94 -5.41
C GLY O 236 -2.53 97.40 -6.86
N MET O 237 -2.61 96.54 -7.84
CA MET O 237 -2.78 96.97 -9.17
C MET O 237 -4.27 97.44 -9.36
N PRO O 238 -4.63 98.28 -10.38
CA PRO O 238 -6.05 98.58 -10.67
C PRO O 238 -6.78 97.42 -11.20
N LYS O 239 -8.13 97.22 -11.03
CA LYS O 239 -8.84 96.04 -11.38
C LYS O 239 -9.74 96.21 -12.61
N ARG O 240 -9.95 97.42 -13.03
CA ARG O 240 -10.74 97.77 -14.21
C ARG O 240 -10.02 98.72 -15.20
N LEU O 241 -9.63 98.40 -16.48
CA LEU O 241 -8.86 99.33 -17.33
C LEU O 241 -9.70 99.87 -18.57
N GLU O 242 -9.76 101.18 -18.88
CA GLU O 242 -10.42 101.65 -20.05
C GLU O 242 -9.58 101.76 -21.32
N ASN O 243 -10.12 101.32 -22.47
CA ASN O 243 -9.46 101.20 -23.75
C ASN O 243 -8.25 100.19 -23.80
N ALA O 244 -8.53 99.06 -23.25
CA ALA O 244 -7.59 98.01 -23.00
C ALA O 244 -6.86 97.50 -24.26
N LYS O 245 -5.50 97.64 -24.12
CA LYS O 245 -4.56 97.24 -25.14
C LYS O 245 -3.62 96.14 -24.57
N ILE O 246 -4.06 94.87 -24.51
CA ILE O 246 -3.38 93.69 -23.93
C ILE O 246 -1.98 93.49 -24.52
N ALA O 247 -0.98 93.08 -23.71
CA ALA O 247 0.35 92.75 -24.03
C ALA O 247 0.68 91.41 -23.58
N LEU O 248 0.57 90.51 -24.56
CA LEU O 248 0.83 89.11 -24.46
C LEU O 248 2.36 88.75 -24.43
N ILE O 249 3.03 88.77 -23.27
CA ILE O 249 4.46 88.56 -23.08
C ILE O 249 4.99 87.24 -22.60
N ASP O 250 5.63 86.45 -23.48
CA ASP O 250 6.24 85.14 -23.16
C ASP O 250 7.70 85.35 -22.94
N ALA O 251 8.07 86.51 -22.39
CA ALA O 251 9.43 86.87 -22.20
C ALA O 251 9.61 87.00 -20.68
N SER O 252 10.79 86.55 -20.18
CA SER O 252 10.97 86.44 -18.77
C SER O 252 11.12 87.91 -18.15
N LEU O 253 10.11 88.40 -17.38
CA LEU O 253 10.15 89.67 -16.65
C LEU O 253 10.40 89.37 -15.13
N GLU O 254 10.99 88.20 -14.72
CA GLU O 254 11.21 87.92 -13.28
C GLU O 254 12.71 87.87 -13.28
N VAL O 255 13.39 88.27 -12.21
CA VAL O 255 14.85 88.33 -12.07
C VAL O 255 15.44 86.93 -11.94
N GLU O 256 16.72 86.73 -12.36
CA GLU O 256 17.25 85.43 -12.13
C GLU O 256 18.74 85.68 -11.89
N LYS O 257 19.46 84.67 -11.39
CA LYS O 257 20.87 84.54 -11.25
C LYS O 257 21.80 84.92 -12.41
N PRO O 258 23.08 85.26 -12.20
CA PRO O 258 24.02 85.53 -13.26
C PRO O 258 24.35 84.28 -14.09
N GLU O 259 24.68 84.54 -15.36
CA GLU O 259 24.99 83.45 -16.32
C GLU O 259 25.59 83.92 -17.56
N LEU O 260 25.93 85.23 -17.76
CA LEU O 260 26.59 85.71 -18.97
C LEU O 260 27.49 86.98 -18.66
N ASP O 261 27.73 87.26 -17.39
CA ASP O 261 28.44 88.49 -16.95
C ASP O 261 29.85 88.11 -16.56
N ALA O 262 30.13 86.75 -16.57
CA ALA O 262 31.37 86.06 -16.24
C ALA O 262 31.30 84.60 -16.84
N GLU O 263 32.45 83.94 -16.98
CA GLU O 263 32.54 82.51 -17.32
C GLU O 263 32.91 81.60 -16.12
N ILE O 264 33.40 82.14 -14.96
CA ILE O 264 33.69 81.35 -13.83
C ILE O 264 32.70 81.80 -12.71
N ARG O 265 32.58 80.98 -11.72
CA ARG O 265 31.86 81.13 -10.48
C ARG O 265 32.29 82.34 -9.65
N ILE O 266 31.34 83.12 -9.25
CA ILE O 266 31.57 84.30 -8.44
C ILE O 266 31.90 84.03 -6.95
N ASN O 267 33.06 84.44 -6.44
CA ASN O 267 33.58 84.27 -5.09
C ASN O 267 33.70 85.59 -4.48
N ASP O 268 33.06 86.62 -4.99
CA ASP O 268 33.05 87.95 -4.45
C ASP O 268 31.60 88.50 -4.34
N PRO O 269 31.03 88.77 -3.12
CA PRO O 269 29.60 89.24 -2.96
C PRO O 269 29.27 90.65 -3.34
N THR O 270 30.19 91.54 -3.51
CA THR O 270 29.88 92.79 -4.22
C THR O 270 29.44 92.53 -5.69
N GLN O 271 30.12 91.52 -6.30
CA GLN O 271 29.79 91.29 -7.65
C GLN O 271 28.39 90.72 -7.80
N MET O 272 27.98 89.80 -6.95
CA MET O 272 26.66 89.17 -6.89
C MET O 272 25.55 90.14 -6.79
N GLN O 273 25.45 90.88 -5.68
CA GLN O 273 24.61 91.94 -5.49
C GLN O 273 24.47 92.92 -6.67
N LYS O 274 25.52 93.67 -6.97
CA LYS O 274 25.56 94.62 -8.08
C LYS O 274 25.15 94.08 -9.50
N PHE O 275 25.15 92.75 -9.69
CA PHE O 275 24.72 91.95 -10.86
C PHE O 275 23.25 91.80 -10.86
N LEU O 276 22.69 91.32 -9.72
CA LEU O 276 21.28 91.18 -9.47
C LEU O 276 20.56 92.50 -9.27
N ASP O 277 21.31 93.59 -8.95
CA ASP O 277 20.80 94.95 -8.84
C ASP O 277 20.55 95.37 -10.22
N GLU O 278 21.57 95.22 -11.13
CA GLU O 278 21.51 95.54 -12.54
C GLU O 278 20.42 94.64 -13.37
N GLU O 279 20.13 93.36 -12.91
CA GLU O 279 19.06 92.44 -13.33
C GLU O 279 17.68 92.94 -12.90
N GLU O 280 17.57 93.64 -11.73
CA GLU O 280 16.30 94.17 -11.26
C GLU O 280 15.94 95.46 -12.00
N ASN O 281 16.92 96.31 -12.36
CA ASN O 281 16.72 97.45 -13.18
C ASN O 281 16.60 97.07 -14.63
N LEU O 282 16.98 95.84 -15.02
CA LEU O 282 16.81 95.26 -16.34
C LEU O 282 15.32 94.98 -16.54
N ILE O 283 14.63 94.50 -15.51
CA ILE O 283 13.20 94.15 -15.66
C ILE O 283 12.40 95.45 -15.78
N LYS O 284 12.74 96.58 -15.07
CA LYS O 284 12.09 97.87 -15.31
C LYS O 284 12.35 98.46 -16.73
N GLU O 285 13.48 98.04 -17.35
CA GLU O 285 13.77 98.35 -18.73
C GLU O 285 12.79 97.65 -19.68
N LYS O 286 12.75 96.32 -19.53
CA LYS O 286 11.84 95.43 -20.31
C LYS O 286 10.39 95.78 -20.21
N VAL O 287 9.94 96.12 -18.93
CA VAL O 287 8.68 96.73 -18.64
C VAL O 287 8.39 98.13 -19.35
N ASP O 288 9.31 99.10 -19.32
CA ASP O 288 9.19 100.34 -20.02
C ASP O 288 9.23 100.24 -21.53
N LYS O 289 10.05 99.26 -22.06
CA LYS O 289 10.04 98.89 -23.54
C LYS O 289 8.68 98.29 -24.01
N ILE O 290 7.89 97.76 -23.14
CA ILE O 290 6.51 97.32 -23.51
C ILE O 290 5.51 98.44 -23.28
N LEU O 291 5.54 99.19 -22.18
CA LEU O 291 4.68 100.32 -22.04
C LEU O 291 4.96 101.50 -22.93
N ALA O 292 6.17 101.57 -23.58
CA ALA O 292 6.49 102.51 -24.67
C ALA O 292 5.57 102.36 -25.86
N THR O 293 4.83 101.27 -25.85
CA THR O 293 4.07 100.83 -27.08
C THR O 293 2.63 101.24 -27.01
N GLY O 294 2.13 101.54 -25.76
CA GLY O 294 0.74 101.89 -25.54
C GLY O 294 -0.01 100.74 -24.92
N ALA O 295 0.69 99.61 -24.48
CA ALA O 295 0.10 98.57 -23.69
C ALA O 295 -0.30 99.03 -22.28
N ASN O 296 -1.49 98.68 -21.83
CA ASN O 296 -1.91 99.10 -20.48
C ASN O 296 -2.54 97.98 -19.70
N VAL O 297 -2.46 96.77 -20.22
CA VAL O 297 -2.81 95.52 -19.60
C VAL O 297 -1.59 94.65 -20.01
N ILE O 298 -1.21 93.65 -19.17
CA ILE O 298 -0.06 92.84 -19.50
C ILE O 298 -0.30 91.43 -19.00
N ILE O 299 -0.30 90.38 -19.96
CA ILE O 299 -0.56 88.98 -19.56
C ILE O 299 0.66 88.31 -20.09
N CYS O 300 1.07 87.31 -19.31
CA CYS O 300 2.28 86.69 -19.62
C CYS O 300 2.09 85.16 -19.56
N GLN O 301 3.18 84.44 -19.95
CA GLN O 301 3.10 83.00 -19.82
C GLN O 301 4.42 82.65 -19.13
N LYS O 302 5.16 83.67 -18.68
CA LYS O 302 6.42 83.54 -17.93
C LYS O 302 6.21 84.38 -16.70
N GLY O 303 7.23 84.39 -15.76
CA GLY O 303 7.05 85.08 -14.50
C GLY O 303 7.18 86.64 -14.56
N ILE O 304 6.89 87.41 -13.49
CA ILE O 304 6.94 88.89 -13.43
C ILE O 304 7.39 89.37 -12.08
N ASP O 305 8.54 90.00 -11.95
CA ASP O 305 9.12 90.30 -10.65
C ASP O 305 8.27 90.94 -9.61
N GLU O 306 8.50 90.68 -8.31
CA GLU O 306 7.68 91.30 -7.30
C GLU O 306 8.01 92.72 -7.10
N VAL O 307 9.23 93.18 -7.49
CA VAL O 307 9.49 94.59 -7.53
C VAL O 307 8.95 95.21 -8.83
N ALA O 308 8.98 94.50 -9.94
CA ALA O 308 8.35 95.08 -11.19
C ALA O 308 6.74 95.05 -11.07
N GLN O 309 6.09 94.29 -10.16
CA GLN O 309 4.67 94.29 -9.89
C GLN O 309 4.34 95.57 -9.13
N SER O 310 5.12 95.95 -8.09
CA SER O 310 4.99 97.20 -7.37
C SER O 310 5.27 98.47 -8.32
N TYR O 311 6.07 98.28 -9.39
CA TYR O 311 6.38 99.26 -10.41
C TYR O 311 5.25 99.42 -11.37
N LEU O 312 4.60 98.32 -11.86
CA LEU O 312 3.38 98.20 -12.65
C LEU O 312 2.11 98.65 -11.90
N ALA O 313 2.04 98.48 -10.56
CA ALA O 313 0.93 99.07 -9.77
C ALA O 313 1.06 100.60 -9.82
N LYS O 314 2.29 101.20 -9.66
CA LYS O 314 2.54 102.60 -9.69
C LYS O 314 2.44 103.27 -11.05
N LYS O 315 2.60 102.46 -12.15
CA LYS O 315 2.34 102.93 -13.48
C LYS O 315 0.88 102.85 -13.76
N GLY O 316 0.10 102.07 -12.95
CA GLY O 316 -1.30 101.80 -13.03
C GLY O 316 -1.77 100.86 -13.99
N VAL O 317 -1.01 99.91 -14.36
CA VAL O 317 -1.24 98.79 -15.25
C VAL O 317 -1.88 97.69 -14.54
N LEU O 318 -2.55 96.88 -15.34
CA LEU O 318 -3.23 95.68 -14.83
C LEU O 318 -2.47 94.44 -15.38
N ALA O 319 -1.82 93.65 -14.58
CA ALA O 319 -1.05 92.49 -15.05
C ALA O 319 -1.45 91.14 -14.62
N VAL O 320 -1.23 90.05 -15.43
CA VAL O 320 -1.44 88.66 -15.04
C VAL O 320 -0.12 87.86 -15.25
N ARG O 321 0.22 86.97 -14.33
CA ARG O 321 1.46 86.21 -14.39
C ARG O 321 1.28 84.68 -14.65
N ARG O 322 1.98 84.11 -15.67
CA ARG O 322 1.84 82.70 -15.99
C ARG O 322 0.40 82.19 -16.24
N ALA O 323 -0.34 82.90 -17.07
CA ALA O 323 -1.60 82.56 -17.67
C ALA O 323 -1.36 81.41 -18.66
N LYS O 324 -2.27 80.41 -18.72
CA LYS O 324 -2.04 79.27 -19.66
C LYS O 324 -1.91 79.70 -21.10
N LYS O 325 -0.95 79.19 -21.86
CA LYS O 325 -0.87 79.45 -23.35
C LYS O 325 -2.18 79.13 -24.07
N SER O 326 -2.87 78.13 -23.51
CA SER O 326 -4.23 77.77 -23.91
C SER O 326 -5.17 78.89 -23.98
N ASP O 327 -5.02 79.95 -23.12
CA ASP O 327 -5.93 81.03 -23.01
C ASP O 327 -5.48 82.33 -23.62
N LEU O 328 -4.17 82.46 -23.71
CA LEU O 328 -3.42 83.49 -24.45
C LEU O 328 -3.71 83.49 -25.99
N GLU O 329 -3.75 82.23 -26.58
CA GLU O 329 -4.24 81.98 -27.90
C GLU O 329 -5.65 82.36 -28.23
N LYS O 330 -6.65 81.94 -27.44
CA LYS O 330 -8.07 82.28 -27.58
C LYS O 330 -8.29 83.73 -27.50
N LEU O 331 -7.40 84.50 -26.82
CA LEU O 331 -7.46 85.92 -26.65
C LEU O 331 -6.80 86.66 -27.77
N ALA O 332 -5.83 85.93 -28.39
CA ALA O 332 -5.10 86.38 -29.55
C ALA O 332 -6.05 86.67 -30.75
N ARG O 333 -6.63 85.57 -31.34
CA ARG O 333 -7.45 85.79 -32.49
C ARG O 333 -8.79 86.45 -32.23
N ALA O 334 -9.07 86.77 -30.91
CA ALA O 334 -10.24 87.47 -30.38
C ALA O 334 -10.01 88.98 -30.33
N THR O 335 -8.76 89.46 -30.18
CA THR O 335 -8.37 90.88 -29.96
C THR O 335 -7.61 91.42 -31.08
N GLY O 336 -7.09 90.56 -32.00
CA GLY O 336 -6.11 91.06 -32.96
C GLY O 336 -4.61 90.92 -32.59
N GLY O 337 -4.43 90.40 -31.33
CA GLY O 337 -3.17 90.12 -30.74
C GLY O 337 -2.38 88.96 -31.34
N ARG O 338 -1.23 88.67 -30.79
CA ARG O 338 -0.36 87.64 -31.13
C ARG O 338 0.53 87.32 -29.90
N VAL O 339 1.17 86.15 -29.74
CA VAL O 339 2.01 85.90 -28.61
C VAL O 339 3.45 86.48 -28.85
N VAL O 340 3.98 87.35 -28.03
CA VAL O 340 5.29 87.96 -28.24
C VAL O 340 6.24 87.54 -27.20
N SER O 341 7.32 86.88 -27.53
CA SER O 341 8.29 86.23 -26.73
C SER O 341 9.56 87.11 -26.51
N ASN O 342 9.56 88.30 -27.23
CA ASN O 342 10.61 89.29 -27.16
C ASN O 342 10.13 90.77 -27.14
N ILE O 343 10.51 91.42 -26.02
CA ILE O 343 10.13 92.80 -25.66
C ILE O 343 10.49 93.81 -26.70
N ASP O 344 11.50 93.67 -27.53
CA ASP O 344 11.99 94.56 -28.58
C ASP O 344 11.15 94.38 -29.81
N GLU O 345 10.04 93.62 -29.72
CA GLU O 345 9.21 93.15 -30.83
C GLU O 345 7.72 93.47 -30.56
N ILE O 346 7.27 94.10 -29.42
CA ILE O 346 5.92 94.47 -29.13
C ILE O 346 5.61 95.87 -29.54
N SER O 347 4.87 95.95 -30.61
CA SER O 347 4.45 97.16 -31.30
C SER O 347 2.96 97.33 -31.20
N GLU O 348 2.29 98.39 -31.64
CA GLU O 348 0.85 98.61 -31.63
C GLU O 348 -0.01 97.58 -32.39
N GLN O 349 0.58 96.65 -33.10
CA GLN O 349 -0.16 95.67 -33.84
C GLN O 349 0.07 94.23 -33.28
N ASP O 350 0.90 94.04 -32.26
CA ASP O 350 1.11 92.74 -31.74
C ASP O 350 0.34 92.69 -30.46
N LEU O 351 -0.33 93.85 -30.10
CA LEU O 351 -1.14 94.01 -28.88
C LEU O 351 -2.58 93.87 -29.27
N GLY O 352 -3.40 93.63 -28.29
CA GLY O 352 -4.78 93.19 -28.45
C GLY O 352 -5.75 94.29 -28.12
N TYR O 353 -6.91 94.36 -28.81
CA TYR O 353 -7.92 95.42 -28.61
C TYR O 353 -9.20 94.93 -27.91
N ALA O 354 -9.59 95.48 -26.71
CA ALA O 354 -10.73 95.19 -25.90
C ALA O 354 -11.14 96.49 -25.18
N SER O 355 -12.44 96.74 -25.10
CA SER O 355 -12.99 97.96 -24.56
C SER O 355 -12.72 98.20 -23.14
N LEU O 356 -12.78 97.17 -22.31
CA LEU O 356 -12.67 97.21 -20.86
C LEU O 356 -12.22 95.92 -20.38
N ILE O 357 -11.15 95.87 -19.57
CA ILE O 357 -10.68 94.61 -19.05
C ILE O 357 -10.92 94.65 -17.53
N GLU O 358 -11.31 93.54 -16.91
CA GLU O 358 -11.38 93.65 -15.50
C GLU O 358 -11.06 92.33 -14.91
N GLU O 359 -10.94 92.23 -13.55
CA GLU O 359 -10.92 90.93 -12.94
C GLU O 359 -12.28 90.79 -12.24
N ARG O 360 -12.88 89.64 -12.00
CA ARG O 360 -14.09 89.51 -11.26
C ARG O 360 -13.98 88.25 -10.52
N LYS O 361 -14.35 88.25 -9.28
CA LYS O 361 -14.38 87.19 -8.31
C LYS O 361 -15.83 86.63 -8.27
N VAL O 362 -16.15 85.54 -8.98
CA VAL O 362 -17.42 84.91 -8.97
C VAL O 362 -17.80 84.19 -7.71
N GLY O 363 -16.82 83.56 -7.03
CA GLY O 363 -17.04 82.76 -5.82
C GLY O 363 -15.98 83.06 -4.78
N GLU O 364 -15.09 82.05 -4.67
CA GLU O 364 -13.90 82.10 -3.89
C GLU O 364 -12.70 82.27 -4.77
N ASP O 365 -12.90 82.03 -6.08
CA ASP O 365 -11.90 82.20 -7.06
C ASP O 365 -12.23 83.43 -7.96
N LYS O 366 -11.13 84.05 -8.49
CA LYS O 366 -11.30 85.18 -9.38
C LYS O 366 -10.42 85.04 -10.57
N MET O 367 -10.81 85.69 -11.70
CA MET O 367 -10.18 85.60 -12.98
C MET O 367 -10.42 86.83 -13.87
N VAL O 368 -9.62 87.07 -14.99
CA VAL O 368 -9.69 88.25 -15.84
C VAL O 368 -10.62 88.17 -17.05
N PHE O 369 -11.44 89.20 -17.31
CA PHE O 369 -12.43 89.23 -18.39
C PHE O 369 -12.01 90.32 -19.35
N VAL O 370 -12.31 90.10 -20.62
CA VAL O 370 -11.82 90.92 -21.75
C VAL O 370 -13.04 91.14 -22.66
N GLU O 371 -14.12 91.80 -22.10
CA GLU O 371 -15.27 92.16 -22.76
C GLU O 371 -14.99 93.34 -23.80
N GLY O 372 -15.76 93.42 -24.89
CA GLY O 372 -15.55 94.52 -25.89
C GLY O 372 -14.49 94.18 -26.91
N ALA O 373 -14.23 92.90 -27.11
CA ALA O 373 -13.22 92.36 -28.01
C ALA O 373 -13.45 92.56 -29.51
N LYS O 374 -12.38 92.58 -30.26
CA LYS O 374 -12.33 93.03 -31.62
C LYS O 374 -13.03 92.06 -32.51
N ASN O 375 -12.88 90.74 -32.26
CA ASN O 375 -13.51 89.66 -33.08
C ASN O 375 -14.86 89.34 -32.36
N PRO O 376 -16.15 89.63 -32.81
CA PRO O 376 -17.43 89.56 -32.04
C PRO O 376 -17.90 88.12 -31.89
N LYS O 377 -17.32 87.17 -32.62
CA LYS O 377 -17.66 85.78 -32.45
C LYS O 377 -17.13 85.19 -31.18
N SER O 378 -15.92 85.52 -30.67
CA SER O 378 -15.31 84.91 -29.49
C SER O 378 -15.95 85.23 -28.12
N ILE O 379 -16.51 84.19 -27.50
CA ILE O 379 -17.29 84.30 -26.28
C ILE O 379 -16.76 83.26 -25.34
N SER O 380 -17.26 83.31 -24.06
CA SER O 380 -16.82 82.32 -23.08
C SER O 380 -17.97 81.83 -22.27
N ILE O 381 -17.76 80.69 -21.68
CA ILE O 381 -18.76 80.07 -20.89
C ILE O 381 -18.11 79.94 -19.51
N LEU O 382 -18.80 80.09 -18.36
CA LEU O 382 -18.32 79.93 -17.05
C LEU O 382 -19.08 78.81 -16.35
N ILE O 383 -18.30 77.74 -16.08
CA ILE O 383 -18.87 76.58 -15.39
C ILE O 383 -18.69 76.72 -13.90
N ARG O 384 -19.78 76.44 -13.14
CA ARG O 384 -19.79 76.50 -11.73
C ARG O 384 -20.74 75.37 -11.44
N GLY O 385 -20.62 74.68 -10.23
CA GLY O 385 -21.55 73.63 -10.13
C GLY O 385 -21.12 72.66 -9.09
N GLY O 386 -21.16 73.12 -7.81
CA GLY O 386 -20.80 72.38 -6.62
C GLY O 386 -19.40 71.75 -6.62
N LEU O 387 -19.34 70.52 -6.19
CA LEU O 387 -18.21 69.68 -6.00
C LEU O 387 -17.02 69.75 -7.08
N GLU O 388 -15.77 69.82 -6.56
CA GLU O 388 -14.57 70.13 -7.31
C GLU O 388 -14.32 69.27 -8.54
N ARG O 389 -14.95 68.10 -8.57
CA ARG O 389 -14.95 67.15 -9.67
C ARG O 389 -16.32 67.11 -10.41
N LEU O 390 -17.46 67.33 -9.66
CA LEU O 390 -18.78 67.41 -10.28
C LEU O 390 -18.76 68.54 -11.29
N VAL O 391 -18.09 69.76 -11.07
CA VAL O 391 -17.82 70.88 -11.94
C VAL O 391 -16.95 70.51 -13.08
N ASP O 392 -15.99 69.63 -12.84
CA ASP O 392 -15.15 69.17 -13.89
C ASP O 392 -15.98 68.43 -15.03
N GLU O 393 -16.83 67.47 -14.58
CA GLU O 393 -17.73 66.61 -15.38
C GLU O 393 -18.98 67.34 -16.00
N THR O 394 -19.32 68.53 -15.43
CA THR O 394 -20.24 69.43 -16.00
C THR O 394 -19.59 70.14 -17.22
N GLU O 395 -18.24 70.34 -17.19
CA GLU O 395 -17.50 71.02 -18.28
C GLU O 395 -17.41 70.12 -19.51
N ARG O 396 -17.36 68.80 -19.32
CA ARG O 396 -17.46 67.65 -20.24
C ARG O 396 -18.76 67.56 -20.82
N ALA O 397 -19.86 67.50 -20.06
CA ALA O 397 -21.26 67.50 -20.52
C ALA O 397 -21.51 68.76 -21.49
N LEU O 398 -20.99 69.92 -21.07
CA LEU O 398 -21.08 71.20 -21.82
C LEU O 398 -20.31 71.09 -23.11
N ARG O 399 -19.06 70.48 -23.11
CA ARG O 399 -18.30 70.32 -24.39
C ARG O 399 -19.17 69.48 -25.38
N ASP O 400 -19.71 68.37 -24.87
CA ASP O 400 -20.43 67.38 -25.65
C ASP O 400 -21.68 67.92 -26.27
N ALA O 401 -22.40 68.68 -25.41
CA ALA O 401 -23.55 69.57 -25.73
C ALA O 401 -23.37 70.65 -26.75
N LEU O 402 -22.24 71.37 -26.68
CA LEU O 402 -21.80 72.35 -27.65
C LEU O 402 -21.52 71.67 -28.98
N GLY O 403 -20.69 70.59 -28.88
CA GLY O 403 -20.42 69.67 -29.98
C GLY O 403 -21.56 69.29 -30.79
N THR O 404 -22.58 68.65 -30.14
CA THR O 404 -23.83 68.15 -30.67
C THR O 404 -24.60 69.27 -31.36
N VAL O 405 -24.79 70.43 -30.75
CA VAL O 405 -25.42 71.59 -31.34
C VAL O 405 -24.74 72.08 -32.58
N ALA O 406 -23.37 72.05 -32.52
CA ALA O 406 -22.61 72.41 -33.74
C ALA O 406 -22.71 71.40 -34.88
N ASP O 407 -22.85 70.10 -34.61
CA ASP O 407 -23.00 69.23 -35.78
C ASP O 407 -24.29 69.41 -36.48
N VAL O 408 -25.34 69.63 -35.77
CA VAL O 408 -26.70 69.81 -36.34
C VAL O 408 -26.77 71.00 -37.26
N ILE O 409 -26.12 72.15 -36.97
CA ILE O 409 -26.00 73.27 -37.89
C ILE O 409 -25.06 72.92 -39.05
N LYS O 410 -23.87 72.28 -38.76
CA LYS O 410 -22.88 71.93 -39.81
C LYS O 410 -23.39 71.00 -40.93
N ASP O 411 -24.41 70.18 -40.54
CA ASP O 411 -24.99 69.15 -41.27
C ASP O 411 -26.32 69.73 -41.88
N GLY O 412 -27.35 69.86 -41.02
CA GLY O 412 -28.59 70.50 -41.35
C GLY O 412 -29.78 69.66 -41.04
N ARG O 413 -29.63 68.45 -40.53
CA ARG O 413 -30.62 67.43 -40.32
C ARG O 413 -30.84 66.92 -38.85
N ALA O 414 -32.09 66.67 -38.43
CA ALA O 414 -32.26 66.05 -37.07
C ALA O 414 -33.47 65.19 -36.96
N ILE O 415 -33.47 64.03 -36.31
CA ILE O 415 -34.57 63.10 -36.29
C ILE O 415 -35.09 62.90 -34.92
N ALA O 416 -36.24 62.28 -34.73
CA ALA O 416 -36.83 61.97 -33.43
C ALA O 416 -36.17 60.81 -32.76
N GLY O 417 -35.78 60.93 -31.48
CA GLY O 417 -35.17 59.84 -30.73
C GLY O 417 -36.19 58.86 -30.27
N GLY O 418 -35.84 58.12 -29.20
CA GLY O 418 -36.86 57.27 -28.57
C GLY O 418 -37.34 56.08 -29.39
N GLY O 419 -36.66 55.72 -30.49
CA GLY O 419 -37.03 54.57 -31.25
C GLY O 419 -37.79 54.83 -32.46
N ALA O 420 -38.10 56.14 -32.71
CA ALA O 420 -38.92 56.47 -33.86
C ALA O 420 -38.46 55.96 -35.14
N VAL O 421 -37.27 56.40 -35.49
CA VAL O 421 -36.64 56.00 -36.72
C VAL O 421 -36.30 54.49 -36.80
N GLU O 422 -36.14 53.87 -35.64
CA GLU O 422 -35.83 52.48 -35.43
C GLU O 422 -37.01 51.66 -35.94
N ILE O 423 -38.20 51.71 -35.34
CA ILE O 423 -39.37 50.98 -35.85
C ILE O 423 -39.72 51.18 -37.30
N GLU O 424 -39.44 52.41 -37.82
CA GLU O 424 -39.61 52.79 -39.17
C GLU O 424 -38.66 51.98 -40.16
N ILE O 425 -37.34 52.04 -39.86
CA ILE O 425 -36.43 51.25 -40.64
C ILE O 425 -36.71 49.71 -40.66
N ALA O 426 -37.25 49.22 -39.56
CA ALA O 426 -37.57 47.84 -39.24
C ALA O 426 -38.75 47.69 -40.11
N LYS O 427 -39.93 48.28 -39.87
CA LYS O 427 -41.10 48.22 -40.82
C LYS O 427 -40.80 48.28 -42.32
N LYS O 428 -40.06 49.33 -42.83
CA LYS O 428 -39.61 49.33 -44.22
C LYS O 428 -38.76 48.13 -44.72
N LEU O 429 -37.87 47.52 -43.88
CA LEU O 429 -37.09 46.39 -44.29
C LEU O 429 -37.91 45.19 -44.36
N ARG O 430 -38.89 45.02 -43.41
CA ARG O 430 -39.78 43.90 -43.41
C ARG O 430 -40.60 43.85 -44.68
N LYS O 431 -41.10 45.04 -45.13
CA LYS O 431 -41.73 45.11 -46.46
C LYS O 431 -40.82 44.90 -47.71
N TYR O 432 -39.47 45.25 -47.57
CA TYR O 432 -38.54 45.15 -48.66
C TYR O 432 -38.18 43.68 -48.99
N ALA O 433 -37.78 42.95 -47.91
CA ALA O 433 -37.41 41.55 -47.87
C ALA O 433 -38.14 40.68 -48.90
N PRO O 434 -39.54 40.44 -49.00
CA PRO O 434 -40.25 39.74 -50.03
C PRO O 434 -39.67 39.78 -51.46
N GLN O 435 -39.30 41.00 -51.84
CA GLN O 435 -38.81 41.41 -53.13
C GLN O 435 -37.27 41.20 -53.46
N VAL O 436 -36.44 41.10 -52.31
CA VAL O 436 -34.93 41.14 -52.44
C VAL O 436 -34.32 39.93 -53.10
N GLY O 437 -34.76 38.67 -52.77
CA GLY O 437 -34.27 37.34 -53.22
C GLY O 437 -34.77 36.15 -52.42
N GLY O 438 -34.19 34.95 -52.56
CA GLY O 438 -34.40 33.71 -51.81
C GLY O 438 -33.99 33.81 -50.32
N LYS O 439 -32.71 33.39 -50.09
CA LYS O 439 -32.12 33.33 -48.79
C LYS O 439 -31.90 34.68 -48.26
N GLU O 440 -31.44 35.59 -49.18
CA GLU O 440 -31.23 37.06 -48.84
C GLU O 440 -32.37 37.78 -48.09
N GLN O 441 -33.64 37.33 -48.36
CA GLN O 441 -34.88 37.74 -47.75
C GLN O 441 -34.75 37.61 -46.29
N LEU O 442 -34.38 36.41 -45.74
CA LEU O 442 -34.13 36.06 -44.43
C LEU O 442 -33.09 36.96 -43.70
N ALA O 443 -32.02 37.32 -44.48
CA ALA O 443 -30.91 38.19 -43.97
C ALA O 443 -31.47 39.66 -43.58
N VAL O 444 -32.23 40.21 -44.56
CA VAL O 444 -32.85 41.50 -44.47
C VAL O 444 -33.82 41.44 -43.34
N GLU O 445 -34.70 40.42 -43.27
CA GLU O 445 -35.68 40.28 -42.21
C GLU O 445 -34.96 40.33 -40.82
N ALA O 446 -33.77 39.72 -40.69
CA ALA O 446 -32.88 39.63 -39.53
C ALA O 446 -32.33 40.96 -39.07
N TYR O 447 -31.70 41.68 -40.00
CA TYR O 447 -31.32 43.07 -39.86
C TYR O 447 -32.47 44.03 -39.36
N ALA O 448 -33.71 43.78 -39.85
CA ALA O 448 -34.94 44.51 -39.37
C ALA O 448 -35.26 44.09 -37.98
N ASN O 449 -35.33 42.81 -37.57
CA ASN O 449 -35.53 42.32 -36.19
C ASN O 449 -34.53 42.93 -35.28
N ALA O 450 -33.23 43.07 -35.69
CA ALA O 450 -32.19 43.84 -35.01
C ALA O 450 -32.55 45.31 -34.75
N LEU O 451 -33.24 46.00 -35.65
CA LEU O 451 -33.64 47.38 -35.41
C LEU O 451 -34.72 47.42 -34.24
N GLU O 452 -35.62 46.41 -34.10
CA GLU O 452 -36.62 46.35 -33.04
C GLU O 452 -35.85 46.03 -31.72
N SER O 453 -34.77 45.20 -31.73
CA SER O 453 -33.88 44.95 -30.55
C SER O 453 -33.32 46.14 -29.78
N LEU O 454 -32.98 47.20 -30.56
CA LEU O 454 -32.44 48.42 -30.04
C LEU O 454 -33.33 49.11 -28.98
N VAL O 455 -34.61 49.18 -29.45
CA VAL O 455 -35.67 49.87 -28.70
C VAL O 455 -36.13 48.97 -27.52
N SER O 456 -35.92 47.73 -27.75
CA SER O 456 -36.12 46.74 -26.65
C SER O 456 -35.10 46.87 -25.56
N ILE O 457 -33.74 46.96 -25.88
CA ILE O 457 -32.76 47.26 -24.85
C ILE O 457 -33.16 48.57 -24.11
N LEU O 458 -33.66 49.64 -24.79
CA LEU O 458 -34.02 50.94 -24.27
C LEU O 458 -35.19 50.94 -23.23
N ILE O 459 -36.30 50.28 -23.61
CA ILE O 459 -37.40 50.03 -22.77
C ILE O 459 -36.93 49.23 -21.56
N GLU O 460 -36.27 48.04 -21.76
CA GLU O 460 -35.66 47.21 -20.73
C GLU O 460 -34.93 47.91 -19.62
N ASN O 461 -33.92 48.73 -20.01
CA ASN O 461 -33.12 49.62 -19.12
C ASN O 461 -33.99 50.65 -18.44
N ALA O 462 -35.25 50.91 -18.92
CA ALA O 462 -36.04 51.98 -18.17
C ALA O 462 -36.76 51.37 -16.97
N GLY O 463 -36.99 50.00 -17.05
CA GLY O 463 -37.42 49.20 -15.91
C GLY O 463 -38.81 48.78 -16.13
N PHE O 464 -39.13 48.65 -17.46
CA PHE O 464 -40.47 48.40 -17.89
C PHE O 464 -40.31 47.21 -18.83
N ASP O 465 -41.44 46.57 -19.26
CA ASP O 465 -41.53 45.41 -20.13
C ASP O 465 -41.34 45.67 -21.61
N PRO O 466 -40.26 45.30 -22.18
CA PRO O 466 -39.91 45.62 -23.58
C PRO O 466 -40.94 45.26 -24.68
N ILE O 467 -41.45 43.96 -24.72
CA ILE O 467 -42.25 43.48 -25.75
C ILE O 467 -43.63 44.22 -25.83
N ASP O 468 -44.31 44.38 -24.69
CA ASP O 468 -45.54 45.14 -24.48
C ASP O 468 -45.53 46.54 -25.02
N LEU O 469 -44.58 47.41 -24.58
CA LEU O 469 -44.45 48.77 -25.09
C LEU O 469 -44.09 48.85 -26.56
N LEU O 470 -43.18 47.95 -27.09
CA LEU O 470 -42.95 47.89 -28.48
C LEU O 470 -44.16 47.54 -29.38
N MET O 471 -45.01 46.53 -29.07
CA MET O 471 -46.19 46.16 -29.75
C MET O 471 -47.23 47.32 -29.65
N LYS O 472 -47.37 47.84 -28.42
CA LYS O 472 -48.27 49.01 -28.12
C LYS O 472 -47.77 50.22 -29.02
N LEU O 473 -46.45 50.28 -29.30
CA LEU O 473 -45.91 51.40 -30.05
C LEU O 473 -46.11 51.07 -31.55
N ARG O 474 -45.72 49.87 -32.07
CA ARG O 474 -45.93 49.42 -33.45
C ARG O 474 -47.30 49.32 -33.91
N SER O 475 -48.32 49.42 -33.00
CA SER O 475 -49.72 49.50 -33.44
C SER O 475 -50.07 50.96 -33.71
N THR O 476 -49.61 51.90 -32.80
CA THR O 476 -49.75 53.34 -32.85
C THR O 476 -48.81 53.88 -33.89
N HIS O 477 -48.11 53.03 -34.68
CA HIS O 477 -47.21 53.42 -35.81
C HIS O 477 -47.54 53.06 -37.28
N GLU O 478 -48.78 52.61 -37.54
CA GLU O 478 -49.12 52.27 -38.89
C GLU O 478 -49.29 53.51 -39.75
N ASN O 479 -49.84 54.58 -39.22
CA ASN O 479 -49.96 55.83 -39.93
C ASN O 479 -48.48 56.38 -40.16
N GLU O 480 -48.22 56.84 -41.38
CA GLU O 480 -46.96 57.38 -41.77
C GLU O 480 -46.76 58.69 -41.11
N ASN O 481 -47.81 59.44 -40.69
CA ASN O 481 -47.56 60.72 -39.99
C ASN O 481 -47.35 60.39 -38.48
N ASN O 482 -47.24 59.16 -38.07
CA ASN O 482 -46.88 58.84 -36.72
C ASN O 482 -45.38 58.39 -36.64
N LYS O 483 -44.59 58.65 -37.66
CA LYS O 483 -43.17 58.31 -37.80
C LYS O 483 -42.32 58.83 -36.64
N TRP O 484 -42.73 59.88 -35.84
CA TRP O 484 -41.89 60.36 -34.79
C TRP O 484 -42.39 59.83 -33.46
N TYR O 485 -43.28 58.87 -33.52
CA TYR O 485 -43.66 58.17 -32.27
C TYR O 485 -42.58 57.16 -31.84
N GLY O 486 -42.26 57.14 -30.49
CA GLY O 486 -41.29 56.34 -29.76
C GLY O 486 -41.90 55.98 -28.42
N ILE O 487 -41.06 55.61 -27.47
CA ILE O 487 -41.51 55.30 -26.12
C ILE O 487 -40.83 56.25 -25.15
N ASP O 488 -41.58 57.21 -24.53
CA ASP O 488 -41.05 58.07 -23.47
C ASP O 488 -40.48 57.27 -22.21
N LEU O 489 -39.20 57.26 -21.84
CA LEU O 489 -38.68 56.37 -20.92
C LEU O 489 -38.99 56.82 -19.50
N TYR O 490 -39.48 58.04 -19.34
CA TYR O 490 -39.84 58.57 -18.03
C TYR O 490 -41.29 58.26 -17.78
N ALA O 491 -42.22 58.49 -18.76
CA ALA O 491 -43.62 58.12 -18.55
C ALA O 491 -44.00 56.71 -18.80
N GLY O 492 -43.20 55.94 -19.61
CA GLY O 492 -43.40 54.55 -19.83
C GLY O 492 -44.62 54.30 -20.70
N GLN O 493 -44.61 54.90 -21.94
CA GLN O 493 -45.76 54.92 -22.82
C GLN O 493 -45.45 55.56 -24.25
N PRO O 494 -46.07 55.14 -25.39
CA PRO O 494 -45.83 55.68 -26.70
C PRO O 494 -46.18 57.08 -26.79
N VAL O 495 -45.25 57.93 -27.30
CA VAL O 495 -45.56 59.26 -27.50
C VAL O 495 -44.91 59.81 -28.73
N ASP O 496 -45.28 61.02 -29.18
CA ASP O 496 -44.60 61.71 -30.28
C ASP O 496 -43.34 62.40 -29.66
N MET O 497 -42.17 61.82 -29.92
CA MET O 497 -40.91 62.16 -29.26
C MET O 497 -40.49 63.62 -29.51
N TRP O 498 -40.67 64.07 -30.82
CA TRP O 498 -40.43 65.45 -31.25
C TRP O 498 -41.22 66.47 -30.42
N GLN O 499 -42.59 66.33 -30.28
CA GLN O 499 -43.51 67.08 -29.47
C GLN O 499 -43.40 66.71 -27.93
N LYS O 500 -42.15 66.31 -27.51
CA LYS O 500 -41.88 66.04 -26.09
C LYS O 500 -40.37 66.36 -25.85
N GLY O 501 -39.69 67.02 -26.76
CA GLY O 501 -38.42 67.70 -26.62
C GLY O 501 -37.34 66.74 -26.79
N VAL O 502 -37.54 65.53 -27.28
CA VAL O 502 -36.51 64.59 -27.60
C VAL O 502 -36.25 64.62 -29.12
N ILE O 503 -35.27 65.37 -29.58
CA ILE O 503 -34.93 65.34 -30.99
C ILE O 503 -33.41 64.89 -30.96
N GLU O 504 -32.85 64.34 -31.98
CA GLU O 504 -31.50 63.87 -31.93
C GLU O 504 -30.88 64.16 -33.33
N PRO O 505 -29.56 64.33 -33.46
CA PRO O 505 -28.68 64.55 -34.69
C PRO O 505 -28.78 63.46 -35.74
N ALA O 506 -29.30 63.71 -36.97
CA ALA O 506 -29.55 62.62 -37.90
C ALA O 506 -28.26 61.90 -38.48
N LEU O 507 -27.06 62.48 -38.31
CA LEU O 507 -25.82 61.96 -38.86
C LEU O 507 -25.13 61.05 -37.90
N VAL O 508 -25.17 61.31 -36.56
CA VAL O 508 -24.72 60.36 -35.52
C VAL O 508 -25.38 59.05 -35.58
N LYS O 509 -26.69 59.04 -35.63
CA LYS O 509 -27.52 57.89 -35.67
C LYS O 509 -27.60 57.27 -37.05
N MET O 510 -26.77 57.76 -37.98
CA MET O 510 -26.63 57.27 -39.36
C MET O 510 -25.32 56.58 -39.46
N ASN O 511 -24.25 57.21 -38.87
CA ASN O 511 -22.97 56.66 -38.79
C ASN O 511 -22.91 55.45 -37.80
N ALA O 512 -23.80 55.45 -36.76
CA ALA O 512 -23.84 54.37 -35.78
C ALA O 512 -24.10 53.02 -36.56
N ILE O 513 -25.13 53.03 -37.43
CA ILE O 513 -25.44 51.96 -38.34
C ILE O 513 -24.33 51.62 -39.29
N LYS O 514 -23.70 52.68 -39.88
CA LYS O 514 -22.63 52.51 -40.89
C LYS O 514 -21.39 51.83 -40.21
N ALA O 515 -20.96 52.24 -38.99
CA ALA O 515 -19.90 51.73 -38.16
C ALA O 515 -20.20 50.25 -37.84
N ALA O 516 -21.33 49.95 -37.09
CA ALA O 516 -21.90 48.69 -36.89
C ALA O 516 -22.13 47.59 -38.00
N THR O 517 -22.76 48.01 -39.10
CA THR O 517 -22.85 47.16 -40.21
C THR O 517 -21.50 46.80 -40.86
N GLU O 518 -20.56 47.78 -40.89
CA GLU O 518 -19.20 47.56 -41.40
C GLU O 518 -18.52 46.39 -40.58
N ALA O 519 -18.53 46.51 -39.24
CA ALA O 519 -18.11 45.52 -38.30
C ALA O 519 -18.78 44.20 -38.49
N ALA O 520 -20.14 44.17 -38.50
CA ALA O 520 -20.92 42.94 -38.79
C ALA O 520 -20.49 42.09 -39.94
N THR O 521 -20.38 42.69 -41.20
CA THR O 521 -19.98 41.91 -42.45
C THR O 521 -18.54 41.44 -42.40
N LEU O 522 -17.64 42.08 -41.61
CA LEU O 522 -16.33 41.65 -41.36
C LEU O 522 -16.29 40.40 -40.48
N VAL O 523 -17.15 40.30 -39.42
CA VAL O 523 -17.20 39.15 -38.60
C VAL O 523 -17.60 37.84 -39.36
N LEU O 524 -18.54 38.05 -40.32
CA LEU O 524 -18.97 37.02 -41.25
C LEU O 524 -17.93 36.62 -42.35
N ARG O 525 -17.05 37.59 -42.76
CA ARG O 525 -16.04 37.38 -43.81
C ARG O 525 -14.90 36.44 -43.40
N ILE O 526 -14.58 36.42 -42.09
CA ILE O 526 -13.56 35.64 -41.50
C ILE O 526 -13.91 34.15 -41.39
N ASP O 527 -13.36 33.29 -42.30
CA ASP O 527 -13.50 31.90 -42.32
C ASP O 527 -12.69 31.22 -41.30
N ASP O 528 -11.37 31.53 -41.08
CA ASP O 528 -10.56 30.81 -40.15
C ASP O 528 -9.53 31.76 -39.70
N VAL O 529 -8.93 31.51 -38.52
CA VAL O 529 -7.94 32.36 -37.91
C VAL O 529 -6.65 31.50 -37.67
N VAL O 530 -5.52 32.22 -37.67
CA VAL O 530 -4.21 31.72 -37.54
C VAL O 530 -3.43 32.50 -36.43
N SER O 531 -2.65 31.79 -35.60
CA SER O 531 -1.91 32.34 -34.50
C SER O 531 -0.44 31.84 -34.44
N ALA O 532 0.43 32.81 -34.22
CA ALA O 532 1.80 32.60 -34.00
C ALA O 532 2.16 32.42 -32.47
N GLY P 28 8.24 3.74 -51.51
CA GLY P 28 6.93 3.04 -51.25
C GLY P 28 5.92 3.73 -50.46
N LYS P 29 4.73 3.15 -50.34
CA LYS P 29 3.51 3.71 -49.69
C LYS P 29 3.66 4.35 -48.31
N GLU P 30 4.58 3.72 -47.53
CA GLU P 30 5.20 4.30 -46.35
C GLU P 30 5.39 5.87 -46.38
N ALA P 31 6.35 6.44 -47.10
CA ALA P 31 6.55 7.93 -47.03
C ALA P 31 5.57 8.67 -47.90
N VAL P 32 5.25 8.12 -49.14
CA VAL P 32 4.33 8.73 -50.12
C VAL P 32 3.10 9.22 -49.47
N ARG P 33 2.57 8.61 -48.37
CA ARG P 33 1.36 9.16 -47.63
C ARG P 33 1.58 10.46 -46.96
N ALA P 34 2.68 10.61 -46.20
CA ALA P 34 3.14 11.79 -45.48
C ALA P 34 3.23 13.01 -46.37
N ASN P 35 3.95 12.94 -47.48
CA ASN P 35 3.98 13.87 -48.52
C ASN P 35 2.59 14.24 -49.08
N ILE P 36 1.72 13.28 -49.56
CA ILE P 36 0.32 13.49 -49.92
C ILE P 36 -0.47 14.30 -48.85
N ALA P 37 -0.48 13.75 -47.63
CA ALA P 37 -1.12 14.29 -46.42
C ALA P 37 -0.82 15.82 -46.31
N ALA P 38 0.48 16.06 -46.21
CA ALA P 38 1.01 17.37 -46.23
C ALA P 38 0.56 18.31 -47.37
N VAL P 39 0.56 17.73 -48.65
CA VAL P 39 0.01 18.39 -49.86
C VAL P 39 -1.43 18.70 -49.74
N LYS P 40 -2.30 17.78 -49.41
CA LYS P 40 -3.75 18.04 -49.16
C LYS P 40 -3.96 19.17 -48.15
N ALA P 41 -3.11 19.12 -47.10
CA ALA P 41 -3.14 20.05 -46.05
C ALA P 41 -2.99 21.45 -46.62
N VAL P 42 -1.95 21.70 -47.43
CA VAL P 42 -1.74 23.03 -48.09
C VAL P 42 -2.92 23.50 -48.94
N GLU P 43 -3.55 22.56 -49.67
CA GLU P 43 -4.85 22.83 -50.30
C GLU P 43 -6.00 23.28 -49.31
N GLU P 44 -6.16 22.59 -48.17
CA GLU P 44 -7.02 22.87 -47.02
C GLU P 44 -6.75 24.18 -46.39
N ALA P 45 -5.65 24.98 -46.79
CA ALA P 45 -5.34 26.32 -46.37
C ALA P 45 -5.87 27.37 -47.31
N LEU P 46 -6.08 27.08 -48.62
CA LEU P 46 -6.61 28.07 -49.54
C LEU P 46 -8.01 27.79 -50.09
N LYS P 47 -8.48 26.53 -50.22
CA LYS P 47 -9.74 26.08 -50.79
C LYS P 47 -11.00 27.05 -50.72
N SER P 48 -11.35 27.51 -49.51
CA SER P 48 -12.39 28.57 -49.27
C SER P 48 -12.05 30.02 -49.72
N THR P 49 -10.92 30.23 -50.45
CA THR P 49 -10.50 31.59 -50.89
C THR P 49 -10.48 31.74 -52.42
N TYR P 50 -10.82 30.65 -53.08
CA TYR P 50 -10.90 30.61 -54.47
C TYR P 50 -12.06 31.42 -55.03
N GLY P 51 -11.64 32.06 -56.14
CA GLY P 51 -12.45 33.02 -56.84
C GLY P 51 -12.88 34.22 -56.05
N PRO P 52 -13.67 35.13 -56.62
CA PRO P 52 -14.00 36.40 -56.05
C PRO P 52 -15.01 36.28 -54.93
N ARG P 53 -15.55 35.09 -54.83
CA ARG P 53 -16.51 34.68 -53.84
C ARG P 53 -15.88 34.11 -52.61
N GLY P 54 -14.54 33.94 -52.63
CA GLY P 54 -13.70 33.45 -51.49
C GLY P 54 -13.76 34.16 -50.21
N MET P 55 -13.37 33.58 -49.10
CA MET P 55 -13.61 34.13 -47.79
C MET P 55 -12.27 34.40 -47.16
N ASP P 56 -12.13 35.43 -46.31
CA ASP P 56 -11.01 35.98 -45.68
C ASP P 56 -10.53 34.97 -44.51
N LYS P 57 -9.22 34.82 -44.43
CA LYS P 57 -8.55 34.12 -43.30
C LYS P 57 -7.88 35.22 -42.43
N MET P 58 -7.95 35.06 -41.05
CA MET P 58 -7.44 36.16 -40.21
C MET P 58 -6.12 35.65 -39.59
N LEU P 59 -5.14 36.54 -39.56
CA LEU P 59 -3.80 36.05 -39.35
C LEU P 59 -3.29 36.99 -38.26
N VAL P 60 -3.02 36.38 -37.08
CA VAL P 60 -2.47 37.03 -35.93
C VAL P 60 -1.00 36.67 -35.66
N ASP P 61 -0.17 37.67 -35.79
CA ASP P 61 1.24 37.64 -35.71
C ASP P 61 1.87 37.71 -34.35
N SER P 62 3.22 37.43 -34.25
CA SER P 62 3.94 37.28 -33.02
C SER P 62 3.79 38.21 -31.88
N LEU P 63 3.85 39.54 -32.14
CA LEU P 63 3.75 40.59 -31.12
C LEU P 63 2.29 40.95 -31.04
N GLY P 64 1.34 40.25 -31.65
CA GLY P 64 -0.08 40.53 -31.57
C GLY P 64 -0.69 41.19 -32.73
N ASP P 65 0.05 41.55 -33.77
CA ASP P 65 -0.49 42.35 -34.88
C ASP P 65 -1.50 41.53 -35.78
N ILE P 66 -2.62 42.14 -36.28
CA ILE P 66 -3.64 41.42 -37.05
C ILE P 66 -3.72 41.71 -38.56
N THR P 67 -3.90 40.72 -39.46
CA THR P 67 -3.95 40.85 -40.93
C THR P 67 -5.09 39.95 -41.33
N ILE P 68 -6.12 40.52 -41.88
CA ILE P 68 -7.23 39.79 -42.44
C ILE P 68 -7.08 39.92 -44.03
N THR P 69 -7.10 38.80 -44.71
CA THR P 69 -7.01 38.82 -46.15
C THR P 69 -7.59 37.57 -46.70
N ASN P 70 -7.62 37.40 -48.02
CA ASN P 70 -7.95 36.17 -48.70
C ASN P 70 -6.92 35.80 -49.73
N ASP P 71 -5.77 36.55 -49.73
CA ASP P 71 -4.64 36.43 -50.63
C ASP P 71 -3.68 35.28 -50.23
N GLY P 72 -3.48 34.38 -51.22
CA GLY P 72 -2.74 33.17 -51.22
C GLY P 72 -1.32 33.41 -50.68
N ALA P 73 -0.53 34.32 -51.26
CA ALA P 73 0.86 34.61 -50.79
C ALA P 73 1.05 34.75 -49.27
N THR P 74 0.40 35.74 -48.69
CA THR P 74 0.38 35.95 -47.22
C THR P 74 -0.03 34.80 -46.41
N ILE P 75 -1.10 34.04 -46.90
CA ILE P 75 -1.60 32.80 -46.17
C ILE P 75 -0.56 31.70 -46.14
N LEU P 76 0.43 31.79 -47.07
CA LEU P 76 1.51 30.80 -47.12
C LEU P 76 2.74 31.36 -46.48
N ASP P 77 2.97 32.73 -46.58
CA ASP P 77 4.16 33.34 -45.93
C ASP P 77 4.20 33.34 -44.47
N LYS P 78 3.08 33.77 -43.82
CA LYS P 78 2.90 33.89 -42.42
C LYS P 78 2.65 32.45 -41.80
N MET P 79 2.46 31.36 -42.55
CA MET P 79 2.15 29.99 -42.07
C MET P 79 3.43 29.11 -42.01
N ASP P 80 3.74 28.44 -40.88
CA ASP P 80 5.04 27.70 -40.74
C ASP P 80 4.91 26.30 -41.29
N LEU P 81 5.16 26.14 -42.65
CA LEU P 81 5.13 24.81 -43.29
C LEU P 81 6.44 24.12 -42.95
N GLN P 82 6.40 22.94 -42.27
CA GLN P 82 7.52 22.13 -41.83
C GLN P 82 7.99 21.05 -42.74
N HIS P 83 7.06 20.36 -43.39
CA HIS P 83 7.16 19.24 -44.21
C HIS P 83 7.86 19.65 -45.48
N PRO P 84 8.85 18.86 -45.93
CA PRO P 84 9.53 19.09 -47.18
C PRO P 84 8.70 19.26 -48.41
N ALA P 85 7.73 18.42 -48.70
CA ALA P 85 6.79 18.41 -49.77
C ALA P 85 6.12 19.72 -50.02
N ALA P 86 5.53 20.24 -48.91
CA ALA P 86 5.00 21.56 -48.83
C ALA P 86 6.01 22.64 -49.20
N LYS P 87 7.24 22.71 -48.63
CA LYS P 87 8.33 23.68 -48.88
C LYS P 87 8.73 23.59 -50.37
N LEU P 88 8.71 22.37 -51.06
CA LEU P 88 8.97 22.18 -52.53
C LEU P 88 7.80 22.74 -53.37
N LEU P 89 6.51 22.49 -52.89
CA LEU P 89 5.32 22.87 -53.50
C LEU P 89 5.05 24.31 -53.62
N VAL P 90 5.09 25.05 -52.54
CA VAL P 90 4.81 26.50 -52.66
C VAL P 90 5.75 27.23 -53.62
N GLN P 91 7.03 26.76 -53.65
CA GLN P 91 8.14 27.19 -54.44
C GLN P 91 7.96 26.98 -55.95
N ILE P 92 7.37 25.87 -56.40
CA ILE P 92 7.09 25.69 -57.74
C ILE P 92 5.80 26.47 -58.21
N ALA P 93 4.83 26.49 -57.31
CA ALA P 93 3.52 27.21 -57.56
C ALA P 93 3.67 28.68 -57.64
N LYS P 94 4.21 29.38 -56.57
CA LYS P 94 4.49 30.79 -56.51
C LYS P 94 5.49 31.14 -57.63
N GLY P 95 6.68 30.57 -57.64
CA GLY P 95 7.83 30.88 -58.44
C GLY P 95 7.63 30.63 -59.94
N GLN P 96 6.45 30.75 -60.60
CA GLN P 96 6.17 30.58 -62.02
C GLN P 96 6.40 31.93 -62.71
N ASP P 97 6.49 31.85 -64.11
CA ASP P 97 7.02 32.98 -64.93
C ASP P 97 6.24 34.30 -64.94
N GLU P 98 4.92 34.28 -64.89
CA GLU P 98 4.06 35.41 -64.84
C GLU P 98 3.81 35.82 -63.37
N GLU P 99 3.64 37.15 -63.24
CA GLU P 99 3.37 37.82 -62.00
C GLU P 99 1.86 37.68 -61.73
N THR P 100 1.42 36.81 -60.81
CA THR P 100 0.05 36.39 -60.72
C THR P 100 -0.24 35.78 -59.38
N ALA P 101 -1.49 36.04 -58.88
CA ALA P 101 -2.01 35.75 -57.60
C ALA P 101 -3.24 34.91 -57.69
N ASP P 102 -4.03 35.11 -58.84
CA ASP P 102 -5.06 34.22 -59.21
C ASP P 102 -4.43 32.98 -59.86
N GLY P 103 -3.31 33.03 -60.68
CA GLY P 103 -2.72 31.75 -61.29
C GLY P 103 -2.07 30.92 -60.22
N THR P 104 -1.36 31.59 -59.31
CA THR P 104 -0.64 30.84 -58.22
C THR P 104 -1.55 30.17 -57.26
N LYS P 105 -2.75 30.78 -56.88
CA LYS P 105 -3.80 30.17 -56.01
C LYS P 105 -4.45 28.97 -56.70
N THR P 106 -4.63 29.07 -58.06
CA THR P 106 -5.08 27.99 -58.90
C THR P 106 -4.00 26.94 -58.83
N ALA P 107 -2.73 27.18 -59.25
CA ALA P 107 -1.62 26.25 -59.12
C ALA P 107 -1.49 25.37 -57.85
N VAL P 108 -1.55 25.93 -56.66
CA VAL P 108 -1.38 25.16 -55.43
C VAL P 108 -2.67 24.31 -55.27
N ILE P 109 -3.88 24.94 -55.35
CA ILE P 109 -5.10 24.16 -55.24
C ILE P 109 -5.26 23.00 -56.16
N PHE P 110 -5.10 23.33 -57.44
CA PHE P 110 -5.13 22.47 -58.60
C PHE P 110 -4.15 21.36 -58.50
N SER P 111 -2.93 21.66 -57.98
CA SER P 111 -1.88 20.67 -57.56
C SER P 111 -2.39 19.76 -56.51
N GLY P 112 -2.89 20.15 -55.36
CA GLY P 112 -3.44 19.15 -54.43
C GLY P 112 -4.72 18.35 -54.84
N GLU P 113 -5.57 18.92 -55.69
CA GLU P 113 -6.67 18.09 -56.27
C GLU P 113 -6.16 17.04 -57.22
N LEU P 114 -5.11 17.36 -58.00
CA LEU P 114 -4.51 16.45 -58.84
C LEU P 114 -3.82 15.30 -58.18
N VAL P 115 -3.18 15.63 -57.02
CA VAL P 115 -2.49 14.75 -56.05
C VAL P 115 -3.53 13.77 -55.49
N LYS P 116 -4.72 14.25 -55.04
CA LYS P 116 -5.95 13.61 -54.55
C LYS P 116 -6.41 12.65 -55.62
N LYS P 117 -6.82 13.05 -56.85
CA LYS P 117 -7.25 12.13 -57.90
C LYS P 117 -6.14 11.04 -58.26
N ALA P 118 -4.82 11.38 -57.98
CA ALA P 118 -3.75 10.44 -58.15
C ALA P 118 -3.56 9.39 -57.06
N GLU P 119 -3.99 9.79 -55.86
CA GLU P 119 -4.00 8.89 -54.76
C GLU P 119 -4.90 7.64 -54.93
N ASP P 120 -6.09 7.91 -55.56
CA ASP P 120 -7.01 6.88 -55.92
C ASP P 120 -6.55 5.86 -57.08
N LEU P 121 -5.64 6.33 -57.97
CA LEU P 121 -4.97 5.59 -59.11
C LEU P 121 -3.95 4.59 -58.52
N LEU P 122 -3.17 5.00 -57.46
CA LEU P 122 -2.21 4.21 -56.73
C LEU P 122 -2.87 3.14 -55.99
N TYR P 123 -4.11 3.44 -55.46
CA TYR P 123 -5.03 2.48 -54.85
C TYR P 123 -5.42 1.37 -55.86
N LYS P 124 -5.64 1.73 -57.15
CA LYS P 124 -6.11 0.95 -58.29
C LYS P 124 -4.86 0.24 -58.85
N ASP P 125 -3.69 0.36 -58.24
CA ASP P 125 -2.40 -0.26 -58.55
C ASP P 125 -1.80 0.26 -59.91
N VAL P 126 -2.13 1.51 -60.33
CA VAL P 126 -1.41 2.11 -61.40
C VAL P 126 -0.12 2.61 -60.85
N HIS P 127 1.03 2.18 -61.34
CA HIS P 127 2.29 2.71 -60.93
C HIS P 127 2.66 4.15 -61.16
N PRO P 128 3.30 4.94 -60.25
CA PRO P 128 3.52 6.37 -60.43
C PRO P 128 4.30 6.81 -61.68
N THR P 129 5.18 6.02 -62.32
CA THR P 129 5.88 6.39 -63.51
C THR P 129 4.86 6.57 -64.69
N ILE P 130 3.77 5.76 -64.61
CA ILE P 130 2.70 5.85 -65.55
C ILE P 130 1.89 6.99 -65.27
N ILE P 131 1.48 7.24 -63.99
CA ILE P 131 0.63 8.34 -63.64
C ILE P 131 1.16 9.63 -64.03
N ILE P 132 2.51 9.75 -63.94
CA ILE P 132 3.26 10.92 -64.38
C ILE P 132 3.18 11.11 -65.86
N SER P 133 3.48 10.09 -66.67
CA SER P 133 3.33 10.06 -68.12
C SER P 133 1.94 10.32 -68.63
N GLY P 134 0.88 9.71 -67.95
CA GLY P 134 -0.53 10.06 -68.18
C GLY P 134 -0.78 11.54 -68.04
N TYR P 135 -0.41 12.09 -66.88
CA TYR P 135 -0.48 13.48 -66.70
C TYR P 135 0.35 14.40 -67.70
N LYS P 136 1.58 14.07 -68.03
CA LYS P 136 2.33 14.85 -69.00
C LYS P 136 1.60 14.93 -70.33
N LYS P 137 1.21 13.78 -70.99
CA LYS P 137 0.42 13.79 -72.16
C LYS P 137 -0.95 14.62 -72.10
N ALA P 138 -1.62 14.59 -70.96
CA ALA P 138 -2.87 15.24 -70.59
C ALA P 138 -2.57 16.82 -70.49
N GLU P 139 -1.44 17.23 -69.93
CA GLU P 139 -0.87 18.58 -69.94
C GLU P 139 -0.54 19.08 -71.33
N GLU P 140 0.12 18.35 -72.27
CA GLU P 140 0.28 18.69 -73.64
C GLU P 140 -0.97 19.21 -74.28
N VAL P 141 -1.98 18.37 -74.39
CA VAL P 141 -3.27 18.61 -74.92
C VAL P 141 -3.95 19.80 -74.20
N ALA P 142 -3.99 19.77 -72.86
CA ALA P 142 -4.50 20.77 -72.00
C ALA P 142 -3.94 22.19 -72.27
N LEU P 143 -2.65 22.21 -72.64
CA LEU P 143 -1.99 23.44 -73.02
C LEU P 143 -2.51 23.92 -74.41
N GLN P 144 -2.30 23.04 -75.44
CA GLN P 144 -2.64 23.33 -76.89
C GLN P 144 -4.12 23.66 -77.07
N THR P 145 -5.04 23.27 -76.22
CA THR P 145 -6.48 23.59 -76.14
C THR P 145 -6.79 25.01 -75.72
N ILE P 146 -5.77 25.79 -75.13
CA ILE P 146 -6.00 27.21 -74.92
C ILE P 146 -5.54 27.85 -76.19
N GLN P 147 -4.40 27.35 -76.80
CA GLN P 147 -3.89 27.80 -78.03
C GLN P 147 -4.93 27.70 -79.23
N GLU P 148 -5.40 26.49 -79.52
CA GLU P 148 -6.56 26.26 -80.44
C GLU P 148 -7.93 26.67 -79.83
N LEU P 149 -8.10 27.80 -79.17
CA LEU P 149 -9.38 28.30 -78.75
C LEU P 149 -9.36 29.75 -78.39
N ALA P 150 -8.22 30.32 -77.93
CA ALA P 150 -8.02 31.74 -77.66
C ALA P 150 -8.47 32.73 -78.76
N GLN P 151 -8.90 33.99 -78.39
CA GLN P 151 -9.17 35.06 -79.34
C GLN P 151 -7.96 36.12 -79.22
N THR P 152 -7.65 36.75 -80.37
CA THR P 152 -6.68 37.82 -80.64
C THR P 152 -6.97 39.15 -80.02
N VAL P 153 -6.13 39.56 -79.07
CA VAL P 153 -6.22 40.83 -78.34
C VAL P 153 -4.94 41.59 -78.60
N SER P 154 -5.11 42.89 -78.74
CA SER P 154 -4.01 43.85 -78.97
C SER P 154 -4.36 45.24 -78.41
N ILE P 155 -3.63 46.34 -78.84
CA ILE P 155 -3.73 47.68 -78.40
C ILE P 155 -4.94 48.45 -78.70
N ASN P 156 -5.76 48.14 -79.69
CA ASN P 156 -6.99 48.91 -79.91
C ASN P 156 -8.24 48.13 -79.39
N ASP P 157 -8.06 47.02 -78.70
CA ASP P 157 -9.10 46.21 -77.97
C ASP P 157 -9.36 46.75 -76.52
N THR P 158 -9.56 48.05 -76.46
CA THR P 158 -9.67 48.78 -75.26
C THR P 158 -11.05 48.57 -74.63
N ASP P 159 -12.12 48.26 -75.37
CA ASP P 159 -13.40 47.85 -74.73
C ASP P 159 -13.30 46.42 -74.17
N LEU P 160 -12.29 45.64 -74.59
CA LEU P 160 -12.10 44.26 -74.09
C LEU P 160 -11.21 44.17 -72.81
N LEU P 161 -10.09 44.95 -72.82
CA LEU P 161 -9.20 45.15 -71.62
C LEU P 161 -9.91 45.78 -70.42
N ARG P 162 -10.96 46.58 -70.71
CA ARG P 162 -11.93 47.07 -69.79
C ARG P 162 -12.65 45.91 -69.12
N LYS P 163 -12.84 44.78 -69.75
CA LYS P 163 -13.49 43.64 -69.06
C LYS P 163 -12.42 42.87 -68.27
N ILE P 164 -11.39 42.31 -68.92
CA ILE P 164 -10.26 41.52 -68.41
C ILE P 164 -9.64 42.09 -67.08
N ALA P 165 -9.63 43.47 -67.00
CA ALA P 165 -9.24 44.34 -65.85
C ALA P 165 -10.22 44.14 -64.71
N MET P 166 -11.52 44.15 -64.93
CA MET P 166 -12.53 43.97 -63.86
C MET P 166 -12.44 42.58 -63.27
N THR P 167 -12.19 41.56 -64.16
CA THR P 167 -11.73 40.17 -63.86
C THR P 167 -10.39 39.97 -63.06
N SER P 168 -9.72 41.07 -62.91
CA SER P 168 -8.55 41.18 -62.08
C SER P 168 -8.88 41.90 -60.77
N LEU P 169 -9.57 43.05 -60.73
CA LEU P 169 -9.87 43.81 -59.59
C LEU P 169 -10.92 43.15 -58.75
N SER P 170 -11.91 42.42 -59.28
CA SER P 170 -12.85 41.64 -58.57
C SER P 170 -12.23 40.55 -57.69
N SER P 171 -10.96 40.16 -57.87
CA SER P 171 -10.35 39.21 -56.98
C SER P 171 -9.60 39.93 -55.80
N LYS P 172 -9.80 41.21 -55.61
CA LYS P 172 -9.19 42.04 -54.62
C LYS P 172 -10.22 42.58 -53.66
N ALA P 173 -9.77 42.80 -52.39
CA ALA P 173 -10.55 43.43 -51.35
C ALA P 173 -11.42 44.64 -51.76
N VAL P 174 -10.93 45.57 -52.60
CA VAL P 174 -11.57 46.79 -53.06
C VAL P 174 -12.83 46.65 -53.91
N ALA P 175 -14.08 46.95 -53.45
CA ALA P 175 -15.31 46.83 -54.14
C ALA P 175 -15.68 48.01 -55.03
N GLY P 176 -15.58 49.21 -54.39
CA GLY P 176 -16.00 50.47 -55.03
C GLY P 176 -15.29 50.85 -56.28
N ALA P 177 -16.09 51.40 -57.24
CA ALA P 177 -15.71 51.95 -58.53
C ALA P 177 -14.70 51.15 -59.42
N ARG P 178 -14.82 49.80 -59.60
CA ARG P 178 -13.76 49.06 -60.29
C ARG P 178 -13.76 49.27 -61.79
N GLU P 179 -14.98 49.54 -62.36
CA GLU P 179 -15.16 49.84 -63.76
C GLU P 179 -14.24 51.01 -64.19
N TYR P 180 -14.22 51.96 -63.26
CA TYR P 180 -13.45 53.16 -63.20
C TYR P 180 -11.86 52.96 -63.17
N ILE P 181 -11.37 52.11 -62.31
CA ILE P 181 -10.03 51.71 -62.13
C ILE P 181 -9.65 50.91 -63.40
N ALA P 182 -10.63 50.07 -63.84
CA ALA P 182 -10.49 49.39 -65.08
C ALA P 182 -10.26 50.41 -66.21
N ASP P 183 -11.17 51.46 -66.46
CA ASP P 183 -11.04 52.42 -67.52
C ASP P 183 -9.67 53.13 -67.53
N ILE P 184 -9.13 53.68 -66.41
CA ILE P 184 -7.84 54.28 -66.15
C ILE P 184 -6.74 53.32 -66.53
N VAL P 185 -6.71 52.07 -66.03
CA VAL P 185 -5.77 50.94 -66.36
C VAL P 185 -5.65 50.67 -67.83
N VAL P 186 -6.73 50.64 -68.59
CA VAL P 186 -6.67 50.40 -70.01
C VAL P 186 -5.92 51.54 -70.64
N LYS P 187 -6.39 52.77 -70.45
CA LYS P 187 -5.74 53.91 -71.02
C LYS P 187 -4.25 54.12 -70.61
N ALA P 188 -3.80 54.01 -69.38
CA ALA P 188 -2.46 54.09 -68.81
C ALA P 188 -1.54 53.07 -69.49
N VAL P 189 -2.02 51.84 -69.84
CA VAL P 189 -1.15 50.85 -70.52
C VAL P 189 -1.02 51.06 -71.95
N THR P 190 -2.14 51.22 -72.70
CA THR P 190 -2.08 51.55 -74.12
C THR P 190 -1.26 52.81 -74.54
N GLN P 191 -1.10 53.85 -73.65
CA GLN P 191 -0.25 54.97 -73.83
C GLN P 191 1.22 54.66 -73.81
N VAL P 192 1.73 53.77 -72.93
CA VAL P 192 3.07 53.44 -72.78
C VAL P 192 3.49 52.33 -73.74
N ALA P 193 2.50 51.55 -74.19
CA ALA P 193 2.67 50.47 -75.13
C ALA P 193 3.37 50.87 -76.50
N GLU P 194 4.56 50.22 -76.72
CA GLU P 194 5.37 50.31 -77.88
C GLU P 194 5.72 49.01 -78.55
N LEU P 195 5.56 49.01 -79.87
CA LEU P 195 5.79 47.84 -80.75
C LEU P 195 7.28 47.67 -80.95
N ARG P 196 7.84 46.56 -80.61
CA ARG P 196 9.30 46.27 -80.85
C ARG P 196 9.41 44.84 -81.34
N GLY P 197 9.85 44.61 -82.66
CA GLY P 197 10.01 43.26 -83.18
C GLY P 197 8.69 42.61 -83.58
N ASP P 198 7.65 43.38 -84.09
CA ASP P 198 6.33 42.88 -84.43
C ASP P 198 5.53 42.33 -83.20
N LYS P 199 5.94 42.75 -82.01
CA LYS P 199 5.42 42.35 -80.70
C LYS P 199 5.31 43.55 -79.74
N TRP P 200 4.23 43.73 -78.90
CA TRP P 200 4.01 44.84 -78.01
C TRP P 200 4.95 44.70 -76.75
N TYR P 201 5.67 45.79 -76.33
CA TYR P 201 6.33 45.86 -75.03
C TYR P 201 5.79 47.08 -74.32
N VAL P 202 5.61 46.83 -72.95
CA VAL P 202 5.14 47.83 -71.99
C VAL P 202 6.19 47.97 -70.98
N ASP P 203 6.66 49.25 -70.94
CA ASP P 203 7.76 49.73 -70.07
C ASP P 203 7.20 50.32 -68.80
N LEU P 204 6.88 49.51 -67.76
CA LEU P 204 6.05 49.99 -66.63
C LEU P 204 6.55 51.22 -65.84
N ASP P 205 7.88 51.50 -65.76
CA ASP P 205 8.49 52.64 -65.20
C ASP P 205 8.05 54.04 -65.75
N ASN P 206 7.46 54.22 -66.93
CA ASN P 206 6.94 55.44 -67.58
C ASN P 206 5.59 55.80 -67.06
N ILE P 207 5.21 55.15 -65.97
CA ILE P 207 3.95 55.39 -65.27
C ILE P 207 4.33 55.60 -63.81
N GLN P 208 4.00 56.77 -63.31
CA GLN P 208 4.31 57.08 -61.98
C GLN P 208 2.96 56.81 -61.20
N ILE P 209 3.02 56.42 -59.97
CA ILE P 209 1.84 56.07 -59.16
C ILE P 209 1.93 56.75 -57.85
N VAL P 210 1.03 57.76 -57.64
CA VAL P 210 1.10 58.55 -56.46
C VAL P 210 -0.21 58.27 -55.74
N LYS P 211 -0.23 58.22 -54.42
CA LYS P 211 -1.45 57.90 -53.70
C LYS P 211 -1.58 58.69 -52.49
N LYS P 212 -2.75 59.22 -52.24
CA LYS P 212 -3.08 60.06 -51.13
C LYS P 212 -4.33 59.49 -50.50
N ALA P 213 -4.23 59.09 -49.25
CA ALA P 213 -5.30 58.55 -48.48
C ALA P 213 -6.49 59.49 -48.25
N GLY P 214 -7.73 58.97 -48.06
CA GLY P 214 -8.88 59.78 -47.92
C GLY P 214 -9.59 59.82 -49.26
N GLY P 215 -10.80 60.51 -49.32
CA GLY P 215 -11.68 60.62 -50.50
C GLY P 215 -12.37 59.36 -50.95
N SER P 216 -12.83 59.39 -52.21
CA SER P 216 -13.51 58.33 -52.91
C SER P 216 -12.64 57.71 -54.02
N ILE P 217 -12.93 56.47 -54.53
CA ILE P 217 -12.16 55.87 -55.60
C ILE P 217 -12.52 56.56 -56.87
N ASN P 218 -13.71 57.24 -56.95
CA ASN P 218 -14.08 58.01 -58.07
C ASN P 218 -13.30 59.25 -58.28
N ASP P 219 -12.48 59.75 -57.30
CA ASP P 219 -11.66 60.87 -57.38
C ASP P 219 -10.25 60.44 -57.90
N THR P 220 -10.07 59.27 -58.50
CA THR P 220 -8.77 58.92 -59.14
C THR P 220 -8.69 59.47 -60.59
N GLN P 221 -7.46 59.68 -61.13
CA GLN P 221 -7.37 60.21 -62.49
C GLN P 221 -6.11 59.70 -63.08
N LEU P 222 -6.03 59.75 -64.40
CA LEU P 222 -4.79 59.51 -65.17
C LEU P 222 -4.29 60.88 -65.61
N VAL P 223 -2.93 61.09 -65.42
CA VAL P 223 -2.16 62.32 -65.65
C VAL P 223 -1.27 62.11 -66.86
N TYR P 224 -1.23 63.11 -67.73
CA TYR P 224 -0.35 63.19 -68.90
C TYR P 224 0.97 63.94 -68.66
N GLY P 225 1.74 63.59 -67.65
CA GLY P 225 3.16 64.00 -67.38
C GLY P 225 3.44 63.47 -66.02
N ILE P 226 4.55 63.87 -65.35
CA ILE P 226 4.99 63.18 -64.09
C ILE P 226 4.44 63.94 -62.84
N VAL P 227 4.34 63.29 -61.69
CA VAL P 227 3.81 63.96 -60.48
C VAL P 227 4.77 63.68 -59.38
N VAL P 228 5.34 64.79 -58.81
CA VAL P 228 6.26 64.67 -57.74
C VAL P 228 5.53 64.89 -56.39
N ASP P 229 5.49 63.81 -55.52
CA ASP P 229 4.77 63.78 -54.32
C ASP P 229 5.07 64.89 -53.28
N LYS P 230 6.28 65.29 -53.32
CA LYS P 230 6.75 66.33 -52.51
C LYS P 230 6.32 67.73 -53.01
N GLU P 231 5.60 68.46 -52.13
CA GLU P 231 5.14 69.78 -52.46
C GLU P 231 6.27 70.84 -52.63
N VAL P 232 5.96 72.09 -53.07
CA VAL P 232 6.86 73.22 -53.24
C VAL P 232 7.46 73.62 -51.85
N VAL P 233 8.80 73.71 -51.71
CA VAL P 233 9.44 73.93 -50.39
C VAL P 233 9.00 75.25 -49.63
N HIS P 234 8.91 76.33 -50.39
CA HIS P 234 8.64 77.67 -49.82
C HIS P 234 7.26 78.26 -50.17
N PRO P 235 6.40 78.66 -49.27
CA PRO P 235 5.16 79.19 -49.70
C PRO P 235 5.32 80.53 -50.41
N GLY P 236 6.38 81.33 -50.21
CA GLY P 236 6.58 82.56 -50.95
C GLY P 236 6.82 82.35 -52.40
N MET P 237 7.13 81.11 -52.88
CA MET P 237 7.36 80.98 -54.34
C MET P 237 6.08 81.06 -55.18
N PRO P 238 6.05 81.35 -56.45
CA PRO P 238 4.85 81.22 -57.31
C PRO P 238 4.66 79.70 -57.68
N LYS P 239 3.37 79.26 -57.74
CA LYS P 239 3.06 77.84 -57.82
C LYS P 239 2.71 77.30 -59.16
N ARG P 240 2.98 78.11 -60.18
CA ARG P 240 2.78 77.77 -61.57
C ARG P 240 3.67 78.61 -62.55
N LEU P 241 4.71 78.05 -63.20
CA LEU P 241 5.60 78.74 -64.14
C LEU P 241 5.33 78.17 -65.52
N GLU P 242 5.30 79.05 -66.48
CA GLU P 242 5.16 78.68 -67.90
C GLU P 242 6.58 78.40 -68.43
N ASN P 243 6.66 77.32 -69.17
CA ASN P 243 7.91 76.73 -69.79
C ASN P 243 8.86 76.35 -68.73
N ALA P 244 8.79 75.17 -68.18
CA ALA P 244 9.58 74.63 -67.07
C ALA P 244 10.99 74.41 -67.60
N LYS P 245 12.03 74.66 -66.75
CA LYS P 245 13.42 74.45 -67.15
C LYS P 245 14.05 73.74 -65.88
N ILE P 246 13.44 72.65 -65.32
CA ILE P 246 13.79 71.94 -64.07
C ILE P 246 15.20 71.53 -63.88
N ALA P 247 15.76 71.68 -62.71
CA ALA P 247 17.14 71.34 -62.41
C ALA P 247 17.23 70.36 -61.20
N LEU P 248 17.36 69.09 -61.41
CA LEU P 248 17.49 67.99 -60.51
C LEU P 248 18.90 68.02 -59.80
N ILE P 249 18.86 68.67 -58.61
CA ILE P 249 20.05 68.86 -57.78
C ILE P 249 20.13 67.80 -56.67
N ASP P 250 20.93 66.73 -56.84
CA ASP P 250 21.11 65.69 -55.81
C ASP P 250 21.96 66.31 -54.60
N ALA P 251 22.68 67.36 -54.90
CA ALA P 251 23.53 68.05 -53.95
C ALA P 251 22.75 68.99 -52.96
N SER P 252 23.37 69.32 -51.82
CA SER P 252 22.78 70.15 -50.75
C SER P 252 22.99 71.60 -51.04
N LEU P 253 21.92 72.44 -50.80
CA LEU P 253 21.98 73.86 -51.02
C LEU P 253 21.71 74.53 -49.62
N GLU P 254 21.93 73.73 -48.52
CA GLU P 254 21.62 74.00 -47.12
C GLU P 254 22.78 74.50 -46.33
N VAL P 255 22.69 75.59 -45.57
CA VAL P 255 23.84 76.00 -44.68
C VAL P 255 23.71 75.03 -43.45
N GLU P 256 24.78 74.35 -43.14
CA GLU P 256 24.91 73.36 -42.07
C GLU P 256 26.24 73.53 -41.26
N LYS P 257 26.39 73.11 -39.99
CA LYS P 257 27.69 73.31 -39.26
C LYS P 257 28.96 72.74 -39.88
N PRO P 258 29.99 73.49 -40.19
CA PRO P 258 31.22 73.02 -40.81
C PRO P 258 31.93 71.83 -40.16
N GLU P 259 32.47 70.95 -41.00
CA GLU P 259 33.18 69.76 -40.62
C GLU P 259 34.42 69.47 -41.51
N LEU P 260 34.52 69.95 -42.78
CA LEU P 260 35.64 69.82 -43.64
C LEU P 260 36.53 71.10 -43.65
N ASP P 261 35.99 72.27 -43.14
CA ASP P 261 36.58 73.60 -43.25
C ASP P 261 37.70 73.76 -42.24
N ALA P 262 37.76 72.89 -41.20
CA ALA P 262 38.90 72.88 -40.27
C ALA P 262 38.91 71.43 -39.79
N GLU P 263 40.08 70.95 -39.33
CA GLU P 263 40.28 69.60 -38.92
C GLU P 263 40.52 69.52 -37.40
N ILE P 264 40.06 70.51 -36.68
CA ILE P 264 40.05 70.47 -35.25
C ILE P 264 38.83 71.24 -34.81
N ARG P 265 38.35 71.03 -33.55
CA ARG P 265 37.11 71.64 -33.13
C ARG P 265 37.17 73.05 -32.95
N ILE P 266 36.07 73.81 -33.26
CA ILE P 266 35.90 75.23 -33.08
C ILE P 266 35.37 75.51 -31.63
N ASN P 267 35.99 76.53 -30.96
CA ASN P 267 35.77 76.89 -29.59
C ASN P 267 35.69 78.38 -29.47
N ASP P 268 35.99 79.15 -30.47
CA ASP P 268 35.84 80.60 -30.42
C ASP P 268 34.60 80.92 -31.23
N PRO P 269 33.55 81.62 -30.71
CA PRO P 269 32.36 81.99 -31.50
C PRO P 269 32.63 83.08 -32.61
N THR P 270 33.80 83.83 -32.56
CA THR P 270 34.06 84.77 -33.68
C THR P 270 34.34 84.04 -35.04
N GLN P 271 35.10 82.92 -34.92
CA GLN P 271 35.57 82.00 -35.93
C GLN P 271 34.38 81.17 -36.45
N MET P 272 33.48 80.81 -35.49
CA MET P 272 32.27 80.13 -35.77
C MET P 272 31.27 80.74 -36.82
N GLN P 273 30.85 81.97 -36.44
CA GLN P 273 30.17 83.03 -37.20
C GLN P 273 30.80 83.21 -38.59
N LYS P 274 32.10 83.78 -38.54
CA LYS P 274 32.93 84.12 -39.71
C LYS P 274 33.15 82.87 -40.67
N PHE P 275 32.89 81.59 -40.30
CA PHE P 275 32.89 80.48 -41.15
C PHE P 275 31.54 80.43 -41.82
N LEU P 276 30.49 80.39 -41.05
CA LEU P 276 29.13 80.26 -41.55
C LEU P 276 28.48 81.44 -42.27
N ASP P 277 29.02 82.69 -42.13
CA ASP P 277 28.77 83.90 -42.80
C ASP P 277 29.24 83.84 -44.25
N GLU P 278 30.51 83.43 -44.45
CA GLU P 278 30.95 83.10 -45.80
C GLU P 278 30.25 81.90 -46.35
N GLU P 279 29.88 80.88 -45.45
CA GLU P 279 29.14 79.67 -45.90
C GLU P 279 27.75 80.08 -46.36
N GLU P 280 27.08 81.15 -45.85
CA GLU P 280 25.76 81.55 -46.46
C GLU P 280 25.91 82.30 -47.71
N ASN P 281 26.95 83.17 -47.91
CA ASN P 281 27.10 83.72 -49.25
C ASN P 281 27.75 82.73 -50.29
N LEU P 282 28.37 81.59 -49.90
CA LEU P 282 28.76 80.46 -50.73
C LEU P 282 27.55 79.77 -51.18
N ILE P 283 26.60 79.56 -50.30
CA ILE P 283 25.38 78.86 -50.68
C ILE P 283 24.46 79.70 -51.59
N LYS P 284 24.30 81.09 -51.40
CA LYS P 284 23.69 81.92 -52.37
C LYS P 284 24.44 82.01 -53.72
N GLU P 285 25.78 81.85 -53.68
CA GLU P 285 26.60 81.61 -54.87
C GLU P 285 26.30 80.34 -55.55
N LYS P 286 26.31 79.16 -54.86
CA LYS P 286 25.95 77.84 -55.34
C LYS P 286 24.53 77.88 -55.95
N VAL P 287 23.46 78.56 -55.38
CA VAL P 287 22.16 78.81 -56.01
C VAL P 287 22.23 79.55 -57.30
N ASP P 288 23.05 80.65 -57.33
CA ASP P 288 23.34 81.44 -58.49
C ASP P 288 24.07 80.61 -59.63
N LYS P 289 24.90 79.69 -59.19
CA LYS P 289 25.50 78.74 -60.14
C LYS P 289 24.61 77.74 -60.88
N ILE P 290 23.44 77.46 -60.28
CA ILE P 290 22.39 76.68 -60.91
C ILE P 290 21.62 77.73 -61.73
N LEU P 291 21.32 78.93 -61.16
CA LEU P 291 20.56 79.94 -61.85
C LEU P 291 21.23 80.58 -63.08
N ALA P 292 22.51 80.36 -63.19
CA ALA P 292 23.42 80.53 -64.31
C ALA P 292 22.96 79.72 -65.56
N THR P 293 22.02 78.76 -65.43
CA THR P 293 21.63 77.94 -66.61
C THR P 293 20.36 78.43 -67.22
N GLY P 294 19.73 79.22 -66.37
CA GLY P 294 18.41 79.80 -66.67
C GLY P 294 17.34 78.97 -66.05
N ALA P 295 17.71 77.96 -65.24
CA ALA P 295 16.70 77.09 -64.57
C ALA P 295 15.70 77.88 -63.63
N ASN P 296 14.41 77.64 -63.98
CA ASN P 296 13.24 78.31 -63.25
C ASN P 296 12.51 77.37 -62.33
N VAL P 297 13.01 76.09 -62.31
CA VAL P 297 12.48 75.14 -61.35
C VAL P 297 13.76 74.46 -60.83
N ILE P 298 13.73 73.97 -59.55
CA ILE P 298 14.81 73.31 -58.86
C ILE P 298 14.29 72.18 -57.88
N ILE P 299 14.67 70.90 -58.05
CA ILE P 299 14.11 69.81 -57.27
C ILE P 299 15.32 69.17 -56.76
N CYS P 300 15.30 68.65 -55.45
CA CYS P 300 16.48 68.13 -54.83
C CYS P 300 16.26 66.89 -54.08
N GLN P 301 17.33 66.30 -53.62
CA GLN P 301 17.27 65.18 -52.72
C GLN P 301 17.75 65.64 -51.37
N LYS P 302 18.61 66.66 -51.28
CA LYS P 302 19.09 67.22 -50.07
C LYS P 302 18.44 68.57 -49.86
N GLY P 303 18.69 69.22 -48.72
CA GLY P 303 18.09 70.47 -48.29
C GLY P 303 18.25 71.77 -49.18
N ILE P 304 17.56 72.82 -48.85
CA ILE P 304 17.71 74.13 -49.48
C ILE P 304 17.55 75.20 -48.33
N ASP P 305 18.53 76.05 -48.02
CA ASP P 305 18.43 76.93 -46.93
C ASP P 305 17.24 77.99 -46.89
N GLU P 306 16.72 78.43 -45.76
CA GLU P 306 15.57 79.36 -45.85
C GLU P 306 15.93 80.85 -46.35
N VAL P 307 17.11 81.34 -46.15
CA VAL P 307 17.52 82.58 -46.75
C VAL P 307 17.85 82.37 -48.16
N ALA P 308 18.31 81.15 -48.51
CA ALA P 308 18.36 80.89 -49.98
C ALA P 308 16.95 80.73 -50.58
N GLN P 309 15.92 80.52 -49.80
CA GLN P 309 14.55 80.43 -50.33
C GLN P 309 13.98 81.79 -50.66
N SER P 310 14.26 82.75 -49.74
CA SER P 310 13.94 84.15 -49.97
C SER P 310 14.69 84.76 -51.16
N TYR P 311 15.85 84.12 -51.49
CA TYR P 311 16.63 84.46 -52.67
C TYR P 311 15.94 83.87 -53.83
N LEU P 312 15.48 82.64 -53.78
CA LEU P 312 14.85 81.98 -54.89
C LEU P 312 13.50 82.54 -55.23
N ALA P 313 12.82 83.05 -54.20
CA ALA P 313 11.57 83.72 -54.28
C ALA P 313 11.65 85.03 -55.04
N LYS P 314 12.74 85.77 -54.70
CA LYS P 314 12.98 86.98 -55.49
C LYS P 314 13.41 86.72 -56.92
N LYS P 315 13.98 85.53 -57.29
CA LYS P 315 14.29 85.15 -58.66
C LYS P 315 13.08 84.61 -59.41
N GLY P 316 12.04 84.15 -58.69
CA GLY P 316 10.81 83.61 -59.20
C GLY P 316 10.76 82.10 -59.42
N VAL P 317 11.75 81.28 -58.92
CA VAL P 317 11.74 79.87 -59.13
C VAL P 317 10.90 79.05 -58.23
N LEU P 318 10.52 77.83 -58.64
CA LEU P 318 9.73 76.89 -57.95
C LEU P 318 10.51 75.72 -57.44
N ALA P 319 10.70 75.59 -56.10
CA ALA P 319 11.73 74.59 -55.66
C ALA P 319 11.03 73.54 -54.84
N VAL P 320 11.64 72.43 -54.90
CA VAL P 320 11.25 71.27 -54.16
C VAL P 320 12.48 70.84 -53.45
N ARG P 321 12.29 70.44 -52.18
CA ARG P 321 13.44 69.95 -51.34
C ARG P 321 13.07 68.53 -50.73
N ARG P 322 14.01 67.62 -50.89
CA ARG P 322 14.04 66.24 -50.36
C ARG P 322 12.85 65.46 -50.96
N ALA P 323 12.79 65.55 -52.33
CA ALA P 323 11.81 64.77 -53.12
C ALA P 323 12.28 63.34 -53.11
N LYS P 324 11.44 62.31 -53.24
CA LYS P 324 12.09 60.92 -53.25
C LYS P 324 12.70 60.46 -54.59
N LYS P 325 13.82 59.72 -54.48
CA LYS P 325 14.60 59.27 -55.62
C LYS P 325 13.73 58.46 -56.59
N SER P 326 12.78 57.78 -56.10
CA SER P 326 11.72 57.09 -56.90
C SER P 326 11.07 57.90 -57.94
N ASP P 327 10.89 59.20 -57.72
CA ASP P 327 10.16 60.06 -58.61
C ASP P 327 11.19 60.90 -59.42
N LEU P 328 12.42 61.09 -58.92
CA LEU P 328 13.51 61.90 -59.56
C LEU P 328 13.92 61.29 -60.88
N GLU P 329 14.02 59.99 -60.83
CA GLU P 329 14.24 59.22 -62.05
C GLU P 329 13.15 59.39 -63.14
N LYS P 330 11.91 59.13 -62.71
CA LYS P 330 10.70 59.17 -63.58
C LYS P 330 10.53 60.50 -64.23
N LEU P 331 11.05 61.56 -63.56
CA LEU P 331 10.97 62.97 -63.93
C LEU P 331 12.16 63.41 -64.81
N ALA P 332 13.26 62.70 -64.66
CA ALA P 332 14.38 62.74 -65.48
C ALA P 332 14.06 62.39 -66.94
N ARG P 333 13.70 61.17 -67.22
CA ARG P 333 13.33 60.80 -68.56
C ARG P 333 11.98 61.34 -69.04
N ALA P 334 11.23 62.14 -68.27
CA ALA P 334 10.04 62.75 -68.81
C ALA P 334 10.44 64.10 -69.43
N THR P 335 11.53 64.66 -68.89
CA THR P 335 11.93 66.01 -69.20
C THR P 335 13.16 66.17 -69.98
N GLY P 336 13.90 65.05 -70.18
CA GLY P 336 15.17 65.18 -70.90
C GLY P 336 16.30 65.51 -69.95
N GLY P 337 15.97 65.60 -68.66
CA GLY P 337 16.85 66.03 -67.59
C GLY P 337 17.62 64.91 -66.96
N ARG P 338 18.71 65.38 -66.25
CA ARG P 338 19.75 64.53 -65.60
C ARG P 338 19.85 64.95 -64.11
N VAL P 339 20.00 64.00 -63.18
CA VAL P 339 20.30 64.13 -61.81
C VAL P 339 21.76 64.53 -61.74
N VAL P 340 21.98 65.74 -61.18
CA VAL P 340 23.31 66.41 -61.02
C VAL P 340 23.65 66.49 -59.51
N SER P 341 24.84 65.83 -59.15
CA SER P 341 25.40 65.81 -57.74
C SER P 341 26.49 66.79 -57.48
N ASN P 342 26.73 67.74 -58.41
CA ASN P 342 27.81 68.64 -58.11
C ASN P 342 27.28 69.94 -58.77
N ILE P 343 27.00 70.99 -57.95
CA ILE P 343 26.58 72.33 -58.30
C ILE P 343 27.37 73.08 -59.27
N ASP P 344 28.69 72.81 -59.27
CA ASP P 344 29.68 73.36 -60.28
C ASP P 344 29.61 72.62 -61.59
N GLU P 345 28.66 71.74 -61.90
CA GLU P 345 28.62 71.05 -63.14
C GLU P 345 27.31 71.25 -63.71
N ILE P 346 26.31 71.88 -63.15
CA ILE P 346 25.05 72.09 -63.89
C ILE P 346 25.07 72.81 -65.21
N SER P 347 24.39 72.31 -66.26
CA SER P 347 24.35 72.97 -67.57
C SER P 347 22.99 72.94 -68.23
N GLU P 348 22.66 73.71 -69.30
CA GLU P 348 21.36 73.78 -69.91
C GLU P 348 20.71 72.44 -70.37
N GLN P 349 21.60 71.50 -70.75
CA GLN P 349 21.38 70.18 -71.22
C GLN P 349 21.06 69.16 -70.06
N ASP P 350 21.35 69.61 -68.79
CA ASP P 350 20.97 68.78 -67.61
C ASP P 350 19.63 69.22 -67.10
N LEU P 351 19.14 70.37 -67.60
CA LEU P 351 17.78 70.82 -67.29
C LEU P 351 16.68 69.99 -67.95
N GLY P 352 15.49 69.99 -67.33
CA GLY P 352 14.28 69.32 -67.65
C GLY P 352 13.22 70.22 -68.09
N TYR P 353 12.95 70.12 -69.36
CA TYR P 353 11.89 70.82 -70.03
C TYR P 353 10.51 70.23 -69.84
N ALA P 354 9.52 71.08 -69.73
CA ALA P 354 8.15 70.74 -69.79
C ALA P 354 7.38 71.99 -70.13
N SER P 355 6.16 71.75 -70.75
CA SER P 355 5.37 72.92 -71.13
C SER P 355 4.94 73.82 -70.03
N LEU P 356 4.43 73.19 -68.96
CA LEU P 356 4.02 74.06 -67.89
C LEU P 356 4.04 73.19 -66.56
N ILE P 357 4.73 73.69 -65.49
CA ILE P 357 4.71 73.00 -64.19
C ILE P 357 3.93 73.81 -63.14
N GLU P 358 3.28 73.11 -62.27
CA GLU P 358 2.48 73.68 -61.14
C GLU P 358 2.35 72.84 -59.86
N GLU P 359 1.82 73.43 -58.76
CA GLU P 359 1.42 72.70 -57.63
C GLU P 359 -0.10 72.65 -57.53
N ARG P 360 -0.73 71.49 -57.76
CA ARG P 360 -2.15 71.26 -57.75
C ARG P 360 -2.74 70.70 -56.41
N LYS P 361 -3.99 71.05 -56.09
CA LYS P 361 -4.63 70.48 -54.98
C LYS P 361 -5.28 69.21 -55.46
N VAL P 362 -5.04 68.11 -54.82
CA VAL P 362 -5.55 66.80 -55.15
C VAL P 362 -6.54 66.28 -54.20
N GLY P 363 -6.82 67.01 -53.18
CA GLY P 363 -7.94 66.86 -52.42
C GLY P 363 -7.73 67.58 -51.15
N GLU P 364 -7.21 66.90 -50.15
CA GLU P 364 -6.72 67.35 -48.79
C GLU P 364 -5.24 67.66 -48.75
N ASP P 365 -4.55 67.33 -49.81
CA ASP P 365 -3.11 67.51 -49.98
C ASP P 365 -2.85 68.19 -51.35
N LYS P 366 -1.53 68.44 -51.65
CA LYS P 366 -1.10 69.06 -52.85
C LYS P 366 0.20 68.43 -53.29
N MET P 367 0.41 68.33 -54.60
CA MET P 367 1.62 67.78 -55.12
C MET P 367 2.00 68.59 -56.36
N VAL P 368 3.24 68.38 -56.88
CA VAL P 368 3.69 69.04 -58.08
C VAL P 368 3.37 68.12 -59.26
N PHE P 369 2.89 68.75 -60.32
CA PHE P 369 2.53 68.09 -61.54
C PHE P 369 3.42 68.68 -62.57
N VAL P 370 3.74 67.94 -63.57
CA VAL P 370 4.47 68.28 -64.73
C VAL P 370 3.82 67.70 -65.95
N GLU P 371 2.58 68.19 -66.21
CA GLU P 371 1.92 67.89 -67.41
C GLU P 371 2.58 68.71 -68.53
N GLY P 372 2.44 68.21 -69.79
CA GLY P 372 3.06 68.88 -70.97
C GLY P 372 4.48 68.54 -71.21
N ALA P 373 4.97 67.50 -70.56
CA ALA P 373 6.29 66.97 -70.52
C ALA P 373 6.94 66.67 -71.91
N LYS P 374 8.27 66.67 -72.02
CA LYS P 374 9.00 66.49 -73.24
C LYS P 374 8.67 65.08 -73.93
N ASN P 375 8.57 64.05 -73.07
CA ASN P 375 8.33 62.67 -73.40
C ASN P 375 6.83 62.35 -73.39
N PRO P 376 6.12 61.96 -74.47
CA PRO P 376 4.64 61.65 -74.44
C PRO P 376 4.22 60.41 -73.62
N LYS P 377 5.06 59.37 -73.55
CA LYS P 377 4.89 58.15 -72.85
C LYS P 377 4.77 58.37 -71.36
N SER P 378 5.66 59.28 -70.83
CA SER P 378 5.68 59.58 -69.40
C SER P 378 4.38 60.07 -68.79
N ILE P 379 3.73 59.26 -67.98
CA ILE P 379 2.42 59.58 -67.35
C ILE P 379 2.37 59.25 -65.87
N SER P 380 1.35 59.65 -65.19
CA SER P 380 1.26 59.28 -63.76
C SER P 380 -0.23 58.85 -63.46
N ILE P 381 -0.43 58.07 -62.41
CA ILE P 381 -1.76 57.79 -62.00
C ILE P 381 -1.92 58.34 -60.61
N LEU P 382 -3.04 58.90 -60.24
CA LEU P 382 -3.32 59.43 -58.92
C LEU P 382 -4.43 58.61 -58.29
N ILE P 383 -4.09 57.83 -57.18
CA ILE P 383 -4.97 56.93 -56.40
C ILE P 383 -5.51 57.72 -55.22
N ARG P 384 -6.80 57.65 -54.86
CA ARG P 384 -7.42 58.19 -53.68
C ARG P 384 -8.44 57.11 -53.34
N GLY P 385 -8.89 56.93 -52.07
CA GLY P 385 -9.84 55.87 -51.87
C GLY P 385 -9.95 55.40 -50.42
N GLY P 386 -10.10 56.36 -49.39
CA GLY P 386 -10.22 56.03 -48.00
C GLY P 386 -8.95 55.81 -47.27
N LEU P 387 -8.91 55.31 -46.04
CA LEU P 387 -7.80 55.19 -45.09
C LEU P 387 -6.40 54.66 -45.65
N GLU P 388 -5.38 54.93 -44.75
CA GLU P 388 -4.03 54.59 -44.98
C GLU P 388 -3.81 53.12 -45.31
N ARG P 389 -4.77 52.28 -44.91
CA ARG P 389 -4.68 50.84 -45.34
C ARG P 389 -5.56 50.49 -46.48
N LEU P 390 -6.75 50.99 -46.66
CA LEU P 390 -7.66 50.81 -47.70
C LEU P 390 -7.07 51.35 -49.08
N VAL P 391 -6.38 52.53 -49.06
CA VAL P 391 -5.62 53.06 -50.14
C VAL P 391 -4.38 52.23 -50.63
N ASP P 392 -3.62 51.69 -49.67
CA ASP P 392 -2.57 50.77 -49.84
C ASP P 392 -3.01 49.53 -50.64
N GLU P 393 -4.20 48.90 -50.37
CA GLU P 393 -4.67 47.73 -51.13
C GLU P 393 -5.19 48.06 -52.52
N THR P 394 -5.49 49.29 -52.70
CA THR P 394 -5.97 49.87 -53.95
C THR P 394 -4.76 50.08 -54.82
N GLU P 395 -3.55 50.35 -54.28
CA GLU P 395 -2.39 50.45 -55.12
C GLU P 395 -2.04 49.03 -55.59
N ARG P 396 -2.23 48.07 -54.70
CA ARG P 396 -1.95 46.66 -55.06
C ARG P 396 -2.89 46.25 -56.25
N ALA P 397 -4.23 46.41 -56.09
CA ALA P 397 -5.10 46.25 -57.17
C ALA P 397 -4.80 47.09 -58.48
N LEU P 398 -4.48 48.31 -58.46
CA LEU P 398 -4.18 49.06 -59.66
C LEU P 398 -2.91 48.67 -60.35
N ARG P 399 -1.84 48.31 -59.56
CA ARG P 399 -0.60 47.74 -60.15
C ARG P 399 -0.85 46.47 -60.87
N ASP P 400 -1.53 45.60 -60.19
CA ASP P 400 -1.82 44.28 -60.65
C ASP P 400 -2.68 44.38 -61.83
N ALA P 401 -3.73 45.31 -61.83
CA ALA P 401 -4.63 45.58 -62.93
C ALA P 401 -3.82 46.04 -64.19
N LEU P 402 -2.85 46.91 -63.93
CA LEU P 402 -2.01 47.38 -65.00
C LEU P 402 -1.13 46.22 -65.53
N GLY P 403 -0.34 45.56 -64.72
CA GLY P 403 0.56 44.42 -64.99
C GLY P 403 -0.16 43.47 -65.83
N THR P 404 -1.34 42.98 -65.31
CA THR P 404 -2.22 42.04 -65.97
C THR P 404 -2.68 42.52 -67.38
N VAL P 405 -3.22 43.77 -67.54
CA VAL P 405 -3.59 44.36 -68.85
C VAL P 405 -2.44 44.44 -69.84
N ALA P 406 -1.29 44.78 -69.39
CA ALA P 406 -0.06 44.81 -70.14
C ALA P 406 0.45 43.41 -70.57
N ASP P 407 0.22 42.37 -69.77
CA ASP P 407 0.54 41.00 -70.14
C ASP P 407 -0.37 40.42 -71.30
N VAL P 408 -1.61 40.85 -71.20
CA VAL P 408 -2.57 40.53 -72.31
C VAL P 408 -2.20 41.15 -73.71
N ILE P 409 -1.64 42.41 -73.63
CA ILE P 409 -1.09 43.08 -74.77
C ILE P 409 0.23 42.54 -75.29
N LYS P 410 1.21 42.25 -74.42
CA LYS P 410 2.53 41.73 -74.70
C LYS P 410 2.45 40.31 -75.41
N ASP P 411 1.37 39.58 -75.09
CA ASP P 411 1.08 38.32 -75.59
C ASP P 411 0.12 38.43 -76.81
N GLY P 412 -1.08 38.67 -76.55
CA GLY P 412 -2.10 38.74 -77.57
C GLY P 412 -3.17 37.74 -77.62
N ARG P 413 -3.38 36.85 -76.55
CA ARG P 413 -4.36 35.82 -76.49
C ARG P 413 -5.25 35.99 -75.30
N ALA P 414 -6.57 35.81 -75.41
CA ALA P 414 -7.46 36.11 -74.23
C ALA P 414 -8.63 35.19 -74.44
N ILE P 415 -9.00 34.46 -73.34
CA ILE P 415 -10.04 33.49 -73.29
C ILE P 415 -11.21 33.91 -72.34
N ALA P 416 -12.40 33.24 -72.37
CA ALA P 416 -13.50 33.43 -71.41
C ALA P 416 -13.35 32.79 -70.14
N GLY P 417 -13.49 33.63 -69.09
CA GLY P 417 -13.26 33.13 -67.71
C GLY P 417 -14.47 32.27 -67.25
N GLY P 418 -14.79 32.24 -65.95
CA GLY P 418 -15.97 31.58 -65.41
C GLY P 418 -16.08 30.05 -65.66
N GLY P 419 -14.93 29.41 -65.81
CA GLY P 419 -14.90 27.97 -66.11
C GLY P 419 -15.29 27.49 -67.42
N ALA P 420 -15.61 28.31 -68.39
CA ALA P 420 -15.94 27.94 -69.72
C ALA P 420 -14.87 27.05 -70.42
N VAL P 421 -13.64 27.54 -70.48
CA VAL P 421 -12.49 26.85 -71.05
C VAL P 421 -12.04 25.65 -70.25
N GLU P 422 -12.26 25.63 -68.94
CA GLU P 422 -11.98 24.53 -68.01
C GLU P 422 -12.83 23.33 -68.45
N ILE P 423 -14.18 23.41 -68.32
CA ILE P 423 -14.99 22.24 -68.65
C ILE P 423 -14.80 21.57 -69.92
N GLU P 424 -14.43 22.41 -70.88
CA GLU P 424 -13.91 21.93 -72.22
C GLU P 424 -12.55 21.15 -72.08
N ILE P 425 -11.52 21.73 -71.48
CA ILE P 425 -10.25 21.13 -71.18
C ILE P 425 -10.42 19.78 -70.34
N ALA P 426 -11.55 19.66 -69.63
CA ALA P 426 -11.90 18.44 -68.95
C ALA P 426 -12.36 17.39 -69.94
N LYS P 427 -13.58 17.62 -70.46
CA LYS P 427 -14.30 16.91 -71.46
C LYS P 427 -13.49 16.40 -72.57
N LYS P 428 -12.71 17.29 -73.25
CA LYS P 428 -11.81 16.96 -74.31
C LYS P 428 -10.69 15.93 -74.01
N LEU P 429 -10.22 15.94 -72.78
CA LEU P 429 -9.24 14.97 -72.32
C LEU P 429 -9.86 13.63 -72.07
N ARG P 430 -11.07 13.56 -71.42
CA ARG P 430 -11.70 12.27 -71.19
C ARG P 430 -12.03 11.55 -72.49
N LYS P 431 -12.51 12.28 -73.46
CA LYS P 431 -12.78 11.65 -74.75
C LYS P 431 -11.54 11.14 -75.51
N TYR P 432 -10.33 11.72 -75.28
CA TYR P 432 -9.00 11.40 -75.83
C TYR P 432 -8.54 10.08 -75.06
N ALA P 433 -8.58 10.07 -73.76
CA ALA P 433 -8.16 9.03 -72.80
C ALA P 433 -8.31 7.56 -73.38
N PRO P 434 -9.31 6.96 -73.76
CA PRO P 434 -9.31 5.69 -74.49
C PRO P 434 -8.21 5.41 -75.53
N GLN P 435 -7.85 6.40 -76.37
CA GLN P 435 -6.92 6.16 -77.44
C GLN P 435 -5.46 6.28 -76.96
N VAL P 436 -5.17 6.91 -75.80
CA VAL P 436 -3.87 7.08 -75.16
C VAL P 436 -3.24 5.73 -74.86
N GLY P 437 -4.11 4.73 -74.49
CA GLY P 437 -3.67 3.34 -74.23
C GLY P 437 -4.47 2.92 -73.00
N GLY P 438 -3.88 1.85 -72.36
CA GLY P 438 -4.35 1.04 -71.22
C GLY P 438 -4.54 1.71 -69.96
N LYS P 439 -3.47 1.69 -69.14
CA LYS P 439 -3.51 2.29 -67.82
C LYS P 439 -3.54 3.79 -67.88
N GLU P 440 -2.71 4.44 -68.74
CA GLU P 440 -2.63 5.86 -69.00
C GLU P 440 -4.01 6.48 -69.24
N GLN P 441 -4.95 5.73 -69.74
CA GLN P 441 -6.33 6.24 -69.85
C GLN P 441 -6.88 6.80 -68.53
N LEU P 442 -6.88 5.96 -67.49
CA LEU P 442 -7.27 6.26 -66.11
C LEU P 442 -6.52 7.45 -65.56
N ALA P 443 -5.23 7.54 -65.89
CA ALA P 443 -4.42 8.74 -65.62
C ALA P 443 -4.88 10.05 -66.29
N VAL P 444 -5.14 10.10 -67.57
CA VAL P 444 -5.75 11.21 -68.28
C VAL P 444 -7.16 11.54 -67.83
N GLU P 445 -8.05 10.57 -67.69
CA GLU P 445 -9.38 10.76 -67.12
C GLU P 445 -9.44 11.37 -65.68
N ALA P 446 -8.46 10.96 -64.81
CA ALA P 446 -8.17 11.61 -63.62
C ALA P 446 -7.74 13.07 -63.73
N TYR P 447 -6.65 13.34 -64.48
CA TYR P 447 -6.24 14.69 -64.82
C TYR P 447 -7.34 15.61 -65.21
N ALA P 448 -8.31 15.16 -65.98
CA ALA P 448 -9.54 15.85 -66.44
C ALA P 448 -10.54 16.09 -65.30
N ASN P 449 -10.85 15.04 -64.52
CA ASN P 449 -11.72 15.10 -63.36
C ASN P 449 -11.25 16.12 -62.29
N ALA P 450 -9.90 16.15 -62.02
CA ALA P 450 -9.19 16.98 -61.12
C ALA P 450 -9.48 18.49 -61.51
N LEU P 451 -9.60 18.83 -62.87
CA LEU P 451 -10.00 20.15 -63.35
C LEU P 451 -11.46 20.53 -63.15
N GLU P 452 -12.41 19.58 -63.29
CA GLU P 452 -13.82 19.85 -63.15
C GLU P 452 -14.06 20.12 -61.62
N SER P 453 -13.32 19.47 -60.62
CA SER P 453 -13.23 19.81 -59.20
C SER P 453 -12.83 21.22 -58.83
N LEU P 454 -11.91 21.78 -59.65
CA LEU P 454 -11.60 23.23 -59.61
C LEU P 454 -12.71 24.14 -59.81
N VAL P 455 -13.48 23.88 -60.87
CA VAL P 455 -14.67 24.65 -61.22
C VAL P 455 -15.78 24.37 -60.17
N SER P 456 -15.88 23.18 -59.54
CA SER P 456 -16.87 22.87 -58.47
C SER P 456 -16.57 23.76 -57.25
N ILE P 457 -15.33 23.86 -56.75
CA ILE P 457 -14.85 24.70 -55.59
C ILE P 457 -15.27 26.10 -55.81
N LEU P 458 -15.10 26.57 -57.13
CA LEU P 458 -15.51 27.92 -57.66
C LEU P 458 -16.98 28.11 -57.42
N ILE P 459 -17.85 27.11 -57.73
CA ILE P 459 -19.30 27.13 -57.42
C ILE P 459 -19.56 27.09 -55.93
N GLU P 460 -18.91 26.13 -55.22
CA GLU P 460 -19.03 25.99 -53.74
C GLU P 460 -18.95 27.29 -53.03
N ASN P 461 -17.86 28.10 -53.13
CA ASN P 461 -17.68 29.38 -52.47
C ASN P 461 -18.77 30.38 -52.92
N ALA P 462 -19.60 30.21 -54.03
CA ALA P 462 -20.71 31.05 -54.40
C ALA P 462 -22.00 30.65 -53.68
N GLY P 463 -22.11 29.38 -53.27
CA GLY P 463 -23.37 28.96 -52.61
C GLY P 463 -24.45 28.45 -53.47
N PHE P 464 -24.08 27.67 -54.48
CA PHE P 464 -25.04 26.93 -55.38
C PHE P 464 -24.44 25.55 -55.45
N ASP P 465 -25.20 24.55 -55.94
CA ASP P 465 -24.76 23.13 -55.98
C ASP P 465 -23.76 23.01 -57.06
N PRO P 466 -22.45 22.72 -56.80
CA PRO P 466 -21.48 22.63 -57.83
C PRO P 466 -21.82 21.63 -58.99
N ILE P 467 -22.26 20.41 -58.65
CA ILE P 467 -22.54 19.33 -59.53
C ILE P 467 -23.67 19.74 -60.41
N ASP P 468 -24.82 20.22 -59.94
CA ASP P 468 -25.96 20.68 -60.68
C ASP P 468 -25.66 21.66 -61.82
N LEU P 469 -25.06 22.81 -61.47
CA LEU P 469 -24.72 23.83 -62.42
C LEU P 469 -23.68 23.38 -63.36
N LEU P 470 -22.64 22.64 -62.89
CA LEU P 470 -21.66 21.96 -63.80
C LEU P 470 -22.29 21.01 -64.79
N MET P 471 -23.22 20.10 -64.44
CA MET P 471 -23.83 19.18 -65.36
C MET P 471 -24.75 19.88 -66.33
N LYS P 472 -25.63 20.71 -65.83
CA LYS P 472 -26.42 21.57 -66.66
C LYS P 472 -25.62 22.47 -67.55
N LEU P 473 -24.36 22.87 -67.27
CA LEU P 473 -23.55 23.71 -68.08
C LEU P 473 -22.79 22.91 -69.07
N ARG P 474 -22.00 21.91 -68.74
CA ARG P 474 -21.25 21.15 -69.72
C ARG P 474 -22.06 20.49 -70.77
N SER P 475 -23.48 20.43 -70.65
CA SER P 475 -24.49 20.02 -71.57
C SER P 475 -24.91 21.24 -72.38
N THR P 476 -25.05 22.39 -71.77
CA THR P 476 -25.16 23.72 -72.42
C THR P 476 -23.83 24.18 -73.08
N HIS P 477 -22.82 23.29 -73.17
CA HIS P 477 -21.56 23.57 -73.79
C HIS P 477 -21.09 22.31 -74.47
N GLU P 478 -21.83 21.92 -75.49
CA GLU P 478 -21.56 20.72 -76.26
C GLU P 478 -21.34 21.27 -77.65
N ASN P 479 -21.40 22.63 -77.91
CA ASN P 479 -21.17 23.19 -79.25
C ASN P 479 -20.28 24.46 -79.27
N GLU P 480 -19.62 24.75 -80.46
CA GLU P 480 -18.71 25.86 -80.62
C GLU P 480 -19.32 27.19 -80.32
N ASN P 481 -20.60 27.43 -80.70
CA ASN P 481 -21.26 28.69 -80.56
C ASN P 481 -21.29 29.03 -79.06
N ASN P 482 -21.30 28.00 -78.21
CA ASN P 482 -21.30 27.98 -76.76
C ASN P 482 -19.91 27.69 -76.19
N LYS P 483 -18.87 28.00 -76.95
CA LYS P 483 -17.47 27.83 -76.53
C LYS P 483 -17.09 28.69 -75.29
N TRP P 484 -17.73 29.87 -75.10
CA TRP P 484 -17.40 30.72 -73.99
C TRP P 484 -18.45 30.56 -72.90
N TYR P 485 -19.24 29.53 -72.96
CA TYR P 485 -20.35 29.44 -71.93
C TYR P 485 -19.79 28.92 -70.64
N GLY P 486 -20.11 29.52 -69.45
CA GLY P 486 -19.64 29.11 -68.10
C GLY P 486 -20.82 29.36 -67.14
N ILE P 487 -20.49 29.43 -65.83
CA ILE P 487 -21.49 29.56 -64.75
C ILE P 487 -21.33 30.91 -64.05
N ASP P 488 -22.33 31.81 -64.25
CA ASP P 488 -22.32 33.04 -63.49
C ASP P 488 -22.32 32.81 -61.93
N LEU P 489 -21.26 33.19 -61.25
CA LEU P 489 -21.13 33.10 -59.76
C LEU P 489 -21.98 34.12 -59.01
N TYR P 490 -22.56 35.04 -59.67
CA TYR P 490 -23.37 36.06 -58.95
C TYR P 490 -24.79 36.10 -59.47
N ALA P 491 -25.05 35.55 -60.65
CA ALA P 491 -26.43 35.24 -61.12
C ALA P 491 -26.87 33.76 -60.78
N GLY P 492 -25.93 32.79 -60.61
CA GLY P 492 -26.32 31.32 -60.40
C GLY P 492 -27.06 30.58 -61.58
N GLN P 493 -26.37 30.44 -62.74
CA GLN P 493 -26.89 29.94 -63.99
C GLN P 493 -25.91 29.89 -65.09
N PRO P 494 -25.95 28.96 -65.99
CA PRO P 494 -25.05 28.90 -67.22
C PRO P 494 -25.32 30.06 -68.11
N VAL P 495 -24.22 30.77 -68.49
CA VAL P 495 -24.24 31.93 -69.44
C VAL P 495 -23.09 32.01 -70.33
N ASP P 496 -23.08 32.91 -71.35
CA ASP P 496 -21.87 33.21 -72.07
C ASP P 496 -20.98 34.15 -71.26
N MET P 497 -19.84 33.75 -70.69
CA MET P 497 -18.98 34.51 -69.84
C MET P 497 -18.29 35.69 -70.56
N TRP P 498 -17.83 35.49 -71.86
CA TRP P 498 -17.34 36.56 -72.73
C TRP P 498 -18.31 37.72 -72.83
N GLN P 499 -19.56 37.46 -73.25
CA GLN P 499 -20.68 38.39 -73.25
C GLN P 499 -21.34 38.70 -71.96
N LYS P 500 -20.58 38.70 -70.91
CA LYS P 500 -21.04 39.06 -69.58
C LYS P 500 -19.81 39.65 -68.80
N GLY P 501 -18.77 40.00 -69.61
CA GLY P 501 -17.54 40.71 -69.14
C GLY P 501 -16.53 39.87 -68.51
N VAL P 502 -16.73 38.55 -68.46
CA VAL P 502 -15.72 37.69 -67.74
C VAL P 502 -14.88 37.06 -68.81
N ILE P 503 -13.72 37.77 -69.06
CA ILE P 503 -12.65 37.27 -69.92
C ILE P 503 -11.41 37.34 -69.03
N GLU P 504 -10.34 36.55 -69.38
CA GLU P 504 -9.14 36.37 -68.58
C GLU P 504 -7.97 36.29 -69.51
N PRO P 505 -6.79 36.67 -69.00
CA PRO P 505 -5.45 36.44 -69.60
C PRO P 505 -5.12 34.95 -70.00
N ALA P 506 -4.90 34.67 -71.29
CA ALA P 506 -4.65 33.33 -71.80
C ALA P 506 -3.27 32.76 -71.41
N LEU P 507 -2.25 33.53 -71.02
CA LEU P 507 -0.90 33.09 -70.60
C LEU P 507 -0.78 32.78 -69.07
N VAL P 508 -1.47 33.57 -68.24
CA VAL P 508 -1.63 33.48 -66.78
C VAL P 508 -2.25 32.15 -66.37
N LYS P 509 -3.37 31.82 -67.00
CA LYS P 509 -4.01 30.49 -66.78
C LYS P 509 -3.45 29.27 -67.55
N MET P 510 -2.28 29.52 -68.21
CA MET P 510 -1.55 28.48 -68.94
C MET P 510 -0.33 28.12 -68.08
N ASN P 511 0.30 29.12 -67.47
CA ASN P 511 1.48 28.83 -66.60
C ASN P 511 1.03 28.12 -65.36
N ALA P 512 -0.25 28.27 -64.92
CA ALA P 512 -0.76 27.54 -63.77
C ALA P 512 -0.73 26.04 -63.90
N ILE P 513 -1.26 25.59 -65.09
CA ILE P 513 -1.20 24.19 -65.52
C ILE P 513 0.24 23.67 -65.58
N LYS P 514 1.25 24.37 -66.17
CA LYS P 514 2.67 24.00 -66.16
C LYS P 514 3.25 23.91 -64.72
N ALA P 515 2.87 24.87 -63.83
CA ALA P 515 3.25 24.92 -62.42
C ALA P 515 2.70 23.74 -61.64
N ALA P 516 1.35 23.70 -61.59
CA ALA P 516 0.55 22.69 -60.95
C ALA P 516 0.93 21.25 -61.33
N THR P 517 0.99 20.93 -62.63
CA THR P 517 1.40 19.60 -63.13
C THR P 517 2.85 19.35 -62.82
N GLU P 518 3.74 20.30 -62.77
CA GLU P 518 5.13 20.16 -62.27
C GLU P 518 5.19 19.65 -60.89
N ALA P 519 4.60 20.43 -59.96
CA ALA P 519 4.55 20.10 -58.56
C ALA P 519 3.90 18.74 -58.26
N ALA P 520 2.62 18.58 -58.74
CA ALA P 520 1.85 17.35 -58.71
C ALA P 520 2.59 16.04 -59.18
N THR P 521 3.18 16.04 -60.42
CA THR P 521 4.02 14.93 -60.82
C THR P 521 5.30 14.83 -60.05
N LEU P 522 5.84 15.96 -59.48
CA LEU P 522 6.99 15.79 -58.58
C LEU P 522 6.75 15.05 -57.28
N VAL P 523 5.61 15.40 -56.69
CA VAL P 523 5.29 14.75 -55.43
C VAL P 523 5.15 13.29 -55.52
N LEU P 524 4.56 12.73 -56.57
CA LEU P 524 4.45 11.37 -56.94
C LEU P 524 5.82 10.77 -57.36
N ARG P 525 6.73 11.62 -57.89
CA ARG P 525 8.08 11.22 -58.31
C ARG P 525 8.97 10.82 -57.13
N ILE P 526 8.71 11.42 -55.98
CA ILE P 526 9.42 11.12 -54.74
C ILE P 526 9.02 9.69 -54.23
N ASP P 527 9.91 8.65 -54.27
CA ASP P 527 9.53 7.32 -53.85
C ASP P 527 9.48 7.08 -52.35
N ASP P 528 10.59 7.54 -51.78
CA ASP P 528 10.96 7.43 -50.35
C ASP P 528 11.84 8.64 -49.95
N VAL P 529 11.75 8.98 -48.65
CA VAL P 529 12.32 10.19 -48.07
C VAL P 529 13.29 9.77 -46.94
N VAL P 530 14.64 10.00 -47.13
CA VAL P 530 15.62 9.78 -46.15
C VAL P 530 15.86 11.06 -45.45
N SER P 531 15.76 11.10 -44.16
CA SER P 531 15.88 12.25 -43.31
C SER P 531 17.15 12.15 -42.47
N ALA P 532 17.78 13.32 -42.28
CA ALA P 532 18.94 13.34 -41.47
C ALA P 532 18.57 13.29 -39.90
N GLY Q 28 30.90 -17.79 -37.98
CA GLY Q 28 29.77 -18.67 -38.34
C GLY Q 28 28.63 -17.82 -38.82
N LYS Q 29 27.42 -18.47 -39.01
CA LYS Q 29 26.14 -17.78 -39.31
C LYS Q 29 25.85 -16.53 -38.45
N GLU Q 30 26.31 -16.62 -37.22
CA GLU Q 30 26.37 -15.56 -36.16
C GLU Q 30 26.57 -14.18 -36.68
N ALA Q 31 27.82 -13.80 -37.14
CA ALA Q 31 28.13 -12.45 -37.60
C ALA Q 31 27.72 -12.27 -39.05
N VAL Q 32 27.91 -13.32 -39.89
CA VAL Q 32 27.51 -13.37 -41.32
C VAL Q 32 26.11 -12.92 -41.61
N ARG Q 33 25.11 -13.10 -40.68
CA ARG Q 33 23.77 -12.53 -40.76
C ARG Q 33 23.76 -10.95 -40.62
N ALA Q 34 24.55 -10.32 -39.71
CA ALA Q 34 24.67 -8.90 -39.66
C ALA Q 34 25.04 -8.28 -41.00
N ASN Q 35 26.15 -8.75 -41.49
CA ASN Q 35 26.87 -8.39 -42.74
C ASN Q 35 25.88 -8.55 -43.89
N ILE Q 36 25.21 -9.71 -44.03
CA ILE Q 36 24.05 -9.97 -44.97
C ILE Q 36 22.98 -8.84 -44.86
N ALA Q 37 22.38 -8.63 -43.61
CA ALA Q 37 21.42 -7.60 -43.25
C ALA Q 37 21.81 -6.22 -43.80
N ALA Q 38 23.00 -5.75 -43.31
CA ALA Q 38 23.56 -4.48 -43.74
C ALA Q 38 23.67 -4.28 -45.25
N VAL Q 39 24.29 -5.25 -46.04
CA VAL Q 39 24.30 -5.25 -47.51
C VAL Q 39 22.91 -5.24 -48.07
N LYS Q 40 22.01 -6.11 -47.70
CA LYS Q 40 20.62 -6.17 -48.08
C LYS Q 40 19.83 -4.90 -47.83
N ALA Q 41 20.05 -4.20 -46.71
CA ALA Q 41 19.43 -2.93 -46.49
C ALA Q 41 19.73 -1.89 -47.57
N VAL Q 42 21.00 -1.68 -47.89
CA VAL Q 42 21.54 -0.76 -48.95
C VAL Q 42 20.98 -1.14 -50.26
N GLU Q 43 20.90 -2.42 -50.63
CA GLU Q 43 20.27 -2.94 -51.88
C GLU Q 43 18.84 -2.47 -52.06
N GLU Q 44 18.05 -2.68 -51.02
CA GLU Q 44 16.75 -2.15 -50.74
C GLU Q 44 16.67 -0.61 -50.62
N ALA Q 45 17.79 0.15 -50.66
CA ALA Q 45 17.82 1.57 -50.70
C ALA Q 45 17.94 2.07 -52.17
N LEU Q 46 18.36 1.17 -53.07
CA LEU Q 46 18.45 1.51 -54.49
C LEU Q 46 17.43 0.84 -55.45
N LYS Q 47 16.96 -0.41 -55.09
CA LYS Q 47 16.06 -1.27 -55.84
C LYS Q 47 15.06 -0.55 -56.73
N SER Q 48 14.26 0.35 -56.12
CA SER Q 48 13.28 1.07 -56.88
C SER Q 48 13.72 2.22 -57.83
N THR Q 49 15.06 2.40 -58.04
CA THR Q 49 15.63 3.49 -58.78
C THR Q 49 16.50 3.07 -59.91
N TYR Q 50 16.65 1.75 -60.00
CA TYR Q 50 17.39 0.99 -60.93
C TYR Q 50 16.73 1.20 -62.35
N GLY Q 51 17.56 1.22 -63.45
CA GLY Q 51 17.12 1.32 -64.85
C GLY Q 51 16.61 2.65 -65.29
N PRO Q 52 16.22 2.85 -66.57
CA PRO Q 52 15.77 4.16 -67.11
C PRO Q 52 14.41 4.64 -66.60
N ARG Q 53 13.63 3.79 -65.97
CA ARG Q 53 12.24 4.09 -65.64
C ARG Q 53 12.19 4.06 -64.08
N GLY Q 54 13.35 4.04 -63.35
CA GLY Q 54 13.33 4.07 -61.92
C GLY Q 54 12.76 5.39 -61.40
N MET Q 55 12.36 5.37 -60.16
CA MET Q 55 11.92 6.56 -59.45
C MET Q 55 13.04 7.31 -58.67
N ASP Q 56 12.77 8.50 -58.04
CA ASP Q 56 13.67 9.35 -57.40
C ASP Q 56 13.41 9.29 -55.88
N LYS Q 57 14.48 9.33 -55.08
CA LYS Q 57 14.60 9.25 -53.68
C LYS Q 57 14.81 10.71 -53.26
N MET Q 58 14.25 11.06 -52.15
CA MET Q 58 14.43 12.39 -51.52
C MET Q 58 15.25 12.28 -50.25
N LEU Q 59 16.16 13.32 -50.08
CA LEU Q 59 17.07 13.44 -49.03
C LEU Q 59 16.91 14.78 -48.52
N VAL Q 60 16.49 14.75 -47.21
CA VAL Q 60 16.26 15.97 -46.43
C VAL Q 60 17.32 16.19 -45.35
N ASP Q 61 18.12 17.21 -45.62
CA ASP Q 61 19.26 17.64 -44.80
C ASP Q 61 18.97 17.96 -43.35
N SER Q 62 20.05 17.87 -42.56
CA SER Q 62 20.09 18.30 -41.15
C SER Q 62 19.71 19.80 -40.91
N LEU Q 63 19.98 20.66 -41.86
CA LEU Q 63 19.63 22.11 -41.87
C LEU Q 63 18.33 22.35 -42.59
N GLY Q 64 17.58 21.31 -42.93
CA GLY Q 64 16.22 21.47 -43.52
C GLY Q 64 16.14 21.69 -45.01
N ASP Q 65 17.27 21.68 -45.72
CA ASP Q 65 17.47 21.75 -47.20
C ASP Q 65 16.99 20.44 -47.84
N ILE Q 66 16.35 20.46 -49.09
CA ILE Q 66 15.78 19.28 -49.70
C ILE Q 66 16.56 18.84 -50.97
N THR Q 67 16.72 17.55 -51.16
CA THR Q 67 17.45 17.02 -52.32
C THR Q 67 16.80 15.82 -52.90
N ILE Q 68 16.33 15.93 -54.15
CA ILE Q 68 15.74 14.80 -54.89
C ILE Q 68 16.78 14.33 -55.89
N THR Q 69 17.01 13.03 -56.03
CA THR Q 69 17.85 12.58 -57.09
C THR Q 69 17.56 11.13 -57.37
N ASN Q 70 18.23 10.49 -58.37
CA ASN Q 70 18.11 9.09 -58.68
C ASN Q 70 19.48 8.51 -58.75
N ASP Q 71 20.45 9.20 -58.22
CA ASP Q 71 21.84 8.82 -58.27
C ASP Q 71 22.22 7.84 -57.21
N GLY Q 72 22.63 6.61 -57.58
CA GLY Q 72 23.08 5.63 -56.62
C GLY Q 72 24.09 6.17 -55.66
N ALA Q 73 25.18 6.68 -56.16
CA ALA Q 73 26.21 7.33 -55.36
C ALA Q 73 25.72 8.38 -54.33
N THR Q 74 25.03 9.46 -54.78
CA THR Q 74 24.47 10.47 -53.90
C THR Q 74 23.56 9.89 -52.81
N ILE Q 75 22.63 8.91 -53.09
CA ILE Q 75 21.75 8.31 -52.09
C ILE Q 75 22.57 7.46 -51.06
N LEU Q 76 23.79 7.12 -51.36
CA LEU Q 76 24.66 6.27 -50.51
C LEU Q 76 25.69 7.14 -49.79
N ASP Q 77 26.13 8.27 -50.36
CA ASP Q 77 27.01 9.31 -49.80
C ASP Q 77 26.29 10.13 -48.70
N LYS Q 78 25.04 10.63 -48.94
CA LYS Q 78 24.32 11.49 -48.02
C LYS Q 78 23.79 10.65 -46.92
N MET Q 79 23.84 9.29 -46.98
CA MET Q 79 23.37 8.35 -46.02
C MET Q 79 24.54 7.91 -45.22
N ASP Q 80 24.34 7.88 -43.86
CA ASP Q 80 25.44 7.50 -42.97
C ASP Q 80 25.56 5.95 -42.93
N LEU Q 81 26.62 5.36 -43.54
CA LEU Q 81 26.76 3.90 -43.57
C LEU Q 81 27.64 3.51 -42.30
N GLN Q 82 27.09 2.98 -41.22
CA GLN Q 82 27.82 2.85 -39.96
C GLN Q 82 28.20 1.38 -39.78
N HIS Q 83 27.60 0.51 -40.55
CA HIS Q 83 27.95 -0.89 -40.44
C HIS Q 83 29.19 -1.17 -41.25
N PRO Q 84 30.22 -1.93 -40.72
CA PRO Q 84 31.47 -2.25 -41.45
C PRO Q 84 31.26 -2.79 -42.81
N ALA Q 85 30.39 -3.80 -42.97
CA ALA Q 85 30.10 -4.37 -44.29
C ALA Q 85 29.80 -3.29 -45.33
N ALA Q 86 28.81 -2.36 -45.03
CA ALA Q 86 28.37 -1.26 -45.84
C ALA Q 86 29.55 -0.36 -46.23
N LYS Q 87 30.32 0.12 -45.29
CA LYS Q 87 31.45 0.97 -45.57
C LYS Q 87 32.54 0.40 -46.52
N LEU Q 88 32.71 -0.95 -46.32
CA LEU Q 88 33.56 -1.75 -47.20
C LEU Q 88 32.99 -1.94 -48.63
N LEU Q 89 31.68 -2.19 -48.70
CA LEU Q 89 30.95 -2.43 -49.97
C LEU Q 89 31.00 -1.29 -50.98
N VAL Q 90 30.58 -0.13 -50.45
CA VAL Q 90 30.54 1.06 -51.22
C VAL Q 90 31.86 1.41 -51.83
N GLN Q 91 32.98 1.17 -51.19
CA GLN Q 91 34.29 1.45 -51.62
C GLN Q 91 34.69 0.65 -52.89
N ILE Q 92 34.34 -0.59 -52.92
CA ILE Q 92 34.49 -1.53 -53.99
C ILE Q 92 33.53 -1.28 -55.12
N ALA Q 93 32.26 -0.95 -54.80
CA ALA Q 93 31.19 -0.55 -55.75
C ALA Q 93 31.53 0.73 -56.39
N LYS Q 94 31.67 1.85 -55.67
CA LYS Q 94 31.92 3.11 -56.28
C LYS Q 94 33.14 3.25 -57.08
N GLY Q 95 34.28 3.03 -56.41
CA GLY Q 95 35.65 3.24 -56.87
C GLY Q 95 36.16 2.45 -57.99
N GLN Q 96 35.26 1.73 -58.78
CA GLN Q 96 35.63 0.90 -59.98
C GLN Q 96 36.45 1.56 -61.10
N ASP Q 97 36.96 0.76 -62.06
CA ASP Q 97 37.90 1.23 -63.08
C ASP Q 97 37.43 2.31 -63.98
N GLU Q 98 36.18 2.27 -64.51
CA GLU Q 98 35.63 3.36 -65.33
C GLU Q 98 34.41 3.98 -64.65
N GLU Q 99 34.31 5.34 -64.60
CA GLU Q 99 33.25 6.10 -64.03
C GLU Q 99 31.97 5.90 -64.82
N THR Q 100 30.84 5.62 -64.16
CA THR Q 100 29.57 5.21 -64.81
C THR Q 100 28.53 5.71 -63.89
N ALA Q 101 27.33 6.12 -64.29
CA ALA Q 101 26.33 6.67 -63.49
C ALA Q 101 25.49 5.50 -62.81
N ASP Q 102 25.13 4.45 -63.59
CA ASP Q 102 24.22 3.43 -63.10
C ASP Q 102 24.95 2.12 -62.97
N GLY Q 103 26.26 2.10 -63.25
CA GLY Q 103 26.99 0.88 -63.08
C GLY Q 103 27.42 0.62 -61.61
N THR Q 104 27.61 1.72 -60.82
CA THR Q 104 27.88 1.68 -59.34
C THR Q 104 26.59 1.24 -58.71
N LYS Q 105 25.43 1.65 -59.26
CA LYS Q 105 24.11 1.18 -58.81
C LYS Q 105 23.97 -0.32 -59.13
N THR Q 106 24.49 -0.86 -60.27
CA THR Q 106 24.42 -2.24 -60.70
C THR Q 106 25.24 -3.08 -59.80
N ALA Q 107 26.54 -2.69 -59.75
CA ALA Q 107 27.48 -3.20 -58.75
C ALA Q 107 26.96 -3.40 -57.34
N VAL Q 108 26.22 -2.45 -56.72
CA VAL Q 108 25.70 -2.68 -55.37
C VAL Q 108 24.57 -3.68 -55.36
N ILE Q 109 23.55 -3.46 -56.19
CA ILE Q 109 22.38 -4.30 -56.28
C ILE Q 109 22.76 -5.82 -56.53
N PHE Q 110 23.52 -5.99 -57.67
CA PHE Q 110 24.14 -7.28 -58.04
C PHE Q 110 25.04 -7.86 -56.98
N SER Q 111 25.83 -7.10 -56.22
CA SER Q 111 26.56 -7.47 -55.02
C SER Q 111 25.58 -8.02 -54.04
N GLY Q 112 24.62 -7.21 -53.59
CA GLY Q 112 23.72 -7.60 -52.62
C GLY Q 112 22.84 -8.83 -52.99
N GLU Q 113 22.54 -9.04 -54.31
CA GLU Q 113 21.84 -10.23 -54.84
C GLU Q 113 22.76 -11.43 -54.71
N LEU Q 114 24.07 -11.35 -54.95
CA LEU Q 114 24.92 -12.45 -54.57
C LEU Q 114 25.00 -12.84 -53.12
N VAL Q 115 25.08 -11.87 -52.17
CA VAL Q 115 25.08 -11.98 -50.74
C VAL Q 115 23.80 -12.67 -50.21
N LYS Q 116 22.68 -12.15 -50.77
CA LYS Q 116 21.35 -12.76 -50.60
C LYS Q 116 21.27 -14.21 -51.03
N LYS Q 117 21.49 -14.50 -52.37
CA LYS Q 117 21.45 -15.85 -53.01
C LYS Q 117 22.45 -16.94 -52.33
N ALA Q 118 23.50 -16.41 -51.65
CA ALA Q 118 24.47 -17.22 -50.89
C ALA Q 118 24.01 -17.73 -49.54
N GLU Q 119 23.11 -17.01 -48.83
CA GLU Q 119 22.43 -17.48 -47.54
C GLU Q 119 21.65 -18.77 -47.85
N ASP Q 120 20.91 -18.89 -49.01
CA ASP Q 120 20.12 -20.07 -49.41
C ASP Q 120 21.04 -21.35 -49.63
N LEU Q 121 22.27 -21.09 -49.97
CA LEU Q 121 23.26 -22.11 -50.02
C LEU Q 121 23.81 -22.58 -48.65
N LEU Q 122 23.97 -21.70 -47.67
CA LEU Q 122 24.28 -22.03 -46.25
C LEU Q 122 23.19 -22.88 -45.66
N TYR Q 123 21.90 -22.58 -46.07
CA TYR Q 123 20.65 -23.25 -45.67
C TYR Q 123 20.67 -24.78 -46.05
N LYS Q 124 21.22 -25.04 -47.24
CA LYS Q 124 21.48 -26.27 -47.87
C LYS Q 124 22.73 -26.89 -47.34
N ASP Q 125 23.36 -26.23 -46.27
CA ASP Q 125 24.65 -26.67 -45.67
C ASP Q 125 25.90 -26.64 -46.50
N VAL Q 126 26.06 -25.72 -47.47
CA VAL Q 126 27.21 -25.51 -48.34
C VAL Q 126 28.27 -24.53 -47.72
N HIS Q 127 29.57 -25.02 -47.63
CA HIS Q 127 30.71 -24.44 -46.90
C HIS Q 127 31.19 -23.28 -47.69
N PRO Q 128 31.52 -22.11 -47.10
CA PRO Q 128 31.87 -20.88 -47.84
C PRO Q 128 33.04 -20.92 -48.84
N THR Q 129 33.98 -21.87 -48.59
CA THR Q 129 35.09 -22.14 -49.55
C THR Q 129 34.61 -22.66 -50.96
N ILE Q 130 33.47 -23.38 -50.98
CA ILE Q 130 32.86 -23.86 -52.15
C ILE Q 130 32.08 -22.73 -52.86
N ILE Q 131 31.23 -21.97 -52.15
CA ILE Q 131 30.47 -20.85 -52.70
C ILE Q 131 31.27 -19.75 -53.30
N ILE Q 132 32.45 -19.53 -52.74
CA ILE Q 132 33.42 -18.61 -53.35
C ILE Q 132 33.95 -19.15 -54.74
N SER Q 133 34.47 -20.39 -54.81
CA SER Q 133 34.88 -20.90 -56.05
C SER Q 133 33.77 -20.92 -57.12
N GLY Q 134 32.53 -21.27 -56.66
CA GLY Q 134 31.32 -21.21 -57.49
C GLY Q 134 31.14 -19.84 -58.16
N TYR Q 135 31.16 -18.74 -57.30
CA TYR Q 135 31.04 -17.37 -57.75
C TYR Q 135 32.24 -17.01 -58.65
N LYS Q 136 33.46 -17.52 -58.31
CA LYS Q 136 34.75 -17.34 -59.14
C LYS Q 136 34.62 -17.87 -60.59
N LYS Q 137 34.39 -19.20 -60.63
CA LYS Q 137 34.07 -19.92 -61.85
C LYS Q 137 32.92 -19.33 -62.58
N ALA Q 138 31.86 -18.85 -61.90
CA ALA Q 138 30.70 -18.20 -62.57
C ALA Q 138 31.02 -16.82 -63.19
N GLU Q 139 31.83 -15.96 -62.38
CA GLU Q 139 32.27 -14.75 -62.86
C GLU Q 139 33.09 -14.96 -64.19
N GLU Q 140 34.07 -15.82 -64.26
CA GLU Q 140 35.02 -16.21 -65.31
C GLU Q 140 34.26 -16.35 -66.65
N VAL Q 141 33.31 -17.31 -66.63
CA VAL Q 141 32.39 -17.52 -67.77
C VAL Q 141 31.61 -16.24 -68.11
N ALA Q 142 30.90 -15.65 -67.16
CA ALA Q 142 30.13 -14.41 -67.29
C ALA Q 142 30.95 -13.21 -67.88
N LEU Q 143 32.21 -13.01 -67.55
CA LEU Q 143 33.05 -11.96 -67.97
C LEU Q 143 33.28 -12.29 -69.46
N GLN Q 144 33.85 -13.51 -69.81
CA GLN Q 144 34.12 -14.05 -71.13
C GLN Q 144 32.95 -14.16 -72.08
N THR Q 145 31.74 -14.32 -71.56
CA THR Q 145 30.53 -14.23 -72.27
C THR Q 145 30.20 -12.88 -72.81
N ILE Q 146 30.78 -11.83 -72.34
CA ILE Q 146 30.49 -10.47 -72.76
C ILE Q 146 31.45 -10.26 -73.90
N GLN Q 147 32.69 -10.86 -73.76
CA GLN Q 147 33.66 -10.85 -74.82
C GLN Q 147 33.19 -11.51 -76.04
N GLU Q 148 32.97 -12.82 -75.96
CA GLU Q 148 32.48 -13.59 -77.04
C GLU Q 148 30.94 -13.41 -77.33
N LEU Q 149 30.53 -12.11 -77.38
CA LEU Q 149 29.15 -11.70 -77.71
C LEU Q 149 29.12 -10.22 -78.08
N ALA Q 150 30.03 -9.37 -77.56
CA ALA Q 150 30.23 -7.99 -77.99
C ALA Q 150 30.64 -7.75 -79.44
N GLN Q 151 30.20 -6.67 -80.05
CA GLN Q 151 30.45 -6.19 -81.36
C GLN Q 151 31.31 -5.00 -81.26
N THR Q 152 32.16 -4.96 -82.29
CA THR Q 152 33.18 -3.95 -82.54
C THR Q 152 32.69 -2.57 -82.78
N VAL Q 153 33.00 -1.60 -81.97
CA VAL Q 153 32.63 -0.23 -82.09
C VAL Q 153 33.84 0.69 -82.28
N SER Q 154 33.92 1.40 -83.38
CA SER Q 154 34.99 2.38 -83.68
C SER Q 154 34.54 3.85 -83.75
N ILE Q 155 35.56 4.72 -84.00
CA ILE Q 155 35.50 6.13 -84.16
C ILE Q 155 34.55 6.44 -85.38
N ASN Q 156 34.47 5.57 -86.36
CA ASN Q 156 33.62 5.72 -87.49
C ASN Q 156 32.29 5.02 -87.41
N ASP Q 157 31.97 4.43 -86.24
CA ASP Q 157 30.63 3.91 -85.92
C ASP Q 157 29.86 5.03 -85.17
N THR Q 158 29.75 6.24 -85.77
CA THR Q 158 29.24 7.40 -85.08
C THR Q 158 27.77 7.47 -84.98
N ASP Q 159 26.96 6.82 -85.81
CA ASP Q 159 25.56 6.64 -85.62
C ASP Q 159 25.28 5.54 -84.52
N LEU Q 160 26.30 4.78 -84.11
CA LEU Q 160 26.16 3.79 -83.07
C LEU Q 160 26.42 4.46 -81.75
N LEU Q 161 27.58 5.27 -81.74
CA LEU Q 161 27.97 6.14 -80.59
C LEU Q 161 26.84 7.17 -80.26
N ARG Q 162 26.02 7.56 -81.30
CA ARG Q 162 24.78 8.35 -81.14
C ARG Q 162 23.78 7.68 -80.25
N LYS Q 163 23.82 6.35 -80.19
CA LYS Q 163 22.84 5.56 -79.41
C LYS Q 163 23.42 5.52 -77.98
N ILE Q 164 24.61 4.99 -77.74
CA ILE Q 164 25.43 4.95 -76.47
C ILE Q 164 25.44 6.21 -75.70
N ALA Q 165 25.39 7.35 -76.36
CA ALA Q 165 25.17 8.65 -75.68
C ALA Q 165 23.78 8.85 -75.08
N MET Q 166 22.75 8.53 -75.84
CA MET Q 166 21.32 8.44 -75.50
C MET Q 166 21.12 7.41 -74.37
N THR Q 167 21.85 6.25 -74.43
CA THR Q 167 21.88 5.18 -73.36
C THR Q 167 22.35 5.71 -71.93
N SER Q 168 22.91 6.92 -71.88
CA SER Q 168 23.31 7.59 -70.65
C SER Q 168 22.26 8.69 -70.39
N LEU Q 169 21.94 9.53 -71.36
CA LEU Q 169 21.08 10.66 -71.10
C LEU Q 169 19.64 10.34 -70.89
N SER Q 170 19.08 9.32 -71.61
CA SER Q 170 17.69 8.95 -71.50
C SER Q 170 17.15 8.59 -70.13
N SER Q 171 18.06 8.24 -69.21
CA SER Q 171 17.73 7.88 -67.79
C SER Q 171 17.88 9.03 -66.81
N LYS Q 172 18.08 10.33 -67.25
CA LYS Q 172 18.37 11.44 -66.40
C LYS Q 172 17.25 12.28 -66.31
N ALA Q 173 17.31 13.27 -65.42
CA ALA Q 173 16.22 14.00 -65.04
C ALA Q 173 15.70 14.81 -66.18
N VAL Q 174 16.66 15.35 -67.03
CA VAL Q 174 16.38 16.27 -68.13
C VAL Q 174 16.03 15.51 -69.40
N ALA Q 175 14.84 15.77 -69.95
CA ALA Q 175 14.27 15.10 -71.12
C ALA Q 175 14.20 15.95 -72.43
N GLY Q 176 14.54 17.26 -72.29
CA GLY Q 176 14.62 18.12 -73.41
C GLY Q 176 15.55 17.70 -74.46
N ALA Q 177 15.02 17.49 -75.70
CA ALA Q 177 15.75 17.18 -76.94
C ALA Q 177 17.03 16.36 -76.88
N ARG Q 178 16.97 15.16 -76.30
CA ARG Q 178 18.25 14.55 -76.05
C ARG Q 178 19.07 14.02 -77.25
N GLU Q 179 18.46 13.63 -78.36
CA GLU Q 179 18.99 13.24 -79.65
C GLU Q 179 19.96 14.33 -80.18
N TYR Q 180 19.66 15.61 -79.92
CA TYR Q 180 20.58 16.70 -80.14
C TYR Q 180 21.88 16.58 -79.31
N ILE Q 181 21.72 16.32 -78.04
CA ILE Q 181 22.87 16.14 -77.17
C ILE Q 181 23.63 14.88 -77.45
N ALA Q 182 22.86 13.81 -77.77
CA ALA Q 182 23.51 12.59 -78.19
C ALA Q 182 24.46 12.72 -79.39
N ASP Q 183 23.95 13.39 -80.46
CA ASP Q 183 24.76 13.80 -81.64
C ASP Q 183 26.02 14.65 -81.38
N ILE Q 184 25.81 15.73 -80.61
CA ILE Q 184 26.87 16.62 -80.09
C ILE Q 184 27.97 15.87 -79.46
N VAL Q 185 27.67 15.03 -78.46
CA VAL Q 185 28.61 14.23 -77.79
C VAL Q 185 29.50 13.44 -78.77
N VAL Q 186 28.98 12.88 -79.87
CA VAL Q 186 29.81 12.08 -80.83
C VAL Q 186 30.82 12.92 -81.48
N LYS Q 187 30.36 14.05 -82.05
CA LYS Q 187 31.15 14.97 -82.69
C LYS Q 187 32.22 15.50 -81.71
N ALA Q 188 31.85 15.86 -80.47
CA ALA Q 188 32.73 16.30 -79.39
C ALA Q 188 33.87 15.33 -79.01
N VAL Q 189 33.48 13.97 -79.04
CA VAL Q 189 34.57 12.97 -78.68
C VAL Q 189 35.45 12.67 -79.86
N THR Q 190 34.87 12.31 -81.01
CA THR Q 190 35.63 12.01 -82.24
C THR Q 190 36.59 13.09 -82.73
N GLN Q 191 36.35 14.39 -82.40
CA GLN Q 191 37.32 15.49 -82.68
C GLN Q 191 38.57 15.32 -81.76
N VAL Q 192 38.44 14.96 -80.49
CA VAL Q 192 39.56 14.87 -79.51
C VAL Q 192 40.22 13.45 -79.54
N ALA Q 193 39.54 12.34 -79.95
CA ALA Q 193 40.11 10.99 -80.00
C ALA Q 193 41.20 10.91 -81.02
N GLU Q 194 42.28 10.15 -80.62
CA GLU Q 194 43.50 9.92 -81.43
C GLU Q 194 44.06 8.64 -80.97
N LEU Q 195 45.07 8.16 -81.70
CA LEU Q 195 45.67 6.92 -81.48
C LEU Q 195 46.91 7.18 -80.67
N ARG Q 196 47.08 6.38 -79.58
CA ARG Q 196 48.18 6.42 -78.69
C ARG Q 196 48.54 5.03 -78.22
N GLY Q 197 49.84 4.67 -78.42
CA GLY Q 197 50.32 3.38 -77.98
C GLY Q 197 49.67 2.17 -78.69
N ASP Q 198 49.31 2.46 -79.91
CA ASP Q 198 48.64 1.52 -80.86
C ASP Q 198 47.22 1.13 -80.43
N LYS Q 199 46.62 2.12 -79.78
CA LYS Q 199 45.28 1.84 -79.29
C LYS Q 199 44.63 3.20 -79.33
N TRP Q 200 43.32 3.16 -79.38
CA TRP Q 200 42.50 4.39 -79.35
C TRP Q 200 42.49 5.01 -77.95
N TYR Q 201 42.52 6.35 -77.90
CA TYR Q 201 42.46 7.17 -76.68
C TYR Q 201 41.74 8.45 -76.82
N VAL Q 202 41.25 9.09 -75.71
CA VAL Q 202 40.47 10.37 -75.65
C VAL Q 202 40.96 11.19 -74.52
N ASP Q 203 41.71 12.26 -74.78
CA ASP Q 203 42.22 13.32 -73.79
C ASP Q 203 41.17 14.37 -73.67
N LEU Q 204 40.26 14.08 -72.72
CA LEU Q 204 39.10 14.89 -72.37
C LEU Q 204 39.36 16.32 -72.00
N ASP Q 205 40.55 16.72 -71.49
CA ASP Q 205 41.05 18.08 -71.17
C ASP Q 205 40.94 18.99 -72.43
N ASN Q 206 40.99 18.45 -73.65
CA ASN Q 206 40.78 19.24 -74.91
C ASN Q 206 39.37 19.59 -75.23
N ILE Q 207 38.46 19.42 -74.22
CA ILE Q 207 37.02 19.74 -74.24
C ILE Q 207 36.62 20.47 -72.96
N GLN Q 208 36.08 21.67 -73.13
CA GLN Q 208 35.59 22.51 -72.13
C GLN Q 208 34.08 22.43 -72.12
N ILE Q 209 33.44 22.69 -70.90
CA ILE Q 209 32.04 22.67 -70.72
C ILE Q 209 31.68 23.96 -69.99
N VAL Q 210 30.98 24.86 -70.76
CA VAL Q 210 30.73 26.15 -70.31
C VAL Q 210 29.19 26.24 -70.26
N LYS Q 211 28.54 26.91 -69.31
CA LYS Q 211 27.10 26.90 -69.25
C LYS Q 211 26.45 28.15 -68.93
N LYS Q 212 25.29 28.51 -69.52
CA LYS Q 212 24.66 29.79 -69.16
C LYS Q 212 23.13 29.39 -68.90
N ALA Q 213 22.65 29.55 -67.68
CA ALA Q 213 21.32 29.27 -67.30
C ALA Q 213 20.29 30.07 -68.01
N GLY Q 214 19.13 29.42 -68.24
CA GLY Q 214 17.96 29.89 -68.96
C GLY Q 214 17.81 29.35 -70.35
N GLY Q 215 16.76 29.76 -71.08
CA GLY Q 215 16.48 29.33 -72.40
C GLY Q 215 16.30 27.87 -72.79
N SER Q 216 16.27 27.55 -74.10
CA SER Q 216 16.07 26.25 -74.67
C SER Q 216 17.31 25.36 -74.68
N ILE Q 217 17.22 24.09 -74.16
CA ILE Q 217 18.48 23.19 -74.24
C ILE Q 217 18.76 22.75 -75.71
N ASN Q 218 17.74 22.81 -76.60
CA ASN Q 218 17.87 22.49 -78.01
C ASN Q 218 18.68 23.57 -78.81
N ASP Q 219 18.85 24.75 -78.13
CA ASP Q 219 19.69 25.89 -78.53
C ASP Q 219 21.16 25.65 -78.00
N THR Q 220 21.59 24.49 -77.56
CA THR Q 220 22.97 24.22 -77.14
C THR Q 220 23.87 24.06 -78.34
N GLN Q 221 25.20 23.95 -78.16
CA GLN Q 221 26.12 23.75 -79.28
C GLN Q 221 27.44 23.14 -78.93
N LEU Q 222 28.13 22.62 -79.98
CA LEU Q 222 29.57 22.24 -79.95
C LEU Q 222 30.26 23.39 -80.71
N VAL Q 223 31.32 23.86 -80.04
CA VAL Q 223 32.22 24.94 -80.48
C VAL Q 223 33.56 24.36 -80.83
N TYR Q 224 34.03 24.84 -81.99
CA TYR Q 224 35.29 24.48 -82.58
C TYR Q 224 36.45 25.48 -82.19
N GLY Q 225 36.70 25.55 -80.86
CA GLY Q 225 37.71 26.37 -80.30
C GLY Q 225 37.48 26.52 -78.84
N ILE Q 226 37.82 27.63 -78.17
CA ILE Q 226 37.56 27.80 -76.75
C ILE Q 226 36.56 28.91 -76.45
N VAL Q 227 35.91 28.89 -75.26
CA VAL Q 227 34.82 29.79 -74.92
C VAL Q 227 35.25 30.32 -73.59
N VAL Q 228 35.47 31.60 -73.51
CA VAL Q 228 35.72 32.29 -72.26
C VAL Q 228 34.44 32.84 -71.70
N ASP Q 229 34.07 32.37 -70.50
CA ASP Q 229 32.82 32.66 -69.80
C ASP Q 229 32.59 34.07 -69.50
N LYS Q 230 33.65 34.84 -69.23
CA LYS Q 230 33.67 36.31 -69.14
C LYS Q 230 33.43 37.01 -70.48
N GLU Q 231 32.62 38.08 -70.44
CA GLU Q 231 32.41 38.94 -71.60
C GLU Q 231 33.51 39.96 -71.59
N VAL Q 232 33.54 40.87 -72.63
CA VAL Q 232 34.56 41.94 -72.74
C VAL Q 232 34.24 43.06 -71.76
N VAL Q 233 35.33 43.65 -71.22
CA VAL Q 233 35.15 44.57 -70.06
C VAL Q 233 34.58 45.95 -70.36
N HIS Q 234 35.03 46.62 -71.40
CA HIS Q 234 34.55 47.87 -71.83
C HIS Q 234 33.69 47.75 -73.10
N PRO Q 235 32.43 48.36 -73.29
CA PRO Q 235 31.79 48.23 -74.58
C PRO Q 235 32.54 48.88 -75.74
N GLY Q 236 33.41 49.89 -75.41
CA GLY Q 236 34.25 50.68 -76.35
C GLY Q 236 35.37 49.90 -76.98
N MET Q 237 35.59 48.69 -76.56
CA MET Q 237 36.57 47.84 -77.13
C MET Q 237 36.05 47.16 -78.39
N PRO Q 238 36.75 46.75 -79.46
CA PRO Q 238 36.23 46.01 -80.56
C PRO Q 238 35.73 44.66 -80.08
N LYS Q 239 34.79 43.99 -80.76
CA LYS Q 239 34.23 42.74 -80.40
C LYS Q 239 34.43 41.57 -81.33
N ARG Q 240 35.15 41.80 -82.44
CA ARG Q 240 35.60 40.73 -83.32
C ARG Q 240 36.86 41.18 -84.08
N LEU Q 241 38.00 40.48 -83.75
CA LEU Q 241 39.37 40.83 -84.28
C LEU Q 241 39.83 39.71 -85.20
N GLU Q 242 40.40 39.97 -86.38
CA GLU Q 242 40.93 38.97 -87.28
C GLU Q 242 42.33 38.68 -86.87
N ASN Q 243 42.67 37.39 -86.72
CA ASN Q 243 43.98 36.91 -86.34
C ASN Q 243 44.45 37.38 -84.93
N ALA Q 244 43.96 36.65 -83.95
CA ALA Q 244 44.22 36.84 -82.54
C ALA Q 244 45.62 36.51 -82.13
N LYS Q 245 46.13 37.34 -81.19
CA LYS Q 245 47.46 37.20 -80.70
C LYS Q 245 47.40 37.31 -79.22
N ILE Q 246 46.58 36.54 -78.51
CA ILE Q 246 46.20 36.70 -77.08
C ILE Q 246 47.42 36.89 -76.08
N ALA Q 247 47.25 37.73 -75.01
CA ALA Q 247 48.18 37.86 -73.96
C ALA Q 247 47.45 37.59 -72.66
N LEU Q 248 47.61 36.34 -72.18
CA LEU Q 248 47.11 35.77 -70.95
C LEU Q 248 47.97 36.33 -69.78
N ILE Q 249 47.52 37.47 -69.19
CA ILE Q 249 48.23 38.19 -68.12
C ILE Q 249 47.66 37.82 -66.70
N ASP Q 250 48.39 36.99 -65.95
CA ASP Q 250 47.99 36.63 -64.58
C ASP Q 250 48.21 37.87 -63.67
N ALA Q 251 49.04 38.78 -64.10
CA ALA Q 251 49.22 40.15 -63.53
C ALA Q 251 47.95 41.10 -63.45
N SER Q 252 47.98 42.14 -62.62
CA SER Q 252 46.90 43.16 -62.40
C SER Q 252 47.29 44.30 -63.30
N LEU Q 253 46.25 44.89 -63.84
CA LEU Q 253 46.37 46.21 -64.43
C LEU Q 253 45.47 47.27 -63.75
N GLU Q 254 45.07 47.04 -62.50
CA GLU Q 254 44.19 47.89 -61.75
C GLU Q 254 44.86 48.31 -60.41
N VAL Q 255 44.56 49.58 -60.08
CA VAL Q 255 45.10 50.24 -58.90
C VAL Q 255 44.56 49.61 -57.61
N GLU Q 256 45.44 49.77 -56.60
CA GLU Q 256 45.39 49.33 -55.25
C GLU Q 256 46.05 50.35 -54.28
N LYS Q 257 45.81 50.27 -53.01
CA LYS Q 257 46.44 51.16 -52.01
C LYS Q 257 47.92 51.00 -51.90
N PRO Q 258 48.70 51.96 -51.55
CA PRO Q 258 50.15 51.84 -51.42
C PRO Q 258 50.56 50.83 -50.23
N GLU Q 259 51.46 49.86 -50.54
CA GLU Q 259 51.90 48.96 -49.45
C GLU Q 259 53.35 48.72 -49.53
N LEU Q 260 54.10 49.09 -50.65
CA LEU Q 260 55.45 48.82 -50.74
C LEU Q 260 56.37 50.02 -50.88
N ASP Q 261 55.81 51.15 -51.09
CA ASP Q 261 56.36 52.46 -51.18
C ASP Q 261 57.06 52.99 -49.97
N ALA Q 262 56.50 52.86 -48.79
CA ALA Q 262 57.17 53.32 -47.62
C ALA Q 262 56.93 52.39 -46.57
N GLU Q 263 57.75 52.51 -45.50
CA GLU Q 263 57.69 51.61 -44.35
C GLU Q 263 56.98 52.17 -43.12
N ILE Q 264 56.45 53.44 -43.28
CA ILE Q 264 55.51 54.06 -42.33
C ILE Q 264 54.20 54.42 -42.98
N ARG Q 265 53.17 54.90 -42.25
CA ARG Q 265 51.96 55.31 -42.86
C ARG Q 265 52.04 56.78 -43.24
N ILE Q 266 51.82 57.03 -44.53
CA ILE Q 266 51.82 58.40 -45.08
C ILE Q 266 50.60 59.19 -44.58
N ASN Q 267 50.90 60.47 -44.18
CA ASN Q 267 49.97 61.36 -43.46
C ASN Q 267 49.87 62.70 -44.11
N ASP Q 268 50.89 63.14 -44.84
CA ASP Q 268 50.77 64.43 -45.55
C ASP Q 268 50.13 64.21 -46.92
N PRO Q 269 49.19 64.95 -47.34
CA PRO Q 269 48.53 64.70 -48.63
C PRO Q 269 49.40 64.86 -49.83
N THR Q 270 50.55 65.56 -49.66
CA THR Q 270 51.51 65.61 -50.81
C THR Q 270 52.03 64.27 -51.24
N GLN Q 271 52.38 63.36 -50.30
CA GLN Q 271 52.85 62.01 -50.63
C GLN Q 271 51.68 61.18 -51.24
N MET Q 272 50.39 61.25 -50.75
CA MET Q 272 49.25 60.58 -51.35
C MET Q 272 49.08 60.88 -52.86
N GLN Q 273 48.88 62.18 -53.28
CA GLN Q 273 48.74 62.73 -54.59
C GLN Q 273 49.82 62.04 -55.57
N LYS Q 274 51.09 62.27 -55.35
CA LYS Q 274 52.23 61.71 -56.06
C LYS Q 274 52.25 60.15 -56.18
N PHE Q 275 51.47 59.39 -55.39
CA PHE Q 275 51.29 57.98 -55.43
C PHE Q 275 50.29 57.66 -56.53
N LEU Q 276 49.07 58.21 -56.50
CA LEU Q 276 48.06 58.06 -57.49
C LEU Q 276 48.32 58.79 -58.77
N ASP Q 277 49.18 59.76 -58.77
CA ASP Q 277 49.57 60.47 -60.04
C ASP Q 277 50.52 59.57 -60.87
N GLU Q 278 51.59 59.18 -60.13
CA GLU Q 278 52.64 58.36 -60.68
C GLU Q 278 52.16 56.91 -61.05
N GLU Q 279 51.23 56.43 -60.29
CA GLU Q 279 50.50 55.17 -60.56
C GLU Q 279 49.60 55.13 -61.73
N GLU Q 280 49.04 56.28 -62.12
CA GLU Q 280 48.14 56.23 -63.29
C GLU Q 280 48.94 56.14 -64.61
N ASN Q 281 50.10 56.78 -64.64
CA ASN Q 281 51.07 56.58 -65.71
C ASN Q 281 51.78 55.31 -65.65
N LEU Q 282 51.80 54.64 -64.47
CA LEU Q 282 52.35 53.27 -64.35
C LEU Q 282 51.46 52.21 -64.95
N ILE Q 283 50.13 52.29 -64.74
CA ILE Q 283 49.26 51.31 -65.32
C ILE Q 283 49.07 51.46 -66.85
N LYS Q 284 49.01 52.75 -67.35
CA LYS Q 284 48.98 53.01 -68.79
C LYS Q 284 50.29 52.60 -69.42
N GLU Q 285 51.41 52.67 -68.65
CA GLU Q 285 52.67 52.05 -69.08
C GLU Q 285 52.67 50.57 -69.18
N LYS Q 286 52.22 49.86 -68.11
CA LYS Q 286 52.12 48.39 -68.14
C LYS Q 286 51.33 47.75 -69.30
N VAL Q 287 50.18 48.38 -69.60
CA VAL Q 287 49.40 48.06 -70.78
C VAL Q 287 50.12 48.29 -72.11
N ASP Q 288 50.82 49.43 -72.14
CA ASP Q 288 51.55 49.81 -73.33
C ASP Q 288 52.74 48.87 -73.49
N LYS Q 289 53.39 48.39 -72.45
CA LYS Q 289 54.49 47.41 -72.54
C LYS Q 289 54.03 46.00 -73.07
N ILE Q 290 52.66 45.69 -72.91
CA ILE Q 290 52.16 44.47 -73.40
C ILE Q 290 51.70 44.60 -74.90
N LEU Q 291 50.99 45.64 -75.29
CA LEU Q 291 50.70 45.93 -76.66
C LEU Q 291 51.91 46.31 -77.53
N ALA Q 292 53.11 46.64 -76.91
CA ALA Q 292 54.42 46.82 -77.46
C ALA Q 292 54.95 45.62 -78.17
N THR Q 293 54.39 44.43 -77.94
CA THR Q 293 54.75 43.18 -78.53
C THR Q 293 53.87 42.82 -79.67
N GLY Q 294 52.68 43.45 -79.91
CA GLY Q 294 51.79 43.22 -81.02
C GLY Q 294 50.61 42.32 -80.65
N ALA Q 295 50.40 42.03 -79.39
CA ALA Q 295 49.28 41.38 -78.85
C ALA Q 295 47.94 42.12 -79.11
N ASN Q 296 46.92 41.59 -79.86
CA ASN Q 296 45.73 42.45 -80.16
C ASN Q 296 44.59 42.06 -79.26
N VAL Q 297 44.79 41.19 -78.32
CA VAL Q 297 43.79 40.85 -77.37
C VAL Q 297 44.50 40.71 -76.06
N ILE Q 298 43.76 40.94 -74.98
CA ILE Q 298 44.38 40.85 -73.72
C ILE Q 298 43.38 40.35 -72.69
N ILE Q 299 43.67 39.20 -72.10
CA ILE Q 299 42.76 38.53 -71.14
C ILE Q 299 43.61 38.39 -69.99
N CYS Q 300 43.11 38.52 -68.77
CA CYS Q 300 43.94 38.50 -67.64
C CYS Q 300 43.33 37.56 -66.60
N GLN Q 301 44.12 37.40 -65.49
CA GLN Q 301 43.59 36.65 -64.39
C GLN Q 301 43.33 37.58 -63.13
N LYS Q 302 43.45 38.90 -63.39
CA LYS Q 302 43.19 39.90 -62.41
C LYS Q 302 42.56 41.03 -63.23
N GLY Q 303 42.15 42.12 -62.44
CA GLY Q 303 41.48 43.31 -62.92
C GLY Q 303 42.24 44.29 -63.83
N ILE Q 304 41.46 45.16 -64.48
CA ILE Q 304 41.89 46.25 -65.35
C ILE Q 304 41.26 47.53 -64.87
N ASP Q 305 42.01 48.57 -64.82
CA ASP Q 305 41.50 49.87 -64.36
C ASP Q 305 40.49 50.48 -65.28
N GLU Q 306 39.62 51.43 -64.89
CA GLU Q 306 38.73 52.07 -65.80
C GLU Q 306 39.46 53.06 -66.62
N VAL Q 307 40.55 53.64 -66.15
CA VAL Q 307 41.34 54.49 -66.98
C VAL Q 307 42.21 53.62 -67.98
N ALA Q 308 42.63 52.40 -67.49
CA ALA Q 308 43.50 51.48 -68.25
C ALA Q 308 42.64 50.83 -69.37
N GLN Q 309 41.27 50.82 -69.27
CA GLN Q 309 40.31 50.45 -70.25
C GLN Q 309 40.17 51.52 -71.32
N SER Q 310 40.07 52.73 -70.92
CA SER Q 310 40.08 53.83 -71.89
C SER Q 310 41.39 53.91 -72.68
N TYR Q 311 42.52 53.48 -72.24
CA TYR Q 311 43.73 53.47 -72.98
C TYR Q 311 43.66 52.32 -74.06
N LEU Q 312 43.20 51.13 -73.63
CA LEU Q 312 42.95 49.93 -74.43
C LEU Q 312 41.87 50.13 -75.46
N ALA Q 313 40.88 50.99 -75.18
CA ALA Q 313 39.79 51.40 -76.01
C ALA Q 313 40.23 52.24 -77.24
N LYS Q 314 41.23 53.15 -76.95
CA LYS Q 314 41.95 53.98 -77.89
C LYS Q 314 43.02 53.23 -78.72
N LYS Q 315 43.52 52.10 -78.19
CA LYS Q 315 44.48 51.23 -78.77
C LYS Q 315 43.76 50.29 -79.82
N GLY Q 316 42.43 50.03 -79.66
CA GLY Q 316 41.60 49.21 -80.46
C GLY Q 316 41.67 47.76 -80.23
N VAL Q 317 42.04 47.42 -79.03
CA VAL Q 317 42.16 46.01 -78.64
C VAL Q 317 40.97 45.51 -77.87
N LEU Q 318 40.80 44.18 -77.81
CA LEU Q 318 39.72 43.50 -77.09
C LEU Q 318 40.19 42.81 -75.85
N ALA Q 319 39.79 43.33 -74.72
CA ALA Q 319 40.32 42.94 -73.43
C ALA Q 319 39.25 42.41 -72.53
N VAL Q 320 39.65 41.51 -71.63
CA VAL Q 320 38.79 40.81 -70.70
C VAL Q 320 39.29 40.93 -69.20
N ARG Q 321 38.42 41.27 -68.24
CA ARG Q 321 38.78 41.37 -66.88
C ARG Q 321 38.65 39.99 -66.23
N ARG Q 322 39.55 39.77 -65.34
CA ARG Q 322 39.72 38.60 -64.46
C ARG Q 322 39.09 37.26 -64.93
N ALA Q 323 39.68 36.64 -65.96
CA ALA Q 323 39.22 35.37 -66.45
C ALA Q 323 39.71 34.26 -65.50
N LYS Q 324 39.03 33.18 -65.30
CA LYS Q 324 39.33 32.10 -64.35
C LYS Q 324 40.47 31.30 -64.82
N LYS Q 325 41.38 30.85 -63.86
CA LYS Q 325 42.48 29.95 -64.23
C LYS Q 325 42.05 28.66 -64.97
N SER Q 326 40.83 28.19 -64.67
CA SER Q 326 40.16 27.07 -65.35
C SER Q 326 40.05 27.11 -66.81
N ASP Q 327 39.86 28.32 -67.41
CA ASP Q 327 39.66 28.52 -68.77
C ASP Q 327 41.03 29.03 -69.35
N LEU Q 328 41.91 29.65 -68.49
CA LEU Q 328 43.22 29.98 -68.96
C LEU Q 328 44.02 28.77 -69.32
N GLU Q 329 44.01 27.65 -68.52
CA GLU Q 329 44.82 26.48 -68.85
C GLU Q 329 44.43 25.96 -70.23
N LYS Q 330 43.13 25.75 -70.36
CA LYS Q 330 42.38 25.29 -71.54
C LYS Q 330 42.63 26.21 -72.80
N LEU Q 331 42.90 27.51 -72.68
CA LEU Q 331 43.11 28.45 -73.80
C LEU Q 331 44.53 28.61 -74.14
N ALA Q 332 45.40 28.32 -73.17
CA ALA Q 332 46.85 28.32 -73.26
C ALA Q 332 47.23 27.32 -74.24
N ARG Q 333 47.03 26.05 -73.97
CA ARG Q 333 47.31 24.90 -74.81
C ARG Q 333 46.35 24.73 -75.99
N ALA Q 334 45.40 25.69 -76.23
CA ALA Q 334 44.57 25.74 -77.48
C ALA Q 334 45.13 26.72 -78.44
N THR Q 335 45.52 27.90 -77.93
CA THR Q 335 46.13 28.89 -78.78
C THR Q 335 47.62 28.82 -78.83
N GLY Q 336 48.34 28.19 -77.90
CA GLY Q 336 49.80 28.07 -77.89
C GLY Q 336 50.53 29.06 -77.09
N GLY Q 337 49.75 29.99 -76.44
CA GLY Q 337 50.26 30.97 -75.56
C GLY Q 337 50.61 30.49 -74.16
N ARG Q 338 51.20 31.35 -73.35
CA ARG Q 338 51.56 31.04 -71.99
C ARG Q 338 50.93 32.03 -71.11
N VAL Q 339 50.62 31.65 -69.93
CA VAL Q 339 50.06 32.55 -68.95
C VAL Q 339 51.18 33.26 -68.17
N VAL Q 340 51.36 34.54 -68.37
CA VAL Q 340 52.53 35.30 -67.95
C VAL Q 340 52.12 36.20 -66.81
N SER Q 341 52.89 36.21 -65.67
CA SER Q 341 52.63 36.82 -64.31
C SER Q 341 53.32 38.12 -64.17
N ASN Q 342 54.06 38.55 -65.22
CA ASN Q 342 55.06 39.59 -65.22
C ASN Q 342 54.98 40.43 -66.49
N ILE Q 343 54.72 41.75 -66.34
CA ILE Q 343 54.64 42.61 -67.51
C ILE Q 343 55.89 42.65 -68.43
N ASP Q 344 57.07 42.48 -67.85
CA ASP Q 344 58.36 42.37 -68.46
C ASP Q 344 58.73 41.02 -69.00
N GLU Q 345 57.83 40.06 -69.04
CA GLU Q 345 58.19 38.74 -69.50
C GLU Q 345 57.29 38.32 -70.63
N ILE Q 346 56.24 39.09 -71.09
CA ILE Q 346 55.46 38.76 -72.29
C ILE Q 346 56.30 38.88 -73.57
N SER Q 347 56.12 37.98 -74.54
CA SER Q 347 57.00 37.99 -75.79
C SER Q 347 56.16 37.35 -76.87
N GLU Q 348 56.69 37.51 -78.08
CA GLU Q 348 56.06 36.97 -79.26
C GLU Q 348 55.97 35.47 -79.23
N GLN Q 349 56.77 34.74 -78.41
CA GLN Q 349 56.74 33.29 -78.25
C GLN Q 349 55.77 32.93 -77.11
N ASP Q 350 55.40 33.89 -76.22
CA ASP Q 350 54.56 33.65 -75.09
C ASP Q 350 53.13 34.13 -75.33
N LEU Q 351 52.74 34.58 -76.51
CA LEU Q 351 51.40 34.98 -76.84
C LEU Q 351 50.67 33.82 -77.60
N GLY Q 352 49.32 33.87 -77.68
CA GLY Q 352 48.56 32.78 -78.24
C GLY Q 352 48.22 33.17 -79.60
N TYR Q 353 47.87 32.16 -80.45
CA TYR Q 353 47.47 32.41 -81.83
C TYR Q 353 46.14 31.82 -82.14
N ALA Q 354 45.18 32.61 -82.76
CA ALA Q 354 43.96 32.00 -83.11
C ALA Q 354 43.48 32.74 -84.28
N SER Q 355 42.87 32.01 -85.25
CA SER Q 355 42.32 32.52 -86.53
C SER Q 355 41.39 33.76 -86.41
N LEU Q 356 40.45 33.73 -85.46
CA LEU Q 356 39.56 34.81 -85.22
C LEU Q 356 38.98 34.71 -83.79
N ILE Q 357 39.02 35.81 -83.01
CA ILE Q 357 38.48 35.86 -81.69
C ILE Q 357 37.34 36.78 -81.80
N GLU Q 358 36.27 36.56 -81.01
CA GLU Q 358 35.18 37.45 -80.99
C GLU Q 358 34.54 37.44 -79.66
N GLU Q 359 33.58 38.35 -79.53
CA GLU Q 359 32.57 38.36 -78.47
C GLU Q 359 31.28 38.04 -79.18
N ARG Q 360 30.49 37.02 -78.81
CA ARG Q 360 29.22 36.89 -79.39
C ARG Q 360 28.07 36.59 -78.45
N LYS Q 361 26.93 37.16 -78.72
CA LYS Q 361 25.70 36.93 -77.96
C LYS Q 361 24.96 35.77 -78.53
N VAL Q 362 24.83 34.74 -77.76
CA VAL Q 362 24.20 33.50 -78.21
C VAL Q 362 22.85 33.24 -77.56
N GLY Q 363 22.39 34.17 -76.75
CA GLY Q 363 21.18 34.06 -75.99
C GLY Q 363 21.02 35.35 -75.25
N GLU Q 364 20.69 35.31 -73.96
CA GLU Q 364 20.60 36.49 -73.07
C GLU Q 364 21.95 36.95 -72.83
N ASP Q 365 22.88 35.99 -72.59
CA ASP Q 365 24.27 36.24 -72.28
C ASP Q 365 25.24 36.39 -73.47
N LYS Q 366 26.41 36.96 -73.19
CA LYS Q 366 27.49 37.11 -74.16
C LYS Q 366 28.84 36.79 -73.66
N MET Q 367 29.69 36.20 -74.45
CA MET Q 367 30.95 35.69 -73.95
C MET Q 367 31.94 35.69 -75.13
N VAL Q 368 33.24 35.49 -74.76
CA VAL Q 368 34.27 35.56 -75.74
C VAL Q 368 34.45 34.15 -76.32
N PHE Q 369 34.62 34.12 -77.65
CA PHE Q 369 34.84 32.85 -78.33
C PHE Q 369 36.19 32.87 -79.01
N VAL Q 370 36.88 31.72 -79.15
CA VAL Q 370 38.15 31.61 -79.82
C VAL Q 370 38.22 30.51 -80.79
N GLU Q 371 37.35 30.68 -81.78
CA GLU Q 371 37.17 29.72 -82.85
C GLU Q 371 38.43 29.69 -83.81
N GLY Q 372 38.69 28.50 -84.44
CA GLY Q 372 39.91 28.43 -85.27
C GLY Q 372 41.14 28.43 -84.62
N ALA Q 373 41.19 28.11 -83.34
CA ALA Q 373 42.32 28.02 -82.43
C ALA Q 373 43.51 27.18 -82.98
N LYS Q 374 44.77 27.47 -82.60
CA LYS Q 374 45.94 26.73 -83.08
C LYS Q 374 45.89 25.23 -83.08
N ASN Q 375 45.26 24.64 -82.08
CA ASN Q 375 44.99 23.17 -82.01
C ASN Q 375 43.60 22.85 -82.42
N PRO Q 376 43.46 22.02 -83.47
CA PRO Q 376 42.13 21.63 -83.92
C PRO Q 376 41.36 20.78 -82.94
N LYS Q 377 42.14 20.04 -82.02
CA LYS Q 377 41.50 19.18 -81.03
C LYS Q 377 41.03 20.03 -79.80
N SER Q 378 41.48 21.28 -79.56
CA SER Q 378 40.98 21.96 -78.36
C SER Q 378 39.61 22.51 -78.70
N ILE Q 379 38.61 22.00 -78.10
CA ILE Q 379 37.24 22.39 -78.30
C ILE Q 379 36.38 22.67 -77.10
N SER Q 380 35.19 23.27 -77.29
CA SER Q 380 34.42 23.54 -76.15
C SER Q 380 32.93 23.10 -76.48
N ILE Q 381 32.06 22.87 -75.44
CA ILE Q 381 30.66 22.63 -75.56
C ILE Q 381 29.96 23.71 -74.74
N LEU Q 382 28.80 24.24 -75.23
CA LEU Q 382 28.10 25.33 -74.65
C LEU Q 382 26.74 24.91 -74.15
N ILE Q 383 26.45 24.91 -72.84
CA ILE Q 383 25.22 24.46 -72.28
C ILE Q 383 24.26 25.63 -72.10
N ARG Q 384 22.97 25.41 -72.41
CA ARG Q 384 21.78 26.26 -72.20
C ARG Q 384 20.69 25.24 -71.78
N GLY Q 385 19.53 25.69 -71.20
CA GLY Q 385 18.54 24.73 -70.86
C GLY Q 385 17.90 25.04 -69.59
N GLY Q 386 17.11 26.16 -69.45
CA GLY Q 386 16.39 26.49 -68.25
C GLY Q 386 17.31 26.73 -67.02
N LEU Q 387 16.61 26.94 -65.90
CA LEU Q 387 17.02 27.40 -64.57
C LEU Q 387 18.40 27.02 -64.00
N GLU Q 388 18.84 27.74 -62.93
CA GLU Q 388 20.15 27.54 -62.28
C GLU Q 388 20.43 26.17 -61.83
N ARG Q 389 19.37 25.39 -61.55
CA ARG Q 389 19.53 23.99 -61.11
C ARG Q 389 19.22 23.04 -62.22
N LEU Q 390 18.23 23.37 -63.15
CA LEU Q 390 18.09 22.60 -64.40
C LEU Q 390 19.30 22.58 -65.39
N VAL Q 391 20.09 23.65 -65.57
CA VAL Q 391 21.30 23.76 -66.36
C VAL Q 391 22.34 22.83 -65.79
N ASP Q 392 22.48 22.80 -64.50
CA ASP Q 392 23.34 21.97 -63.69
C ASP Q 392 23.10 20.48 -63.94
N GLU Q 393 21.80 20.01 -63.89
CA GLU Q 393 21.57 18.63 -64.16
C GLU Q 393 21.69 18.32 -65.70
N THR Q 394 21.60 19.38 -66.56
CA THR Q 394 21.99 19.16 -67.96
C THR Q 394 23.47 19.03 -68.15
N GLU Q 395 24.31 19.73 -67.35
CA GLU Q 395 25.75 19.60 -67.37
C GLU Q 395 26.19 18.24 -66.85
N ARG Q 396 25.46 17.76 -65.90
CA ARG Q 396 25.70 16.43 -65.34
C ARG Q 396 25.49 15.44 -66.48
N ALA Q 397 24.26 15.42 -67.12
CA ALA Q 397 23.97 14.59 -68.17
C ALA Q 397 24.98 14.60 -69.36
N LEU Q 398 25.43 15.79 -69.82
CA LEU Q 398 26.41 16.07 -70.88
C LEU Q 398 27.84 15.54 -70.48
N ARG Q 399 28.33 15.70 -69.27
CA ARG Q 399 29.53 15.07 -68.77
C ARG Q 399 29.48 13.55 -68.75
N ASP Q 400 28.48 12.96 -68.19
CA ASP Q 400 28.32 11.53 -68.20
C ASP Q 400 28.11 11.02 -69.62
N ALA Q 401 27.32 11.66 -70.48
CA ALA Q 401 27.23 11.34 -71.89
C ALA Q 401 28.59 11.27 -72.70
N LEU Q 402 29.52 12.27 -72.39
CA LEU Q 402 30.89 12.32 -72.95
C LEU Q 402 31.63 11.15 -72.50
N GLY Q 403 31.70 10.97 -71.14
CA GLY Q 403 32.36 9.75 -70.48
C GLY Q 403 32.03 8.46 -71.16
N THR Q 404 30.72 8.12 -71.23
CA THR Q 404 30.28 6.99 -71.87
C THR Q 404 30.66 6.73 -73.37
N VAL Q 405 30.57 7.73 -74.32
CA VAL Q 405 31.05 7.52 -75.66
C VAL Q 405 32.46 7.30 -75.75
N ALA Q 406 33.27 7.97 -74.92
CA ALA Q 406 34.70 7.78 -74.82
C ALA Q 406 35.19 6.51 -74.32
N ASP Q 407 34.53 5.88 -73.37
CA ASP Q 407 34.89 4.61 -72.80
C ASP Q 407 34.64 3.50 -73.82
N VAL Q 408 33.62 3.65 -74.70
CA VAL Q 408 33.47 2.82 -75.88
C VAL Q 408 34.55 2.87 -76.86
N ILE Q 409 35.07 4.09 -77.15
CA ILE Q 409 36.15 4.24 -78.15
C ILE Q 409 37.40 3.67 -77.59
N LYS Q 410 37.66 4.02 -76.35
CA LYS Q 410 38.84 3.48 -75.64
C LYS Q 410 38.90 1.92 -75.57
N ASP Q 411 37.73 1.26 -75.63
CA ASP Q 411 37.64 -0.19 -75.48
C ASP Q 411 37.54 -0.84 -76.88
N GLY Q 412 36.34 -0.68 -77.48
CA GLY Q 412 36.01 -1.02 -78.84
C GLY Q 412 35.13 -2.20 -78.93
N ARG Q 413 34.46 -2.56 -77.79
CA ARG Q 413 33.48 -3.60 -77.72
C ARG Q 413 32.13 -3.03 -77.26
N ALA Q 414 30.97 -3.45 -77.77
CA ALA Q 414 29.69 -2.91 -77.28
C ALA Q 414 28.52 -3.89 -77.45
N ILE Q 415 27.72 -4.03 -76.44
CA ILE Q 415 26.65 -5.02 -76.32
C ILE Q 415 25.24 -4.31 -76.28
N ALA Q 416 24.10 -5.09 -76.48
CA ALA Q 416 22.75 -4.62 -76.34
C ALA Q 416 22.43 -4.58 -74.92
N GLY Q 417 21.89 -3.43 -74.41
CA GLY Q 417 21.41 -3.32 -73.02
C GLY Q 417 19.95 -3.72 -72.77
N GLY Q 418 19.35 -3.39 -71.57
CA GLY Q 418 17.93 -3.63 -71.28
C GLY Q 418 17.72 -5.07 -70.85
N GLY Q 419 18.80 -5.73 -70.33
CA GLY Q 419 18.65 -7.20 -70.03
C GLY Q 419 18.94 -8.28 -71.03
N ALA Q 420 19.35 -8.06 -72.33
CA ALA Q 420 19.72 -9.07 -73.25
C ALA Q 420 20.89 -9.98 -72.73
N VAL Q 421 21.97 -9.22 -72.38
CA VAL Q 421 23.15 -9.91 -71.95
C VAL Q 421 23.03 -10.56 -70.61
N GLU Q 422 22.18 -10.11 -69.68
CA GLU Q 422 22.00 -10.76 -68.37
C GLU Q 422 21.48 -12.14 -68.59
N ILE Q 423 20.28 -12.32 -69.16
CA ILE Q 423 19.69 -13.64 -69.51
C ILE Q 423 20.59 -14.57 -70.31
N GLU Q 424 21.47 -14.16 -71.18
CA GLU Q 424 22.39 -15.01 -71.97
C GLU Q 424 23.38 -15.70 -70.99
N ILE Q 425 24.03 -14.81 -70.15
CA ILE Q 425 24.98 -15.16 -69.11
C ILE Q 425 24.41 -16.05 -68.12
N ALA Q 426 23.07 -15.98 -67.97
CA ALA Q 426 22.34 -16.91 -67.16
C ALA Q 426 22.25 -18.22 -67.93
N LYS Q 427 21.54 -18.40 -69.06
CA LYS Q 427 21.36 -19.61 -69.82
C LYS Q 427 22.57 -20.52 -69.93
N LYS Q 428 23.59 -19.86 -70.39
CA LYS Q 428 24.92 -20.48 -70.62
C LYS Q 428 25.49 -21.06 -69.30
N LEU Q 429 25.26 -20.37 -68.14
CA LEU Q 429 25.72 -20.81 -66.86
C LEU Q 429 24.95 -21.97 -66.32
N ARG Q 430 23.59 -22.02 -66.50
CA ARG Q 430 22.75 -23.18 -66.19
C ARG Q 430 23.18 -24.50 -66.96
N LYS Q 431 23.52 -24.43 -68.26
CA LYS Q 431 24.13 -25.59 -68.98
C LYS Q 431 25.52 -25.91 -68.42
N TYR Q 432 26.32 -24.96 -67.87
CA TYR Q 432 27.63 -25.25 -67.36
C TYR Q 432 27.57 -26.06 -66.10
N ALA Q 433 26.80 -25.52 -65.12
CA ALA Q 433 26.62 -26.05 -63.77
C ALA Q 433 26.68 -27.58 -63.64
N PRO Q 434 25.83 -28.46 -64.21
CA PRO Q 434 25.93 -29.97 -64.22
C PRO Q 434 27.32 -30.56 -64.29
N GLN Q 435 28.28 -30.10 -65.12
CA GLN Q 435 29.55 -30.72 -65.26
C GLN Q 435 30.57 -30.14 -64.28
N VAL Q 436 30.37 -28.93 -63.70
CA VAL Q 436 31.26 -28.27 -62.80
C VAL Q 436 31.50 -28.99 -61.47
N GLY Q 437 30.45 -29.63 -60.85
CA GLY Q 437 30.67 -30.31 -59.59
C GLY Q 437 29.34 -30.60 -58.92
N GLY Q 438 29.39 -31.15 -57.76
CA GLY Q 438 28.28 -31.38 -56.93
C GLY Q 438 27.52 -30.18 -56.42
N LYS Q 439 27.92 -29.66 -55.28
CA LYS Q 439 27.39 -28.54 -54.62
C LYS Q 439 27.68 -27.28 -55.38
N GLU Q 440 28.92 -27.13 -55.86
CA GLU Q 440 29.38 -25.99 -56.73
C GLU Q 440 28.45 -25.67 -57.92
N GLN Q 441 27.75 -26.73 -58.44
CA GLN Q 441 26.72 -26.62 -59.48
C GLN Q 441 25.63 -25.57 -59.10
N LEU Q 442 25.08 -25.78 -57.85
CA LEU Q 442 24.17 -24.95 -57.17
C LEU Q 442 24.61 -23.52 -56.95
N ALA Q 443 25.93 -23.27 -56.60
CA ALA Q 443 26.49 -21.88 -56.52
C ALA Q 443 26.37 -21.13 -57.88
N VAL Q 444 26.85 -21.87 -58.94
CA VAL Q 444 26.84 -21.37 -60.35
C VAL Q 444 25.41 -21.06 -60.82
N GLU Q 445 24.46 -22.01 -60.58
CA GLU Q 445 22.98 -21.82 -60.77
C GLU Q 445 22.44 -20.65 -59.95
N ALA Q 446 22.94 -20.37 -58.71
CA ALA Q 446 22.63 -19.20 -57.88
C ALA Q 446 23.08 -17.88 -58.52
N TYR Q 447 24.33 -17.71 -58.86
CA TYR Q 447 24.93 -16.64 -59.69
C TYR Q 447 24.15 -16.31 -60.98
N ALA Q 448 23.63 -17.31 -61.67
CA ALA Q 448 22.68 -17.17 -62.81
C ALA Q 448 21.31 -16.63 -62.41
N ASN Q 449 20.68 -17.21 -61.34
CA ASN Q 449 19.45 -16.65 -60.74
C ASN Q 449 19.65 -15.13 -60.30
N ALA Q 450 20.77 -14.82 -59.68
CA ALA Q 450 21.11 -13.43 -59.29
C ALA Q 450 21.09 -12.47 -60.50
N LEU Q 451 21.59 -12.96 -61.70
CA LEU Q 451 21.58 -12.17 -62.91
C LEU Q 451 20.15 -11.97 -63.43
N GLU Q 452 19.26 -12.95 -63.35
CA GLU Q 452 17.89 -12.83 -63.75
C GLU Q 452 17.07 -11.98 -62.80
N SER Q 453 17.43 -12.06 -61.56
CA SER Q 453 16.99 -11.09 -60.56
C SER Q 453 17.15 -9.55 -60.87
N LEU Q 454 18.26 -9.15 -61.54
CA LEU Q 454 18.56 -7.82 -62.05
C LEU Q 454 17.49 -7.29 -62.90
N VAL Q 455 17.12 -8.18 -63.83
CA VAL Q 455 16.09 -7.99 -64.82
C VAL Q 455 14.66 -8.05 -64.26
N SER Q 456 14.47 -8.74 -63.13
CA SER Q 456 13.29 -8.73 -62.34
C SER Q 456 13.07 -7.37 -61.71
N ILE Q 457 14.15 -6.81 -61.07
CA ILE Q 457 14.09 -5.40 -60.54
C ILE Q 457 13.68 -4.35 -61.60
N LEU Q 458 14.32 -4.56 -62.78
CA LEU Q 458 14.15 -3.80 -64.04
C LEU Q 458 12.69 -3.87 -64.54
N ILE Q 459 12.03 -5.00 -64.62
CA ILE Q 459 10.64 -5.09 -64.84
C ILE Q 459 9.79 -4.45 -63.86
N GLU Q 460 10.07 -4.85 -62.63
CA GLU Q 460 9.34 -4.45 -61.43
C GLU Q 460 8.99 -2.97 -61.42
N ASN Q 461 10.04 -2.16 -61.58
CA ASN Q 461 9.92 -0.76 -61.69
C ASN Q 461 9.09 -0.24 -62.88
N ALA Q 462 8.83 -1.07 -63.95
CA ALA Q 462 8.12 -0.64 -65.24
C ALA Q 462 6.59 -0.62 -65.12
N GLY Q 463 6.23 -1.40 -64.07
CA GLY Q 463 4.82 -1.69 -63.67
C GLY Q 463 4.27 -2.92 -64.28
N PHE Q 464 5.12 -3.98 -64.43
CA PHE Q 464 4.76 -5.25 -65.01
C PHE Q 464 5.14 -6.37 -64.10
N ASP Q 465 4.60 -7.60 -64.37
CA ASP Q 465 4.93 -8.76 -63.51
C ASP Q 465 6.36 -9.25 -63.76
N PRO Q 466 7.36 -9.19 -62.84
CA PRO Q 466 8.70 -9.61 -63.18
C PRO Q 466 9.03 -10.95 -63.81
N ILE Q 467 8.46 -12.07 -63.31
CA ILE Q 467 8.53 -13.37 -63.84
C ILE Q 467 7.90 -13.55 -65.17
N ASP Q 468 6.62 -13.04 -65.35
CA ASP Q 468 5.94 -13.08 -66.66
C ASP Q 468 6.79 -12.60 -67.81
N LEU Q 469 7.26 -11.35 -67.70
CA LEU Q 469 8.05 -10.64 -68.67
C LEU Q 469 9.41 -11.26 -68.87
N LEU Q 470 10.07 -11.73 -67.80
CA LEU Q 470 11.34 -12.42 -67.82
C LEU Q 470 11.33 -13.72 -68.66
N MET Q 471 10.29 -14.61 -68.45
CA MET Q 471 10.00 -15.84 -69.18
C MET Q 471 9.63 -15.56 -70.61
N LYS Q 472 8.75 -14.57 -70.92
CA LYS Q 472 8.40 -14.02 -72.20
C LYS Q 472 9.65 -13.50 -72.92
N LEU Q 473 10.69 -13.06 -72.14
CA LEU Q 473 11.93 -12.64 -72.75
C LEU Q 473 12.80 -13.86 -72.97
N ARG Q 474 13.02 -14.78 -71.95
CA ARG Q 474 13.83 -15.96 -72.07
C ARG Q 474 13.34 -16.92 -73.08
N SER Q 475 12.11 -16.78 -73.63
CA SER Q 475 11.71 -17.66 -74.65
C SER Q 475 12.11 -17.06 -76.02
N THR Q 476 11.80 -15.80 -76.16
CA THR Q 476 11.98 -14.85 -77.27
C THR Q 476 13.37 -14.41 -77.48
N HIS Q 477 14.29 -15.03 -76.83
CA HIS Q 477 15.69 -14.89 -76.90
C HIS Q 477 16.28 -16.26 -76.76
N GLU Q 478 16.28 -17.02 -77.87
CA GLU Q 478 16.82 -18.39 -77.82
C GLU Q 478 17.53 -18.66 -79.15
N ASN Q 479 17.75 -17.62 -80.03
CA ASN Q 479 18.37 -17.69 -81.36
C ASN Q 479 19.43 -16.62 -81.43
N GLU Q 480 20.34 -16.72 -82.42
CA GLU Q 480 21.39 -15.79 -82.67
C GLU Q 480 20.87 -14.53 -83.33
N ASN Q 481 19.61 -14.55 -83.86
CA ASN Q 481 18.97 -13.43 -84.45
C ASN Q 481 18.36 -12.54 -83.36
N ASN Q 482 18.10 -13.16 -82.22
CA ASN Q 482 17.40 -12.53 -81.13
C ASN Q 482 18.35 -12.42 -79.96
N LYS Q 483 19.70 -12.44 -80.22
CA LYS Q 483 20.60 -12.27 -79.08
C LYS Q 483 20.53 -10.87 -78.39
N TRP Q 484 19.99 -9.88 -79.12
CA TRP Q 484 19.95 -8.53 -78.60
C TRP Q 484 18.49 -8.18 -78.15
N TYR Q 485 17.62 -9.25 -77.97
CA TYR Q 485 16.31 -9.00 -77.41
C TYR Q 485 16.54 -8.83 -75.88
N GLY Q 486 15.92 -7.77 -75.41
CA GLY Q 486 15.76 -7.34 -74.03
C GLY Q 486 14.42 -6.72 -73.90
N ILE Q 487 14.25 -5.89 -72.86
CA ILE Q 487 12.90 -5.36 -72.61
C ILE Q 487 12.74 -3.79 -72.57
N ASP Q 488 12.04 -3.26 -73.55
CA ASP Q 488 11.63 -1.87 -73.47
C ASP Q 488 10.73 -1.63 -72.28
N LEU Q 489 11.21 -0.84 -71.24
CA LEU Q 489 10.51 -0.63 -70.04
C LEU Q 489 9.28 0.15 -70.28
N TYR Q 490 9.21 0.96 -71.37
CA TYR Q 490 8.06 1.78 -71.72
C TYR Q 490 7.03 1.02 -72.46
N ALA Q 491 7.45 0.14 -73.43
CA ALA Q 491 6.53 -0.67 -74.18
C ALA Q 491 5.84 -1.84 -73.40
N GLY Q 492 6.72 -2.47 -72.54
CA GLY Q 492 6.44 -3.60 -71.60
C GLY Q 492 6.25 -4.88 -72.41
N GLN Q 493 7.35 -5.31 -73.13
CA GLN Q 493 7.42 -6.39 -74.07
C GLN Q 493 8.86 -6.62 -74.58
N PRO Q 494 9.27 -7.85 -74.81
CA PRO Q 494 10.60 -8.12 -75.42
C PRO Q 494 10.83 -7.50 -76.79
N VAL Q 495 11.85 -6.73 -76.97
CA VAL Q 495 12.08 -6.15 -78.33
C VAL Q 495 13.62 -6.13 -78.56
N ASP Q 496 14.14 -5.91 -79.75
CA ASP Q 496 15.56 -5.89 -80.03
C ASP Q 496 16.07 -4.49 -79.49
N MET Q 497 16.82 -4.57 -78.37
CA MET Q 497 17.27 -3.37 -77.59
C MET Q 497 18.31 -2.49 -78.32
N TRP Q 498 19.17 -3.22 -78.99
CA TRP Q 498 20.07 -2.75 -80.02
C TRP Q 498 19.33 -1.91 -81.07
N GLN Q 499 18.24 -2.47 -81.67
CA GLN Q 499 17.25 -1.85 -82.59
C GLN Q 499 16.18 -0.90 -81.90
N LYS Q 500 16.55 -0.29 -80.78
CA LYS Q 500 15.76 0.72 -80.09
C LYS Q 500 16.69 1.64 -79.41
N GLY Q 501 18.00 1.59 -79.76
CA GLY Q 501 18.99 2.61 -79.39
C GLY Q 501 19.64 2.36 -78.10
N VAL Q 502 19.51 1.10 -77.56
CA VAL Q 502 19.93 0.81 -76.20
C VAL Q 502 21.14 -0.08 -76.42
N ILE Q 503 22.29 0.48 -76.60
CA ILE Q 503 23.55 -0.33 -76.68
C ILE Q 503 24.37 0.20 -75.58
N GLU Q 504 25.33 -0.51 -74.98
CA GLU Q 504 26.13 -0.01 -73.90
C GLU Q 504 27.60 -0.41 -73.90
N PRO Q 505 28.55 0.36 -73.37
CA PRO Q 505 29.98 0.00 -73.29
C PRO Q 505 30.13 -1.33 -72.62
N ALA Q 506 30.57 -2.35 -73.35
CA ALA Q 506 30.69 -3.72 -72.82
C ALA Q 506 31.72 -3.94 -71.76
N LEU Q 507 32.56 -2.93 -71.49
CA LEU Q 507 33.62 -2.91 -70.43
C LEU Q 507 33.06 -2.35 -69.20
N VAL Q 508 32.15 -1.33 -69.24
CA VAL Q 508 31.36 -0.88 -68.10
C VAL Q 508 30.42 -1.98 -67.52
N LYS Q 509 29.56 -2.60 -68.40
CA LYS Q 509 28.63 -3.63 -67.92
C LYS Q 509 29.32 -5.01 -67.61
N MET Q 510 30.66 -4.99 -67.58
CA MET Q 510 31.62 -6.00 -67.18
C MET Q 510 32.28 -5.70 -65.82
N ASN Q 511 32.72 -4.44 -65.60
CA ASN Q 511 33.35 -3.96 -64.46
C ASN Q 511 32.41 -4.00 -63.28
N ALA Q 512 31.06 -3.91 -63.55
CA ALA Q 512 29.99 -4.15 -62.60
C ALA Q 512 30.03 -5.48 -62.05
N ILE Q 513 30.05 -6.55 -62.84
CA ILE Q 513 30.17 -7.89 -62.48
C ILE Q 513 31.40 -8.21 -61.67
N LYS Q 514 32.60 -7.67 -62.09
CA LYS Q 514 33.79 -7.76 -61.37
C LYS Q 514 33.90 -7.15 -59.98
N ALA Q 515 33.32 -5.87 -59.90
CA ALA Q 515 33.10 -5.10 -58.66
C ALA Q 515 32.32 -5.82 -57.60
N ALA Q 516 31.08 -6.13 -58.11
CA ALA Q 516 30.10 -6.97 -57.49
C ALA Q 516 30.57 -8.30 -56.95
N THR Q 517 31.22 -9.14 -57.71
CA THR Q 517 31.80 -10.44 -57.35
C THR Q 517 32.91 -10.36 -56.31
N GLU Q 518 33.80 -9.33 -56.41
CA GLU Q 518 34.79 -9.00 -55.38
C GLU Q 518 34.15 -8.74 -53.97
N ALA Q 519 33.24 -7.76 -53.89
CA ALA Q 519 32.46 -7.36 -52.66
C ALA Q 519 31.65 -8.59 -52.20
N ALA Q 520 30.76 -9.21 -53.05
CA ALA Q 520 29.99 -10.42 -52.71
C ALA Q 520 30.89 -11.48 -52.06
N THR Q 521 31.96 -11.96 -52.69
CA THR Q 521 32.82 -12.98 -52.15
C THR Q 521 33.54 -12.56 -50.90
N LEU Q 522 33.79 -11.30 -50.73
CA LEU Q 522 34.42 -10.68 -49.57
C LEU Q 522 33.52 -10.80 -48.34
N VAL Q 523 32.14 -10.61 -48.43
CA VAL Q 523 31.17 -10.72 -47.29
C VAL Q 523 31.14 -12.17 -46.81
N LEU Q 524 31.17 -13.16 -47.78
CA LEU Q 524 31.26 -14.59 -47.38
C LEU Q 524 32.64 -15.00 -46.75
N ARG Q 525 33.70 -14.34 -47.10
CA ARG Q 525 35.06 -14.64 -46.62
C ARG Q 525 35.14 -14.40 -45.07
N ILE Q 526 34.39 -13.48 -44.53
CA ILE Q 526 34.44 -13.11 -43.14
C ILE Q 526 33.67 -14.10 -42.27
N ASP Q 527 34.29 -14.88 -41.40
CA ASP Q 527 33.61 -15.77 -40.44
C ASP Q 527 33.00 -15.04 -39.21
N ASP Q 528 33.72 -14.08 -38.60
CA ASP Q 528 33.30 -13.43 -37.35
C ASP Q 528 34.08 -12.07 -37.14
N VAL Q 529 33.55 -11.16 -36.25
CA VAL Q 529 34.11 -9.90 -36.02
C VAL Q 529 34.75 -9.68 -34.60
N VAL Q 530 36.00 -9.08 -34.55
CA VAL Q 530 36.75 -8.74 -33.35
C VAL Q 530 36.53 -7.23 -33.06
N SER Q 531 35.96 -6.94 -31.87
CA SER Q 531 35.73 -5.52 -31.48
C SER Q 531 36.65 -5.04 -30.39
N ALA Q 532 36.68 -3.69 -30.21
CA ALA Q 532 37.51 -2.93 -29.31
C ALA Q 532 36.53 -2.16 -28.28
N GLY R 28 44.43 -27.33 -7.07
CA GLY R 28 43.57 -28.55 -7.62
C GLY R 28 42.44 -28.14 -8.56
N LYS R 29 41.56 -29.06 -8.91
CA LYS R 29 40.55 -28.90 -9.95
C LYS R 29 39.81 -27.58 -9.94
N GLU R 30 39.56 -27.05 -8.70
CA GLU R 30 39.07 -25.73 -8.43
C GLU R 30 39.38 -24.62 -9.41
N ALA R 31 40.66 -24.22 -9.26
CA ALA R 31 41.32 -23.19 -9.98
C ALA R 31 41.84 -23.66 -11.28
N VAL R 32 42.42 -24.89 -11.47
CA VAL R 32 42.95 -25.42 -12.73
C VAL R 32 41.91 -25.27 -13.88
N ARG R 33 40.62 -25.29 -13.64
CA ARG R 33 39.54 -25.10 -14.60
C ARG R 33 39.51 -23.65 -15.22
N ALA R 34 39.65 -22.60 -14.44
CA ALA R 34 39.70 -21.28 -15.06
C ALA R 34 40.75 -21.12 -16.15
N ASN R 35 42.00 -21.42 -15.76
CA ASN R 35 43.11 -21.45 -16.67
C ASN R 35 42.80 -22.37 -17.88
N ILE R 36 42.36 -23.64 -17.77
CA ILE R 36 41.90 -24.45 -18.95
C ILE R 36 40.85 -23.81 -19.89
N ALA R 37 39.72 -23.39 -19.28
CA ALA R 37 38.66 -22.54 -19.88
C ALA R 37 39.20 -21.38 -20.74
N ALA R 38 40.01 -20.44 -20.18
CA ALA R 38 40.73 -19.33 -20.81
C ALA R 38 41.57 -19.82 -21.92
N VAL R 39 42.41 -20.89 -21.77
CA VAL R 39 43.23 -21.48 -22.80
C VAL R 39 42.39 -21.93 -23.99
N LYS R 40 41.38 -22.85 -23.75
CA LYS R 40 40.42 -23.39 -24.70
C LYS R 40 39.66 -22.24 -25.46
N ALA R 41 39.25 -21.19 -24.79
CA ALA R 41 38.65 -20.02 -25.31
C ALA R 41 39.63 -19.41 -26.43
N VAL R 42 40.95 -19.25 -26.11
CA VAL R 42 41.94 -18.77 -27.14
C VAL R 42 42.05 -19.69 -28.37
N GLU R 43 42.04 -21.03 -28.20
CA GLU R 43 42.04 -22.00 -29.25
C GLU R 43 40.83 -21.78 -30.22
N GLU R 44 39.68 -21.65 -29.67
CA GLU R 44 38.47 -21.25 -30.24
C GLU R 44 38.36 -19.87 -30.90
N ALA R 45 39.43 -19.04 -30.82
CA ALA R 45 39.56 -17.76 -31.49
C ALA R 45 40.28 -17.91 -32.84
N LEU R 46 41.06 -18.98 -33.02
CA LEU R 46 41.89 -19.20 -34.17
C LEU R 46 41.50 -20.42 -35.05
N LYS R 47 40.93 -21.38 -34.36
CA LYS R 47 40.44 -22.67 -35.00
C LYS R 47 39.97 -22.60 -36.45
N SER R 48 38.99 -21.71 -36.77
CA SER R 48 38.39 -21.55 -38.12
C SER R 48 39.23 -20.85 -39.12
N THR R 49 40.50 -20.51 -38.76
CA THR R 49 41.40 -19.77 -39.68
C THR R 49 42.60 -20.55 -39.94
N TYR R 50 42.73 -21.75 -39.40
CA TYR R 50 43.74 -22.77 -39.69
C TYR R 50 43.75 -23.28 -41.12
N GLY R 51 44.95 -23.48 -41.76
CA GLY R 51 45.14 -24.11 -43.13
C GLY R 51 44.88 -23.25 -44.34
N PRO R 52 45.08 -23.81 -45.52
CA PRO R 52 44.81 -23.16 -46.83
C PRO R 52 43.24 -22.86 -47.09
N ARG R 53 42.37 -23.59 -46.35
CA ARG R 53 40.93 -23.46 -46.42
C ARG R 53 40.33 -22.68 -45.30
N GLY R 54 41.13 -22.24 -44.29
CA GLY R 54 40.65 -21.38 -43.19
C GLY R 54 40.02 -20.11 -43.65
N MET R 55 39.05 -19.64 -42.91
CA MET R 55 38.44 -18.38 -43.21
C MET R 55 39.12 -17.16 -42.57
N ASP R 56 38.52 -16.00 -42.84
CA ASP R 56 38.94 -14.72 -42.37
C ASP R 56 37.98 -14.21 -41.27
N LYS R 57 38.68 -13.49 -40.38
CA LYS R 57 38.02 -12.81 -39.24
C LYS R 57 37.99 -11.36 -39.55
N MET R 58 37.06 -10.57 -39.17
CA MET R 58 37.07 -9.17 -39.46
C MET R 58 37.39 -8.41 -38.17
N LEU R 59 38.23 -7.32 -38.14
CA LEU R 59 38.66 -6.71 -36.93
C LEU R 59 38.46 -5.19 -36.92
N VAL R 60 37.57 -4.77 -36.00
CA VAL R 60 37.05 -3.43 -35.82
C VAL R 60 37.60 -2.73 -34.65
N ASP R 61 38.45 -1.70 -34.94
CA ASP R 61 39.20 -1.00 -34.01
C ASP R 61 38.25 0.10 -33.41
N SER R 62 38.74 0.81 -32.36
CA SER R 62 38.01 1.82 -31.53
C SER R 62 37.38 2.93 -32.42
N LEU R 63 38.08 3.61 -33.39
CA LEU R 63 37.50 4.72 -34.13
C LEU R 63 36.99 4.16 -35.49
N GLY R 64 36.52 2.94 -35.56
CA GLY R 64 35.87 2.26 -36.67
C GLY R 64 36.71 1.74 -37.81
N ASP R 65 37.99 1.73 -37.67
CA ASP R 65 38.86 1.26 -38.73
C ASP R 65 38.72 -0.25 -38.87
N ILE R 66 38.60 -0.75 -40.12
CA ILE R 66 38.35 -2.16 -40.34
C ILE R 66 39.57 -2.93 -40.93
N THR R 67 39.79 -4.17 -40.43
CA THR R 67 40.87 -5.04 -41.03
C THR R 67 40.37 -6.49 -41.16
N ILE R 68 40.24 -7.00 -42.33
CA ILE R 68 39.74 -8.37 -42.47
C ILE R 68 41.02 -9.14 -42.73
N THR R 69 41.24 -10.26 -41.99
CA THR R 69 42.41 -11.05 -42.27
C THR R 69 42.16 -12.41 -41.79
N ASN R 70 43.17 -13.31 -42.07
CA ASN R 70 43.31 -14.72 -41.49
C ASN R 70 44.58 -14.86 -40.69
N ASP R 71 45.40 -13.74 -40.60
CA ASP R 71 46.66 -13.69 -39.86
C ASP R 71 46.57 -14.07 -38.34
N GLY R 72 47.19 -15.17 -37.89
CA GLY R 72 47.18 -15.65 -36.51
C GLY R 72 47.49 -14.62 -35.44
N ALA R 73 48.69 -14.01 -35.50
CA ALA R 73 49.22 -12.92 -34.69
C ALA R 73 48.17 -11.78 -34.56
N THR R 74 47.74 -11.11 -35.62
CA THR R 74 46.81 -10.03 -35.55
C THR R 74 45.51 -10.34 -34.77
N ILE R 75 44.91 -11.53 -34.98
CA ILE R 75 43.70 -11.99 -34.29
C ILE R 75 43.87 -12.22 -32.74
N LEU R 76 45.23 -12.21 -32.35
CA LEU R 76 45.69 -12.35 -31.00
C LEU R 76 46.17 -10.97 -30.49
N ASP R 77 46.73 -10.07 -31.36
CA ASP R 77 47.14 -8.76 -30.97
C ASP R 77 45.94 -7.82 -30.57
N LYS R 78 44.89 -7.81 -31.46
CA LYS R 78 43.66 -7.09 -31.27
C LYS R 78 42.69 -7.73 -30.33
N MET R 79 43.06 -8.96 -29.90
CA MET R 79 42.37 -9.63 -28.79
C MET R 79 42.84 -8.96 -27.52
N ASP R 80 42.02 -8.85 -26.47
CA ASP R 80 42.51 -8.22 -25.22
C ASP R 80 43.57 -9.03 -24.53
N LEU R 81 43.27 -10.33 -24.32
CA LEU R 81 44.05 -11.27 -23.58
C LEU R 81 44.24 -10.90 -22.13
N GLN R 82 43.08 -10.57 -21.43
CA GLN R 82 43.13 -10.06 -20.14
C GLN R 82 43.45 -11.14 -19.12
N HIS R 83 43.32 -12.43 -19.44
CA HIS R 83 43.68 -13.60 -18.59
C HIS R 83 45.15 -13.91 -18.42
N PRO R 84 45.65 -14.09 -17.21
CA PRO R 84 47.00 -14.50 -16.94
C PRO R 84 47.34 -15.76 -17.73
N ALA R 85 46.51 -16.81 -17.72
CA ALA R 85 46.69 -17.96 -18.58
C ALA R 85 46.93 -17.68 -20.06
N ALA R 86 45.99 -16.84 -20.68
CA ALA R 86 46.09 -16.36 -22.06
C ALA R 86 47.49 -15.69 -22.25
N LYS R 87 47.88 -14.70 -21.43
CA LYS R 87 49.19 -14.15 -21.60
C LYS R 87 50.36 -15.06 -21.44
N LEU R 88 50.27 -16.05 -20.56
CA LEU R 88 51.28 -17.04 -20.47
C LEU R 88 51.37 -17.97 -21.63
N LEU R 89 50.21 -18.37 -22.14
CA LEU R 89 50.07 -19.21 -23.28
C LEU R 89 50.59 -18.59 -24.58
N VAL R 90 50.03 -17.39 -24.95
CA VAL R 90 50.50 -16.77 -26.24
C VAL R 90 52.03 -16.46 -26.27
N GLN R 91 52.67 -16.08 -25.12
CA GLN R 91 54.05 -15.71 -25.17
C GLN R 91 54.97 -16.90 -25.50
N ILE R 92 54.63 -18.06 -24.93
CA ILE R 92 55.34 -19.23 -25.17
C ILE R 92 54.87 -19.82 -26.52
N ALA R 93 53.61 -19.73 -26.91
CA ALA R 93 53.09 -20.30 -28.23
C ALA R 93 53.72 -19.52 -29.40
N LYS R 94 53.55 -18.19 -29.46
CA LYS R 94 54.04 -17.27 -30.42
C LYS R 94 55.56 -17.30 -30.54
N GLY R 95 56.15 -16.94 -29.39
CA GLY R 95 57.56 -16.83 -29.32
C GLY R 95 58.37 -18.11 -29.38
N GLN R 96 58.28 -18.81 -30.57
CA GLN R 96 59.02 -20.02 -30.89
C GLN R 96 60.23 -19.72 -31.67
N ASP R 97 61.11 -20.75 -31.73
CA ASP R 97 62.49 -20.55 -32.18
C ASP R 97 62.50 -20.07 -33.62
N GLU R 98 61.75 -20.75 -34.52
CA GLU R 98 61.72 -20.25 -35.95
C GLU R 98 60.48 -19.36 -36.23
N GLU R 99 60.55 -18.35 -37.18
CA GLU R 99 59.44 -17.48 -37.47
C GLU R 99 58.39 -18.17 -38.36
N THR R 100 57.13 -17.85 -38.13
CA THR R 100 56.11 -18.52 -38.84
C THR R 100 54.74 -17.90 -38.45
N ALA R 101 53.73 -17.94 -39.42
CA ALA R 101 52.36 -17.59 -39.16
C ALA R 101 51.43 -18.83 -39.08
N ASP R 102 51.92 -19.97 -39.63
CA ASP R 102 51.17 -21.20 -39.60
C ASP R 102 51.52 -21.93 -38.36
N GLY R 103 52.86 -21.99 -37.98
CA GLY R 103 53.18 -22.75 -36.81
C GLY R 103 52.94 -22.19 -35.49
N THR R 104 52.73 -20.84 -35.43
CA THR R 104 52.22 -20.24 -34.26
C THR R 104 50.78 -20.53 -34.05
N LYS R 105 50.07 -20.59 -35.18
CA LYS R 105 48.69 -20.99 -35.20
C LYS R 105 48.57 -22.42 -34.79
N THR R 106 49.54 -23.26 -35.15
CA THR R 106 49.55 -24.72 -34.76
C THR R 106 49.83 -24.77 -33.28
N ALA R 107 50.99 -24.16 -32.76
CA ALA R 107 51.34 -24.00 -31.39
C ALA R 107 50.15 -23.64 -30.47
N VAL R 108 49.34 -22.71 -30.86
CA VAL R 108 48.23 -22.30 -29.97
C VAL R 108 47.04 -23.30 -29.98
N ILE R 109 46.53 -23.69 -31.14
CA ILE R 109 45.45 -24.70 -31.35
C ILE R 109 45.82 -26.02 -30.68
N PHE R 110 47.04 -26.62 -31.01
CA PHE R 110 47.61 -27.81 -30.41
C PHE R 110 47.79 -27.61 -28.91
N SER R 111 48.18 -26.44 -28.36
CA SER R 111 48.12 -26.20 -26.90
C SER R 111 46.79 -26.39 -26.26
N GLY R 112 45.74 -25.72 -26.80
CA GLY R 112 44.36 -25.79 -26.27
C GLY R 112 43.84 -27.25 -26.42
N GLU R 113 44.30 -27.88 -27.41
CA GLU R 113 44.00 -29.27 -27.60
C GLU R 113 44.62 -30.25 -26.61
N LEU R 114 45.93 -30.05 -26.21
CA LEU R 114 46.70 -30.87 -25.19
C LEU R 114 46.03 -30.77 -23.81
N VAL R 115 45.66 -29.57 -23.47
CA VAL R 115 44.88 -29.33 -22.33
C VAL R 115 43.47 -30.01 -22.46
N LYS R 116 42.73 -29.91 -23.61
CA LYS R 116 41.46 -30.60 -23.92
C LYS R 116 41.50 -32.07 -23.76
N LYS R 117 42.37 -32.72 -24.51
CA LYS R 117 42.68 -34.17 -24.41
C LYS R 117 43.17 -34.59 -23.00
N ALA R 118 43.76 -33.73 -22.10
CA ALA R 118 44.06 -34.03 -20.69
C ALA R 118 42.82 -34.01 -19.85
N GLU R 119 41.73 -33.18 -20.16
CA GLU R 119 40.57 -33.04 -19.29
C GLU R 119 39.81 -34.28 -18.91
N ASP R 120 39.59 -35.15 -19.89
CA ASP R 120 38.96 -36.47 -19.75
C ASP R 120 39.77 -37.41 -18.86
N LEU R 121 41.11 -37.25 -18.73
CA LEU R 121 41.89 -38.08 -17.77
C LEU R 121 41.70 -37.61 -16.38
N LEU R 122 41.65 -36.26 -16.23
CA LEU R 122 41.47 -35.78 -14.83
C LEU R 122 40.15 -36.28 -14.26
N TYR R 123 39.11 -36.37 -15.14
CA TYR R 123 37.78 -36.93 -14.87
C TYR R 123 37.91 -38.40 -14.50
N LYS R 124 38.81 -39.16 -15.20
CA LYS R 124 39.10 -40.57 -15.04
C LYS R 124 39.98 -40.88 -13.85
N ASP R 125 40.21 -39.85 -13.04
CA ASP R 125 41.03 -39.84 -11.88
C ASP R 125 42.56 -40.17 -12.04
N VAL R 126 43.11 -40.01 -13.22
CA VAL R 126 44.53 -39.88 -13.47
C VAL R 126 45.08 -38.50 -12.88
N HIS R 127 46.16 -38.54 -12.07
CA HIS R 127 46.74 -37.40 -11.45
C HIS R 127 47.49 -36.49 -12.41
N PRO R 128 47.43 -35.21 -12.18
CA PRO R 128 48.19 -34.26 -13.01
C PRO R 128 49.67 -34.44 -13.10
N THR R 129 50.37 -34.96 -12.07
CA THR R 129 51.77 -35.33 -12.10
C THR R 129 52.02 -36.45 -13.11
N ILE R 130 51.00 -37.32 -13.24
CA ILE R 130 50.98 -38.44 -14.18
C ILE R 130 50.82 -38.03 -15.59
N ILE R 131 49.81 -37.15 -15.89
CA ILE R 131 49.70 -36.52 -17.22
C ILE R 131 50.86 -35.71 -17.69
N ILE R 132 51.66 -35.08 -16.83
CA ILE R 132 52.93 -34.42 -17.25
C ILE R 132 53.98 -35.35 -17.66
N SER R 133 54.26 -36.33 -16.79
CA SER R 133 55.25 -37.43 -17.03
C SER R 133 54.91 -38.21 -18.27
N GLY R 134 53.59 -38.52 -18.39
CA GLY R 134 52.91 -39.12 -19.49
C GLY R 134 53.23 -38.36 -20.75
N TYR R 135 52.97 -37.10 -20.82
CA TYR R 135 53.25 -36.20 -21.93
C TYR R 135 54.73 -36.01 -22.36
N LYS R 136 55.65 -35.91 -21.37
CA LYS R 136 57.12 -35.91 -21.56
C LYS R 136 57.62 -37.05 -22.30
N LYS R 137 57.30 -38.30 -21.80
CA LYS R 137 57.62 -39.46 -22.59
C LYS R 137 57.07 -39.50 -24.03
N ALA R 138 55.81 -39.02 -24.25
CA ALA R 138 55.19 -38.91 -25.58
C ALA R 138 55.77 -37.87 -26.53
N GLU R 139 56.09 -36.73 -25.97
CA GLU R 139 56.73 -35.58 -26.64
C GLU R 139 58.06 -35.99 -27.24
N GLU R 140 58.85 -36.67 -26.41
CA GLU R 140 60.10 -37.30 -26.88
C GLU R 140 59.92 -38.05 -28.14
N VAL R 141 59.10 -39.15 -28.10
CA VAL R 141 58.81 -39.97 -29.25
C VAL R 141 58.28 -39.22 -30.47
N ALA R 142 57.21 -38.39 -30.19
CA ALA R 142 56.67 -37.44 -31.09
C ALA R 142 57.63 -36.49 -31.81
N LEU R 143 58.66 -36.00 -31.09
CA LEU R 143 59.73 -35.19 -31.70
C LEU R 143 60.60 -36.03 -32.57
N GLN R 144 61.33 -37.11 -32.06
CA GLN R 144 62.18 -37.98 -32.89
C GLN R 144 61.49 -38.64 -34.10
N THR R 145 60.20 -38.91 -34.15
CA THR R 145 59.46 -39.34 -35.27
C THR R 145 59.44 -38.23 -36.35
N ILE R 146 59.73 -36.95 -36.15
CA ILE R 146 59.74 -35.93 -37.21
C ILE R 146 61.16 -35.88 -37.80
N GLN R 147 62.15 -36.05 -36.89
CA GLN R 147 63.55 -36.06 -37.25
C GLN R 147 63.84 -37.19 -38.24
N GLU R 148 63.69 -38.45 -37.77
CA GLU R 148 63.92 -39.73 -38.47
C GLU R 148 62.87 -40.09 -39.54
N LEU R 149 62.52 -39.05 -40.31
CA LEU R 149 61.45 -39.14 -41.22
C LEU R 149 61.50 -38.02 -42.27
N ALA R 150 62.14 -36.88 -42.05
CA ALA R 150 62.37 -35.84 -43.02
C ALA R 150 63.31 -36.28 -44.07
N GLN R 151 63.26 -35.67 -45.29
CA GLN R 151 64.16 -35.89 -46.40
C GLN R 151 65.05 -34.67 -46.54
N THR R 152 66.31 -34.96 -46.89
CA THR R 152 67.47 -34.04 -47.04
C THR R 152 67.31 -33.07 -48.25
N VAL R 153 67.19 -31.73 -47.94
CA VAL R 153 66.84 -30.75 -48.96
C VAL R 153 67.95 -29.69 -49.06
N SER R 154 68.34 -29.25 -50.30
CA SER R 154 69.47 -28.40 -50.59
C SER R 154 69.07 -27.41 -51.55
N ILE R 155 70.09 -26.53 -51.91
CA ILE R 155 70.01 -25.41 -52.87
C ILE R 155 69.99 -26.02 -54.32
N ASN R 156 70.23 -27.36 -54.33
CA ASN R 156 70.17 -28.01 -55.62
C ASN R 156 68.89 -28.91 -55.82
N ASP R 157 67.90 -28.81 -54.89
CA ASP R 157 66.63 -29.35 -55.04
C ASP R 157 65.73 -28.18 -55.30
N THR R 158 65.98 -27.49 -56.43
CA THR R 158 65.45 -26.15 -56.72
C THR R 158 64.02 -26.29 -57.25
N ASP R 159 63.67 -27.53 -57.79
CA ASP R 159 62.34 -27.90 -58.09
C ASP R 159 61.42 -28.15 -56.88
N LEU R 160 62.13 -28.38 -55.74
CA LEU R 160 61.55 -28.74 -54.48
C LEU R 160 61.17 -27.44 -53.68
N LEU R 161 62.07 -26.45 -53.53
CA LEU R 161 61.84 -25.19 -52.82
C LEU R 161 60.76 -24.31 -53.42
N ARG R 162 60.53 -24.48 -54.76
CA ARG R 162 59.35 -24.02 -55.53
C ARG R 162 58.08 -24.54 -54.96
N LYS R 163 58.14 -25.74 -54.34
CA LYS R 163 56.99 -26.34 -53.66
C LYS R 163 56.80 -25.75 -52.26
N ILE R 164 57.74 -25.93 -51.33
CA ILE R 164 57.76 -25.30 -49.96
C ILE R 164 57.45 -23.80 -49.95
N ALA R 165 57.80 -23.04 -50.94
CA ALA R 165 57.36 -21.64 -51.20
C ALA R 165 55.86 -21.52 -51.56
N MET R 166 55.39 -22.44 -52.44
CA MET R 166 53.97 -22.48 -52.78
C MET R 166 53.10 -22.83 -51.61
N THR R 167 53.56 -23.79 -50.80
CA THR R 167 52.94 -24.21 -49.52
C THR R 167 52.74 -23.09 -48.44
N SER R 168 53.39 -21.92 -48.72
CA SER R 168 53.50 -20.74 -47.91
C SER R 168 52.61 -19.66 -48.54
N LEU R 169 52.68 -19.40 -49.85
CA LEU R 169 51.95 -18.40 -50.63
C LEU R 169 50.52 -18.85 -50.84
N SER R 170 50.28 -20.19 -50.92
CA SER R 170 48.94 -20.89 -50.99
C SER R 170 48.05 -20.58 -49.79
N SER R 171 48.66 -20.21 -48.61
CA SER R 171 47.91 -19.94 -47.38
C SER R 171 47.72 -18.46 -47.20
N LYS R 172 48.38 -17.62 -48.07
CA LYS R 172 48.18 -16.19 -47.89
C LYS R 172 46.97 -15.67 -48.61
N ALA R 173 46.69 -14.30 -48.45
CA ALA R 173 45.56 -13.66 -48.98
C ALA R 173 45.68 -13.45 -50.47
N VAL R 174 46.90 -13.08 -50.97
CA VAL R 174 47.21 -12.77 -52.40
C VAL R 174 47.02 -14.02 -53.27
N ALA R 175 46.05 -14.07 -54.24
CA ALA R 175 45.77 -15.24 -55.05
C ALA R 175 46.06 -15.02 -56.58
N GLY R 176 46.63 -13.87 -56.95
CA GLY R 176 47.21 -13.61 -58.28
C GLY R 176 48.47 -14.40 -58.57
N ALA R 177 48.55 -15.30 -59.55
CA ALA R 177 49.79 -15.86 -60.06
C ALA R 177 50.88 -16.31 -59.03
N ARG R 178 50.56 -17.20 -58.06
CA ARG R 178 51.53 -17.46 -56.99
C ARG R 178 52.71 -18.32 -57.45
N GLU R 179 52.64 -19.25 -58.48
CA GLU R 179 53.75 -19.93 -59.10
C GLU R 179 54.81 -18.97 -59.52
N TYR R 180 54.33 -17.86 -60.05
CA TYR R 180 55.12 -16.71 -60.42
C TYR R 180 55.94 -16.20 -59.29
N ILE R 181 55.39 -15.89 -58.08
CA ILE R 181 56.03 -15.36 -56.86
C ILE R 181 56.95 -16.41 -56.29
N ALA R 182 56.42 -17.68 -56.26
CA ALA R 182 57.15 -18.82 -55.78
C ALA R 182 58.40 -18.97 -56.58
N ASP R 183 58.39 -19.07 -57.95
CA ASP R 183 59.60 -19.24 -58.75
C ASP R 183 60.64 -18.07 -58.39
N ILE R 184 60.19 -16.75 -58.32
CA ILE R 184 60.99 -15.64 -57.93
C ILE R 184 61.71 -15.73 -56.57
N VAL R 185 60.94 -15.99 -55.51
CA VAL R 185 61.39 -16.25 -54.21
C VAL R 185 62.53 -17.30 -54.14
N VAL R 186 62.40 -18.43 -54.96
CA VAL R 186 63.45 -19.36 -55.04
C VAL R 186 64.74 -18.82 -55.61
N LYS R 187 64.72 -18.22 -56.76
CA LYS R 187 65.90 -17.62 -57.46
C LYS R 187 66.58 -16.60 -56.55
N ALA R 188 65.79 -15.70 -55.92
CA ALA R 188 66.24 -14.65 -54.98
C ALA R 188 67.01 -15.09 -53.75
N VAL R 189 66.59 -16.26 -53.15
CA VAL R 189 67.29 -16.88 -51.95
C VAL R 189 68.53 -17.72 -52.44
N THR R 190 68.42 -18.65 -53.40
CA THR R 190 69.49 -19.40 -53.96
C THR R 190 70.60 -18.54 -54.58
N GLN R 191 70.30 -17.27 -54.97
CA GLN R 191 71.23 -16.25 -55.37
C GLN R 191 72.02 -15.72 -54.24
N VAL R 192 71.39 -15.51 -53.10
CA VAL R 192 72.05 -14.90 -51.95
C VAL R 192 72.70 -15.88 -51.00
N ALA R 193 72.15 -17.08 -50.98
CA ALA R 193 72.67 -18.23 -50.25
C ALA R 193 74.12 -18.65 -50.42
N GLU R 194 74.79 -18.95 -49.31
CA GLU R 194 76.19 -19.30 -49.35
C GLU R 194 76.58 -20.35 -48.29
N LEU R 195 77.60 -21.23 -48.74
CA LEU R 195 78.15 -22.29 -47.94
C LEU R 195 79.26 -21.75 -46.99
N ARG R 196 79.00 -21.82 -45.70
CA ARG R 196 79.99 -21.33 -44.75
C ARG R 196 79.94 -22.19 -43.49
N GLY R 197 81.17 -22.72 -43.19
CA GLY R 197 81.49 -23.58 -42.10
C GLY R 197 80.85 -24.91 -42.16
N ASP R 198 80.78 -25.44 -43.43
CA ASP R 198 80.05 -26.67 -43.84
C ASP R 198 78.56 -26.62 -43.66
N LYS R 199 77.97 -25.43 -43.53
CA LYS R 199 76.52 -25.32 -43.43
C LYS R 199 76.01 -24.29 -44.33
N TRP R 200 74.72 -23.98 -44.51
CA TRP R 200 74.35 -22.92 -45.43
C TRP R 200 73.64 -21.78 -44.67
N TYR R 201 73.84 -20.58 -45.18
CA TYR R 201 73.40 -19.39 -44.57
C TYR R 201 72.80 -18.57 -45.65
N VAL R 202 71.90 -17.66 -45.28
CA VAL R 202 71.34 -16.67 -46.24
C VAL R 202 71.26 -15.30 -45.66
N ASP R 203 72.14 -14.37 -46.09
CA ASP R 203 72.28 -13.01 -45.69
C ASP R 203 71.17 -12.20 -46.17
N LEU R 204 69.97 -12.39 -45.55
CA LEU R 204 68.74 -11.88 -46.09
C LEU R 204 68.75 -10.39 -46.46
N ASP R 205 69.52 -9.62 -45.63
CA ASP R 205 69.72 -8.20 -45.90
C ASP R 205 70.22 -7.81 -47.30
N ASN R 206 70.85 -8.80 -47.99
CA ASN R 206 71.30 -8.69 -49.32
C ASN R 206 70.16 -8.87 -50.36
N ILE R 207 68.89 -8.81 -49.93
CA ILE R 207 67.65 -8.82 -50.69
C ILE R 207 66.87 -7.59 -50.18
N GLN R 208 66.61 -6.71 -51.15
CA GLN R 208 65.92 -5.45 -50.97
C GLN R 208 64.49 -5.67 -51.38
N ILE R 209 63.57 -4.96 -50.73
CA ILE R 209 62.17 -5.23 -51.01
C ILE R 209 61.51 -3.94 -51.35
N VAL R 210 61.14 -3.68 -52.66
CA VAL R 210 60.59 -2.43 -53.09
C VAL R 210 59.19 -2.79 -53.57
N LYS R 211 58.15 -1.93 -53.36
CA LYS R 211 56.80 -2.27 -53.63
C LYS R 211 55.99 -1.05 -54.25
N LYS R 212 55.16 -1.31 -55.32
CA LYS R 212 54.47 -0.21 -56.00
C LYS R 212 53.13 -0.76 -56.17
N ALA R 213 52.14 0.11 -56.30
CA ALA R 213 50.74 -0.17 -56.39
C ALA R 213 50.23 -0.28 -57.82
N GLY R 214 49.36 -1.26 -58.16
CA GLY R 214 48.83 -1.48 -59.45
C GLY R 214 49.72 -2.37 -60.36
N GLY R 215 49.51 -2.30 -61.70
CA GLY R 215 50.16 -3.19 -62.66
C GLY R 215 49.76 -4.65 -62.68
N SER R 216 50.39 -5.48 -63.47
CA SER R 216 50.18 -6.86 -63.51
C SER R 216 51.24 -7.46 -62.56
N ILE R 217 50.88 -8.62 -62.01
CA ILE R 217 51.72 -9.18 -60.98
C ILE R 217 52.87 -9.84 -61.69
N ASN R 218 52.66 -10.12 -62.99
CA ASN R 218 53.74 -10.70 -63.80
C ASN R 218 54.89 -9.76 -64.12
N ASP R 219 54.71 -8.40 -63.86
CA ASP R 219 55.84 -7.50 -63.98
C ASP R 219 56.63 -7.34 -62.75
N THR R 220 56.33 -8.26 -61.79
CA THR R 220 57.20 -8.46 -60.63
C THR R 220 58.58 -9.02 -61.10
N GLN R 221 59.70 -8.54 -60.51
CA GLN R 221 61.05 -8.95 -60.95
C GLN R 221 62.05 -8.93 -59.86
N LEU R 222 63.24 -9.57 -60.10
CA LEU R 222 64.42 -9.59 -59.35
C LEU R 222 65.34 -8.72 -60.03
N VAL R 223 66.03 -7.83 -59.40
CA VAL R 223 67.00 -6.94 -59.94
C VAL R 223 68.36 -7.41 -59.38
N TYR R 224 69.42 -7.43 -60.25
CA TYR R 224 70.71 -7.89 -59.87
C TYR R 224 71.60 -6.75 -59.52
N GLY R 225 71.37 -6.20 -58.33
CA GLY R 225 71.97 -4.97 -57.82
C GLY R 225 70.90 -4.27 -57.00
N ILE R 226 71.18 -3.03 -56.65
CA ILE R 226 70.27 -2.24 -55.80
C ILE R 226 69.23 -1.43 -56.58
N VAL R 227 68.13 -0.98 -55.96
CA VAL R 227 67.07 -0.13 -56.42
C VAL R 227 66.86 0.88 -55.43
N VAL R 228 67.09 2.11 -55.85
CA VAL R 228 66.94 3.28 -55.04
C VAL R 228 65.51 3.79 -55.46
N ASP R 229 64.57 3.74 -54.44
CA ASP R 229 63.11 4.00 -54.60
C ASP R 229 62.83 5.42 -55.18
N LYS R 230 63.75 6.35 -54.88
CA LYS R 230 63.78 7.66 -55.51
C LYS R 230 64.26 7.62 -56.94
N GLU R 231 63.66 8.54 -57.69
CA GLU R 231 63.84 8.78 -59.10
C GLU R 231 64.96 9.78 -59.22
N VAL R 232 65.35 10.18 -60.42
CA VAL R 232 66.46 11.09 -60.60
C VAL R 232 65.94 12.50 -60.48
N VAL R 233 66.72 13.34 -59.81
CA VAL R 233 66.31 14.64 -59.37
C VAL R 233 65.90 15.70 -60.44
N HIS R 234 66.61 15.69 -61.63
CA HIS R 234 66.32 16.77 -62.60
C HIS R 234 66.11 16.08 -63.97
N PRO R 235 65.07 16.44 -64.77
CA PRO R 235 64.81 15.68 -66.03
C PRO R 235 65.99 15.68 -67.01
N GLY R 236 66.83 16.72 -67.17
CA GLY R 236 67.81 16.72 -68.19
C GLY R 236 69.03 15.79 -67.93
N MET R 237 69.26 15.39 -66.65
CA MET R 237 70.41 14.60 -66.29
C MET R 237 70.48 13.28 -67.03
N PRO R 238 71.61 12.64 -67.27
CA PRO R 238 71.64 11.32 -67.93
C PRO R 238 70.69 10.34 -67.35
N LYS R 239 69.88 9.65 -68.30
CA LYS R 239 69.04 8.63 -67.86
C LYS R 239 69.76 7.29 -67.56
N ARG R 240 70.96 7.06 -68.17
CA ARG R 240 71.74 5.85 -67.93
C ARG R 240 73.14 6.32 -67.68
N LEU R 241 73.78 6.07 -66.56
CA LEU R 241 75.14 6.48 -66.39
C LEU R 241 76.14 5.27 -66.39
N GLU R 242 77.25 5.42 -67.11
CA GLU R 242 78.28 4.37 -67.15
C GLU R 242 79.30 4.49 -66.10
N ASN R 243 79.70 3.30 -65.57
CA ASN R 243 80.75 3.06 -64.58
C ASN R 243 80.63 3.92 -63.31
N ALA R 244 79.45 3.68 -62.68
CA ALA R 244 78.99 4.46 -61.50
C ALA R 244 80.06 4.37 -60.44
N LYS R 245 80.61 5.61 -60.22
CA LYS R 245 81.50 5.97 -59.11
C LYS R 245 80.82 6.70 -58.01
N ILE R 246 79.80 6.06 -57.44
CA ILE R 246 78.78 6.54 -56.57
C ILE R 246 79.29 7.25 -55.29
N ALA R 247 78.69 8.39 -54.91
CA ALA R 247 79.07 9.17 -53.83
C ALA R 247 77.95 9.41 -52.91
N LEU R 248 77.91 8.50 -51.84
CA LEU R 248 76.79 8.44 -50.82
C LEU R 248 76.94 9.67 -49.82
N ILE R 249 76.36 10.80 -50.21
CA ILE R 249 76.49 12.09 -49.54
C ILE R 249 75.27 12.43 -48.69
N ASP R 250 75.39 12.31 -47.33
CA ASP R 250 74.33 12.55 -46.34
C ASP R 250 74.40 14.04 -45.96
N ALA R 251 75.41 14.86 -46.34
CA ALA R 251 75.42 16.29 -46.19
C ALA R 251 74.62 17.00 -47.32
N SER R 252 73.80 17.97 -46.89
CA SER R 252 72.99 18.77 -47.80
C SER R 252 73.73 19.54 -48.93
N LEU R 253 73.13 19.54 -50.10
CA LEU R 253 73.53 20.17 -51.29
C LEU R 253 72.64 21.27 -51.73
N GLU R 254 71.92 21.76 -50.74
CA GLU R 254 70.86 22.79 -50.83
C GLU R 254 71.38 23.91 -49.94
N VAL R 255 71.04 25.19 -50.33
CA VAL R 255 71.49 26.29 -49.41
C VAL R 255 70.66 26.47 -48.14
N GLU R 256 71.27 26.78 -47.00
CA GLU R 256 70.55 27.01 -45.75
C GLU R 256 70.56 28.45 -45.22
N LYS R 257 69.46 28.78 -44.55
CA LYS R 257 69.28 30.12 -43.92
C LYS R 257 70.28 30.41 -42.81
N PRO R 258 70.91 31.63 -42.78
CA PRO R 258 71.89 31.95 -41.89
C PRO R 258 71.52 31.67 -40.43
N GLU R 259 72.33 31.10 -39.60
CA GLU R 259 72.07 30.85 -38.22
C GLU R 259 73.27 31.07 -37.31
N LEU R 260 74.56 31.29 -37.82
CA LEU R 260 75.75 31.46 -37.00
C LEU R 260 76.61 32.41 -37.85
N ASP R 261 76.20 32.79 -39.03
CA ASP R 261 76.86 33.72 -39.93
C ASP R 261 76.79 35.14 -39.42
N ALA R 262 75.79 35.44 -38.50
CA ALA R 262 75.64 36.65 -37.67
C ALA R 262 75.20 36.30 -36.30
N GLU R 263 75.43 37.20 -35.31
CA GLU R 263 75.09 36.76 -33.92
C GLU R 263 73.59 36.64 -33.77
N ILE R 264 72.86 37.72 -34.25
CA ILE R 264 71.47 38.02 -34.07
C ILE R 264 70.86 38.26 -35.52
N ARG R 265 69.51 38.20 -35.59
CA ARG R 265 68.69 38.50 -36.78
C ARG R 265 69.12 39.57 -37.65
N ILE R 266 69.18 39.22 -38.94
CA ILE R 266 69.44 40.05 -40.04
C ILE R 266 68.25 40.96 -40.31
N ASN R 267 68.59 42.22 -40.53
CA ASN R 267 67.60 43.23 -40.76
C ASN R 267 67.87 44.13 -41.91
N ASP R 268 69.11 44.11 -42.46
CA ASP R 268 69.45 44.94 -43.60
C ASP R 268 69.39 44.11 -44.91
N PRO R 269 68.66 44.49 -45.95
CA PRO R 269 68.61 43.55 -47.11
C PRO R 269 69.91 43.33 -47.89
N THR R 270 70.88 44.27 -47.73
CA THR R 270 72.18 44.10 -48.39
C THR R 270 72.86 42.89 -47.88
N GLN R 271 72.78 42.60 -46.53
CA GLN R 271 73.36 41.45 -45.80
C GLN R 271 72.66 40.19 -46.08
N MET R 272 71.35 40.19 -46.22
CA MET R 272 70.53 39.05 -46.68
C MET R 272 70.99 38.44 -48.00
N GLN R 273 70.93 39.34 -49.10
CA GLN R 273 71.44 39.19 -50.47
C GLN R 273 72.83 38.64 -50.41
N LYS R 274 73.85 39.38 -49.95
CA LYS R 274 75.28 38.90 -49.93
C LYS R 274 75.55 37.60 -49.10
N PHE R 275 74.61 37.19 -48.30
CA PHE R 275 74.72 35.92 -47.66
C PHE R 275 74.24 34.73 -48.56
N LEU R 276 72.95 34.86 -48.98
CA LEU R 276 72.44 33.71 -49.84
C LEU R 276 73.07 33.64 -51.13
N ASP R 277 73.73 34.71 -51.70
CA ASP R 277 74.47 34.75 -52.93
C ASP R 277 75.83 34.00 -52.74
N GLU R 278 76.68 34.25 -51.73
CA GLU R 278 77.94 33.56 -51.46
C GLU R 278 77.71 32.08 -51.06
N GLU R 279 76.63 31.77 -50.38
CA GLU R 279 76.17 30.41 -50.03
C GLU R 279 75.82 29.61 -51.34
N GLU R 280 75.38 30.28 -52.41
CA GLU R 280 75.08 29.64 -53.64
C GLU R 280 76.38 29.44 -54.33
N ASN R 281 77.42 30.44 -54.13
CA ASN R 281 78.66 30.12 -54.76
C ASN R 281 79.47 29.08 -53.97
N LEU R 282 79.18 28.87 -52.70
CA LEU R 282 79.64 27.72 -51.87
C LEU R 282 79.03 26.39 -52.21
N ILE R 283 77.71 26.39 -52.58
CA ILE R 283 77.14 25.08 -52.82
C ILE R 283 77.58 24.40 -54.15
N LYS R 284 77.75 25.17 -55.26
CA LYS R 284 78.36 24.60 -56.43
C LYS R 284 79.88 24.17 -56.21
N GLU R 285 80.49 24.82 -55.28
CA GLU R 285 81.90 24.53 -54.77
C GLU R 285 81.85 23.16 -54.10
N LYS R 286 80.93 22.92 -53.13
CA LYS R 286 80.74 21.62 -52.48
C LYS R 286 80.47 20.49 -53.36
N VAL R 287 79.56 20.69 -54.37
CA VAL R 287 79.38 19.73 -55.47
C VAL R 287 80.62 19.47 -56.26
N ASP R 288 81.36 20.54 -56.70
CA ASP R 288 82.64 20.27 -57.39
C ASP R 288 83.70 19.62 -56.47
N LYS R 289 83.79 19.91 -55.17
CA LYS R 289 84.79 19.30 -54.27
C LYS R 289 84.56 17.80 -54.15
N ILE R 290 83.25 17.38 -54.49
CA ILE R 290 82.91 15.99 -54.57
C ILE R 290 83.22 15.42 -55.98
N LEU R 291 82.90 16.11 -57.12
CA LEU R 291 83.26 15.59 -58.46
C LEU R 291 84.72 15.55 -58.84
N ALA R 292 85.44 16.21 -57.96
CA ALA R 292 86.91 16.22 -57.82
C ALA R 292 87.49 14.85 -57.53
N THR R 293 86.64 13.86 -57.15
CA THR R 293 86.97 12.50 -56.77
C THR R 293 86.85 11.60 -57.93
N GLY R 294 86.21 12.05 -59.03
CA GLY R 294 85.92 11.25 -60.20
C GLY R 294 84.52 10.81 -60.29
N ALA R 295 83.77 11.12 -59.17
CA ALA R 295 82.34 10.82 -59.08
C ALA R 295 81.44 11.26 -60.26
N ASN R 296 80.99 10.25 -61.03
CA ASN R 296 80.06 10.52 -62.12
C ASN R 296 78.61 10.30 -61.74
N VAL R 297 78.27 9.73 -60.52
CA VAL R 297 76.93 9.62 -60.03
C VAL R 297 77.05 10.06 -58.56
N ILE R 298 76.00 10.65 -58.05
CA ILE R 298 76.03 11.33 -56.72
C ILE R 298 74.67 11.10 -56.11
N ILE R 299 74.56 10.48 -54.95
CA ILE R 299 73.31 10.10 -54.32
C ILE R 299 73.39 10.75 -52.93
N CYS R 300 72.15 11.22 -52.47
CA CYS R 300 72.02 12.07 -51.28
C CYS R 300 70.92 11.68 -50.32
N GLN R 301 70.80 12.34 -49.15
CA GLN R 301 69.77 12.01 -48.11
C GLN R 301 69.01 13.31 -47.78
N LYS R 302 69.65 14.56 -47.86
CA LYS R 302 69.03 15.89 -47.72
C LYS R 302 68.80 16.50 -49.12
N GLY R 303 68.65 17.73 -49.26
CA GLY R 303 68.54 18.39 -50.54
C GLY R 303 69.67 18.40 -51.51
N ILE R 304 69.39 18.91 -52.65
CA ILE R 304 70.28 19.25 -53.77
C ILE R 304 69.69 20.41 -54.50
N ASP R 305 70.32 21.62 -54.47
CA ASP R 305 69.72 22.85 -54.91
C ASP R 305 69.34 22.86 -56.40
N GLU R 306 68.44 23.75 -56.87
CA GLU R 306 67.99 23.88 -58.24
C GLU R 306 69.15 24.56 -59.09
N VAL R 307 70.04 25.40 -58.51
CA VAL R 307 71.33 25.81 -59.26
C VAL R 307 72.41 24.72 -59.20
N ALA R 308 72.44 23.94 -58.13
CA ALA R 308 73.40 22.79 -58.08
C ALA R 308 73.01 21.64 -58.91
N GLN R 309 71.75 21.49 -59.26
CA GLN R 309 71.23 20.44 -60.14
C GLN R 309 71.65 20.91 -61.50
N SER R 310 71.50 22.19 -61.86
CA SER R 310 71.98 22.67 -63.16
C SER R 310 73.51 22.51 -63.41
N TYR R 311 74.31 22.46 -62.34
CA TYR R 311 75.77 22.28 -62.37
C TYR R 311 76.08 20.86 -62.64
N LEU R 312 75.38 19.99 -61.91
CA LEU R 312 75.56 18.55 -62.09
C LEU R 312 74.99 18.08 -63.48
N ALA R 313 73.95 18.69 -63.99
CA ALA R 313 73.40 18.39 -65.31
C ALA R 313 74.29 18.73 -66.47
N LYS R 314 74.92 19.93 -66.43
CA LYS R 314 75.92 20.34 -67.38
C LYS R 314 77.20 19.59 -67.19
N LYS R 315 77.43 19.01 -66.02
CA LYS R 315 78.61 18.20 -65.78
C LYS R 315 78.32 16.79 -66.39
N GLY R 316 77.05 16.37 -66.57
CA GLY R 316 76.68 15.07 -67.13
C GLY R 316 76.82 14.04 -66.08
N VAL R 317 76.29 14.33 -64.92
CA VAL R 317 76.32 13.55 -63.69
C VAL R 317 74.90 13.16 -63.42
N LEU R 318 74.62 12.06 -62.73
CA LEU R 318 73.33 11.49 -62.35
C LEU R 318 73.06 11.59 -60.85
N ALA R 319 72.12 12.36 -60.40
CA ALA R 319 71.86 12.54 -59.00
C ALA R 319 70.43 12.21 -58.52
N VAL R 320 70.39 11.78 -57.29
CA VAL R 320 69.15 11.41 -56.69
C VAL R 320 69.08 12.25 -55.47
N ARG R 321 67.91 12.82 -55.18
CA ARG R 321 67.69 13.61 -53.94
C ARG R 321 66.84 12.98 -52.92
N ARG R 322 67.35 12.93 -51.68
CA ARG R 322 66.65 12.49 -50.49
C ARG R 322 66.36 10.98 -50.55
N ALA R 323 67.37 10.14 -50.88
CA ALA R 323 67.18 8.75 -50.75
C ALA R 323 67.32 8.25 -49.29
N LYS R 324 66.40 7.33 -48.91
CA LYS R 324 66.26 6.88 -47.55
C LYS R 324 67.47 6.21 -46.97
N LYS R 325 67.78 6.45 -45.65
CA LYS R 325 68.99 5.98 -44.98
C LYS R 325 69.25 4.49 -45.10
N SER R 326 68.09 3.78 -45.24
CA SER R 326 68.00 2.37 -45.70
C SER R 326 68.64 1.93 -46.97
N ASP R 327 68.69 2.87 -47.97
CA ASP R 327 69.10 2.48 -49.32
C ASP R 327 70.56 3.03 -49.42
N LEU R 328 70.97 4.04 -48.65
CA LEU R 328 72.41 4.54 -48.65
C LEU R 328 73.31 3.34 -48.20
N GLU R 329 72.84 2.63 -47.09
CA GLU R 329 73.53 1.51 -46.40
C GLU R 329 73.59 0.35 -47.33
N LYS R 330 72.47 -0.12 -47.84
CA LYS R 330 72.48 -1.27 -48.81
C LYS R 330 73.32 -1.12 -50.10
N LEU R 331 73.54 0.14 -50.61
CA LEU R 331 74.33 0.26 -51.83
C LEU R 331 75.77 0.36 -51.48
N ALA R 332 76.04 0.81 -50.22
CA ALA R 332 77.38 0.97 -49.74
C ALA R 332 78.04 -0.37 -49.84
N ARG R 333 77.74 -1.41 -49.04
CA ARG R 333 78.46 -2.66 -49.19
C ARG R 333 78.11 -3.57 -50.43
N ALA R 334 77.21 -3.03 -51.33
CA ALA R 334 76.95 -3.66 -52.59
C ALA R 334 77.96 -3.13 -53.61
N THR R 335 78.77 -2.07 -53.22
CA THR R 335 79.64 -1.36 -54.19
C THR R 335 81.02 -1.09 -53.55
N GLY R 336 81.16 -1.13 -52.21
CA GLY R 336 82.43 -0.75 -51.70
C GLY R 336 82.53 0.65 -51.22
N GLY R 337 81.41 1.40 -51.26
CA GLY R 337 81.37 2.78 -50.89
C GLY R 337 81.07 2.92 -49.38
N ARG R 338 81.06 4.16 -49.02
CA ARG R 338 80.90 4.59 -47.64
C ARG R 338 80.02 5.81 -47.67
N VAL R 339 79.12 6.03 -46.70
CA VAL R 339 78.25 7.18 -46.64
C VAL R 339 79.02 8.28 -45.84
N VAL R 340 79.16 9.53 -46.34
CA VAL R 340 79.88 10.56 -45.71
C VAL R 340 78.87 11.74 -45.49
N SER R 341 78.84 12.14 -44.26
CA SER R 341 77.99 13.25 -43.77
C SER R 341 78.66 14.62 -43.87
N ASN R 342 79.94 14.75 -44.37
CA ASN R 342 80.58 16.08 -44.54
C ASN R 342 81.32 16.09 -45.89
N ILE R 343 81.01 17.00 -46.84
CA ILE R 343 81.75 17.10 -48.05
C ILE R 343 83.26 17.29 -47.99
N ASP R 344 83.83 17.94 -46.93
CA ASP R 344 85.23 18.28 -46.74
C ASP R 344 86.01 17.08 -46.24
N GLU R 345 85.43 15.89 -46.24
CA GLU R 345 85.97 14.66 -45.72
C GLU R 345 85.85 13.63 -46.73
N ILE R 346 85.26 13.86 -47.91
CA ILE R 346 85.12 12.89 -49.01
C ILE R 346 86.38 12.47 -49.79
N SER R 347 86.60 11.18 -50.11
CA SER R 347 87.75 10.65 -50.77
C SER R 347 87.37 9.57 -51.76
N GLU R 348 88.21 9.31 -52.74
CA GLU R 348 87.86 8.33 -53.72
C GLU R 348 87.67 6.84 -53.24
N GLN R 349 88.08 6.47 -51.90
CA GLN R 349 87.83 5.15 -51.36
C GLN R 349 86.46 5.12 -50.64
N ASP R 350 85.68 6.18 -50.63
CA ASP R 350 84.37 6.20 -50.06
C ASP R 350 83.35 6.09 -51.14
N LEU R 351 83.83 6.23 -52.41
CA LEU R 351 83.01 5.97 -53.56
C LEU R 351 82.56 4.52 -53.68
N GLY R 352 81.32 4.29 -54.17
CA GLY R 352 80.85 2.95 -54.37
C GLY R 352 81.08 2.60 -55.85
N TYR R 353 81.72 1.52 -56.25
CA TYR R 353 82.08 1.26 -57.61
C TYR R 353 81.08 0.20 -58.16
N ALA R 354 80.38 0.50 -59.25
CA ALA R 354 79.43 -0.43 -59.94
C ALA R 354 79.34 -0.22 -61.46
N SER R 355 78.85 -1.20 -62.28
CA SER R 355 78.79 -1.06 -63.78
C SER R 355 77.87 -0.02 -64.31
N LEU R 356 76.61 0.06 -63.88
CA LEU R 356 75.66 1.02 -64.57
C LEU R 356 74.46 1.35 -63.65
N ILE R 357 74.14 2.66 -63.45
CA ILE R 357 73.00 3.10 -62.73
C ILE R 357 72.16 3.79 -63.69
N GLU R 358 70.81 3.71 -63.62
CA GLU R 358 69.93 4.33 -64.49
C GLU R 358 68.60 4.61 -63.87
N GLU R 359 67.67 5.29 -64.58
CA GLU R 359 66.39 5.56 -63.99
C GLU R 359 65.47 4.66 -64.75
N ARG R 360 64.63 3.86 -64.12
CA ARG R 360 63.67 3.00 -64.92
C ARG R 360 62.28 3.11 -64.46
N LYS R 361 61.36 3.22 -65.38
CA LYS R 361 59.94 3.42 -65.05
C LYS R 361 59.30 2.15 -64.48
N VAL R 362 58.34 2.37 -63.60
CA VAL R 362 57.57 1.29 -63.03
C VAL R 362 56.10 1.75 -62.90
N GLY R 363 55.51 1.77 -64.05
CA GLY R 363 54.05 2.12 -64.25
C GLY R 363 53.83 3.61 -64.16
N GLU R 364 53.22 4.07 -63.06
CA GLU R 364 52.92 5.48 -62.73
C GLU R 364 54.17 6.13 -62.12
N ASP R 365 55.07 5.29 -61.56
CA ASP R 365 56.31 5.71 -60.87
C ASP R 365 57.53 5.47 -61.70
N LYS R 366 58.67 6.01 -61.27
CA LYS R 366 59.89 5.74 -61.98
C LYS R 366 60.87 5.66 -60.80
N MET R 367 61.97 4.86 -60.97
CA MET R 367 62.95 4.86 -59.86
C MET R 367 64.30 4.24 -60.25
N VAL R 368 65.41 4.47 -59.47
CA VAL R 368 66.68 4.20 -59.93
C VAL R 368 67.15 2.77 -59.63
N PHE R 369 67.81 2.12 -60.64
CA PHE R 369 68.25 0.83 -60.48
C PHE R 369 69.76 0.84 -60.59
N VAL R 370 70.44 -0.11 -59.94
CA VAL R 370 71.89 -0.14 -59.95
C VAL R 370 72.41 -1.55 -60.22
N GLU R 371 72.12 -1.99 -61.40
CA GLU R 371 72.45 -3.30 -61.83
C GLU R 371 73.99 -3.41 -62.08
N GLY R 372 74.47 -4.66 -61.95
CA GLY R 372 75.88 -5.08 -62.12
C GLY R 372 76.79 -4.58 -61.02
N ALA R 373 76.31 -4.57 -59.73
CA ALA R 373 77.03 -4.15 -58.58
C ALA R 373 78.40 -4.83 -58.36
N LYS R 374 79.19 -4.43 -57.33
CA LYS R 374 80.34 -5.15 -57.10
C LYS R 374 80.09 -6.54 -56.46
N ASN R 375 79.13 -6.58 -55.55
CA ASN R 375 78.54 -7.75 -54.83
C ASN R 375 77.43 -8.37 -55.68
N PRO R 376 77.66 -9.72 -55.93
CA PRO R 376 76.67 -10.47 -56.71
C PRO R 376 75.50 -10.97 -55.93
N LYS R 377 75.62 -10.89 -54.59
CA LYS R 377 74.56 -11.22 -53.74
C LYS R 377 73.60 -10.07 -53.57
N SER R 378 74.00 -8.76 -53.49
CA SER R 378 73.07 -7.70 -53.19
C SER R 378 72.09 -7.50 -54.35
N ILE R 379 70.87 -7.93 -54.19
CA ILE R 379 69.90 -7.94 -55.22
C ILE R 379 68.66 -7.32 -54.60
N SER R 380 67.63 -7.13 -55.47
CA SER R 380 66.44 -6.52 -55.03
C SER R 380 65.27 -7.24 -55.55
N ILE R 381 64.17 -7.06 -54.87
CA ILE R 381 62.87 -7.63 -55.32
C ILE R 381 61.95 -6.51 -55.54
N LEU R 382 61.12 -6.55 -56.68
CA LEU R 382 60.20 -5.51 -56.92
C LEU R 382 58.79 -6.13 -56.88
N ILE R 383 57.94 -5.78 -55.84
CA ILE R 383 56.64 -6.34 -55.72
C ILE R 383 55.70 -5.39 -56.50
N ARG R 384 54.78 -5.99 -57.22
CA ARG R 384 53.71 -5.30 -57.96
C ARG R 384 52.49 -6.23 -57.92
N GLY R 385 51.44 -5.79 -58.54
CA GLY R 385 50.21 -6.57 -58.66
C GLY R 385 48.96 -6.01 -58.17
N GLY R 386 48.92 -5.41 -56.99
CA GLY R 386 47.65 -4.89 -56.48
C GLY R 386 47.87 -3.52 -55.87
N LEU R 387 46.84 -2.96 -55.26
CA LEU R 387 46.75 -1.62 -54.70
C LEU R 387 47.29 -1.50 -53.30
N GLU R 388 47.10 -0.24 -52.74
CA GLU R 388 47.79 0.24 -51.54
C GLU R 388 47.73 -0.59 -50.29
N ARG R 389 46.71 -1.41 -50.06
CA ARG R 389 46.62 -2.28 -48.91
C ARG R 389 46.84 -3.70 -49.33
N LEU R 390 46.40 -4.09 -50.53
CA LEU R 390 46.78 -5.43 -51.02
C LEU R 390 48.32 -5.69 -51.14
N VAL R 391 49.08 -4.71 -51.58
CA VAL R 391 50.49 -4.74 -51.73
C VAL R 391 51.23 -4.98 -50.42
N ASP R 392 50.76 -4.34 -49.31
CA ASP R 392 51.32 -4.59 -47.99
C ASP R 392 51.28 -6.02 -47.63
N GLU R 393 50.16 -6.64 -47.82
CA GLU R 393 50.07 -8.09 -47.46
C GLU R 393 50.85 -8.97 -48.38
N THR R 394 51.19 -8.47 -49.58
CA THR R 394 52.06 -9.10 -50.52
C THR R 394 53.48 -8.97 -50.08
N GLU R 395 53.85 -7.85 -49.43
CA GLU R 395 55.19 -7.56 -49.00
C GLU R 395 55.49 -8.52 -47.83
N ARG R 396 54.50 -8.68 -46.96
CA ARG R 396 54.57 -9.55 -45.82
C ARG R 396 54.68 -11.02 -46.26
N ALA R 397 53.73 -11.50 -47.08
CA ALA R 397 53.70 -12.75 -47.78
C ALA R 397 55.02 -13.11 -48.51
N LEU R 398 55.64 -12.15 -49.30
CA LEU R 398 56.86 -12.37 -50.02
C LEU R 398 58.14 -12.46 -49.09
N ARG R 399 58.18 -11.69 -47.99
CA ARG R 399 59.15 -11.78 -46.91
C ARG R 399 59.17 -13.11 -46.18
N ASP R 400 57.98 -13.54 -45.79
CA ASP R 400 57.73 -14.81 -45.15
C ASP R 400 58.05 -16.03 -46.03
N ALA R 401 57.64 -15.90 -47.31
CA ALA R 401 58.06 -16.83 -48.37
C ALA R 401 59.53 -16.92 -48.54
N LEU R 402 60.31 -15.77 -48.60
CA LEU R 402 61.75 -15.67 -48.75
C LEU R 402 62.41 -16.35 -47.52
N GLY R 403 62.07 -15.96 -46.37
CA GLY R 403 62.42 -16.50 -45.08
C GLY R 403 62.34 -17.97 -45.06
N THR R 404 61.16 -18.52 -45.37
CA THR R 404 60.84 -20.00 -45.36
C THR R 404 61.82 -20.79 -46.16
N VAL R 405 62.14 -20.37 -47.41
CA VAL R 405 63.22 -20.94 -48.27
C VAL R 405 64.56 -20.84 -47.66
N ALA R 406 64.85 -19.68 -47.07
CA ALA R 406 66.13 -19.57 -46.37
C ALA R 406 66.33 -20.47 -45.18
N ASP R 407 65.21 -20.72 -44.45
CA ASP R 407 65.14 -21.62 -43.36
C ASP R 407 65.20 -23.01 -43.81
N VAL R 408 64.64 -23.38 -44.93
CA VAL R 408 64.81 -24.75 -45.51
C VAL R 408 66.28 -25.14 -45.85
N ILE R 409 66.97 -24.20 -46.40
CA ILE R 409 68.40 -24.30 -46.74
C ILE R 409 69.31 -24.32 -45.47
N LYS R 410 69.14 -23.43 -44.51
CA LYS R 410 69.95 -23.41 -43.27
C LYS R 410 69.98 -24.69 -42.44
N ASP R 411 68.88 -25.47 -42.42
CA ASP R 411 68.61 -26.68 -41.70
C ASP R 411 68.86 -27.81 -42.70
N GLY R 412 67.99 -27.99 -43.66
CA GLY R 412 68.19 -28.91 -44.77
C GLY R 412 67.24 -29.98 -44.78
N ARG R 413 66.11 -29.83 -44.02
CA ARG R 413 65.11 -30.91 -43.96
C ARG R 413 63.60 -30.54 -44.36
N ALA R 414 62.87 -31.49 -45.08
CA ALA R 414 61.47 -31.22 -45.43
C ALA R 414 60.63 -32.44 -45.49
N ILE R 415 59.38 -32.33 -44.97
CA ILE R 415 58.33 -33.31 -44.76
C ILE R 415 57.12 -32.91 -45.65
N ALA R 416 56.15 -33.87 -45.87
CA ALA R 416 54.93 -33.72 -46.62
C ALA R 416 53.87 -33.04 -45.74
N GLY R 417 53.27 -31.98 -46.20
CA GLY R 417 52.12 -31.27 -45.45
C GLY R 417 50.73 -31.96 -45.55
N GLY R 418 49.62 -31.21 -45.52
CA GLY R 418 48.30 -31.82 -45.71
C GLY R 418 47.89 -33.08 -44.92
N GLY R 419 48.39 -33.12 -43.65
CA GLY R 419 47.98 -34.07 -42.59
C GLY R 419 48.71 -35.38 -42.44
N ALA R 420 49.54 -35.85 -43.46
CA ALA R 420 50.36 -37.09 -43.51
C ALA R 420 51.21 -37.35 -42.28
N VAL R 421 52.12 -36.46 -41.93
CA VAL R 421 53.04 -36.56 -40.80
C VAL R 421 52.32 -36.52 -39.47
N GLU R 422 51.18 -35.86 -39.29
CA GLU R 422 50.39 -35.94 -38.02
C GLU R 422 49.98 -37.39 -37.72
N ILE R 423 49.07 -37.96 -38.60
CA ILE R 423 48.52 -39.32 -38.47
C ILE R 423 49.56 -40.44 -38.24
N GLU R 424 50.75 -40.28 -38.81
CA GLU R 424 51.84 -41.17 -38.55
C GLU R 424 52.45 -41.27 -37.16
N ILE R 425 52.88 -40.05 -36.72
CA ILE R 425 53.34 -39.77 -35.37
C ILE R 425 52.31 -40.18 -34.30
N ALA R 426 51.01 -40.21 -34.65
CA ALA R 426 49.86 -40.60 -33.83
C ALA R 426 50.00 -42.13 -33.78
N LYS R 427 49.71 -42.83 -34.84
CA LYS R 427 49.78 -44.27 -34.91
C LYS R 427 50.94 -44.91 -34.20
N LYS R 428 52.18 -44.49 -34.55
CA LYS R 428 53.45 -44.88 -33.97
C LYS R 428 53.57 -44.67 -32.44
N LEU R 429 52.91 -43.59 -31.92
CA LEU R 429 52.82 -43.36 -30.49
C LEU R 429 51.90 -44.27 -29.78
N ARG R 430 50.77 -44.62 -30.38
CA ARG R 430 49.70 -45.51 -29.95
C ARG R 430 50.32 -46.87 -29.77
N LYS R 431 51.18 -47.27 -30.71
CA LYS R 431 51.76 -48.56 -30.62
C LYS R 431 52.74 -48.68 -29.41
N TYR R 432 53.35 -47.54 -29.05
CA TYR R 432 54.29 -47.45 -27.97
C TYR R 432 53.55 -47.48 -26.65
N ALA R 433 52.59 -46.60 -26.51
CA ALA R 433 51.77 -46.41 -25.33
C ALA R 433 51.52 -47.73 -24.48
N PRO R 434 50.95 -48.87 -24.85
CA PRO R 434 50.90 -50.13 -24.03
C PRO R 434 52.05 -50.54 -23.16
N GLN R 435 53.28 -50.37 -23.75
CA GLN R 435 54.55 -50.84 -23.17
C GLN R 435 55.17 -49.87 -22.18
N VAL R 436 54.76 -48.62 -22.30
CA VAL R 436 55.10 -47.53 -21.37
C VAL R 436 54.60 -47.77 -19.98
N GLY R 437 53.30 -48.22 -19.72
CA GLY R 437 52.87 -48.39 -18.32
C GLY R 437 51.44 -48.26 -18.09
N GLY R 438 50.98 -48.37 -16.75
CA GLY R 438 49.53 -48.34 -16.37
C GLY R 438 48.79 -47.01 -16.79
N LYS R 439 48.77 -46.06 -15.86
CA LYS R 439 47.98 -44.80 -16.12
C LYS R 439 48.52 -43.86 -17.18
N GLU R 440 49.85 -43.60 -17.12
CA GLU R 440 50.62 -42.76 -18.04
C GLU R 440 50.35 -43.13 -19.51
N GLN R 441 49.97 -44.38 -19.84
CA GLN R 441 49.54 -44.84 -21.16
C GLN R 441 48.37 -43.93 -21.62
N LEU R 442 47.35 -43.74 -20.82
CA LEU R 442 46.21 -42.85 -21.14
C LEU R 442 46.64 -41.45 -21.48
N ALA R 443 47.62 -40.89 -20.82
CA ALA R 443 48.26 -39.61 -21.15
C ALA R 443 48.94 -39.53 -22.49
N VAL R 444 49.76 -40.51 -22.73
CA VAL R 444 50.45 -40.72 -24.02
C VAL R 444 49.38 -41.01 -25.16
N GLU R 445 48.43 -41.89 -24.92
CA GLU R 445 47.33 -42.07 -25.89
C GLU R 445 46.59 -40.78 -26.19
N ALA R 446 46.38 -39.94 -25.13
CA ALA R 446 45.72 -38.62 -25.18
C ALA R 446 46.58 -37.73 -26.12
N TYR R 447 47.90 -37.58 -25.80
CA TYR R 447 48.88 -36.89 -26.64
C TYR R 447 48.82 -37.34 -28.12
N ALA R 448 48.67 -38.64 -28.39
CA ALA R 448 48.53 -39.07 -29.83
C ALA R 448 47.20 -38.59 -30.46
N ASN R 449 45.99 -38.70 -29.83
CA ASN R 449 44.72 -38.22 -30.31
C ASN R 449 44.71 -36.68 -30.60
N ALA R 450 45.28 -35.91 -29.71
CA ALA R 450 45.53 -34.48 -29.86
C ALA R 450 46.31 -34.06 -31.14
N LEU R 451 47.29 -34.86 -31.63
CA LEU R 451 47.90 -34.70 -32.90
C LEU R 451 46.99 -35.06 -34.07
N GLU R 452 46.06 -36.13 -33.97
CA GLU R 452 45.23 -36.49 -35.08
C GLU R 452 44.07 -35.41 -35.35
N SER R 453 43.63 -34.77 -34.26
CA SER R 453 42.59 -33.70 -34.28
C SER R 453 42.91 -32.57 -35.27
N LEU R 454 44.27 -32.29 -35.42
CA LEU R 454 44.71 -31.21 -36.34
C LEU R 454 44.18 -31.41 -37.71
N VAL R 455 44.29 -32.67 -38.26
CA VAL R 455 43.87 -32.97 -39.59
C VAL R 455 42.34 -32.90 -39.68
N SER R 456 41.64 -33.15 -38.57
CA SER R 456 40.21 -32.98 -38.55
C SER R 456 39.75 -31.54 -38.71
N ILE R 457 40.34 -30.59 -37.91
CA ILE R 457 40.10 -29.22 -38.15
C ILE R 457 40.36 -28.68 -39.54
N LEU R 458 41.48 -29.18 -40.12
CA LEU R 458 41.92 -28.88 -41.47
C LEU R 458 40.93 -29.26 -42.61
N ILE R 459 40.38 -30.52 -42.48
CA ILE R 459 39.30 -31.10 -43.22
C ILE R 459 38.04 -30.37 -43.06
N GLU R 460 37.63 -30.13 -41.79
CA GLU R 460 36.48 -29.41 -41.30
C GLU R 460 36.26 -28.07 -42.09
N ASN R 461 37.27 -27.20 -41.98
CA ASN R 461 37.38 -25.94 -42.65
C ASN R 461 37.42 -26.10 -44.24
N ALA R 462 37.59 -27.32 -44.77
CA ALA R 462 37.56 -27.54 -46.17
C ALA R 462 36.16 -27.67 -46.78
N GLY R 463 35.16 -28.08 -45.86
CA GLY R 463 33.74 -28.39 -46.14
C GLY R 463 33.42 -29.86 -46.28
N PHE R 464 34.33 -30.78 -46.11
CA PHE R 464 34.06 -32.22 -46.14
C PHE R 464 33.75 -32.72 -44.73
N ASP R 465 33.71 -34.07 -44.61
CA ASP R 465 33.29 -34.71 -43.41
C ASP R 465 34.56 -35.08 -42.67
N PRO R 466 34.85 -34.63 -41.50
CA PRO R 466 36.07 -34.99 -40.81
C PRO R 466 36.49 -36.42 -40.53
N ILE R 467 35.58 -37.19 -39.94
CA ILE R 467 35.87 -38.61 -39.61
C ILE R 467 36.16 -39.53 -40.76
N ASP R 468 35.22 -39.42 -41.76
CA ASP R 468 35.32 -40.12 -43.00
C ASP R 468 36.64 -40.02 -43.71
N LEU R 469 37.09 -38.77 -44.07
CA LEU R 469 38.39 -38.55 -44.72
C LEU R 469 39.52 -38.94 -43.81
N LEU R 470 39.57 -38.67 -42.45
CA LEU R 470 40.65 -39.16 -41.54
C LEU R 470 40.78 -40.72 -41.50
N MET R 471 39.66 -41.50 -41.41
CA MET R 471 39.74 -42.99 -41.51
C MET R 471 40.19 -43.41 -42.89
N LYS R 472 39.59 -42.84 -43.92
CA LYS R 472 40.03 -43.12 -45.28
C LYS R 472 41.51 -42.78 -45.58
N LEU R 473 42.04 -41.84 -44.75
CA LEU R 473 43.41 -41.37 -44.81
C LEU R 473 44.25 -42.29 -44.09
N ARG R 474 43.94 -42.63 -42.80
CA ARG R 474 44.73 -43.65 -42.08
C ARG R 474 44.72 -45.01 -42.68
N SER R 475 43.84 -45.22 -43.71
CA SER R 475 43.78 -46.48 -44.48
C SER R 475 44.70 -46.43 -45.65
N THR R 476 44.77 -45.32 -46.40
CA THR R 476 45.71 -44.88 -47.41
C THR R 476 47.02 -44.54 -46.85
N HIS R 477 47.30 -44.81 -45.57
CA HIS R 477 48.56 -44.53 -44.95
C HIS R 477 48.72 -45.47 -43.73
N GLU R 478 48.56 -46.79 -43.96
CA GLU R 478 48.78 -47.81 -43.00
C GLU R 478 50.12 -48.47 -43.44
N ASN R 479 50.84 -47.92 -44.47
CA ASN R 479 52.09 -48.48 -44.86
C ASN R 479 53.17 -47.39 -45.11
N GLU R 480 54.48 -47.73 -44.81
CA GLU R 480 55.63 -46.87 -44.99
C GLU R 480 55.88 -46.48 -46.40
N ASN R 481 55.31 -47.21 -47.39
CA ASN R 481 55.43 -46.82 -48.75
C ASN R 481 54.46 -45.74 -49.16
N ASN R 482 53.56 -45.42 -48.27
CA ASN R 482 52.58 -44.40 -48.38
C ASN R 482 52.89 -43.33 -47.39
N LYS R 483 54.14 -43.13 -46.98
CA LYS R 483 54.60 -42.20 -45.93
C LYS R 483 54.18 -40.71 -46.14
N TRP R 484 53.92 -40.29 -47.39
CA TRP R 484 53.55 -38.93 -47.53
C TRP R 484 52.13 -38.73 -48.02
N TYR R 485 51.21 -39.67 -47.70
CA TYR R 485 49.78 -39.52 -48.06
C TYR R 485 49.07 -38.67 -47.10
N GLY R 486 48.24 -37.72 -47.58
CA GLY R 486 47.50 -36.72 -46.78
C GLY R 486 46.21 -36.57 -47.42
N ILE R 487 45.44 -35.46 -47.21
CA ILE R 487 44.16 -35.10 -47.72
C ILE R 487 44.24 -33.84 -48.54
N ASP R 488 44.06 -33.97 -49.91
CA ASP R 488 44.04 -32.77 -50.75
C ASP R 488 42.83 -31.87 -50.31
N LEU R 489 43.05 -30.65 -49.73
CA LEU R 489 42.02 -29.99 -49.13
C LEU R 489 41.13 -29.19 -50.15
N TYR R 490 41.50 -29.38 -51.46
CA TYR R 490 40.74 -28.79 -52.55
C TYR R 490 39.67 -29.75 -53.07
N ALA R 491 40.12 -30.94 -53.35
CA ALA R 491 39.34 -32.10 -53.75
C ALA R 491 38.57 -32.80 -52.64
N GLY R 492 39.34 -33.07 -51.54
CA GLY R 492 38.87 -33.84 -50.35
C GLY R 492 38.98 -35.35 -50.61
N GLN R 493 40.18 -35.97 -50.57
CA GLN R 493 40.42 -37.33 -51.01
C GLN R 493 41.86 -37.67 -50.68
N PRO R 494 42.38 -38.87 -50.23
CA PRO R 494 43.76 -39.12 -49.91
C PRO R 494 44.69 -38.97 -51.12
N VAL R 495 45.78 -38.25 -51.06
CA VAL R 495 46.76 -38.21 -52.21
C VAL R 495 48.13 -38.15 -51.61
N ASP R 496 49.26 -38.33 -52.37
CA ASP R 496 50.60 -38.11 -51.97
C ASP R 496 50.84 -36.60 -52.12
N MET R 497 50.99 -35.93 -50.96
CA MET R 497 51.03 -34.43 -50.85
C MET R 497 52.28 -33.92 -51.54
N TRP R 498 53.42 -34.61 -51.27
CA TRP R 498 54.76 -34.31 -51.83
C TRP R 498 54.67 -34.17 -53.34
N GLN R 499 54.16 -35.20 -53.98
CA GLN R 499 53.89 -35.24 -55.36
C GLN R 499 52.65 -34.48 -55.83
N LYS R 500 52.32 -33.39 -55.12
CA LYS R 500 51.27 -32.45 -55.49
C LYS R 500 51.78 -31.07 -54.98
N GLY R 501 53.08 -30.97 -54.60
CA GLY R 501 53.69 -29.74 -54.22
C GLY R 501 53.53 -29.30 -52.82
N VAL R 502 52.89 -30.10 -51.98
CA VAL R 502 52.62 -29.81 -50.55
C VAL R 502 53.66 -30.34 -49.61
N ILE R 503 54.75 -29.65 -49.40
CA ILE R 503 55.86 -30.02 -48.55
C ILE R 503 56.02 -28.90 -47.64
N GLU R 504 56.54 -29.06 -46.40
CA GLU R 504 56.74 -27.98 -45.48
C GLU R 504 58.02 -28.22 -44.61
N PRO R 505 58.61 -27.14 -44.11
CA PRO R 505 59.84 -27.16 -43.31
C PRO R 505 59.79 -28.10 -42.09
N ALA R 506 60.50 -29.23 -42.07
CA ALA R 506 60.62 -30.27 -41.02
C ALA R 506 60.76 -29.66 -39.57
N LEU R 507 61.41 -28.51 -39.41
CA LEU R 507 61.69 -27.86 -38.14
C LEU R 507 60.61 -26.89 -37.57
N VAL R 508 59.85 -26.14 -38.41
CA VAL R 508 58.79 -25.20 -38.02
C VAL R 508 57.66 -25.97 -37.29
N LYS R 509 57.18 -27.10 -37.82
CA LYS R 509 56.21 -27.96 -37.19
C LYS R 509 56.81 -28.94 -36.13
N MET R 510 58.08 -28.78 -35.74
CA MET R 510 58.72 -29.65 -34.75
C MET R 510 58.82 -28.74 -33.55
N ASN R 511 59.23 -27.45 -33.75
CA ASN R 511 59.25 -26.46 -32.74
C ASN R 511 57.76 -26.02 -32.37
N ALA R 512 56.77 -26.11 -33.24
CA ALA R 512 55.40 -25.83 -33.00
C ALA R 512 54.93 -26.72 -31.86
N ILE R 513 55.17 -28.00 -31.91
CA ILE R 513 54.89 -28.98 -30.86
C ILE R 513 55.56 -28.69 -29.56
N LYS R 514 56.91 -28.36 -29.66
CA LYS R 514 57.72 -28.10 -28.55
C LYS R 514 57.20 -26.86 -27.76
N ALA R 515 56.82 -25.76 -28.43
CA ALA R 515 56.12 -24.61 -27.87
C ALA R 515 54.84 -25.04 -27.23
N ALA R 516 53.90 -25.61 -28.04
CA ALA R 516 52.70 -26.11 -27.47
C ALA R 516 52.70 -26.91 -26.22
N THR R 517 53.49 -28.00 -26.14
CA THR R 517 53.72 -28.84 -25.01
C THR R 517 54.37 -28.14 -23.84
N GLU R 518 55.27 -27.15 -24.09
CA GLU R 518 55.85 -26.31 -23.01
C GLU R 518 54.67 -25.62 -22.26
N ALA R 519 53.90 -24.84 -23.01
CA ALA R 519 52.78 -24.10 -22.48
C ALA R 519 51.81 -25.02 -21.82
N ALA R 520 51.29 -26.08 -22.50
CA ALA R 520 50.39 -27.13 -22.01
C ALA R 520 50.76 -27.71 -20.69
N THR R 521 51.98 -28.23 -20.46
CA THR R 521 52.39 -28.82 -19.15
C THR R 521 52.55 -27.79 -18.03
N LEU R 522 52.91 -26.52 -18.41
CA LEU R 522 53.04 -25.40 -17.50
C LEU R 522 51.65 -24.98 -16.95
N VAL R 523 50.62 -24.99 -17.90
CA VAL R 523 49.21 -24.79 -17.42
C VAL R 523 48.65 -25.84 -16.42
N LEU R 524 48.99 -27.18 -16.67
CA LEU R 524 48.63 -28.28 -15.84
C LEU R 524 49.40 -28.28 -14.50
N ARG R 525 50.68 -27.71 -14.47
CA ARG R 525 51.55 -27.48 -13.39
C ARG R 525 51.03 -26.44 -12.35
N ILE R 526 50.32 -25.39 -12.86
CA ILE R 526 49.68 -24.41 -11.98
C ILE R 526 48.43 -24.99 -11.14
N ASP R 527 48.59 -25.11 -9.83
CA ASP R 527 47.55 -25.70 -8.93
C ASP R 527 46.50 -24.69 -8.38
N ASP R 528 46.92 -23.42 -8.27
CA ASP R 528 46.15 -22.37 -7.89
C ASP R 528 46.75 -21.02 -8.43
N VAL R 529 45.88 -20.04 -8.35
CA VAL R 529 46.07 -18.69 -8.85
C VAL R 529 45.65 -17.76 -7.80
N VAL R 530 46.69 -17.20 -7.18
CA VAL R 530 46.49 -16.18 -6.22
C VAL R 530 46.75 -14.77 -6.82
N SER R 531 46.22 -13.67 -6.23
CA SER R 531 46.24 -12.36 -6.80
C SER R 531 46.59 -11.43 -5.68
N ALA R 532 47.02 -10.26 -6.09
CA ALA R 532 47.42 -9.15 -5.23
C ALA R 532 46.29 -8.17 -4.82
#